data_2KE5
#
_entry.id   2KE5
#
loop_
_entity.id
_entity.type
_entity.pdbx_description
1 polymer 'Ras-related protein Ral-B'
2 non-polymer 'PHOSPHOAMINOPHOSPHONIC ACID-GUANYLATE ESTER'
3 non-polymer 'MAGNESIUM ION'
4 water water
#
_entity_poly.entity_id   1
_entity_poly.type   'polypeptide(L)'
_entity_poly.pdbx_seq_one_letter_code
;LALHKVIMVGSGGVGKSALTLQFMYDEFVEDYEPTKADSYRKKVVLDGEEVQIDILDTAGLEDYAAIRDNYFRSGEGFLL
VFSITEHESFTATAEFREQILRVKAEEDKIPLLVVGNKSDLEERRQVPVEEARSKAEEWGVQYVETSAKTRANVDKVFFD
LMREIRTKKMSENK
;
_entity_poly.pdbx_strand_id   A
#
loop_
_chem_comp.id
_chem_comp.type
_chem_comp.name
_chem_comp.formula
GNP non-polymer 'PHOSPHOAMINOPHOSPHONIC ACID-GUANYLATE ESTER' 'C10 H17 N6 O13 P3'
MG non-polymer 'MAGNESIUM ION' 'Mg 2'
#
# COMPACT_ATOMS: atom_id res chain seq x y z
N LEU A 1 8.13 -20.46 6.19
CA LEU A 1 7.15 -19.60 5.48
C LEU A 1 6.82 -18.37 6.30
N ALA A 2 7.10 -17.20 5.74
CA ALA A 2 6.84 -15.94 6.43
C ALA A 2 5.51 -15.33 5.98
N LEU A 3 4.54 -15.33 6.88
CA LEU A 3 3.22 -14.78 6.58
C LEU A 3 3.20 -13.27 6.82
N HIS A 4 3.29 -12.51 5.74
CA HIS A 4 3.28 -11.05 5.83
C HIS A 4 1.94 -10.48 5.40
N LYS A 5 1.36 -9.61 6.23
CA LYS A 5 0.07 -8.99 5.93
C LYS A 5 0.24 -7.56 5.44
N VAL A 6 -0.26 -7.29 4.25
CA VAL A 6 -0.17 -5.95 3.66
C VAL A 6 -1.53 -5.24 3.70
N ILE A 7 -1.52 -4.02 4.22
CA ILE A 7 -2.73 -3.22 4.32
C ILE A 7 -2.75 -2.10 3.27
N MET A 8 -3.78 -2.10 2.43
CA MET A 8 -3.90 -1.09 1.38
C MET A 8 -4.42 0.22 1.97
N VAL A 9 -3.54 0.97 2.62
CA VAL A 9 -3.92 2.25 3.22
C VAL A 9 -3.86 3.36 2.18
N GLY A 10 -4.57 4.45 2.42
CA GLY A 10 -4.59 5.55 1.50
C GLY A 10 -5.48 6.69 1.96
N SER A 11 -5.80 7.59 1.03
CA SER A 11 -6.65 8.74 1.34
C SER A 11 -8.02 8.27 1.84
N GLY A 12 -8.68 7.46 1.03
CA GLY A 12 -9.99 6.96 1.38
C GLY A 12 -10.81 6.58 0.15
N GLY A 13 -10.49 7.22 -0.98
CA GLY A 13 -11.19 6.95 -2.22
C GLY A 13 -10.30 7.09 -3.43
N VAL A 14 -9.29 6.24 -3.53
CA VAL A 14 -8.35 6.28 -4.64
C VAL A 14 -8.54 5.10 -5.58
N GLY A 15 -8.14 3.91 -5.12
CA GLY A 15 -8.28 2.71 -5.92
C GLY A 15 -7.27 1.65 -5.53
N LYS A 16 -7.05 1.51 -4.23
CA LYS A 16 -6.11 0.53 -3.71
C LYS A 16 -6.48 -0.89 -4.14
N SER A 17 -7.79 -1.15 -4.18
CA SER A 17 -8.29 -2.46 -4.60
C SER A 17 -7.86 -2.81 -6.02
N ALA A 18 -7.67 -1.78 -6.82
CA ALA A 18 -7.27 -1.96 -8.22
C ALA A 18 -5.94 -2.68 -8.28
N LEU A 19 -4.96 -2.16 -7.56
CA LEU A 19 -3.65 -2.77 -7.51
C LEU A 19 -3.78 -4.14 -6.89
N THR A 20 -4.83 -4.30 -6.06
CA THR A 20 -5.07 -5.55 -5.38
C THR A 20 -5.43 -6.65 -6.37
N LEU A 21 -6.28 -6.32 -7.34
CA LEU A 21 -6.72 -7.28 -8.35
C LEU A 21 -5.60 -7.64 -9.32
N GLN A 22 -4.90 -6.62 -9.82
CA GLN A 22 -3.81 -6.83 -10.78
C GLN A 22 -2.76 -7.78 -10.23
N PHE A 23 -2.50 -7.72 -8.92
CA PHE A 23 -1.52 -8.58 -8.30
C PHE A 23 -2.03 -10.02 -8.20
N MET A 24 -3.36 -10.17 -8.13
CA MET A 24 -3.96 -11.49 -7.99
C MET A 24 -4.12 -12.24 -9.32
N TYR A 25 -4.68 -11.57 -10.33
CA TYR A 25 -4.91 -12.23 -11.62
C TYR A 25 -4.13 -11.59 -12.76
N ASP A 26 -3.45 -10.48 -12.49
CA ASP A 26 -2.68 -9.78 -13.52
C ASP A 26 -3.58 -9.37 -14.68
N GLU A 27 -4.84 -9.07 -14.36
CA GLU A 27 -5.80 -8.67 -15.38
C GLU A 27 -6.69 -7.54 -14.87
N PHE A 28 -6.87 -6.51 -15.70
CA PHE A 28 -7.69 -5.37 -15.32
C PHE A 28 -9.16 -5.65 -15.63
N VAL A 29 -9.94 -5.85 -14.57
CA VAL A 29 -11.36 -6.12 -14.71
C VAL A 29 -12.14 -5.62 -13.49
N GLU A 30 -13.35 -5.13 -13.72
CA GLU A 30 -14.19 -4.62 -12.65
C GLU A 30 -15.22 -5.66 -12.22
N ASP A 31 -15.25 -5.96 -10.92
CA ASP A 31 -16.18 -6.93 -10.39
C ASP A 31 -16.66 -6.53 -9.00
N TYR A 32 -15.80 -5.84 -8.26
CA TYR A 32 -16.12 -5.36 -6.91
C TYR A 32 -16.40 -6.53 -5.97
N GLU A 33 -15.47 -6.78 -5.05
CA GLU A 33 -15.60 -7.86 -4.08
C GLU A 33 -15.85 -7.32 -2.68
N PRO A 34 -17.02 -7.65 -2.06
CA PRO A 34 -17.35 -7.17 -0.71
C PRO A 34 -16.27 -7.56 0.30
N THR A 35 -15.86 -6.59 1.12
CA THR A 35 -14.84 -6.83 2.13
C THR A 35 -15.38 -6.59 3.53
N LYS A 36 -14.96 -7.44 4.47
CA LYS A 36 -15.39 -7.33 5.86
C LYS A 36 -14.39 -8.01 6.79
N ALA A 37 -13.84 -9.13 6.33
CA ALA A 37 -12.87 -9.88 7.12
C ALA A 37 -12.12 -10.89 6.25
N ASP A 38 -12.70 -11.17 5.07
CA ASP A 38 -12.09 -12.11 4.14
C ASP A 38 -10.86 -11.52 3.48
N SER A 39 -9.75 -12.25 3.55
CA SER A 39 -8.49 -11.79 2.97
C SER A 39 -8.03 -12.73 1.86
N TYR A 40 -7.00 -12.31 1.12
CA TYR A 40 -6.45 -13.10 0.04
C TYR A 40 -5.08 -13.64 0.41
N ARG A 41 -4.91 -14.96 0.31
CA ARG A 41 -3.64 -15.60 0.65
C ARG A 41 -3.06 -16.36 -0.54
N LYS A 42 -1.75 -16.27 -0.70
CA LYS A 42 -1.06 -16.96 -1.79
C LYS A 42 0.43 -17.11 -1.47
N LYS A 43 1.14 -17.89 -2.27
CA LYS A 43 2.56 -18.12 -2.05
C LYS A 43 3.40 -17.56 -3.20
N VAL A 44 4.46 -16.83 -2.84
CA VAL A 44 5.35 -16.24 -3.83
C VAL A 44 6.80 -16.29 -3.36
N VAL A 45 7.71 -16.62 -4.27
CA VAL A 45 9.13 -16.71 -3.95
C VAL A 45 9.77 -15.33 -3.90
N LEU A 46 10.76 -15.18 -3.01
CA LEU A 46 11.46 -13.91 -2.85
C LEU A 46 12.97 -14.12 -2.72
N ASP A 47 13.68 -13.87 -3.81
CA ASP A 47 15.14 -14.02 -3.85
C ASP A 47 15.55 -15.40 -3.35
N GLY A 48 14.70 -16.40 -3.58
CA GLY A 48 15.01 -17.75 -3.15
C GLY A 48 14.35 -18.11 -1.83
N GLU A 49 13.26 -17.44 -1.50
CA GLU A 49 12.55 -17.72 -0.25
C GLU A 49 11.05 -17.57 -0.45
N GLU A 50 10.33 -18.69 -0.35
CA GLU A 50 8.89 -18.70 -0.52
C GLU A 50 8.18 -18.25 0.76
N VAL A 51 7.54 -17.09 0.71
CA VAL A 51 6.82 -16.56 1.86
C VAL A 51 5.36 -16.30 1.52
N GLN A 52 4.50 -16.35 2.54
CA GLN A 52 3.07 -16.12 2.35
C GLN A 52 2.76 -14.63 2.34
N ILE A 53 1.73 -14.25 1.59
CA ILE A 53 1.33 -12.85 1.51
C ILE A 53 -0.20 -12.71 1.63
N ASP A 54 -0.63 -12.05 2.70
CA ASP A 54 -2.06 -11.84 2.93
C ASP A 54 -2.45 -10.39 2.64
N ILE A 55 -3.27 -10.19 1.61
CA ILE A 55 -3.70 -8.86 1.24
C ILE A 55 -5.12 -8.58 1.73
N LEU A 56 -5.33 -7.37 2.24
CA LEU A 56 -6.64 -6.97 2.74
C LEU A 56 -6.94 -5.51 2.37
N ASP A 57 -7.76 -5.34 1.34
CA ASP A 57 -8.12 -4.01 0.86
C ASP A 57 -9.02 -3.31 1.87
N THR A 58 -8.89 -1.99 1.96
CA THR A 58 -9.70 -1.20 2.89
C THR A 58 -10.45 -0.09 2.17
N ALA A 59 -11.77 -0.09 2.31
CA ALA A 59 -12.62 0.90 1.68
C ALA A 59 -12.48 2.26 2.36
N GLY A 60 -13.43 3.15 2.09
CA GLY A 60 -13.41 4.46 2.70
C GLY A 60 -13.41 4.40 4.22
N LEU A 61 -12.22 4.43 4.80
CA LEU A 61 -12.08 4.36 6.26
C LEU A 61 -12.31 5.72 6.90
N GLU A 62 -12.67 6.72 6.09
CA GLU A 62 -12.91 8.06 6.59
C GLU A 62 -14.32 8.18 7.17
N ASP A 63 -14.97 7.04 7.37
CA ASP A 63 -16.33 7.02 7.92
C ASP A 63 -16.32 6.64 9.40
N TYR A 64 -15.71 5.49 9.70
CA TYR A 64 -15.64 5.01 11.08
C TYR A 64 -14.84 5.97 11.95
N ALA A 65 -15.14 5.98 13.24
CA ALA A 65 -14.46 6.87 14.19
C ALA A 65 -13.06 6.35 14.50
N ALA A 66 -12.98 5.10 14.93
CA ALA A 66 -11.70 4.49 15.27
C ALA A 66 -11.64 3.04 14.78
N ILE A 67 -12.75 2.55 14.26
CA ILE A 67 -12.82 1.18 13.77
C ILE A 67 -11.86 0.97 12.61
N ARG A 68 -11.50 2.06 11.94
CA ARG A 68 -10.58 2.01 10.80
C ARG A 68 -9.18 1.60 11.25
N ASP A 69 -8.77 2.07 12.42
CA ASP A 69 -7.45 1.76 12.96
C ASP A 69 -7.24 0.26 13.06
N ASN A 70 -8.32 -0.47 13.29
CA ASN A 70 -8.27 -1.92 13.41
C ASN A 70 -7.63 -2.55 12.18
N TYR A 71 -8.02 -2.07 11.01
CA TYR A 71 -7.50 -2.58 9.74
C TYR A 71 -5.98 -2.41 9.66
N PHE A 72 -5.46 -1.38 10.30
CA PHE A 72 -4.03 -1.11 10.28
C PHE A 72 -3.31 -1.92 11.35
N ARG A 73 -4.00 -2.17 12.47
CA ARG A 73 -3.43 -2.92 13.57
C ARG A 73 -3.52 -4.41 13.30
N SER A 74 -4.25 -4.77 12.24
CA SER A 74 -4.42 -6.18 11.87
C SER A 74 -3.38 -6.59 10.83
N GLY A 75 -2.49 -5.67 10.49
CA GLY A 75 -1.46 -5.97 9.50
C GLY A 75 -0.09 -5.50 9.94
N GLU A 76 0.95 -6.06 9.32
CA GLU A 76 2.32 -5.70 9.66
C GLU A 76 2.84 -4.59 8.75
N GLY A 77 2.70 -4.80 7.44
CA GLY A 77 3.15 -3.80 6.48
C GLY A 77 2.05 -2.84 6.08
N PHE A 78 2.44 -1.70 5.53
CA PHE A 78 1.49 -0.69 5.10
C PHE A 78 1.84 -0.16 3.71
N LEU A 79 0.82 0.07 2.88
CA LEU A 79 1.03 0.58 1.54
C LEU A 79 0.18 1.82 1.29
N LEU A 80 0.81 2.99 1.32
CA LEU A 80 0.11 4.24 1.08
C LEU A 80 -0.02 4.49 -0.42
N VAL A 81 -1.17 4.12 -0.98
CA VAL A 81 -1.41 4.29 -2.40
C VAL A 81 -2.39 5.42 -2.68
N PHE A 82 -2.04 6.30 -3.60
CA PHE A 82 -2.91 7.41 -3.97
C PHE A 82 -2.97 7.59 -5.48
N SER A 83 -3.63 8.66 -5.92
CA SER A 83 -3.76 8.95 -7.34
C SER A 83 -3.18 10.31 -7.69
N ILE A 84 -2.58 10.41 -8.88
CA ILE A 84 -1.99 11.66 -9.34
C ILE A 84 -3.06 12.62 -9.84
N THR A 85 -4.10 12.06 -10.45
CA THR A 85 -5.20 12.84 -10.98
C THR A 85 -6.01 13.49 -9.85
N GLU A 86 -5.88 12.94 -8.66
CA GLU A 86 -6.59 13.46 -7.48
C GLU A 86 -5.61 13.99 -6.45
N HIS A 87 -5.39 15.29 -6.45
CA HIS A 87 -4.47 15.93 -5.50
C HIS A 87 -4.97 15.75 -4.06
N GLU A 88 -6.24 15.39 -3.91
CA GLU A 88 -6.84 15.19 -2.59
C GLU A 88 -6.33 13.91 -1.96
N SER A 89 -5.94 12.96 -2.81
CA SER A 89 -5.44 11.67 -2.35
C SER A 89 -4.11 11.82 -1.64
N PHE A 90 -3.15 12.45 -2.31
CA PHE A 90 -1.81 12.65 -1.76
C PHE A 90 -1.86 13.37 -0.41
N THR A 91 -2.79 14.30 -0.28
CA THR A 91 -2.95 15.09 0.95
C THR A 91 -3.51 14.25 2.09
N ALA A 92 -4.67 13.62 1.85
CA ALA A 92 -5.31 12.80 2.87
C ALA A 92 -4.43 11.62 3.26
N THR A 93 -3.73 11.07 2.29
CA THR A 93 -2.85 9.95 2.52
C THR A 93 -1.78 10.32 3.54
N ALA A 94 -1.40 11.59 3.53
CA ALA A 94 -0.40 12.09 4.46
C ALA A 94 -0.89 12.02 5.90
N GLU A 95 -2.20 12.25 6.07
CA GLU A 95 -2.82 12.21 7.38
C GLU A 95 -2.75 10.80 7.97
N PHE A 96 -3.11 9.81 7.14
CA PHE A 96 -3.08 8.41 7.56
C PHE A 96 -1.68 7.98 7.96
N ARG A 97 -0.68 8.60 7.33
CA ARG A 97 0.72 8.27 7.61
C ARG A 97 1.01 8.30 9.10
N GLU A 98 0.52 9.34 9.78
CA GLU A 98 0.73 9.48 11.22
C GLU A 98 -0.10 8.46 12.00
N GLN A 99 -1.24 8.07 11.44
CA GLN A 99 -2.11 7.11 12.08
C GLN A 99 -1.49 5.72 12.11
N ILE A 100 -0.59 5.46 11.17
CA ILE A 100 0.07 4.17 11.08
C ILE A 100 0.90 3.88 12.32
N LEU A 101 1.66 4.87 12.78
CA LEU A 101 2.49 4.72 13.97
C LEU A 101 1.66 4.54 15.23
N ARG A 102 0.45 5.07 15.23
CA ARG A 102 -0.43 4.98 16.40
C ARG A 102 -0.76 3.53 16.73
N VAL A 103 -1.15 2.76 15.72
CA VAL A 103 -1.51 1.36 15.91
C VAL A 103 -0.28 0.49 16.16
N LYS A 104 0.90 1.04 15.93
CA LYS A 104 2.14 0.31 16.13
C LYS A 104 3.08 1.06 17.05
N ALA A 105 2.52 1.63 18.12
CA ALA A 105 3.31 2.39 19.09
C ALA A 105 4.32 1.50 19.81
N GLU A 106 4.00 0.22 19.92
CA GLU A 106 4.89 -0.73 20.59
C GLU A 106 6.04 -1.14 19.67
N GLU A 107 5.78 -1.16 18.37
CA GLU A 107 6.79 -1.54 17.39
C GLU A 107 7.74 -0.39 17.11
N ASP A 108 8.88 -0.70 16.51
CA ASP A 108 9.88 0.30 16.19
C ASP A 108 9.98 0.52 14.68
N LYS A 109 10.45 -0.51 13.98
CA LYS A 109 10.59 -0.44 12.52
C LYS A 109 9.25 -0.67 11.84
N ILE A 110 8.70 0.41 11.28
CA ILE A 110 7.40 0.33 10.60
C ILE A 110 7.58 0.37 9.09
N PRO A 111 7.43 -0.79 8.41
CA PRO A 111 7.57 -0.87 6.94
C PRO A 111 6.45 -0.11 6.23
N LEU A 112 6.83 0.69 5.24
CA LEU A 112 5.86 1.48 4.49
C LEU A 112 6.34 1.69 3.06
N LEU A 113 5.39 1.92 2.15
CA LEU A 113 5.71 2.16 0.74
C LEU A 113 4.63 3.00 0.09
N VAL A 114 5.03 4.09 -0.56
CA VAL A 114 4.09 4.97 -1.21
C VAL A 114 4.11 4.77 -2.73
N VAL A 115 2.93 4.86 -3.35
CA VAL A 115 2.80 4.70 -4.79
C VAL A 115 1.61 5.48 -5.31
N GLY A 116 1.68 5.88 -6.57
CA GLY A 116 0.60 6.64 -7.17
C GLY A 116 0.12 6.04 -8.47
N ASN A 117 -1.15 5.66 -8.53
CA ASN A 117 -1.72 5.07 -9.73
C ASN A 117 -2.06 6.16 -10.74
N LYS A 118 -2.91 5.83 -11.70
CA LYS A 118 -3.31 6.78 -12.73
C LYS A 118 -2.12 7.31 -13.52
N SER A 119 -0.96 6.68 -13.34
CA SER A 119 0.26 7.11 -14.03
C SER A 119 0.09 7.01 -15.54
N ASP A 120 -0.97 6.34 -15.98
CA ASP A 120 -1.25 6.18 -17.40
C ASP A 120 -1.65 7.52 -18.01
N LEU A 121 -1.76 8.54 -17.15
CA LEU A 121 -2.15 9.87 -17.59
C LEU A 121 -1.04 10.88 -17.28
N GLU A 122 -0.01 10.89 -18.11
CA GLU A 122 1.11 11.80 -17.93
C GLU A 122 0.73 13.23 -18.29
N GLU A 123 -0.40 13.37 -19.00
CA GLU A 123 -0.87 14.69 -19.40
C GLU A 123 -1.86 15.27 -18.40
N ARG A 124 -2.36 14.41 -17.51
CA ARG A 124 -3.32 14.84 -16.49
C ARG A 124 -2.72 14.73 -15.09
N ARG A 125 -1.40 14.63 -15.01
CA ARG A 125 -0.71 14.53 -13.74
C ARG A 125 -0.50 15.90 -13.11
N GLN A 126 -1.17 16.13 -11.99
CA GLN A 126 -1.07 17.41 -11.29
C GLN A 126 0.09 17.39 -10.29
N VAL A 127 0.36 16.20 -9.74
CA VAL A 127 1.45 16.05 -8.77
C VAL A 127 2.71 15.50 -9.45
N PRO A 128 3.77 16.32 -9.59
CA PRO A 128 5.02 15.89 -10.20
C PRO A 128 5.63 14.70 -9.46
N VAL A 129 6.09 13.71 -10.21
CA VAL A 129 6.69 12.51 -9.61
C VAL A 129 7.81 12.87 -8.64
N GLU A 130 8.68 13.80 -9.06
CA GLU A 130 9.81 14.22 -8.24
C GLU A 130 9.33 14.85 -6.93
N GLU A 131 8.30 15.69 -7.02
CA GLU A 131 7.75 16.36 -5.86
C GLU A 131 7.15 15.35 -4.87
N ALA A 132 6.65 14.25 -5.41
CA ALA A 132 6.04 13.20 -4.58
C ALA A 132 7.10 12.36 -3.86
N ARG A 133 8.25 12.19 -4.50
CA ARG A 133 9.33 11.40 -3.91
C ARG A 133 9.98 12.13 -2.74
N SER A 134 10.17 13.43 -2.90
CA SER A 134 10.79 14.26 -1.86
C SER A 134 9.94 14.28 -0.59
N LYS A 135 8.68 14.62 -0.72
CA LYS A 135 7.77 14.69 0.42
C LYS A 135 7.64 13.34 1.12
N ALA A 136 7.43 12.29 0.34
CA ALA A 136 7.28 10.94 0.89
C ALA A 136 8.57 10.45 1.53
N GLU A 137 9.70 10.86 0.97
CA GLU A 137 11.01 10.45 1.50
C GLU A 137 11.13 10.82 2.98
N GLU A 138 10.50 11.92 3.37
CA GLU A 138 10.54 12.38 4.75
C GLU A 138 10.11 11.27 5.71
N TRP A 139 9.10 10.49 5.30
CA TRP A 139 8.61 9.40 6.12
C TRP A 139 9.64 8.27 6.19
N GLY A 140 10.46 8.17 5.15
CA GLY A 140 11.48 7.14 5.11
C GLY A 140 11.19 6.06 4.08
N VAL A 141 10.52 6.45 3.01
CA VAL A 141 10.18 5.50 1.94
C VAL A 141 10.46 6.08 0.57
N GLN A 142 10.37 5.22 -0.45
CA GLN A 142 10.59 5.64 -1.83
C GLN A 142 9.28 5.56 -2.61
N TYR A 143 8.96 6.64 -3.33
CA TYR A 143 7.73 6.68 -4.10
C TYR A 143 7.96 6.30 -5.56
N VAL A 144 6.99 5.59 -6.13
CA VAL A 144 7.05 5.15 -7.51
C VAL A 144 5.71 5.33 -8.22
N GLU A 145 5.76 5.49 -9.53
CA GLU A 145 4.55 5.65 -10.34
C GLU A 145 4.08 4.30 -10.86
N THR A 146 2.77 4.13 -10.96
CA THR A 146 2.20 2.86 -11.44
C THR A 146 0.89 3.07 -12.18
N SER A 147 0.52 2.10 -13.00
CA SER A 147 -0.72 2.16 -13.76
C SER A 147 -1.52 0.87 -13.60
N ALA A 148 -2.63 0.94 -12.87
CA ALA A 148 -3.47 -0.23 -12.64
C ALA A 148 -4.13 -0.71 -13.92
N LYS A 149 -3.91 0.03 -15.00
CA LYS A 149 -4.48 -0.31 -16.29
C LYS A 149 -3.49 -1.11 -17.12
N THR A 150 -2.20 -0.81 -16.94
CA THR A 150 -1.15 -1.50 -17.67
C THR A 150 -0.60 -2.67 -16.85
N ARG A 151 -0.87 -2.64 -15.54
CA ARG A 151 -0.41 -3.70 -14.64
C ARG A 151 1.08 -3.97 -14.82
N ALA A 152 1.82 -2.93 -15.22
CA ALA A 152 3.26 -3.06 -15.44
C ALA A 152 4.07 -3.06 -14.15
N ASN A 153 3.90 -2.02 -13.34
CA ASN A 153 4.63 -1.90 -12.09
C ASN A 153 3.72 -2.02 -10.88
N VAL A 154 2.53 -2.57 -11.07
CA VAL A 154 1.59 -2.73 -9.99
C VAL A 154 2.09 -3.73 -8.94
N ASP A 155 2.67 -4.82 -9.42
CA ASP A 155 3.19 -5.87 -8.53
C ASP A 155 4.50 -5.41 -7.86
N LYS A 156 5.10 -4.36 -8.39
CA LYS A 156 6.35 -3.83 -7.85
C LYS A 156 6.21 -3.41 -6.39
N VAL A 157 5.11 -2.75 -6.07
CA VAL A 157 4.87 -2.27 -4.71
C VAL A 157 4.57 -3.42 -3.75
N PHE A 158 4.04 -4.51 -4.28
CA PHE A 158 3.69 -5.67 -3.48
C PHE A 158 4.94 -6.44 -3.08
N PHE A 159 5.81 -6.71 -4.05
CA PHE A 159 7.03 -7.47 -3.81
C PHE A 159 8.04 -6.63 -3.02
N ASP A 160 8.26 -5.39 -3.45
CA ASP A 160 9.22 -4.50 -2.79
C ASP A 160 8.88 -4.32 -1.31
N LEU A 161 7.58 -4.23 -1.01
CA LEU A 161 7.14 -4.04 0.36
C LEU A 161 7.61 -5.17 1.27
N MET A 162 7.34 -6.41 0.85
CA MET A 162 7.73 -7.58 1.61
C MET A 162 9.22 -7.58 1.87
N ARG A 163 9.99 -7.30 0.83
CA ARG A 163 11.45 -7.27 0.93
C ARG A 163 11.89 -6.27 1.99
N GLU A 164 11.17 -5.16 2.10
CA GLU A 164 11.49 -4.13 3.07
C GLU A 164 11.22 -4.61 4.50
N ILE A 165 10.24 -5.49 4.64
CA ILE A 165 9.88 -6.03 5.95
C ILE A 165 10.93 -7.01 6.45
N ARG A 166 11.22 -8.03 5.63
CA ARG A 166 12.19 -9.05 5.99
C ARG A 166 13.54 -8.44 6.35
N THR A 167 13.88 -7.32 5.71
CA THR A 167 15.15 -6.66 5.95
C THR A 167 15.10 -5.66 7.12
N LYS A 168 14.22 -4.66 7.00
CA LYS A 168 14.10 -3.61 8.02
C LYS A 168 13.46 -4.11 9.32
N LYS A 169 12.28 -4.71 9.21
CA LYS A 169 11.55 -5.19 10.39
C LYS A 169 12.38 -6.20 11.18
N MET A 170 12.96 -7.17 10.48
CA MET A 170 13.76 -8.20 11.13
C MET A 170 15.10 -7.65 11.61
N SER A 171 15.44 -6.44 11.16
CA SER A 171 16.69 -5.81 11.56
C SER A 171 16.65 -5.39 13.02
N GLU A 172 15.68 -4.53 13.36
CA GLU A 172 15.52 -4.05 14.72
C GLU A 172 16.79 -3.36 15.21
N ASN A 173 17.64 -2.96 14.27
CA ASN A 173 18.89 -2.29 14.60
C ASN A 173 19.01 -0.96 13.85
N LYS A 174 19.21 -1.05 12.54
CA LYS A 174 19.34 0.14 11.71
C LYS A 174 18.01 0.89 11.64
PG GNP B . -13.58 2.44 -2.67
O1G GNP B . -14.70 3.14 -3.34
O2G GNP B . -13.68 0.85 -2.85
O3G GNP B . -13.51 2.83 -1.11
N3B GNP B . -12.08 2.88 -3.28
PB GNP B . -12.02 2.75 -4.94
O1B GNP B . -11.18 3.86 -5.48
O2B GNP B . -11.65 1.35 -5.28
O3A GNP B . -13.53 2.99 -5.39
PA GNP B . -13.95 2.76 -6.91
O1A GNP B . -13.97 1.31 -7.19
O2A GNP B . -15.18 3.55 -7.18
O5' GNP B . -12.74 3.42 -7.71
C5' GNP B . -11.97 2.65 -8.63
C4' GNP B . -12.12 3.22 -10.02
O4' GNP B . -10.88 3.85 -10.42
C3' GNP B . -12.41 2.19 -11.12
O3' GNP B . -13.22 2.74 -12.14
C2' GNP B . -11.02 1.83 -11.63
O2' GNP B . -11.05 1.41 -12.98
C1' GNP B . -10.33 3.18 -11.53
N9 GNP B . -8.88 3.08 -11.34
C8 GNP B . -8.22 2.69 -10.20
N7 GNP B . -6.93 2.70 -10.33
C5 GNP B . -6.71 3.14 -11.63
C6 GNP B . -5.51 3.35 -12.34
O6 GNP B . -4.34 3.19 -11.94
N1 GNP B . -5.73 3.79 -13.64
C2 GNP B . -6.98 4.00 -14.18
N2 GNP B . -7.00 4.43 -15.45
N3 GNP B . -8.12 3.81 -13.52
C4 GNP B . -7.91 3.37 -12.26
HNB3 GNP B . -11.39 2.32 -2.87
H5'2 GNP B . -12.32 1.62 -8.63
H5'1 GNP B . -10.92 2.69 -8.36
H4' GNP B . -12.98 3.90 -10.01
H3' GNP B . -12.97 1.33 -10.74
HO3' GNP B . -12.63 3.21 -12.75
H2' GNP B . -10.56 1.10 -10.97
HO2' GNP B . -11.47 2.10 -13.48
H1' GNP B . -10.51 3.81 -12.40
H8 GNP B . -8.72 2.38 -9.29
HN1 GNP B . -4.93 3.97 -14.22
HN21 GNP B . -7.89 4.60 -15.90
HN22 GNP B . -6.14 4.58 -15.95
MG MG C . -12.19 -0.46 -4.00
N LEU A 1 7.99 -21.39 6.75
CA LEU A 1 7.63 -20.30 5.79
C LEU A 1 7.12 -19.08 6.53
N ALA A 2 7.79 -17.95 6.31
CA ALA A 2 7.40 -16.69 6.95
C ALA A 2 5.98 -16.28 6.56
N LEU A 3 5.37 -15.43 7.37
CA LEU A 3 4.01 -14.97 7.11
C LEU A 3 3.90 -13.45 7.30
N HIS A 4 3.76 -12.73 6.19
CA HIS A 4 3.64 -11.28 6.24
C HIS A 4 2.23 -10.83 5.85
N LYS A 5 1.79 -9.70 6.40
CA LYS A 5 0.47 -9.18 6.11
C LYS A 5 0.53 -7.74 5.60
N VAL A 6 0.19 -7.54 4.33
CA VAL A 6 0.21 -6.21 3.73
C VAL A 6 -1.21 -5.65 3.60
N ILE A 7 -1.38 -4.40 4.04
CA ILE A 7 -2.68 -3.76 3.97
C ILE A 7 -2.68 -2.63 2.94
N MET A 8 -3.46 -2.81 1.87
CA MET A 8 -3.55 -1.80 0.82
C MET A 8 -4.25 -0.54 1.34
N VAL A 9 -3.46 0.45 1.73
CA VAL A 9 -4.00 1.70 2.24
C VAL A 9 -3.74 2.84 1.26
N GLY A 10 -4.54 3.91 1.35
CA GLY A 10 -4.38 5.03 0.45
C GLY A 10 -5.55 6.00 0.50
N SER A 11 -5.44 7.01 1.36
CA SER A 11 -6.48 8.03 1.50
C SER A 11 -7.79 7.42 1.97
N GLY A 12 -8.59 6.93 1.02
CA GLY A 12 -9.87 6.33 1.35
C GLY A 12 -10.84 6.41 0.18
N GLY A 13 -10.53 5.69 -0.89
CA GLY A 13 -11.37 5.69 -2.07
C GLY A 13 -10.57 5.93 -3.34
N VAL A 14 -9.30 5.55 -3.31
CA VAL A 14 -8.42 5.73 -4.47
C VAL A 14 -8.43 4.50 -5.37
N GLY A 15 -8.66 3.33 -4.76
CA GLY A 15 -8.69 2.10 -5.53
C GLY A 15 -7.67 1.10 -5.03
N LYS A 16 -7.54 1.00 -3.72
CA LYS A 16 -6.59 0.07 -3.11
C LYS A 16 -6.87 -1.36 -3.55
N SER A 17 -8.13 -1.62 -3.89
CA SER A 17 -8.55 -2.94 -4.35
C SER A 17 -8.08 -3.19 -5.78
N ALA A 18 -7.94 -2.11 -6.53
CA ALA A 18 -7.51 -2.19 -7.92
C ALA A 18 -6.12 -2.79 -7.99
N LEU A 19 -5.20 -2.21 -7.23
CA LEU A 19 -3.84 -2.71 -7.18
C LEU A 19 -3.87 -4.16 -6.70
N THR A 20 -4.94 -4.49 -5.97
CA THR A 20 -5.11 -5.82 -5.44
C THR A 20 -5.48 -6.82 -6.54
N LEU A 21 -6.39 -6.42 -7.42
CA LEU A 21 -6.83 -7.28 -8.51
C LEU A 21 -5.74 -7.45 -9.56
N GLN A 22 -4.93 -6.41 -9.76
CA GLN A 22 -3.85 -6.46 -10.74
C GLN A 22 -2.71 -7.35 -10.25
N PHE A 23 -2.46 -7.31 -8.95
CA PHE A 23 -1.39 -8.12 -8.37
C PHE A 23 -1.77 -9.60 -8.31
N MET A 24 -2.98 -9.87 -7.84
CA MET A 24 -3.45 -11.24 -7.70
C MET A 24 -4.00 -11.84 -9.00
N TYR A 25 -4.90 -11.11 -9.66
CA TYR A 25 -5.51 -11.60 -10.89
C TYR A 25 -4.80 -11.11 -12.16
N ASP A 26 -4.11 -9.97 -12.05
CA ASP A 26 -3.40 -9.40 -13.19
C ASP A 26 -4.36 -9.11 -14.33
N GLU A 27 -5.53 -8.58 -13.99
CA GLU A 27 -6.56 -8.25 -14.97
C GLU A 27 -7.25 -6.94 -14.61
N PHE A 28 -7.41 -6.07 -15.60
CA PHE A 28 -8.07 -4.79 -15.39
C PHE A 28 -9.52 -4.83 -15.83
N VAL A 29 -10.43 -4.73 -14.87
CA VAL A 29 -11.86 -4.75 -15.14
C VAL A 29 -12.57 -3.62 -14.39
N GLU A 30 -13.64 -3.11 -14.99
CA GLU A 30 -14.41 -2.02 -14.38
C GLU A 30 -15.09 -2.49 -13.09
N ASP A 31 -15.44 -3.77 -13.04
CA ASP A 31 -16.10 -4.34 -11.87
C ASP A 31 -15.17 -4.30 -10.65
N TYR A 32 -15.78 -4.31 -9.47
CA TYR A 32 -15.01 -4.27 -8.22
C TYR A 32 -15.53 -5.32 -7.23
N GLU A 33 -14.67 -5.75 -6.33
CA GLU A 33 -15.05 -6.73 -5.32
C GLU A 33 -14.90 -6.19 -3.90
N PRO A 34 -16.00 -5.72 -3.28
CA PRO A 34 -15.97 -5.18 -1.93
C PRO A 34 -15.36 -6.15 -0.92
N THR A 35 -14.85 -5.61 0.18
CA THR A 35 -14.23 -6.43 1.23
C THR A 35 -15.27 -7.24 1.98
N LYS A 36 -15.18 -8.56 1.89
CA LYS A 36 -16.11 -9.45 2.57
C LYS A 36 -15.55 -9.88 3.93
N ALA A 37 -14.72 -9.02 4.52
CA ALA A 37 -14.11 -9.31 5.81
C ALA A 37 -13.22 -10.55 5.75
N ASP A 38 -12.81 -10.90 4.54
CA ASP A 38 -11.96 -12.08 4.34
C ASP A 38 -10.66 -11.69 3.64
N SER A 39 -9.54 -12.20 4.14
CA SER A 39 -8.24 -11.91 3.56
C SER A 39 -7.86 -12.93 2.50
N TYR A 40 -6.73 -12.72 1.85
CA TYR A 40 -6.25 -13.62 0.81
C TYR A 40 -4.90 -14.21 1.18
N ARG A 41 -4.62 -15.41 0.67
CA ARG A 41 -3.35 -16.08 0.94
C ARG A 41 -2.87 -16.86 -0.28
N LYS A 42 -1.60 -16.67 -0.62
CA LYS A 42 -1.00 -17.34 -1.77
C LYS A 42 0.50 -17.58 -1.54
N LYS A 43 1.02 -18.64 -2.14
CA LYS A 43 2.43 -18.98 -1.99
C LYS A 43 3.24 -18.50 -3.20
N VAL A 44 4.19 -17.60 -2.94
CA VAL A 44 5.04 -17.07 -4.00
C VAL A 44 6.49 -17.01 -3.52
N VAL A 45 7.41 -17.36 -4.42
CA VAL A 45 8.84 -17.36 -4.11
C VAL A 45 9.41 -15.96 -4.13
N LEU A 46 10.27 -15.66 -3.16
CA LEU A 46 10.91 -14.35 -3.06
C LEU A 46 12.39 -14.49 -2.75
N ASP A 47 13.22 -14.13 -3.72
CA ASP A 47 14.67 -14.21 -3.56
C ASP A 47 15.11 -15.63 -3.23
N GLY A 48 14.35 -16.61 -3.73
CA GLY A 48 14.68 -18.00 -3.48
C GLY A 48 13.88 -18.60 -2.34
N GLU A 49 13.58 -17.77 -1.34
CA GLU A 49 12.82 -18.23 -0.18
C GLU A 49 11.35 -17.90 -0.33
N GLU A 50 10.51 -18.95 -0.33
CA GLU A 50 9.07 -18.76 -0.48
C GLU A 50 8.42 -18.33 0.84
N VAL A 51 7.51 -17.36 0.75
CA VAL A 51 6.81 -16.86 1.93
C VAL A 51 5.34 -16.60 1.62
N GLN A 52 4.50 -16.74 2.63
CA GLN A 52 3.06 -16.52 2.47
C GLN A 52 2.69 -15.06 2.67
N ILE A 53 1.94 -14.51 1.73
CA ILE A 53 1.52 -13.11 1.81
C ILE A 53 0.03 -13.01 2.12
N ASP A 54 -0.32 -12.06 3.00
CA ASP A 54 -1.71 -11.85 3.39
C ASP A 54 -2.18 -10.46 2.97
N ILE A 55 -3.10 -10.40 2.03
CA ILE A 55 -3.62 -9.13 1.54
C ILE A 55 -5.07 -8.91 2.00
N LEU A 56 -5.35 -7.70 2.48
CA LEU A 56 -6.68 -7.35 2.96
C LEU A 56 -7.02 -5.92 2.56
N ASP A 57 -7.91 -5.76 1.60
CA ASP A 57 -8.32 -4.45 1.12
C ASP A 57 -9.29 -3.79 2.10
N THR A 58 -9.19 -2.47 2.22
CA THR A 58 -10.05 -1.71 3.11
C THR A 58 -10.71 -0.54 2.38
N ALA A 59 -12.04 -0.58 2.29
CA ALA A 59 -12.78 0.48 1.62
C ALA A 59 -12.61 1.81 2.35
N GLY A 60 -13.12 2.89 1.74
CA GLY A 60 -13.01 4.20 2.34
C GLY A 60 -13.62 4.25 3.73
N LEU A 61 -12.77 4.22 4.75
CA LEU A 61 -13.23 4.28 6.14
C LEU A 61 -13.29 5.72 6.63
N GLU A 62 -13.62 6.64 5.73
CA GLU A 62 -13.70 8.06 6.07
C GLU A 62 -14.69 8.29 7.22
N ASP A 63 -15.66 7.39 7.35
CA ASP A 63 -16.66 7.50 8.40
C ASP A 63 -16.13 6.89 9.71
N TYR A 64 -17.04 6.60 10.64
CA TYR A 64 -16.67 6.01 11.93
C TYR A 64 -15.81 6.97 12.74
N ALA A 65 -15.59 6.62 14.01
CA ALA A 65 -14.80 7.45 14.91
C ALA A 65 -13.31 7.32 14.63
N ALA A 66 -12.80 6.09 14.65
CA ALA A 66 -11.39 5.84 14.41
C ALA A 66 -11.10 4.34 14.29
N ILE A 67 -12.11 3.57 13.90
CA ILE A 67 -11.96 2.13 13.76
C ILE A 67 -10.84 1.77 12.79
N ARG A 68 -10.43 2.76 11.98
CA ARG A 68 -9.37 2.56 11.01
C ARG A 68 -8.12 1.96 11.66
N ASP A 69 -7.79 2.44 12.85
CA ASP A 69 -6.62 1.96 13.58
C ASP A 69 -6.66 0.44 13.75
N ASN A 70 -7.87 -0.10 13.87
CA ASN A 70 -8.05 -1.54 14.05
C ASN A 70 -7.50 -2.32 12.86
N TYR A 71 -7.86 -1.88 11.66
CA TYR A 71 -7.41 -2.54 10.44
C TYR A 71 -5.89 -2.46 10.29
N PHE A 72 -5.30 -1.40 10.84
CA PHE A 72 -3.86 -1.21 10.76
C PHE A 72 -3.14 -1.97 11.87
N ARG A 73 -3.88 -2.37 12.89
CA ARG A 73 -3.29 -3.10 14.02
C ARG A 73 -3.13 -4.58 13.69
N SER A 74 -3.91 -5.05 12.70
CA SER A 74 -3.85 -6.44 12.29
C SER A 74 -2.92 -6.62 11.09
N GLY A 75 -2.32 -5.52 10.65
CA GLY A 75 -1.42 -5.56 9.52
C GLY A 75 0.00 -5.19 9.88
N GLU A 76 0.93 -6.12 9.66
CA GLU A 76 2.33 -5.89 9.97
C GLU A 76 2.91 -4.82 9.07
N GLY A 77 2.69 -4.95 7.77
CA GLY A 77 3.20 -3.98 6.81
C GLY A 77 2.11 -3.06 6.30
N PHE A 78 2.52 -1.95 5.69
CA PHE A 78 1.57 -0.99 5.15
C PHE A 78 1.98 -0.53 3.76
N LEU A 79 1.00 -0.25 2.91
CA LEU A 79 1.27 0.20 1.55
C LEU A 79 0.36 1.37 1.18
N LEU A 80 0.92 2.58 1.20
CA LEU A 80 0.15 3.78 0.88
C LEU A 80 0.08 3.98 -0.64
N VAL A 81 -1.11 4.32 -1.14
CA VAL A 81 -1.31 4.54 -2.56
C VAL A 81 -2.22 5.73 -2.82
N PHE A 82 -1.72 6.71 -3.58
CA PHE A 82 -2.52 7.89 -3.92
C PHE A 82 -2.51 8.13 -5.42
N SER A 83 -3.63 8.61 -5.95
CA SER A 83 -3.75 8.87 -7.38
C SER A 83 -3.28 10.27 -7.74
N ILE A 84 -2.72 10.41 -8.93
CA ILE A 84 -2.23 11.70 -9.41
C ILE A 84 -3.39 12.55 -9.89
N THR A 85 -4.39 11.89 -10.49
CA THR A 85 -5.57 12.57 -11.00
C THR A 85 -6.41 13.14 -9.87
N GLU A 86 -6.20 12.61 -8.66
CA GLU A 86 -6.95 13.06 -7.48
C GLU A 86 -5.99 13.62 -6.43
N HIS A 87 -5.88 14.94 -6.38
CA HIS A 87 -5.01 15.60 -5.40
C HIS A 87 -5.48 15.32 -3.98
N GLU A 88 -6.72 14.87 -3.86
CA GLU A 88 -7.30 14.56 -2.55
C GLU A 88 -6.68 13.29 -1.98
N SER A 89 -6.20 12.43 -2.86
CA SER A 89 -5.59 11.17 -2.46
C SER A 89 -4.27 11.40 -1.72
N PHE A 90 -3.36 12.13 -2.36
CA PHE A 90 -2.05 12.42 -1.79
C PHE A 90 -2.17 13.13 -0.44
N THR A 91 -3.17 13.99 -0.33
CA THR A 91 -3.39 14.76 0.89
C THR A 91 -3.91 13.88 2.02
N ALA A 92 -5.00 13.16 1.76
CA ALA A 92 -5.60 12.28 2.75
C ALA A 92 -4.62 11.18 3.16
N THR A 93 -3.90 10.67 2.17
CA THR A 93 -2.91 9.62 2.41
C THR A 93 -1.87 10.07 3.43
N ALA A 94 -1.52 11.34 3.34
CA ALA A 94 -0.54 11.94 4.24
C ALA A 94 -0.98 11.82 5.70
N GLU A 95 -2.27 12.01 5.94
CA GLU A 95 -2.81 11.92 7.29
C GLU A 95 -2.70 10.50 7.83
N PHE A 96 -3.13 9.53 7.04
CA PHE A 96 -3.08 8.12 7.44
C PHE A 96 -1.66 7.71 7.79
N ARG A 97 -0.68 8.39 7.21
CA ARG A 97 0.73 8.08 7.46
C ARG A 97 1.02 8.07 8.97
N GLU A 98 0.60 9.13 9.65
CA GLU A 98 0.81 9.23 11.09
C GLU A 98 -0.08 8.25 11.85
N GLN A 99 -1.30 8.05 11.34
CA GLN A 99 -2.25 7.14 11.97
C GLN A 99 -1.72 5.73 12.01
N ILE A 100 -0.88 5.39 11.04
CA ILE A 100 -0.28 4.06 10.96
C ILE A 100 0.63 3.80 12.16
N LEU A 101 1.34 4.83 12.59
CA LEU A 101 2.26 4.72 13.72
C LEU A 101 1.50 4.48 15.03
N ARG A 102 0.25 4.93 15.09
CA ARG A 102 -0.57 4.79 16.28
C ARG A 102 -0.57 3.36 16.80
N VAL A 103 -0.71 2.39 15.90
CA VAL A 103 -0.74 0.98 16.27
C VAL A 103 0.67 0.44 16.51
N LYS A 104 1.58 0.70 15.56
CA LYS A 104 2.95 0.23 15.67
C LYS A 104 3.81 1.23 16.44
N ALA A 105 3.19 1.92 17.40
CA ALA A 105 3.91 2.91 18.20
C ALA A 105 5.03 2.25 19.01
N GLU A 106 4.90 0.95 19.24
CA GLU A 106 5.90 0.21 20.01
C GLU A 106 7.01 -0.32 19.11
N GLU A 107 6.72 -0.41 17.81
CA GLU A 107 7.69 -0.91 16.85
C GLU A 107 8.67 0.18 16.46
N ASP A 108 9.91 -0.21 16.15
CA ASP A 108 10.95 0.73 15.76
C ASP A 108 10.87 1.01 14.27
N LYS A 109 11.21 0.02 13.45
CA LYS A 109 11.17 0.16 12.01
C LYS A 109 9.78 -0.18 11.48
N ILE A 110 9.14 0.80 10.85
CA ILE A 110 7.81 0.62 10.29
C ILE A 110 7.85 0.44 8.78
N PRO A 111 7.66 -0.79 8.27
CA PRO A 111 7.67 -1.07 6.84
C PRO A 111 6.56 -0.32 6.11
N LEU A 112 6.96 0.57 5.21
CA LEU A 112 5.99 1.37 4.45
C LEU A 112 6.50 1.62 3.04
N LEU A 113 5.57 1.93 2.14
CA LEU A 113 5.92 2.20 0.75
C LEU A 113 4.80 2.99 0.08
N VAL A 114 5.17 4.11 -0.55
CA VAL A 114 4.19 4.96 -1.23
C VAL A 114 4.26 4.79 -2.74
N VAL A 115 3.11 4.86 -3.39
CA VAL A 115 3.04 4.73 -4.84
C VAL A 115 1.93 5.59 -5.41
N GLY A 116 2.04 5.90 -6.71
CA GLY A 116 1.03 6.71 -7.37
C GLY A 116 0.42 6.01 -8.56
N ASN A 117 -0.83 5.59 -8.43
CA ASN A 117 -1.52 4.91 -9.51
C ASN A 117 -2.06 5.93 -10.52
N LYS A 118 -2.86 5.46 -11.45
CA LYS A 118 -3.44 6.32 -12.49
C LYS A 118 -2.33 7.01 -13.28
N SER A 119 -1.11 6.48 -13.17
CA SER A 119 0.03 7.06 -13.87
C SER A 119 -0.13 6.93 -15.38
N ASP A 120 -1.07 6.09 -15.80
CA ASP A 120 -1.35 5.88 -17.23
C ASP A 120 -1.71 7.20 -17.89
N LEU A 121 -2.09 8.18 -17.08
CA LEU A 121 -2.45 9.49 -17.57
C LEU A 121 -1.36 10.51 -17.27
N GLU A 122 -0.36 10.58 -18.16
CA GLU A 122 0.75 11.50 -17.99
C GLU A 122 0.33 12.93 -18.27
N GLU A 123 -0.85 13.08 -18.87
CA GLU A 123 -1.38 14.40 -19.21
C GLU A 123 -2.27 14.95 -18.10
N ARG A 124 -2.91 14.04 -17.36
CA ARG A 124 -3.80 14.42 -16.28
C ARG A 124 -3.10 14.35 -14.93
N ARG A 125 -1.76 14.32 -14.96
CA ARG A 125 -0.97 14.25 -13.75
C ARG A 125 -0.79 15.63 -13.14
N GLN A 126 -1.33 15.82 -11.94
CA GLN A 126 -1.24 17.12 -11.25
C GLN A 126 -0.12 17.11 -10.22
N VAL A 127 0.24 15.93 -9.73
CA VAL A 127 1.30 15.80 -8.73
C VAL A 127 2.61 15.35 -9.35
N PRO A 128 3.57 16.27 -9.57
CA PRO A 128 4.86 15.93 -10.14
C PRO A 128 5.60 14.92 -9.28
N VAL A 129 6.13 13.87 -9.92
CA VAL A 129 6.85 12.83 -9.21
C VAL A 129 7.89 13.40 -8.26
N GLU A 130 8.64 14.40 -8.72
CA GLU A 130 9.68 15.03 -7.92
C GLU A 130 9.13 15.55 -6.59
N GLU A 131 8.03 16.29 -6.66
CA GLU A 131 7.41 16.85 -5.46
C GLU A 131 6.88 15.76 -4.55
N ALA A 132 6.40 14.67 -5.15
CA ALA A 132 5.86 13.55 -4.40
C ALA A 132 6.96 12.75 -3.70
N ARG A 133 8.13 12.71 -4.32
CA ARG A 133 9.27 11.98 -3.76
C ARG A 133 9.85 12.71 -2.55
N SER A 134 9.89 14.03 -2.63
CA SER A 134 10.43 14.84 -1.55
C SER A 134 9.59 14.73 -0.29
N LYS A 135 8.28 14.83 -0.43
CA LYS A 135 7.37 14.75 0.71
C LYS A 135 7.32 13.34 1.29
N ALA A 136 7.29 12.35 0.41
CA ALA A 136 7.23 10.95 0.84
C ALA A 136 8.54 10.50 1.50
N GLU A 137 9.65 11.00 0.98
CA GLU A 137 10.97 10.65 1.51
C GLU A 137 11.06 10.99 2.99
N GLU A 138 10.36 12.05 3.40
CA GLU A 138 10.35 12.48 4.79
C GLU A 138 10.00 11.33 5.72
N TRP A 139 8.97 10.57 5.34
CA TRP A 139 8.52 9.43 6.14
C TRP A 139 9.62 8.37 6.24
N GLY A 140 10.51 8.35 5.25
CA GLY A 140 11.59 7.39 5.24
C GLY A 140 11.38 6.30 4.21
N VAL A 141 10.52 6.57 3.24
CA VAL A 141 10.22 5.62 2.18
C VAL A 141 10.59 6.18 0.81
N GLN A 142 10.28 5.42 -0.24
CA GLN A 142 10.56 5.84 -1.60
C GLN A 142 9.27 5.80 -2.42
N TYR A 143 9.01 6.87 -3.17
CA TYR A 143 7.81 6.94 -3.99
C TYR A 143 8.11 6.65 -5.46
N VAL A 144 7.19 5.95 -6.10
CA VAL A 144 7.34 5.59 -7.51
C VAL A 144 6.02 5.68 -8.25
N GLU A 145 6.08 5.91 -9.55
CA GLU A 145 4.89 6.01 -10.38
C GLU A 145 4.51 4.65 -10.95
N THR A 146 3.21 4.35 -10.95
CA THR A 146 2.72 3.08 -11.47
C THR A 146 1.32 3.22 -12.08
N SER A 147 1.00 2.36 -13.03
CA SER A 147 -0.30 2.38 -13.69
C SER A 147 -1.04 1.07 -13.43
N ALA A 148 -2.10 1.14 -12.62
CA ALA A 148 -2.90 -0.03 -12.30
C ALA A 148 -3.62 -0.58 -13.52
N LYS A 149 -3.56 0.17 -14.62
CA LYS A 149 -4.23 -0.24 -15.86
C LYS A 149 -3.39 -1.28 -16.59
N THR A 150 -2.13 -0.95 -16.84
CA THR A 150 -1.23 -1.85 -17.54
C THR A 150 -0.55 -2.82 -16.58
N ARG A 151 -0.93 -2.73 -15.30
CA ARG A 151 -0.39 -3.60 -14.24
C ARG A 151 1.09 -3.94 -14.49
N ALA A 152 1.85 -2.95 -14.95
CA ALA A 152 3.27 -3.13 -15.23
C ALA A 152 4.12 -3.12 -13.97
N ASN A 153 4.02 -2.05 -13.18
CA ASN A 153 4.80 -1.92 -11.96
C ASN A 153 3.93 -1.99 -10.71
N VAL A 154 2.69 -2.46 -10.85
CA VAL A 154 1.79 -2.57 -9.71
C VAL A 154 2.29 -3.61 -8.73
N ASP A 155 2.90 -4.67 -9.25
CA ASP A 155 3.43 -5.75 -8.42
C ASP A 155 4.70 -5.31 -7.68
N LYS A 156 5.29 -4.21 -8.13
CA LYS A 156 6.51 -3.69 -7.53
C LYS A 156 6.32 -3.29 -6.07
N VAL A 157 5.18 -2.68 -5.77
CA VAL A 157 4.90 -2.23 -4.40
C VAL A 157 4.59 -3.41 -3.48
N PHE A 158 4.05 -4.47 -4.04
CA PHE A 158 3.70 -5.66 -3.27
C PHE A 158 4.95 -6.44 -2.88
N PHE A 159 5.84 -6.64 -3.86
CA PHE A 159 7.07 -7.37 -3.63
C PHE A 159 8.05 -6.56 -2.79
N ASP A 160 8.12 -5.26 -3.05
CA ASP A 160 9.02 -4.38 -2.31
C ASP A 160 8.68 -4.40 -0.82
N LEU A 161 7.41 -4.18 -0.50
CA LEU A 161 6.96 -4.19 0.88
C LEU A 161 7.29 -5.52 1.55
N MET A 162 7.05 -6.61 0.82
CA MET A 162 7.32 -7.95 1.34
C MET A 162 8.79 -8.08 1.78
N ARG A 163 9.70 -7.52 0.98
CA ARG A 163 11.12 -7.57 1.28
C ARG A 163 11.48 -6.71 2.49
N GLU A 164 10.95 -5.49 2.52
CA GLU A 164 11.22 -4.57 3.62
C GLU A 164 10.88 -5.20 4.97
N ILE A 165 9.69 -5.78 5.07
CA ILE A 165 9.24 -6.40 6.31
C ILE A 165 10.19 -7.50 6.76
N ARG A 166 10.82 -8.18 5.79
CA ARG A 166 11.75 -9.25 6.11
C ARG A 166 13.07 -8.72 6.64
N THR A 167 13.71 -7.83 5.88
CA THR A 167 15.00 -7.27 6.27
C THR A 167 14.88 -6.02 7.14
N LYS A 168 14.22 -4.99 6.62
CA LYS A 168 14.08 -3.71 7.32
C LYS A 168 13.38 -3.84 8.68
N LYS A 169 12.19 -4.43 8.69
CA LYS A 169 11.43 -4.57 9.93
C LYS A 169 12.16 -5.45 10.95
N MET A 170 12.49 -6.66 10.55
CA MET A 170 13.18 -7.60 11.44
C MET A 170 14.53 -7.04 11.91
N SER A 171 14.98 -5.97 11.26
CA SER A 171 16.25 -5.35 11.62
C SER A 171 16.10 -4.50 12.88
N GLU A 172 15.10 -3.62 12.88
CA GLU A 172 14.84 -2.74 14.02
C GLU A 172 16.02 -1.82 14.29
N ASN A 173 15.89 -0.95 15.29
CA ASN A 173 16.94 -0.02 15.65
C ASN A 173 18.15 -0.75 16.20
N LYS A 174 18.02 -1.27 17.41
CA LYS A 174 19.11 -2.01 18.05
C LYS A 174 18.89 -3.51 17.96
PG GNP B . -13.66 1.79 -1.95
O1G GNP B . -14.82 2.24 -1.15
O2G GNP B . -13.63 0.20 -2.09
O3G GNP B . -12.29 2.35 -1.34
N3B GNP B . -13.73 2.38 -3.52
PB GNP B . -12.24 2.32 -4.28
O1B GNP B . -11.21 2.93 -3.40
O2B GNP B . -12.01 0.94 -4.79
O3A GNP B . -12.47 3.27 -5.54
PA GNP B . -13.30 2.76 -6.79
O1A GNP B . -14.45 1.97 -6.29
O2A GNP B . -13.57 3.93 -7.68
O5' GNP B . -12.27 1.79 -7.51
C5' GNP B . -11.21 2.30 -8.30
C4' GNP B . -11.59 2.30 -9.76
O4' GNP B . -10.90 3.39 -10.43
C3' GNP B . -11.18 1.05 -10.54
O3' GNP B . -12.23 0.09 -10.54
C2' GNP B . -10.91 1.58 -11.95
O2' GNP B . -12.10 1.75 -12.69
C1' GNP B . -10.31 2.94 -11.62
N9 GNP B . -8.86 2.93 -11.46
C8 GNP B . -8.16 2.71 -10.29
N7 GNP B . -6.87 2.76 -10.45
C5 GNP B . -6.70 3.03 -11.79
C6 GNP B . -5.52 3.20 -12.55
O6 GNP B . -4.34 3.15 -12.16
N1 GNP B . -5.78 3.46 -13.89
C2 GNP B . -7.04 3.54 -14.42
N2 GNP B . -7.11 3.80 -15.74
N3 GNP B . -8.16 3.39 -13.73
C4 GNP B . -7.92 3.14 -12.43
HNB3 GNP B . -14.05 3.31 -3.51
H5'2 GNP B . -10.32 1.68 -8.16
H5'1 GNP B . -10.98 3.33 -7.99
H4' GNP B . -12.67 2.37 -9.82
H3' GNP B . -10.32 0.56 -10.10
HO3' GNP B . -12.76 0.24 -9.75
H2' GNP B . -10.19 0.94 -12.44
HO2' GNP B . -11.91 2.36 -13.39
H1' GNP B . -10.54 3.68 -12.40
H8 GNP B . -8.64 2.52 -9.34
HN1 GNP B . -5.00 3.59 -14.51
HN21 GNP B . -8.00 3.87 -16.20
HN22 GNP B . -6.25 3.91 -16.28
MG MG C . -12.27 -0.97 -3.53
N LEU A 1 7.75 -21.53 6.87
CA LEU A 1 7.26 -20.47 5.94
C LEU A 1 6.79 -19.25 6.72
N ALA A 2 7.21 -18.08 6.29
CA ALA A 2 6.83 -16.83 6.94
C ALA A 2 5.54 -16.28 6.36
N LEU A 3 4.81 -15.51 7.18
CA LEU A 3 3.55 -14.91 6.76
C LEU A 3 3.62 -13.39 6.89
N HIS A 4 3.61 -12.70 5.75
CA HIS A 4 3.68 -11.24 5.76
C HIS A 4 2.31 -10.62 5.44
N LYS A 5 1.78 -9.86 6.38
CA LYS A 5 0.48 -9.21 6.19
C LYS A 5 0.65 -7.87 5.47
N VAL A 6 -0.34 -7.53 4.64
CA VAL A 6 -0.31 -6.29 3.88
C VAL A 6 -1.63 -5.52 4.00
N ILE A 7 -1.54 -4.28 4.45
CA ILE A 7 -2.73 -3.43 4.59
C ILE A 7 -2.77 -2.36 3.51
N MET A 8 -3.68 -2.52 2.57
CA MET A 8 -3.81 -1.57 1.47
C MET A 8 -4.38 -0.24 1.95
N VAL A 9 -3.51 0.77 2.06
CA VAL A 9 -3.92 2.10 2.51
C VAL A 9 -3.69 3.14 1.42
N GLY A 10 -4.42 4.25 1.49
CA GLY A 10 -4.28 5.29 0.49
C GLY A 10 -5.40 6.30 0.52
N SER A 11 -5.24 7.35 1.33
CA SER A 11 -6.23 8.41 1.45
C SER A 11 -7.57 7.87 1.96
N GLY A 12 -8.38 7.34 1.07
CA GLY A 12 -9.68 6.80 1.45
C GLY A 12 -10.67 6.83 0.31
N GLY A 13 -10.23 6.42 -0.87
CA GLY A 13 -11.09 6.41 -2.04
C GLY A 13 -10.31 6.56 -3.33
N VAL A 14 -9.11 5.98 -3.35
CA VAL A 14 -8.23 6.05 -4.52
C VAL A 14 -8.43 4.84 -5.43
N GLY A 15 -7.99 3.68 -4.95
CA GLY A 15 -8.12 2.46 -5.74
C GLY A 15 -7.25 1.35 -5.20
N LYS A 16 -7.17 1.25 -3.88
CA LYS A 16 -6.37 0.22 -3.23
C LYS A 16 -6.79 -1.17 -3.68
N SER A 17 -8.07 -1.48 -3.52
CA SER A 17 -8.61 -2.77 -3.92
C SER A 17 -8.35 -3.07 -5.39
N ALA A 18 -8.30 -2.02 -6.19
CA ALA A 18 -8.07 -2.18 -7.62
C ALA A 18 -6.67 -2.71 -7.86
N LEU A 19 -5.69 -2.02 -7.28
CA LEU A 19 -4.30 -2.45 -7.39
C LEU A 19 -4.17 -3.81 -6.73
N THR A 20 -5.07 -4.08 -5.80
CA THR A 20 -5.07 -5.35 -5.08
C THR A 20 -5.42 -6.52 -6.00
N LEU A 21 -6.46 -6.35 -6.80
CA LEU A 21 -6.89 -7.38 -7.74
C LEU A 21 -5.90 -7.53 -8.88
N GLN A 22 -5.23 -6.44 -9.23
CA GLN A 22 -4.25 -6.46 -10.31
C GLN A 22 -3.04 -7.31 -9.94
N PHE A 23 -2.69 -7.32 -8.67
CA PHE A 23 -1.55 -8.10 -8.20
C PHE A 23 -1.86 -9.60 -8.20
N MET A 24 -3.14 -9.92 -8.01
CA MET A 24 -3.58 -11.31 -7.95
C MET A 24 -3.80 -11.93 -9.35
N TYR A 25 -4.55 -11.23 -10.20
CA TYR A 25 -4.86 -11.76 -11.54
C TYR A 25 -4.12 -11.02 -12.65
N ASP A 26 -3.66 -9.81 -12.37
CA ASP A 26 -2.94 -9.01 -13.37
C ASP A 26 -3.85 -8.71 -14.57
N GLU A 27 -5.14 -8.60 -14.29
CA GLU A 27 -6.12 -8.33 -15.34
C GLU A 27 -7.15 -7.31 -14.86
N PHE A 28 -7.34 -6.26 -15.65
CA PHE A 28 -8.30 -5.21 -15.31
C PHE A 28 -9.73 -5.67 -15.60
N VAL A 29 -10.49 -5.92 -14.55
CA VAL A 29 -11.88 -6.37 -14.70
C VAL A 29 -12.86 -5.28 -14.26
N GLU A 30 -14.04 -5.29 -14.85
CA GLU A 30 -15.06 -4.29 -14.53
C GLU A 30 -15.90 -4.75 -13.33
N ASP A 31 -15.42 -5.77 -12.63
CA ASP A 31 -16.12 -6.30 -11.45
C ASP A 31 -15.24 -6.23 -10.22
N TYR A 32 -15.70 -5.50 -9.20
CA TYR A 32 -14.96 -5.35 -7.96
C TYR A 32 -15.55 -6.23 -6.86
N GLU A 33 -14.98 -6.12 -5.66
CA GLU A 33 -15.44 -6.90 -4.51
C GLU A 33 -15.40 -6.07 -3.24
N PRO A 34 -16.52 -6.01 -2.47
CA PRO A 34 -16.58 -5.25 -1.23
C PRO A 34 -15.75 -5.87 -0.12
N THR A 35 -15.35 -5.05 0.85
CA THR A 35 -14.53 -5.52 1.97
C THR A 35 -15.41 -5.99 3.12
N LYS A 36 -15.16 -7.20 3.59
CA LYS A 36 -15.93 -7.77 4.70
C LYS A 36 -14.99 -8.43 5.71
N ALA A 37 -14.27 -9.46 5.28
CA ALA A 37 -13.34 -10.17 6.14
C ALA A 37 -12.52 -11.18 5.33
N ASP A 38 -12.76 -11.21 4.03
CA ASP A 38 -12.04 -12.13 3.15
C ASP A 38 -10.63 -11.63 2.87
N SER A 39 -9.66 -12.53 2.96
CA SER A 39 -8.27 -12.18 2.73
C SER A 39 -7.70 -12.96 1.55
N TYR A 40 -6.47 -12.64 1.16
CA TYR A 40 -5.82 -13.32 0.04
C TYR A 40 -4.55 -14.03 0.51
N ARG A 41 -4.27 -15.19 -0.07
CA ARG A 41 -3.09 -15.96 0.31
C ARG A 41 -2.51 -16.69 -0.91
N LYS A 42 -1.19 -16.58 -1.08
CA LYS A 42 -0.51 -17.24 -2.18
C LYS A 42 0.98 -17.39 -1.88
N LYS A 43 1.56 -18.50 -2.35
CA LYS A 43 2.98 -18.77 -2.11
C LYS A 43 3.83 -18.34 -3.29
N VAL A 44 4.92 -17.63 -3.00
CA VAL A 44 5.83 -17.16 -4.02
C VAL A 44 7.27 -17.14 -3.50
N VAL A 45 8.23 -17.18 -4.43
CA VAL A 45 9.64 -17.17 -4.07
C VAL A 45 10.17 -15.75 -3.92
N LEU A 46 10.57 -15.39 -2.71
CA LEU A 46 11.09 -14.06 -2.44
C LEU A 46 12.52 -14.12 -1.91
N ASP A 47 13.47 -13.62 -2.70
CA ASP A 47 14.87 -13.61 -2.33
C ASP A 47 15.37 -15.02 -2.01
N GLY A 48 14.78 -16.01 -2.67
CA GLY A 48 15.18 -17.39 -2.45
C GLY A 48 14.53 -18.00 -1.22
N GLU A 49 13.42 -17.41 -0.79
CA GLU A 49 12.70 -17.90 0.38
C GLU A 49 11.19 -17.84 0.15
N GLU A 50 10.56 -19.00 0.08
CA GLU A 50 9.12 -19.08 -0.15
C GLU A 50 8.33 -18.66 1.07
N VAL A 51 7.63 -17.53 0.97
CA VAL A 51 6.82 -17.01 2.07
C VAL A 51 5.43 -16.62 1.57
N GLN A 52 4.43 -16.85 2.41
CA GLN A 52 3.05 -16.52 2.05
C GLN A 52 2.75 -15.05 2.26
N ILE A 53 1.94 -14.48 1.37
CA ILE A 53 1.56 -13.08 1.46
C ILE A 53 0.06 -12.94 1.70
N ASP A 54 -0.29 -12.12 2.68
CA ASP A 54 -1.70 -11.89 3.01
C ASP A 54 -2.10 -10.45 2.76
N ILE A 55 -3.02 -10.25 1.83
CA ILE A 55 -3.48 -8.90 1.49
C ILE A 55 -4.93 -8.71 1.91
N LEU A 56 -5.26 -7.50 2.32
CA LEU A 56 -6.63 -7.18 2.74
C LEU A 56 -7.03 -5.79 2.24
N ASP A 57 -7.89 -5.77 1.21
CA ASP A 57 -8.35 -4.52 0.64
C ASP A 57 -9.28 -3.79 1.61
N THR A 58 -9.16 -2.47 1.65
CA THR A 58 -9.98 -1.66 2.55
C THR A 58 -10.70 -0.54 1.79
N ALA A 59 -11.99 -0.40 2.03
CA ALA A 59 -12.79 0.63 1.38
C ALA A 59 -12.64 1.97 2.10
N GLY A 60 -13.59 2.87 1.88
CA GLY A 60 -13.54 4.17 2.53
C GLY A 60 -14.22 4.17 3.88
N LEU A 61 -13.42 4.03 4.94
CA LEU A 61 -13.94 4.02 6.30
C LEU A 61 -14.13 5.44 6.84
N GLU A 62 -14.20 6.41 5.93
CA GLU A 62 -14.38 7.80 6.32
C GLU A 62 -15.71 8.02 7.03
N ASP A 63 -16.58 7.02 6.93
CA ASP A 63 -17.90 7.09 7.56
C ASP A 63 -17.79 6.87 9.07
N TYR A 64 -16.87 6.01 9.47
CA TYR A 64 -16.66 5.70 10.88
C TYR A 64 -15.93 6.84 11.59
N ALA A 65 -15.81 6.73 12.91
CA ALA A 65 -15.13 7.76 13.70
C ALA A 65 -13.62 7.65 13.58
N ALA A 66 -13.08 6.46 13.85
CA ALA A 66 -11.65 6.23 13.78
C ALA A 66 -11.32 4.74 13.89
N ILE A 67 -12.32 3.90 13.67
CA ILE A 67 -12.15 2.44 13.74
C ILE A 67 -11.06 1.97 12.79
N ARG A 68 -10.70 2.82 11.83
CA ARG A 68 -9.67 2.49 10.84
C ARG A 68 -8.44 1.88 11.50
N ASP A 69 -8.10 2.35 12.70
CA ASP A 69 -6.94 1.86 13.43
C ASP A 69 -6.98 0.34 13.60
N ASN A 70 -8.17 -0.17 13.91
CA ASN A 70 -8.36 -1.61 14.11
C ASN A 70 -7.86 -2.41 12.91
N TYR A 71 -8.04 -1.85 11.71
CA TYR A 71 -7.62 -2.53 10.48
C TYR A 71 -6.11 -2.45 10.28
N PHE A 72 -5.47 -1.46 10.90
CA PHE A 72 -4.03 -1.29 10.79
C PHE A 72 -3.28 -2.18 11.78
N ARG A 73 -3.99 -2.60 12.83
CA ARG A 73 -3.39 -3.46 13.85
C ARG A 73 -3.45 -4.93 13.43
N SER A 74 -4.28 -5.21 12.42
CA SER A 74 -4.44 -6.57 11.93
C SER A 74 -3.44 -6.89 10.82
N GLY A 75 -2.43 -6.03 10.68
CA GLY A 75 -1.43 -6.24 9.65
C GLY A 75 -0.03 -5.89 10.12
N GLU A 76 0.97 -6.22 9.31
CA GLU A 76 2.36 -5.94 9.64
C GLU A 76 2.95 -4.92 8.66
N GLY A 77 2.52 -4.99 7.41
CA GLY A 77 3.00 -4.09 6.39
C GLY A 77 1.95 -3.08 5.98
N PHE A 78 2.39 -1.98 5.36
CA PHE A 78 1.47 -0.94 4.91
C PHE A 78 1.86 -0.44 3.53
N LEU A 79 0.87 -0.35 2.64
CA LEU A 79 1.10 0.11 1.28
C LEU A 79 0.28 1.38 0.99
N LEU A 80 0.95 2.53 1.08
CA LEU A 80 0.30 3.82 0.84
C LEU A 80 0.27 4.13 -0.65
N VAL A 81 -0.91 4.46 -1.18
CA VAL A 81 -1.06 4.78 -2.59
C VAL A 81 -2.05 5.92 -2.82
N PHE A 82 -1.63 6.93 -3.55
CA PHE A 82 -2.49 8.08 -3.86
C PHE A 82 -2.56 8.29 -5.38
N SER A 83 -3.69 8.81 -5.84
CA SER A 83 -3.87 9.06 -7.27
C SER A 83 -3.37 10.43 -7.66
N ILE A 84 -2.74 10.51 -8.83
CA ILE A 84 -2.21 11.77 -9.33
C ILE A 84 -3.33 12.67 -9.84
N THR A 85 -4.38 12.05 -10.37
CA THR A 85 -5.53 12.78 -10.89
C THR A 85 -6.35 13.38 -9.74
N GLU A 86 -6.06 12.94 -8.52
CA GLU A 86 -6.77 13.42 -7.34
C GLU A 86 -5.78 13.94 -6.30
N HIS A 87 -5.63 15.26 -6.25
CA HIS A 87 -4.73 15.89 -5.29
C HIS A 87 -5.18 15.62 -3.85
N GLU A 88 -6.42 15.18 -3.70
CA GLU A 88 -6.98 14.91 -2.39
C GLU A 88 -6.39 13.63 -1.79
N SER A 89 -5.97 12.73 -2.66
CA SER A 89 -5.39 11.46 -2.23
C SER A 89 -4.04 11.68 -1.56
N PHE A 90 -3.13 12.36 -2.25
CA PHE A 90 -1.80 12.62 -1.73
C PHE A 90 -1.85 13.30 -0.36
N THR A 91 -2.85 14.16 -0.18
CA THR A 91 -3.01 14.90 1.07
C THR A 91 -3.52 14.00 2.20
N ALA A 92 -4.63 13.31 1.96
CA ALA A 92 -5.21 12.43 2.96
C ALA A 92 -4.27 11.29 3.33
N THR A 93 -3.56 10.78 2.33
CA THR A 93 -2.61 9.70 2.53
C THR A 93 -1.58 10.07 3.60
N ALA A 94 -1.08 11.29 3.50
CA ALA A 94 -0.08 11.79 4.45
C ALA A 94 -0.60 11.71 5.89
N GLU A 95 -1.91 11.91 6.05
CA GLU A 95 -2.52 11.86 7.37
C GLU A 95 -2.52 10.44 7.92
N PHE A 96 -2.90 9.48 7.07
CA PHE A 96 -2.93 8.08 7.46
C PHE A 96 -1.54 7.58 7.86
N ARG A 97 -0.50 8.23 7.32
CA ARG A 97 0.87 7.85 7.62
C ARG A 97 1.08 7.80 9.13
N GLU A 98 0.60 8.83 9.83
CA GLU A 98 0.71 8.90 11.28
C GLU A 98 -0.21 7.87 11.95
N GLN A 99 -1.40 7.71 11.39
CA GLN A 99 -2.38 6.77 11.93
C GLN A 99 -1.83 5.35 11.90
N ILE A 100 -0.92 5.11 10.97
CA ILE A 100 -0.30 3.80 10.81
C ILE A 100 0.56 3.46 12.03
N LEU A 101 1.30 4.45 12.52
CA LEU A 101 2.18 4.25 13.67
C LEU A 101 1.37 3.98 14.95
N ARG A 102 0.13 4.47 14.99
CA ARG A 102 -0.72 4.29 16.16
C ARG A 102 -0.80 2.84 16.60
N VAL A 103 -1.08 1.95 15.66
CA VAL A 103 -1.18 0.52 15.94
C VAL A 103 0.18 -0.08 16.29
N LYS A 104 1.22 0.39 15.63
CA LYS A 104 2.57 -0.13 15.86
C LYS A 104 3.40 0.88 16.67
N ALA A 105 2.77 1.55 17.61
CA ALA A 105 3.46 2.53 18.44
C ALA A 105 4.47 1.86 19.37
N GLU A 106 4.50 0.54 19.36
CA GLU A 106 5.43 -0.22 20.19
C GLU A 106 6.62 -0.70 19.39
N GLU A 107 6.50 -0.67 18.06
CA GLU A 107 7.57 -1.10 17.17
C GLU A 107 8.37 0.10 16.65
N ASP A 108 9.69 -0.01 16.69
CA ASP A 108 10.56 1.06 16.23
C ASP A 108 10.55 1.17 14.71
N LYS A 109 10.77 0.03 14.04
CA LYS A 109 10.79 0.00 12.59
C LYS A 109 9.38 -0.22 12.03
N ILE A 110 8.94 0.72 11.19
CA ILE A 110 7.61 0.63 10.58
C ILE A 110 7.69 0.65 9.06
N PRO A 111 7.41 -0.49 8.40
CA PRO A 111 7.45 -0.59 6.94
C PRO A 111 6.42 0.30 6.26
N LEU A 112 6.87 1.08 5.28
CA LEU A 112 6.00 1.98 4.54
C LEU A 112 6.42 2.06 3.08
N LEU A 113 5.49 2.46 2.22
CA LEU A 113 5.78 2.57 0.79
C LEU A 113 4.68 3.35 0.09
N VAL A 114 5.07 4.41 -0.61
CA VAL A 114 4.11 5.24 -1.32
C VAL A 114 4.12 4.95 -2.82
N VAL A 115 2.94 5.00 -3.43
CA VAL A 115 2.81 4.76 -4.86
C VAL A 115 1.79 5.70 -5.48
N GLY A 116 1.97 6.00 -6.76
CA GLY A 116 1.05 6.89 -7.45
C GLY A 116 0.24 6.16 -8.50
N ASN A 117 -1.05 6.02 -8.25
CA ASN A 117 -1.94 5.34 -9.18
C ASN A 117 -2.35 6.29 -10.31
N LYS A 118 -3.17 5.79 -11.21
CA LYS A 118 -3.65 6.58 -12.34
C LYS A 118 -2.47 7.18 -13.13
N SER A 119 -1.29 6.59 -12.95
CA SER A 119 -0.09 7.06 -13.64
C SER A 119 -0.23 6.93 -15.16
N ASP A 120 -1.26 6.23 -15.60
CA ASP A 120 -1.50 6.04 -17.02
C ASP A 120 -1.95 7.34 -17.68
N LEU A 121 -2.09 8.39 -16.88
CA LEU A 121 -2.51 9.69 -17.37
C LEU A 121 -1.43 10.74 -17.11
N GLU A 122 -0.40 10.75 -17.95
CA GLU A 122 0.70 11.69 -17.81
C GLU A 122 0.24 13.12 -18.07
N GLU A 123 -0.81 13.26 -18.87
CA GLU A 123 -1.34 14.58 -19.21
C GLU A 123 -2.30 15.08 -18.11
N ARG A 124 -2.62 14.21 -17.17
CA ARG A 124 -3.52 14.57 -16.08
C ARG A 124 -2.83 14.44 -14.72
N ARG A 125 -1.50 14.39 -14.73
CA ARG A 125 -0.73 14.27 -13.49
C ARG A 125 -0.51 15.64 -12.87
N GLN A 126 -1.19 15.89 -11.75
CA GLN A 126 -1.07 17.17 -11.06
C GLN A 126 0.09 17.15 -10.07
N VAL A 127 0.36 15.99 -9.49
CA VAL A 127 1.44 15.84 -8.53
C VAL A 127 2.74 15.41 -9.21
N PRO A 128 3.68 16.34 -9.44
CA PRO A 128 4.96 16.01 -10.07
C PRO A 128 5.71 14.93 -9.29
N VAL A 129 6.20 13.93 -10.00
CA VAL A 129 6.92 12.82 -9.38
C VAL A 129 8.08 13.32 -8.51
N GLU A 130 8.86 14.24 -9.04
CA GLU A 130 10.00 14.79 -8.31
C GLU A 130 9.59 15.35 -6.96
N GLU A 131 8.38 15.93 -6.90
CA GLU A 131 7.87 16.50 -5.66
C GLU A 131 7.41 15.40 -4.70
N ALA A 132 6.70 14.42 -5.24
CA ALA A 132 6.20 13.30 -4.43
C ALA A 132 7.35 12.51 -3.83
N ARG A 133 8.49 12.50 -4.50
CA ARG A 133 9.66 11.76 -4.02
C ARG A 133 10.32 12.47 -2.85
N SER A 134 10.44 13.80 -2.95
CA SER A 134 11.07 14.59 -1.90
C SER A 134 10.30 14.47 -0.59
N LYS A 135 8.97 14.41 -0.69
CA LYS A 135 8.11 14.30 0.48
C LYS A 135 8.12 12.88 1.05
N ALA A 136 8.02 11.90 0.15
CA ALA A 136 8.00 10.50 0.54
C ALA A 136 9.31 10.06 1.20
N GLU A 137 10.41 10.50 0.62
CA GLU A 137 11.74 10.15 1.13
C GLU A 137 11.85 10.45 2.61
N GLU A 138 11.14 11.48 3.07
CA GLU A 138 11.17 11.86 4.49
C GLU A 138 10.82 10.68 5.37
N TRP A 139 9.75 9.96 5.01
CA TRP A 139 9.31 8.80 5.78
C TRP A 139 10.35 7.68 5.68
N GLY A 140 11.28 7.82 4.75
CA GLY A 140 12.31 6.82 4.56
C GLY A 140 11.92 5.81 3.50
N VAL A 141 11.01 6.22 2.62
CA VAL A 141 10.53 5.34 1.55
C VAL A 141 10.85 5.92 0.18
N GLN A 142 10.42 5.21 -0.85
CA GLN A 142 10.62 5.64 -2.22
C GLN A 142 9.29 5.62 -2.97
N TYR A 143 8.98 6.71 -3.67
CA TYR A 143 7.74 6.81 -4.41
C TYR A 143 7.91 6.40 -5.86
N VAL A 144 6.98 5.58 -6.33
CA VAL A 144 7.02 5.09 -7.71
C VAL A 144 5.69 5.29 -8.42
N GLU A 145 5.74 5.44 -9.74
CA GLU A 145 4.54 5.63 -10.54
C GLU A 145 3.97 4.30 -11.00
N THR A 146 2.66 4.13 -10.91
CA THR A 146 2.01 2.89 -11.31
C THR A 146 0.61 3.14 -11.87
N SER A 147 0.17 2.23 -12.75
CA SER A 147 -1.15 2.34 -13.36
C SER A 147 -1.93 1.04 -13.15
N ALA A 148 -2.95 1.11 -12.31
CA ALA A 148 -3.78 -0.06 -12.02
C ALA A 148 -4.51 -0.54 -13.27
N LYS A 149 -4.42 0.24 -14.34
CA LYS A 149 -5.08 -0.10 -15.60
C LYS A 149 -4.15 -0.94 -16.47
N THR A 150 -2.87 -0.58 -16.49
CA THR A 150 -1.88 -1.31 -17.28
C THR A 150 -1.14 -2.33 -16.43
N ARG A 151 -1.46 -2.34 -15.12
CA ARG A 151 -0.85 -3.26 -14.16
C ARG A 151 0.62 -3.56 -14.51
N ALA A 152 1.36 -2.53 -14.90
CA ALA A 152 2.76 -2.68 -15.27
C ALA A 152 3.65 -2.79 -14.03
N ASN A 153 3.58 -1.80 -13.16
CA ASN A 153 4.41 -1.79 -11.95
C ASN A 153 3.57 -1.94 -10.69
N VAL A 154 2.29 -2.28 -10.85
CA VAL A 154 1.40 -2.45 -9.71
C VAL A 154 1.95 -3.51 -8.76
N ASP A 155 2.43 -4.61 -9.32
CA ASP A 155 2.98 -5.70 -8.52
C ASP A 155 4.35 -5.34 -7.94
N LYS A 156 5.06 -4.45 -8.64
CA LYS A 156 6.39 -4.02 -8.22
C LYS A 156 6.40 -3.44 -6.81
N VAL A 157 5.30 -2.81 -6.41
CA VAL A 157 5.21 -2.20 -5.09
C VAL A 157 4.88 -3.22 -4.00
N PHE A 158 4.19 -4.29 -4.39
CA PHE A 158 3.82 -5.34 -3.45
C PHE A 158 5.05 -6.15 -3.02
N PHE A 159 5.83 -6.57 -4.01
CA PHE A 159 7.04 -7.34 -3.76
C PHE A 159 8.08 -6.50 -3.02
N ASP A 160 8.06 -5.19 -3.26
CA ASP A 160 9.00 -4.28 -2.62
C ASP A 160 8.74 -4.16 -1.13
N LEU A 161 7.48 -4.01 -0.76
CA LEU A 161 7.09 -3.87 0.65
C LEU A 161 7.57 -5.06 1.47
N MET A 162 7.29 -6.27 1.01
CA MET A 162 7.67 -7.48 1.70
C MET A 162 9.18 -7.49 1.98
N ARG A 163 9.97 -7.22 0.95
CA ARG A 163 11.43 -7.20 1.10
C ARG A 163 11.85 -6.15 2.12
N GLU A 164 11.12 -5.04 2.17
CA GLU A 164 11.41 -3.97 3.11
C GLU A 164 11.14 -4.41 4.54
N ILE A 165 10.17 -5.31 4.71
CA ILE A 165 9.82 -5.80 6.05
C ILE A 165 10.89 -6.76 6.58
N ARG A 166 11.19 -7.79 5.80
CA ARG A 166 12.19 -8.79 6.21
C ARG A 166 13.52 -8.14 6.53
N THR A 167 13.83 -7.05 5.85
CA THR A 167 15.09 -6.36 6.06
C THR A 167 15.03 -5.33 7.19
N LYS A 168 14.12 -4.36 7.06
CA LYS A 168 13.99 -3.30 8.07
C LYS A 168 13.40 -3.79 9.39
N LYS A 169 12.24 -4.43 9.34
CA LYS A 169 11.57 -4.92 10.55
C LYS A 169 12.46 -5.88 11.34
N MET A 170 12.93 -6.93 10.68
CA MET A 170 13.78 -7.93 11.34
C MET A 170 15.10 -7.33 11.82
N SER A 171 15.41 -6.12 11.35
CA SER A 171 16.64 -5.45 11.74
C SER A 171 16.52 -4.78 13.10
N GLU A 172 15.46 -3.99 13.28
CA GLU A 172 15.21 -3.29 14.53
C GLU A 172 16.34 -2.32 14.85
N ASN A 173 16.24 -1.64 15.99
CA ASN A 173 17.27 -0.69 16.40
C ASN A 173 17.39 -0.65 17.92
N LYS A 174 16.42 -0.02 18.58
CA LYS A 174 16.43 0.08 20.04
C LYS A 174 15.98 -1.23 20.68
PG GNP B . -13.83 2.35 -1.77
O1G GNP B . -15.03 2.87 -1.07
O2G GNP B . -13.82 0.75 -1.77
O3G GNP B . -12.49 2.93 -1.14
N3B GNP B . -13.82 2.80 -3.38
PB GNP B . -12.28 2.68 -4.04
O1B GNP B . -11.32 3.40 -3.17
O2B GNP B . -12.01 1.26 -4.40
O3A GNP B . -12.44 3.51 -5.39
PA GNP B . -13.52 3.07 -6.47
O1A GNP B . -14.17 1.82 -6.01
O2A GNP B . -14.37 4.24 -6.80
O5' GNP B . -12.61 2.73 -7.74
C5' GNP B . -12.21 3.76 -8.64
C4' GNP B . -12.40 3.30 -10.07
O4' GNP B . -11.50 4.06 -10.92
C3' GNP B . -12.06 1.84 -10.34
O3' GNP B . -13.19 1.00 -10.14
C2' GNP B . -11.61 1.85 -11.79
O2' GNP B . -12.71 1.85 -12.68
C1' GNP B . -10.90 3.19 -11.88
N9 GNP B . -9.47 3.13 -11.59
C8 GNP B . -8.88 2.82 -10.39
N7 GNP B . -7.57 2.84 -10.44
C5 GNP B . -7.29 3.19 -11.75
C6 GNP B . -6.04 3.38 -12.40
O6 GNP B . -4.90 3.26 -11.92
N1 GNP B . -6.20 3.73 -13.74
C2 GNP B . -7.40 3.89 -14.36
N2 GNP B . -7.36 4.23 -15.66
N3 GNP B . -8.57 3.72 -13.77
C4 GNP B . -8.44 3.37 -12.48
HNB3 GNP B . -14.14 3.73 -3.46
H5'2 GNP B . -11.15 3.99 -8.48
H5'1 GNP B . -12.80 4.65 -8.48
H4' GNP B . -13.45 3.42 -10.32
H3' GNP B . -11.28 1.47 -9.66
HO3' GNP B . -13.43 0.65 -10.99
H2' GNP B . -10.92 1.03 -11.98
HO2' GNP B . -12.37 1.98 -13.57
H1' GNP B . -11.02 3.67 -12.86
H8 GNP B . -9.43 2.58 -9.50
HN1 GNP B . -5.35 3.88 -14.28
HN21 GNP B . -8.22 4.36 -16.18
HN22 GNP B . -6.47 4.35 -16.11
MG MG C . -12.38 -0.53 -3.01
N LEU A 1 6.99 -21.75 7.37
CA LEU A 1 7.24 -20.56 6.52
C LEU A 1 6.71 -19.29 7.19
N ALA A 2 7.14 -18.14 6.71
CA ALA A 2 6.71 -16.86 7.26
C ALA A 2 5.49 -16.32 6.52
N LEU A 3 4.59 -15.69 7.27
CA LEU A 3 3.38 -15.12 6.69
C LEU A 3 3.37 -13.60 6.82
N HIS A 4 3.33 -12.92 5.68
CA HIS A 4 3.32 -11.46 5.67
C HIS A 4 1.92 -10.93 5.36
N LYS A 5 1.64 -9.72 5.85
CA LYS A 5 0.34 -9.10 5.63
C LYS A 5 0.48 -7.77 4.90
N VAL A 6 -0.50 -7.46 4.07
CA VAL A 6 -0.49 -6.22 3.30
C VAL A 6 -1.78 -5.42 3.50
N ILE A 7 -1.63 -4.14 3.84
CA ILE A 7 -2.78 -3.27 4.04
C ILE A 7 -2.84 -2.18 2.98
N MET A 8 -3.90 -2.18 2.18
CA MET A 8 -4.06 -1.19 1.12
C MET A 8 -4.59 0.13 1.68
N VAL A 9 -3.68 1.09 1.85
CA VAL A 9 -4.04 2.40 2.36
C VAL A 9 -4.50 3.31 1.23
N GLY A 10 -5.04 4.47 1.58
CA GLY A 10 -5.50 5.40 0.57
C GLY A 10 -6.25 6.57 1.16
N SER A 11 -6.34 7.67 0.41
CA SER A 11 -7.04 8.87 0.87
C SER A 11 -8.43 8.51 1.38
N GLY A 12 -9.04 7.51 0.75
CA GLY A 12 -10.37 7.09 1.13
C GLY A 12 -11.19 6.67 -0.08
N GLY A 13 -10.62 6.84 -1.27
CA GLY A 13 -11.30 6.46 -2.49
C GLY A 13 -10.48 6.79 -3.73
N VAL A 14 -9.40 6.04 -3.93
CA VAL A 14 -8.53 6.25 -5.08
C VAL A 14 -8.51 5.03 -6.00
N GLY A 15 -7.96 3.93 -5.49
CA GLY A 15 -7.89 2.71 -6.28
C GLY A 15 -7.07 1.64 -5.60
N LYS A 16 -6.99 1.71 -4.27
CA LYS A 16 -6.23 0.74 -3.49
C LYS A 16 -6.66 -0.68 -3.81
N SER A 17 -7.96 -0.93 -3.71
CA SER A 17 -8.52 -2.25 -3.98
C SER A 17 -8.26 -2.69 -5.41
N ALA A 18 -8.18 -1.72 -6.32
CA ALA A 18 -7.96 -2.00 -7.73
C ALA A 18 -6.57 -2.57 -7.95
N LEU A 19 -5.57 -1.86 -7.46
CA LEU A 19 -4.20 -2.31 -7.57
C LEU A 19 -4.06 -3.65 -6.89
N THR A 20 -4.95 -3.90 -5.93
CA THR A 20 -4.95 -5.14 -5.18
C THR A 20 -5.24 -6.32 -6.09
N LEU A 21 -6.36 -6.25 -6.82
CA LEU A 21 -6.76 -7.30 -7.74
C LEU A 21 -5.75 -7.47 -8.86
N GLN A 22 -5.09 -6.38 -9.23
CA GLN A 22 -4.09 -6.42 -10.30
C GLN A 22 -2.94 -7.35 -9.94
N PHE A 23 -2.56 -7.35 -8.66
CA PHE A 23 -1.48 -8.20 -8.18
C PHE A 23 -1.91 -9.67 -8.13
N MET A 24 -3.21 -9.89 -7.98
CA MET A 24 -3.74 -11.25 -7.86
C MET A 24 -3.92 -11.93 -9.23
N TYR A 25 -4.57 -11.25 -10.16
CA TYR A 25 -4.82 -11.84 -11.49
C TYR A 25 -3.91 -11.25 -12.56
N ASP A 26 -3.12 -10.24 -12.20
CA ASP A 26 -2.22 -9.61 -13.17
C ASP A 26 -3.02 -9.14 -14.39
N GLU A 27 -4.26 -8.74 -14.15
CA GLU A 27 -5.15 -8.28 -15.21
C GLU A 27 -6.14 -7.25 -14.68
N PHE A 28 -6.69 -6.44 -15.57
CA PHE A 28 -7.66 -5.41 -15.17
C PHE A 28 -9.07 -6.00 -15.11
N VAL A 29 -9.58 -6.16 -13.90
CA VAL A 29 -10.92 -6.69 -13.70
C VAL A 29 -11.84 -5.65 -13.08
N GLU A 30 -13.01 -5.49 -13.69
CA GLU A 30 -14.00 -4.52 -13.22
C GLU A 30 -14.85 -5.12 -12.09
N ASP A 31 -14.92 -6.45 -12.06
CA ASP A 31 -15.69 -7.14 -11.04
C ASP A 31 -14.95 -7.16 -9.71
N TYR A 32 -15.69 -7.40 -8.63
CA TYR A 32 -15.12 -7.45 -7.29
C TYR A 32 -16.10 -8.05 -6.29
N GLU A 33 -15.70 -8.09 -5.03
CA GLU A 33 -16.54 -8.65 -3.98
C GLU A 33 -16.39 -7.86 -2.67
N PRO A 34 -17.45 -7.77 -1.86
CA PRO A 34 -17.41 -7.04 -0.59
C PRO A 34 -16.32 -7.57 0.34
N THR A 35 -15.76 -6.68 1.15
CA THR A 35 -14.71 -7.05 2.09
C THR A 35 -15.16 -6.85 3.53
N LYS A 36 -14.99 -7.88 4.35
CA LYS A 36 -15.37 -7.81 5.75
C LYS A 36 -14.29 -8.41 6.64
N ALA A 37 -13.69 -9.50 6.17
CA ALA A 37 -12.63 -10.18 6.91
C ALA A 37 -11.93 -11.21 6.03
N ASP A 38 -12.32 -11.26 4.76
CA ASP A 38 -11.74 -12.20 3.82
C ASP A 38 -10.37 -11.72 3.36
N SER A 39 -9.38 -12.61 3.42
CA SER A 39 -8.01 -12.28 3.01
C SER A 39 -7.53 -13.25 1.94
N TYR A 40 -6.56 -12.79 1.15
CA TYR A 40 -6.00 -13.62 0.09
C TYR A 40 -4.78 -14.39 0.59
N ARG A 41 -4.54 -15.56 0.01
CA ARG A 41 -3.41 -16.39 0.40
C ARG A 41 -2.84 -17.15 -0.80
N LYS A 42 -1.52 -17.20 -0.89
CA LYS A 42 -0.84 -17.89 -1.97
C LYS A 42 0.64 -18.03 -1.68
N LYS A 43 1.20 -19.19 -1.99
CA LYS A 43 2.62 -19.45 -1.75
C LYS A 43 3.49 -18.91 -2.89
N VAL A 44 4.44 -18.07 -2.54
CA VAL A 44 5.34 -17.47 -3.52
C VAL A 44 6.78 -17.47 -3.02
N VAL A 45 7.73 -17.68 -3.93
CA VAL A 45 9.14 -17.69 -3.58
C VAL A 45 9.74 -16.29 -3.60
N LEU A 46 10.61 -16.01 -2.65
CA LEU A 46 11.24 -14.70 -2.55
C LEU A 46 12.71 -14.83 -2.14
N ASP A 47 13.61 -14.55 -3.07
CA ASP A 47 15.04 -14.63 -2.80
C ASP A 47 15.42 -16.02 -2.31
N GLY A 48 14.70 -17.03 -2.78
CA GLY A 48 14.97 -18.39 -2.39
C GLY A 48 14.03 -18.88 -1.28
N GLU A 49 13.67 -17.98 -0.38
CA GLU A 49 12.78 -18.31 0.72
C GLU A 49 11.32 -18.10 0.33
N GLU A 50 10.56 -19.19 0.26
CA GLU A 50 9.16 -19.12 -0.10
C GLU A 50 8.30 -18.79 1.11
N VAL A 51 7.68 -17.61 1.08
CA VAL A 51 6.83 -17.16 2.18
C VAL A 51 5.42 -16.87 1.69
N GLN A 52 4.43 -17.14 2.55
CA GLN A 52 3.03 -16.91 2.20
C GLN A 52 2.68 -15.44 2.37
N ILE A 53 1.93 -14.90 1.41
CA ILE A 53 1.53 -13.50 1.45
C ILE A 53 0.03 -13.37 1.69
N ASP A 54 -0.35 -12.35 2.46
CA ASP A 54 -1.76 -12.11 2.76
C ASP A 54 -2.10 -10.65 2.53
N ILE A 55 -2.94 -10.38 1.54
CA ILE A 55 -3.34 -9.02 1.22
C ILE A 55 -4.76 -8.73 1.70
N LEU A 56 -4.97 -7.51 2.20
CA LEU A 56 -6.28 -7.09 2.69
C LEU A 56 -6.60 -5.70 2.17
N ASP A 57 -7.58 -5.62 1.26
CA ASP A 57 -7.99 -4.36 0.67
C ASP A 57 -9.18 -3.76 1.43
N THR A 58 -9.11 -2.45 1.67
CA THR A 58 -10.18 -1.75 2.37
C THR A 58 -11.01 -0.93 1.40
N ALA A 59 -11.94 -0.13 1.95
CA ALA A 59 -12.80 0.71 1.13
C ALA A 59 -13.09 2.03 1.83
N GLY A 60 -13.82 2.91 1.15
CA GLY A 60 -14.17 4.19 1.72
C GLY A 60 -14.90 4.07 3.04
N LEU A 61 -14.17 4.23 4.14
CA LEU A 61 -14.75 4.12 5.48
C LEU A 61 -15.52 5.38 5.84
N GLU A 62 -15.64 6.30 4.89
CA GLU A 62 -16.36 7.55 5.11
C GLU A 62 -15.74 8.35 6.26
N ASP A 63 -16.18 8.06 7.48
CA ASP A 63 -15.67 8.74 8.66
C ASP A 63 -16.20 8.09 9.94
N TYR A 64 -15.28 7.71 10.82
CA TYR A 64 -15.63 7.07 12.08
C TYR A 64 -14.72 7.53 13.20
N ALA A 65 -14.80 6.85 14.35
CA ALA A 65 -13.98 7.20 15.51
C ALA A 65 -12.52 6.83 15.28
N ALA A 66 -12.27 5.58 14.95
CA ALA A 66 -10.91 5.10 14.73
C ALA A 66 -10.90 3.66 14.21
N ILE A 67 -11.99 3.25 13.56
CA ILE A 67 -12.09 1.91 13.02
C ILE A 67 -11.00 1.65 11.99
N ARG A 68 -10.41 2.72 11.48
CA ARG A 68 -9.35 2.61 10.49
C ARG A 68 -8.12 1.94 11.08
N ASP A 69 -7.73 2.39 12.27
CA ASP A 69 -6.57 1.84 12.97
C ASP A 69 -6.68 0.32 13.11
N ASN A 70 -7.92 -0.16 13.22
CA ASN A 70 -8.19 -1.59 13.37
C ASN A 70 -7.50 -2.40 12.27
N TYR A 71 -7.72 -2.01 11.02
CA TYR A 71 -7.12 -2.70 9.89
C TYR A 71 -5.60 -2.63 9.92
N PHE A 72 -5.07 -1.42 10.15
CA PHE A 72 -3.63 -1.21 10.20
C PHE A 72 -3.01 -2.00 11.36
N ARG A 73 -3.83 -2.41 12.31
CA ARG A 73 -3.35 -3.16 13.47
C ARG A 73 -3.19 -4.64 13.13
N SER A 74 -4.20 -5.21 12.48
CA SER A 74 -4.17 -6.62 12.11
C SER A 74 -3.27 -6.86 10.89
N GLY A 75 -2.50 -5.84 10.51
CA GLY A 75 -1.62 -5.96 9.36
C GLY A 75 -0.17 -5.71 9.71
N GLU A 76 0.73 -6.05 8.78
CA GLU A 76 2.16 -5.86 8.99
C GLU A 76 2.69 -4.76 8.08
N GLY A 77 2.61 -4.98 6.77
CA GLY A 77 3.08 -4.00 5.81
C GLY A 77 1.98 -3.07 5.37
N PHE A 78 2.34 -1.82 5.06
CA PHE A 78 1.37 -0.83 4.63
C PHE A 78 1.72 -0.27 3.25
N LEU A 79 0.70 -0.01 2.45
CA LEU A 79 0.89 0.55 1.11
C LEU A 79 0.01 1.77 0.89
N LEU A 80 0.63 2.94 0.79
CA LEU A 80 -0.13 4.17 0.56
C LEU A 80 -0.44 4.31 -0.92
N VAL A 81 -1.66 4.74 -1.23
CA VAL A 81 -2.06 4.90 -2.62
C VAL A 81 -2.77 6.24 -2.87
N PHE A 82 -2.26 7.00 -3.83
CA PHE A 82 -2.85 8.28 -4.18
C PHE A 82 -2.67 8.58 -5.67
N SER A 83 -3.68 9.16 -6.29
CA SER A 83 -3.62 9.48 -7.71
C SER A 83 -2.93 10.82 -7.93
N ILE A 84 -2.28 10.95 -9.08
CA ILE A 84 -1.57 12.17 -9.43
C ILE A 84 -2.54 13.26 -9.88
N THR A 85 -3.62 12.84 -10.52
CA THR A 85 -4.64 13.78 -11.01
C THR A 85 -5.52 14.27 -9.87
N GLU A 86 -5.53 13.52 -8.77
CA GLU A 86 -6.34 13.89 -7.60
C GLU A 86 -5.45 14.42 -6.49
N HIS A 87 -5.35 15.74 -6.41
CA HIS A 87 -4.53 16.40 -5.39
C HIS A 87 -5.04 16.08 -3.98
N GLU A 88 -6.31 15.66 -3.90
CA GLU A 88 -6.91 15.34 -2.62
C GLU A 88 -6.39 14.02 -2.09
N SER A 89 -5.98 13.15 -3.01
CA SER A 89 -5.47 11.83 -2.65
C SER A 89 -4.13 11.93 -1.94
N PHE A 90 -3.18 12.61 -2.57
CA PHE A 90 -1.84 12.78 -2.02
C PHE A 90 -1.88 13.42 -0.63
N THR A 91 -2.73 14.42 -0.47
CA THR A 91 -2.86 15.14 0.80
C THR A 91 -3.52 14.28 1.88
N ALA A 92 -4.68 13.75 1.57
CA ALA A 92 -5.42 12.92 2.53
C ALA A 92 -4.60 11.70 2.95
N THR A 93 -3.98 11.04 1.97
CA THR A 93 -3.17 9.86 2.23
C THR A 93 -2.05 10.19 3.22
N ALA A 94 -1.58 11.43 3.15
CA ALA A 94 -0.49 11.88 4.02
C ALA A 94 -0.86 11.74 5.50
N GLU A 95 -2.15 11.89 5.80
CA GLU A 95 -2.63 11.78 7.17
C GLU A 95 -2.50 10.35 7.69
N PHE A 96 -2.88 9.40 6.84
CA PHE A 96 -2.81 7.98 7.20
C PHE A 96 -1.41 7.58 7.64
N ARG A 97 -0.41 8.32 7.16
CA ARG A 97 0.98 8.04 7.50
C ARG A 97 1.17 7.96 9.02
N GLU A 98 0.71 8.98 9.72
CA GLU A 98 0.81 9.03 11.18
C GLU A 98 -0.13 8.01 11.83
N GLN A 99 -1.31 7.85 11.24
CA GLN A 99 -2.31 6.91 11.76
C GLN A 99 -1.75 5.50 11.86
N ILE A 100 -0.89 5.16 10.90
CA ILE A 100 -0.27 3.84 10.86
C ILE A 100 0.59 3.59 12.09
N LEU A 101 1.32 4.61 12.52
CA LEU A 101 2.19 4.51 13.68
C LEU A 101 1.41 4.33 14.97
N ARG A 102 0.15 4.80 14.98
CA ARG A 102 -0.70 4.70 16.17
C ARG A 102 -0.76 3.27 16.70
N VAL A 103 -1.05 2.32 15.81
CA VAL A 103 -1.13 0.92 16.21
C VAL A 103 0.23 0.37 16.58
N LYS A 104 1.26 0.84 15.88
CA LYS A 104 2.63 0.39 16.15
C LYS A 104 3.35 1.39 17.06
N ALA A 105 2.81 1.58 18.26
CA ALA A 105 3.41 2.51 19.21
C ALA A 105 4.56 1.85 19.97
N GLU A 106 4.62 0.53 19.90
CA GLU A 106 5.67 -0.22 20.58
C GLU A 106 6.79 -0.58 19.60
N GLU A 107 6.44 -0.63 18.31
CA GLU A 107 7.41 -0.96 17.27
C GLU A 107 8.16 0.30 16.83
N ASP A 108 9.37 0.09 16.30
CA ASP A 108 10.20 1.20 15.84
C ASP A 108 10.24 1.24 14.32
N LYS A 109 10.87 0.23 13.73
CA LYS A 109 10.98 0.14 12.28
C LYS A 109 9.66 -0.32 11.67
N ILE A 110 8.97 0.60 10.99
CA ILE A 110 7.69 0.28 10.38
C ILE A 110 7.81 0.15 8.85
N PRO A 111 7.54 -1.05 8.30
CA PRO A 111 7.62 -1.28 6.85
C PRO A 111 6.51 -0.55 6.11
N LEU A 112 6.91 0.37 5.24
CA LEU A 112 5.94 1.17 4.47
C LEU A 112 6.44 1.41 3.04
N LEU A 113 5.51 1.69 2.15
CA LEU A 113 5.82 1.97 0.75
C LEU A 113 4.70 2.77 0.11
N VAL A 114 5.05 3.85 -0.57
CA VAL A 114 4.05 4.71 -1.21
C VAL A 114 4.03 4.50 -2.73
N VAL A 115 2.83 4.57 -3.29
CA VAL A 115 2.65 4.40 -4.73
C VAL A 115 1.75 5.48 -5.31
N GLY A 116 1.80 5.64 -6.63
CA GLY A 116 0.96 6.64 -7.28
C GLY A 116 0.17 6.05 -8.42
N ASN A 117 -1.14 6.24 -8.40
CA ASN A 117 -2.00 5.70 -9.43
C ASN A 117 -2.31 6.79 -10.47
N LYS A 118 -3.10 6.42 -11.46
CA LYS A 118 -3.46 7.35 -12.53
C LYS A 118 -2.22 7.91 -13.21
N SER A 119 -1.12 7.16 -13.16
CA SER A 119 0.13 7.58 -13.77
C SER A 119 -0.02 7.71 -15.28
N ASP A 120 -1.04 7.07 -15.84
CA ASP A 120 -1.29 7.12 -17.27
C ASP A 120 -1.74 8.53 -17.67
N LEU A 121 -1.90 9.40 -16.68
CA LEU A 121 -2.33 10.78 -16.92
C LEU A 121 -1.17 11.75 -16.78
N GLU A 122 -0.33 11.82 -17.81
CA GLU A 122 0.83 12.73 -17.79
C GLU A 122 0.38 14.18 -17.95
N GLU A 123 -0.84 14.37 -18.46
CA GLU A 123 -1.37 15.71 -18.67
C GLU A 123 -2.21 16.16 -17.48
N ARG A 124 -2.91 15.23 -16.85
CA ARG A 124 -3.76 15.55 -15.70
C ARG A 124 -2.96 15.51 -14.39
N ARG A 125 -1.66 15.21 -14.50
CA ARG A 125 -0.81 15.15 -13.32
C ARG A 125 -0.78 16.48 -12.58
N GLN A 126 -1.42 16.52 -11.43
CA GLN A 126 -1.47 17.73 -10.61
C GLN A 126 -0.28 17.79 -9.67
N VAL A 127 0.23 16.61 -9.29
CA VAL A 127 1.37 16.51 -8.40
C VAL A 127 2.58 15.92 -9.12
N PRO A 128 3.60 16.75 -9.42
CA PRO A 128 4.80 16.28 -10.11
C PRO A 128 5.46 15.10 -9.39
N VAL A 129 5.67 14.01 -10.12
CA VAL A 129 6.28 12.81 -9.54
C VAL A 129 7.52 13.16 -8.72
N GLU A 130 8.34 14.05 -9.25
CA GLU A 130 9.57 14.46 -8.58
C GLU A 130 9.27 15.00 -7.18
N GLU A 131 8.29 15.90 -7.09
CA GLU A 131 7.92 16.49 -5.81
C GLU A 131 7.36 15.41 -4.87
N ALA A 132 6.65 14.45 -5.44
CA ALA A 132 6.06 13.37 -4.68
C ALA A 132 7.14 12.49 -4.05
N ARG A 133 8.29 12.41 -4.72
CA ARG A 133 9.40 11.59 -4.24
C ARG A 133 10.11 12.27 -3.07
N SER A 134 10.42 13.55 -3.23
CA SER A 134 11.10 14.32 -2.20
C SER A 134 10.38 14.20 -0.86
N LYS A 135 9.05 14.26 -0.91
CA LYS A 135 8.25 14.16 0.29
C LYS A 135 8.15 12.71 0.77
N ALA A 136 7.87 11.80 -0.16
CA ALA A 136 7.76 10.38 0.19
C ALA A 136 8.99 9.92 0.96
N GLU A 137 10.11 10.59 0.70
CA GLU A 137 11.36 10.26 1.36
C GLU A 137 11.33 10.65 2.83
N GLU A 138 10.60 11.72 3.15
CA GLU A 138 10.48 12.19 4.53
C GLU A 138 10.09 11.05 5.47
N TRP A 139 9.10 10.27 5.04
CA TRP A 139 8.63 9.14 5.83
C TRP A 139 9.70 8.06 5.92
N GLY A 140 10.59 8.03 4.94
CA GLY A 140 11.66 7.05 4.93
C GLY A 140 11.44 5.99 3.87
N VAL A 141 10.60 6.29 2.88
CA VAL A 141 10.31 5.35 1.81
C VAL A 141 10.60 5.96 0.44
N GLN A 142 10.39 5.15 -0.59
CA GLN A 142 10.60 5.58 -1.97
C GLN A 142 9.29 5.51 -2.73
N TYR A 143 8.92 6.62 -3.37
CA TYR A 143 7.67 6.68 -4.12
C TYR A 143 7.89 6.37 -5.60
N VAL A 144 6.94 5.65 -6.18
CA VAL A 144 7.01 5.27 -7.59
C VAL A 144 5.66 5.45 -8.28
N GLU A 145 5.69 5.67 -9.59
CA GLU A 145 4.46 5.84 -10.37
C GLU A 145 3.96 4.49 -10.88
N THR A 146 2.64 4.33 -10.89
CA THR A 146 2.03 3.08 -11.34
C THR A 146 0.65 3.33 -11.96
N SER A 147 0.18 2.35 -12.72
CA SER A 147 -1.13 2.45 -13.37
C SER A 147 -1.92 1.16 -13.14
N ALA A 148 -2.98 1.26 -12.35
CA ALA A 148 -3.83 0.11 -12.04
C ALA A 148 -4.43 -0.49 -13.30
N LYS A 149 -4.24 0.19 -14.44
CA LYS A 149 -4.78 -0.29 -15.70
C LYS A 149 -3.75 -1.12 -16.46
N THR A 150 -2.51 -0.64 -16.48
CA THR A 150 -1.44 -1.34 -17.18
C THR A 150 -0.69 -2.28 -16.25
N ARG A 151 -1.02 -2.21 -14.95
CA ARG A 151 -0.39 -3.04 -13.93
C ARG A 151 1.10 -3.30 -14.21
N ALA A 152 1.78 -2.27 -14.70
CA ALA A 152 3.20 -2.39 -15.04
C ALA A 152 4.09 -2.44 -13.79
N ASN A 153 3.97 -1.44 -12.92
CA ASN A 153 4.78 -1.40 -11.70
C ASN A 153 3.93 -1.57 -10.45
N VAL A 154 2.71 -2.06 -10.62
CA VAL A 154 1.81 -2.26 -9.49
C VAL A 154 2.35 -3.34 -8.55
N ASP A 155 2.91 -4.40 -9.13
CA ASP A 155 3.46 -5.51 -8.35
C ASP A 155 4.78 -5.12 -7.70
N LYS A 156 5.36 -4.01 -8.16
CA LYS A 156 6.64 -3.54 -7.62
C LYS A 156 6.54 -3.19 -6.14
N VAL A 157 5.47 -2.50 -5.75
CA VAL A 157 5.29 -2.10 -4.36
C VAL A 157 4.97 -3.28 -3.47
N PHE A 158 4.27 -4.26 -4.02
CA PHE A 158 3.89 -5.45 -3.26
C PHE A 158 5.11 -6.29 -2.91
N PHE A 159 5.96 -6.55 -3.91
CA PHE A 159 7.16 -7.34 -3.70
C PHE A 159 8.20 -6.58 -2.89
N ASP A 160 8.35 -5.29 -3.19
CA ASP A 160 9.32 -4.45 -2.49
C ASP A 160 9.02 -4.39 -1.00
N LEU A 161 7.77 -4.07 -0.66
CA LEU A 161 7.35 -3.98 0.74
C LEU A 161 7.54 -5.31 1.45
N MET A 162 7.20 -6.40 0.75
CA MET A 162 7.33 -7.74 1.32
C MET A 162 8.76 -8.01 1.78
N ARG A 163 9.72 -7.52 1.00
CA ARG A 163 11.13 -7.68 1.34
C ARG A 163 11.50 -6.85 2.55
N GLU A 164 10.87 -5.68 2.68
CA GLU A 164 11.13 -4.79 3.80
C GLU A 164 10.84 -5.46 5.13
N ILE A 165 9.68 -6.10 5.23
CA ILE A 165 9.29 -6.79 6.46
C ILE A 165 10.33 -7.84 6.86
N ARG A 166 10.95 -8.45 5.88
CA ARG A 166 11.95 -9.47 6.13
C ARG A 166 13.27 -8.86 6.61
N THR A 167 13.84 -7.97 5.80
CA THR A 167 15.12 -7.34 6.14
C THR A 167 14.97 -6.09 7.01
N LYS A 168 14.25 -5.09 6.49
CA LYS A 168 14.06 -3.81 7.20
C LYS A 168 13.44 -3.97 8.59
N LYS A 169 12.29 -4.63 8.66
CA LYS A 169 11.59 -4.81 9.93
C LYS A 169 12.40 -5.62 10.92
N MET A 170 12.78 -6.83 10.52
CA MET A 170 13.55 -7.72 11.39
C MET A 170 14.90 -7.11 11.77
N SER A 171 15.30 -6.05 11.09
CA SER A 171 16.57 -5.39 11.37
C SER A 171 16.50 -4.59 12.67
N GLU A 172 15.55 -3.65 12.72
CA GLU A 172 15.36 -2.82 13.90
C GLU A 172 16.62 -2.02 14.23
N ASN A 173 16.64 -0.76 13.79
CA ASN A 173 17.79 0.10 14.03
C ASN A 173 17.81 0.57 15.48
N LYS A 174 19.01 0.61 16.06
CA LYS A 174 19.18 1.04 17.44
C LYS A 174 18.87 2.53 17.59
PG GNP B . -14.50 2.52 -2.72
O1G GNP B . -15.83 2.98 -2.22
O2G GNP B . -14.33 0.94 -2.56
O3G GNP B . -13.32 3.32 -2.02
N3B GNP B . -14.34 2.81 -4.37
PB GNP B . -12.73 2.79 -4.84
O1B GNP B . -11.95 3.67 -3.95
O2B GNP B . -12.30 1.37 -5.01
O3A GNP B . -12.81 3.47 -6.28
PA GNP B . -13.66 2.79 -7.44
O1A GNP B . -14.12 1.44 -6.98
O2A GNP B . -14.68 3.76 -7.92
O5' GNP B . -12.57 2.58 -8.59
C5' GNP B . -12.15 3.68 -9.40
C4' GNP B . -12.23 3.31 -10.87
O4' GNP B . -11.34 4.18 -11.62
C3' GNP B . -11.79 1.90 -11.20
O3' GNP B . -12.88 0.99 -11.13
C2' GNP B . -11.26 2.04 -12.62
O2' GNP B . -12.30 2.03 -13.58
C1' GNP B . -10.63 3.43 -12.58
N9 GNP B . -9.22 3.43 -12.19
C8 GNP B . -8.70 3.22 -10.94
N7 GNP B . -7.39 3.27 -10.91
C5 GNP B . -7.04 3.52 -12.23
C6 GNP B . -5.75 3.68 -12.81
O6 GNP B . -4.64 3.62 -12.26
N1 GNP B . -5.82 3.92 -14.18
C2 GNP B . -6.99 3.99 -14.89
N2 GNP B . -6.86 4.24 -16.20
N3 GNP B . -8.20 3.85 -14.36
C4 GNP B . -8.14 3.62 -13.03
HNB3 GNP B . -14.73 3.69 -4.58
H5'2 GNP B . -11.11 3.94 -9.16
H5'1 GNP B . -12.79 4.54 -9.21
H4' GNP B . -13.28 3.39 -11.16
H3' GNP B . -11.04 1.53 -10.50
HO3' GNP B . -12.62 0.29 -10.53
H2' GNP B . -10.51 1.26 -12.81
HO2' GNP B . -13.12 2.14 -13.10
H1' GNP B . -10.73 3.96 -13.53
H8 GNP B . -9.30 3.05 -10.07
HN1 GNP B . -4.95 4.04 -14.69
HN21 GNP B . -7.69 4.30 -16.79
HN22 GNP B . -5.95 4.35 -16.61
MG MG C . -12.63 -0.30 -3.48
N LEU A 1 7.67 -21.85 5.86
CA LEU A 1 7.03 -20.73 5.11
C LEU A 1 6.60 -19.62 6.07
N ALA A 2 6.76 -18.38 5.62
CA ALA A 2 6.40 -17.22 6.44
C ALA A 2 5.04 -16.67 6.05
N LEU A 3 4.49 -15.80 6.89
CA LEU A 3 3.19 -15.18 6.63
C LEU A 3 3.25 -13.69 6.95
N HIS A 4 3.39 -12.87 5.91
CA HIS A 4 3.45 -11.43 6.09
C HIS A 4 2.15 -10.77 5.62
N LYS A 5 1.57 -9.93 6.47
CA LYS A 5 0.33 -9.25 6.14
C LYS A 5 0.59 -7.81 5.72
N VAL A 6 -0.11 -7.38 4.68
CA VAL A 6 0.03 -6.02 4.17
C VAL A 6 -1.31 -5.29 4.14
N ILE A 7 -1.31 -4.02 4.50
CA ILE A 7 -2.53 -3.22 4.53
C ILE A 7 -2.56 -2.24 3.36
N MET A 8 -3.66 -2.24 2.63
CA MET A 8 -3.83 -1.34 1.49
C MET A 8 -4.27 0.05 1.97
N VAL A 9 -3.33 0.99 1.96
CA VAL A 9 -3.62 2.36 2.39
C VAL A 9 -4.03 3.22 1.20
N GLY A 10 -4.63 4.37 1.49
CA GLY A 10 -5.05 5.27 0.43
C GLY A 10 -5.90 6.42 0.96
N SER A 11 -6.06 7.45 0.14
CA SER A 11 -6.83 8.62 0.51
C SER A 11 -8.20 8.21 1.06
N GLY A 12 -8.85 7.29 0.36
CA GLY A 12 -10.16 6.81 0.78
C GLY A 12 -11.08 6.56 -0.40
N GLY A 13 -10.60 6.88 -1.60
CA GLY A 13 -11.40 6.67 -2.79
C GLY A 13 -10.56 6.59 -4.05
N VAL A 14 -9.26 6.33 -3.87
CA VAL A 14 -8.34 6.22 -4.99
C VAL A 14 -8.55 4.92 -5.76
N GLY A 15 -8.17 3.81 -5.15
CA GLY A 15 -8.33 2.52 -5.81
C GLY A 15 -7.46 1.44 -5.17
N LYS A 16 -7.47 1.39 -3.84
CA LYS A 16 -6.68 0.40 -3.11
C LYS A 16 -6.90 -1.01 -3.66
N SER A 17 -8.17 -1.37 -3.83
CA SER A 17 -8.55 -2.68 -4.35
C SER A 17 -8.05 -2.88 -5.78
N ALA A 18 -7.94 -1.79 -6.53
CA ALA A 18 -7.51 -1.84 -7.91
C ALA A 18 -6.11 -2.43 -8.01
N LEU A 19 -5.19 -1.86 -7.24
CA LEU A 19 -3.83 -2.36 -7.21
C LEU A 19 -3.85 -3.77 -6.66
N THR A 20 -4.88 -4.05 -5.86
CA THR A 20 -5.03 -5.35 -5.25
C THR A 20 -5.40 -6.43 -6.26
N LEU A 21 -6.29 -6.08 -7.19
CA LEU A 21 -6.73 -7.02 -8.22
C LEU A 21 -5.63 -7.29 -9.23
N GLN A 22 -4.96 -6.24 -9.67
CA GLN A 22 -3.88 -6.37 -10.66
C GLN A 22 -2.78 -7.30 -10.17
N PHE A 23 -2.47 -7.22 -8.88
CA PHE A 23 -1.42 -8.06 -8.31
C PHE A 23 -1.88 -9.51 -8.17
N MET A 24 -3.19 -9.72 -8.08
CA MET A 24 -3.75 -11.06 -7.92
C MET A 24 -3.89 -11.81 -9.24
N TYR A 25 -4.50 -11.17 -10.24
CA TYR A 25 -4.71 -11.84 -11.54
C TYR A 25 -3.82 -11.27 -12.64
N ASP A 26 -3.15 -10.16 -12.36
CA ASP A 26 -2.27 -9.53 -13.36
C ASP A 26 -3.08 -9.12 -14.58
N GLU A 27 -4.34 -8.74 -14.36
CA GLU A 27 -5.21 -8.32 -15.44
C GLU A 27 -6.22 -7.28 -14.95
N PHE A 28 -6.71 -6.46 -15.87
CA PHE A 28 -7.68 -5.42 -15.52
C PHE A 28 -9.11 -5.93 -15.70
N VAL A 29 -9.79 -6.15 -14.59
CA VAL A 29 -11.16 -6.64 -14.61
C VAL A 29 -12.05 -5.85 -13.65
N GLU A 30 -13.29 -5.61 -14.06
CA GLU A 30 -14.24 -4.87 -13.22
C GLU A 30 -14.98 -5.80 -12.27
N ASP A 31 -14.56 -5.81 -11.02
CA ASP A 31 -15.18 -6.66 -10.01
C ASP A 31 -14.74 -6.25 -8.60
N TYR A 32 -15.70 -6.09 -7.71
CA TYR A 32 -15.41 -5.71 -6.34
C TYR A 32 -16.32 -6.45 -5.36
N GLU A 33 -15.72 -6.93 -4.26
CA GLU A 33 -16.47 -7.66 -3.25
C GLU A 33 -16.34 -6.98 -1.88
N PRO A 34 -17.45 -6.91 -1.11
CA PRO A 34 -17.42 -6.28 0.22
C PRO A 34 -16.44 -6.97 1.16
N THR A 35 -15.95 -6.21 2.14
CA THR A 35 -14.99 -6.73 3.11
C THR A 35 -15.70 -7.50 4.22
N LYS A 36 -15.62 -8.83 4.16
CA LYS A 36 -16.24 -9.68 5.16
C LYS A 36 -15.19 -10.38 6.02
N ALA A 37 -14.15 -9.62 6.40
CA ALA A 37 -13.07 -10.16 7.23
C ALA A 37 -12.31 -11.25 6.50
N ASP A 38 -12.56 -11.38 5.20
CA ASP A 38 -11.89 -12.39 4.39
C ASP A 38 -10.67 -11.80 3.69
N SER A 39 -9.52 -12.45 3.89
CA SER A 39 -8.27 -11.99 3.29
C SER A 39 -7.78 -12.96 2.23
N TYR A 40 -6.93 -12.48 1.33
CA TYR A 40 -6.39 -13.32 0.26
C TYR A 40 -5.03 -13.88 0.65
N ARG A 41 -4.62 -14.94 -0.03
CA ARG A 41 -3.34 -15.59 0.24
C ARG A 41 -2.71 -16.12 -1.03
N LYS A 42 -1.44 -15.80 -1.24
CA LYS A 42 -0.72 -16.25 -2.44
C LYS A 42 0.70 -16.68 -2.08
N LYS A 43 1.24 -17.63 -2.83
CA LYS A 43 2.59 -18.13 -2.59
C LYS A 43 3.57 -17.60 -3.62
N VAL A 44 4.70 -17.09 -3.14
CA VAL A 44 5.74 -16.55 -4.01
C VAL A 44 7.13 -16.78 -3.42
N VAL A 45 8.07 -17.15 -4.28
CA VAL A 45 9.43 -17.41 -3.84
C VAL A 45 10.23 -16.12 -3.70
N LEU A 46 10.98 -15.99 -2.61
CA LEU A 46 11.79 -14.81 -2.34
C LEU A 46 13.19 -15.21 -1.90
N ASP A 47 14.17 -14.99 -2.78
CA ASP A 47 15.55 -15.32 -2.48
C ASP A 47 15.69 -16.78 -2.06
N GLY A 48 14.81 -17.63 -2.59
CA GLY A 48 14.85 -19.05 -2.26
C GLY A 48 13.76 -19.44 -1.27
N GLU A 49 13.43 -18.54 -0.35
CA GLU A 49 12.41 -18.82 0.65
C GLU A 49 11.02 -18.40 0.16
N GLU A 50 10.15 -19.38 -0.05
CA GLU A 50 8.79 -19.11 -0.51
C GLU A 50 7.89 -18.76 0.67
N VAL A 51 7.34 -17.55 0.64
CA VAL A 51 6.45 -17.09 1.70
C VAL A 51 5.04 -16.82 1.18
N GLN A 52 4.14 -16.52 2.10
CA GLN A 52 2.74 -16.24 1.74
C GLN A 52 2.43 -14.77 1.93
N ILE A 53 1.62 -14.21 1.03
CA ILE A 53 1.26 -12.80 1.11
C ILE A 53 -0.24 -12.64 1.37
N ASP A 54 -0.57 -11.86 2.39
CA ASP A 54 -1.97 -11.63 2.74
C ASP A 54 -2.36 -10.18 2.50
N ILE A 55 -3.32 -9.98 1.59
CA ILE A 55 -3.79 -8.64 1.26
C ILE A 55 -5.24 -8.46 1.67
N LEU A 56 -5.56 -7.28 2.23
CA LEU A 56 -6.92 -6.98 2.66
C LEU A 56 -7.30 -5.55 2.28
N ASP A 57 -8.46 -5.40 1.66
CA ASP A 57 -8.94 -4.08 1.26
C ASP A 57 -9.89 -3.51 2.30
N THR A 58 -9.49 -2.38 2.90
CA THR A 58 -10.30 -1.74 3.92
C THR A 58 -11.41 -0.89 3.28
N ALA A 59 -11.21 -0.54 2.01
CA ALA A 59 -12.18 0.28 1.29
C ALA A 59 -12.42 1.62 1.98
N GLY A 60 -13.37 2.38 1.47
CA GLY A 60 -13.68 3.67 2.07
C GLY A 60 -14.55 3.55 3.29
N LEU A 61 -13.95 3.72 4.48
CA LEU A 61 -14.69 3.63 5.73
C LEU A 61 -15.58 4.85 5.92
N GLU A 62 -15.55 5.75 4.95
CA GLU A 62 -16.36 6.98 4.99
C GLU A 62 -16.01 7.82 6.21
N ASP A 63 -16.69 7.58 7.32
CA ASP A 63 -16.45 8.34 8.55
C ASP A 63 -16.76 7.51 9.80
N TYR A 64 -15.82 7.46 10.72
CA TYR A 64 -16.00 6.71 11.97
C TYR A 64 -15.16 7.32 13.09
N ALA A 65 -15.16 6.66 14.25
CA ALA A 65 -14.41 7.14 15.40
C ALA A 65 -12.91 6.88 15.24
N ALA A 66 -12.54 5.62 14.99
CA ALA A 66 -11.14 5.25 14.82
C ALA A 66 -11.00 3.80 14.38
N ILE A 67 -12.05 3.25 13.79
CA ILE A 67 -12.04 1.86 13.34
C ILE A 67 -10.89 1.63 12.35
N ARG A 68 -10.36 2.72 11.78
CA ARG A 68 -9.27 2.63 10.83
C ARG A 68 -8.04 1.96 11.47
N ASP A 69 -7.68 2.44 12.65
CA ASP A 69 -6.54 1.90 13.39
C ASP A 69 -6.65 0.39 13.57
N ASN A 70 -7.89 -0.08 13.75
CA ASN A 70 -8.14 -1.51 13.95
C ASN A 70 -7.63 -2.34 12.79
N TYR A 71 -7.71 -1.79 11.58
CA TYR A 71 -7.27 -2.49 10.39
C TYR A 71 -5.74 -2.51 10.27
N PHE A 72 -5.10 -1.44 10.74
CA PHE A 72 -3.64 -1.34 10.68
C PHE A 72 -2.99 -2.15 11.79
N ARG A 73 -3.75 -2.46 12.83
CA ARG A 73 -3.23 -3.22 13.97
C ARG A 73 -3.27 -4.72 13.69
N SER A 74 -3.86 -5.09 12.55
CA SER A 74 -3.97 -6.49 12.16
C SER A 74 -2.97 -6.84 11.06
N GLY A 75 -2.22 -5.85 10.61
CA GLY A 75 -1.25 -6.06 9.56
C GLY A 75 0.18 -5.79 10.00
N GLU A 76 1.14 -6.40 9.30
CA GLU A 76 2.55 -6.22 9.62
C GLU A 76 3.23 -5.28 8.61
N GLY A 77 2.50 -4.96 7.54
CA GLY A 77 3.04 -4.08 6.52
C GLY A 77 2.08 -2.97 6.14
N PHE A 78 2.61 -1.90 5.56
CA PHE A 78 1.79 -0.76 5.15
C PHE A 78 2.20 -0.28 3.76
N LEU A 79 1.21 -0.05 2.90
CA LEU A 79 1.48 0.43 1.55
C LEU A 79 0.56 1.59 1.18
N LEU A 80 1.14 2.79 1.08
CA LEU A 80 0.37 3.98 0.73
C LEU A 80 0.21 4.11 -0.78
N VAL A 81 -1.01 4.36 -1.23
CA VAL A 81 -1.29 4.49 -2.66
C VAL A 81 -2.22 5.67 -2.93
N PHE A 82 -1.94 6.41 -4.00
CA PHE A 82 -2.76 7.55 -4.39
C PHE A 82 -2.60 7.86 -5.88
N SER A 83 -3.67 8.34 -6.50
CA SER A 83 -3.64 8.67 -7.92
C SER A 83 -3.16 10.11 -8.14
N ILE A 84 -2.58 10.35 -9.32
CA ILE A 84 -2.08 11.67 -9.68
C ILE A 84 -3.21 12.59 -10.09
N THR A 85 -4.16 12.06 -10.84
CA THR A 85 -5.31 12.85 -11.30
C THR A 85 -6.03 13.47 -10.12
N GLU A 86 -5.93 12.82 -8.97
CA GLU A 86 -6.56 13.31 -7.76
C GLU A 86 -5.49 13.81 -6.79
N HIS A 87 -5.11 15.07 -6.94
CA HIS A 87 -4.11 15.68 -6.08
C HIS A 87 -4.54 15.65 -4.62
N GLU A 88 -5.82 15.43 -4.39
CA GLU A 88 -6.37 15.37 -3.04
C GLU A 88 -5.96 14.07 -2.37
N SER A 89 -5.75 13.05 -3.18
CA SER A 89 -5.37 11.74 -2.69
C SER A 89 -4.02 11.78 -1.98
N PHE A 90 -3.04 12.41 -2.61
CA PHE A 90 -1.69 12.52 -2.02
C PHE A 90 -1.75 13.15 -0.63
N THR A 91 -2.59 14.16 -0.49
CA THR A 91 -2.74 14.87 0.78
C THR A 91 -3.45 14.02 1.83
N ALA A 92 -4.61 13.48 1.45
CA ALA A 92 -5.40 12.64 2.36
C ALA A 92 -4.58 11.44 2.83
N THR A 93 -3.86 10.81 1.90
CA THR A 93 -3.04 9.66 2.22
C THR A 93 -2.03 10.00 3.31
N ALA A 94 -1.60 11.25 3.31
CA ALA A 94 -0.62 11.73 4.29
C ALA A 94 -1.18 11.64 5.70
N GLU A 95 -2.50 11.78 5.82
CA GLU A 95 -3.16 11.69 7.12
C GLU A 95 -2.99 10.30 7.71
N PHE A 96 -3.20 9.29 6.88
CA PHE A 96 -3.08 7.90 7.30
C PHE A 96 -1.67 7.60 7.81
N ARG A 97 -0.70 8.36 7.32
CA ARG A 97 0.70 8.17 7.73
C ARG A 97 0.82 8.20 9.26
N GLU A 98 0.11 9.13 9.88
CA GLU A 98 0.13 9.26 11.34
C GLU A 98 -0.59 8.09 12.00
N GLN A 99 -1.66 7.62 11.35
CA GLN A 99 -2.45 6.51 11.86
C GLN A 99 -1.60 5.24 11.95
N ILE A 100 -0.70 5.08 11.00
CA ILE A 100 0.18 3.92 10.94
C ILE A 100 1.02 3.79 12.21
N LEU A 101 1.54 4.91 12.69
CA LEU A 101 2.36 4.91 13.89
C LEU A 101 1.55 4.57 15.14
N ARG A 102 0.24 4.84 15.10
CA ARG A 102 -0.63 4.55 16.24
C ARG A 102 -0.57 3.08 16.64
N VAL A 103 -0.76 2.19 15.67
CA VAL A 103 -0.73 0.76 15.92
C VAL A 103 0.67 0.30 16.29
N LYS A 104 1.66 1.06 15.86
CA LYS A 104 3.06 0.75 16.15
C LYS A 104 3.70 1.87 16.95
N ALA A 105 3.11 2.18 18.10
CA ALA A 105 3.62 3.23 18.97
C ALA A 105 5.10 3.08 19.24
N GLU A 106 5.55 1.83 19.34
CA GLU A 106 6.97 1.55 19.58
C GLU A 106 7.82 2.16 18.48
N GLU A 107 7.43 1.89 17.23
CA GLU A 107 8.13 2.41 16.06
C GLU A 107 9.62 2.07 16.08
N ASP A 108 9.96 1.03 15.33
CA ASP A 108 11.35 0.58 15.22
C ASP A 108 11.66 0.22 13.77
N LYS A 109 10.73 -0.47 13.13
CA LYS A 109 10.86 -0.88 11.74
C LYS A 109 9.51 -0.88 11.06
N ILE A 110 9.04 0.29 10.63
CA ILE A 110 7.75 0.42 9.98
C ILE A 110 7.87 0.23 8.46
N PRO A 111 7.34 -0.89 7.92
CA PRO A 111 7.37 -1.17 6.49
C PRO A 111 6.37 -0.31 5.72
N LEU A 112 6.85 0.78 5.17
CA LEU A 112 5.99 1.70 4.41
C LEU A 112 6.52 1.88 2.99
N LEU A 113 5.61 2.13 2.06
CA LEU A 113 5.98 2.34 0.66
C LEU A 113 4.88 3.09 -0.07
N VAL A 114 5.24 4.21 -0.70
CA VAL A 114 4.28 5.04 -1.41
C VAL A 114 4.36 4.83 -2.91
N VAL A 115 3.20 4.88 -3.57
CA VAL A 115 3.13 4.72 -5.02
C VAL A 115 2.07 5.62 -5.62
N GLY A 116 2.18 5.87 -6.93
CA GLY A 116 1.22 6.72 -7.61
C GLY A 116 0.45 5.95 -8.67
N ASN A 117 -0.86 6.19 -8.73
CA ASN A 117 -1.71 5.51 -9.69
C ASN A 117 -2.16 6.48 -10.78
N LYS A 118 -2.95 5.98 -11.72
CA LYS A 118 -3.46 6.79 -12.82
C LYS A 118 -2.31 7.47 -13.57
N SER A 119 -1.11 6.92 -13.45
CA SER A 119 0.06 7.48 -14.12
C SER A 119 -0.07 7.38 -15.63
N ASP A 120 -1.10 6.68 -16.10
CA ASP A 120 -1.35 6.52 -17.52
C ASP A 120 -1.71 7.86 -18.15
N LEU A 121 -1.84 8.89 -17.31
CA LEU A 121 -2.20 10.22 -17.77
C LEU A 121 -1.11 11.24 -17.39
N GLU A 122 -0.06 11.28 -18.19
CA GLU A 122 1.04 12.22 -17.93
C GLU A 122 0.62 13.64 -18.28
N GLU A 123 -0.51 13.76 -18.97
CA GLU A 123 -1.03 15.07 -19.36
C GLU A 123 -2.04 15.60 -18.34
N ARG A 124 -2.41 14.75 -17.39
CA ARG A 124 -3.36 15.13 -16.36
C ARG A 124 -2.76 14.98 -14.96
N ARG A 125 -1.42 14.86 -14.90
CA ARG A 125 -0.73 14.70 -13.64
C ARG A 125 -0.61 16.05 -12.92
N GLN A 126 -1.37 16.21 -11.83
CA GLN A 126 -1.35 17.44 -11.06
C GLN A 126 -0.27 17.40 -9.99
N VAL A 127 -0.01 16.20 -9.46
CA VAL A 127 1.01 16.03 -8.43
C VAL A 127 2.34 15.59 -9.04
N PRO A 128 3.29 16.52 -9.19
CA PRO A 128 4.61 16.21 -9.77
C PRO A 128 5.36 15.20 -8.93
N VAL A 129 5.89 14.17 -9.58
CA VAL A 129 6.64 13.12 -8.89
C VAL A 129 7.74 13.71 -8.02
N GLU A 130 8.43 14.73 -8.55
CA GLU A 130 9.52 15.37 -7.83
C GLU A 130 9.06 15.89 -6.47
N GLU A 131 7.96 16.61 -6.46
CA GLU A 131 7.42 17.18 -5.22
C GLU A 131 6.79 16.10 -4.34
N ALA A 132 6.29 15.05 -4.97
CA ALA A 132 5.66 13.96 -4.24
C ALA A 132 6.71 13.05 -3.59
N ARG A 133 7.90 13.00 -4.19
CA ARG A 133 8.98 12.18 -3.65
C ARG A 133 9.58 12.81 -2.41
N SER A 134 9.77 14.12 -2.44
CA SER A 134 10.35 14.84 -1.32
C SER A 134 9.49 14.72 -0.06
N LYS A 135 8.19 14.89 -0.22
CA LYS A 135 7.26 14.80 0.91
C LYS A 135 7.23 13.39 1.47
N ALA A 136 7.09 12.41 0.58
CA ALA A 136 7.04 11.00 0.99
C ALA A 136 8.37 10.54 1.57
N GLU A 137 9.45 11.16 1.09
CA GLU A 137 10.80 10.83 1.57
C GLU A 137 10.93 11.12 3.05
N GLU A 138 10.23 12.15 3.51
CA GLU A 138 10.26 12.54 4.92
C GLU A 138 9.97 11.35 5.81
N TRP A 139 8.96 10.56 5.43
CA TRP A 139 8.58 9.38 6.20
C TRP A 139 9.71 8.35 6.21
N GLY A 140 10.57 8.42 5.19
CA GLY A 140 11.68 7.49 5.08
C GLY A 140 11.47 6.44 4.02
N VAL A 141 10.68 6.77 3.01
CA VAL A 141 10.38 5.85 1.92
C VAL A 141 10.64 6.46 0.56
N GLN A 142 10.35 5.68 -0.48
CA GLN A 142 10.53 6.12 -1.86
C GLN A 142 9.20 6.07 -2.60
N TYR A 143 9.00 7.02 -3.50
CA TYR A 143 7.75 7.10 -4.26
C TYR A 143 8.00 6.82 -5.75
N VAL A 144 7.10 6.05 -6.34
CA VAL A 144 7.23 5.71 -7.76
C VAL A 144 5.88 5.81 -8.47
N GLU A 145 5.92 6.05 -9.79
CA GLU A 145 4.70 6.18 -10.59
C GLU A 145 4.31 4.82 -11.16
N THR A 146 3.00 4.55 -11.19
CA THR A 146 2.49 3.28 -11.71
C THR A 146 1.11 3.44 -12.31
N SER A 147 0.70 2.47 -13.12
CA SER A 147 -0.61 2.47 -13.75
C SER A 147 -1.36 1.17 -13.48
N ALA A 148 -2.42 1.25 -12.68
CA ALA A 148 -3.21 0.08 -12.33
C ALA A 148 -3.87 -0.54 -13.56
N LYS A 149 -3.80 0.16 -14.69
CA LYS A 149 -4.38 -0.32 -15.93
C LYS A 149 -3.39 -1.17 -16.71
N THR A 150 -2.15 -0.68 -16.80
CA THR A 150 -1.10 -1.40 -17.52
C THR A 150 -0.39 -2.38 -16.61
N ARG A 151 -0.76 -2.35 -15.32
CA ARG A 151 -0.17 -3.24 -14.30
C ARG A 151 1.31 -3.52 -14.56
N ALA A 152 2.04 -2.50 -14.99
CA ALA A 152 3.46 -2.65 -15.30
C ALA A 152 4.30 -2.69 -14.03
N ASN A 153 4.20 -1.65 -13.20
CA ASN A 153 4.97 -1.59 -11.96
C ASN A 153 4.08 -1.70 -10.72
N VAL A 154 2.88 -2.21 -10.89
CA VAL A 154 1.95 -2.36 -9.78
C VAL A 154 2.49 -3.37 -8.77
N ASP A 155 3.08 -4.45 -9.28
CA ASP A 155 3.64 -5.50 -8.43
C ASP A 155 4.94 -5.04 -7.76
N LYS A 156 5.51 -3.95 -8.28
CA LYS A 156 6.76 -3.42 -7.76
C LYS A 156 6.66 -3.02 -6.28
N VAL A 157 5.51 -2.47 -5.90
CA VAL A 157 5.30 -2.03 -4.53
C VAL A 157 5.00 -3.21 -3.59
N PHE A 158 4.41 -4.26 -4.13
CA PHE A 158 4.08 -5.44 -3.33
C PHE A 158 5.34 -6.23 -2.98
N PHE A 159 6.21 -6.42 -3.97
CA PHE A 159 7.45 -7.17 -3.77
C PHE A 159 8.44 -6.35 -2.94
N ASP A 160 8.59 -5.08 -3.27
CA ASP A 160 9.52 -4.21 -2.57
C ASP A 160 9.18 -4.12 -1.09
N LEU A 161 7.90 -3.91 -0.78
CA LEU A 161 7.45 -3.81 0.60
C LEU A 161 7.55 -5.17 1.30
N MET A 162 7.25 -6.23 0.56
CA MET A 162 7.30 -7.58 1.12
C MET A 162 8.70 -7.91 1.64
N ARG A 163 9.71 -7.64 0.82
CA ARG A 163 11.09 -7.91 1.21
C ARG A 163 11.47 -7.13 2.46
N GLU A 164 10.91 -5.94 2.61
CA GLU A 164 11.17 -5.10 3.76
C GLU A 164 10.67 -5.76 5.04
N ILE A 165 9.43 -6.22 5.01
CA ILE A 165 8.82 -6.87 6.17
C ILE A 165 9.63 -8.09 6.61
N ARG A 166 10.26 -8.75 5.64
CA ARG A 166 11.06 -9.94 5.93
C ARG A 166 12.38 -9.58 6.59
N THR A 167 13.15 -8.70 5.93
CA THR A 167 14.45 -8.30 6.45
C THR A 167 14.38 -7.10 7.41
N LYS A 168 13.87 -5.98 6.92
CA LYS A 168 13.79 -4.75 7.71
C LYS A 168 12.98 -4.90 9.00
N LYS A 169 11.75 -5.37 8.90
CA LYS A 169 10.88 -5.52 10.07
C LYS A 169 11.42 -6.57 11.04
N MET A 170 11.95 -7.67 10.50
CA MET A 170 12.48 -8.73 11.34
C MET A 170 13.88 -8.42 11.84
N SER A 171 14.52 -7.40 11.28
CA SER A 171 15.87 -7.03 11.68
C SER A 171 15.83 -6.26 13.01
N GLU A 172 15.01 -5.21 13.06
CA GLU A 172 14.88 -4.40 14.27
C GLU A 172 16.21 -3.73 14.62
N ASN A 173 16.15 -2.79 15.57
CA ASN A 173 17.35 -2.08 16.00
C ASN A 173 18.05 -2.84 17.12
N LYS A 174 17.26 -3.35 18.07
CA LYS A 174 17.81 -4.09 19.20
C LYS A 174 17.67 -5.60 18.99
PG GNP B . -13.88 2.45 -3.15
O1G GNP B . -14.95 3.09 -3.96
O2G GNP B . -13.99 0.85 -3.18
O3G GNP B . -13.89 3.00 -1.66
N3B GNP B . -12.35 2.83 -3.72
PB GNP B . -12.17 2.46 -5.36
O1B GNP B . -11.31 3.51 -5.97
O2B GNP B . -11.77 1.05 -5.47
O3A GNP B . -13.66 2.62 -5.92
PA GNP B . -13.89 2.88 -7.48
O1A GNP B . -15.08 2.10 -7.91
O2A GNP B . -13.86 4.35 -7.72
O5' GNP B . -12.59 2.23 -8.13
C5' GNP B . -11.71 3.00 -8.95
C4' GNP B . -11.95 2.68 -10.41
O4' GNP B . -11.18 3.61 -11.21
C3' GNP B . -11.49 1.30 -10.85
O3' GNP B . -12.53 0.34 -10.72
C2' GNP B . -11.11 1.51 -12.31
O2' GNP B . -12.23 1.50 -13.16
C1' GNP B . -10.51 2.92 -12.26
N9 GNP B . -9.08 2.94 -11.99
C8 GNP B . -8.45 2.72 -10.79
N7 GNP B . -7.16 2.82 -10.86
C5 GNP B . -6.90 3.12 -12.19
C6 GNP B . -5.68 3.35 -12.86
O6 GNP B . -4.52 3.32 -12.40
N1 GNP B . -5.86 3.63 -14.21
C2 GNP B . -7.09 3.69 -14.83
N2 GNP B . -7.08 3.98 -16.14
N3 GNP B . -8.25 3.49 -14.21
C4 GNP B . -8.08 3.21 -12.90
HNB3 GNP B . -11.68 2.32 -3.20
H5'2 GNP B . -10.68 2.77 -8.69
H5'1 GNP B . -11.90 4.06 -8.79
H4' GNP B . -13.02 2.73 -10.59
H3' GNP B . -10.66 0.93 -10.24
HO3' GNP B . -13.28 0.66 -11.21
H2' GNP B . -10.35 0.77 -12.61
HO2' GNP B . -11.96 1.12 -13.99
H1' GNP B . -10.70 3.48 -13.18
H8 GNP B . -8.98 2.48 -9.88
HN1 GNP B . -5.04 3.81 -14.78
HN21 GNP B . -7.94 4.05 -16.65
HN22 GNP B . -6.20 4.14 -16.61
MG MG C . -12.39 -0.58 -3.99
N LEU A 1 8.64 -20.99 6.05
CA LEU A 1 8.03 -19.88 5.28
C LEU A 1 7.44 -18.83 6.21
N ALA A 2 8.03 -17.63 6.20
CA ALA A 2 7.56 -16.54 7.04
C ALA A 2 6.20 -16.03 6.57
N LEU A 3 5.48 -15.38 7.48
CA LEU A 3 4.16 -14.84 7.17
C LEU A 3 4.14 -13.33 7.31
N HIS A 4 3.80 -12.63 6.22
CA HIS A 4 3.74 -11.18 6.23
C HIS A 4 2.32 -10.70 5.95
N LYS A 5 1.95 -9.55 6.51
CA LYS A 5 0.63 -9.00 6.33
C LYS A 5 0.70 -7.55 5.82
N VAL A 6 0.46 -7.38 4.53
CA VAL A 6 0.50 -6.05 3.92
C VAL A 6 -0.89 -5.43 3.86
N ILE A 7 -1.01 -4.20 4.37
CA ILE A 7 -2.28 -3.49 4.38
C ILE A 7 -2.33 -2.46 3.26
N MET A 8 -3.38 -2.54 2.44
CA MET A 8 -3.55 -1.62 1.32
C MET A 8 -4.11 -0.28 1.81
N VAL A 9 -3.21 0.66 2.08
CA VAL A 9 -3.62 1.98 2.56
C VAL A 9 -4.08 2.85 1.40
N GLY A 10 -4.71 3.97 1.73
CA GLY A 10 -5.20 4.88 0.71
C GLY A 10 -5.93 6.07 1.30
N SER A 11 -6.00 7.16 0.53
CA SER A 11 -6.69 8.37 0.97
C SER A 11 -8.13 8.06 1.39
N GLY A 12 -8.83 7.34 0.51
CA GLY A 12 -10.22 6.99 0.79
C GLY A 12 -11.00 6.74 -0.48
N GLY A 13 -10.57 7.35 -1.58
CA GLY A 13 -11.25 7.18 -2.85
C GLY A 13 -10.28 7.15 -4.01
N VAL A 14 -9.37 6.18 -4.01
CA VAL A 14 -8.38 6.05 -5.06
C VAL A 14 -8.51 4.71 -5.79
N GLY A 15 -8.18 3.63 -5.10
CA GLY A 15 -8.28 2.31 -5.70
C GLY A 15 -7.25 1.34 -5.15
N LYS A 16 -7.13 1.30 -3.84
CA LYS A 16 -6.17 0.40 -3.19
C LYS A 16 -6.40 -1.04 -3.64
N SER A 17 -7.66 -1.40 -3.79
CA SER A 17 -8.05 -2.74 -4.22
C SER A 17 -7.61 -3.00 -5.66
N ALA A 18 -7.56 -1.94 -6.46
CA ALA A 18 -7.19 -2.04 -7.86
C ALA A 18 -5.78 -2.59 -7.99
N LEU A 19 -4.85 -1.97 -7.27
CA LEU A 19 -3.47 -2.42 -7.27
C LEU A 19 -3.42 -3.83 -6.69
N THR A 20 -4.43 -4.13 -5.88
CA THR A 20 -4.53 -5.42 -5.23
C THR A 20 -4.94 -6.51 -6.21
N LEU A 21 -5.86 -6.17 -7.10
CA LEU A 21 -6.36 -7.13 -8.09
C LEU A 21 -5.31 -7.45 -9.15
N GLN A 22 -4.69 -6.41 -9.72
CA GLN A 22 -3.67 -6.59 -10.75
C GLN A 22 -2.57 -7.53 -10.28
N PHE A 23 -2.24 -7.45 -8.99
CA PHE A 23 -1.20 -8.31 -8.43
C PHE A 23 -1.68 -9.75 -8.28
N MET A 24 -2.97 -9.93 -8.00
CA MET A 24 -3.54 -11.25 -7.80
C MET A 24 -3.87 -11.98 -9.10
N TYR A 25 -4.59 -11.32 -10.01
CA TYR A 25 -4.98 -11.94 -11.28
C TYR A 25 -4.41 -11.20 -12.49
N ASP A 26 -3.95 -9.98 -12.29
CA ASP A 26 -3.40 -9.18 -13.37
C ASP A 26 -4.45 -8.94 -14.44
N GLU A 27 -5.57 -8.34 -14.04
CA GLU A 27 -6.65 -8.06 -14.96
C GLU A 27 -7.43 -6.82 -14.51
N PHE A 28 -7.60 -5.87 -15.43
CA PHE A 28 -8.33 -4.64 -15.14
C PHE A 28 -9.81 -4.78 -15.52
N VAL A 29 -10.67 -4.88 -14.51
CA VAL A 29 -12.10 -5.01 -14.74
C VAL A 29 -12.89 -4.04 -13.86
N GLU A 30 -14.02 -3.57 -14.39
CA GLU A 30 -14.87 -2.63 -13.66
C GLU A 30 -15.47 -3.29 -12.42
N ASP A 31 -15.38 -4.61 -12.35
CA ASP A 31 -15.93 -5.36 -11.22
C ASP A 31 -15.03 -5.24 -9.99
N TYR A 32 -15.63 -5.29 -8.81
CA TYR A 32 -14.90 -5.18 -7.56
C TYR A 32 -15.60 -5.95 -6.46
N GLU A 33 -14.82 -6.47 -5.51
CA GLU A 33 -15.37 -7.24 -4.39
C GLU A 33 -15.11 -6.52 -3.06
N PRO A 34 -16.19 -6.23 -2.29
CA PRO A 34 -16.05 -5.54 -1.00
C PRO A 34 -15.39 -6.43 0.05
N THR A 35 -14.75 -5.82 1.03
CA THR A 35 -14.07 -6.54 2.09
C THR A 35 -14.69 -6.23 3.46
N LYS A 36 -15.07 -7.29 4.18
CA LYS A 36 -15.67 -7.14 5.50
C LYS A 36 -14.67 -7.51 6.58
N ALA A 37 -14.07 -8.69 6.43
CA ALA A 37 -13.08 -9.18 7.38
C ALA A 37 -12.25 -10.31 6.79
N ASP A 38 -12.59 -10.70 5.55
CA ASP A 38 -11.89 -11.77 4.87
C ASP A 38 -10.56 -11.26 4.28
N SER A 39 -9.52 -12.05 4.43
CA SER A 39 -8.19 -11.69 3.93
C SER A 39 -7.74 -12.65 2.83
N TYR A 40 -6.69 -12.27 2.11
CA TYR A 40 -6.15 -13.09 1.03
C TYR A 40 -4.76 -13.59 1.40
N ARG A 41 -4.47 -14.84 1.04
CA ARG A 41 -3.16 -15.42 1.35
C ARG A 41 -2.71 -16.39 0.25
N LYS A 42 -1.44 -16.28 -0.12
CA LYS A 42 -0.87 -17.14 -1.15
C LYS A 42 0.64 -17.28 -0.95
N LYS A 43 1.26 -18.17 -1.73
CA LYS A 43 2.69 -18.39 -1.62
C LYS A 43 3.43 -17.91 -2.86
N VAL A 44 4.46 -17.10 -2.65
CA VAL A 44 5.26 -16.56 -3.75
C VAL A 44 6.74 -16.56 -3.38
N VAL A 45 7.59 -16.95 -4.33
CA VAL A 45 9.02 -16.99 -4.11
C VAL A 45 9.62 -15.59 -4.11
N LEU A 46 10.56 -15.36 -3.21
CA LEU A 46 11.22 -14.06 -3.09
C LEU A 46 12.71 -14.22 -2.89
N ASP A 47 13.48 -13.94 -3.93
CA ASP A 47 14.94 -14.05 -3.87
C ASP A 47 15.36 -15.46 -3.43
N GLY A 48 14.55 -16.45 -3.81
CA GLY A 48 14.85 -17.82 -3.44
C GLY A 48 14.04 -18.28 -2.25
N GLU A 49 13.76 -17.37 -1.33
CA GLU A 49 12.99 -17.68 -0.13
C GLU A 49 11.53 -17.34 -0.32
N GLU A 50 10.68 -18.36 -0.34
CA GLU A 50 9.24 -18.18 -0.51
C GLU A 50 8.56 -17.87 0.83
N VAL A 51 7.74 -16.82 0.84
CA VAL A 51 7.01 -16.43 2.04
C VAL A 51 5.55 -16.17 1.74
N GLN A 52 4.69 -16.41 2.73
CA GLN A 52 3.25 -16.20 2.56
C GLN A 52 2.89 -14.73 2.73
N ILE A 53 2.09 -14.21 1.79
CA ILE A 53 1.68 -12.82 1.83
C ILE A 53 0.20 -12.69 2.18
N ASP A 54 -0.13 -11.73 3.05
CA ASP A 54 -1.51 -11.52 3.45
C ASP A 54 -1.95 -10.08 3.14
N ILE A 55 -2.89 -9.95 2.23
CA ILE A 55 -3.38 -8.63 1.83
C ILE A 55 -4.75 -8.33 2.43
N LEU A 56 -4.94 -7.09 2.87
CA LEU A 56 -6.20 -6.66 3.46
C LEU A 56 -6.69 -5.37 2.80
N ASP A 57 -7.81 -5.47 2.10
CA ASP A 57 -8.37 -4.32 1.40
C ASP A 57 -9.42 -3.60 2.25
N THR A 58 -9.56 -2.30 2.02
CA THR A 58 -10.53 -1.50 2.76
C THR A 58 -11.24 -0.52 1.83
N ALA A 59 -12.18 0.24 2.38
CA ALA A 59 -12.93 1.21 1.61
C ALA A 59 -13.15 2.49 2.39
N GLY A 60 -13.97 3.39 1.86
CA GLY A 60 -14.24 4.64 2.54
C GLY A 60 -15.16 4.46 3.74
N LEU A 61 -14.57 4.40 4.93
CA LEU A 61 -15.34 4.22 6.16
C LEU A 61 -16.35 5.35 6.31
N GLU A 62 -15.86 6.56 6.53
CA GLU A 62 -16.71 7.75 6.70
C GLU A 62 -17.63 7.61 7.90
N ASP A 63 -18.75 6.89 7.71
CA ASP A 63 -19.73 6.69 8.77
C ASP A 63 -19.06 6.22 10.06
N TYR A 64 -18.16 5.25 9.93
CA TYR A 64 -17.44 4.72 11.09
C TYR A 64 -16.59 5.82 11.74
N ALA A 65 -16.60 5.86 13.06
CA ALA A 65 -15.85 6.87 13.81
C ALA A 65 -14.35 6.80 13.50
N ALA A 66 -13.75 5.63 13.69
CA ALA A 66 -12.32 5.46 13.43
C ALA A 66 -11.91 4.00 13.59
N ILE A 67 -12.43 3.14 12.72
CA ILE A 67 -12.10 1.72 12.76
C ILE A 67 -10.82 1.45 11.97
N ARG A 68 -10.43 2.41 11.14
CA ARG A 68 -9.23 2.28 10.31
C ARG A 68 -8.05 1.79 11.15
N ASP A 69 -7.85 2.40 12.31
CA ASP A 69 -6.75 2.03 13.20
C ASP A 69 -6.77 0.52 13.50
N ASN A 70 -7.98 -0.03 13.60
CA ASN A 70 -8.15 -1.45 13.89
C ASN A 70 -7.52 -2.30 12.79
N TYR A 71 -7.82 -1.98 11.54
CA TYR A 71 -7.28 -2.73 10.41
C TYR A 71 -5.75 -2.69 10.38
N PHE A 72 -5.19 -1.49 10.50
CA PHE A 72 -3.73 -1.34 10.50
C PHE A 72 -3.10 -2.06 11.67
N ARG A 73 -3.89 -2.36 12.69
CA ARG A 73 -3.40 -3.04 13.88
C ARG A 73 -3.22 -4.53 13.62
N SER A 74 -4.12 -5.10 12.82
CA SER A 74 -4.07 -6.52 12.50
C SER A 74 -3.07 -6.80 11.38
N GLY A 75 -2.39 -5.74 10.92
CA GLY A 75 -1.42 -5.90 9.85
C GLY A 75 -0.01 -5.55 10.30
N GLU A 76 0.99 -6.03 9.56
CA GLU A 76 2.39 -5.76 9.87
C GLU A 76 2.93 -4.66 8.97
N GLY A 77 2.94 -4.93 7.66
CA GLY A 77 3.43 -3.96 6.70
C GLY A 77 2.34 -3.01 6.24
N PHE A 78 2.74 -1.89 5.64
CA PHE A 78 1.78 -0.91 5.15
C PHE A 78 2.18 -0.39 3.77
N LEU A 79 1.19 -0.15 2.92
CA LEU A 79 1.44 0.36 1.57
C LEU A 79 0.49 1.51 1.25
N LEU A 80 1.03 2.72 1.16
CA LEU A 80 0.22 3.89 0.85
C LEU A 80 -0.02 4.01 -0.64
N VAL A 81 -1.26 4.32 -1.02
CA VAL A 81 -1.61 4.44 -2.44
C VAL A 81 -2.46 5.68 -2.70
N PHE A 82 -2.10 6.41 -3.76
CA PHE A 82 -2.85 7.60 -4.14
C PHE A 82 -2.72 7.85 -5.63
N SER A 83 -3.70 8.54 -6.21
CA SER A 83 -3.70 8.84 -7.63
C SER A 83 -3.26 10.27 -7.90
N ILE A 84 -2.62 10.48 -9.05
CA ILE A 84 -2.15 11.79 -9.45
C ILE A 84 -3.31 12.68 -9.90
N THR A 85 -4.30 12.06 -10.53
CA THR A 85 -5.46 12.77 -11.02
C THR A 85 -6.17 13.50 -9.87
N GLU A 86 -6.25 12.83 -8.73
CA GLU A 86 -6.89 13.40 -7.54
C GLU A 86 -5.84 13.91 -6.56
N HIS A 87 -5.63 15.22 -6.58
CA HIS A 87 -4.65 15.85 -5.69
C HIS A 87 -5.04 15.65 -4.23
N GLU A 88 -6.31 15.32 -4.00
CA GLU A 88 -6.81 15.11 -2.65
C GLU A 88 -6.30 13.80 -2.09
N SER A 89 -6.00 12.86 -2.99
CA SER A 89 -5.51 11.55 -2.60
C SER A 89 -4.16 11.64 -1.90
N PHE A 90 -3.20 12.29 -2.55
CA PHE A 90 -1.86 12.44 -2.00
C PHE A 90 -1.87 13.11 -0.62
N THR A 91 -2.75 14.09 -0.46
CA THR A 91 -2.85 14.83 0.79
C THR A 91 -3.47 13.99 1.91
N ALA A 92 -4.65 13.42 1.64
CA ALA A 92 -5.35 12.61 2.61
C ALA A 92 -4.51 11.39 3.03
N THR A 93 -3.89 10.75 2.04
CA THR A 93 -3.04 9.59 2.30
C THR A 93 -1.98 9.92 3.34
N ALA A 94 -1.47 11.14 3.26
CA ALA A 94 -0.43 11.61 4.17
C ALA A 94 -0.86 11.47 5.63
N GLU A 95 -2.14 11.71 5.89
CA GLU A 95 -2.66 11.60 7.24
C GLU A 95 -2.53 10.17 7.77
N PHE A 96 -2.87 9.20 6.93
CA PHE A 96 -2.78 7.79 7.30
C PHE A 96 -1.38 7.43 7.78
N ARG A 97 -0.38 8.09 7.23
CA ARG A 97 1.02 7.82 7.60
C ARG A 97 1.18 7.87 9.12
N GLU A 98 0.67 8.93 9.73
CA GLU A 98 0.76 9.09 11.18
C GLU A 98 -0.14 8.09 11.90
N GLN A 99 -1.33 7.87 11.36
CA GLN A 99 -2.29 6.93 11.94
C GLN A 99 -1.72 5.53 12.01
N ILE A 100 -0.78 5.24 11.11
CA ILE A 100 -0.15 3.93 11.04
C ILE A 100 0.75 3.68 12.26
N LEU A 101 1.47 4.71 12.68
CA LEU A 101 2.38 4.59 13.82
C LEU A 101 1.62 4.38 15.12
N ARG A 102 0.37 4.84 15.17
CA ARG A 102 -0.45 4.71 16.37
C ARG A 102 -0.48 3.28 16.89
N VAL A 103 -0.78 2.34 16.00
CA VAL A 103 -0.86 0.93 16.37
C VAL A 103 0.52 0.36 16.69
N LYS A 104 1.51 0.73 15.89
CA LYS A 104 2.87 0.24 16.08
C LYS A 104 3.69 1.21 16.93
N ALA A 105 3.02 1.92 17.84
CA ALA A 105 3.69 2.87 18.71
C ALA A 105 4.71 2.19 19.61
N GLU A 106 4.56 0.88 19.79
CA GLU A 106 5.48 0.12 20.63
C GLU A 106 6.62 -0.47 19.81
N GLU A 107 6.41 -0.55 18.49
CA GLU A 107 7.43 -1.10 17.60
C GLU A 107 8.39 0.00 17.14
N ASP A 108 9.39 -0.39 16.35
CA ASP A 108 10.38 0.56 15.84
C ASP A 108 10.33 0.62 14.32
N LYS A 109 10.82 -0.42 13.67
CA LYS A 109 10.83 -0.49 12.21
C LYS A 109 9.42 -0.66 11.67
N ILE A 110 9.02 0.24 10.78
CA ILE A 110 7.69 0.19 10.19
C ILE A 110 7.75 0.13 8.67
N PRO A 111 7.50 -1.06 8.07
CA PRO A 111 7.52 -1.23 6.62
C PRO A 111 6.47 -0.37 5.93
N LEU A 112 6.92 0.47 5.00
CA LEU A 112 6.02 1.36 4.27
C LEU A 112 6.47 1.53 2.83
N LEU A 113 5.53 1.88 1.95
CA LEU A 113 5.82 2.09 0.54
C LEU A 113 4.70 2.86 -0.14
N VAL A 114 5.05 3.97 -0.79
CA VAL A 114 4.07 4.80 -1.46
C VAL A 114 4.08 4.55 -2.97
N VAL A 115 2.90 4.61 -3.57
CA VAL A 115 2.77 4.38 -5.01
C VAL A 115 1.75 5.33 -5.63
N GLY A 116 2.00 5.70 -6.88
CA GLY A 116 1.10 6.60 -7.58
C GLY A 116 0.31 5.89 -8.66
N ASN A 117 -1.00 6.10 -8.67
CA ASN A 117 -1.85 5.48 -9.65
C ASN A 117 -2.18 6.47 -10.76
N LYS A 118 -3.02 6.05 -11.70
CA LYS A 118 -3.42 6.90 -12.82
C LYS A 118 -2.19 7.37 -13.60
N SER A 119 -1.09 6.64 -13.51
CA SER A 119 0.14 6.99 -14.21
C SER A 119 -0.07 7.04 -15.72
N ASP A 120 -1.04 6.28 -16.20
CA ASP A 120 -1.34 6.24 -17.64
C ASP A 120 -1.85 7.60 -18.11
N LEU A 121 -2.10 8.49 -17.15
CA LEU A 121 -2.60 9.82 -17.45
C LEU A 121 -1.56 10.89 -17.10
N GLU A 122 -0.59 11.06 -17.99
CA GLU A 122 0.48 12.04 -17.78
C GLU A 122 -0.04 13.46 -17.96
N GLU A 123 -1.06 13.62 -18.80
CA GLU A 123 -1.64 14.92 -19.06
C GLU A 123 -2.55 15.35 -17.91
N ARG A 124 -2.94 14.39 -17.08
CA ARG A 124 -3.80 14.68 -15.94
C ARG A 124 -3.02 14.61 -14.64
N ARG A 125 -1.70 14.50 -14.74
CA ARG A 125 -0.84 14.42 -13.56
C ARG A 125 -0.64 15.80 -12.94
N GLN A 126 -1.18 15.97 -11.74
CA GLN A 126 -1.07 17.25 -11.02
C GLN A 126 0.13 17.24 -10.08
N VAL A 127 0.48 16.06 -9.56
CA VAL A 127 1.60 15.93 -8.65
C VAL A 127 2.81 15.30 -9.34
N PRO A 128 3.87 16.09 -9.61
CA PRO A 128 5.08 15.58 -10.26
C PRO A 128 5.76 14.53 -9.38
N VAL A 129 6.36 13.53 -10.04
CA VAL A 129 7.03 12.45 -9.32
C VAL A 129 8.10 12.98 -8.37
N GLU A 130 8.88 13.95 -8.84
CA GLU A 130 9.95 14.54 -8.03
C GLU A 130 9.43 15.11 -6.72
N GLU A 131 8.37 15.91 -6.81
CA GLU A 131 7.78 16.51 -5.62
C GLU A 131 7.23 15.45 -4.68
N ALA A 132 6.79 14.33 -5.26
CA ALA A 132 6.24 13.24 -4.47
C ALA A 132 7.35 12.43 -3.79
N ARG A 133 8.52 12.37 -4.43
CA ARG A 133 9.65 11.62 -3.88
C ARG A 133 10.18 12.26 -2.61
N SER A 134 10.33 13.59 -2.64
CA SER A 134 10.84 14.33 -1.49
C SER A 134 9.95 14.16 -0.27
N LYS A 135 8.65 14.41 -0.46
CA LYS A 135 7.69 14.29 0.64
C LYS A 135 7.63 12.87 1.18
N ALA A 136 7.54 11.90 0.27
CA ALA A 136 7.47 10.49 0.66
C ALA A 136 8.76 10.02 1.32
N GLU A 137 9.89 10.59 0.91
CA GLU A 137 11.18 10.23 1.46
C GLU A 137 11.23 10.53 2.96
N GLU A 138 10.53 11.58 3.38
CA GLU A 138 10.50 11.96 4.79
C GLU A 138 10.11 10.78 5.67
N TRP A 139 9.13 10.00 5.21
CA TRP A 139 8.67 8.83 5.95
C TRP A 139 9.74 7.73 5.97
N GLY A 140 10.63 7.79 4.99
CA GLY A 140 11.70 6.81 4.91
C GLY A 140 11.45 5.76 3.84
N VAL A 141 10.77 6.17 2.77
CA VAL A 141 10.45 5.26 1.67
C VAL A 141 10.76 5.89 0.32
N GLN A 142 10.45 5.15 -0.73
CA GLN A 142 10.67 5.62 -2.10
C GLN A 142 9.36 5.55 -2.88
N TYR A 143 9.03 6.62 -3.59
CA TYR A 143 7.80 6.69 -4.37
C TYR A 143 8.03 6.36 -5.83
N VAL A 144 7.07 5.66 -6.43
CA VAL A 144 7.15 5.27 -7.84
C VAL A 144 5.80 5.44 -8.52
N GLU A 145 5.82 5.72 -9.83
CA GLU A 145 4.59 5.89 -10.60
C GLU A 145 4.13 4.56 -11.17
N THR A 146 2.82 4.31 -11.12
CA THR A 146 2.26 3.05 -11.64
C THR A 146 0.86 3.24 -12.20
N SER A 147 0.45 2.30 -13.04
CA SER A 147 -0.88 2.35 -13.66
C SER A 147 -1.55 0.99 -13.55
N ALA A 148 -2.60 0.92 -12.72
CA ALA A 148 -3.34 -0.32 -12.52
C ALA A 148 -3.93 -0.83 -13.83
N LYS A 149 -3.87 -0.01 -14.87
CA LYS A 149 -4.39 -0.39 -16.17
C LYS A 149 -3.36 -1.19 -16.96
N THR A 150 -2.12 -0.69 -16.96
CA THR A 150 -1.04 -1.36 -17.68
C THR A 150 -0.32 -2.38 -16.80
N ARG A 151 -0.75 -2.46 -15.53
CA ARG A 151 -0.16 -3.39 -14.55
C ARG A 151 1.33 -3.62 -14.80
N ALA A 152 2.05 -2.54 -15.12
CA ALA A 152 3.47 -2.63 -15.39
C ALA A 152 4.30 -2.72 -14.10
N ASN A 153 4.12 -1.74 -13.21
CA ASN A 153 4.86 -1.73 -11.95
C ASN A 153 3.94 -1.96 -10.76
N VAL A 154 2.75 -2.47 -11.01
CA VAL A 154 1.80 -2.73 -9.94
C VAL A 154 2.30 -3.85 -9.02
N ASP A 155 2.85 -4.90 -9.62
CA ASP A 155 3.38 -6.03 -8.86
C ASP A 155 4.70 -5.65 -8.18
N LYS A 156 5.33 -4.59 -8.67
CA LYS A 156 6.61 -4.13 -8.14
C LYS A 156 6.48 -3.57 -6.72
N VAL A 157 5.34 -2.99 -6.40
CA VAL A 157 5.13 -2.41 -5.07
C VAL A 157 4.94 -3.51 -4.02
N PHE A 158 4.39 -4.65 -4.44
CA PHE A 158 4.16 -5.77 -3.54
C PHE A 158 5.46 -6.49 -3.21
N PHE A 159 6.26 -6.74 -4.24
CA PHE A 159 7.53 -7.44 -4.06
C PHE A 159 8.57 -6.55 -3.37
N ASP A 160 8.47 -5.25 -3.62
CA ASP A 160 9.41 -4.29 -3.02
C ASP A 160 9.20 -4.19 -1.52
N LEU A 161 7.96 -3.92 -1.12
CA LEU A 161 7.63 -3.80 0.30
C LEU A 161 7.84 -5.12 1.03
N MET A 162 7.57 -6.23 0.33
CA MET A 162 7.74 -7.56 0.91
C MET A 162 9.13 -7.73 1.47
N ARG A 163 10.13 -7.31 0.70
CA ARG A 163 11.53 -7.43 1.11
C ARG A 163 11.81 -6.52 2.31
N GLU A 164 11.23 -5.33 2.29
CA GLU A 164 11.42 -4.36 3.36
C GLU A 164 10.86 -4.88 4.69
N ILE A 165 9.85 -5.73 4.60
CA ILE A 165 9.22 -6.30 5.80
C ILE A 165 10.13 -7.33 6.45
N ARG A 166 10.61 -8.28 5.67
CA ARG A 166 11.48 -9.34 6.19
C ARG A 166 12.89 -8.82 6.49
N THR A 167 13.30 -7.76 5.80
CA THR A 167 14.63 -7.20 6.00
C THR A 167 14.67 -6.14 7.11
N LYS A 168 13.89 -5.08 6.95
CA LYS A 168 13.88 -3.98 7.93
C LYS A 168 13.18 -4.34 9.23
N LYS A 169 11.94 -4.81 9.16
CA LYS A 169 11.17 -5.16 10.35
C LYS A 169 11.85 -6.26 11.17
N MET A 170 12.16 -7.38 10.52
CA MET A 170 12.79 -8.50 11.20
C MET A 170 14.14 -8.10 11.80
N SER A 171 14.73 -7.02 11.29
CA SER A 171 16.02 -6.55 11.78
C SER A 171 15.92 -6.06 13.22
N GLU A 172 15.08 -5.05 13.44
CA GLU A 172 14.90 -4.47 14.77
C GLU A 172 16.20 -3.93 15.33
N ASN A 173 17.20 -3.78 14.46
CA ASN A 173 18.50 -3.27 14.86
C ASN A 173 19.13 -2.45 13.73
N LYS A 174 20.03 -1.55 14.09
CA LYS A 174 20.71 -0.70 13.12
C LYS A 174 21.62 -1.54 12.21
PG GNP B . -13.77 2.25 -2.84
O1G GNP B . -14.84 2.85 -3.66
O2G GNP B . -13.77 0.65 -2.91
O3G GNP B . -13.87 2.76 -1.32
N3B GNP B . -12.24 2.74 -3.33
PB GNP B . -11.99 2.47 -4.97
O1B GNP B . -11.19 3.58 -5.51
O2B GNP B . -11.50 1.08 -5.14
O3A GNP B . -13.47 2.56 -5.57
PA GNP B . -13.74 2.09 -7.07
O1A GNP B . -13.20 0.71 -7.24
O2A GNP B . -15.17 2.33 -7.39
O5' GNP B . -12.84 3.09 -7.92
C5' GNP B . -11.78 2.61 -8.75
C4' GNP B . -12.07 2.96 -10.20
O4' GNP B . -11.15 4.02 -10.61
C3' GNP B . -11.85 1.84 -11.20
O3' GNP B . -13.04 1.09 -11.39
C2' GNP B . -11.43 2.57 -12.46
O2' GNP B . -12.54 3.11 -13.15
C1' GNP B . -10.60 3.71 -11.87
N9 GNP B . -9.18 3.37 -11.70
C8 GNP B . -8.61 2.80 -10.59
N7 GNP B . -7.32 2.62 -10.71
C5 GNP B . -7.03 3.11 -11.98
C6 GNP B . -5.80 3.18 -12.68
O6 GNP B . -4.68 2.81 -12.29
N1 GNP B . -5.94 3.74 -13.94
C2 GNP B . -7.13 4.17 -14.46
N2 GNP B . -7.08 4.68 -15.70
N3 GNP B . -8.29 4.11 -13.83
C4 GNP B . -8.16 3.57 -12.60
HNB3 GNP B . -11.56 2.26 -2.81
H5'2 GNP B . -11.70 1.52 -8.66
H5'1 GNP B . -10.84 3.06 -8.46
H4' GNP B . -13.12 3.25 -10.27
H3' GNP B . -11.10 1.12 -10.85
HO3' GNP B . -13.33 0.79 -10.53
H2' GNP B . -10.82 1.92 -13.09
HO2' GNP B . -12.78 2.49 -13.84
H1' GNP B . -10.65 4.61 -12.48
H8 GNP B . -9.16 2.53 -9.70
HN1 GNP B . -5.11 3.83 -14.51
HN21 GNP B . -7.92 5.02 -16.15
HN22 GNP B . -6.19 4.72 -16.19
MG MG C . -12.08 -0.66 -3.76
N LEU A 1 8.32 -21.51 6.16
CA LEU A 1 7.55 -20.52 5.37
C LEU A 1 7.07 -19.36 6.23
N ALA A 2 7.49 -18.15 5.88
CA ALA A 2 7.11 -16.96 6.61
C ALA A 2 5.69 -16.52 6.25
N LEU A 3 5.15 -15.58 7.02
CA LEU A 3 3.80 -15.07 6.77
C LEU A 3 3.77 -13.55 6.85
N HIS A 4 3.64 -12.90 5.70
CA HIS A 4 3.59 -11.44 5.64
C HIS A 4 2.18 -10.96 5.32
N LYS A 5 1.86 -9.75 5.78
CA LYS A 5 0.54 -9.17 5.54
C LYS A 5 0.65 -7.76 4.98
N VAL A 6 -0.21 -7.44 4.02
CA VAL A 6 -0.20 -6.12 3.40
C VAL A 6 -1.54 -5.41 3.57
N ILE A 7 -1.50 -4.15 3.99
CA ILE A 7 -2.71 -3.36 4.19
C ILE A 7 -2.80 -2.25 3.16
N MET A 8 -3.80 -2.33 2.29
CA MET A 8 -4.00 -1.31 1.26
C MET A 8 -4.54 -0.02 1.87
N VAL A 9 -3.63 0.89 2.19
CA VAL A 9 -4.02 2.18 2.76
C VAL A 9 -3.91 3.29 1.72
N GLY A 10 -4.55 4.42 2.00
CA GLY A 10 -4.51 5.53 1.08
C GLY A 10 -5.41 6.67 1.50
N SER A 11 -5.75 7.54 0.54
CA SER A 11 -6.61 8.69 0.79
C SER A 11 -7.98 8.25 1.25
N GLY A 12 -8.68 7.51 0.41
CA GLY A 12 -10.01 7.03 0.74
C GLY A 12 -10.82 6.69 -0.50
N GLY A 13 -10.39 7.18 -1.65
CA GLY A 13 -11.09 6.91 -2.89
C GLY A 13 -10.18 7.00 -4.10
N VAL A 14 -9.07 6.28 -4.06
CA VAL A 14 -8.11 6.27 -5.16
C VAL A 14 -8.18 4.97 -5.95
N GLY A 15 -8.38 3.87 -5.25
CA GLY A 15 -8.46 2.58 -5.90
C GLY A 15 -7.42 1.60 -5.40
N LYS A 16 -7.38 1.40 -4.08
CA LYS A 16 -6.43 0.47 -3.48
C LYS A 16 -6.83 -0.97 -3.75
N SER A 17 -8.12 -1.18 -3.99
CA SER A 17 -8.66 -2.50 -4.28
C SER A 17 -8.35 -2.91 -5.72
N ALA A 18 -8.25 -1.92 -6.59
CA ALA A 18 -7.98 -2.16 -8.00
C ALA A 18 -6.59 -2.72 -8.17
N LEU A 19 -5.61 -2.02 -7.59
CA LEU A 19 -4.23 -2.48 -7.64
C LEU A 19 -4.17 -3.88 -7.07
N THR A 20 -5.13 -4.20 -6.20
CA THR A 20 -5.20 -5.50 -5.59
C THR A 20 -5.56 -6.56 -6.63
N LEU A 21 -6.70 -6.36 -7.29
CA LEU A 21 -7.17 -7.28 -8.32
C LEU A 21 -6.11 -7.49 -9.39
N GLN A 22 -5.28 -6.47 -9.59
CA GLN A 22 -4.22 -6.53 -10.60
C GLN A 22 -3.11 -7.49 -10.17
N PHE A 23 -2.71 -7.40 -8.91
CA PHE A 23 -1.64 -8.25 -8.39
C PHE A 23 -2.11 -9.69 -8.20
N MET A 24 -3.40 -9.87 -7.95
CA MET A 24 -3.95 -11.21 -7.73
C MET A 24 -4.25 -11.94 -9.05
N TYR A 25 -4.91 -11.26 -9.98
CA TYR A 25 -5.26 -11.87 -11.25
C TYR A 25 -4.27 -11.52 -12.36
N ASP A 26 -3.34 -10.62 -12.07
CA ASP A 26 -2.35 -10.20 -13.06
C ASP A 26 -3.05 -9.70 -14.32
N GLU A 27 -4.23 -9.13 -14.14
CA GLU A 27 -5.03 -8.62 -15.25
C GLU A 27 -6.08 -7.64 -14.75
N PHE A 28 -6.58 -6.79 -15.64
CA PHE A 28 -7.59 -5.80 -15.28
C PHE A 28 -9.00 -6.36 -15.48
N VAL A 29 -9.66 -6.66 -14.36
CA VAL A 29 -11.02 -7.20 -14.40
C VAL A 29 -11.85 -6.63 -13.24
N GLU A 30 -13.14 -6.45 -13.49
CA GLU A 30 -14.06 -5.92 -12.49
C GLU A 30 -14.78 -7.05 -11.76
N ASP A 31 -14.80 -6.97 -10.43
CA ASP A 31 -15.46 -8.00 -9.62
C ASP A 31 -16.39 -7.37 -8.59
N TYR A 32 -15.92 -6.29 -7.96
CA TYR A 32 -16.69 -5.60 -6.94
C TYR A 32 -17.04 -6.53 -5.78
N GLU A 33 -16.26 -6.44 -4.70
CA GLU A 33 -16.47 -7.29 -3.53
C GLU A 33 -16.12 -6.53 -2.25
N PRO A 34 -17.13 -6.14 -1.44
CA PRO A 34 -16.89 -5.41 -0.19
C PRO A 34 -16.11 -6.24 0.82
N THR A 35 -15.18 -5.60 1.52
CA THR A 35 -14.36 -6.28 2.52
C THR A 35 -14.76 -5.90 3.93
N LYS A 36 -14.69 -6.87 4.84
CA LYS A 36 -15.04 -6.65 6.24
C LYS A 36 -14.02 -7.31 7.15
N ALA A 37 -13.45 -8.41 6.68
CA ALA A 37 -12.44 -9.15 7.43
C ALA A 37 -11.83 -10.25 6.57
N ASP A 38 -12.42 -10.46 5.40
CA ASP A 38 -11.93 -11.49 4.47
C ASP A 38 -10.63 -11.05 3.82
N SER A 39 -9.67 -11.97 3.77
CA SER A 39 -8.38 -11.68 3.17
C SER A 39 -7.94 -12.82 2.25
N TYR A 40 -7.02 -12.52 1.33
CA TYR A 40 -6.52 -13.51 0.39
C TYR A 40 -5.17 -14.06 0.86
N ARG A 41 -4.78 -15.19 0.29
CA ARG A 41 -3.51 -15.83 0.65
C ARG A 41 -2.95 -16.62 -0.53
N LYS A 42 -1.62 -16.62 -0.65
CA LYS A 42 -0.96 -17.34 -1.73
C LYS A 42 0.52 -17.51 -1.44
N LYS A 43 1.21 -18.27 -2.29
CA LYS A 43 2.64 -18.53 -2.12
C LYS A 43 3.43 -17.89 -3.26
N VAL A 44 4.43 -17.09 -2.89
CA VAL A 44 5.27 -16.42 -3.88
C VAL A 44 6.74 -16.47 -3.48
N VAL A 45 7.62 -16.54 -4.47
CA VAL A 45 9.05 -16.60 -4.22
C VAL A 45 9.67 -15.20 -4.18
N LEU A 46 10.63 -15.00 -3.29
CA LEU A 46 11.30 -13.71 -3.16
C LEU A 46 12.78 -13.89 -2.86
N ASP A 47 13.63 -13.51 -3.83
CA ASP A 47 15.08 -13.62 -3.68
C ASP A 47 15.50 -15.07 -3.43
N GLY A 48 14.73 -16.00 -3.99
CA GLY A 48 15.04 -17.41 -3.84
C GLY A 48 14.39 -18.02 -2.61
N GLU A 49 13.63 -17.22 -1.88
CA GLU A 49 12.96 -17.68 -0.67
C GLU A 49 11.45 -17.44 -0.77
N GLU A 50 10.69 -18.53 -0.81
CA GLU A 50 9.24 -18.44 -0.92
C GLU A 50 8.60 -18.12 0.44
N VAL A 51 7.65 -17.18 0.44
CA VAL A 51 6.96 -16.79 1.66
C VAL A 51 5.47 -16.61 1.41
N GLN A 52 4.66 -16.92 2.42
CA GLN A 52 3.21 -16.81 2.30
C GLN A 52 2.76 -15.37 2.51
N ILE A 53 2.09 -14.80 1.51
CA ILE A 53 1.61 -13.43 1.60
C ILE A 53 0.10 -13.38 1.77
N ASP A 54 -0.36 -12.46 2.62
CA ASP A 54 -1.79 -12.29 2.88
C ASP A 54 -2.23 -10.89 2.46
N ILE A 55 -3.18 -10.82 1.54
CA ILE A 55 -3.68 -9.54 1.05
C ILE A 55 -4.93 -9.12 1.80
N LEU A 56 -5.00 -7.84 2.14
CA LEU A 56 -6.15 -7.29 2.84
C LEU A 56 -6.44 -5.87 2.38
N ASP A 57 -7.42 -5.74 1.49
CA ASP A 57 -7.79 -4.43 0.96
C ASP A 57 -8.92 -3.81 1.77
N THR A 58 -8.84 -2.50 2.00
CA THR A 58 -9.85 -1.79 2.76
C THR A 58 -10.70 -0.90 1.85
N ALA A 59 -11.62 -0.17 2.44
CA ALA A 59 -12.50 0.72 1.68
C ALA A 59 -12.51 2.12 2.28
N GLY A 60 -13.07 3.07 1.55
CA GLY A 60 -13.14 4.45 2.03
C GLY A 60 -13.94 4.58 3.31
N LEU A 61 -13.26 4.56 4.45
CA LEU A 61 -13.92 4.68 5.74
C LEU A 61 -14.22 6.14 6.07
N GLU A 62 -13.16 6.92 6.25
CA GLU A 62 -13.28 8.34 6.57
C GLU A 62 -14.00 8.56 7.90
N ASP A 63 -15.33 8.51 7.86
CA ASP A 63 -16.14 8.70 9.05
C ASP A 63 -15.72 7.76 10.19
N TYR A 64 -15.36 6.53 9.81
CA TYR A 64 -14.94 5.54 10.80
C TYR A 64 -13.45 5.70 11.12
N ALA A 65 -13.14 6.74 11.90
CA ALA A 65 -11.77 7.01 12.29
C ALA A 65 -11.29 6.08 13.41
N ALA A 66 -12.24 5.47 14.10
CA ALA A 66 -11.91 4.57 15.20
C ALA A 66 -11.82 3.12 14.72
N ILE A 67 -12.52 2.79 13.64
CA ILE A 67 -12.52 1.45 13.10
C ILE A 67 -11.34 1.23 12.14
N ARG A 68 -10.89 2.31 11.51
CA ARG A 68 -9.78 2.24 10.56
C ARG A 68 -8.52 1.68 11.24
N ASP A 69 -8.32 2.04 12.50
CA ASP A 69 -7.15 1.57 13.25
C ASP A 69 -7.10 0.06 13.33
N ASN A 70 -8.27 -0.56 13.46
CA ASN A 70 -8.38 -2.01 13.55
C ASN A 70 -7.71 -2.70 12.35
N TYR A 71 -7.95 -2.17 11.16
CA TYR A 71 -7.39 -2.74 9.94
C TYR A 71 -5.86 -2.70 9.95
N PHE A 72 -5.32 -1.56 10.35
CA PHE A 72 -3.87 -1.38 10.40
C PHE A 72 -3.23 -2.34 11.41
N ARG A 73 -4.02 -2.76 12.40
CA ARG A 73 -3.53 -3.66 13.43
C ARG A 73 -3.63 -5.12 12.96
N SER A 74 -4.42 -5.34 11.92
CA SER A 74 -4.62 -6.68 11.38
C SER A 74 -3.54 -7.04 10.37
N GLY A 75 -2.55 -6.17 10.22
CA GLY A 75 -1.48 -6.41 9.27
C GLY A 75 -0.13 -5.93 9.76
N GLU A 76 0.91 -6.23 8.99
CA GLU A 76 2.27 -5.83 9.35
C GLU A 76 2.82 -4.81 8.35
N GLY A 77 2.39 -4.94 7.10
CA GLY A 77 2.84 -4.02 6.06
C GLY A 77 1.80 -2.98 5.70
N PHE A 78 2.26 -1.85 5.15
CA PHE A 78 1.36 -0.77 4.77
C PHE A 78 1.74 -0.21 3.40
N LEU A 79 0.74 -0.01 2.55
CA LEU A 79 0.97 0.54 1.21
C LEU A 79 0.12 1.79 0.98
N LEU A 80 0.77 2.95 1.01
CA LEU A 80 0.08 4.22 0.80
C LEU A 80 -0.09 4.47 -0.69
N VAL A 81 -1.33 4.66 -1.12
CA VAL A 81 -1.61 4.89 -2.54
C VAL A 81 -2.46 6.14 -2.77
N PHE A 82 -2.09 6.89 -3.80
CA PHE A 82 -2.83 8.10 -4.17
C PHE A 82 -2.72 8.36 -5.67
N SER A 83 -3.82 8.79 -6.27
CA SER A 83 -3.84 9.07 -7.70
C SER A 83 -3.27 10.45 -8.01
N ILE A 84 -2.53 10.53 -9.11
CA ILE A 84 -1.93 11.79 -9.53
C ILE A 84 -2.99 12.72 -10.09
N THR A 85 -3.99 12.14 -10.74
CA THR A 85 -5.08 12.92 -11.31
C THR A 85 -5.83 13.65 -10.21
N GLU A 86 -5.71 13.12 -9.00
CA GLU A 86 -6.36 13.70 -7.83
C GLU A 86 -5.33 14.00 -6.75
N HIS A 87 -4.74 15.20 -6.82
CA HIS A 87 -3.72 15.62 -5.85
C HIS A 87 -4.30 15.62 -4.44
N GLU A 88 -5.63 15.59 -4.34
CA GLU A 88 -6.31 15.61 -3.05
C GLU A 88 -5.97 14.37 -2.26
N SER A 89 -5.65 13.30 -2.98
CA SER A 89 -5.31 12.04 -2.36
C SER A 89 -3.92 12.10 -1.73
N PHE A 90 -3.00 12.76 -2.41
CA PHE A 90 -1.63 12.92 -1.92
C PHE A 90 -1.62 13.42 -0.48
N THR A 91 -2.38 14.48 -0.24
CA THR A 91 -2.47 15.08 1.09
C THR A 91 -3.28 14.21 2.05
N ALA A 92 -4.46 13.78 1.60
CA ALA A 92 -5.33 12.95 2.41
C ALA A 92 -4.62 11.70 2.93
N THR A 93 -3.78 11.12 2.09
CA THR A 93 -3.03 9.92 2.46
C THR A 93 -2.08 10.22 3.63
N ALA A 94 -1.61 11.46 3.68
CA ALA A 94 -0.68 11.88 4.73
C ALA A 94 -1.33 11.75 6.11
N GLU A 95 -2.64 11.97 6.17
CA GLU A 95 -3.36 11.87 7.43
C GLU A 95 -3.28 10.45 7.99
N PHE A 96 -3.39 9.47 7.09
CA PHE A 96 -3.33 8.06 7.48
C PHE A 96 -1.94 7.69 7.98
N ARG A 97 -0.93 8.45 7.54
CA ARG A 97 0.45 8.19 7.95
C ARG A 97 0.56 8.05 9.47
N GLU A 98 -0.02 9.00 10.18
CA GLU A 98 0.03 8.99 11.64
C GLU A 98 -0.86 7.86 12.20
N GLN A 99 -1.96 7.58 11.52
CA GLN A 99 -2.88 6.54 11.94
C GLN A 99 -2.18 5.19 12.03
N ILE A 100 -1.29 4.95 11.07
CA ILE A 100 -0.53 3.71 11.02
C ILE A 100 0.28 3.48 12.29
N LEU A 101 0.94 4.54 12.77
CA LEU A 101 1.76 4.46 13.96
C LEU A 101 0.92 4.22 15.21
N ARG A 102 -0.34 4.64 15.18
CA ARG A 102 -1.24 4.46 16.33
C ARG A 102 -1.23 3.02 16.82
N VAL A 103 -1.42 2.08 15.91
CA VAL A 103 -1.45 0.66 16.25
C VAL A 103 -0.07 0.13 16.56
N LYS A 104 0.91 0.52 15.76
CA LYS A 104 2.29 0.09 15.94
C LYS A 104 3.07 1.08 16.78
N ALA A 105 2.42 1.65 17.79
CA ALA A 105 3.06 2.63 18.66
C ALA A 105 4.14 1.99 19.52
N GLU A 106 4.19 0.66 19.51
CA GLU A 106 5.20 -0.07 20.28
C GLU A 106 6.33 -0.56 19.40
N GLU A 107 6.14 -0.45 18.09
CA GLU A 107 7.15 -0.87 17.13
C GLU A 107 7.97 0.31 16.62
N ASP A 108 9.18 0.03 16.16
CA ASP A 108 10.06 1.07 15.64
C ASP A 108 9.99 1.14 14.12
N LYS A 109 10.46 0.09 13.46
CA LYS A 109 10.44 0.02 12.00
C LYS A 109 9.05 -0.37 11.50
N ILE A 110 8.41 0.55 10.77
CA ILE A 110 7.07 0.30 10.24
C ILE A 110 7.11 0.13 8.72
N PRO A 111 6.89 -1.09 8.21
CA PRO A 111 6.90 -1.36 6.77
C PRO A 111 5.93 -0.47 6.02
N LEU A 112 6.48 0.51 5.29
CA LEU A 112 5.66 1.45 4.54
C LEU A 112 6.23 1.66 3.13
N LEU A 113 5.36 1.99 2.19
CA LEU A 113 5.78 2.24 0.81
C LEU A 113 4.73 3.05 0.07
N VAL A 114 5.09 4.27 -0.29
CA VAL A 114 4.19 5.18 -1.01
C VAL A 114 4.22 4.91 -2.52
N VAL A 115 3.05 5.07 -3.14
CA VAL A 115 2.94 4.85 -4.58
C VAL A 115 1.89 5.77 -5.20
N GLY A 116 1.97 5.94 -6.51
CA GLY A 116 1.01 6.78 -7.21
C GLY A 116 0.32 6.03 -8.33
N ASN A 117 -1.00 6.08 -8.36
CA ASN A 117 -1.77 5.40 -9.39
C ASN A 117 -2.13 6.36 -10.51
N LYS A 118 -2.90 5.86 -11.47
CA LYS A 118 -3.32 6.67 -12.61
C LYS A 118 -2.11 7.25 -13.35
N SER A 119 -0.98 6.57 -13.23
CA SER A 119 0.25 7.01 -13.88
C SER A 119 0.10 7.01 -15.40
N ASP A 120 -0.87 6.25 -15.90
CA ASP A 120 -1.12 6.16 -17.33
C ASP A 120 -1.63 7.50 -17.88
N LEU A 121 -1.95 8.42 -16.98
CA LEU A 121 -2.44 9.73 -17.36
C LEU A 121 -1.41 10.81 -17.08
N GLU A 122 -0.49 11.00 -18.02
CA GLU A 122 0.56 12.00 -17.89
C GLU A 122 0.02 13.41 -18.05
N GLU A 123 -0.85 13.61 -19.03
CA GLU A 123 -1.42 14.92 -19.31
C GLU A 123 -2.34 15.38 -18.18
N ARG A 124 -2.59 14.50 -17.21
CA ARG A 124 -3.46 14.84 -16.09
C ARG A 124 -2.72 14.77 -14.75
N ARG A 125 -1.42 14.50 -14.81
CA ARG A 125 -0.61 14.41 -13.60
C ARG A 125 -0.44 15.79 -12.97
N GLN A 126 -1.11 16.01 -11.85
CA GLN A 126 -1.05 17.28 -11.14
C GLN A 126 0.07 17.29 -10.11
N VAL A 127 0.33 16.13 -9.52
CA VAL A 127 1.38 15.99 -8.52
C VAL A 127 2.69 15.51 -9.15
N PRO A 128 3.68 16.41 -9.34
CA PRO A 128 4.96 16.06 -9.93
C PRO A 128 5.71 15.04 -9.07
N VAL A 129 6.11 13.94 -9.69
CA VAL A 129 6.84 12.87 -8.99
C VAL A 129 8.01 13.43 -8.20
N GLU A 130 8.73 14.38 -8.80
CA GLU A 130 9.89 14.99 -8.15
C GLU A 130 9.53 15.55 -6.77
N GLU A 131 8.44 16.31 -6.71
CA GLU A 131 8.02 16.90 -5.44
C GLU A 131 7.49 15.83 -4.49
N ALA A 132 6.70 14.90 -5.03
CA ALA A 132 6.14 13.83 -4.23
C ALA A 132 7.23 12.94 -3.64
N ARG A 133 8.36 12.85 -4.34
CA ARG A 133 9.48 12.03 -3.88
C ARG A 133 10.16 12.67 -2.68
N SER A 134 10.37 13.98 -2.74
CA SER A 134 11.02 14.72 -1.66
C SER A 134 10.25 14.57 -0.36
N LYS A 135 8.93 14.57 -0.44
CA LYS A 135 8.07 14.43 0.73
C LYS A 135 8.06 12.97 1.20
N ALA A 136 7.84 12.06 0.26
CA ALA A 136 7.79 10.63 0.58
C ALA A 136 9.04 10.18 1.33
N GLU A 137 10.19 10.68 0.89
CA GLU A 137 11.46 10.32 1.50
C GLU A 137 11.47 10.71 2.98
N GLU A 138 10.75 11.77 3.33
CA GLU A 138 10.67 12.22 4.72
C GLU A 138 10.34 11.05 5.65
N TRP A 139 9.36 10.25 5.23
CA TRP A 139 8.94 9.09 6.01
C TRP A 139 10.03 8.04 6.06
N GLY A 140 10.89 8.04 5.04
CA GLY A 140 11.97 7.07 4.96
C GLY A 140 11.70 6.00 3.92
N VAL A 141 10.73 6.28 3.05
CA VAL A 141 10.36 5.36 2.00
C VAL A 141 10.69 5.92 0.62
N GLN A 142 10.30 5.20 -0.41
CA GLN A 142 10.54 5.62 -1.79
C GLN A 142 9.24 5.68 -2.58
N TYR A 143 8.99 6.80 -3.23
CA TYR A 143 7.78 6.98 -4.02
C TYR A 143 8.02 6.63 -5.48
N VAL A 144 7.03 5.97 -6.08
CA VAL A 144 7.12 5.58 -7.48
C VAL A 144 5.76 5.65 -8.17
N GLU A 145 5.77 5.82 -9.48
CA GLU A 145 4.55 5.89 -10.27
C GLU A 145 4.12 4.50 -10.72
N THR A 146 2.80 4.29 -10.81
CA THR A 146 2.26 3.00 -11.22
C THR A 146 0.90 3.17 -11.90
N SER A 147 0.58 2.23 -12.78
CA SER A 147 -0.69 2.25 -13.50
C SER A 147 -1.47 0.97 -13.22
N ALA A 148 -2.58 1.11 -12.50
CA ALA A 148 -3.43 -0.03 -12.15
C ALA A 148 -4.18 -0.55 -13.38
N LYS A 149 -4.00 0.12 -14.51
CA LYS A 149 -4.66 -0.28 -15.75
C LYS A 149 -3.83 -1.32 -16.49
N THR A 150 -2.58 -0.97 -16.77
CA THR A 150 -1.67 -1.88 -17.47
C THR A 150 -0.98 -2.83 -16.50
N ARG A 151 -1.29 -2.66 -15.21
CA ARG A 151 -0.73 -3.48 -14.14
C ARG A 151 0.73 -3.86 -14.40
N ALA A 152 1.49 -2.91 -14.95
CA ALA A 152 2.90 -3.15 -15.26
C ALA A 152 3.77 -3.06 -14.02
N ASN A 153 3.65 -1.95 -13.27
CA ASN A 153 4.44 -1.75 -12.06
C ASN A 153 3.59 -1.88 -10.80
N VAL A 154 2.40 -2.45 -10.94
CA VAL A 154 1.51 -2.61 -9.79
C VAL A 154 2.07 -3.64 -8.80
N ASP A 155 2.69 -4.68 -9.33
CA ASP A 155 3.27 -5.74 -8.49
C ASP A 155 4.55 -5.26 -7.80
N LYS A 156 5.11 -4.15 -8.28
CA LYS A 156 6.34 -3.59 -7.74
C LYS A 156 6.21 -3.23 -6.26
N VAL A 157 5.07 -2.66 -5.88
CA VAL A 157 4.84 -2.24 -4.50
C VAL A 157 4.66 -3.43 -3.57
N PHE A 158 4.18 -4.54 -4.12
CA PHE A 158 3.95 -5.74 -3.33
C PHE A 158 5.27 -6.43 -2.99
N PHE A 159 6.13 -6.58 -3.99
CA PHE A 159 7.42 -7.22 -3.81
C PHE A 159 8.38 -6.32 -3.02
N ASP A 160 8.41 -5.03 -3.37
CA ASP A 160 9.29 -4.08 -2.70
C ASP A 160 9.03 -4.05 -1.19
N LEU A 161 7.77 -3.92 -0.80
CA LEU A 161 7.41 -3.88 0.61
C LEU A 161 7.64 -5.23 1.28
N MET A 162 7.47 -6.31 0.52
CA MET A 162 7.66 -7.65 1.04
C MET A 162 9.06 -7.83 1.60
N ARG A 163 10.06 -7.26 0.92
CA ARG A 163 11.45 -7.36 1.34
C ARG A 163 11.68 -6.56 2.62
N GLU A 164 11.05 -5.39 2.71
CA GLU A 164 11.19 -4.52 3.87
C GLU A 164 10.81 -5.24 5.16
N ILE A 165 9.66 -5.91 5.13
CA ILE A 165 9.17 -6.64 6.30
C ILE A 165 10.19 -7.68 6.77
N ARG A 166 10.90 -8.28 5.83
CA ARG A 166 11.89 -9.29 6.15
C ARG A 166 13.18 -8.68 6.71
N THR A 167 13.73 -7.70 6.01
CA THR A 167 14.98 -7.07 6.43
C THR A 167 14.77 -5.89 7.40
N LYS A 168 14.03 -4.88 6.96
CA LYS A 168 13.80 -3.68 7.77
C LYS A 168 13.07 -3.96 9.10
N LYS A 169 11.92 -4.61 9.03
CA LYS A 169 11.13 -4.89 10.23
C LYS A 169 11.88 -5.80 11.20
N MET A 170 12.31 -6.95 10.72
CA MET A 170 13.03 -7.91 11.55
C MET A 170 14.34 -7.33 12.07
N SER A 171 14.77 -6.21 11.51
CA SER A 171 16.01 -5.57 11.92
C SER A 171 15.84 -4.86 13.27
N GLU A 172 14.94 -3.87 13.31
CA GLU A 172 14.69 -3.11 14.51
C GLU A 172 15.96 -2.40 14.99
N ASN A 173 16.95 -2.33 14.10
CA ASN A 173 18.22 -1.68 14.43
C ASN A 173 19.03 -1.41 13.17
N LYS A 174 19.14 -0.14 12.80
CA LYS A 174 19.89 0.25 11.61
C LYS A 174 21.16 0.98 12.00
PG GNP B . -14.21 2.28 -2.39
O1G GNP B . -15.47 2.71 -1.71
O2G GNP B . -14.12 0.70 -2.48
O3G GNP B . -12.94 2.91 -1.69
N3B GNP B . -14.17 2.82 -3.98
PB GNP B . -12.61 2.83 -4.59
O1B GNP B . -11.73 3.56 -3.66
O2B GNP B . -12.24 1.46 -5.01
O3A GNP B . -12.79 3.71 -5.91
PA GNP B . -13.63 3.15 -7.14
O1A GNP B . -14.46 2.01 -6.66
O2A GNP B . -14.30 4.29 -7.81
O5' GNP B . -12.50 2.58 -8.10
C5' GNP B . -11.73 3.45 -8.92
C4' GNP B . -11.96 3.13 -10.38
O4' GNP B . -11.11 3.99 -11.20
C3' GNP B . -11.61 1.71 -10.80
O3' GNP B . -12.73 0.84 -10.65
C2' GNP B . -11.21 1.88 -12.25
O2' GNP B . -12.33 1.95 -13.12
C1' GNP B . -10.50 3.23 -12.22
N9 GNP B . -9.07 3.14 -11.94
C8 GNP B . -8.48 2.82 -10.74
N7 GNP B . -7.17 2.83 -10.79
C5 GNP B . -6.88 3.18 -12.10
C6 GNP B . -5.64 3.36 -12.75
O6 GNP B . -4.50 3.23 -12.27
N1 GNP B . -5.78 3.72 -14.09
C2 GNP B . -7.00 3.89 -14.71
N2 GNP B . -6.95 4.23 -16.00
N3 GNP B . -8.17 3.72 -14.12
C4 GNP B . -8.05 3.38 -12.82
HNB3 GNP B . -14.55 3.73 -4.03
H5'2 GNP B . -10.67 3.34 -8.70
H5'1 GNP B . -12.03 4.49 -8.74
H4' GNP B . -13.03 3.27 -10.58
H3' GNP B . -10.82 1.30 -10.18
HO3' GNP B . -13.45 1.21 -11.16
H2' GNP B . -10.52 1.07 -12.55
HO2' GNP B . -12.35 1.15 -13.64
H1' GNP B . -10.63 3.78 -13.15
H8 GNP B . -9.03 2.58 -9.85
HN1 GNP B . -4.95 3.86 -14.63
HN21 GNP B . -7.80 4.38 -16.53
HN22 GNP B . -6.06 4.36 -16.46
MG MG C . -12.59 -0.45 -3.76
N LEU A 1 8.46 -20.81 5.99
CA LEU A 1 7.50 -19.93 5.29
C LEU A 1 6.90 -18.91 6.24
N ALA A 2 7.18 -17.63 6.00
CA ALA A 2 6.66 -16.55 6.84
C ALA A 2 5.29 -16.09 6.35
N LEU A 3 4.70 -15.15 7.07
CA LEU A 3 3.40 -14.61 6.71
C LEU A 3 3.35 -13.10 6.94
N HIS A 4 3.44 -12.35 5.86
CA HIS A 4 3.41 -10.89 5.94
C HIS A 4 2.08 -10.34 5.44
N LYS A 5 1.39 -9.61 6.30
CA LYS A 5 0.09 -9.03 5.96
C LYS A 5 0.23 -7.55 5.61
N VAL A 6 -0.27 -7.17 4.44
CA VAL A 6 -0.22 -5.79 3.99
C VAL A 6 -1.61 -5.19 3.81
N ILE A 7 -1.78 -3.96 4.26
CA ILE A 7 -3.06 -3.27 4.15
C ILE A 7 -2.96 -2.08 3.20
N MET A 8 -3.84 -2.07 2.19
CA MET A 8 -3.85 -0.97 1.22
C MET A 8 -4.30 0.32 1.89
N VAL A 9 -3.34 1.09 2.38
CA VAL A 9 -3.65 2.36 3.04
C VAL A 9 -3.58 3.51 2.04
N GLY A 10 -4.23 4.61 2.39
CA GLY A 10 -4.22 5.76 1.51
C GLY A 10 -5.17 6.84 1.97
N SER A 11 -5.57 7.72 1.05
CA SER A 11 -6.47 8.80 1.37
C SER A 11 -7.85 8.26 1.74
N GLY A 12 -8.35 7.35 0.92
CA GLY A 12 -9.65 6.74 1.15
C GLY A 12 -10.24 6.13 -0.11
N GLY A 13 -9.36 5.60 -0.97
CA GLY A 13 -9.82 4.98 -2.20
C GLY A 13 -8.74 4.96 -3.27
N VAL A 14 -8.80 5.95 -4.17
CA VAL A 14 -7.84 6.07 -5.28
C VAL A 14 -7.63 4.76 -6.03
N GLY A 15 -8.53 3.79 -5.81
CA GLY A 15 -8.43 2.51 -6.48
C GLY A 15 -7.36 1.61 -5.88
N LYS A 16 -7.20 1.67 -4.57
CA LYS A 16 -6.22 0.85 -3.89
C LYS A 16 -6.50 -0.64 -4.12
N SER A 17 -7.78 -0.96 -4.31
CA SER A 17 -8.21 -2.33 -4.56
C SER A 17 -7.80 -2.77 -5.97
N ALA A 18 -7.70 -1.81 -6.86
CA ALA A 18 -7.33 -2.08 -8.25
C ALA A 18 -5.96 -2.72 -8.29
N LEU A 19 -5.01 -2.10 -7.60
CA LEU A 19 -3.66 -2.62 -7.52
C LEU A 19 -3.72 -3.99 -6.87
N THR A 20 -4.76 -4.20 -6.06
CA THR A 20 -4.93 -5.45 -5.37
C THR A 20 -5.33 -6.57 -6.32
N LEU A 21 -6.24 -6.25 -7.24
CA LEU A 21 -6.73 -7.24 -8.22
C LEU A 21 -5.65 -7.56 -9.25
N GLN A 22 -4.98 -6.53 -9.77
CA GLN A 22 -3.95 -6.72 -10.79
C GLN A 22 -2.86 -7.68 -10.31
N PHE A 23 -2.48 -7.55 -9.05
CA PHE A 23 -1.44 -8.41 -8.48
C PHE A 23 -1.96 -9.83 -8.25
N MET A 24 -3.28 -9.96 -8.09
CA MET A 24 -3.88 -11.26 -7.82
C MET A 24 -4.11 -12.10 -9.08
N TYR A 25 -4.73 -11.50 -10.10
CA TYR A 25 -5.02 -12.24 -11.33
C TYR A 25 -4.33 -11.67 -12.56
N ASP A 26 -3.61 -10.56 -12.39
CA ASP A 26 -2.91 -9.93 -13.51
C ASP A 26 -3.89 -9.61 -14.63
N GLU A 27 -5.06 -9.11 -14.25
CA GLU A 27 -6.10 -8.76 -15.21
C GLU A 27 -7.02 -7.68 -14.64
N PHE A 28 -7.43 -6.74 -15.48
CA PHE A 28 -8.30 -5.66 -15.06
C PHE A 28 -9.76 -6.12 -15.03
N VAL A 29 -10.36 -6.07 -13.84
CA VAL A 29 -11.75 -6.47 -13.66
C VAL A 29 -12.55 -5.36 -12.99
N GLU A 30 -13.82 -5.24 -13.36
CA GLU A 30 -14.69 -4.21 -12.79
C GLU A 30 -15.49 -4.76 -11.61
N ASP A 31 -15.86 -6.02 -11.70
CA ASP A 31 -16.63 -6.66 -10.63
C ASP A 31 -15.87 -6.62 -9.31
N TYR A 32 -16.47 -5.98 -8.31
CA TYR A 32 -15.85 -5.86 -6.99
C TYR A 32 -16.74 -6.49 -5.92
N GLU A 33 -16.10 -7.07 -4.91
CA GLU A 33 -16.83 -7.70 -3.81
C GLU A 33 -16.23 -7.30 -2.47
N PRO A 34 -16.86 -6.34 -1.76
CA PRO A 34 -16.37 -5.87 -0.46
C PRO A 34 -16.16 -7.01 0.53
N THR A 35 -15.30 -6.77 1.52
CA THR A 35 -15.01 -7.78 2.54
C THR A 35 -15.25 -7.24 3.94
N LYS A 36 -15.64 -8.12 4.85
CA LYS A 36 -15.91 -7.74 6.23
C LYS A 36 -14.62 -7.75 7.05
N ALA A 37 -13.90 -8.87 6.98
CA ALA A 37 -12.64 -9.01 7.72
C ALA A 37 -11.78 -10.12 7.10
N ASP A 38 -12.31 -10.76 6.06
CA ASP A 38 -11.60 -11.84 5.39
C ASP A 38 -10.47 -11.29 4.51
N SER A 39 -9.31 -11.94 4.57
CA SER A 39 -8.16 -11.52 3.78
C SER A 39 -7.85 -12.54 2.69
N TYR A 40 -6.88 -12.21 1.85
CA TYR A 40 -6.49 -13.11 0.76
C TYR A 40 -5.12 -13.72 1.03
N ARG A 41 -4.89 -14.92 0.51
CA ARG A 41 -3.62 -15.61 0.72
C ARG A 41 -3.17 -16.32 -0.55
N LYS A 42 -1.85 -16.33 -0.78
CA LYS A 42 -1.28 -16.97 -1.95
C LYS A 42 0.21 -17.25 -1.74
N LYS A 43 0.74 -18.23 -2.45
CA LYS A 43 2.15 -18.58 -2.33
C LYS A 43 3.00 -17.88 -3.39
N VAL A 44 4.10 -17.27 -2.93
CA VAL A 44 5.01 -16.57 -3.83
C VAL A 44 6.45 -16.70 -3.34
N VAL A 45 7.37 -16.94 -4.27
CA VAL A 45 8.78 -17.09 -3.93
C VAL A 45 9.50 -15.75 -3.97
N LEU A 46 10.45 -15.57 -3.05
CA LEU A 46 11.21 -14.33 -2.97
C LEU A 46 12.69 -14.62 -2.71
N ASP A 47 13.51 -14.45 -3.73
CA ASP A 47 14.96 -14.69 -3.61
C ASP A 47 15.24 -16.10 -3.13
N GLY A 48 14.38 -17.04 -3.51
CA GLY A 48 14.56 -18.43 -3.11
C GLY A 48 13.65 -18.82 -1.95
N GLU A 49 13.44 -17.90 -1.02
CA GLU A 49 12.59 -18.16 0.13
C GLU A 49 11.14 -17.84 -0.17
N GLU A 50 10.29 -18.87 -0.18
CA GLU A 50 8.87 -18.69 -0.45
C GLU A 50 8.12 -18.27 0.80
N VAL A 51 7.55 -17.06 0.75
CA VAL A 51 6.80 -16.52 1.87
C VAL A 51 5.35 -16.26 1.47
N GLN A 52 4.43 -16.50 2.41
CA GLN A 52 3.01 -16.30 2.16
C GLN A 52 2.63 -14.83 2.32
N ILE A 53 1.96 -14.29 1.30
CA ILE A 53 1.53 -12.90 1.34
C ILE A 53 0.03 -12.80 1.58
N ASP A 54 -0.37 -11.89 2.46
CA ASP A 54 -1.77 -11.70 2.79
C ASP A 54 -2.18 -10.25 2.60
N ILE A 55 -3.09 -10.00 1.66
CA ILE A 55 -3.56 -8.65 1.38
C ILE A 55 -4.95 -8.42 1.97
N LEU A 56 -5.11 -7.32 2.68
CA LEU A 56 -6.38 -7.00 3.30
C LEU A 56 -6.71 -5.51 3.15
N ASP A 57 -7.93 -5.23 2.71
CA ASP A 57 -8.40 -3.85 2.51
C ASP A 57 -9.89 -3.83 2.21
N THR A 58 -10.54 -2.71 2.52
CA THR A 58 -11.97 -2.58 2.28
C THR A 58 -12.36 -1.13 2.03
N ALA A 59 -12.01 -0.61 0.84
CA ALA A 59 -12.33 0.76 0.48
C ALA A 59 -11.85 1.76 1.53
N GLY A 60 -12.27 3.01 1.39
CA GLY A 60 -11.89 4.03 2.35
C GLY A 60 -12.41 3.73 3.73
N LEU A 61 -11.50 3.43 4.66
CA LEU A 61 -11.89 3.11 6.03
C LEU A 61 -12.34 4.36 6.79
N GLU A 62 -12.48 5.47 6.07
CA GLU A 62 -12.91 6.72 6.69
C GLU A 62 -14.36 6.61 7.19
N ASP A 63 -15.06 5.58 6.73
CA ASP A 63 -16.44 5.37 7.13
C ASP A 63 -16.54 5.09 8.63
N TYR A 64 -15.92 4.01 9.07
CA TYR A 64 -15.93 3.62 10.47
C TYR A 64 -15.30 4.72 11.35
N ALA A 65 -15.75 4.80 12.59
CA ALA A 65 -15.25 5.79 13.53
C ALA A 65 -13.87 5.42 14.04
N ALA A 66 -13.74 4.21 14.58
CA ALA A 66 -12.47 3.73 15.12
C ALA A 66 -12.20 2.30 14.66
N ILE A 67 -13.20 1.66 14.07
CA ILE A 67 -13.07 0.30 13.60
C ILE A 67 -12.05 0.21 12.46
N ARG A 68 -11.76 1.37 11.86
CA ARG A 68 -10.81 1.44 10.76
C ARG A 68 -9.42 1.03 11.21
N ASP A 69 -9.09 1.35 12.45
CA ASP A 69 -7.78 1.02 13.01
C ASP A 69 -7.58 -0.49 13.07
N ASN A 70 -8.68 -1.22 13.24
CA ASN A 70 -8.63 -2.68 13.31
C ASN A 70 -7.90 -3.26 12.10
N TYR A 71 -8.06 -2.63 10.96
CA TYR A 71 -7.43 -3.08 9.72
C TYR A 71 -5.92 -2.84 9.76
N PHE A 72 -5.52 -1.64 10.17
CA PHE A 72 -4.10 -1.30 10.25
C PHE A 72 -3.39 -2.15 11.30
N ARG A 73 -4.14 -2.55 12.33
CA ARG A 73 -3.58 -3.36 13.41
C ARG A 73 -3.42 -4.81 12.98
N SER A 74 -4.27 -5.24 12.05
CA SER A 74 -4.22 -6.62 11.56
C SER A 74 -3.26 -6.74 10.38
N GLY A 75 -2.47 -5.69 10.17
CA GLY A 75 -1.51 -5.70 9.07
C GLY A 75 -0.11 -5.33 9.51
N GLU A 76 0.87 -6.11 9.07
CA GLU A 76 2.26 -5.87 9.41
C GLU A 76 2.83 -4.68 8.63
N GLY A 77 2.66 -4.72 7.31
CA GLY A 77 3.14 -3.65 6.47
C GLY A 77 2.03 -2.71 6.03
N PHE A 78 2.41 -1.58 5.43
CA PHE A 78 1.43 -0.60 4.96
C PHE A 78 1.80 -0.10 3.58
N LEU A 79 0.80 0.04 2.70
CA LEU A 79 1.02 0.52 1.35
C LEU A 79 0.17 1.76 1.07
N LEU A 80 0.81 2.94 1.06
CA LEU A 80 0.11 4.18 0.79
C LEU A 80 -0.06 4.41 -0.70
N VAL A 81 -1.28 4.68 -1.13
CA VAL A 81 -1.55 4.91 -2.55
C VAL A 81 -2.44 6.13 -2.78
N PHE A 82 -2.13 6.90 -3.80
CA PHE A 82 -2.91 8.08 -4.16
C PHE A 82 -2.90 8.29 -5.66
N SER A 83 -3.84 9.09 -6.16
CA SER A 83 -3.94 9.38 -7.58
C SER A 83 -3.29 10.72 -7.91
N ILE A 84 -2.45 10.73 -8.94
CA ILE A 84 -1.77 11.95 -9.36
C ILE A 84 -2.76 13.01 -9.84
N THR A 85 -3.86 12.56 -10.43
CA THR A 85 -4.87 13.47 -10.93
C THR A 85 -5.80 13.93 -9.81
N GLU A 86 -5.59 13.39 -8.61
CA GLU A 86 -6.39 13.75 -7.44
C GLU A 86 -5.50 14.28 -6.32
N HIS A 87 -5.29 15.59 -6.31
CA HIS A 87 -4.45 16.23 -5.30
C HIS A 87 -5.06 16.07 -3.90
N GLU A 88 -6.34 15.70 -3.84
CA GLU A 88 -7.02 15.52 -2.57
C GLU A 88 -6.54 14.27 -1.86
N SER A 89 -6.07 13.31 -2.65
CA SER A 89 -5.59 12.04 -2.10
C SER A 89 -4.19 12.19 -1.50
N PHE A 90 -3.31 12.86 -2.22
CA PHE A 90 -1.93 13.07 -1.78
C PHE A 90 -1.88 13.61 -0.34
N THR A 91 -2.79 14.51 -0.02
CA THR A 91 -2.84 15.12 1.31
C THR A 91 -3.35 14.16 2.37
N ALA A 92 -4.54 13.60 2.13
CA ALA A 92 -5.13 12.65 3.08
C ALA A 92 -4.22 11.47 3.31
N THR A 93 -3.64 10.96 2.23
CA THR A 93 -2.72 9.83 2.32
C THR A 93 -1.60 10.14 3.31
N ALA A 94 -1.13 11.38 3.26
CA ALA A 94 -0.07 11.81 4.16
C ALA A 94 -0.61 11.96 5.58
N GLU A 95 -1.90 12.24 5.66
CA GLU A 95 -2.58 12.39 6.94
C GLU A 95 -2.70 11.03 7.63
N PHE A 96 -2.78 9.97 6.81
CA PHE A 96 -2.88 8.61 7.33
C PHE A 96 -1.53 8.13 7.83
N ARG A 97 -0.46 8.67 7.24
CA ARG A 97 0.91 8.30 7.61
C ARG A 97 1.09 8.44 9.12
N GLU A 98 0.58 9.52 9.68
CA GLU A 98 0.68 9.76 11.12
C GLU A 98 -0.21 8.79 11.89
N GLN A 99 -1.30 8.37 11.27
CA GLN A 99 -2.22 7.43 11.90
C GLN A 99 -1.61 6.05 12.03
N ILE A 100 -0.76 5.69 11.06
CA ILE A 100 -0.10 4.40 11.06
C ILE A 100 0.72 4.18 12.33
N LEU A 101 1.46 5.22 12.73
CA LEU A 101 2.29 5.13 13.92
C LEU A 101 1.44 5.03 15.19
N ARG A 102 0.21 5.55 15.13
CA ARG A 102 -0.68 5.52 16.28
C ARG A 102 -1.01 4.08 16.69
N VAL A 103 -1.43 3.27 15.71
CA VAL A 103 -1.77 1.88 15.98
C VAL A 103 -0.52 1.07 16.35
N LYS A 104 0.65 1.68 16.15
CA LYS A 104 1.91 1.01 16.47
C LYS A 104 2.77 1.90 17.38
N ALA A 105 2.22 2.25 18.54
CA ALA A 105 2.95 3.09 19.49
C ALA A 105 4.19 2.38 20.03
N GLU A 106 4.20 1.06 19.92
CA GLU A 106 5.33 0.25 20.39
C GLU A 106 6.10 -0.32 19.22
N GLU A 107 5.97 0.32 18.06
CA GLU A 107 6.65 -0.13 16.85
C GLU A 107 8.16 -0.15 17.02
N ASP A 108 8.85 -0.56 15.96
CA ASP A 108 10.30 -0.63 15.96
C ASP A 108 10.85 -0.11 14.64
N LYS A 109 10.24 -0.54 13.54
CA LYS A 109 10.64 -0.13 12.21
C LYS A 109 9.48 -0.32 11.23
N ILE A 110 8.53 0.61 11.27
CA ILE A 110 7.35 0.55 10.41
C ILE A 110 7.72 0.50 8.93
N PRO A 111 7.36 -0.59 8.23
CA PRO A 111 7.65 -0.74 6.81
C PRO A 111 6.55 -0.12 5.94
N LEU A 112 6.82 1.08 5.44
CA LEU A 112 5.86 1.81 4.60
C LEU A 112 6.35 1.89 3.16
N LEU A 113 5.45 2.27 2.26
CA LEU A 113 5.77 2.41 0.85
C LEU A 113 4.67 3.17 0.11
N VAL A 114 5.03 4.27 -0.52
CA VAL A 114 4.06 5.08 -1.24
C VAL A 114 4.12 4.83 -2.75
N VAL A 115 2.96 4.84 -3.39
CA VAL A 115 2.86 4.61 -4.82
C VAL A 115 1.78 5.48 -5.43
N GLY A 116 1.95 5.86 -6.70
CA GLY A 116 0.98 6.68 -7.37
C GLY A 116 0.47 6.04 -8.65
N ASN A 117 -0.85 5.95 -8.79
CA ASN A 117 -1.46 5.36 -9.96
C ASN A 117 -1.92 6.44 -10.93
N LYS A 118 -2.73 6.04 -11.92
CA LYS A 118 -3.24 6.98 -12.91
C LYS A 118 -2.11 7.59 -13.73
N SER A 119 -0.94 6.95 -13.69
CA SER A 119 0.22 7.44 -14.43
C SER A 119 -0.08 7.57 -15.91
N ASP A 120 -1.03 6.76 -16.39
CA ASP A 120 -1.41 6.80 -17.81
C ASP A 120 -1.84 8.20 -18.22
N LEU A 121 -2.19 9.01 -17.23
CA LEU A 121 -2.61 10.38 -17.46
C LEU A 121 -1.48 11.35 -17.16
N GLU A 122 -0.56 11.49 -18.12
CA GLU A 122 0.58 12.38 -17.96
C GLU A 122 0.17 13.84 -18.07
N GLU A 123 -1.04 14.07 -18.57
CA GLU A 123 -1.56 15.43 -18.73
C GLU A 123 -2.37 15.84 -17.51
N ARG A 124 -2.80 14.87 -16.71
CA ARG A 124 -3.58 15.14 -15.52
C ARG A 124 -2.73 15.02 -14.26
N ARG A 125 -1.43 14.80 -14.44
CA ARG A 125 -0.52 14.67 -13.31
C ARG A 125 -0.21 16.05 -12.73
N GLN A 126 -0.76 16.33 -11.55
CA GLN A 126 -0.54 17.61 -10.89
C GLN A 126 0.62 17.54 -9.91
N VAL A 127 0.84 16.36 -9.34
CA VAL A 127 1.92 16.18 -8.37
C VAL A 127 3.20 15.70 -9.06
N PRO A 128 4.23 16.56 -9.14
CA PRO A 128 5.50 16.19 -9.77
C PRO A 128 6.10 14.94 -9.11
N VAL A 129 6.38 13.93 -9.93
CA VAL A 129 6.94 12.68 -9.41
C VAL A 129 8.19 12.93 -8.56
N GLU A 130 9.07 13.79 -9.07
CA GLU A 130 10.31 14.11 -8.36
C GLU A 130 10.01 14.73 -7.00
N GLU A 131 9.03 15.63 -6.96
CA GLU A 131 8.64 16.28 -5.72
C GLU A 131 8.01 15.28 -4.76
N ALA A 132 7.34 14.28 -5.34
CA ALA A 132 6.69 13.24 -4.55
C ALA A 132 7.71 12.31 -3.89
N ARG A 133 8.85 12.12 -4.57
CA ARG A 133 9.90 11.26 -4.05
C ARG A 133 10.60 11.91 -2.86
N SER A 134 10.82 13.21 -2.96
CA SER A 134 11.49 13.95 -1.89
C SER A 134 10.66 13.93 -0.61
N LYS A 135 9.37 14.24 -0.73
CA LYS A 135 8.48 14.25 0.41
C LYS A 135 8.37 12.85 1.02
N ALA A 136 8.14 11.85 0.16
CA ALA A 136 8.00 10.47 0.61
C ALA A 136 9.22 10.04 1.40
N GLU A 137 10.41 10.43 0.93
CA GLU A 137 11.66 10.07 1.58
C GLU A 137 11.63 10.48 3.05
N GLU A 138 10.93 11.57 3.35
CA GLU A 138 10.83 12.06 4.73
C GLU A 138 10.40 10.93 5.68
N TRP A 139 9.36 10.21 5.29
CA TRP A 139 8.86 9.12 6.09
C TRP A 139 9.88 7.98 6.12
N GLY A 140 10.74 7.95 5.12
CA GLY A 140 11.76 6.92 5.02
C GLY A 140 11.42 5.89 3.97
N VAL A 141 10.66 6.31 2.96
CA VAL A 141 10.25 5.42 1.89
C VAL A 141 10.63 5.97 0.52
N GLN A 142 10.20 5.26 -0.51
CA GLN A 142 10.46 5.67 -1.89
C GLN A 142 9.17 5.63 -2.70
N TYR A 143 8.86 6.71 -3.40
CA TYR A 143 7.64 6.78 -4.20
C TYR A 143 7.92 6.39 -5.65
N VAL A 144 6.97 5.67 -6.24
CA VAL A 144 7.08 5.23 -7.63
C VAL A 144 5.78 5.40 -8.39
N GLU A 145 5.89 5.54 -9.71
CA GLU A 145 4.72 5.70 -10.58
C GLU A 145 4.20 4.34 -11.02
N THR A 146 2.88 4.23 -11.17
CA THR A 146 2.25 2.97 -11.57
C THR A 146 0.93 3.19 -12.30
N SER A 147 0.35 2.11 -12.79
CA SER A 147 -0.92 2.16 -13.50
C SER A 147 -1.67 0.84 -13.38
N ALA A 148 -2.78 0.86 -12.64
CA ALA A 148 -3.58 -0.34 -12.43
C ALA A 148 -4.21 -0.81 -13.74
N LYS A 149 -4.03 -0.02 -14.80
CA LYS A 149 -4.59 -0.35 -16.09
C LYS A 149 -3.58 -1.16 -16.92
N THR A 150 -2.31 -0.80 -16.79
CA THR A 150 -1.24 -1.49 -17.52
C THR A 150 -0.59 -2.56 -16.65
N ARG A 151 -0.99 -2.61 -15.38
CA ARG A 151 -0.45 -3.58 -14.42
C ARG A 151 1.03 -3.86 -14.67
N ALA A 152 1.78 -2.82 -15.02
CA ALA A 152 3.20 -2.96 -15.31
C ALA A 152 4.04 -3.07 -14.04
N ASN A 153 3.92 -2.08 -13.16
CA ASN A 153 4.69 -2.07 -11.92
C ASN A 153 3.79 -2.27 -10.70
N VAL A 154 2.54 -2.66 -10.94
CA VAL A 154 1.59 -2.87 -9.85
C VAL A 154 2.09 -3.95 -8.89
N ASP A 155 2.65 -5.02 -9.45
CA ASP A 155 3.18 -6.11 -8.64
C ASP A 155 4.49 -5.72 -7.97
N LYS A 156 5.15 -4.71 -8.52
CA LYS A 156 6.44 -4.24 -7.99
C LYS A 156 6.27 -3.55 -6.63
N VAL A 157 5.12 -2.93 -6.42
CA VAL A 157 4.86 -2.22 -5.17
C VAL A 157 4.61 -3.20 -4.02
N PHE A 158 4.05 -4.36 -4.35
CA PHE A 158 3.76 -5.39 -3.36
C PHE A 158 5.03 -6.09 -2.91
N PHE A 159 5.88 -6.46 -3.87
CA PHE A 159 7.13 -7.14 -3.58
C PHE A 159 8.14 -6.19 -2.95
N ASP A 160 8.09 -4.92 -3.34
CA ASP A 160 9.01 -3.92 -2.81
C ASP A 160 8.90 -3.84 -1.28
N LEU A 161 7.67 -3.78 -0.79
CA LEU A 161 7.43 -3.70 0.65
C LEU A 161 7.71 -5.05 1.30
N MET A 162 7.45 -6.13 0.57
CA MET A 162 7.68 -7.48 1.08
C MET A 162 9.13 -7.64 1.57
N ARG A 163 10.06 -7.09 0.80
CA ARG A 163 11.47 -7.17 1.15
C ARG A 163 11.77 -6.33 2.40
N GLU A 164 11.06 -5.22 2.54
CA GLU A 164 11.24 -4.33 3.67
C GLU A 164 10.87 -5.02 4.98
N ILE A 165 9.70 -5.66 5.02
CA ILE A 165 9.25 -6.34 6.22
C ILE A 165 10.26 -7.39 6.67
N ARG A 166 10.95 -7.99 5.72
CA ARG A 166 11.94 -9.01 6.02
C ARG A 166 13.22 -8.40 6.61
N THR A 167 13.85 -7.51 5.85
CA THR A 167 15.09 -6.87 6.28
C THR A 167 14.86 -5.61 7.11
N LYS A 168 14.18 -4.62 6.53
CA LYS A 168 13.94 -3.34 7.20
C LYS A 168 13.25 -3.49 8.56
N LYS A 169 12.12 -4.16 8.59
CA LYS A 169 11.37 -4.34 9.83
C LYS A 169 12.15 -5.16 10.85
N MET A 170 12.52 -6.38 10.48
CA MET A 170 13.26 -7.26 11.37
C MET A 170 14.59 -6.64 11.80
N SER A 171 15.01 -5.60 11.09
CA SER A 171 16.27 -4.91 11.41
C SER A 171 16.14 -4.14 12.72
N GLU A 172 15.18 -3.22 12.76
CA GLU A 172 14.94 -2.40 13.94
C GLU A 172 16.17 -1.56 14.29
N ASN A 173 16.18 -0.33 13.80
CA ASN A 173 17.31 0.59 14.06
C ASN A 173 16.92 1.62 15.11
N LYS A 174 17.46 1.46 16.32
CA LYS A 174 17.19 2.37 17.42
C LYS A 174 18.26 3.44 17.52
PG GNP B . -13.54 2.92 -3.07
O1G GNP B . -14.68 3.53 -3.79
O2G GNP B . -13.62 1.32 -3.10
O3G GNP B . -13.43 3.46 -1.58
N3B GNP B . -12.05 3.32 -3.77
PB GNP B . -12.03 2.98 -5.41
O1B GNP B . -11.26 4.05 -6.09
O2B GNP B . -11.60 1.58 -5.58
O3A GNP B . -13.56 3.11 -5.84
PA GNP B . -13.94 3.70 -7.27
O1A GNP B . -15.37 3.40 -7.53
O2A GNP B . -13.47 5.11 -7.34
O5' GNP B . -13.05 2.82 -8.25
C5' GNP B . -11.96 3.40 -8.98
C4' GNP B . -12.17 3.21 -10.46
O4' GNP B . -11.27 4.10 -11.17
C3' GNP B . -11.85 1.82 -10.98
O3' GNP B . -13.01 0.99 -10.98
C2' GNP B . -11.36 2.08 -12.39
O2' GNP B . -12.43 2.26 -13.30
C1' GNP B . -10.63 3.40 -12.21
N9 GNP B . -9.21 3.26 -11.86
C8 GNP B . -8.70 2.90 -10.64
N7 GNP B . -7.38 2.84 -10.63
C5 GNP B . -7.02 3.19 -11.92
C6 GNP B . -5.74 3.30 -12.52
O6 GNP B . -4.63 3.10 -12.00
N1 GNP B . -5.81 3.67 -13.86
C2 GNP B . -7.00 3.90 -14.54
N2 GNP B . -6.88 4.25 -15.82
N3 GNP B . -8.19 3.80 -14.00
C4 GNP B . -8.13 3.44 -12.70
HNB3 GNP B . -11.34 2.84 -3.32
H5'2 GNP B . -11.03 2.94 -8.68
H5'1 GNP B . -11.91 4.47 -8.76
H4' GNP B . -13.22 3.39 -10.67
H3' GNP B . -11.11 1.31 -10.36
HO3' GNP B . -13.59 1.30 -11.66
H2' GNP B . -10.67 1.29 -12.71
HO2' GNP B . -13.17 2.60 -12.81
H1' GNP B . -10.68 4.03 -13.10
H8 GNP B . -9.30 2.68 -9.78
HN1 GNP B . -4.95 3.78 -14.36
HN21 GNP B . -7.70 4.44 -16.38
HN22 GNP B . -5.96 4.33 -16.25
MG MG C . -12.10 -0.09 -4.10
N LEU A 1 9.89 -20.37 5.18
CA LEU A 1 8.47 -19.96 5.06
C LEU A 1 8.13 -18.88 6.08
N ALA A 2 7.33 -17.91 5.66
CA ALA A 2 6.91 -16.82 6.54
C ALA A 2 5.51 -16.34 6.17
N LEU A 3 5.01 -15.36 6.93
CA LEU A 3 3.67 -14.82 6.68
C LEU A 3 3.67 -13.30 6.87
N HIS A 4 3.62 -12.57 5.76
CA HIS A 4 3.58 -11.11 5.79
C HIS A 4 2.19 -10.60 5.45
N LYS A 5 1.68 -9.68 6.27
CA LYS A 5 0.35 -9.11 6.05
C LYS A 5 0.44 -7.64 5.65
N VAL A 6 0.18 -7.36 4.38
CA VAL A 6 0.21 -6.00 3.87
C VAL A 6 -1.18 -5.37 3.87
N ILE A 7 -1.27 -4.13 4.32
CA ILE A 7 -2.55 -3.42 4.36
C ILE A 7 -2.63 -2.36 3.27
N MET A 8 -3.79 -2.24 2.64
CA MET A 8 -4.00 -1.27 1.58
C MET A 8 -4.47 0.07 2.16
N VAL A 9 -3.51 0.94 2.50
CA VAL A 9 -3.82 2.24 3.06
C VAL A 9 -3.81 3.33 2.00
N GLY A 10 -4.57 4.39 2.23
CA GLY A 10 -4.63 5.48 1.28
C GLY A 10 -5.42 6.66 1.80
N SER A 11 -5.86 7.51 0.87
CA SER A 11 -6.64 8.70 1.24
C SER A 11 -8.03 8.30 1.73
N GLY A 12 -8.83 7.76 0.82
CA GLY A 12 -10.18 7.34 1.17
C GLY A 12 -11.06 7.18 -0.05
N GLY A 13 -10.45 6.74 -1.16
CA GLY A 13 -11.20 6.54 -2.39
C GLY A 13 -10.34 6.73 -3.62
N VAL A 14 -9.30 5.91 -3.75
CA VAL A 14 -8.40 5.99 -4.89
C VAL A 14 -8.44 4.71 -5.72
N GLY A 15 -8.44 3.57 -5.04
CA GLY A 15 -8.49 2.29 -5.74
C GLY A 15 -7.58 1.27 -5.10
N LYS A 16 -7.69 1.12 -3.78
CA LYS A 16 -6.88 0.16 -3.04
C LYS A 16 -7.06 -1.25 -3.61
N SER A 17 -8.30 -1.57 -3.96
CA SER A 17 -8.65 -2.87 -4.51
C SER A 17 -8.07 -3.06 -5.91
N ALA A 18 -7.93 -1.95 -6.64
CA ALA A 18 -7.41 -1.99 -8.01
C ALA A 18 -6.02 -2.59 -8.02
N LEU A 19 -5.14 -2.04 -7.21
CA LEU A 19 -3.78 -2.55 -7.12
C LEU A 19 -3.84 -3.96 -6.56
N THR A 20 -4.92 -4.24 -5.84
CA THR A 20 -5.11 -5.54 -5.22
C THR A 20 -5.49 -6.61 -6.25
N LEU A 21 -6.31 -6.25 -7.22
CA LEU A 21 -6.76 -7.19 -8.25
C LEU A 21 -5.65 -7.54 -9.23
N GLN A 22 -4.97 -6.54 -9.76
CA GLN A 22 -3.90 -6.76 -10.72
C GLN A 22 -2.86 -7.73 -10.17
N PHE A 23 -2.52 -7.58 -8.90
CA PHE A 23 -1.53 -8.45 -8.26
C PHE A 23 -2.08 -9.85 -8.03
N MET A 24 -3.40 -9.96 -7.93
CA MET A 24 -4.04 -11.26 -7.67
C MET A 24 -4.20 -12.12 -8.91
N TYR A 25 -4.74 -11.55 -9.99
CA TYR A 25 -4.96 -12.32 -11.22
C TYR A 25 -4.18 -11.78 -12.41
N ASP A 26 -3.35 -10.77 -12.18
CA ASP A 26 -2.55 -10.18 -13.27
C ASP A 26 -3.45 -9.74 -14.42
N GLU A 27 -4.64 -9.26 -14.09
CA GLU A 27 -5.59 -8.82 -15.10
C GLU A 27 -6.44 -7.67 -14.58
N PHE A 28 -6.89 -6.81 -15.49
CA PHE A 28 -7.72 -5.67 -15.13
C PHE A 28 -9.20 -6.02 -15.24
N VAL A 29 -9.93 -5.83 -14.13
CA VAL A 29 -11.35 -6.12 -14.09
C VAL A 29 -12.15 -4.93 -13.56
N GLU A 30 -13.36 -4.75 -14.07
CA GLU A 30 -14.22 -3.64 -13.65
C GLU A 30 -14.95 -3.97 -12.36
N ASP A 31 -15.38 -5.23 -12.22
CA ASP A 31 -16.09 -5.66 -11.03
C ASP A 31 -15.13 -5.96 -9.88
N TYR A 32 -15.70 -6.24 -8.70
CA TYR A 32 -14.91 -6.54 -7.51
C TYR A 32 -15.77 -7.24 -6.46
N GLU A 33 -15.18 -7.49 -5.30
CA GLU A 33 -15.90 -8.16 -4.22
C GLU A 33 -15.81 -7.35 -2.92
N PRO A 34 -16.94 -7.20 -2.19
CA PRO A 34 -16.96 -6.45 -0.93
C PRO A 34 -16.02 -7.04 0.11
N THR A 35 -15.55 -6.20 1.02
CA THR A 35 -14.65 -6.66 2.07
C THR A 35 -15.32 -6.64 3.43
N LYS A 36 -15.32 -7.78 4.11
CA LYS A 36 -15.92 -7.90 5.43
C LYS A 36 -14.89 -8.35 6.45
N ALA A 37 -14.09 -9.35 6.09
CA ALA A 37 -13.06 -9.88 6.97
C ALA A 37 -12.18 -10.88 6.23
N ASP A 38 -12.59 -11.24 5.01
CA ASP A 38 -11.85 -12.18 4.20
C ASP A 38 -10.57 -11.54 3.66
N SER A 39 -9.46 -12.25 3.83
CA SER A 39 -8.16 -11.74 3.37
C SER A 39 -7.64 -12.60 2.21
N TYR A 40 -6.81 -11.99 1.36
CA TYR A 40 -6.24 -12.69 0.22
C TYR A 40 -4.85 -13.23 0.55
N ARG A 41 -4.68 -14.54 0.45
CA ARG A 41 -3.40 -15.17 0.73
C ARG A 41 -2.95 -16.06 -0.41
N LYS A 42 -1.64 -16.18 -0.59
CA LYS A 42 -1.07 -17.01 -1.65
C LYS A 42 0.41 -17.26 -1.40
N LYS A 43 0.96 -18.25 -2.11
CA LYS A 43 2.37 -18.59 -1.97
C LYS A 43 3.20 -18.01 -3.10
N VAL A 44 4.25 -17.28 -2.74
CA VAL A 44 5.14 -16.66 -3.73
C VAL A 44 6.60 -16.78 -3.31
N VAL A 45 7.49 -16.70 -4.28
CA VAL A 45 8.93 -16.79 -4.00
C VAL A 45 9.59 -15.42 -4.11
N LEU A 46 10.56 -15.17 -3.24
CA LEU A 46 11.27 -13.89 -3.23
C LEU A 46 12.75 -14.11 -2.94
N ASP A 47 13.59 -13.86 -3.95
CA ASP A 47 15.03 -14.02 -3.81
C ASP A 47 15.38 -15.44 -3.38
N GLY A 48 14.56 -16.40 -3.80
CA GLY A 48 14.79 -17.79 -3.46
C GLY A 48 13.98 -18.24 -2.26
N GLU A 49 13.66 -17.30 -1.37
CA GLU A 49 12.90 -17.60 -0.18
C GLU A 49 11.40 -17.46 -0.43
N GLU A 50 10.68 -18.57 -0.37
CA GLU A 50 9.24 -18.57 -0.59
C GLU A 50 8.48 -18.20 0.68
N VAL A 51 7.72 -17.12 0.62
CA VAL A 51 6.94 -16.65 1.77
C VAL A 51 5.47 -16.47 1.39
N GLN A 52 4.66 -16.13 2.39
CA GLN A 52 3.24 -15.93 2.15
C GLN A 52 2.88 -14.45 2.24
N ILE A 53 1.89 -14.03 1.45
CA ILE A 53 1.45 -12.65 1.44
C ILE A 53 -0.04 -12.53 1.70
N ASP A 54 -0.42 -11.60 2.58
CA ASP A 54 -1.82 -11.40 2.92
C ASP A 54 -2.25 -9.96 2.65
N ILE A 55 -3.16 -9.78 1.70
CA ILE A 55 -3.66 -8.46 1.35
C ILE A 55 -5.06 -8.23 1.90
N LEU A 56 -5.29 -7.03 2.44
CA LEU A 56 -6.58 -6.69 3.01
C LEU A 56 -7.06 -5.34 2.49
N ASP A 57 -8.11 -5.35 1.67
CA ASP A 57 -8.66 -4.14 1.09
C ASP A 57 -9.53 -3.39 2.11
N THR A 58 -9.51 -2.07 2.02
CA THR A 58 -10.29 -1.24 2.94
C THR A 58 -10.95 -0.07 2.20
N ALA A 59 -12.28 -0.08 2.15
CA ALA A 59 -13.03 0.98 1.49
C ALA A 59 -13.00 2.27 2.32
N GLY A 60 -13.60 3.32 1.79
CA GLY A 60 -13.63 4.59 2.50
C GLY A 60 -14.23 4.46 3.89
N LEU A 61 -13.37 4.52 4.91
CA LEU A 61 -13.81 4.41 6.30
C LEU A 61 -14.29 5.75 6.83
N GLU A 62 -14.64 6.67 5.93
CA GLU A 62 -15.09 7.99 6.33
C GLU A 62 -16.42 7.91 7.09
N ASP A 63 -17.10 6.77 6.96
CA ASP A 63 -18.38 6.57 7.62
C ASP A 63 -18.18 6.05 9.05
N TYR A 64 -16.98 5.56 9.34
CA TYR A 64 -16.67 5.03 10.66
C TYR A 64 -16.02 6.11 11.54
N ALA A 65 -15.97 5.85 12.84
CA ALA A 65 -15.38 6.80 13.78
C ALA A 65 -13.86 6.77 13.74
N ALA A 66 -13.28 5.57 13.90
CA ALA A 66 -11.82 5.42 13.89
C ALA A 66 -11.42 3.95 13.83
N ILE A 67 -12.28 3.12 13.28
CA ILE A 67 -12.00 1.69 13.16
C ILE A 67 -10.77 1.43 12.31
N ARG A 68 -10.37 2.44 11.54
CA ARG A 68 -9.19 2.35 10.67
C ARG A 68 -8.00 1.73 11.42
N ASP A 69 -7.80 2.18 12.65
CA ASP A 69 -6.70 1.69 13.48
C ASP A 69 -6.71 0.16 13.57
N ASN A 70 -7.90 -0.40 13.78
CA ASN A 70 -8.06 -1.85 13.90
C ASN A 70 -7.49 -2.58 12.68
N TYR A 71 -7.81 -2.06 11.49
CA TYR A 71 -7.34 -2.66 10.25
C TYR A 71 -5.82 -2.68 10.18
N PHE A 72 -5.20 -1.66 10.77
CA PHE A 72 -3.74 -1.56 10.77
C PHE A 72 -3.15 -2.45 11.87
N ARG A 73 -3.95 -2.73 12.89
CA ARG A 73 -3.50 -3.57 14.00
C ARG A 73 -3.46 -5.04 13.58
N SER A 74 -4.23 -5.37 12.56
CA SER A 74 -4.28 -6.74 12.06
C SER A 74 -3.30 -6.95 10.90
N GLY A 75 -2.43 -5.95 10.69
CA GLY A 75 -1.46 -6.04 9.62
C GLY A 75 -0.07 -5.64 10.06
N GLU A 76 0.94 -6.07 9.29
CA GLU A 76 2.33 -5.77 9.60
C GLU A 76 2.86 -4.69 8.68
N GLY A 77 2.74 -4.92 7.38
CA GLY A 77 3.22 -3.96 6.39
C GLY A 77 2.15 -2.95 6.01
N PHE A 78 2.59 -1.82 5.44
CA PHE A 78 1.67 -0.77 5.02
C PHE A 78 2.01 -0.28 3.61
N LEU A 79 0.99 -0.06 2.80
CA LEU A 79 1.20 0.41 1.43
C LEU A 79 0.27 1.59 1.12
N LEU A 80 0.85 2.79 1.07
CA LEU A 80 0.08 4.00 0.79
C LEU A 80 -0.12 4.18 -0.71
N VAL A 81 -1.35 4.48 -1.11
CA VAL A 81 -1.67 4.68 -2.52
C VAL A 81 -2.57 5.90 -2.72
N PHE A 82 -2.26 6.69 -3.75
CA PHE A 82 -3.05 7.86 -4.07
C PHE A 82 -2.98 8.18 -5.57
N SER A 83 -4.05 8.77 -6.10
CA SER A 83 -4.09 9.11 -7.51
C SER A 83 -3.23 10.33 -7.80
N ILE A 84 -2.55 10.31 -8.94
CA ILE A 84 -1.69 11.42 -9.33
C ILE A 84 -2.50 12.59 -9.85
N THR A 85 -3.60 12.30 -10.55
CA THR A 85 -4.46 13.34 -11.10
C THR A 85 -5.30 13.99 -10.00
N GLU A 86 -5.58 13.22 -8.94
CA GLU A 86 -6.35 13.72 -7.82
C GLU A 86 -5.45 14.10 -6.66
N HIS A 87 -5.08 15.37 -6.59
CA HIS A 87 -4.21 15.88 -5.53
C HIS A 87 -4.88 15.72 -4.16
N GLU A 88 -6.18 15.46 -4.17
CA GLU A 88 -6.93 15.32 -2.92
C GLU A 88 -6.52 14.06 -2.17
N SER A 89 -6.05 13.07 -2.89
CA SER A 89 -5.65 11.81 -2.30
C SER A 89 -4.28 11.91 -1.63
N PHE A 90 -3.34 12.56 -2.32
CA PHE A 90 -1.98 12.72 -1.81
C PHE A 90 -1.98 13.41 -0.43
N THR A 91 -2.91 14.34 -0.25
CA THR A 91 -3.01 15.08 1.00
C THR A 91 -3.55 14.22 2.14
N ALA A 92 -4.69 13.59 1.91
CA ALA A 92 -5.31 12.75 2.92
C ALA A 92 -4.40 11.57 3.28
N THR A 93 -3.75 11.02 2.27
CA THR A 93 -2.83 9.90 2.46
C THR A 93 -1.74 10.27 3.45
N ALA A 94 -1.37 11.55 3.45
CA ALA A 94 -0.34 12.04 4.35
C ALA A 94 -0.76 11.90 5.81
N GLU A 95 -2.06 12.06 6.05
CA GLU A 95 -2.61 11.95 7.40
C GLU A 95 -2.43 10.54 7.95
N PHE A 96 -2.79 9.54 7.13
CA PHE A 96 -2.69 8.15 7.53
C PHE A 96 -1.25 7.77 7.89
N ARG A 97 -0.28 8.50 7.34
CA ARG A 97 1.13 8.24 7.61
C ARG A 97 1.40 8.15 9.11
N GLU A 98 1.02 9.19 9.84
CA GLU A 98 1.23 9.22 11.28
C GLU A 98 0.31 8.22 11.98
N GLN A 99 -0.85 7.96 11.39
CA GLN A 99 -1.80 7.02 11.97
C GLN A 99 -1.22 5.61 12.00
N ILE A 100 -0.36 5.34 11.02
CA ILE A 100 0.30 4.04 10.92
C ILE A 100 1.16 3.78 12.15
N LEU A 101 1.84 4.83 12.62
CA LEU A 101 2.70 4.73 13.79
C LEU A 101 1.90 4.48 15.06
N ARG A 102 0.64 4.93 15.06
CA ARG A 102 -0.24 4.76 16.21
C ARG A 102 -0.39 3.30 16.60
N VAL A 103 -0.70 2.46 15.62
CA VAL A 103 -0.90 1.04 15.86
C VAL A 103 0.42 0.33 16.15
N LYS A 104 1.52 0.92 15.71
CA LYS A 104 2.84 0.34 15.92
C LYS A 104 3.76 1.29 16.68
N ALA A 105 3.18 1.99 17.67
CA ALA A 105 3.95 2.94 18.47
C ALA A 105 5.04 2.24 19.28
N GLU A 106 4.83 0.96 19.56
CA GLU A 106 5.79 0.18 20.33
C GLU A 106 7.00 -0.21 19.48
N GLU A 107 6.75 -0.54 18.21
CA GLU A 107 7.82 -0.93 17.30
C GLU A 107 8.50 0.30 16.70
N ASP A 108 9.83 0.27 16.67
CA ASP A 108 10.61 1.38 16.13
C ASP A 108 10.63 1.34 14.60
N LYS A 109 10.69 0.13 14.04
CA LYS A 109 10.72 -0.04 12.59
C LYS A 109 9.30 -0.15 12.04
N ILE A 110 8.99 0.66 11.03
CA ILE A 110 7.67 0.64 10.42
C ILE A 110 7.75 0.45 8.90
N PRO A 111 7.40 -0.76 8.40
CA PRO A 111 7.44 -1.05 6.96
C PRO A 111 6.43 -0.21 6.18
N LEU A 112 6.93 0.78 5.46
CA LEU A 112 6.07 1.65 4.66
C LEU A 112 6.54 1.71 3.21
N LEU A 113 5.65 2.12 2.32
CA LEU A 113 5.96 2.25 0.91
C LEU A 113 4.84 3.01 0.20
N VAL A 114 5.21 4.05 -0.54
CA VAL A 114 4.22 4.86 -1.24
C VAL A 114 4.24 4.57 -2.75
N VAL A 115 3.05 4.58 -3.34
CA VAL A 115 2.91 4.34 -4.77
C VAL A 115 1.81 5.21 -5.37
N GLY A 116 2.08 5.76 -6.55
CA GLY A 116 1.09 6.59 -7.22
C GLY A 116 0.36 5.84 -8.30
N ASN A 117 -0.96 5.99 -8.34
CA ASN A 117 -1.77 5.30 -9.34
C ASN A 117 -2.19 6.27 -10.43
N LYS A 118 -2.96 5.77 -11.39
CA LYS A 118 -3.45 6.59 -12.49
C LYS A 118 -2.28 7.19 -13.28
N SER A 119 -1.12 6.54 -13.20
CA SER A 119 0.07 7.01 -13.90
C SER A 119 -0.17 7.11 -15.40
N ASP A 120 -1.22 6.45 -15.87
CA ASP A 120 -1.56 6.46 -17.29
C ASP A 120 -1.81 7.88 -17.79
N LEU A 121 -2.28 8.74 -16.89
CA LEU A 121 -2.57 10.13 -17.24
C LEU A 121 -1.37 11.02 -16.89
N GLU A 122 -0.39 11.07 -17.78
CA GLU A 122 0.80 11.89 -17.57
C GLU A 122 0.48 13.37 -17.76
N GLU A 123 -0.62 13.65 -18.46
CA GLU A 123 -1.03 15.02 -18.72
C GLU A 123 -1.90 15.55 -17.58
N ARG A 124 -2.73 14.69 -17.01
CA ARG A 124 -3.61 15.08 -15.91
C ARG A 124 -2.90 14.94 -14.57
N ARG A 125 -1.61 14.60 -14.61
CA ARG A 125 -0.83 14.44 -13.39
C ARG A 125 -0.68 15.77 -12.67
N GLN A 126 -1.37 15.91 -11.54
CA GLN A 126 -1.32 17.13 -10.75
C GLN A 126 -0.16 17.10 -9.76
N VAL A 127 0.25 15.89 -9.38
CA VAL A 127 1.35 15.71 -8.44
C VAL A 127 2.62 15.26 -9.17
N PRO A 128 3.55 16.19 -9.43
CA PRO A 128 4.81 15.87 -10.11
C PRO A 128 5.55 14.74 -9.40
N VAL A 129 5.99 13.75 -10.16
CA VAL A 129 6.70 12.60 -9.60
C VAL A 129 7.84 13.07 -8.69
N GLU A 130 8.59 14.05 -9.14
CA GLU A 130 9.71 14.58 -8.37
C GLU A 130 9.25 15.11 -7.02
N GLU A 131 8.21 15.94 -7.04
CA GLU A 131 7.67 16.51 -5.81
C GLU A 131 7.17 15.41 -4.88
N ALA A 132 6.70 14.32 -5.47
CA ALA A 132 6.20 13.19 -4.70
C ALA A 132 7.34 12.45 -4.01
N ARG A 133 8.51 12.46 -4.64
CA ARG A 133 9.69 11.79 -4.08
C ARG A 133 10.23 12.56 -2.88
N SER A 134 10.11 13.89 -2.92
CA SER A 134 10.59 14.74 -1.84
C SER A 134 9.80 14.49 -0.55
N LYS A 135 8.47 14.44 -0.68
CA LYS A 135 7.61 14.21 0.47
C LYS A 135 7.74 12.78 0.97
N ALA A 136 7.71 11.82 0.04
CA ALA A 136 7.81 10.41 0.40
C ALA A 136 9.11 10.11 1.13
N GLU A 137 10.22 10.62 0.61
CA GLU A 137 11.53 10.41 1.21
C GLU A 137 11.54 10.82 2.68
N GLU A 138 10.74 11.82 3.02
CA GLU A 138 10.67 12.30 4.40
C GLU A 138 10.37 11.15 5.36
N TRP A 139 9.37 10.34 5.03
CA TRP A 139 9.01 9.20 5.86
C TRP A 139 10.09 8.12 5.81
N GLY A 140 10.99 8.25 4.84
CA GLY A 140 12.07 7.30 4.70
C GLY A 140 11.81 6.29 3.59
N VAL A 141 10.72 6.50 2.85
CA VAL A 141 10.33 5.61 1.77
C VAL A 141 10.59 6.21 0.39
N GLN A 142 10.50 5.37 -0.62
CA GLN A 142 10.69 5.79 -2.00
C GLN A 142 9.37 5.70 -2.75
N TYR A 143 9.05 6.72 -3.54
CA TYR A 143 7.79 6.73 -4.28
C TYR A 143 8.02 6.36 -5.75
N VAL A 144 7.05 5.64 -6.31
CA VAL A 144 7.12 5.22 -7.70
C VAL A 144 5.78 5.41 -8.41
N GLU A 145 5.85 5.61 -9.74
CA GLU A 145 4.65 5.79 -10.54
C GLU A 145 4.14 4.44 -11.05
N THR A 146 2.83 4.24 -10.98
CA THR A 146 2.22 2.99 -11.42
C THR A 146 0.83 3.20 -12.00
N SER A 147 0.43 2.30 -12.89
CA SER A 147 -0.89 2.38 -13.51
C SER A 147 -1.60 1.04 -13.43
N ALA A 148 -2.67 0.98 -12.64
CA ALA A 148 -3.44 -0.25 -12.48
C ALA A 148 -4.04 -0.70 -13.80
N LYS A 149 -4.04 0.22 -14.78
CA LYS A 149 -4.58 -0.09 -16.09
C LYS A 149 -3.54 -0.81 -16.94
N THR A 150 -2.27 -0.52 -16.68
CA THR A 150 -1.17 -1.13 -17.42
C THR A 150 -0.62 -2.34 -16.68
N ARG A 151 -0.93 -2.43 -15.37
CA ARG A 151 -0.46 -3.53 -14.54
C ARG A 151 1.03 -3.78 -14.77
N ALA A 152 1.76 -2.71 -15.06
CA ALA A 152 3.20 -2.81 -15.33
C ALA A 152 4.02 -2.95 -14.05
N ASN A 153 3.88 -1.99 -13.13
CA ASN A 153 4.65 -2.02 -11.89
C ASN A 153 3.77 -2.28 -10.67
N VAL A 154 2.51 -2.65 -10.90
CA VAL A 154 1.60 -2.91 -9.78
C VAL A 154 2.13 -4.02 -8.88
N ASP A 155 2.52 -5.14 -9.48
CA ASP A 155 3.05 -6.27 -8.72
C ASP A 155 4.44 -5.95 -8.18
N LYS A 156 5.05 -4.90 -8.71
CA LYS A 156 6.39 -4.50 -8.30
C LYS A 156 6.39 -3.83 -6.92
N VAL A 157 5.29 -3.16 -6.59
CA VAL A 157 5.19 -2.47 -5.30
C VAL A 157 4.97 -3.45 -4.15
N PHE A 158 4.37 -4.59 -4.47
CA PHE A 158 4.10 -5.61 -3.46
C PHE A 158 5.38 -6.32 -3.07
N PHE A 159 6.18 -6.68 -4.06
CA PHE A 159 7.44 -7.37 -3.82
C PHE A 159 8.48 -6.43 -3.21
N ASP A 160 8.37 -5.15 -3.53
CA ASP A 160 9.31 -4.16 -3.00
C ASP A 160 9.13 -3.99 -1.50
N LEU A 161 7.88 -3.93 -1.06
CA LEU A 161 7.57 -3.77 0.36
C LEU A 161 7.86 -5.05 1.13
N MET A 162 7.66 -6.19 0.45
CA MET A 162 7.89 -7.49 1.07
C MET A 162 9.30 -7.59 1.63
N ARG A 163 10.27 -7.13 0.85
CA ARG A 163 11.68 -7.17 1.26
C ARG A 163 11.88 -6.41 2.56
N GLU A 164 11.25 -5.25 2.68
CA GLU A 164 11.36 -4.44 3.88
C GLU A 164 10.82 -5.19 5.09
N ILE A 165 9.65 -5.81 4.92
CA ILE A 165 9.03 -6.57 6.00
C ILE A 165 9.93 -7.70 6.48
N ARG A 166 10.72 -8.25 5.57
CA ARG A 166 11.61 -9.35 5.91
C ARG A 166 12.83 -8.87 6.69
N THR A 167 13.55 -7.89 6.14
CA THR A 167 14.75 -7.36 6.78
C THR A 167 14.47 -6.24 7.77
N LYS A 168 13.87 -5.16 7.30
CA LYS A 168 13.59 -3.99 8.15
C LYS A 168 12.67 -4.31 9.33
N LYS A 169 11.52 -4.90 9.06
CA LYS A 169 10.56 -5.21 10.11
C LYS A 169 11.13 -6.20 11.12
N MET A 170 11.59 -7.36 10.64
CA MET A 170 12.15 -8.38 11.51
C MET A 170 13.43 -7.90 12.20
N SER A 171 13.98 -6.79 11.72
CA SER A 171 15.21 -6.24 12.31
C SER A 171 14.96 -5.80 13.75
N GLU A 172 14.04 -4.85 13.92
CA GLU A 172 13.70 -4.32 15.23
C GLU A 172 14.93 -3.76 15.94
N ASN A 173 14.74 -3.30 17.17
CA ASN A 173 15.83 -2.74 17.96
C ASN A 173 16.29 -3.73 19.04
N LYS A 174 17.53 -4.20 18.90
CA LYS A 174 18.09 -5.15 19.85
C LYS A 174 17.21 -6.39 19.98
PG GNP B . -13.44 2.66 -2.87
O1G GNP B . -14.62 3.25 -3.54
O2G GNP B . -13.53 1.08 -2.79
O3G GNP B . -13.23 3.29 -1.42
N3B GNP B . -12.01 3.00 -3.69
PB GNP B . -12.12 2.64 -5.33
O1B GNP B . -11.30 3.63 -6.08
O2B GNP B . -11.82 1.20 -5.50
O3A GNP B . -13.65 2.89 -5.66
PA GNP B . -14.23 2.50 -7.09
O1A GNP B . -14.05 1.05 -7.30
O2A GNP B . -15.59 3.09 -7.23
O5' GNP B . -13.24 3.28 -8.07
C5' GNP B . -12.41 2.58 -8.99
C4' GNP B . -12.51 3.19 -10.37
O4' GNP B . -11.23 3.79 -10.71
C3' GNP B . -12.80 2.21 -11.50
O3' GNP B . -13.55 2.82 -12.53
C2' GNP B . -11.42 1.80 -11.96
O2' GNP B . -11.41 1.40 -13.32
C1' GNP B . -10.68 3.13 -11.83
N9 GNP B . -9.25 2.97 -11.60
C8 GNP B . -8.62 2.58 -10.45
N7 GNP B . -7.32 2.55 -10.55
C5 GNP B . -7.07 2.96 -11.85
C6 GNP B . -5.84 3.13 -12.53
O6 GNP B . -4.69 2.94 -12.12
N1 GNP B . -6.03 3.56 -13.85
C2 GNP B . -7.26 3.80 -14.41
N2 GNP B . -7.25 4.22 -15.69
N3 GNP B . -8.41 3.65 -13.78
C4 GNP B . -8.24 3.22 -12.51
HNB3 GNP B . -11.28 2.49 -3.29
H5'2 GNP B . -12.72 1.54 -9.04
H5'1 GNP B . -11.37 2.63 -8.66
H4' GNP B . -13.34 3.90 -10.35
H3' GNP B . -13.40 1.36 -11.15
HO3' GNP B . -13.01 2.81 -13.32
H2' GNP B . -11.00 1.04 -11.30
HO2' GNP B . -10.90 2.05 -13.81
H1' GNP B . -10.82 3.77 -12.69
H8 GNP B . -9.15 2.30 -9.55
HN1 GNP B . -5.20 3.72 -14.41
HN21 GNP B . -8.12 4.42 -16.16
HN22 GNP B . -6.37 4.34 -16.18
MG MG C . -12.18 -0.41 -3.91
N LEU A 1 8.09 -21.48 6.32
CA LEU A 1 7.38 -20.51 5.45
C LEU A 1 6.90 -19.30 6.25
N ALA A 2 7.54 -18.16 6.03
CA ALA A 2 7.18 -16.93 6.74
C ALA A 2 5.78 -16.47 6.35
N LEU A 3 5.21 -15.57 7.15
CA LEU A 3 3.88 -15.06 6.87
C LEU A 3 3.82 -13.56 7.17
N HIS A 4 3.72 -12.75 6.11
CA HIS A 4 3.66 -11.31 6.26
C HIS A 4 2.30 -10.79 5.81
N LYS A 5 1.85 -9.70 6.44
CA LYS A 5 0.57 -9.10 6.11
C LYS A 5 0.72 -7.63 5.73
N VAL A 6 0.25 -7.27 4.54
CA VAL A 6 0.35 -5.90 4.07
C VAL A 6 -1.04 -5.26 3.95
N ILE A 7 -1.17 -4.06 4.51
CA ILE A 7 -2.45 -3.35 4.46
C ILE A 7 -2.45 -2.30 3.36
N MET A 8 -3.27 -2.53 2.33
CA MET A 8 -3.35 -1.61 1.22
C MET A 8 -4.02 -0.31 1.66
N VAL A 9 -3.22 0.72 1.87
CA VAL A 9 -3.73 2.02 2.30
C VAL A 9 -3.49 3.09 1.23
N GLY A 10 -4.25 4.17 1.30
CA GLY A 10 -4.10 5.23 0.32
C GLY A 10 -5.23 6.25 0.38
N SER A 11 -5.08 7.24 1.26
CA SER A 11 -6.07 8.30 1.41
C SER A 11 -7.43 7.74 1.84
N GLY A 12 -8.21 7.30 0.87
CA GLY A 12 -9.53 6.74 1.16
C GLY A 12 -10.36 6.54 -0.09
N GLY A 13 -10.17 7.41 -1.08
CA GLY A 13 -10.91 7.32 -2.32
C GLY A 13 -10.01 7.33 -3.54
N VAL A 14 -9.06 6.41 -3.57
CA VAL A 14 -8.11 6.31 -4.68
C VAL A 14 -8.34 5.04 -5.50
N GLY A 15 -8.10 3.89 -4.86
CA GLY A 15 -8.29 2.63 -5.53
C GLY A 15 -7.36 1.56 -5.00
N LYS A 16 -7.17 1.55 -3.69
CA LYS A 16 -6.30 0.57 -3.04
C LYS A 16 -6.62 -0.85 -3.50
N SER A 17 -7.92 -1.14 -3.60
CA SER A 17 -8.38 -2.45 -4.03
C SER A 17 -8.00 -2.73 -5.48
N ALA A 18 -7.92 -1.67 -6.27
CA ALA A 18 -7.58 -1.79 -7.69
C ALA A 18 -6.21 -2.42 -7.84
N LEU A 19 -5.23 -1.85 -7.15
CA LEU A 19 -3.88 -2.39 -7.19
C LEU A 19 -3.90 -3.77 -6.55
N THR A 20 -4.87 -3.98 -5.67
CA THR A 20 -5.01 -5.25 -4.98
C THR A 20 -5.40 -6.37 -5.94
N LEU A 21 -6.37 -6.09 -6.80
CA LEU A 21 -6.84 -7.06 -7.78
C LEU A 21 -5.81 -7.28 -8.88
N GLN A 22 -5.22 -6.18 -9.36
CA GLN A 22 -4.22 -6.25 -10.42
C GLN A 22 -3.05 -7.15 -10.03
N PHE A 23 -2.67 -7.10 -8.76
CA PHE A 23 -1.56 -7.92 -8.27
C PHE A 23 -1.96 -9.39 -8.20
N MET A 24 -3.25 -9.66 -8.05
CA MET A 24 -3.74 -11.02 -7.93
C MET A 24 -3.89 -11.73 -9.27
N TYR A 25 -4.56 -11.09 -10.24
CA TYR A 25 -4.78 -11.71 -11.55
C TYR A 25 -3.98 -11.04 -12.66
N ASP A 26 -3.35 -9.91 -12.36
CA ASP A 26 -2.58 -9.18 -13.36
C ASP A 26 -3.44 -8.84 -14.56
N GLU A 27 -4.73 -8.60 -14.30
CA GLU A 27 -5.68 -8.27 -15.36
C GLU A 27 -6.74 -7.31 -14.84
N PHE A 28 -7.04 -6.28 -15.63
CA PHE A 28 -8.04 -5.29 -15.24
C PHE A 28 -9.42 -5.69 -15.76
N VAL A 29 -10.30 -6.10 -14.83
CA VAL A 29 -11.65 -6.50 -15.19
C VAL A 29 -12.68 -5.80 -14.31
N GLU A 30 -13.81 -5.42 -14.91
CA GLU A 30 -14.87 -4.73 -14.18
C GLU A 30 -15.53 -5.67 -13.17
N ASP A 31 -15.25 -5.46 -11.90
CA ASP A 31 -15.81 -6.28 -10.84
C ASP A 31 -16.02 -5.47 -9.56
N TYR A 32 -16.64 -6.09 -8.55
CA TYR A 32 -16.91 -5.42 -7.29
C TYR A 32 -17.08 -6.44 -6.17
N GLU A 33 -16.08 -6.56 -5.30
CA GLU A 33 -16.13 -7.49 -4.19
C GLU A 33 -15.97 -6.76 -2.86
N PRO A 34 -17.07 -6.57 -2.10
CA PRO A 34 -17.02 -5.88 -0.80
C PRO A 34 -16.21 -6.67 0.23
N THR A 35 -15.21 -5.99 0.80
CA THR A 35 -14.35 -6.62 1.79
C THR A 35 -14.90 -6.43 3.20
N LYS A 36 -15.11 -7.53 3.90
CA LYS A 36 -15.63 -7.50 5.26
C LYS A 36 -14.60 -8.02 6.25
N ALA A 37 -13.92 -9.10 5.87
CA ALA A 37 -12.89 -9.70 6.72
C ALA A 37 -12.07 -10.72 5.94
N ASP A 38 -12.57 -11.11 4.77
CA ASP A 38 -11.89 -12.09 3.94
C ASP A 38 -10.63 -11.49 3.31
N SER A 39 -9.51 -12.17 3.50
CA SER A 39 -8.23 -11.70 2.95
C SER A 39 -7.72 -12.65 1.86
N TYR A 40 -6.62 -12.26 1.22
CA TYR A 40 -6.04 -13.08 0.16
C TYR A 40 -4.74 -13.72 0.64
N ARG A 41 -4.47 -14.93 0.16
CA ARG A 41 -3.25 -15.64 0.53
C ARG A 41 -2.68 -16.41 -0.65
N LYS A 42 -1.38 -16.27 -0.84
CA LYS A 42 -0.68 -16.95 -1.94
C LYS A 42 0.79 -17.17 -1.61
N LYS A 43 1.34 -18.28 -2.07
CA LYS A 43 2.74 -18.61 -1.82
C LYS A 43 3.62 -18.16 -2.97
N VAL A 44 4.63 -17.35 -2.66
CA VAL A 44 5.56 -16.85 -3.67
C VAL A 44 7.00 -16.93 -3.18
N VAL A 45 7.91 -17.27 -4.09
CA VAL A 45 9.32 -17.39 -3.74
C VAL A 45 10.03 -16.04 -3.83
N LEU A 46 10.93 -15.81 -2.87
CA LEU A 46 11.69 -14.57 -2.83
C LEU A 46 13.09 -14.81 -2.24
N ASP A 47 14.11 -14.52 -3.05
CA ASP A 47 15.49 -14.71 -2.62
C ASP A 47 15.74 -16.17 -2.21
N GLY A 48 15.03 -17.09 -2.87
CA GLY A 48 15.18 -18.50 -2.57
C GLY A 48 14.45 -18.92 -1.32
N GLU A 49 13.29 -18.30 -1.06
CA GLU A 49 12.49 -18.62 0.11
C GLU A 49 11.02 -18.32 -0.14
N GLU A 50 10.20 -19.36 -0.14
CA GLU A 50 8.76 -19.21 -0.36
C GLU A 50 8.07 -18.69 0.89
N VAL A 51 7.47 -17.51 0.80
CA VAL A 51 6.77 -16.91 1.92
C VAL A 51 5.32 -16.61 1.56
N GLN A 52 4.43 -16.75 2.55
CA GLN A 52 3.01 -16.49 2.34
C GLN A 52 2.68 -15.03 2.61
N ILE A 53 2.05 -14.38 1.63
CA ILE A 53 1.68 -12.98 1.76
C ILE A 53 0.17 -12.82 1.91
N ASP A 54 -0.24 -11.98 2.85
CA ASP A 54 -1.66 -11.74 3.09
C ASP A 54 -2.00 -10.28 2.81
N ILE A 55 -2.81 -10.05 1.78
CA ILE A 55 -3.21 -8.70 1.41
C ILE A 55 -4.63 -8.40 1.88
N LEU A 56 -4.84 -7.19 2.37
CA LEU A 56 -6.15 -6.76 2.86
C LEU A 56 -6.47 -5.34 2.38
N ASP A 57 -7.40 -5.25 1.43
CA ASP A 57 -7.80 -3.94 0.89
C ASP A 57 -8.88 -3.30 1.75
N THR A 58 -8.74 -2.01 2.01
CA THR A 58 -9.71 -1.29 2.82
C THR A 58 -10.58 -0.37 1.96
N ALA A 59 -11.72 0.02 2.50
CA ALA A 59 -12.65 0.89 1.79
C ALA A 59 -12.70 2.27 2.45
N GLY A 60 -13.73 3.05 2.13
CA GLY A 60 -13.88 4.37 2.70
C GLY A 60 -13.95 4.33 4.21
N LEU A 61 -12.80 4.42 4.86
CA LEU A 61 -12.73 4.38 6.32
C LEU A 61 -12.99 5.75 6.92
N GLU A 62 -13.53 6.66 6.12
CA GLU A 62 -13.82 8.01 6.59
C GLU A 62 -15.28 8.14 7.03
N ASP A 63 -15.95 7.00 7.16
CA ASP A 63 -17.35 6.99 7.58
C ASP A 63 -17.50 6.31 8.93
N TYR A 64 -16.38 5.98 9.55
CA TYR A 64 -16.40 5.33 10.86
C TYR A 64 -15.79 6.23 11.92
N ALA A 65 -15.94 5.84 13.19
CA ALA A 65 -15.42 6.62 14.30
C ALA A 65 -13.91 6.45 14.43
N ALA A 66 -13.46 5.20 14.54
CA ALA A 66 -12.04 4.91 14.68
C ALA A 66 -11.73 3.43 14.44
N ILE A 67 -12.68 2.73 13.83
CA ILE A 67 -12.51 1.30 13.54
C ILE A 67 -11.27 1.07 12.66
N ARG A 68 -10.79 2.14 12.03
CA ARG A 68 -9.63 2.06 11.16
C ARG A 68 -8.46 1.37 11.85
N ASP A 69 -8.31 1.63 13.14
CA ASP A 69 -7.23 1.03 13.93
C ASP A 69 -7.25 -0.49 13.83
N ASN A 70 -8.45 -1.06 13.77
CA ASN A 70 -8.61 -2.51 13.67
C ASN A 70 -7.89 -3.07 12.45
N TYR A 71 -8.03 -2.37 11.32
CA TYR A 71 -7.40 -2.82 10.08
C TYR A 71 -5.88 -2.74 10.15
N PHE A 72 -5.36 -1.66 10.72
CA PHE A 72 -3.92 -1.50 10.86
C PHE A 72 -3.32 -2.60 11.72
N ARG A 73 -4.16 -3.22 12.54
CA ARG A 73 -3.73 -4.29 13.42
C ARG A 73 -3.74 -5.63 12.69
N SER A 74 -4.46 -5.70 11.57
CA SER A 74 -4.55 -6.92 10.78
C SER A 74 -3.34 -7.09 9.87
N GLY A 75 -2.39 -6.17 9.97
CA GLY A 75 -1.21 -6.25 9.12
C GLY A 75 0.00 -5.57 9.75
N GLU A 76 1.18 -5.99 9.32
CA GLU A 76 2.43 -5.42 9.81
C GLU A 76 2.96 -4.34 8.89
N GLY A 77 2.82 -4.57 7.59
CA GLY A 77 3.29 -3.61 6.60
C GLY A 77 2.18 -2.67 6.15
N PHE A 78 2.58 -1.54 5.56
CA PHE A 78 1.63 -0.56 5.08
C PHE A 78 2.04 -0.01 3.72
N LEU A 79 1.14 -0.10 2.74
CA LEU A 79 1.41 0.37 1.39
C LEU A 79 0.55 1.59 1.06
N LEU A 80 1.17 2.77 1.11
CA LEU A 80 0.45 4.02 0.83
C LEU A 80 0.39 4.28 -0.68
N VAL A 81 -0.79 4.64 -1.18
CA VAL A 81 -0.95 4.92 -2.60
C VAL A 81 -1.91 6.09 -2.83
N PHE A 82 -1.44 7.14 -3.50
CA PHE A 82 -2.27 8.29 -3.80
C PHE A 82 -2.38 8.50 -5.31
N SER A 83 -3.50 9.05 -5.75
CA SER A 83 -3.73 9.30 -7.17
C SER A 83 -3.22 10.68 -7.57
N ILE A 84 -2.63 10.75 -8.76
CA ILE A 84 -2.10 12.00 -9.28
C ILE A 84 -3.23 12.88 -9.82
N THR A 85 -4.31 12.24 -10.25
CA THR A 85 -5.46 12.96 -10.77
C THR A 85 -6.25 13.63 -9.67
N GLU A 86 -6.06 13.14 -8.44
CA GLU A 86 -6.76 13.70 -7.29
C GLU A 86 -5.77 14.15 -6.21
N HIS A 87 -5.59 15.46 -6.11
CA HIS A 87 -4.67 16.05 -5.13
C HIS A 87 -5.12 15.75 -3.71
N GLU A 88 -6.38 15.34 -3.56
CA GLU A 88 -6.95 15.04 -2.25
C GLU A 88 -6.33 13.77 -1.67
N SER A 89 -5.88 12.89 -2.56
CA SER A 89 -5.29 11.62 -2.14
C SER A 89 -3.92 11.84 -1.52
N PHE A 90 -3.05 12.52 -2.25
CA PHE A 90 -1.69 12.79 -1.79
C PHE A 90 -1.68 13.37 -0.37
N THR A 91 -2.64 14.24 -0.10
CA THR A 91 -2.75 14.89 1.22
C THR A 91 -3.25 13.93 2.29
N ALA A 92 -4.40 13.30 2.04
CA ALA A 92 -4.98 12.37 3.01
C ALA A 92 -4.04 11.21 3.27
N THR A 93 -3.34 10.78 2.23
CA THR A 93 -2.39 9.68 2.35
C THR A 93 -1.29 10.02 3.34
N ALA A 94 -0.95 11.30 3.41
CA ALA A 94 0.10 11.77 4.30
C ALA A 94 -0.38 11.79 5.75
N GLU A 95 -1.60 12.25 5.95
CA GLU A 95 -2.19 12.34 7.29
C GLU A 95 -2.32 10.96 7.93
N PHE A 96 -2.68 9.97 7.12
CA PHE A 96 -2.86 8.60 7.60
C PHE A 96 -1.63 8.09 8.33
N ARG A 97 -0.46 8.67 8.04
CA ARG A 97 0.78 8.27 8.69
C ARG A 97 0.62 8.18 10.20
N GLU A 98 0.08 9.24 10.79
CA GLU A 98 -0.14 9.28 12.24
C GLU A 98 -1.11 8.19 12.68
N GLN A 99 -2.08 7.90 11.83
CA GLN A 99 -3.08 6.87 12.13
C GLN A 99 -2.43 5.48 12.14
N ILE A 100 -1.44 5.31 11.29
CA ILE A 100 -0.72 4.05 11.18
C ILE A 100 0.11 3.78 12.44
N LEU A 101 0.70 4.85 12.98
CA LEU A 101 1.52 4.75 14.17
C LEU A 101 0.70 4.39 15.41
N ARG A 102 -0.59 4.73 15.38
CA ARG A 102 -1.48 4.46 16.51
C ARG A 102 -1.37 3.01 16.98
N VAL A 103 -1.49 2.08 16.05
CA VAL A 103 -1.41 0.66 16.38
C VAL A 103 0.00 0.30 16.84
N LYS A 104 0.99 0.66 16.05
CA LYS A 104 2.38 0.40 16.38
C LYS A 104 2.94 1.52 17.25
N ALA A 105 2.23 1.83 18.33
CA ALA A 105 2.64 2.88 19.25
C ALA A 105 4.10 2.74 19.66
N GLU A 106 4.52 1.50 19.93
CA GLU A 106 5.90 1.23 20.31
C GLU A 106 6.86 1.81 19.28
N GLU A 107 6.55 1.59 18.01
CA GLU A 107 7.36 2.08 16.90
C GLU A 107 8.80 1.61 17.00
N ASP A 108 9.14 0.63 16.16
CA ASP A 108 10.48 0.09 16.12
C ASP A 108 10.95 -0.01 14.67
N LYS A 109 10.14 -0.65 13.84
CA LYS A 109 10.44 -0.81 12.41
C LYS A 109 9.15 -0.80 11.61
N ILE A 110 8.61 0.41 11.38
CA ILE A 110 7.37 0.57 10.63
C ILE A 110 7.60 0.46 9.12
N PRO A 111 7.09 -0.60 8.48
CA PRO A 111 7.23 -0.80 7.04
C PRO A 111 6.28 0.10 6.25
N LEU A 112 6.82 0.86 5.30
CA LEU A 112 6.01 1.76 4.49
C LEU A 112 6.56 1.91 3.08
N LEU A 113 5.66 2.17 2.14
CA LEU A 113 6.04 2.35 0.74
C LEU A 113 4.93 3.11 0.01
N VAL A 114 5.30 4.23 -0.61
CA VAL A 114 4.34 5.06 -1.32
C VAL A 114 4.35 4.78 -2.83
N VAL A 115 3.17 4.82 -3.43
CA VAL A 115 3.03 4.58 -4.86
C VAL A 115 1.99 5.52 -5.48
N GLY A 116 2.11 5.76 -6.77
CA GLY A 116 1.17 6.65 -7.46
C GLY A 116 0.35 5.91 -8.50
N ASN A 117 -0.96 6.15 -8.50
CA ASN A 117 -1.85 5.52 -9.45
C ASN A 117 -2.22 6.48 -10.56
N LYS A 118 -3.13 6.05 -11.44
CA LYS A 118 -3.57 6.87 -12.56
C LYS A 118 -2.39 7.34 -13.42
N SER A 119 -1.29 6.60 -13.35
CA SER A 119 -0.09 6.94 -14.10
C SER A 119 -0.38 6.97 -15.60
N ASP A 120 -1.48 6.35 -16.01
CA ASP A 120 -1.86 6.32 -17.41
C ASP A 120 -2.44 7.66 -17.86
N LEU A 121 -2.30 8.67 -17.00
CA LEU A 121 -2.80 10.01 -17.30
C LEU A 121 -1.73 11.07 -17.02
N GLU A 122 -0.75 11.17 -17.92
CA GLU A 122 0.33 12.13 -17.76
C GLU A 122 -0.18 13.56 -18.03
N GLU A 123 -1.31 13.66 -18.72
CA GLU A 123 -1.89 14.95 -19.05
C GLU A 123 -2.74 15.48 -17.89
N ARG A 124 -3.22 14.56 -17.06
CA ARG A 124 -4.04 14.92 -15.91
C ARG A 124 -3.24 14.84 -14.62
N ARG A 125 -1.97 14.46 -14.72
CA ARG A 125 -1.11 14.34 -13.56
C ARG A 125 -0.95 15.70 -12.87
N GLN A 126 -1.58 15.84 -11.70
CA GLN A 126 -1.53 17.09 -10.95
C GLN A 126 -0.33 17.09 -9.99
N VAL A 127 0.09 15.90 -9.57
CA VAL A 127 1.22 15.77 -8.66
C VAL A 127 2.47 15.34 -9.41
N PRO A 128 3.41 16.26 -9.67
CA PRO A 128 4.66 15.93 -10.37
C PRO A 128 5.40 14.78 -9.68
N VAL A 129 5.78 13.78 -10.46
CA VAL A 129 6.48 12.62 -9.92
C VAL A 129 7.69 13.04 -9.09
N GLU A 130 8.48 13.98 -9.61
CA GLU A 130 9.67 14.47 -8.92
C GLU A 130 9.30 15.09 -7.58
N GLU A 131 8.31 15.98 -7.60
CA GLU A 131 7.86 16.66 -6.38
C GLU A 131 7.31 15.64 -5.39
N ALA A 132 6.80 14.52 -5.90
CA ALA A 132 6.24 13.47 -5.06
C ALA A 132 7.36 12.66 -4.42
N ARG A 133 8.50 12.55 -5.11
CA ARG A 133 9.64 11.79 -4.61
C ARG A 133 10.26 12.50 -3.41
N SER A 134 10.36 13.82 -3.49
CA SER A 134 10.95 14.61 -2.41
C SER A 134 10.13 14.50 -1.13
N LYS A 135 8.83 14.75 -1.25
CA LYS A 135 7.93 14.68 -0.09
C LYS A 135 7.86 13.27 0.46
N ALA A 136 7.84 12.28 -0.43
CA ALA A 136 7.77 10.88 -0.05
C ALA A 136 9.03 10.45 0.68
N GLU A 137 10.17 10.96 0.22
CA GLU A 137 11.46 10.65 0.81
C GLU A 137 11.47 11.00 2.31
N GLU A 138 10.73 12.04 2.67
CA GLU A 138 10.64 12.48 4.05
C GLU A 138 10.22 11.32 4.96
N TRP A 139 9.24 10.54 4.51
CA TRP A 139 8.75 9.40 5.28
C TRP A 139 9.78 8.28 5.32
N GLY A 140 10.91 8.50 4.66
CA GLY A 140 11.95 7.50 4.62
C GLY A 140 11.65 6.39 3.63
N VAL A 141 10.91 6.73 2.58
CA VAL A 141 10.54 5.76 1.56
C VAL A 141 10.72 6.33 0.16
N GLN A 142 10.79 5.44 -0.82
CA GLN A 142 10.96 5.84 -2.21
C GLN A 142 9.61 5.74 -2.94
N TYR A 143 9.23 6.79 -3.63
CA TYR A 143 7.96 6.81 -4.35
C TYR A 143 8.14 6.43 -5.81
N VAL A 144 7.15 5.74 -6.36
CA VAL A 144 7.19 5.32 -7.76
C VAL A 144 5.82 5.41 -8.41
N GLU A 145 5.80 5.62 -9.72
CA GLU A 145 4.56 5.74 -10.47
C GLU A 145 4.09 4.38 -10.98
N THR A 146 2.78 4.18 -11.04
CA THR A 146 2.22 2.92 -11.50
C THR A 146 0.84 3.12 -12.12
N SER A 147 0.50 2.26 -13.09
CA SER A 147 -0.79 2.34 -13.76
C SER A 147 -1.59 1.06 -13.49
N ALA A 148 -2.67 1.20 -12.72
CA ALA A 148 -3.52 0.06 -12.37
C ALA A 148 -4.25 -0.47 -13.60
N LYS A 149 -4.08 0.19 -14.73
CA LYS A 149 -4.72 -0.22 -15.96
C LYS A 149 -3.87 -1.25 -16.71
N THR A 150 -2.58 -0.95 -16.85
CA THR A 150 -1.67 -1.85 -17.55
C THR A 150 -0.92 -2.75 -16.56
N ARG A 151 -1.18 -2.54 -15.26
CA ARG A 151 -0.54 -3.32 -14.19
C ARG A 151 0.88 -3.71 -14.55
N ALA A 152 1.64 -2.75 -15.08
CA ALA A 152 3.02 -3.00 -15.48
C ALA A 152 3.97 -3.05 -14.30
N ASN A 153 3.99 -1.99 -13.49
CA ASN A 153 4.88 -1.92 -12.34
C ASN A 153 4.13 -1.97 -11.02
N VAL A 154 2.86 -2.35 -11.06
CA VAL A 154 2.05 -2.44 -9.84
C VAL A 154 2.57 -3.54 -8.92
N ASP A 155 3.09 -4.61 -9.51
CA ASP A 155 3.62 -5.73 -8.75
C ASP A 155 4.95 -5.39 -8.09
N LYS A 156 5.67 -4.43 -8.68
CA LYS A 156 6.97 -4.00 -8.16
C LYS A 156 6.86 -3.42 -6.76
N VAL A 157 5.75 -2.74 -6.48
CA VAL A 157 5.55 -2.10 -5.18
C VAL A 157 5.23 -3.13 -4.10
N PHE A 158 4.56 -4.22 -4.49
CA PHE A 158 4.21 -5.27 -3.55
C PHE A 158 5.44 -6.10 -3.19
N PHE A 159 6.25 -6.44 -4.19
CA PHE A 159 7.45 -7.22 -3.97
C PHE A 159 8.52 -6.40 -3.27
N ASP A 160 8.55 -5.10 -3.55
CA ASP A 160 9.53 -4.21 -2.94
C ASP A 160 9.35 -4.17 -1.42
N LEU A 161 8.13 -3.89 -0.99
CA LEU A 161 7.81 -3.82 0.44
C LEU A 161 8.01 -5.18 1.11
N MET A 162 7.75 -6.25 0.35
CA MET A 162 7.89 -7.61 0.86
C MET A 162 9.30 -7.84 1.42
N ARG A 163 10.31 -7.44 0.66
CA ARG A 163 11.70 -7.60 1.08
C ARG A 163 11.97 -6.79 2.35
N GLU A 164 11.33 -5.64 2.47
CA GLU A 164 11.51 -4.78 3.62
C GLU A 164 10.94 -5.43 4.88
N ILE A 165 9.74 -5.98 4.77
CA ILE A 165 9.09 -6.62 5.90
C ILE A 165 9.93 -7.78 6.42
N ARG A 166 10.66 -8.43 5.53
CA ARG A 166 11.51 -9.55 5.91
C ARG A 166 12.77 -9.09 6.63
N THR A 167 13.49 -8.16 6.03
CA THR A 167 14.73 -7.65 6.61
C THR A 167 14.52 -6.50 7.59
N LYS A 168 13.92 -5.41 7.11
CA LYS A 168 13.70 -4.21 7.94
C LYS A 168 12.80 -4.47 9.15
N LYS A 169 11.62 -5.02 8.91
CA LYS A 169 10.67 -5.27 9.99
C LYS A 169 11.23 -6.25 11.03
N MET A 170 11.76 -7.36 10.54
CA MET A 170 12.33 -8.37 11.43
C MET A 170 13.66 -7.92 12.03
N SER A 171 14.21 -6.84 11.48
CA SER A 171 15.48 -6.31 11.97
C SER A 171 15.39 -5.96 13.45
N GLU A 172 14.51 -5.03 13.79
CA GLU A 172 14.31 -4.61 15.17
C GLU A 172 15.63 -4.25 15.83
N ASN A 173 16.60 -3.82 15.01
CA ASN A 173 17.92 -3.43 15.50
C ASN A 173 18.65 -4.62 16.12
N LYS A 174 18.30 -4.94 17.37
CA LYS A 174 18.92 -6.05 18.09
C LYS A 174 20.43 -5.85 18.21
PG GNP B . -13.60 2.63 -2.53
O1G GNP B . -14.70 3.34 -3.22
O2G GNP B . -13.79 1.03 -2.61
O3G GNP B . -13.45 3.11 -1.02
N3B GNP B . -12.10 2.96 -3.22
PB GNP B . -12.08 2.63 -4.86
O1B GNP B . -11.27 3.67 -5.55
O2B GNP B . -11.72 1.21 -5.05
O3A GNP B . -13.60 2.83 -5.30
PA GNP B . -13.96 3.42 -6.73
O1A GNP B . -15.39 3.11 -7.03
O2A GNP B . -13.49 4.83 -6.80
O5' GNP B . -13.04 2.54 -7.70
C5' GNP B . -12.06 3.15 -8.54
C4' GNP B . -12.28 2.73 -9.98
O4' GNP B . -11.54 3.65 -10.84
C3' GNP B . -11.76 1.35 -10.33
O3' GNP B . -12.76 0.36 -10.14
C2' GNP B . -11.38 1.49 -11.80
O2' GNP B . -12.51 1.39 -12.65
C1' GNP B . -10.85 2.93 -11.83
N9 GNP B . -9.42 3.03 -11.58
C8 GNP B . -8.77 2.89 -10.38
N7 GNP B . -7.48 3.05 -10.45
C5 GNP B . -7.26 3.31 -11.79
C6 GNP B . -6.04 3.58 -12.48
O6 GNP B . -4.90 3.62 -12.03
N1 GNP B . -6.25 3.79 -13.84
C2 GNP B . -7.49 3.76 -14.45
N2 GNP B . -7.50 3.99 -15.77
N3 GNP B . -8.62 3.52 -13.82
C4 GNP B . -8.44 3.31 -12.50
HNB3 GNP B . -11.41 2.42 -2.78
H5'2 GNP B . -11.06 2.85 -8.21
H5'1 GNP B . -12.14 4.24 -8.47
H4' GNP B . -13.35 2.73 -10.16
H3' GNP B . -10.92 1.06 -9.71
HO3' GNP B . -13.61 0.79 -10.25
H2' GNP B . -10.60 0.77 -12.05
HO2' GNP B . -12.19 1.43 -13.55
H1' GNP B . -11.06 3.42 -12.79
H8 GNP B . -9.30 2.67 -9.45
HN1 GNP B . -5.44 3.99 -14.41
HN21 GNP B . -8.37 3.99 -16.28
HN22 GNP B . -6.62 4.19 -16.26
MG MG C . -12.32 -0.45 -3.58
N LEU A 1 7.22 -21.35 6.08
CA LEU A 1 6.90 -20.27 5.11
C LEU A 1 6.48 -19.00 5.85
N ALA A 2 7.35 -18.00 5.83
CA ALA A 2 7.06 -16.73 6.48
C ALA A 2 5.77 -16.12 5.93
N LEU A 3 4.88 -15.72 6.83
CA LEU A 3 3.61 -15.14 6.44
C LEU A 3 3.55 -13.66 6.81
N HIS A 4 3.56 -12.80 5.79
CA HIS A 4 3.51 -11.36 6.00
C HIS A 4 2.12 -10.81 5.69
N LYS A 5 1.67 -9.86 6.47
CA LYS A 5 0.35 -9.26 6.27
C LYS A 5 0.46 -7.77 5.91
N VAL A 6 0.24 -7.47 4.64
CA VAL A 6 0.32 -6.10 4.16
C VAL A 6 -1.08 -5.48 4.04
N ILE A 7 -1.23 -4.28 4.57
CA ILE A 7 -2.51 -3.58 4.52
C ILE A 7 -2.58 -2.64 3.33
N MET A 8 -3.71 -2.66 2.64
CA MET A 8 -3.89 -1.82 1.46
C MET A 8 -4.44 -0.45 1.88
N VAL A 9 -3.55 0.47 2.17
CA VAL A 9 -3.93 1.82 2.57
C VAL A 9 -3.65 2.82 1.45
N GLY A 10 -4.29 3.98 1.52
CA GLY A 10 -4.10 4.99 0.50
C GLY A 10 -5.23 6.01 0.45
N SER A 11 -5.15 7.01 1.33
CA SER A 11 -6.18 8.05 1.39
C SER A 11 -7.53 7.47 1.77
N GLY A 12 -8.24 6.95 0.78
CA GLY A 12 -9.55 6.37 1.02
C GLY A 12 -10.17 5.83 -0.26
N GLY A 13 -10.85 6.71 -1.00
CA GLY A 13 -11.47 6.30 -2.25
C GLY A 13 -10.56 6.53 -3.45
N VAL A 14 -9.46 5.77 -3.50
CA VAL A 14 -8.51 5.90 -4.59
C VAL A 14 -8.56 4.68 -5.52
N GLY A 15 -8.32 3.50 -4.94
CA GLY A 15 -8.34 2.28 -5.73
C GLY A 15 -7.50 1.19 -5.10
N LYS A 16 -7.42 1.20 -3.79
CA LYS A 16 -6.64 0.22 -3.04
C LYS A 16 -6.92 -1.21 -3.53
N SER A 17 -8.19 -1.51 -3.78
CA SER A 17 -8.60 -2.83 -4.26
C SER A 17 -8.14 -3.07 -5.69
N ALA A 18 -8.06 -1.99 -6.46
CA ALA A 18 -7.66 -2.08 -7.87
C ALA A 18 -6.27 -2.65 -7.98
N LEU A 19 -5.33 -2.05 -7.25
CA LEU A 19 -3.96 -2.54 -7.26
C LEU A 19 -3.93 -3.94 -6.67
N THR A 20 -4.94 -4.22 -5.84
CA THR A 20 -5.05 -5.52 -5.19
C THR A 20 -5.40 -6.62 -6.18
N LEU A 21 -6.38 -6.36 -7.04
CA LEU A 21 -6.82 -7.34 -8.03
C LEU A 21 -5.77 -7.54 -9.12
N GLN A 22 -5.16 -6.44 -9.55
CA GLN A 22 -4.14 -6.49 -10.59
C GLN A 22 -2.99 -7.41 -10.18
N PHE A 23 -2.59 -7.33 -8.92
CA PHE A 23 -1.50 -8.15 -8.40
C PHE A 23 -1.91 -9.61 -8.27
N MET A 24 -3.21 -9.86 -8.13
CA MET A 24 -3.73 -11.22 -7.96
C MET A 24 -3.83 -11.99 -9.28
N TYR A 25 -4.43 -11.38 -10.31
CA TYR A 25 -4.59 -12.06 -11.59
C TYR A 25 -3.71 -11.46 -12.69
N ASP A 26 -2.98 -10.41 -12.36
CA ASP A 26 -2.10 -9.77 -13.34
C ASP A 26 -2.89 -9.36 -14.59
N GLU A 27 -4.16 -9.00 -14.39
CA GLU A 27 -5.02 -8.60 -15.49
C GLU A 27 -6.11 -7.65 -15.01
N PHE A 28 -6.53 -6.73 -15.88
CA PHE A 28 -7.56 -5.78 -15.53
C PHE A 28 -8.94 -6.27 -15.99
N VAL A 29 -9.78 -6.61 -15.02
CA VAL A 29 -11.13 -7.10 -15.33
C VAL A 29 -12.17 -6.43 -14.44
N GLU A 30 -13.34 -6.16 -15.00
CA GLU A 30 -14.42 -5.52 -14.26
C GLU A 30 -14.94 -6.42 -13.15
N ASP A 31 -14.56 -6.11 -11.90
CA ASP A 31 -15.00 -6.89 -10.75
C ASP A 31 -15.26 -6.00 -9.55
N TYR A 32 -15.80 -6.59 -8.49
CA TYR A 32 -16.10 -5.84 -7.27
C TYR A 32 -16.30 -6.79 -6.09
N GLU A 33 -15.28 -6.89 -5.23
CA GLU A 33 -15.35 -7.76 -4.06
C GLU A 33 -15.14 -6.97 -2.77
N PRO A 34 -16.23 -6.62 -2.06
CA PRO A 34 -16.14 -5.86 -0.81
C PRO A 34 -15.36 -6.62 0.25
N THR A 35 -14.81 -5.88 1.22
CA THR A 35 -14.04 -6.47 2.30
C THR A 35 -14.94 -7.25 3.25
N LYS A 36 -15.03 -8.56 3.03
CA LYS A 36 -15.86 -9.42 3.87
C LYS A 36 -15.01 -10.12 4.92
N ALA A 37 -14.01 -9.40 5.45
CA ALA A 37 -13.13 -9.94 6.47
C ALA A 37 -12.28 -11.08 5.91
N ASP A 38 -12.36 -11.30 4.60
CA ASP A 38 -11.60 -12.36 3.95
C ASP A 38 -10.35 -11.78 3.30
N SER A 39 -9.19 -12.34 3.64
CA SER A 39 -7.93 -11.88 3.09
C SER A 39 -7.46 -12.80 1.97
N TYR A 40 -6.56 -12.28 1.13
CA TYR A 40 -6.02 -13.06 0.01
C TYR A 40 -4.66 -13.63 0.37
N ARG A 41 -4.35 -14.82 -0.17
CA ARG A 41 -3.08 -15.47 0.10
C ARG A 41 -2.57 -16.20 -1.15
N LYS A 42 -1.28 -16.10 -1.40
CA LYS A 42 -0.66 -16.75 -2.56
C LYS A 42 0.81 -17.05 -2.28
N LYS A 43 1.24 -18.25 -2.68
CA LYS A 43 2.62 -18.67 -2.48
C LYS A 43 3.50 -18.26 -3.65
N VAL A 44 4.51 -17.45 -3.36
CA VAL A 44 5.44 -16.98 -4.39
C VAL A 44 6.87 -16.95 -3.87
N VAL A 45 7.82 -17.27 -4.74
CA VAL A 45 9.23 -17.29 -4.37
C VAL A 45 9.82 -15.88 -4.35
N LEU A 46 10.72 -15.64 -3.41
CA LEU A 46 11.37 -14.33 -3.28
C LEU A 46 12.85 -14.50 -2.92
N ASP A 47 13.72 -14.18 -3.89
CA ASP A 47 15.15 -14.29 -3.68
C ASP A 47 15.53 -15.70 -3.26
N GLY A 48 14.77 -16.68 -3.74
CA GLY A 48 15.04 -18.07 -3.39
C GLY A 48 14.16 -18.57 -2.26
N GLU A 49 13.79 -17.67 -1.36
CA GLU A 49 12.95 -18.03 -0.22
C GLU A 49 11.48 -17.68 -0.50
N GLU A 50 10.63 -18.70 -0.50
CA GLU A 50 9.20 -18.52 -0.74
C GLU A 50 8.47 -18.14 0.55
N VAL A 51 7.65 -17.10 0.47
CA VAL A 51 6.87 -16.64 1.62
C VAL A 51 5.45 -16.31 1.21
N GLN A 52 4.51 -16.50 2.13
CA GLN A 52 3.10 -16.23 1.88
C GLN A 52 2.77 -14.76 2.14
N ILE A 53 2.02 -14.15 1.22
CA ILE A 53 1.63 -12.75 1.36
C ILE A 53 0.13 -12.63 1.65
N ASP A 54 -0.23 -11.70 2.52
CA ASP A 54 -1.63 -11.49 2.89
C ASP A 54 -2.06 -10.06 2.59
N ILE A 55 -2.97 -9.91 1.64
CA ILE A 55 -3.48 -8.59 1.27
C ILE A 55 -4.91 -8.39 1.75
N LEU A 56 -5.16 -7.27 2.43
CA LEU A 56 -6.48 -6.96 2.94
C LEU A 56 -6.86 -5.53 2.58
N ASP A 57 -7.76 -5.39 1.60
CA ASP A 57 -8.21 -4.07 1.15
C ASP A 57 -9.12 -3.42 2.19
N THR A 58 -9.05 -2.10 2.28
CA THR A 58 -9.87 -1.35 3.22
C THR A 58 -10.69 -0.29 2.49
N ALA A 59 -12.01 -0.48 2.47
CA ALA A 59 -12.91 0.47 1.81
C ALA A 59 -12.83 1.85 2.45
N GLY A 60 -13.53 2.81 1.86
CA GLY A 60 -13.52 4.16 2.40
C GLY A 60 -14.45 4.31 3.59
N LEU A 61 -13.87 4.59 4.76
CA LEU A 61 -14.64 4.76 5.98
C LEU A 61 -15.33 6.13 6.00
N GLU A 62 -14.55 7.18 6.23
CA GLU A 62 -15.06 8.55 6.27
C GLU A 62 -16.06 8.75 7.40
N ASP A 63 -15.81 9.75 8.23
CA ASP A 63 -16.69 10.07 9.36
C ASP A 63 -16.85 8.88 10.30
N TYR A 64 -15.89 8.73 11.22
CA TYR A 64 -15.92 7.64 12.19
C TYR A 64 -15.12 8.03 13.43
N ALA A 65 -15.14 7.16 14.44
CA ALA A 65 -14.43 7.43 15.69
C ALA A 65 -12.94 7.21 15.52
N ALA A 66 -12.54 6.02 15.07
CA ALA A 66 -11.14 5.67 14.86
C ALA A 66 -11.00 4.22 14.41
N ILE A 67 -12.07 3.67 13.84
CA ILE A 67 -12.07 2.30 13.36
C ILE A 67 -10.92 2.05 12.39
N ARG A 68 -10.37 3.14 11.84
CA ARG A 68 -9.27 3.05 10.90
C ARG A 68 -8.07 2.33 11.53
N ASP A 69 -7.66 2.80 12.70
CA ASP A 69 -6.53 2.22 13.42
C ASP A 69 -6.76 0.72 13.67
N ASN A 70 -8.00 0.34 13.93
CA ASN A 70 -8.35 -1.05 14.20
C ASN A 70 -7.81 -1.97 13.11
N TYR A 71 -7.79 -1.49 11.88
CA TYR A 71 -7.32 -2.29 10.75
C TYR A 71 -5.79 -2.26 10.65
N PHE A 72 -5.21 -1.10 10.85
CA PHE A 72 -3.75 -0.95 10.78
C PHE A 72 -3.05 -1.70 11.89
N ARG A 73 -3.81 -2.11 12.91
CA ARG A 73 -3.24 -2.84 14.03
C ARG A 73 -3.10 -4.33 13.71
N SER A 74 -3.99 -4.83 12.86
CA SER A 74 -3.96 -6.24 12.47
C SER A 74 -2.99 -6.49 11.32
N GLY A 75 -2.19 -5.47 11.01
CA GLY A 75 -1.22 -5.60 9.93
C GLY A 75 0.16 -5.11 10.33
N GLU A 76 1.19 -5.76 9.80
CA GLU A 76 2.57 -5.39 10.08
C GLU A 76 3.09 -4.41 9.05
N GLY A 77 2.88 -4.74 7.77
CA GLY A 77 3.33 -3.87 6.71
C GLY A 77 2.24 -2.94 6.21
N PHE A 78 2.64 -1.79 5.69
CA PHE A 78 1.68 -0.82 5.18
C PHE A 78 2.09 -0.32 3.80
N LEU A 79 1.14 -0.31 2.87
CA LEU A 79 1.40 0.14 1.51
C LEU A 79 0.49 1.32 1.14
N LEU A 80 1.07 2.52 1.07
CA LEU A 80 0.31 3.72 0.75
C LEU A 80 0.15 3.85 -0.77
N VAL A 81 -1.09 4.05 -1.22
CA VAL A 81 -1.37 4.19 -2.64
C VAL A 81 -2.33 5.35 -2.92
N PHE A 82 -1.87 6.33 -3.69
CA PHE A 82 -2.71 7.47 -4.05
C PHE A 82 -2.65 7.76 -5.53
N SER A 83 -3.68 8.41 -6.06
CA SER A 83 -3.74 8.75 -7.47
C SER A 83 -3.29 10.18 -7.72
N ILE A 84 -2.74 10.44 -8.89
CA ILE A 84 -2.27 11.77 -9.25
C ILE A 84 -3.43 12.67 -9.65
N THR A 85 -4.41 12.09 -10.34
CA THR A 85 -5.58 12.84 -10.79
C THR A 85 -6.35 13.44 -9.61
N GLU A 86 -6.26 12.78 -8.46
CA GLU A 86 -6.96 13.24 -7.26
C GLU A 86 -5.97 13.75 -6.22
N HIS A 87 -5.81 15.07 -6.16
CA HIS A 87 -4.90 15.69 -5.20
C HIS A 87 -5.35 15.41 -3.77
N GLU A 88 -6.61 15.00 -3.62
CA GLU A 88 -7.17 14.70 -2.31
C GLU A 88 -6.57 13.41 -1.75
N SER A 89 -6.15 12.52 -2.64
CA SER A 89 -5.56 11.25 -2.24
C SER A 89 -4.21 11.46 -1.58
N PHE A 90 -3.33 12.19 -2.27
CA PHE A 90 -1.99 12.47 -1.77
C PHE A 90 -2.04 13.12 -0.39
N THR A 91 -3.04 13.97 -0.18
CA THR A 91 -3.20 14.68 1.09
C THR A 91 -3.69 13.75 2.20
N ALA A 92 -4.80 13.07 1.94
CA ALA A 92 -5.37 12.14 2.92
C ALA A 92 -4.40 11.03 3.25
N THR A 93 -3.63 10.60 2.25
CA THR A 93 -2.65 9.54 2.45
C THR A 93 -1.64 9.95 3.51
N ALA A 94 -1.25 11.22 3.47
CA ALA A 94 -0.29 11.75 4.43
C ALA A 94 -0.94 11.87 5.80
N GLU A 95 -2.26 12.03 5.78
CA GLU A 95 -3.04 12.13 7.00
C GLU A 95 -3.13 10.77 7.68
N PHE A 96 -3.17 9.73 6.86
CA PHE A 96 -3.26 8.36 7.36
C PHE A 96 -1.91 7.89 7.89
N ARG A 97 -0.83 8.50 7.38
CA ARG A 97 0.52 8.16 7.80
C ARG A 97 0.65 8.20 9.31
N GLU A 98 0.15 9.27 9.91
CA GLU A 98 0.22 9.44 11.36
C GLU A 98 -0.66 8.41 12.07
N GLN A 99 -1.75 8.03 11.42
CA GLN A 99 -2.67 7.05 11.99
C GLN A 99 -2.03 5.68 12.07
N ILE A 100 -1.10 5.42 11.17
CA ILE A 100 -0.41 4.14 11.11
C ILE A 100 0.47 3.94 12.35
N LEU A 101 1.17 4.98 12.75
CA LEU A 101 2.05 4.93 13.92
C LEU A 101 1.25 4.75 15.22
N ARG A 102 0.01 5.21 15.22
CA ARG A 102 -0.85 5.12 16.41
C ARG A 102 -0.88 3.69 16.96
N VAL A 103 -1.15 2.72 16.10
CA VAL A 103 -1.22 1.32 16.50
C VAL A 103 0.17 0.76 16.79
N LYS A 104 1.19 1.49 16.36
CA LYS A 104 2.57 1.06 16.56
C LYS A 104 3.34 2.10 17.39
N ALA A 105 2.69 2.63 18.41
CA ALA A 105 3.32 3.63 19.27
C ALA A 105 4.33 3.01 20.22
N GLU A 106 4.54 1.70 20.08
CA GLU A 106 5.48 0.98 20.94
C GLU A 106 6.65 0.44 20.13
N GLU A 107 6.40 0.18 18.85
CA GLU A 107 7.43 -0.35 17.96
C GLU A 107 8.23 0.77 17.31
N ASP A 108 9.18 0.40 16.46
CA ASP A 108 10.01 1.37 15.77
C ASP A 108 10.03 1.11 14.27
N LYS A 109 10.46 -0.08 13.89
CA LYS A 109 10.52 -0.46 12.46
C LYS A 109 9.12 -0.60 11.90
N ILE A 110 8.72 0.35 11.06
CA ILE A 110 7.40 0.33 10.45
C ILE A 110 7.51 0.29 8.92
N PRO A 111 7.28 -0.89 8.31
CA PRO A 111 7.35 -1.05 6.84
C PRO A 111 6.35 -0.15 6.13
N LEU A 112 6.84 0.60 5.15
CA LEU A 112 5.99 1.51 4.38
C LEU A 112 6.50 1.67 2.96
N LEU A 113 5.60 2.05 2.06
CA LEU A 113 5.95 2.25 0.65
C LEU A 113 4.88 3.09 -0.04
N VAL A 114 5.30 4.09 -0.79
CA VAL A 114 4.37 4.96 -1.50
C VAL A 114 4.39 4.73 -2.99
N VAL A 115 3.22 4.83 -3.62
CA VAL A 115 3.09 4.64 -5.06
C VAL A 115 2.00 5.53 -5.64
N GLY A 116 2.20 5.95 -6.89
CA GLY A 116 1.23 6.79 -7.55
C GLY A 116 0.46 6.05 -8.63
N ASN A 117 -0.87 6.13 -8.57
CA ASN A 117 -1.71 5.46 -9.54
C ASN A 117 -2.16 6.44 -10.62
N LYS A 118 -2.97 5.95 -11.54
CA LYS A 118 -3.48 6.78 -12.63
C LYS A 118 -2.35 7.46 -13.39
N SER A 119 -1.13 6.91 -13.27
CA SER A 119 0.03 7.47 -13.94
C SER A 119 -0.13 7.41 -15.46
N ASP A 120 -1.14 6.67 -15.91
CA ASP A 120 -1.39 6.55 -17.34
C ASP A 120 -1.83 7.88 -17.92
N LEU A 121 -2.01 8.87 -17.05
CA LEU A 121 -2.42 10.20 -17.46
C LEU A 121 -1.34 11.24 -17.12
N GLU A 122 -0.30 11.30 -17.94
CA GLU A 122 0.79 12.24 -17.71
C GLU A 122 0.35 13.67 -18.01
N GLU A 123 -0.67 13.80 -18.84
CA GLU A 123 -1.19 15.12 -19.21
C GLU A 123 -2.18 15.63 -18.16
N ARG A 124 -2.49 14.78 -17.19
CA ARG A 124 -3.43 15.16 -16.13
C ARG A 124 -2.81 14.96 -14.75
N ARG A 125 -1.50 14.76 -14.70
CA ARG A 125 -0.79 14.58 -13.44
C ARG A 125 -0.63 15.91 -12.71
N GLN A 126 -1.38 16.07 -11.63
CA GLN A 126 -1.33 17.30 -10.84
C GLN A 126 -0.15 17.32 -9.89
N VAL A 127 0.21 16.15 -9.37
CA VAL A 127 1.33 16.04 -8.44
C VAL A 127 2.60 15.58 -9.15
N PRO A 128 3.61 16.47 -9.30
CA PRO A 128 4.87 16.12 -9.95
C PRO A 128 5.55 14.95 -9.27
N VAL A 129 6.06 14.02 -10.06
CA VAL A 129 6.72 12.83 -9.51
C VAL A 129 7.87 13.21 -8.57
N GLU A 130 8.70 14.15 -9.00
CA GLU A 130 9.84 14.59 -8.21
C GLU A 130 9.38 15.24 -6.90
N GLU A 131 8.20 15.85 -6.93
CA GLU A 131 7.65 16.50 -5.74
C GLU A 131 7.12 15.47 -4.75
N ALA A 132 6.65 14.34 -5.27
CA ALA A 132 6.10 13.28 -4.43
C ALA A 132 7.22 12.46 -3.79
N ARG A 133 8.35 12.35 -4.48
CA ARG A 133 9.48 11.58 -3.97
C ARG A 133 10.09 12.24 -2.73
N SER A 134 10.19 13.57 -2.77
CA SER A 134 10.76 14.32 -1.65
C SER A 134 9.88 14.22 -0.40
N LYS A 135 8.60 14.53 -0.56
CA LYS A 135 7.66 14.50 0.55
C LYS A 135 7.58 13.10 1.16
N ALA A 136 7.47 12.09 0.31
CA ALA A 136 7.37 10.70 0.77
C ALA A 136 8.66 10.23 1.40
N GLU A 137 9.80 10.71 0.88
CA GLU A 137 11.10 10.32 1.40
C GLU A 137 11.22 10.70 2.88
N GLU A 138 10.55 11.79 3.26
CA GLU A 138 10.57 12.25 4.64
C GLU A 138 10.21 11.12 5.60
N TRP A 139 9.39 10.18 5.12
CA TRP A 139 8.96 9.06 5.92
C TRP A 139 10.03 7.96 5.95
N GLY A 140 10.82 7.91 4.90
CA GLY A 140 11.88 6.92 4.81
C GLY A 140 11.56 5.85 3.78
N VAL A 141 10.86 6.24 2.72
CA VAL A 141 10.48 5.30 1.66
C VAL A 141 10.77 5.89 0.29
N GLN A 142 10.42 5.12 -0.74
CA GLN A 142 10.62 5.54 -2.12
C GLN A 142 9.28 5.58 -2.85
N TYR A 143 9.13 6.51 -3.79
CA TYR A 143 7.89 6.65 -4.54
C TYR A 143 8.07 6.29 -6.02
N VAL A 144 7.12 5.53 -6.54
CA VAL A 144 7.16 5.11 -7.95
C VAL A 144 5.79 5.25 -8.60
N GLU A 145 5.78 5.40 -9.93
CA GLU A 145 4.54 5.55 -10.68
C GLU A 145 3.98 4.19 -11.09
N THR A 146 2.64 4.12 -11.21
CA THR A 146 1.98 2.88 -11.58
C THR A 146 0.67 3.13 -12.31
N SER A 147 0.11 2.07 -12.88
CA SER A 147 -1.15 2.15 -13.60
C SER A 147 -1.93 0.85 -13.47
N ALA A 148 -3.10 0.92 -12.83
CA ALA A 148 -3.94 -0.25 -12.63
C ALA A 148 -4.46 -0.80 -13.95
N LYS A 149 -4.18 -0.09 -15.04
CA LYS A 149 -4.64 -0.51 -16.36
C LYS A 149 -3.54 -1.31 -17.07
N THR A 150 -2.30 -0.89 -16.88
CA THR A 150 -1.17 -1.58 -17.51
C THR A 150 -0.52 -2.55 -16.54
N ARG A 151 -0.90 -2.46 -15.27
CA ARG A 151 -0.37 -3.32 -14.21
C ARG A 151 1.11 -3.65 -14.44
N ALA A 152 1.86 -2.67 -14.91
CA ALA A 152 3.28 -2.86 -15.19
C ALA A 152 4.12 -2.81 -13.92
N ASN A 153 4.00 -1.71 -13.16
CA ASN A 153 4.78 -1.53 -11.93
C ASN A 153 3.92 -1.76 -10.69
N VAL A 154 2.65 -2.11 -10.89
CA VAL A 154 1.75 -2.35 -9.77
C VAL A 154 2.31 -3.44 -8.85
N ASP A 155 2.79 -4.52 -9.45
CA ASP A 155 3.37 -5.62 -8.69
C ASP A 155 4.74 -5.26 -8.13
N LYS A 156 5.38 -4.26 -8.71
CA LYS A 156 6.70 -3.83 -8.28
C LYS A 156 6.69 -3.35 -6.82
N VAL A 157 5.65 -2.62 -6.44
CA VAL A 157 5.56 -2.11 -5.08
C VAL A 157 5.21 -3.22 -4.09
N PHE A 158 4.51 -4.25 -4.58
CA PHE A 158 4.13 -5.37 -3.73
C PHE A 158 5.36 -6.21 -3.38
N PHE A 159 6.16 -6.51 -4.40
CA PHE A 159 7.38 -7.30 -4.19
C PHE A 159 8.44 -6.49 -3.45
N ASP A 160 8.54 -5.22 -3.80
CA ASP A 160 9.51 -4.33 -3.16
C ASP A 160 9.27 -4.25 -1.66
N LEU A 161 8.03 -3.91 -1.29
CA LEU A 161 7.65 -3.79 0.11
C LEU A 161 7.78 -5.13 0.83
N MET A 162 7.52 -6.22 0.10
CA MET A 162 7.61 -7.56 0.66
C MET A 162 9.00 -7.81 1.24
N ARG A 163 10.03 -7.42 0.50
CA ARG A 163 11.40 -7.60 0.94
C ARG A 163 11.72 -6.68 2.11
N GLU A 164 11.12 -5.49 2.10
CA GLU A 164 11.34 -4.51 3.15
C GLU A 164 10.79 -5.00 4.49
N ILE A 165 9.75 -5.83 4.44
CA ILE A 165 9.14 -6.35 5.66
C ILE A 165 10.02 -7.39 6.33
N ARG A 166 10.40 -8.42 5.58
CA ARG A 166 11.23 -9.49 6.12
C ARG A 166 12.62 -8.99 6.53
N THR A 167 13.06 -7.91 5.90
CA THR A 167 14.37 -7.34 6.21
C THR A 167 14.32 -6.32 7.36
N LYS A 168 13.53 -5.26 7.17
CA LYS A 168 13.42 -4.19 8.17
C LYS A 168 12.64 -4.62 9.42
N LYS A 169 11.43 -5.12 9.23
CA LYS A 169 10.59 -5.53 10.36
C LYS A 169 11.25 -6.63 11.20
N MET A 170 11.60 -7.74 10.55
CA MET A 170 12.22 -8.86 11.26
C MET A 170 13.51 -8.43 11.96
N SER A 171 14.04 -7.28 11.57
CA SER A 171 15.27 -6.78 12.17
C SER A 171 14.99 -6.16 13.54
N GLU A 172 13.99 -5.27 13.58
CA GLU A 172 13.61 -4.59 14.82
C GLU A 172 14.76 -3.75 15.36
N ASN A 173 14.46 -2.91 16.36
CA ASN A 173 15.47 -2.06 16.97
C ASN A 173 16.23 -2.80 18.06
N LYS A 174 15.50 -3.53 18.90
CA LYS A 174 16.11 -4.30 19.98
C LYS A 174 16.75 -5.58 19.45
PG GNP B . -13.94 2.34 -2.89
O1G GNP B . -14.95 3.08 -3.67
O2G GNP B . -14.07 0.75 -3.09
O3G GNP B . -13.98 2.73 -1.35
N3B GNP B . -12.37 2.73 -3.37
PB GNP B . -12.15 2.54 -5.02
O1B GNP B . -11.24 3.61 -5.50
O2B GNP B . -11.76 1.13 -5.28
O3A GNP B . -13.60 2.79 -5.63
PA GNP B . -13.76 3.55 -7.02
O1A GNP B . -15.16 3.40 -7.47
O2A GNP B . -13.18 4.91 -6.88
O5' GNP B . -12.82 2.69 -7.98
C5' GNP B . -11.84 3.32 -8.81
C4' GNP B . -12.08 2.98 -10.26
O4' GNP B . -11.26 3.83 -11.09
C3' GNP B . -11.71 1.56 -10.66
O3' GNP B . -12.82 0.67 -10.51
C2' GNP B . -11.30 1.69 -12.11
O2' GNP B . -12.42 1.71 -12.99
C1' GNP B . -10.64 3.07 -12.12
N9 GNP B . -9.20 3.03 -11.87
C8 GNP B . -8.57 2.70 -10.70
N7 GNP B . -7.27 2.77 -10.78
C5 GNP B . -7.03 3.18 -12.08
C6 GNP B . -5.80 3.42 -12.74
O6 GNP B . -4.65 3.33 -12.30
N1 GNP B . -5.99 3.82 -14.07
C2 GNP B . -7.23 3.97 -14.66
N2 GNP B . -7.22 4.36 -15.94
N3 GNP B . -8.38 3.73 -14.05
C4 GNP B . -8.21 3.34 -12.77
HNB3 GNP B . -11.73 2.17 -2.88
H5'2 GNP B . -10.85 2.99 -8.52
H5'1 GNP B . -11.90 4.40 -8.69
H4' GNP B . -13.16 3.08 -10.45
H3' GNP B . -10.92 1.15 -10.03
HO3' GNP B . -12.47 -0.17 -10.21
H2' GNP B . -10.58 0.92 -12.38
HO2' GNP B . -12.54 0.81 -13.31
H1' GNP B . -10.81 3.60 -13.05
H8 GNP B . -9.10 2.40 -9.81
HN1 GNP B . -5.18 4.02 -14.62
HN21 GNP B . -8.09 4.48 -16.44
HN22 GNP B . -6.33 4.54 -16.40
MG MG C . -12.47 -0.63 -3.98
N LEU A 1 7.17 -21.52 6.61
CA LEU A 1 7.05 -20.33 5.73
C LEU A 1 6.54 -19.12 6.53
N ALA A 2 7.10 -17.96 6.24
CA ALA A 2 6.71 -16.73 6.93
C ALA A 2 5.40 -16.18 6.36
N LEU A 3 4.73 -15.33 7.14
CA LEU A 3 3.47 -14.72 6.72
C LEU A 3 3.53 -13.21 6.85
N HIS A 4 3.50 -12.52 5.71
CA HIS A 4 3.54 -11.07 5.70
C HIS A 4 2.18 -10.49 5.33
N LYS A 5 1.58 -9.74 6.26
CA LYS A 5 0.28 -9.13 6.03
C LYS A 5 0.42 -7.67 5.58
N VAL A 6 -0.28 -7.32 4.52
CA VAL A 6 -0.24 -5.96 3.98
C VAL A 6 -1.61 -5.30 4.03
N ILE A 7 -1.63 -4.03 4.43
CA ILE A 7 -2.88 -3.28 4.51
C ILE A 7 -3.00 -2.28 3.37
N MET A 8 -3.88 -2.58 2.43
CA MET A 8 -4.10 -1.71 1.27
C MET A 8 -4.66 -0.37 1.72
N VAL A 9 -3.76 0.61 1.91
CA VAL A 9 -4.16 1.94 2.34
C VAL A 9 -3.84 2.98 1.27
N GLY A 10 -4.51 4.12 1.34
CA GLY A 10 -4.28 5.18 0.37
C GLY A 10 -5.43 6.17 0.31
N SER A 11 -5.38 7.17 1.19
CA SER A 11 -6.42 8.20 1.24
C SER A 11 -7.78 7.60 1.57
N GLY A 12 -8.47 7.12 0.54
CA GLY A 12 -9.78 6.53 0.73
C GLY A 12 -10.45 6.16 -0.58
N GLY A 13 -10.71 7.16 -1.40
CA GLY A 13 -11.35 6.92 -2.69
C GLY A 13 -10.38 7.05 -3.85
N VAL A 14 -9.29 6.28 -3.80
CA VAL A 14 -8.28 6.31 -4.86
C VAL A 14 -8.43 5.12 -5.78
N GLY A 15 -8.20 3.92 -5.24
CA GLY A 15 -8.31 2.71 -6.04
C GLY A 15 -7.43 1.60 -5.52
N LYS A 16 -7.27 1.54 -4.20
CA LYS A 16 -6.44 0.52 -3.57
C LYS A 16 -6.83 -0.88 -4.06
N SER A 17 -8.13 -1.10 -4.20
CA SER A 17 -8.64 -2.39 -4.67
C SER A 17 -8.16 -2.69 -6.08
N ALA A 18 -7.94 -1.65 -6.86
CA ALA A 18 -7.48 -1.80 -8.23
C ALA A 18 -6.10 -2.43 -8.24
N LEU A 19 -5.20 -1.85 -7.47
CA LEU A 19 -3.85 -2.37 -7.36
C LEU A 19 -3.93 -3.78 -6.78
N THR A 20 -5.00 -4.02 -6.04
CA THR A 20 -5.21 -5.31 -5.41
C THR A 20 -5.53 -6.40 -6.45
N LEU A 21 -6.42 -6.08 -7.38
CA LEU A 21 -6.83 -7.01 -8.42
C LEU A 21 -5.71 -7.24 -9.44
N GLN A 22 -4.92 -6.21 -9.70
CA GLN A 22 -3.84 -6.30 -10.67
C GLN A 22 -2.72 -7.21 -10.16
N PHE A 23 -2.50 -7.20 -8.86
CA PHE A 23 -1.44 -8.03 -8.26
C PHE A 23 -1.81 -9.52 -8.24
N MET A 24 -3.04 -9.81 -7.83
CA MET A 24 -3.49 -11.19 -7.72
C MET A 24 -3.98 -11.78 -9.05
N TYR A 25 -4.86 -11.06 -9.75
CA TYR A 25 -5.41 -11.57 -11.01
C TYR A 25 -4.63 -11.05 -12.23
N ASP A 26 -3.95 -9.93 -12.08
CA ASP A 26 -3.19 -9.36 -13.18
C ASP A 26 -4.11 -9.09 -14.37
N GLU A 27 -5.30 -8.57 -14.06
CA GLU A 27 -6.29 -8.27 -15.09
C GLU A 27 -7.11 -7.04 -14.72
N PHE A 28 -7.18 -6.08 -15.63
CA PHE A 28 -7.94 -4.86 -15.39
C PHE A 28 -9.44 -5.13 -15.43
N VAL A 29 -10.06 -5.14 -14.26
CA VAL A 29 -11.49 -5.40 -14.16
C VAL A 29 -12.19 -4.34 -13.29
N GLU A 30 -13.41 -3.99 -13.67
CA GLU A 30 -14.18 -3.00 -12.94
C GLU A 30 -14.93 -3.66 -11.77
N ASP A 31 -15.30 -4.92 -11.95
CA ASP A 31 -16.01 -5.66 -10.90
C ASP A 31 -15.16 -5.76 -9.65
N TYR A 32 -15.82 -6.06 -8.52
CA TYR A 32 -15.11 -6.18 -7.25
C TYR A 32 -15.91 -7.01 -6.25
N GLU A 33 -15.37 -7.15 -5.04
CA GLU A 33 -16.03 -7.91 -3.99
C GLU A 33 -15.87 -7.21 -2.63
N PRO A 34 -16.98 -6.96 -1.92
CA PRO A 34 -16.94 -6.29 -0.60
C PRO A 34 -16.07 -7.04 0.41
N THR A 35 -15.34 -6.27 1.22
CA THR A 35 -14.47 -6.86 2.23
C THR A 35 -14.77 -6.27 3.61
N LYS A 36 -14.92 -7.13 4.60
CA LYS A 36 -15.21 -6.70 5.97
C LYS A 36 -14.20 -7.28 6.95
N ALA A 37 -13.74 -8.49 6.66
CA ALA A 37 -12.77 -9.18 7.51
C ALA A 37 -12.09 -10.31 6.76
N ASP A 38 -12.67 -10.68 5.62
CA ASP A 38 -12.12 -11.75 4.79
C ASP A 38 -10.90 -11.27 4.03
N SER A 39 -9.80 -12.01 4.14
CA SER A 39 -8.56 -11.66 3.46
C SER A 39 -8.16 -12.75 2.48
N TYR A 40 -7.11 -12.49 1.71
CA TYR A 40 -6.61 -13.45 0.73
C TYR A 40 -5.25 -14.00 1.15
N ARG A 41 -4.87 -15.13 0.56
CA ARG A 41 -3.59 -15.75 0.88
C ARG A 41 -3.05 -16.54 -0.32
N LYS A 42 -1.75 -16.44 -0.54
CA LYS A 42 -1.11 -17.14 -1.65
C LYS A 42 0.37 -17.37 -1.36
N LYS A 43 0.94 -18.41 -1.98
CA LYS A 43 2.35 -18.73 -1.78
C LYS A 43 3.20 -18.23 -2.94
N VAL A 44 4.19 -17.40 -2.62
CA VAL A 44 5.09 -16.85 -3.64
C VAL A 44 6.53 -16.85 -3.15
N VAL A 45 7.45 -17.24 -4.04
CA VAL A 45 8.87 -17.28 -3.69
C VAL A 45 9.43 -15.88 -3.51
N LEU A 46 10.27 -15.71 -2.50
CA LEU A 46 10.89 -14.42 -2.21
C LEU A 46 12.38 -14.56 -1.99
N ASP A 47 13.16 -14.18 -2.99
CA ASP A 47 14.62 -14.26 -2.92
C ASP A 47 15.06 -15.68 -2.55
N GLY A 48 14.28 -16.66 -2.98
CA GLY A 48 14.61 -18.04 -2.70
C GLY A 48 13.69 -18.66 -1.65
N GLU A 49 13.36 -17.87 -0.63
CA GLU A 49 12.49 -18.34 0.44
C GLU A 49 11.03 -18.05 0.13
N GLU A 50 10.24 -19.11 -0.01
CA GLU A 50 8.82 -18.97 -0.31
C GLU A 50 8.05 -18.56 0.94
N VAL A 51 7.40 -17.40 0.86
CA VAL A 51 6.62 -16.88 1.98
C VAL A 51 5.21 -16.52 1.54
N GLN A 52 4.25 -16.71 2.45
CA GLN A 52 2.85 -16.40 2.15
C GLN A 52 2.57 -14.92 2.33
N ILE A 53 1.65 -14.40 1.53
CA ILE A 53 1.27 -12.99 1.61
C ILE A 53 -0.23 -12.83 1.77
N ASP A 54 -0.63 -11.97 2.70
CA ASP A 54 -2.05 -11.73 2.95
C ASP A 54 -2.45 -10.31 2.52
N ILE A 55 -3.32 -10.23 1.52
CA ILE A 55 -3.77 -8.94 1.02
C ILE A 55 -5.09 -8.54 1.67
N LEU A 56 -5.12 -7.35 2.27
CA LEU A 56 -6.31 -6.85 2.93
C LEU A 56 -6.75 -5.52 2.32
N ASP A 57 -7.78 -5.56 1.49
CA ASP A 57 -8.29 -4.35 0.85
C ASP A 57 -9.69 -4.01 1.37
N THR A 58 -9.91 -2.72 1.64
CA THR A 58 -11.20 -2.26 2.14
C THR A 58 -11.53 -0.87 1.62
N ALA A 59 -12.81 -0.59 1.45
CA ALA A 59 -13.26 0.72 0.96
C ALA A 59 -12.79 1.83 1.88
N GLY A 60 -13.16 3.07 1.54
CA GLY A 60 -12.78 4.21 2.36
C GLY A 60 -13.09 3.97 3.83
N LEU A 61 -12.05 3.86 4.65
CA LEU A 61 -12.21 3.61 6.07
C LEU A 61 -12.68 4.87 6.80
N GLU A 62 -13.08 5.88 6.03
CA GLU A 62 -13.56 7.14 6.61
C GLU A 62 -14.98 7.00 7.13
N ASP A 63 -15.49 5.76 7.13
CA ASP A 63 -16.84 5.49 7.60
C ASP A 63 -16.82 4.87 8.99
N TYR A 64 -15.62 4.62 9.51
CA TYR A 64 -15.46 4.03 10.84
C TYR A 64 -14.78 5.01 11.79
N ALA A 65 -15.23 5.02 13.04
CA ALA A 65 -14.66 5.91 14.05
C ALA A 65 -13.30 5.41 14.52
N ALA A 66 -13.24 4.16 14.94
CA ALA A 66 -11.99 3.57 15.40
C ALA A 66 -11.74 2.21 14.75
N ILE A 67 -12.81 1.60 14.24
CA ILE A 67 -12.69 0.30 13.58
C ILE A 67 -11.72 0.38 12.41
N ARG A 68 -11.51 1.59 11.90
CA ARG A 68 -10.60 1.81 10.79
C ARG A 68 -9.17 1.43 11.16
N ASP A 69 -8.75 1.84 12.35
CA ASP A 69 -7.40 1.54 12.83
C ASP A 69 -7.22 0.03 13.05
N ASN A 70 -8.30 -0.65 13.40
CA ASN A 70 -8.26 -2.09 13.63
C ASN A 70 -7.60 -2.82 12.46
N TYR A 71 -7.81 -2.31 11.26
CA TYR A 71 -7.24 -2.92 10.06
C TYR A 71 -5.71 -2.82 10.07
N PHE A 72 -5.20 -1.66 10.44
CA PHE A 72 -3.76 -1.43 10.49
C PHE A 72 -3.10 -2.26 11.59
N ARG A 73 -3.89 -2.62 12.60
CA ARG A 73 -3.38 -3.41 13.72
C ARG A 73 -3.19 -4.87 13.33
N SER A 74 -4.05 -5.37 12.45
CA SER A 74 -3.97 -6.76 12.01
C SER A 74 -3.03 -6.90 10.81
N GLY A 75 -2.24 -5.87 10.55
CA GLY A 75 -1.32 -5.90 9.42
C GLY A 75 0.13 -5.77 9.86
N GLU A 76 1.02 -6.41 9.12
CA GLU A 76 2.45 -6.37 9.42
C GLU A 76 3.16 -5.37 8.52
N GLY A 77 2.45 -4.90 7.51
CA GLY A 77 3.03 -3.94 6.57
C GLY A 77 2.01 -2.90 6.12
N PHE A 78 2.50 -1.83 5.50
CA PHE A 78 1.62 -0.76 5.02
C PHE A 78 2.02 -0.32 3.62
N LEU A 79 1.02 -0.13 2.77
CA LEU A 79 1.25 0.29 1.39
C LEU A 79 0.34 1.46 1.02
N LEU A 80 0.92 2.67 1.00
CA LEU A 80 0.15 3.87 0.67
C LEU A 80 0.04 4.04 -0.84
N VAL A 81 -1.19 4.24 -1.32
CA VAL A 81 -1.42 4.42 -2.75
C VAL A 81 -2.35 5.60 -3.02
N PHE A 82 -1.88 6.56 -3.79
CA PHE A 82 -2.70 7.73 -4.14
C PHE A 82 -2.65 7.99 -5.64
N SER A 83 -3.71 8.62 -6.14
CA SER A 83 -3.81 8.93 -7.57
C SER A 83 -3.31 10.35 -7.85
N ILE A 84 -2.68 10.52 -9.02
CA ILE A 84 -2.17 11.82 -9.43
C ILE A 84 -3.29 12.73 -9.91
N THR A 85 -4.28 12.13 -10.55
CA THR A 85 -5.43 12.87 -11.08
C THR A 85 -6.20 13.55 -9.96
N GLU A 86 -6.11 12.99 -8.75
CA GLU A 86 -6.79 13.56 -7.60
C GLU A 86 -5.80 14.01 -6.55
N HIS A 87 -5.57 15.31 -6.47
CA HIS A 87 -4.65 15.89 -5.49
C HIS A 87 -5.12 15.61 -4.07
N GLU A 88 -6.40 15.23 -3.93
CA GLU A 88 -6.98 14.95 -2.63
C GLU A 88 -6.43 13.65 -2.06
N SER A 89 -6.01 12.77 -2.97
CA SER A 89 -5.46 11.48 -2.58
C SER A 89 -4.14 11.64 -1.83
N PHE A 90 -3.20 12.35 -2.45
CA PHE A 90 -1.89 12.59 -1.85
C PHE A 90 -2.00 13.28 -0.49
N THR A 91 -2.97 14.18 -0.38
CA THR A 91 -3.20 14.92 0.86
C THR A 91 -3.80 14.05 1.95
N ALA A 92 -4.91 13.39 1.62
CA ALA A 92 -5.59 12.51 2.57
C ALA A 92 -4.67 11.38 3.02
N THR A 93 -3.86 10.89 2.09
CA THR A 93 -2.93 9.81 2.39
C THR A 93 -1.96 10.23 3.49
N ALA A 94 -1.65 11.51 3.52
CA ALA A 94 -0.73 12.06 4.51
C ALA A 94 -1.27 11.89 5.93
N GLU A 95 -2.58 12.04 6.08
CA GLU A 95 -3.22 11.90 7.38
C GLU A 95 -3.03 10.50 7.94
N PHE A 96 -3.23 9.50 7.09
CA PHE A 96 -3.08 8.11 7.49
C PHE A 96 -1.63 7.77 7.85
N ARG A 97 -0.69 8.51 7.28
CA ARG A 97 0.73 8.29 7.53
C ARG A 97 1.02 8.21 9.03
N GLU A 98 0.59 9.24 9.77
CA GLU A 98 0.81 9.28 11.21
C GLU A 98 -0.03 8.23 11.93
N GLN A 99 -1.26 8.03 11.44
CA GLN A 99 -2.15 7.05 12.04
C GLN A 99 -1.53 5.66 12.04
N ILE A 100 -0.66 5.42 11.06
CA ILE A 100 0.03 4.14 10.94
C ILE A 100 1.02 3.96 12.09
N LEU A 101 1.64 5.05 12.49
CA LEU A 101 2.62 5.02 13.58
C LEU A 101 1.94 4.71 14.91
N ARG A 102 0.66 5.08 15.01
CA ARG A 102 -0.11 4.85 16.24
C ARG A 102 -0.32 3.37 16.49
N VAL A 103 -0.82 2.65 15.48
CA VAL A 103 -1.07 1.22 15.60
C VAL A 103 0.22 0.47 15.88
N LYS A 104 1.34 1.09 15.52
CA LYS A 104 2.66 0.50 15.75
C LYS A 104 3.51 1.45 16.58
N ALA A 105 3.05 1.75 17.79
CA ALA A 105 3.75 2.65 18.69
C ALA A 105 5.22 2.28 18.83
N GLU A 106 5.51 0.98 18.83
CA GLU A 106 6.88 0.50 18.95
C GLU A 106 7.76 1.17 17.89
N GLU A 107 7.26 1.19 16.66
CA GLU A 107 7.98 1.80 15.54
C GLU A 107 9.38 1.20 15.38
N ASP A 108 10.40 2.05 15.26
CA ASP A 108 11.78 1.62 15.07
C ASP A 108 12.01 1.20 13.62
N LYS A 109 11.07 0.42 13.08
CA LYS A 109 11.15 -0.04 11.70
C LYS A 109 9.74 -0.21 11.12
N ILE A 110 9.14 0.90 10.67
CA ILE A 110 7.81 0.87 10.10
C ILE A 110 7.87 0.58 8.60
N PRO A 111 7.41 -0.62 8.18
CA PRO A 111 7.42 -1.01 6.76
C PRO A 111 6.35 -0.26 5.97
N LEU A 112 6.79 0.74 5.20
CA LEU A 112 5.87 1.55 4.41
C LEU A 112 6.40 1.73 2.99
N LEU A 113 5.49 2.00 2.05
CA LEU A 113 5.86 2.21 0.66
C LEU A 113 4.76 3.00 -0.05
N VAL A 114 5.15 4.14 -0.62
CA VAL A 114 4.19 4.99 -1.32
C VAL A 114 4.27 4.81 -2.83
N VAL A 115 3.11 4.88 -3.48
CA VAL A 115 3.04 4.71 -4.93
C VAL A 115 1.95 5.59 -5.54
N GLY A 116 2.13 5.93 -6.80
CA GLY A 116 1.16 6.77 -7.48
C GLY A 116 0.42 6.00 -8.58
N ASN A 117 -0.88 6.24 -8.70
CA ASN A 117 -1.67 5.57 -9.71
C ASN A 117 -2.05 6.54 -10.81
N LYS A 118 -2.87 6.07 -11.75
CA LYS A 118 -3.30 6.90 -12.88
C LYS A 118 -2.10 7.43 -13.65
N SER A 119 -0.95 6.78 -13.49
CA SER A 119 0.27 7.18 -14.18
C SER A 119 0.06 7.19 -15.70
N ASP A 120 -0.96 6.48 -16.16
CA ASP A 120 -1.26 6.40 -17.58
C ASP A 120 -1.66 7.78 -18.12
N LEU A 121 -1.83 8.73 -17.21
CA LEU A 121 -2.22 10.09 -17.58
C LEU A 121 -1.15 11.09 -17.15
N GLU A 122 -0.17 11.31 -18.03
CA GLU A 122 0.91 12.23 -17.74
C GLU A 122 0.43 13.67 -17.81
N GLU A 123 -0.41 13.97 -18.80
CA GLU A 123 -0.93 15.32 -18.99
C GLU A 123 -1.87 15.71 -17.85
N ARG A 124 -2.48 14.71 -17.22
CA ARG A 124 -3.40 14.97 -16.11
C ARG A 124 -2.71 14.81 -14.77
N ARG A 125 -1.38 14.70 -14.78
CA ARG A 125 -0.62 14.57 -13.55
C ARG A 125 -0.44 15.93 -12.89
N GLN A 126 -1.13 16.13 -11.76
CA GLN A 126 -1.06 17.39 -11.04
C GLN A 126 0.08 17.39 -10.02
N VAL A 127 0.44 16.20 -9.54
CA VAL A 127 1.52 16.08 -8.56
C VAL A 127 2.80 15.58 -9.22
N PRO A 128 3.78 16.47 -9.48
CA PRO A 128 5.04 16.10 -10.09
C PRO A 128 5.72 14.97 -9.31
N VAL A 129 6.22 13.97 -10.02
CA VAL A 129 6.87 12.84 -9.39
C VAL A 129 7.97 13.29 -8.43
N GLU A 130 8.81 14.22 -8.89
CA GLU A 130 9.91 14.73 -8.07
C GLU A 130 9.39 15.33 -6.76
N GLU A 131 8.23 15.97 -6.82
CA GLU A 131 7.64 16.58 -5.63
C GLU A 131 7.19 15.52 -4.64
N ALA A 132 6.60 14.44 -5.17
CA ALA A 132 6.10 13.36 -4.34
C ALA A 132 7.26 12.63 -3.63
N ARG A 133 8.43 12.62 -4.28
CA ARG A 133 9.60 11.96 -3.71
C ARG A 133 10.13 12.71 -2.50
N SER A 134 10.14 14.03 -2.58
CA SER A 134 10.63 14.87 -1.49
C SER A 134 9.83 14.66 -0.21
N LYS A 135 8.51 14.70 -0.33
CA LYS A 135 7.62 14.53 0.82
C LYS A 135 7.66 13.10 1.34
N ALA A 136 7.53 12.13 0.44
CA ALA A 136 7.53 10.73 0.81
C ALA A 136 8.82 10.32 1.51
N GLU A 137 9.96 10.77 0.98
CA GLU A 137 11.26 10.45 1.55
C GLU A 137 11.30 10.80 3.04
N GLU A 138 10.59 11.85 3.42
CA GLU A 138 10.55 12.29 4.81
C GLU A 138 10.15 11.14 5.74
N TRP A 139 9.10 10.42 5.35
CA TRP A 139 8.63 9.29 6.15
C TRP A 139 9.64 8.16 6.15
N GLY A 140 10.54 8.18 5.17
CA GLY A 140 11.56 7.15 5.07
C GLY A 140 11.24 6.11 4.02
N VAL A 141 10.51 6.53 2.98
CA VAL A 141 10.12 5.62 1.91
C VAL A 141 10.39 6.23 0.54
N GLN A 142 10.46 5.38 -0.47
CA GLN A 142 10.70 5.81 -1.84
C GLN A 142 9.40 5.74 -2.64
N TYR A 143 9.08 6.80 -3.35
CA TYR A 143 7.85 6.85 -4.14
C TYR A 143 8.11 6.51 -5.61
N VAL A 144 7.17 5.78 -6.20
CA VAL A 144 7.26 5.38 -7.60
C VAL A 144 5.91 5.50 -8.30
N GLU A 145 5.95 5.73 -9.61
CA GLU A 145 4.74 5.88 -10.40
C GLU A 145 4.30 4.53 -10.97
N THR A 146 2.99 4.30 -11.04
CA THR A 146 2.45 3.04 -11.54
C THR A 146 1.10 3.23 -12.21
N SER A 147 0.73 2.28 -13.06
CA SER A 147 -0.55 2.31 -13.75
C SER A 147 -1.36 1.06 -13.45
N ALA A 148 -2.45 1.21 -12.72
CA ALA A 148 -3.30 0.09 -12.36
C ALA A 148 -3.97 -0.54 -13.58
N LYS A 149 -3.72 0.06 -14.75
CA LYS A 149 -4.30 -0.44 -16.00
C LYS A 149 -3.31 -1.34 -16.73
N THR A 150 -2.08 -0.86 -16.87
CA THR A 150 -1.04 -1.62 -17.55
C THR A 150 -0.39 -2.62 -16.61
N ARG A 151 -0.78 -2.57 -15.33
CA ARG A 151 -0.25 -3.45 -14.29
C ARG A 151 1.23 -3.80 -14.53
N ALA A 152 1.99 -2.80 -14.96
CA ALA A 152 3.41 -3.01 -15.24
C ALA A 152 4.24 -3.05 -13.96
N ASN A 153 4.14 -2.00 -13.15
CA ASN A 153 4.88 -1.92 -11.90
C ASN A 153 3.95 -2.01 -10.69
N VAL A 154 2.73 -2.47 -10.91
CA VAL A 154 1.76 -2.59 -9.83
C VAL A 154 2.24 -3.58 -8.77
N ASP A 155 2.73 -4.73 -9.22
CA ASP A 155 3.23 -5.76 -8.31
C ASP A 155 4.58 -5.36 -7.72
N LYS A 156 5.23 -4.38 -8.35
CA LYS A 156 6.55 -3.91 -7.91
C LYS A 156 6.49 -3.36 -6.49
N VAL A 157 5.36 -2.77 -6.12
CA VAL A 157 5.21 -2.19 -4.79
C VAL A 157 4.89 -3.26 -3.74
N PHE A 158 4.27 -4.35 -4.18
CA PHE A 158 3.91 -5.44 -3.29
C PHE A 158 5.15 -6.20 -2.84
N PHE A 159 6.04 -6.48 -3.78
CA PHE A 159 7.27 -7.21 -3.49
C PHE A 159 8.26 -6.34 -2.71
N ASP A 160 8.44 -5.11 -3.17
CA ASP A 160 9.37 -4.18 -2.53
C ASP A 160 9.02 -4.00 -1.05
N LEU A 161 7.74 -3.82 -0.76
CA LEU A 161 7.29 -3.64 0.63
C LEU A 161 7.44 -4.94 1.41
N MET A 162 7.19 -6.06 0.76
CA MET A 162 7.28 -7.37 1.39
C MET A 162 8.70 -7.62 1.91
N ARG A 163 9.69 -7.31 1.08
CA ARG A 163 11.09 -7.51 1.45
C ARG A 163 11.45 -6.69 2.67
N GLU A 164 10.89 -5.49 2.77
CA GLU A 164 11.15 -4.62 3.91
C GLU A 164 10.75 -5.30 5.22
N ILE A 165 9.57 -5.90 5.23
CA ILE A 165 9.08 -6.59 6.42
C ILE A 165 10.03 -7.69 6.84
N ARG A 166 10.69 -8.29 5.86
CA ARG A 166 11.64 -9.37 6.12
C ARG A 166 12.94 -8.83 6.72
N THR A 167 13.56 -7.87 6.04
CA THR A 167 14.82 -7.31 6.52
C THR A 167 14.63 -6.12 7.47
N LYS A 168 13.98 -5.07 6.99
CA LYS A 168 13.78 -3.85 7.79
C LYS A 168 13.11 -4.11 9.14
N LYS A 169 11.94 -4.75 9.11
CA LYS A 169 11.19 -5.02 10.33
C LYS A 169 11.94 -5.96 11.27
N MET A 170 12.27 -7.15 10.76
CA MET A 170 12.99 -8.15 11.56
C MET A 170 14.31 -7.61 12.08
N SER A 171 14.81 -6.53 11.47
CA SER A 171 16.07 -5.94 11.90
C SER A 171 15.90 -5.14 13.19
N GLU A 172 14.90 -4.28 13.21
CA GLU A 172 14.63 -3.44 14.38
C GLU A 172 15.81 -2.52 14.70
N ASN A 173 15.55 -1.49 15.49
CA ASN A 173 16.59 -0.54 15.87
C ASN A 173 17.62 -1.19 16.79
N LYS A 174 17.15 -2.11 17.64
CA LYS A 174 18.03 -2.80 18.57
C LYS A 174 18.45 -4.16 18.01
PG GNP B . -14.24 2.11 -2.52
O1G GNP B . -15.63 2.42 -2.09
O2G GNP B . -13.96 0.54 -2.46
O3G GNP B . -13.17 2.94 -1.70
N3B GNP B . -14.00 2.51 -4.14
PB GNP B . -12.36 2.79 -4.45
O1B GNP B . -11.87 3.84 -3.53
O2B GNP B . -11.65 1.48 -4.50
O3A GNP B . -12.41 3.39 -5.92
PA GNP B . -13.11 2.57 -7.10
O1A GNP B . -12.48 1.23 -7.17
O2A GNP B . -14.59 2.67 -6.95
O5' GNP B . -12.67 3.40 -8.39
C5' GNP B . -11.53 3.02 -9.16
C4' GNP B . -11.88 3.04 -10.63
O4' GNP B . -11.08 4.07 -11.28
C3' GNP B . -11.56 1.75 -11.37
O3' GNP B . -12.68 0.89 -11.42
C2' GNP B . -11.17 2.24 -12.77
O2' GNP B . -12.30 2.50 -13.57
C1' GNP B . -10.45 3.55 -12.44
N9 GNP B . -9.03 3.39 -12.17
C8 GNP B . -8.44 3.03 -10.99
N7 GNP B . -7.14 2.99 -11.05
C5 GNP B . -6.84 3.36 -12.35
C6 GNP B . -5.60 3.50 -13.00
O6 GNP B . -4.46 3.32 -12.55
N1 GNP B . -5.74 3.88 -14.33
C2 GNP B . -6.95 4.11 -14.95
N2 GNP B . -6.90 4.48 -16.24
N3 GNP B . -8.13 3.98 -14.35
C4 GNP B . -8.00 3.61 -13.06
HNB3 GNP B . -14.51 3.32 -4.35
H5'2 GNP B . -11.21 2.01 -8.88
H5'1 GNP B . -10.72 3.72 -8.97
H4' GNP B . -12.95 3.20 -10.72
H3' GNP B . -10.76 1.18 -10.89
HO3' GNP B . -13.47 1.45 -11.43
H2' GNP B . -10.48 1.53 -13.24
HO2' GNP B . -12.83 3.15 -13.11
H1' GNP B . -10.58 4.28 -13.22
H8 GNP B . -9.00 2.80 -10.09
HN1 GNP B . -4.90 4.00 -14.88
HN21 GNP B . -7.75 4.66 -16.75
HN22 GNP B . -6.00 4.58 -16.69
MG MG C . -12.49 -0.55 -3.85
N LEU A 1 7.36 -20.34 7.06
CA LEU A 1 7.37 -19.31 5.99
C LEU A 1 7.02 -17.94 6.55
N ALA A 2 7.77 -16.93 6.13
CA ALA A 2 7.54 -15.56 6.60
C ALA A 2 6.22 -15.03 6.08
N LEU A 3 5.18 -15.11 6.91
CA LEU A 3 3.86 -14.64 6.55
C LEU A 3 3.76 -13.12 6.72
N HIS A 4 3.83 -12.39 5.62
CA HIS A 4 3.75 -10.93 5.65
C HIS A 4 2.38 -10.45 5.19
N LYS A 5 1.70 -9.71 6.07
CA LYS A 5 0.39 -9.18 5.76
C LYS A 5 0.47 -7.68 5.45
N VAL A 6 0.09 -7.31 4.23
CA VAL A 6 0.11 -5.91 3.80
C VAL A 6 -1.28 -5.30 3.86
N ILE A 7 -1.36 -4.09 4.42
CA ILE A 7 -2.63 -3.39 4.55
C ILE A 7 -2.71 -2.23 3.56
N MET A 8 -3.78 -2.20 2.76
CA MET A 8 -3.97 -1.14 1.78
C MET A 8 -4.40 0.16 2.45
N VAL A 9 -3.45 1.05 2.68
CA VAL A 9 -3.73 2.34 3.29
C VAL A 9 -3.64 3.45 2.26
N GLY A 10 -4.37 4.53 2.51
CA GLY A 10 -4.36 5.65 1.58
C GLY A 10 -5.27 6.78 2.00
N SER A 11 -5.63 7.62 1.03
CA SER A 11 -6.51 8.76 1.28
C SER A 11 -7.86 8.29 1.82
N GLY A 12 -8.49 7.37 1.08
CA GLY A 12 -9.78 6.85 1.48
C GLY A 12 -10.74 6.73 0.31
N GLY A 13 -10.19 6.50 -0.88
CA GLY A 13 -11.02 6.37 -2.07
C GLY A 13 -10.24 6.61 -3.36
N VAL A 14 -9.34 5.69 -3.68
CA VAL A 14 -8.54 5.80 -4.89
C VAL A 14 -8.58 4.51 -5.71
N GLY A 15 -8.90 3.41 -5.03
CA GLY A 15 -8.98 2.13 -5.71
C GLY A 15 -7.92 1.16 -5.22
N LYS A 16 -7.86 0.95 -3.91
CA LYS A 16 -6.88 0.05 -3.32
C LYS A 16 -7.06 -1.37 -3.85
N SER A 17 -8.29 -1.84 -3.81
CA SER A 17 -8.65 -3.18 -4.29
C SER A 17 -8.15 -3.40 -5.71
N ALA A 18 -8.06 -2.32 -6.47
CA ALA A 18 -7.62 -2.39 -7.86
C ALA A 18 -6.20 -2.94 -7.92
N LEU A 19 -5.30 -2.31 -7.15
CA LEU A 19 -3.92 -2.77 -7.10
C LEU A 19 -3.91 -4.20 -6.57
N THR A 20 -4.96 -4.52 -5.83
CA THR A 20 -5.11 -5.85 -5.23
C THR A 20 -5.45 -6.89 -6.29
N LEU A 21 -6.34 -6.54 -7.21
CA LEU A 21 -6.76 -7.45 -8.27
C LEU A 21 -5.65 -7.68 -9.28
N GLN A 22 -4.90 -6.63 -9.58
CA GLN A 22 -3.80 -6.73 -10.54
C GLN A 22 -2.70 -7.66 -10.05
N PHE A 23 -2.43 -7.61 -8.75
CA PHE A 23 -1.40 -8.46 -8.17
C PHE A 23 -1.86 -9.92 -8.11
N MET A 24 -3.17 -10.13 -8.05
CA MET A 24 -3.73 -11.47 -7.96
C MET A 24 -3.85 -12.16 -9.32
N TYR A 25 -4.44 -11.47 -10.30
CA TYR A 25 -4.64 -12.06 -11.62
C TYR A 25 -3.96 -11.27 -12.73
N ASP A 26 -3.51 -10.06 -12.43
CA ASP A 26 -2.85 -9.22 -13.42
C ASP A 26 -3.80 -8.89 -14.56
N GLU A 27 -5.07 -8.69 -14.22
CA GLU A 27 -6.10 -8.37 -15.20
C GLU A 27 -6.89 -7.15 -14.77
N PHE A 28 -7.22 -6.29 -15.73
CA PHE A 28 -7.97 -5.07 -15.44
C PHE A 28 -9.46 -5.29 -15.68
N VAL A 29 -10.22 -5.41 -14.61
CA VAL A 29 -11.66 -5.62 -14.69
C VAL A 29 -12.42 -4.59 -13.85
N GLU A 30 -13.57 -4.14 -14.36
CA GLU A 30 -14.38 -3.17 -13.65
C GLU A 30 -15.05 -3.78 -12.43
N ASP A 31 -15.28 -5.09 -12.48
CA ASP A 31 -15.93 -5.80 -11.38
C ASP A 31 -15.07 -5.73 -10.12
N TYR A 32 -15.73 -5.73 -8.96
CA TYR A 32 -15.04 -5.67 -7.69
C TYR A 32 -15.61 -6.69 -6.70
N GLU A 33 -15.16 -6.64 -5.45
CA GLU A 33 -15.63 -7.56 -4.43
C GLU A 33 -15.56 -6.91 -3.04
N PRO A 34 -16.72 -6.56 -2.45
CA PRO A 34 -16.77 -5.93 -1.12
C PRO A 34 -16.01 -6.74 -0.07
N THR A 35 -15.34 -6.04 0.84
CA THR A 35 -14.57 -6.69 1.90
C THR A 35 -15.17 -6.41 3.27
N LYS A 36 -15.15 -7.42 4.14
CA LYS A 36 -15.69 -7.29 5.49
C LYS A 36 -14.74 -7.92 6.50
N ALA A 37 -14.03 -8.96 6.10
CA ALA A 37 -13.09 -9.65 6.97
C ALA A 37 -12.26 -10.68 6.20
N ASP A 38 -12.69 -10.97 4.98
CA ASP A 38 -11.99 -11.95 4.14
C ASP A 38 -10.79 -11.32 3.45
N SER A 39 -9.67 -12.04 3.45
CA SER A 39 -8.45 -11.55 2.82
C SER A 39 -7.92 -12.57 1.82
N TYR A 40 -6.95 -12.14 1.01
CA TYR A 40 -6.35 -13.01 0.00
C TYR A 40 -5.00 -13.53 0.49
N ARG A 41 -4.64 -14.74 0.07
CA ARG A 41 -3.36 -15.33 0.48
C ARG A 41 -2.77 -16.18 -0.64
N LYS A 42 -1.44 -16.10 -0.78
CA LYS A 42 -0.73 -16.86 -1.80
C LYS A 42 0.76 -16.94 -1.45
N LYS A 43 1.50 -17.73 -2.22
CA LYS A 43 2.93 -17.90 -1.96
C LYS A 43 3.75 -17.64 -3.22
N VAL A 44 4.73 -16.75 -3.10
CA VAL A 44 5.62 -16.40 -4.21
C VAL A 44 7.07 -16.59 -3.81
N VAL A 45 7.93 -16.86 -4.80
CA VAL A 45 9.35 -17.06 -4.54
C VAL A 45 10.10 -15.74 -4.46
N LEU A 46 10.90 -15.58 -3.42
CA LEU A 46 11.68 -14.36 -3.23
C LEU A 46 13.16 -14.67 -3.18
N ASP A 47 13.82 -14.53 -4.33
CA ASP A 47 15.25 -14.81 -4.43
C ASP A 47 15.58 -16.20 -3.91
N GLY A 48 14.63 -17.12 -4.06
CA GLY A 48 14.83 -18.49 -3.61
C GLY A 48 14.28 -18.72 -2.21
N GLU A 49 13.12 -18.13 -1.93
CA GLU A 49 12.49 -18.29 -0.62
C GLU A 49 10.98 -18.13 -0.73
N GLU A 50 10.25 -19.21 -0.47
CA GLU A 50 8.79 -19.18 -0.54
C GLU A 50 8.19 -18.64 0.75
N VAL A 51 7.30 -17.67 0.61
CA VAL A 51 6.63 -17.06 1.76
C VAL A 51 5.13 -16.95 1.53
N GLN A 52 4.42 -16.44 2.52
CA GLN A 52 2.98 -16.29 2.42
C GLN A 52 2.58 -14.81 2.58
N ILE A 53 1.96 -14.25 1.54
CA ILE A 53 1.53 -12.86 1.57
C ILE A 53 0.02 -12.74 1.69
N ASP A 54 -0.43 -11.88 2.60
CA ASP A 54 -1.86 -11.67 2.82
C ASP A 54 -2.23 -10.22 2.55
N ILE A 55 -3.13 -10.00 1.59
CA ILE A 55 -3.56 -8.66 1.24
C ILE A 55 -4.99 -8.39 1.72
N LEU A 56 -5.17 -7.30 2.44
CA LEU A 56 -6.48 -6.93 2.95
C LEU A 56 -6.78 -5.46 2.66
N ASP A 57 -7.71 -5.22 1.75
CA ASP A 57 -8.08 -3.86 1.38
C ASP A 57 -9.05 -3.26 2.40
N THR A 58 -8.65 -2.16 3.02
CA THR A 58 -9.49 -1.49 4.01
C THR A 58 -10.50 -0.57 3.35
N ALA A 59 -10.33 -0.35 2.05
CA ALA A 59 -11.23 0.51 1.29
C ALA A 59 -11.26 1.92 1.88
N GLY A 60 -12.21 2.72 1.40
CA GLY A 60 -12.34 4.09 1.89
C GLY A 60 -13.46 4.23 2.89
N LEU A 61 -13.16 3.98 4.17
CA LEU A 61 -14.16 4.09 5.22
C LEU A 61 -14.62 5.53 5.37
N GLU A 62 -13.77 6.37 5.97
CA GLU A 62 -14.07 7.79 6.19
C GLU A 62 -15.54 8.01 6.58
N ASP A 63 -16.10 7.07 7.33
CA ASP A 63 -17.49 7.17 7.76
C ASP A 63 -17.62 6.90 9.25
N TYR A 64 -16.71 6.08 9.79
CA TYR A 64 -16.74 5.76 11.21
C TYR A 64 -15.97 6.79 12.02
N ALA A 65 -15.91 6.57 13.33
CA ALA A 65 -15.21 7.49 14.22
C ALA A 65 -13.70 7.34 14.11
N ALA A 66 -13.22 6.11 14.29
CA ALA A 66 -11.79 5.83 14.21
C ALA A 66 -11.51 4.33 14.09
N ILE A 67 -12.51 3.59 13.62
CA ILE A 67 -12.37 2.15 13.45
C ILE A 67 -11.27 1.82 12.46
N ARG A 68 -10.88 2.81 11.65
CA ARG A 68 -9.83 2.64 10.65
C ARG A 68 -8.56 2.08 11.29
N ASP A 69 -8.24 2.56 12.48
CA ASP A 69 -7.05 2.11 13.20
C ASP A 69 -7.10 0.60 13.44
N ASN A 70 -8.30 0.08 13.67
CA ASN A 70 -8.49 -1.34 13.92
C ASN A 70 -7.94 -2.18 12.77
N TYR A 71 -8.26 -1.77 11.53
CA TYR A 71 -7.81 -2.50 10.36
C TYR A 71 -6.28 -2.54 10.27
N PHE A 72 -5.65 -1.40 10.53
CA PHE A 72 -4.19 -1.31 10.47
C PHE A 72 -3.52 -2.14 11.56
N ARG A 73 -4.28 -2.45 12.61
CA ARG A 73 -3.75 -3.24 13.72
C ARG A 73 -3.85 -4.73 13.41
N SER A 74 -4.44 -5.05 12.26
CA SER A 74 -4.59 -6.45 11.86
C SER A 74 -3.52 -6.85 10.84
N GLY A 75 -2.54 -5.98 10.65
CA GLY A 75 -1.47 -6.27 9.70
C GLY A 75 -0.11 -5.84 10.21
N GLU A 76 0.93 -6.13 9.43
CA GLU A 76 2.29 -5.77 9.81
C GLU A 76 2.83 -4.66 8.92
N GLY A 77 2.77 -4.88 7.61
CA GLY A 77 3.26 -3.90 6.67
C GLY A 77 2.19 -2.89 6.26
N PHE A 78 2.61 -1.80 5.65
CA PHE A 78 1.68 -0.76 5.21
C PHE A 78 2.02 -0.28 3.81
N LEU A 79 0.99 -0.05 3.00
CA LEU A 79 1.19 0.42 1.63
C LEU A 79 0.29 1.62 1.33
N LEU A 80 0.90 2.80 1.22
CA LEU A 80 0.14 4.02 0.95
C LEU A 80 -0.10 4.15 -0.56
N VAL A 81 -1.36 4.38 -0.93
CA VAL A 81 -1.72 4.51 -2.35
C VAL A 81 -2.55 5.76 -2.60
N PHE A 82 -2.20 6.50 -3.66
CA PHE A 82 -2.92 7.71 -4.03
C PHE A 82 -2.90 7.89 -5.55
N SER A 83 -3.91 8.59 -6.07
CA SER A 83 -4.00 8.84 -7.50
C SER A 83 -3.36 10.18 -7.86
N ILE A 84 -2.72 10.24 -9.02
CA ILE A 84 -2.07 11.47 -9.48
C ILE A 84 -3.11 12.50 -9.92
N THR A 85 -4.11 12.03 -10.66
CA THR A 85 -5.17 12.92 -11.15
C THR A 85 -6.00 13.48 -9.99
N GLU A 86 -5.80 12.91 -8.80
CA GLU A 86 -6.53 13.36 -7.61
C GLU A 86 -5.57 13.92 -6.57
N HIS A 87 -5.40 15.24 -6.57
CA HIS A 87 -4.52 15.91 -5.62
C HIS A 87 -4.99 15.70 -4.19
N GLU A 88 -6.25 15.31 -4.03
CA GLU A 88 -6.84 15.10 -2.72
C GLU A 88 -6.32 13.80 -2.11
N SER A 89 -5.93 12.87 -2.96
CA SER A 89 -5.44 11.57 -2.51
C SER A 89 -4.08 11.69 -1.83
N PHE A 90 -3.12 12.30 -2.52
CA PHE A 90 -1.77 12.47 -1.97
C PHE A 90 -1.79 13.23 -0.65
N THR A 91 -2.70 14.17 -0.54
CA THR A 91 -2.82 15.00 0.67
C THR A 91 -3.41 14.21 1.84
N ALA A 92 -4.56 13.60 1.62
CA ALA A 92 -5.23 12.83 2.67
C ALA A 92 -4.38 11.64 3.10
N THR A 93 -3.66 11.05 2.14
CA THR A 93 -2.80 9.91 2.42
C THR A 93 -1.77 10.27 3.49
N ALA A 94 -1.25 11.49 3.38
CA ALA A 94 -0.25 11.98 4.33
C ALA A 94 -0.75 11.90 5.76
N GLU A 95 -2.04 12.13 5.95
CA GLU A 95 -2.65 12.09 7.27
C GLU A 95 -2.61 10.68 7.86
N PHE A 96 -2.96 9.69 7.03
CA PHE A 96 -2.97 8.29 7.46
C PHE A 96 -1.59 7.85 7.90
N ARG A 97 -0.56 8.49 7.36
CA ARG A 97 0.82 8.16 7.70
C ARG A 97 1.04 8.18 9.21
N GLU A 98 0.53 9.22 9.85
CA GLU A 98 0.66 9.37 11.30
C GLU A 98 -0.19 8.35 12.04
N GLN A 99 -1.27 7.90 11.39
CA GLN A 99 -2.18 6.92 12.00
C GLN A 99 -1.54 5.54 12.00
N ILE A 100 -0.65 5.31 11.05
CA ILE A 100 0.03 4.03 10.92
C ILE A 100 0.83 3.71 12.18
N LEU A 101 1.45 4.72 12.77
CA LEU A 101 2.26 4.54 13.97
C LEU A 101 1.40 4.16 15.18
N ARG A 102 0.13 4.56 15.14
CA ARG A 102 -0.80 4.28 16.24
C ARG A 102 -0.87 2.78 16.55
N VAL A 103 -1.09 1.98 15.52
CA VAL A 103 -1.20 0.54 15.66
C VAL A 103 0.15 -0.11 15.96
N LYS A 104 1.23 0.66 15.82
CA LYS A 104 2.56 0.15 16.09
C LYS A 104 3.35 1.10 16.98
N ALA A 105 2.94 1.21 18.24
CA ALA A 105 3.59 2.10 19.18
C ALA A 105 4.80 1.42 19.83
N GLU A 106 4.80 0.09 19.82
CA GLU A 106 5.89 -0.68 20.41
C GLU A 106 6.98 -0.97 19.37
N GLU A 107 6.55 -1.25 18.14
CA GLU A 107 7.48 -1.55 17.07
C GLU A 107 8.31 -0.32 16.71
N ASP A 108 9.62 -0.50 16.60
CA ASP A 108 10.52 0.60 16.27
C ASP A 108 10.59 0.79 14.76
N LYS A 109 10.70 -0.32 14.03
CA LYS A 109 10.77 -0.27 12.57
C LYS A 109 9.38 -0.48 11.96
N ILE A 110 8.92 0.51 11.21
CA ILE A 110 7.60 0.44 10.58
C ILE A 110 7.70 0.40 9.06
N PRO A 111 7.49 -0.78 8.45
CA PRO A 111 7.56 -0.94 6.99
C PRO A 111 6.49 -0.12 6.28
N LEU A 112 6.91 0.66 5.27
CA LEU A 112 5.98 1.49 4.51
C LEU A 112 6.47 1.69 3.08
N LEU A 113 5.53 1.92 2.17
CA LEU A 113 5.86 2.12 0.77
C LEU A 113 4.74 2.87 0.07
N VAL A 114 5.05 4.04 -0.49
CA VAL A 114 4.07 4.85 -1.18
C VAL A 114 4.04 4.55 -2.67
N VAL A 115 2.85 4.58 -3.25
CA VAL A 115 2.68 4.32 -4.67
C VAL A 115 1.63 5.23 -5.29
N GLY A 116 1.75 5.47 -6.59
CA GLY A 116 0.80 6.32 -7.29
C GLY A 116 0.16 5.60 -8.46
N ASN A 117 -1.14 5.38 -8.38
CA ASN A 117 -1.86 4.70 -9.45
C ASN A 117 -2.37 5.71 -10.46
N LYS A 118 -3.10 5.21 -11.46
CA LYS A 118 -3.64 6.06 -12.52
C LYS A 118 -2.53 6.84 -13.22
N SER A 119 -1.29 6.40 -13.04
CA SER A 119 -0.14 7.06 -13.65
C SER A 119 -0.22 7.01 -15.17
N ASP A 120 -1.15 6.21 -15.69
CA ASP A 120 -1.33 6.08 -17.13
C ASP A 120 -1.76 7.40 -17.74
N LEU A 121 -2.19 8.32 -16.88
CA LEU A 121 -2.64 9.63 -17.33
C LEU A 121 -1.58 10.70 -17.03
N GLU A 122 -0.61 10.82 -17.93
CA GLU A 122 0.46 11.80 -17.77
C GLU A 122 -0.06 13.21 -18.01
N GLU A 123 -1.27 13.31 -18.53
CA GLU A 123 -1.88 14.60 -18.82
C GLU A 123 -2.66 15.13 -17.62
N ARG A 124 -3.15 14.22 -16.78
CA ARG A 124 -3.91 14.60 -15.60
C ARG A 124 -3.03 14.57 -14.35
N ARG A 125 -1.78 14.16 -14.51
CA ARG A 125 -0.85 14.09 -13.39
C ARG A 125 -0.55 15.49 -12.87
N GLN A 126 -1.08 15.82 -11.69
CA GLN A 126 -0.88 17.13 -11.09
C GLN A 126 0.26 17.09 -10.07
N VAL A 127 0.61 15.88 -9.63
CA VAL A 127 1.68 15.71 -8.65
C VAL A 127 2.91 15.07 -9.28
N PRO A 128 3.93 15.87 -9.63
CA PRO A 128 5.16 15.36 -10.24
C PRO A 128 5.79 14.24 -9.41
N VAL A 129 6.34 13.25 -10.08
CA VAL A 129 6.96 12.11 -9.39
C VAL A 129 8.06 12.57 -8.44
N GLU A 130 8.93 13.47 -8.91
CA GLU A 130 10.03 13.98 -8.10
C GLU A 130 9.51 14.59 -6.80
N GLU A 131 8.52 15.47 -6.91
CA GLU A 131 7.96 16.12 -5.74
C GLU A 131 7.27 15.10 -4.84
N ALA A 132 6.78 14.02 -5.44
CA ALA A 132 6.10 12.97 -4.70
C ALA A 132 7.10 12.14 -3.89
N ARG A 133 8.31 12.02 -4.42
CA ARG A 133 9.36 11.25 -3.75
C ARG A 133 9.96 12.04 -2.59
N SER A 134 10.08 13.35 -2.79
CA SER A 134 10.65 14.23 -1.77
C SER A 134 9.84 14.17 -0.48
N LYS A 135 8.52 14.36 -0.60
CA LYS A 135 7.64 14.34 0.56
C LYS A 135 7.62 12.95 1.19
N ALA A 136 7.44 11.93 0.37
CA ALA A 136 7.40 10.55 0.84
C ALA A 136 8.71 10.16 1.54
N GLU A 137 9.80 10.79 1.11
CA GLU A 137 11.11 10.51 1.68
C GLU A 137 11.16 10.90 3.16
N GLU A 138 10.42 11.96 3.51
CA GLU A 138 10.37 12.43 4.89
C GLU A 138 10.06 11.30 5.85
N TRP A 139 9.11 10.44 5.44
CA TRP A 139 8.71 9.30 6.27
C TRP A 139 9.80 8.23 6.27
N GLY A 140 10.58 8.20 5.20
CA GLY A 140 11.65 7.21 5.09
C GLY A 140 11.34 6.16 4.05
N VAL A 141 10.58 6.54 3.02
CA VAL A 141 10.22 5.61 1.95
C VAL A 141 10.48 6.21 0.59
N GLN A 142 10.37 5.39 -0.44
CA GLN A 142 10.57 5.82 -1.82
C GLN A 142 9.28 5.64 -2.61
N TYR A 143 8.93 6.66 -3.39
CA TYR A 143 7.70 6.62 -4.18
C TYR A 143 7.97 6.20 -5.62
N VAL A 144 7.01 5.49 -6.21
CA VAL A 144 7.13 5.03 -7.59
C VAL A 144 5.81 5.22 -8.34
N GLU A 145 5.91 5.35 -9.67
CA GLU A 145 4.73 5.53 -10.50
C GLU A 145 4.18 4.18 -10.94
N THR A 146 2.85 4.03 -10.92
CA THR A 146 2.22 2.78 -11.30
C THR A 146 0.86 3.01 -11.95
N SER A 147 0.43 2.03 -12.74
CA SER A 147 -0.86 2.10 -13.41
C SER A 147 -1.60 0.77 -13.32
N ALA A 148 -2.66 0.73 -12.52
CA ALA A 148 -3.45 -0.48 -12.33
C ALA A 148 -4.03 -0.99 -13.65
N LYS A 149 -4.05 -0.13 -14.66
CA LYS A 149 -4.58 -0.51 -15.96
C LYS A 149 -3.63 -1.43 -16.70
N THR A 150 -2.39 -0.98 -16.87
CA THR A 150 -1.39 -1.77 -17.56
C THR A 150 -0.67 -2.71 -16.60
N ARG A 151 -1.04 -2.64 -15.32
CA ARG A 151 -0.45 -3.49 -14.27
C ARG A 151 1.03 -3.76 -14.52
N ALA A 152 1.75 -2.73 -14.97
CA ALA A 152 3.18 -2.87 -15.26
C ALA A 152 4.02 -2.83 -14.00
N ASN A 153 3.87 -1.76 -13.21
CA ASN A 153 4.64 -1.60 -11.98
C ASN A 153 3.78 -1.72 -10.73
N VAL A 154 2.54 -2.18 -10.90
CA VAL A 154 1.64 -2.34 -9.76
C VAL A 154 2.23 -3.33 -8.75
N ASP A 155 2.79 -4.43 -9.25
CA ASP A 155 3.38 -5.45 -8.40
C ASP A 155 4.72 -4.98 -7.83
N LYS A 156 5.26 -3.92 -8.40
CA LYS A 156 6.54 -3.38 -7.95
C LYS A 156 6.47 -2.92 -6.49
N VAL A 157 5.34 -2.34 -6.10
CA VAL A 157 5.17 -1.86 -4.74
C VAL A 157 4.90 -3.01 -3.77
N PHE A 158 4.32 -4.09 -4.27
CA PHE A 158 4.02 -5.26 -3.45
C PHE A 158 5.30 -6.01 -3.09
N PHE A 159 6.14 -6.25 -4.09
CA PHE A 159 7.39 -6.96 -3.88
C PHE A 159 8.39 -6.12 -3.10
N ASP A 160 8.54 -4.86 -3.51
CA ASP A 160 9.48 -3.96 -2.85
C ASP A 160 9.15 -3.83 -1.36
N LEU A 161 7.88 -3.55 -1.06
CA LEU A 161 7.44 -3.41 0.33
C LEU A 161 7.66 -4.70 1.10
N MET A 162 7.27 -5.82 0.51
CA MET A 162 7.45 -7.13 1.15
C MET A 162 8.90 -7.35 1.56
N ARG A 163 9.82 -6.97 0.68
CA ARG A 163 11.24 -7.11 0.96
C ARG A 163 11.67 -6.15 2.06
N GLU A 164 11.05 -4.98 2.07
CA GLU A 164 11.37 -3.96 3.07
C GLU A 164 10.97 -4.42 4.47
N ILE A 165 9.99 -5.31 4.54
CA ILE A 165 9.52 -5.83 5.83
C ILE A 165 10.53 -6.79 6.44
N ARG A 166 10.92 -7.81 5.69
CA ARG A 166 11.88 -8.80 6.16
C ARG A 166 13.22 -8.17 6.52
N THR A 167 13.56 -7.08 5.83
CA THR A 167 14.83 -6.41 6.06
C THR A 167 14.74 -5.36 7.17
N LYS A 168 13.85 -4.40 7.02
CA LYS A 168 13.71 -3.31 7.99
C LYS A 168 13.11 -3.78 9.32
N LYS A 169 11.96 -4.44 9.27
CA LYS A 169 11.30 -4.90 10.50
C LYS A 169 12.12 -5.91 11.28
N MET A 170 12.52 -7.00 10.62
CA MET A 170 13.29 -8.06 11.27
C MET A 170 14.64 -7.58 11.77
N SER A 171 15.08 -6.40 11.34
CA SER A 171 16.38 -5.87 11.77
C SER A 171 16.25 -5.17 13.12
N GLU A 172 15.15 -4.46 13.32
CA GLU A 172 14.89 -3.74 14.57
C GLU A 172 16.01 -2.73 14.85
N ASN A 173 15.91 -2.05 15.98
CA ASN A 173 16.89 -1.05 16.37
C ASN A 173 18.12 -1.72 16.99
N LYS A 174 19.11 -0.90 17.35
CA LYS A 174 20.34 -1.41 17.95
C LYS A 174 20.08 -1.92 19.36
PG GNP B . -14.21 1.31 -2.04
O1G GNP B . -15.51 1.50 -1.35
O2G GNP B . -13.63 -0.15 -1.80
O3G GNP B . -13.16 2.43 -1.64
N3B GNP B . -14.38 1.43 -3.71
PB GNP B . -12.93 1.85 -4.43
O1B GNP B . -12.46 3.14 -3.85
O2B GNP B . -12.01 0.69 -4.44
O3A GNP B . -13.39 2.14 -5.93
PA GNP B . -12.91 3.45 -6.68
O1A GNP B . -13.94 4.51 -6.52
O2A GNP B . -11.51 3.75 -6.28
O5' GNP B . -12.90 2.99 -8.21
C5' GNP B . -11.68 2.72 -8.88
C4' GNP B . -11.93 2.55 -10.36
O4' GNP B . -11.13 3.54 -11.08
C3' GNP B . -11.52 1.21 -10.94
O3' GNP B . -12.60 0.29 -10.91
C2' GNP B . -11.13 1.56 -12.38
O2' GNP B . -12.26 1.69 -13.22
C1' GNP B . -10.49 2.92 -12.18
N9 GNP B . -9.05 2.86 -11.90
C8 GNP B . -8.45 2.66 -10.69
N7 GNP B . -7.15 2.65 -10.74
C5 GNP B . -6.87 2.86 -12.09
C6 GNP B . -5.63 2.96 -12.77
O6 GNP B . -4.49 2.86 -12.31
N1 GNP B . -5.79 3.17 -14.13
C2 GNP B . -7.01 3.28 -14.76
N2 GNP B . -6.98 3.49 -16.09
N3 GNP B . -8.18 3.20 -14.14
C4 GNP B . -8.03 2.99 -12.82
HNB3 GNP B . -15.07 2.09 -3.91
H5'2 GNP B . -11.24 1.79 -8.50
H5'1 GNP B . -10.98 3.54 -8.72
H4' GNP B . -13.00 2.66 -10.53
H3' GNP B . -10.70 0.75 -10.39
HO3' GNP B . -13.03 0.38 -10.06
H2' GNP B . -10.41 0.83 -12.76
HO2' GNP B . -12.22 2.56 -13.62
H1' GNP B . -10.63 3.58 -13.04
H8 GNP B . -9.01 2.52 -9.77
HN1 GNP B . -4.96 3.25 -14.70
HN21 GNP B . -7.84 3.58 -16.60
HN22 GNP B . -6.09 3.55 -16.56
MG MG C . -12.34 -1.29 -3.32
N LEU A 1 8.58 -21.27 5.53
CA LEU A 1 7.48 -20.46 4.94
C LEU A 1 7.02 -19.38 5.91
N ALA A 2 7.35 -18.12 5.60
CA ALA A 2 6.96 -17.01 6.45
C ALA A 2 5.56 -16.54 6.12
N LEU A 3 5.04 -15.61 6.94
CA LEU A 3 3.71 -15.08 6.74
C LEU A 3 3.68 -13.58 6.99
N HIS A 4 3.57 -12.80 5.91
CA HIS A 4 3.53 -11.35 6.01
C HIS A 4 2.12 -10.84 5.81
N LYS A 5 1.82 -9.68 6.40
CA LYS A 5 0.49 -9.09 6.28
C LYS A 5 0.58 -7.62 5.86
N VAL A 6 0.27 -7.36 4.59
CA VAL A 6 0.31 -6.00 4.06
C VAL A 6 -1.10 -5.39 4.03
N ILE A 7 -1.19 -4.12 4.42
CA ILE A 7 -2.47 -3.44 4.44
C ILE A 7 -2.56 -2.41 3.31
N MET A 8 -3.69 -2.40 2.62
CA MET A 8 -3.92 -1.46 1.52
C MET A 8 -4.45 -0.13 2.07
N VAL A 9 -3.55 0.82 2.29
CA VAL A 9 -3.94 2.13 2.81
C VAL A 9 -3.92 3.19 1.73
N GLY A 10 -4.69 4.26 1.95
CA GLY A 10 -4.76 5.34 0.98
C GLY A 10 -5.58 6.50 1.50
N SER A 11 -5.99 7.38 0.58
CA SER A 11 -6.78 8.54 0.94
C SER A 11 -8.15 8.14 1.46
N GLY A 12 -8.81 7.27 0.70
CA GLY A 12 -10.13 6.80 1.09
C GLY A 12 -10.98 6.41 -0.12
N GLY A 13 -10.52 6.81 -1.31
CA GLY A 13 -11.25 6.51 -2.53
C GLY A 13 -10.40 6.70 -3.78
N VAL A 14 -9.40 5.85 -3.95
CA VAL A 14 -8.51 5.93 -5.10
C VAL A 14 -8.54 4.63 -5.91
N GLY A 15 -8.20 3.52 -5.26
CA GLY A 15 -8.20 2.24 -5.93
C GLY A 15 -7.33 1.21 -5.25
N LYS A 16 -7.37 1.20 -3.92
CA LYS A 16 -6.59 0.26 -3.13
C LYS A 16 -6.86 -1.18 -3.58
N SER A 17 -8.11 -1.44 -3.92
CA SER A 17 -8.53 -2.76 -4.38
C SER A 17 -8.03 -3.03 -5.80
N ALA A 18 -7.89 -1.96 -6.57
CA ALA A 18 -7.44 -2.05 -7.96
C ALA A 18 -6.05 -2.65 -8.00
N LEU A 19 -5.13 -2.06 -7.24
CA LEU A 19 -3.77 -2.57 -7.18
C LEU A 19 -3.83 -3.99 -6.66
N THR A 20 -4.88 -4.27 -5.90
CA THR A 20 -5.08 -5.59 -5.32
C THR A 20 -5.50 -6.61 -6.36
N LEU A 21 -6.38 -6.20 -7.27
CA LEU A 21 -6.88 -7.07 -8.33
C LEU A 21 -5.83 -7.40 -9.37
N GLN A 22 -4.91 -6.45 -9.60
CA GLN A 22 -3.86 -6.64 -10.59
C GLN A 22 -2.83 -7.67 -10.11
N PHE A 23 -2.52 -7.63 -8.82
CA PHE A 23 -1.55 -8.55 -8.25
C PHE A 23 -2.11 -9.97 -8.11
N MET A 24 -3.35 -10.06 -7.64
CA MET A 24 -3.99 -11.36 -7.42
C MET A 24 -4.60 -11.95 -8.70
N TYR A 25 -5.39 -11.16 -9.42
CA TYR A 25 -6.06 -11.64 -10.62
C TYR A 25 -5.28 -11.32 -11.90
N ASP A 26 -4.36 -10.37 -11.84
CA ASP A 26 -3.57 -10.00 -13.01
C ASP A 26 -4.49 -9.56 -14.15
N GLU A 27 -5.51 -8.78 -13.82
CA GLU A 27 -6.46 -8.30 -14.81
C GLU A 27 -7.10 -6.99 -14.36
N PHE A 28 -7.48 -6.16 -15.33
CA PHE A 28 -8.11 -4.88 -15.03
C PHE A 28 -9.63 -5.01 -14.98
N VAL A 29 -10.18 -4.88 -13.78
CA VAL A 29 -11.63 -4.98 -13.57
C VAL A 29 -12.21 -3.59 -13.29
N GLU A 30 -13.47 -3.41 -13.65
CA GLU A 30 -14.14 -2.12 -13.44
C GLU A 30 -14.08 -1.71 -11.98
N ASP A 31 -14.92 -2.33 -11.14
CA ASP A 31 -14.95 -2.02 -9.72
C ASP A 31 -15.94 -2.95 -8.98
N TYR A 32 -15.39 -3.91 -8.26
CA TYR A 32 -16.21 -4.85 -7.50
C TYR A 32 -15.35 -5.72 -6.59
N GLU A 33 -15.31 -5.37 -5.31
CA GLU A 33 -14.51 -6.12 -4.34
C GLU A 33 -15.07 -5.94 -2.92
N PRO A 34 -16.13 -6.70 -2.58
CA PRO A 34 -16.75 -6.63 -1.25
C PRO A 34 -15.85 -7.24 -0.18
N THR A 35 -15.46 -6.45 0.81
CA THR A 35 -14.61 -6.91 1.89
C THR A 35 -15.42 -7.65 2.95
N LYS A 36 -15.38 -8.98 2.90
CA LYS A 36 -16.11 -9.81 3.85
C LYS A 36 -15.23 -10.13 5.05
N ALA A 37 -14.33 -9.22 5.38
CA ALA A 37 -13.41 -9.40 6.51
C ALA A 37 -12.46 -10.57 6.25
N ASP A 38 -12.47 -11.08 5.02
CA ASP A 38 -11.61 -12.19 4.64
C ASP A 38 -10.37 -11.70 3.91
N SER A 39 -9.22 -12.26 4.25
CA SER A 39 -7.96 -11.87 3.63
C SER A 39 -7.50 -12.91 2.62
N TYR A 40 -6.58 -12.50 1.74
CA TYR A 40 -6.05 -13.40 0.72
C TYR A 40 -4.70 -13.96 1.14
N ARG A 41 -4.39 -15.18 0.67
CA ARG A 41 -3.13 -15.83 1.00
C ARG A 41 -2.60 -16.61 -0.19
N LYS A 42 -1.30 -16.50 -0.43
CA LYS A 42 -0.65 -17.19 -1.53
C LYS A 42 0.84 -17.34 -1.27
N LYS A 43 1.47 -18.34 -1.88
CA LYS A 43 2.89 -18.58 -1.71
C LYS A 43 3.69 -18.10 -2.91
N VAL A 44 4.64 -17.19 -2.64
CA VAL A 44 5.49 -16.64 -3.70
C VAL A 44 6.96 -16.75 -3.31
N VAL A 45 7.82 -16.92 -4.30
CA VAL A 45 9.25 -17.04 -4.03
C VAL A 45 9.94 -15.67 -4.05
N LEU A 46 10.71 -15.39 -3.01
CA LEU A 46 11.43 -14.13 -2.89
C LEU A 46 12.89 -14.37 -2.57
N ASP A 47 13.75 -14.10 -3.56
CA ASP A 47 15.19 -14.30 -3.39
C ASP A 47 15.50 -15.76 -3.06
N GLY A 48 14.67 -16.66 -3.59
CA GLY A 48 14.87 -18.08 -3.34
C GLY A 48 14.07 -18.59 -2.17
N GLU A 49 13.72 -17.69 -1.25
CA GLU A 49 12.95 -18.06 -0.07
C GLU A 49 11.46 -17.80 -0.29
N GLU A 50 10.69 -18.89 -0.31
CA GLU A 50 9.25 -18.79 -0.52
C GLU A 50 8.54 -18.33 0.76
N VAL A 51 7.75 -17.27 0.64
CA VAL A 51 7.01 -16.72 1.76
C VAL A 51 5.55 -16.49 1.40
N GLN A 52 4.74 -16.17 2.39
CA GLN A 52 3.31 -15.94 2.17
C GLN A 52 2.98 -14.45 2.31
N ILE A 53 1.97 -14.01 1.57
CA ILE A 53 1.53 -12.61 1.63
C ILE A 53 0.04 -12.53 1.95
N ASP A 54 -0.31 -11.64 2.87
CA ASP A 54 -1.70 -11.45 3.27
C ASP A 54 -2.20 -10.06 2.91
N ILE A 55 -3.15 -9.98 1.99
CA ILE A 55 -3.71 -8.71 1.56
C ILE A 55 -5.17 -8.59 1.99
N LEU A 56 -5.47 -7.52 2.73
CA LEU A 56 -6.83 -7.28 3.19
C LEU A 56 -7.27 -5.87 2.80
N ASP A 57 -8.31 -5.80 1.96
CA ASP A 57 -8.82 -4.52 1.50
C ASP A 57 -9.57 -3.79 2.62
N THR A 58 -9.31 -2.49 2.75
CA THR A 58 -9.95 -1.68 3.77
C THR A 58 -11.06 -0.84 3.19
N ALA A 59 -10.93 -0.50 1.90
CA ALA A 59 -11.92 0.32 1.22
C ALA A 59 -12.12 1.65 1.91
N GLY A 60 -13.13 2.40 1.48
CA GLY A 60 -13.42 3.68 2.08
C GLY A 60 -14.37 3.58 3.26
N LEU A 61 -13.84 3.76 4.46
CA LEU A 61 -14.65 3.67 5.67
C LEU A 61 -15.38 4.98 5.93
N GLU A 62 -14.61 6.07 6.04
CA GLU A 62 -15.17 7.39 6.28
C GLU A 62 -15.84 7.47 7.65
N ASP A 63 -17.07 6.96 7.72
CA ASP A 63 -17.83 6.97 8.97
C ASP A 63 -17.10 6.18 10.06
N TYR A 64 -16.43 5.11 9.66
CA TYR A 64 -15.70 4.27 10.60
C TYR A 64 -14.25 4.72 10.73
N ALA A 65 -14.05 5.88 11.34
CA ALA A 65 -12.71 6.45 11.53
C ALA A 65 -11.98 5.76 12.68
N ALA A 66 -12.72 5.05 13.53
CA ALA A 66 -12.14 4.36 14.67
C ALA A 66 -11.74 2.93 14.32
N ILE A 67 -12.48 2.31 13.40
CA ILE A 67 -12.19 0.94 12.98
C ILE A 67 -11.08 0.88 11.96
N ARG A 68 -10.91 1.96 11.18
CA ARG A 68 -9.87 2.01 10.16
C ARG A 68 -8.50 1.73 10.78
N ASP A 69 -8.32 2.18 12.03
CA ASP A 69 -7.07 1.98 12.73
C ASP A 69 -6.87 0.51 13.09
N ASN A 70 -7.98 -0.16 13.42
CA ASN A 70 -7.95 -1.58 13.78
C ASN A 70 -7.29 -2.42 12.68
N TYR A 71 -7.50 -2.03 11.43
CA TYR A 71 -6.92 -2.75 10.31
C TYR A 71 -5.40 -2.65 10.31
N PHE A 72 -4.89 -1.44 10.50
CA PHE A 72 -3.45 -1.21 10.53
C PHE A 72 -2.80 -1.89 11.73
N ARG A 73 -3.60 -2.26 12.71
CA ARG A 73 -3.09 -2.92 13.91
C ARG A 73 -2.89 -4.41 13.67
N SER A 74 -3.53 -4.93 12.62
CA SER A 74 -3.43 -6.35 12.29
C SER A 74 -2.46 -6.58 11.14
N GLY A 75 -1.79 -5.51 10.70
CA GLY A 75 -0.86 -5.63 9.60
C GLY A 75 0.52 -5.11 9.96
N GLU A 76 1.55 -5.71 9.36
CA GLU A 76 2.93 -5.32 9.62
C GLU A 76 3.40 -4.31 8.57
N GLY A 77 3.10 -4.60 7.30
CA GLY A 77 3.49 -3.72 6.22
C GLY A 77 2.38 -2.75 5.86
N PHE A 78 2.73 -1.65 5.20
CA PHE A 78 1.76 -0.64 4.80
C PHE A 78 2.04 -0.14 3.39
N LEU A 79 1.00 -0.07 2.57
CA LEU A 79 1.13 0.41 1.19
C LEU A 79 0.18 1.57 0.92
N LEU A 80 0.73 2.77 0.83
CA LEU A 80 -0.08 3.97 0.58
C LEU A 80 -0.36 4.10 -0.91
N VAL A 81 -1.58 4.53 -1.24
CA VAL A 81 -1.98 4.68 -2.63
C VAL A 81 -2.81 5.94 -2.86
N PHE A 82 -2.50 6.65 -3.95
CA PHE A 82 -3.22 7.87 -4.30
C PHE A 82 -3.10 8.15 -5.80
N SER A 83 -4.01 8.95 -6.32
CA SER A 83 -4.00 9.30 -7.73
C SER A 83 -3.24 10.61 -7.97
N ILE A 84 -2.27 10.56 -8.88
CA ILE A 84 -1.47 11.75 -9.20
C ILE A 84 -2.35 12.86 -9.75
N THR A 85 -3.44 12.48 -10.41
CA THR A 85 -4.36 13.46 -10.98
C THR A 85 -5.32 13.99 -9.92
N GLU A 86 -5.47 13.24 -8.83
CA GLU A 86 -6.36 13.63 -7.74
C GLU A 86 -5.55 14.21 -6.57
N HIS A 87 -5.45 15.53 -6.52
CA HIS A 87 -4.70 16.20 -5.46
C HIS A 87 -5.33 15.93 -4.10
N GLU A 88 -6.58 15.49 -4.09
CA GLU A 88 -7.29 15.22 -2.85
C GLU A 88 -6.78 13.93 -2.22
N SER A 89 -6.28 13.03 -3.06
CA SER A 89 -5.77 11.75 -2.60
C SER A 89 -4.39 11.89 -1.97
N PHE A 90 -3.46 12.50 -2.71
CA PHE A 90 -2.10 12.71 -2.23
C PHE A 90 -2.07 13.33 -0.83
N THR A 91 -2.94 14.29 -0.61
CA THR A 91 -3.03 14.98 0.67
C THR A 91 -3.65 14.11 1.75
N ALA A 92 -4.84 13.57 1.48
CA ALA A 92 -5.54 12.73 2.44
C ALA A 92 -4.71 11.53 2.84
N THR A 93 -3.92 11.03 1.89
CA THR A 93 -3.06 9.88 2.13
C THR A 93 -1.98 10.21 3.15
N ALA A 94 -1.56 11.48 3.14
CA ALA A 94 -0.52 11.94 4.05
C ALA A 94 -0.99 11.89 5.50
N GLU A 95 -2.30 12.02 5.71
CA GLU A 95 -2.86 12.00 7.05
C GLU A 95 -2.72 10.61 7.67
N PHE A 96 -2.99 9.58 6.88
CA PHE A 96 -2.90 8.20 7.35
C PHE A 96 -1.48 7.85 7.78
N ARG A 97 -0.50 8.55 7.19
CA ARG A 97 0.90 8.31 7.52
C ARG A 97 1.11 8.30 9.03
N GLU A 98 0.52 9.28 9.71
CA GLU A 98 0.62 9.39 11.16
C GLU A 98 -0.19 8.30 11.85
N GLN A 99 -1.37 8.02 11.30
CA GLN A 99 -2.26 7.01 11.86
C GLN A 99 -1.59 5.64 11.91
N ILE A 100 -0.70 5.40 10.96
CA ILE A 100 0.02 4.13 10.88
C ILE A 100 0.83 3.87 12.14
N LEU A 101 1.51 4.90 12.63
CA LEU A 101 2.34 4.78 13.83
C LEU A 101 1.50 4.53 15.07
N ARG A 102 0.24 4.97 15.05
CA ARG A 102 -0.66 4.81 16.19
C ARG A 102 -0.74 3.35 16.64
N VAL A 103 -1.00 2.46 15.69
CA VAL A 103 -1.12 1.04 15.99
C VAL A 103 0.23 0.42 16.33
N LYS A 104 1.30 1.17 16.08
CA LYS A 104 2.65 0.69 16.37
C LYS A 104 3.36 1.65 17.32
N ALA A 105 2.78 1.86 18.49
CA ALA A 105 3.35 2.76 19.47
C ALA A 105 4.49 2.10 20.25
N GLU A 106 4.60 0.78 20.11
CA GLU A 106 5.65 0.03 20.80
C GLU A 106 6.67 -0.51 19.80
N GLU A 107 6.53 -0.12 18.53
CA GLU A 107 7.44 -0.57 17.50
C GLU A 107 8.24 0.60 16.93
N ASP A 108 9.34 0.28 16.25
CA ASP A 108 10.19 1.30 15.65
C ASP A 108 10.22 1.17 14.13
N LYS A 109 10.62 0.00 13.65
CA LYS A 109 10.70 -0.26 12.22
C LYS A 109 9.30 -0.45 11.64
N ILE A 110 8.84 0.55 10.89
CA ILE A 110 7.51 0.50 10.28
C ILE A 110 7.62 0.35 8.76
N PRO A 111 7.36 -0.87 8.23
CA PRO A 111 7.41 -1.14 6.79
C PRO A 111 6.32 -0.39 6.03
N LEU A 112 6.74 0.62 5.27
CA LEU A 112 5.80 1.42 4.48
C LEU A 112 6.30 1.60 3.05
N LEU A 113 5.38 1.88 2.15
CA LEU A 113 5.72 2.09 0.74
C LEU A 113 4.63 2.90 0.05
N VAL A 114 4.98 4.10 -0.39
CA VAL A 114 4.02 4.97 -1.06
C VAL A 114 3.99 4.71 -2.56
N VAL A 115 2.79 4.67 -3.12
CA VAL A 115 2.61 4.42 -4.54
C VAL A 115 1.49 5.30 -5.10
N GLY A 116 1.56 5.60 -6.40
CA GLY A 116 0.55 6.43 -7.01
C GLY A 116 0.04 5.87 -8.33
N ASN A 117 -1.28 5.83 -8.49
CA ASN A 117 -1.88 5.31 -9.72
C ASN A 117 -2.03 6.44 -10.74
N LYS A 118 -2.87 6.20 -11.75
CA LYS A 118 -3.12 7.19 -12.79
C LYS A 118 -1.82 7.60 -13.48
N SER A 119 -0.78 6.79 -13.33
CA SER A 119 0.51 7.08 -13.94
C SER A 119 0.39 7.17 -15.45
N ASP A 120 -0.71 6.65 -15.99
CA ASP A 120 -0.95 6.68 -17.43
C ASP A 120 -1.51 8.04 -17.86
N LEU A 121 -1.42 9.00 -16.95
CA LEU A 121 -1.92 10.35 -17.23
C LEU A 121 -0.83 11.40 -17.00
N GLU A 122 0.04 11.57 -17.99
CA GLU A 122 1.13 12.53 -17.89
C GLU A 122 0.62 13.96 -18.01
N GLU A 123 -0.56 14.14 -18.59
CA GLU A 123 -1.14 15.46 -18.76
C GLU A 123 -2.07 15.82 -17.61
N ARG A 124 -2.77 14.81 -17.08
CA ARG A 124 -3.70 15.02 -15.98
C ARG A 124 -2.98 14.99 -14.63
N ARG A 125 -1.67 14.76 -14.68
CA ARG A 125 -0.87 14.71 -13.47
C ARG A 125 -0.90 16.04 -12.73
N GLN A 126 -1.61 16.06 -11.60
CA GLN A 126 -1.72 17.27 -10.80
C GLN A 126 -0.52 17.41 -9.87
N VAL A 127 -0.02 16.28 -9.39
CA VAL A 127 1.14 16.27 -8.49
C VAL A 127 2.36 15.72 -9.21
N PRO A 128 3.31 16.58 -9.61
CA PRO A 128 4.53 16.15 -10.28
C PRO A 128 5.21 15.01 -9.53
N VAL A 129 5.44 13.91 -10.22
CA VAL A 129 6.07 12.74 -9.60
C VAL A 129 7.37 13.13 -8.90
N GLU A 130 8.18 13.95 -9.55
CA GLU A 130 9.45 14.40 -8.99
C GLU A 130 9.26 15.03 -7.61
N GLU A 131 8.16 15.75 -7.44
CA GLU A 131 7.88 16.40 -6.17
C GLU A 131 7.39 15.38 -5.15
N ALA A 132 6.58 14.43 -5.61
CA ALA A 132 6.06 13.38 -4.74
C ALA A 132 7.18 12.54 -4.18
N ARG A 133 8.29 12.45 -4.93
CA ARG A 133 9.44 11.66 -4.50
C ARG A 133 10.13 12.30 -3.29
N SER A 134 10.32 13.62 -3.34
CA SER A 134 10.97 14.34 -2.25
C SER A 134 10.18 14.21 -0.95
N LYS A 135 8.87 14.40 -1.03
CA LYS A 135 8.00 14.31 0.14
C LYS A 135 7.99 12.88 0.69
N ALA A 136 7.78 11.92 -0.20
CA ALA A 136 7.73 10.51 0.19
C ALA A 136 8.97 10.11 1.00
N GLU A 137 10.13 10.56 0.55
CA GLU A 137 11.39 10.25 1.21
C GLU A 137 11.37 10.69 2.68
N GLU A 138 10.64 11.76 2.98
CA GLU A 138 10.54 12.26 4.35
C GLU A 138 10.15 11.15 5.32
N TRP A 139 9.13 10.39 4.95
CA TRP A 139 8.67 9.28 5.79
C TRP A 139 9.74 8.21 5.91
N GLY A 140 10.67 8.20 4.96
CA GLY A 140 11.73 7.22 4.97
C GLY A 140 11.50 6.12 3.95
N VAL A 141 10.57 6.36 3.03
CA VAL A 141 10.25 5.39 2.00
C VAL A 141 10.54 5.92 0.60
N GLN A 142 10.26 5.11 -0.41
CA GLN A 142 10.47 5.49 -1.79
C GLN A 142 9.15 5.44 -2.56
N TYR A 143 8.85 6.50 -3.29
CA TYR A 143 7.61 6.57 -4.05
C TYR A 143 7.83 6.15 -5.50
N VAL A 144 6.90 5.34 -6.02
CA VAL A 144 6.97 4.87 -7.40
C VAL A 144 5.63 5.02 -8.11
N GLU A 145 5.68 5.23 -9.42
CA GLU A 145 4.48 5.39 -10.22
C GLU A 145 3.99 4.03 -10.73
N THR A 146 2.69 3.81 -10.68
CA THR A 146 2.11 2.55 -11.13
C THR A 146 0.81 2.78 -11.90
N SER A 147 0.45 1.81 -12.73
CA SER A 147 -0.77 1.88 -13.52
C SER A 147 -1.63 0.64 -13.32
N ALA A 148 -2.75 0.82 -12.62
CA ALA A 148 -3.66 -0.30 -12.35
C ALA A 148 -4.25 -0.86 -13.65
N LYS A 149 -3.96 -0.19 -14.76
CA LYS A 149 -4.47 -0.62 -16.06
C LYS A 149 -3.44 -1.51 -16.77
N THR A 150 -2.21 -1.03 -16.85
CA THR A 150 -1.13 -1.77 -17.50
C THR A 150 -0.49 -2.77 -16.55
N ARG A 151 -0.88 -2.71 -15.27
CA ARG A 151 -0.35 -3.59 -14.23
C ARG A 151 1.15 -3.88 -14.42
N ALA A 152 1.88 -2.87 -14.89
CA ALA A 152 3.31 -3.00 -15.14
C ALA A 152 4.13 -2.98 -13.85
N ASN A 153 3.98 -1.92 -13.06
CA ASN A 153 4.73 -1.80 -11.81
C ASN A 153 3.83 -2.03 -10.59
N VAL A 154 2.63 -2.54 -10.83
CA VAL A 154 1.70 -2.80 -9.74
C VAL A 154 2.22 -3.88 -8.80
N ASP A 155 2.78 -4.95 -9.37
CA ASP A 155 3.32 -6.05 -8.58
C ASP A 155 4.63 -5.65 -7.90
N LYS A 156 5.33 -4.69 -8.49
CA LYS A 156 6.61 -4.23 -7.97
C LYS A 156 6.48 -3.64 -6.56
N VAL A 157 5.34 -3.03 -6.27
CA VAL A 157 5.12 -2.42 -4.96
C VAL A 157 4.87 -3.46 -3.88
N PHE A 158 4.34 -4.62 -4.28
CA PHE A 158 4.05 -5.69 -3.34
C PHE A 158 5.34 -6.39 -2.91
N PHE A 159 6.20 -6.69 -3.87
CA PHE A 159 7.46 -7.36 -3.59
C PHE A 159 8.44 -6.42 -2.91
N ASP A 160 8.41 -5.15 -3.29
CA ASP A 160 9.30 -4.14 -2.71
C ASP A 160 9.08 -4.02 -1.21
N LEU A 161 7.83 -3.88 -0.81
CA LEU A 161 7.47 -3.75 0.60
C LEU A 161 7.66 -5.07 1.33
N MET A 162 7.43 -6.17 0.63
CA MET A 162 7.58 -7.51 1.21
C MET A 162 8.97 -7.71 1.80
N ARG A 163 9.98 -7.29 1.04
CA ARG A 163 11.38 -7.42 1.50
C ARG A 163 11.61 -6.63 2.78
N GLU A 164 10.94 -5.49 2.90
CA GLU A 164 11.08 -4.63 4.07
C GLU A 164 10.68 -5.39 5.34
N ILE A 165 9.49 -5.98 5.32
CA ILE A 165 8.99 -6.73 6.47
C ILE A 165 9.95 -7.84 6.86
N ARG A 166 10.64 -8.39 5.87
CA ARG A 166 11.59 -9.47 6.12
C ARG A 166 12.85 -8.97 6.82
N THR A 167 13.55 -8.04 6.17
CA THR A 167 14.79 -7.52 6.71
C THR A 167 14.58 -6.33 7.66
N LYS A 168 13.97 -5.26 7.15
CA LYS A 168 13.77 -4.03 7.93
C LYS A 168 13.00 -4.28 9.23
N LYS A 169 11.82 -4.89 9.13
CA LYS A 169 10.98 -5.13 10.29
C LYS A 169 11.66 -6.07 11.29
N MET A 170 12.15 -7.22 10.80
CA MET A 170 12.81 -8.20 11.65
C MET A 170 14.17 -7.70 12.14
N SER A 171 14.65 -6.61 11.54
CA SER A 171 15.95 -6.04 11.93
C SER A 171 15.89 -5.49 13.35
N GLU A 172 15.03 -4.50 13.56
CA GLU A 172 14.88 -3.87 14.87
C GLU A 172 16.22 -3.34 15.38
N ASN A 173 16.53 -2.10 15.05
CA ASN A 173 17.78 -1.48 15.47
C ASN A 173 17.55 -0.56 16.67
N LYS A 174 18.05 -0.95 17.83
CA LYS A 174 17.89 -0.17 19.05
C LYS A 174 19.17 -0.19 19.89
PG GNP B . -14.24 1.76 -2.46
O1G GNP B . -15.66 1.93 -2.06
O2G GNP B . -13.77 0.25 -2.26
O3G GNP B . -13.29 2.78 -1.69
N3B GNP B . -14.03 2.07 -4.09
PB GNP B . -12.43 2.44 -4.44
O1B GNP B . -11.96 3.51 -3.52
O2B GNP B . -11.65 1.18 -4.53
O3A GNP B . -12.54 3.06 -5.90
PA GNP B . -12.70 2.11 -7.17
O1A GNP B . -11.48 1.26 -7.27
O2A GNP B . -14.03 1.45 -7.12
O5' GNP B . -12.68 3.15 -8.38
C5' GNP B . -11.47 3.48 -9.06
C4' GNP B . -11.73 3.63 -10.53
O4' GNP B . -10.52 4.15 -11.17
C3' GNP B . -12.02 2.32 -11.28
O3' GNP B . -12.86 2.55 -12.40
C2' GNP B . -10.63 1.84 -11.69
O2' GNP B . -10.68 1.04 -12.85
C1' GNP B . -9.96 3.18 -12.02
N9 GNP B . -8.51 3.16 -11.81
C8 GNP B . -7.85 2.83 -10.64
N7 GNP B . -6.56 2.91 -10.76
C5 GNP B . -6.35 3.32 -12.06
C6 GNP B . -5.13 3.59 -12.76
O6 GNP B . -3.98 3.50 -12.35
N1 GNP B . -5.38 3.98 -14.08
C2 GNP B . -6.62 4.11 -14.64
N2 GNP B . -6.65 4.51 -15.92
N3 GNP B . -7.75 3.87 -14.00
C4 GNP B . -7.54 3.49 -12.73
HNB3 GNP B . -14.60 2.82 -4.36
H5'2 GNP B . -10.74 2.69 -8.89
H5'1 GNP B . -11.08 4.42 -8.66
H4' GNP B . -12.60 4.26 -10.66
H3' GNP B . -12.54 1.61 -10.64
HO3' GNP B . -12.83 1.76 -12.93
H2' GNP B . -10.14 1.34 -10.86
HO2' GNP B . -11.60 1.01 -13.15
H1' GNP B . -10.15 3.49 -13.05
H8 GNP B . -8.36 2.53 -9.74
HN1 GNP B . -4.57 4.19 -14.65
HN21 GNP B . -7.54 4.62 -16.39
HN22 GNP B . -5.79 4.68 -16.41
MG MG C . -12.28 -0.84 -3.63
N LEU A 1 7.27 -21.66 6.91
CA LEU A 1 7.10 -20.53 5.96
C LEU A 1 6.74 -19.24 6.69
N ALA A 2 7.24 -18.12 6.18
CA ALA A 2 6.96 -16.82 6.78
C ALA A 2 5.67 -16.23 6.23
N LEU A 3 4.80 -15.77 7.14
CA LEU A 3 3.52 -15.20 6.75
C LEU A 3 3.54 -13.68 6.90
N HIS A 4 3.48 -12.98 5.77
CA HIS A 4 3.48 -11.52 5.78
C HIS A 4 2.08 -10.97 5.51
N LYS A 5 1.81 -9.77 6.00
CA LYS A 5 0.51 -9.14 5.81
C LYS A 5 0.64 -7.82 5.06
N VAL A 6 -0.35 -7.53 4.23
CA VAL A 6 -0.37 -6.28 3.45
C VAL A 6 -1.68 -5.53 3.65
N ILE A 7 -1.59 -4.29 4.12
CA ILE A 7 -2.77 -3.47 4.35
C ILE A 7 -2.81 -2.30 3.38
N MET A 8 -3.70 -2.38 2.40
CA MET A 8 -3.84 -1.32 1.41
C MET A 8 -4.36 -0.04 2.06
N VAL A 9 -3.45 0.87 2.36
CA VAL A 9 -3.81 2.14 2.98
C VAL A 9 -3.74 3.27 1.98
N GLY A 10 -4.41 4.37 2.28
CA GLY A 10 -4.41 5.51 1.38
C GLY A 10 -5.36 6.60 1.81
N SER A 11 -5.75 7.44 0.85
CA SER A 11 -6.67 8.54 1.12
C SER A 11 -8.00 8.02 1.66
N GLY A 12 -8.63 7.14 0.90
CA GLY A 12 -9.90 6.58 1.31
C GLY A 12 -10.81 6.26 0.13
N GLY A 13 -10.38 6.68 -1.06
CA GLY A 13 -11.16 6.44 -2.26
C GLY A 13 -10.35 6.65 -3.53
N VAL A 14 -9.33 5.83 -3.71
CA VAL A 14 -8.45 5.93 -4.88
C VAL A 14 -8.56 4.69 -5.76
N GLY A 15 -8.43 3.52 -5.16
CA GLY A 15 -8.51 2.27 -5.91
C GLY A 15 -7.49 1.26 -5.45
N LYS A 16 -7.33 1.15 -4.14
CA LYS A 16 -6.37 0.22 -3.55
C LYS A 16 -6.59 -1.20 -4.07
N SER A 17 -7.83 -1.65 -4.03
CA SER A 17 -8.20 -2.99 -4.49
C SER A 17 -7.75 -3.23 -5.92
N ALA A 18 -7.69 -2.17 -6.71
CA ALA A 18 -7.29 -2.26 -8.10
C ALA A 18 -5.87 -2.79 -8.18
N LEU A 19 -4.97 -2.16 -7.45
CA LEU A 19 -3.59 -2.59 -7.41
C LEU A 19 -3.54 -4.02 -6.89
N THR A 20 -4.57 -4.37 -6.13
CA THR A 20 -4.66 -5.69 -5.54
C THR A 20 -5.03 -6.75 -6.58
N LEU A 21 -5.98 -6.43 -7.45
CA LEU A 21 -6.43 -7.36 -8.48
C LEU A 21 -5.36 -7.60 -9.54
N GLN A 22 -4.55 -6.58 -9.81
CA GLN A 22 -3.49 -6.69 -10.81
C GLN A 22 -2.39 -7.63 -10.34
N PHE A 23 -2.08 -7.59 -9.05
CA PHE A 23 -1.04 -8.44 -8.49
C PHE A 23 -1.49 -9.90 -8.36
N MET A 24 -2.67 -10.11 -7.79
CA MET A 24 -3.20 -11.45 -7.58
C MET A 24 -3.88 -12.06 -8.81
N TYR A 25 -4.79 -11.31 -9.44
CA TYR A 25 -5.51 -11.83 -10.60
C TYR A 25 -5.02 -11.24 -11.92
N ASP A 26 -4.10 -10.28 -11.85
CA ASP A 26 -3.56 -9.64 -13.05
C ASP A 26 -4.67 -9.39 -14.07
N GLU A 27 -5.62 -8.54 -13.71
CA GLU A 27 -6.74 -8.22 -14.58
C GLU A 27 -7.39 -6.91 -14.17
N PHE A 28 -7.56 -6.00 -15.13
CA PHE A 28 -8.18 -4.71 -14.86
C PHE A 28 -9.69 -4.82 -14.81
N VAL A 29 -10.24 -4.68 -13.60
CA VAL A 29 -11.69 -4.76 -13.41
C VAL A 29 -12.26 -3.37 -13.12
N GLU A 30 -13.52 -3.17 -13.51
CA GLU A 30 -14.18 -1.88 -13.29
C GLU A 30 -14.37 -1.59 -11.80
N ASP A 31 -15.36 -2.22 -11.19
CA ASP A 31 -15.65 -2.00 -9.78
C ASP A 31 -16.07 -3.31 -9.09
N TYR A 32 -16.85 -3.17 -8.02
CA TYR A 32 -17.34 -4.33 -7.26
C TYR A 32 -16.19 -5.04 -6.55
N GLU A 33 -15.95 -4.64 -5.31
CA GLU A 33 -14.88 -5.24 -4.51
C GLU A 33 -15.28 -5.32 -3.04
N PRO A 34 -16.26 -6.17 -2.71
CA PRO A 34 -16.75 -6.35 -1.33
C PRO A 34 -15.66 -6.91 -0.41
N THR A 35 -15.77 -6.60 0.89
CA THR A 35 -14.81 -7.09 1.88
C THR A 35 -15.51 -7.78 3.03
N LYS A 36 -15.47 -9.11 3.02
CA LYS A 36 -16.11 -9.90 4.07
C LYS A 36 -15.13 -10.18 5.20
N ALA A 37 -14.18 -9.27 5.40
CA ALA A 37 -13.18 -9.40 6.46
C ALA A 37 -12.31 -10.64 6.24
N ASP A 38 -12.40 -11.23 5.06
CA ASP A 38 -11.62 -12.41 4.74
C ASP A 38 -10.32 -12.03 4.03
N SER A 39 -9.20 -12.54 4.54
CA SER A 39 -7.90 -12.25 3.95
C SER A 39 -7.56 -13.25 2.83
N TYR A 40 -6.50 -12.95 2.09
CA TYR A 40 -6.08 -13.82 0.99
C TYR A 40 -4.76 -14.50 1.31
N ARG A 41 -4.41 -15.51 0.52
CA ARG A 41 -3.17 -16.25 0.72
C ARG A 41 -2.57 -16.68 -0.62
N LYS A 42 -1.24 -16.71 -0.68
CA LYS A 42 -0.54 -17.10 -1.90
C LYS A 42 0.93 -17.37 -1.61
N LYS A 43 1.47 -18.43 -2.20
CA LYS A 43 2.87 -18.79 -2.00
C LYS A 43 3.74 -18.29 -3.15
N VAL A 44 4.64 -17.36 -2.85
CA VAL A 44 5.53 -16.80 -3.85
C VAL A 44 6.99 -16.86 -3.38
N VAL A 45 7.89 -17.14 -4.31
CA VAL A 45 9.31 -17.22 -4.00
C VAL A 45 9.96 -15.84 -3.99
N LEU A 46 10.88 -15.63 -3.06
CA LEU A 46 11.58 -14.36 -2.95
C LEU A 46 13.04 -14.57 -2.53
N ASP A 47 13.94 -14.33 -3.47
CA ASP A 47 15.38 -14.50 -3.20
C ASP A 47 15.69 -15.94 -2.80
N GLY A 48 14.91 -16.88 -3.33
CA GLY A 48 15.13 -18.28 -3.02
C GLY A 48 14.26 -18.77 -1.88
N GLU A 49 13.75 -17.84 -1.08
CA GLU A 49 12.90 -18.19 0.05
C GLU A 49 11.43 -17.89 -0.25
N GLU A 50 10.62 -18.94 -0.28
CA GLU A 50 9.19 -18.81 -0.56
C GLU A 50 8.42 -18.52 0.72
N VAL A 51 7.72 -17.38 0.74
CA VAL A 51 6.94 -16.99 1.90
C VAL A 51 5.48 -16.74 1.52
N GLN A 52 4.58 -16.99 2.47
CA GLN A 52 3.15 -16.80 2.24
C GLN A 52 2.77 -15.34 2.41
N ILE A 53 2.04 -14.80 1.44
CA ILE A 53 1.59 -13.41 1.48
C ILE A 53 0.10 -13.32 1.80
N ASP A 54 -0.26 -12.41 2.69
CA ASP A 54 -1.65 -12.23 3.07
C ASP A 54 -2.08 -10.77 2.89
N ILE A 55 -2.99 -10.54 1.96
CA ILE A 55 -3.48 -9.19 1.69
C ILE A 55 -4.93 -9.01 2.15
N LEU A 56 -5.30 -7.77 2.44
CA LEU A 56 -6.65 -7.45 2.89
C LEU A 56 -7.06 -6.07 2.38
N ASP A 57 -8.07 -6.04 1.51
CA ASP A 57 -8.55 -4.79 0.94
C ASP A 57 -9.41 -4.02 1.93
N THR A 58 -9.11 -2.73 2.08
CA THR A 58 -9.86 -1.87 3.01
C THR A 58 -10.52 -0.72 2.25
N ALA A 59 -11.85 -0.75 2.20
CA ALA A 59 -12.61 0.29 1.51
C ALA A 59 -12.45 1.64 2.21
N GLY A 60 -13.31 2.59 1.83
CA GLY A 60 -13.25 3.91 2.44
C GLY A 60 -13.35 3.86 3.96
N LEU A 61 -12.19 3.83 4.61
CA LEU A 61 -12.14 3.77 6.06
C LEU A 61 -12.42 5.14 6.69
N GLU A 62 -12.85 6.09 5.85
CA GLU A 62 -13.16 7.43 6.32
C GLU A 62 -14.57 7.51 6.90
N ASP A 63 -15.12 6.36 7.24
CA ASP A 63 -16.46 6.29 7.81
C ASP A 63 -16.40 5.97 9.31
N TYR A 64 -15.40 5.19 9.70
CA TYR A 64 -15.23 4.81 11.09
C TYR A 64 -14.52 5.91 11.87
N ALA A 65 -14.93 6.12 13.11
CA ALA A 65 -14.33 7.14 13.97
C ALA A 65 -12.98 6.67 14.52
N ALA A 66 -12.89 5.38 14.81
CA ALA A 66 -11.65 4.80 15.34
C ALA A 66 -11.54 3.32 14.99
N ILE A 67 -12.62 2.75 14.48
CA ILE A 67 -12.63 1.33 14.11
C ILE A 67 -11.69 1.06 12.94
N ARG A 68 -11.50 2.09 12.10
CA ARG A 68 -10.63 1.97 10.94
C ARG A 68 -9.21 1.59 11.36
N ASP A 69 -8.78 2.11 12.51
CA ASP A 69 -7.44 1.83 13.03
C ASP A 69 -7.23 0.34 13.22
N ASN A 70 -8.31 -0.37 13.54
CA ASN A 70 -8.25 -1.82 13.76
C ASN A 70 -7.62 -2.52 12.56
N TYR A 71 -8.04 -2.14 11.37
CA TYR A 71 -7.53 -2.73 10.14
C TYR A 71 -6.01 -2.60 10.04
N PHE A 72 -5.49 -1.47 10.53
CA PHE A 72 -4.06 -1.22 10.48
C PHE A 72 -3.34 -1.94 11.63
N ARG A 73 -4.06 -2.22 12.70
CA ARG A 73 -3.48 -2.89 13.87
C ARG A 73 -3.42 -4.41 13.65
N SER A 74 -4.34 -4.93 12.84
CA SER A 74 -4.38 -6.36 12.56
C SER A 74 -3.48 -6.71 11.38
N GLY A 75 -2.64 -5.77 10.98
CA GLY A 75 -1.74 -6.00 9.86
C GLY A 75 -0.29 -5.76 10.23
N GLU A 76 0.61 -5.97 9.26
CA GLU A 76 2.03 -5.78 9.48
C GLU A 76 2.59 -4.75 8.51
N GLY A 77 2.31 -4.95 7.23
CA GLY A 77 2.79 -4.04 6.21
C GLY A 77 1.73 -3.04 5.78
N PHE A 78 2.17 -1.88 5.28
CA PHE A 78 1.25 -0.84 4.84
C PHE A 78 1.69 -0.26 3.51
N LEU A 79 0.74 -0.13 2.58
CA LEU A 79 1.02 0.43 1.27
C LEU A 79 0.16 1.65 0.99
N LEU A 80 0.79 2.82 0.94
CA LEU A 80 0.08 4.07 0.69
C LEU A 80 -0.12 4.26 -0.81
N VAL A 81 -1.38 4.33 -1.24
CA VAL A 81 -1.69 4.50 -2.64
C VAL A 81 -2.57 5.72 -2.88
N PHE A 82 -2.24 6.50 -3.91
CA PHE A 82 -3.01 7.67 -4.28
C PHE A 82 -2.92 7.93 -5.77
N SER A 83 -3.88 8.68 -6.30
CA SER A 83 -3.90 8.99 -7.72
C SER A 83 -3.35 10.38 -8.00
N ILE A 84 -2.70 10.52 -9.15
CA ILE A 84 -2.14 11.80 -9.56
C ILE A 84 -3.23 12.73 -10.07
N THR A 85 -4.27 12.15 -10.66
CA THR A 85 -5.39 12.92 -11.19
C THR A 85 -6.17 13.59 -10.06
N GLU A 86 -6.15 12.95 -8.88
CA GLU A 86 -6.84 13.48 -7.72
C GLU A 86 -5.84 13.94 -6.66
N HIS A 87 -5.57 15.25 -6.64
CA HIS A 87 -4.63 15.82 -5.67
C HIS A 87 -5.12 15.64 -4.25
N GLU A 88 -6.41 15.32 -4.11
CA GLU A 88 -7.02 15.14 -2.79
C GLU A 88 -6.53 13.85 -2.13
N SER A 89 -6.13 12.89 -2.95
CA SER A 89 -5.64 11.61 -2.44
C SER A 89 -4.28 11.75 -1.76
N PHE A 90 -3.34 12.37 -2.47
CA PHE A 90 -1.99 12.58 -1.95
C PHE A 90 -2.01 13.27 -0.59
N THR A 91 -2.94 14.19 -0.41
CA THR A 91 -3.06 14.94 0.84
C THR A 91 -3.62 14.08 1.97
N ALA A 92 -4.77 13.46 1.73
CA ALA A 92 -5.41 12.62 2.73
C ALA A 92 -4.53 11.43 3.10
N THR A 93 -3.78 10.93 2.13
CA THR A 93 -2.88 9.80 2.35
C THR A 93 -1.86 10.14 3.42
N ALA A 94 -1.49 11.41 3.47
CA ALA A 94 -0.50 11.89 4.45
C ALA A 94 -1.06 11.82 5.87
N GLU A 95 -2.38 11.93 5.99
CA GLU A 95 -3.03 11.88 7.29
C GLU A 95 -2.93 10.49 7.90
N PHE A 96 -3.21 9.47 7.08
CA PHE A 96 -3.14 8.07 7.53
C PHE A 96 -1.72 7.70 7.96
N ARG A 97 -0.74 8.43 7.42
CA ARG A 97 0.67 8.18 7.73
C ARG A 97 0.90 8.05 9.22
N GLU A 98 0.46 9.04 9.99
CA GLU A 98 0.63 9.03 11.45
C GLU A 98 -0.26 7.97 12.09
N GLN A 99 -1.47 7.81 11.59
CA GLN A 99 -2.42 6.84 12.13
C GLN A 99 -1.83 5.44 12.14
N ILE A 100 -1.06 5.13 11.10
CA ILE A 100 -0.42 3.83 10.99
C ILE A 100 0.55 3.58 12.14
N LEU A 101 1.33 4.61 12.46
CA LEU A 101 2.30 4.53 13.54
C LEU A 101 1.63 4.41 14.90
N ARG A 102 0.42 4.94 15.00
CA ARG A 102 -0.34 4.91 16.26
C ARG A 102 -0.60 3.47 16.73
N VAL A 103 -1.11 2.65 15.83
CA VAL A 103 -1.41 1.25 16.15
C VAL A 103 -0.14 0.46 16.40
N LYS A 104 1.00 1.05 16.05
CA LYS A 104 2.28 0.38 16.23
C LYS A 104 3.25 1.28 17.01
N ALA A 105 2.70 2.05 17.94
CA ALA A 105 3.49 2.96 18.76
C ALA A 105 4.62 2.20 19.47
N GLU A 106 4.38 0.94 19.78
CA GLU A 106 5.38 0.11 20.45
C GLU A 106 6.56 -0.16 19.55
N GLU A 107 6.29 -0.41 18.27
CA GLU A 107 7.34 -0.69 17.31
C GLU A 107 7.88 0.60 16.69
N ASP A 108 9.21 0.70 16.62
CA ASP A 108 9.86 1.87 16.05
C ASP A 108 10.00 1.72 14.54
N LYS A 109 10.22 0.48 14.10
CA LYS A 109 10.37 0.19 12.68
C LYS A 109 9.02 -0.12 12.05
N ILE A 110 8.54 0.79 11.21
CA ILE A 110 7.25 0.61 10.55
C ILE A 110 7.42 0.59 9.02
N PRO A 111 7.29 -0.60 8.39
CA PRO A 111 7.44 -0.74 6.94
C PRO A 111 6.39 0.08 6.18
N LEU A 112 6.85 0.93 5.28
CA LEU A 112 5.95 1.77 4.50
C LEU A 112 6.45 1.92 3.05
N LEU A 113 5.53 2.24 2.16
CA LEU A 113 5.87 2.42 0.75
C LEU A 113 4.76 3.21 0.05
N VAL A 114 5.15 4.22 -0.73
CA VAL A 114 4.20 5.06 -1.43
C VAL A 114 4.21 4.80 -2.93
N VAL A 115 3.03 4.87 -3.55
CA VAL A 115 2.90 4.66 -4.98
C VAL A 115 1.87 5.61 -5.58
N GLY A 116 1.99 5.86 -6.87
CA GLY A 116 1.06 6.75 -7.55
C GLY A 116 0.48 6.10 -8.79
N ASN A 117 -0.81 5.77 -8.74
CA ASN A 117 -1.46 5.13 -9.86
C ASN A 117 -1.97 6.18 -10.84
N LYS A 118 -2.77 5.75 -11.82
CA LYS A 118 -3.31 6.65 -12.83
C LYS A 118 -2.19 7.30 -13.63
N SER A 119 -1.00 6.71 -13.58
CA SER A 119 0.15 7.23 -14.30
C SER A 119 -0.10 7.25 -15.81
N ASP A 120 -1.07 6.46 -16.24
CA ASP A 120 -1.40 6.38 -17.66
C ASP A 120 -1.98 7.72 -18.16
N LEU A 121 -2.29 8.60 -17.22
CA LEU A 121 -2.84 9.91 -17.54
C LEU A 121 -1.81 11.01 -17.30
N GLU A 122 -1.06 11.33 -18.35
CA GLU A 122 -0.02 12.36 -18.27
C GLU A 122 -0.62 13.76 -18.21
N GLU A 123 -1.47 14.08 -19.17
CA GLU A 123 -2.11 15.39 -19.25
C GLU A 123 -2.98 15.66 -18.03
N ARG A 124 -3.17 14.64 -17.19
CA ARG A 124 -3.99 14.78 -16.00
C ARG A 124 -3.18 14.55 -14.72
N ARG A 125 -1.87 14.73 -14.81
CA ARG A 125 -0.99 14.55 -13.66
C ARG A 125 -0.65 15.90 -13.04
N GLN A 126 -1.19 16.15 -11.84
CA GLN A 126 -0.95 17.40 -11.15
C GLN A 126 0.21 17.29 -10.16
N VAL A 127 0.50 16.06 -9.72
CA VAL A 127 1.58 15.83 -8.78
C VAL A 127 2.82 15.27 -9.49
N PRO A 128 3.82 16.13 -9.77
CA PRO A 128 5.06 15.69 -10.43
C PRO A 128 5.81 14.68 -9.57
N VAL A 129 6.38 13.66 -10.21
CA VAL A 129 7.12 12.64 -9.50
C VAL A 129 8.17 13.25 -8.57
N GLU A 130 8.89 14.25 -9.06
CA GLU A 130 9.93 14.92 -8.27
C GLU A 130 9.37 15.42 -6.93
N GLU A 131 8.20 16.02 -6.97
CA GLU A 131 7.57 16.54 -5.76
C GLU A 131 7.08 15.42 -4.86
N ALA A 132 6.74 14.29 -5.48
CA ALA A 132 6.26 13.13 -4.74
C ALA A 132 7.40 12.36 -4.08
N ARG A 133 8.59 12.42 -4.69
CA ARG A 133 9.76 11.74 -4.16
C ARG A 133 10.36 12.50 -2.98
N SER A 134 10.31 13.83 -3.05
CA SER A 134 10.85 14.67 -1.99
C SER A 134 10.06 14.50 -0.70
N LYS A 135 8.74 14.47 -0.82
CA LYS A 135 7.86 14.33 0.34
C LYS A 135 7.91 12.90 0.88
N ALA A 136 7.85 11.93 -0.01
CA ALA A 136 7.88 10.53 0.37
C ALA A 136 9.18 10.16 1.09
N GLU A 137 10.29 10.63 0.55
CA GLU A 137 11.62 10.36 1.11
C GLU A 137 11.67 10.77 2.58
N GLU A 138 10.93 11.81 2.95
CA GLU A 138 10.90 12.28 4.33
C GLU A 138 10.57 11.12 5.28
N TRP A 139 9.61 10.30 4.88
CA TRP A 139 9.21 9.15 5.70
C TRP A 139 10.28 8.07 5.68
N GLY A 140 11.14 8.13 4.67
CA GLY A 140 12.21 7.15 4.54
C GLY A 140 11.90 6.11 3.49
N VAL A 141 10.84 6.37 2.73
CA VAL A 141 10.41 5.46 1.66
C VAL A 141 10.75 6.01 0.29
N GLN A 142 10.40 5.24 -0.74
CA GLN A 142 10.65 5.65 -2.12
C GLN A 142 9.34 5.61 -2.91
N TYR A 143 9.06 6.67 -3.64
CA TYR A 143 7.83 6.74 -4.44
C TYR A 143 8.09 6.36 -5.88
N VAL A 144 7.14 5.64 -6.47
CA VAL A 144 7.25 5.20 -7.85
C VAL A 144 5.93 5.40 -8.61
N GLU A 145 6.03 5.54 -9.93
CA GLU A 145 4.84 5.74 -10.76
C GLU A 145 4.29 4.39 -11.21
N THR A 146 2.97 4.27 -11.26
CA THR A 146 2.32 3.02 -11.64
C THR A 146 0.97 3.27 -12.30
N SER A 147 0.46 2.23 -12.97
CA SER A 147 -0.84 2.31 -13.64
C SER A 147 -1.62 1.03 -13.42
N ALA A 148 -2.71 1.11 -12.67
CA ALA A 148 -3.54 -0.05 -12.38
C ALA A 148 -4.22 -0.57 -13.64
N LYS A 149 -3.96 0.09 -14.76
CA LYS A 149 -4.55 -0.31 -16.04
C LYS A 149 -3.58 -1.18 -16.83
N THR A 150 -2.32 -0.75 -16.89
CA THR A 150 -1.29 -1.49 -17.61
C THR A 150 -0.59 -2.48 -16.69
N ARG A 151 -0.91 -2.42 -15.40
CA ARG A 151 -0.32 -3.29 -14.38
C ARG A 151 1.14 -3.60 -14.68
N ALA A 152 1.89 -2.58 -15.08
CA ALA A 152 3.31 -2.74 -15.41
C ALA A 152 4.18 -2.83 -14.15
N ASN A 153 4.08 -1.82 -13.29
CA ASN A 153 4.88 -1.78 -12.07
C ASN A 153 4.01 -1.94 -10.83
N VAL A 154 2.80 -2.46 -11.02
CA VAL A 154 1.88 -2.65 -9.89
C VAL A 154 2.43 -3.68 -8.91
N ASP A 155 3.02 -4.76 -9.44
CA ASP A 155 3.58 -5.81 -8.60
C ASP A 155 4.88 -5.36 -7.94
N LYS A 156 5.44 -4.26 -8.43
CA LYS A 156 6.70 -3.73 -7.91
C LYS A 156 6.58 -3.28 -6.45
N VAL A 157 5.45 -2.67 -6.11
CA VAL A 157 5.24 -2.17 -4.75
C VAL A 157 4.94 -3.31 -3.77
N PHE A 158 4.38 -4.40 -4.28
CA PHE A 158 4.05 -5.54 -3.44
C PHE A 158 5.32 -6.29 -3.04
N PHE A 159 6.20 -6.52 -4.01
CA PHE A 159 7.45 -7.22 -3.76
C PHE A 159 8.42 -6.33 -2.98
N ASP A 160 8.36 -5.04 -3.23
CA ASP A 160 9.23 -4.08 -2.56
C ASP A 160 8.99 -4.08 -1.05
N LEU A 161 7.73 -3.92 -0.66
CA LEU A 161 7.36 -3.90 0.76
C LEU A 161 7.69 -5.23 1.42
N MET A 162 7.56 -6.32 0.67
CA MET A 162 7.83 -7.65 1.19
C MET A 162 9.26 -7.74 1.73
N ARG A 163 10.21 -7.23 0.94
CA ARG A 163 11.61 -7.23 1.34
C ARG A 163 11.83 -6.37 2.58
N GLU A 164 11.06 -5.29 2.69
CA GLU A 164 11.16 -4.38 3.83
C GLU A 164 10.81 -5.11 5.12
N ILE A 165 9.66 -5.78 5.12
CA ILE A 165 9.21 -6.52 6.30
C ILE A 165 10.22 -7.58 6.70
N ARG A 166 10.93 -8.13 5.71
CA ARG A 166 11.93 -9.15 5.97
C ARG A 166 13.15 -8.57 6.67
N THR A 167 13.79 -7.59 6.06
CA THR A 167 14.99 -6.97 6.61
C THR A 167 14.69 -5.81 7.56
N LYS A 168 14.01 -4.77 7.05
CA LYS A 168 13.70 -3.57 7.84
C LYS A 168 12.90 -3.86 9.11
N LYS A 169 11.77 -4.54 8.97
CA LYS A 169 10.91 -4.83 10.11
C LYS A 169 11.60 -5.75 11.12
N MET A 170 12.21 -6.83 10.63
CA MET A 170 12.89 -7.79 11.51
C MET A 170 14.14 -7.18 12.14
N SER A 171 14.58 -6.04 11.62
CA SER A 171 15.77 -5.39 12.16
C SER A 171 15.55 -4.96 13.61
N GLU A 172 14.57 -4.08 13.82
CA GLU A 172 14.24 -3.60 15.16
C GLU A 172 15.48 -3.06 15.88
N ASN A 173 16.54 -2.77 15.11
CA ASN A 173 17.77 -2.25 15.68
C ASN A 173 18.35 -1.13 14.82
N LYS A 174 18.12 0.11 15.24
CA LYS A 174 18.62 1.26 14.51
C LYS A 174 20.15 1.26 14.43
PG GNP B . -14.22 1.15 -2.27
O1G GNP B . -15.66 1.27 -1.91
O2G GNP B . -13.74 -0.37 -2.25
O3G GNP B . -13.30 2.07 -1.35
N3B GNP B . -13.94 1.66 -3.85
PB GNP B . -12.35 2.11 -4.07
O1B GNP B . -11.99 3.14 -3.06
O2B GNP B . -11.49 0.89 -4.19
O3A GNP B . -12.40 2.82 -5.49
PA GNP B . -12.53 1.93 -6.82
O1A GNP B . -11.32 1.08 -6.93
O2A GNP B . -13.85 1.28 -6.84
O5' GNP B . -12.48 3.04 -7.97
C5' GNP B . -11.34 3.16 -8.82
C4' GNP B . -11.78 3.62 -10.20
O4' GNP B . -10.66 4.28 -10.85
C3' GNP B . -12.18 2.51 -11.16
O3' GNP B . -13.12 2.97 -12.11
C2' GNP B . -10.86 2.12 -11.80
O2' GNP B . -11.04 1.59 -13.10
C1' GNP B . -10.17 3.48 -11.90
N9 GNP B . -8.71 3.40 -11.77
C8 GNP B . -7.99 3.14 -10.63
N7 GNP B . -6.71 3.13 -10.82
C5 GNP B . -6.56 3.41 -12.17
C6 GNP B . -5.39 3.53 -12.96
O6 GNP B . -4.20 3.43 -12.60
N1 GNP B . -5.68 3.81 -14.29
C2 GNP B . -6.96 3.95 -14.79
N2 GNP B . -7.04 4.23 -16.11
N3 GNP B . -8.06 3.84 -14.07
C4 GNP B . -7.79 3.58 -12.77
HNB3 GNP B . -14.53 2.41 -4.05
H5'2 GNP B . -10.84 2.20 -8.91
H5'1 GNP B . -10.65 3.90 -8.41
H4' GNP B . -12.65 4.26 -10.07
H3' GNP B . -12.66 1.68 -10.64
HO3' GNP B . -12.89 3.88 -12.32
H2' GNP B . -10.30 1.44 -11.15
HO2' GNP B . -11.95 1.75 -13.36
H1' GNP B . -10.40 4.00 -12.83
H8 GNP B . -8.46 2.96 -9.68
HN1 GNP B . -4.90 3.91 -14.93
HN21 GNP B . -7.95 4.34 -16.53
HN22 GNP B . -6.20 4.30 -16.66
MG MG C . -12.15 -1.24 -3.64
N LEU A 1 8.10 -21.21 6.68
CA LEU A 1 7.58 -20.17 5.75
C LEU A 1 7.09 -18.95 6.52
N ALA A 2 7.60 -17.78 6.16
CA ALA A 2 7.20 -16.54 6.81
C ALA A 2 5.93 -15.99 6.19
N LEU A 3 5.21 -15.17 6.96
CA LEU A 3 3.97 -14.57 6.48
C LEU A 3 4.02 -13.06 6.60
N HIS A 4 3.79 -12.36 5.50
CA HIS A 4 3.80 -10.91 5.47
C HIS A 4 2.42 -10.36 5.13
N LYS A 5 1.82 -9.63 6.06
CA LYS A 5 0.50 -9.04 5.85
C LYS A 5 0.62 -7.60 5.38
N VAL A 6 0.21 -7.34 4.14
CA VAL A 6 0.28 -6.00 3.58
C VAL A 6 -1.11 -5.33 3.59
N ILE A 7 -1.17 -4.12 4.12
CA ILE A 7 -2.43 -3.39 4.19
C ILE A 7 -2.44 -2.21 3.21
N MET A 8 -3.37 -2.24 2.26
CA MET A 8 -3.48 -1.17 1.28
C MET A 8 -4.02 0.10 1.92
N VAL A 9 -3.12 0.91 2.47
CA VAL A 9 -3.51 2.16 3.10
C VAL A 9 -3.39 3.33 2.13
N GLY A 10 -4.03 4.44 2.48
CA GLY A 10 -3.99 5.61 1.61
C GLY A 10 -4.91 6.72 2.09
N SER A 11 -5.34 7.55 1.16
CA SER A 11 -6.24 8.67 1.48
C SER A 11 -7.55 8.17 2.07
N GLY A 12 -8.12 7.15 1.42
CA GLY A 12 -9.38 6.59 1.87
C GLY A 12 -10.37 6.43 0.74
N GLY A 13 -10.05 7.01 -0.41
CA GLY A 13 -10.93 6.94 -1.56
C GLY A 13 -10.18 7.04 -2.87
N VAL A 14 -9.40 6.02 -3.19
CA VAL A 14 -8.62 5.99 -4.43
C VAL A 14 -8.93 4.75 -5.25
N GLY A 15 -8.47 3.60 -4.77
CA GLY A 15 -8.72 2.35 -5.48
C GLY A 15 -7.71 1.27 -5.09
N LYS A 16 -7.66 0.95 -3.81
CA LYS A 16 -6.74 -0.06 -3.30
C LYS A 16 -6.98 -1.40 -3.98
N SER A 17 -8.24 -1.80 -4.03
CA SER A 17 -8.66 -3.06 -4.65
C SER A 17 -8.14 -3.18 -6.08
N ALA A 18 -7.96 -2.05 -6.74
CA ALA A 18 -7.49 -2.03 -8.12
C ALA A 18 -6.12 -2.68 -8.21
N LEU A 19 -5.21 -2.22 -7.38
CA LEU A 19 -3.87 -2.78 -7.35
C LEU A 19 -3.96 -4.22 -6.87
N THR A 20 -5.03 -4.50 -6.11
CA THR A 20 -5.26 -5.82 -5.56
C THR A 20 -5.59 -6.83 -6.66
N LEU A 21 -6.42 -6.40 -7.62
CA LEU A 21 -6.83 -7.27 -8.72
C LEU A 21 -5.68 -7.52 -9.69
N GLN A 22 -4.93 -6.48 -10.01
CA GLN A 22 -3.81 -6.60 -10.95
C GLN A 22 -2.71 -7.49 -10.39
N PHE A 23 -2.61 -7.55 -9.07
CA PHE A 23 -1.59 -8.37 -8.42
C PHE A 23 -1.90 -9.86 -8.52
N MET A 24 -3.12 -10.23 -8.13
CA MET A 24 -3.53 -11.64 -8.14
C MET A 24 -3.99 -12.12 -9.52
N TYR A 25 -4.88 -11.37 -10.16
CA TYR A 25 -5.41 -11.75 -11.47
C TYR A 25 -4.50 -11.34 -12.60
N ASP A 26 -3.62 -10.36 -12.35
CA ASP A 26 -2.71 -9.88 -13.37
C ASP A 26 -3.50 -9.48 -14.61
N GLU A 27 -4.71 -8.99 -14.37
CA GLU A 27 -5.61 -8.59 -15.45
C GLU A 27 -6.58 -7.51 -14.97
N PHE A 28 -6.74 -6.46 -15.77
CA PHE A 28 -7.63 -5.36 -15.42
C PHE A 28 -9.05 -5.66 -15.88
N VAL A 29 -9.94 -5.90 -14.93
CA VAL A 29 -11.34 -6.19 -15.24
C VAL A 29 -12.28 -5.41 -14.33
N GLU A 30 -13.43 -5.01 -14.87
CA GLU A 30 -14.42 -4.26 -14.10
C GLU A 30 -15.18 -5.17 -13.14
N ASP A 31 -14.92 -5.01 -11.85
CA ASP A 31 -15.58 -5.81 -10.82
C ASP A 31 -15.43 -5.18 -9.45
N TYR A 32 -16.44 -5.37 -8.60
CA TYR A 32 -16.43 -4.83 -7.25
C TYR A 32 -16.58 -5.94 -6.22
N GLU A 33 -15.65 -6.01 -5.28
CA GLU A 33 -15.67 -7.03 -4.24
C GLU A 33 -15.73 -6.41 -2.85
N PRO A 34 -16.90 -6.44 -2.19
CA PRO A 34 -17.07 -5.88 -0.85
C PRO A 34 -16.20 -6.59 0.19
N THR A 35 -15.64 -5.83 1.11
CA THR A 35 -14.78 -6.39 2.15
C THR A 35 -15.62 -7.07 3.24
N LYS A 36 -15.58 -8.40 3.26
CA LYS A 36 -16.34 -9.15 4.25
C LYS A 36 -15.40 -9.83 5.25
N ALA A 37 -14.39 -9.09 5.69
CA ALA A 37 -13.42 -9.61 6.66
C ALA A 37 -12.65 -10.80 6.10
N ASP A 38 -12.71 -10.97 4.78
CA ASP A 38 -12.01 -12.07 4.13
C ASP A 38 -10.71 -11.59 3.49
N SER A 39 -9.61 -12.25 3.83
CA SER A 39 -8.30 -11.89 3.28
C SER A 39 -7.81 -12.96 2.31
N TYR A 40 -6.93 -12.56 1.40
CA TYR A 40 -6.39 -13.48 0.40
C TYR A 40 -5.06 -14.08 0.87
N ARG A 41 -4.73 -15.25 0.34
CA ARG A 41 -3.49 -15.93 0.69
C ARG A 41 -2.93 -16.69 -0.51
N LYS A 42 -1.64 -16.54 -0.75
CA LYS A 42 -0.99 -17.22 -1.87
C LYS A 42 0.50 -17.41 -1.62
N LYS A 43 1.03 -18.52 -2.11
CA LYS A 43 2.45 -18.82 -1.94
C LYS A 43 3.28 -18.29 -3.10
N VAL A 44 4.24 -17.44 -2.80
CA VAL A 44 5.11 -16.85 -3.82
C VAL A 44 6.55 -16.81 -3.35
N VAL A 45 7.47 -17.17 -4.24
CA VAL A 45 8.90 -17.16 -3.92
C VAL A 45 9.41 -15.75 -3.66
N LEU A 46 10.32 -15.62 -2.69
CA LEU A 46 10.88 -14.32 -2.34
C LEU A 46 12.39 -14.44 -2.12
N ASP A 47 13.17 -14.07 -3.13
CA ASP A 47 14.62 -14.13 -3.04
C ASP A 47 15.08 -15.55 -2.71
N GLY A 48 14.31 -16.54 -3.15
CA GLY A 48 14.66 -17.93 -2.88
C GLY A 48 13.72 -18.59 -1.90
N GLU A 49 13.39 -17.87 -0.83
CA GLU A 49 12.49 -18.41 0.19
C GLU A 49 11.03 -18.06 -0.10
N GLU A 50 10.22 -19.08 -0.30
CA GLU A 50 8.80 -18.89 -0.59
C GLU A 50 8.04 -18.47 0.65
N VAL A 51 7.39 -17.30 0.56
CA VAL A 51 6.61 -16.78 1.68
C VAL A 51 5.22 -16.35 1.22
N GLN A 52 4.24 -16.49 2.10
CA GLN A 52 2.86 -16.13 1.78
C GLN A 52 2.63 -14.63 1.97
N ILE A 53 1.52 -14.14 1.44
CA ILE A 53 1.17 -12.73 1.54
C ILE A 53 -0.33 -12.55 1.74
N ASP A 54 -0.70 -11.89 2.83
CA ASP A 54 -2.11 -11.66 3.13
C ASP A 54 -2.52 -10.25 2.71
N ILE A 55 -3.40 -10.17 1.71
CA ILE A 55 -3.87 -8.89 1.20
C ILE A 55 -5.31 -8.63 1.62
N LEU A 56 -5.54 -7.48 2.24
CA LEU A 56 -6.87 -7.09 2.69
C LEU A 56 -7.14 -5.62 2.36
N ASP A 57 -7.94 -5.39 1.33
CA ASP A 57 -8.28 -4.03 0.91
C ASP A 57 -9.32 -3.41 1.82
N THR A 58 -8.91 -2.38 2.55
CA THR A 58 -9.81 -1.69 3.47
C THR A 58 -10.46 -0.49 2.79
N ALA A 59 -11.75 -0.59 2.51
CA ALA A 59 -12.48 0.49 1.86
C ALA A 59 -12.56 1.72 2.75
N GLY A 60 -13.28 2.73 2.30
CA GLY A 60 -13.42 3.96 3.07
C GLY A 60 -14.52 3.85 4.12
N LEU A 61 -14.14 3.81 5.39
CA LEU A 61 -15.09 3.71 6.48
C LEU A 61 -15.83 5.03 6.67
N GLU A 62 -15.08 6.14 6.61
CA GLU A 62 -15.65 7.47 6.76
C GLU A 62 -16.24 7.67 8.16
N ASP A 63 -17.46 7.18 8.36
CA ASP A 63 -18.14 7.31 9.64
C ASP A 63 -17.38 6.57 10.75
N TYR A 64 -16.57 5.59 10.35
CA TYR A 64 -15.79 4.83 11.31
C TYR A 64 -14.31 5.12 11.17
N ALA A 65 -13.91 6.32 11.60
CA ALA A 65 -12.52 6.73 11.52
C ALA A 65 -11.68 6.10 12.63
N ALA A 66 -12.36 5.59 13.66
CA ALA A 66 -11.68 4.96 14.79
C ALA A 66 -11.46 3.47 14.55
N ILE A 67 -12.48 2.80 14.05
CA ILE A 67 -12.40 1.37 13.78
C ILE A 67 -11.40 1.05 12.67
N ARG A 68 -11.19 2.00 11.77
CA ARG A 68 -10.25 1.82 10.66
C ARG A 68 -8.85 1.54 11.19
N ASP A 69 -8.54 2.08 12.37
CA ASP A 69 -7.24 1.89 12.98
C ASP A 69 -6.97 0.41 13.25
N ASN A 70 -8.00 -0.32 13.63
CA ASN A 70 -7.88 -1.75 13.93
C ASN A 70 -7.32 -2.51 12.73
N TYR A 71 -7.67 -2.09 11.53
CA TYR A 71 -7.22 -2.75 10.31
C TYR A 71 -5.70 -2.63 10.15
N PHE A 72 -5.13 -1.53 10.62
CA PHE A 72 -3.70 -1.32 10.51
C PHE A 72 -2.92 -2.16 11.52
N ARG A 73 -3.63 -2.69 12.51
CA ARG A 73 -3.00 -3.50 13.55
C ARG A 73 -2.87 -4.95 13.10
N SER A 74 -3.90 -5.45 12.42
CA SER A 74 -3.91 -6.83 11.94
C SER A 74 -2.78 -7.07 10.94
N GLY A 75 -2.31 -5.99 10.31
CA GLY A 75 -1.25 -6.12 9.34
C GLY A 75 0.07 -5.55 9.85
N GLU A 76 1.17 -6.05 9.30
CA GLU A 76 2.50 -5.60 9.71
C GLU A 76 3.00 -4.48 8.79
N GLY A 77 2.95 -4.72 7.48
CA GLY A 77 3.41 -3.73 6.52
C GLY A 77 2.28 -2.82 6.06
N PHE A 78 2.65 -1.63 5.57
CA PHE A 78 1.67 -0.67 5.08
C PHE A 78 2.06 -0.17 3.69
N LEU A 79 1.05 0.01 2.84
CA LEU A 79 1.29 0.47 1.48
C LEU A 79 0.44 1.71 1.17
N LEU A 80 1.08 2.86 1.07
CA LEU A 80 0.37 4.10 0.78
C LEU A 80 0.15 4.23 -0.73
N VAL A 81 -1.11 4.18 -1.15
CA VAL A 81 -1.44 4.26 -2.56
C VAL A 81 -2.39 5.42 -2.84
N PHE A 82 -2.00 6.30 -3.76
CA PHE A 82 -2.83 7.43 -4.14
C PHE A 82 -2.82 7.63 -5.65
N SER A 83 -3.71 8.47 -6.15
CA SER A 83 -3.79 8.74 -7.58
C SER A 83 -3.38 10.17 -7.89
N ILE A 84 -2.78 10.36 -9.06
CA ILE A 84 -2.34 11.68 -9.48
C ILE A 84 -3.52 12.52 -9.96
N THR A 85 -4.45 11.86 -10.65
CA THR A 85 -5.64 12.53 -11.17
C THR A 85 -6.47 13.13 -10.05
N GLU A 86 -6.17 12.72 -8.81
CA GLU A 86 -6.89 13.23 -7.64
C GLU A 86 -5.91 13.77 -6.60
N HIS A 87 -5.75 15.09 -6.59
CA HIS A 87 -4.84 15.75 -5.66
C HIS A 87 -5.27 15.54 -4.21
N GLU A 88 -6.51 15.12 -4.02
CA GLU A 88 -7.05 14.91 -2.67
C GLU A 88 -6.44 13.65 -2.04
N SER A 89 -6.02 12.72 -2.87
CA SER A 89 -5.45 11.47 -2.39
C SER A 89 -4.07 11.69 -1.76
N PHE A 90 -3.17 12.32 -2.50
CA PHE A 90 -1.81 12.58 -2.02
C PHE A 90 -1.81 13.35 -0.70
N THR A 91 -2.79 14.22 -0.53
CA THR A 91 -2.90 15.04 0.68
C THR A 91 -3.37 14.22 1.89
N ALA A 92 -4.49 13.53 1.74
CA ALA A 92 -5.04 12.73 2.82
C ALA A 92 -4.13 11.57 3.17
N THR A 93 -3.43 11.04 2.17
CA THR A 93 -2.51 9.93 2.39
C THR A 93 -1.46 10.30 3.42
N ALA A 94 -1.01 11.54 3.36
CA ALA A 94 0.00 12.03 4.30
C ALA A 94 -0.56 12.10 5.72
N GLU A 95 -1.86 12.37 5.82
CA GLU A 95 -2.52 12.45 7.12
C GLU A 95 -2.56 11.08 7.79
N PHE A 96 -2.90 10.07 7.00
CA PHE A 96 -2.99 8.70 7.50
C PHE A 96 -1.64 8.23 8.05
N ARG A 97 -0.56 8.84 7.56
CA ARG A 97 0.78 8.49 8.01
C ARG A 97 0.86 8.44 9.53
N GLU A 98 0.25 9.43 10.18
CA GLU A 98 0.25 9.51 11.63
C GLU A 98 -0.64 8.42 12.23
N GLN A 99 -1.76 8.14 11.57
CA GLN A 99 -2.70 7.13 12.03
C GLN A 99 -2.06 5.75 12.03
N ILE A 100 -1.09 5.56 11.14
CA ILE A 100 -0.39 4.30 11.02
C ILE A 100 0.43 3.99 12.28
N LEU A 101 1.00 5.04 12.86
CA LEU A 101 1.82 4.88 14.07
C LEU A 101 0.96 4.47 15.27
N ARG A 102 -0.32 4.83 15.24
CA ARG A 102 -1.23 4.50 16.34
C ARG A 102 -1.17 3.03 16.72
N VAL A 103 -1.28 2.15 15.73
CA VAL A 103 -1.23 0.71 15.97
C VAL A 103 0.14 0.28 16.48
N LYS A 104 1.17 0.96 16.00
CA LYS A 104 2.55 0.66 16.39
C LYS A 104 3.06 1.72 17.37
N ALA A 105 2.29 1.95 18.43
CA ALA A 105 2.66 2.95 19.44
C ALA A 105 4.09 2.75 19.95
N GLU A 106 4.45 1.49 20.21
CA GLU A 106 5.78 1.17 20.71
C GLU A 106 6.85 1.52 19.67
N GLU A 107 6.54 1.23 18.40
CA GLU A 107 7.45 1.51 17.29
C GLU A 107 8.74 0.72 17.40
N ASP A 108 9.41 0.55 16.26
CA ASP A 108 10.67 -0.19 16.19
C ASP A 108 11.18 -0.20 14.76
N LYS A 109 10.39 -0.81 13.87
CA LYS A 109 10.72 -0.89 12.46
C LYS A 109 9.44 -0.80 11.62
N ILE A 110 9.03 0.43 11.33
CA ILE A 110 7.81 0.66 10.56
C ILE A 110 8.09 0.65 9.06
N PRO A 111 7.63 -0.39 8.33
CA PRO A 111 7.82 -0.48 6.88
C PRO A 111 6.75 0.28 6.12
N LEU A 112 7.17 1.08 5.15
CA LEU A 112 6.22 1.87 4.36
C LEU A 112 6.70 2.03 2.92
N LEU A 113 5.76 2.29 2.03
CA LEU A 113 6.07 2.48 0.62
C LEU A 113 4.98 3.32 -0.05
N VAL A 114 5.39 4.37 -0.75
CA VAL A 114 4.44 5.25 -1.42
C VAL A 114 4.36 4.91 -2.91
N VAL A 115 3.16 5.04 -3.46
CA VAL A 115 2.94 4.75 -4.88
C VAL A 115 1.79 5.58 -5.44
N GLY A 116 1.90 5.93 -6.72
CA GLY A 116 0.87 6.72 -7.37
C GLY A 116 0.29 6.00 -8.58
N ASN A 117 -0.92 5.50 -8.45
CA ASN A 117 -1.57 4.80 -9.55
C ASN A 117 -2.19 5.77 -10.52
N LYS A 118 -2.88 5.23 -11.52
CA LYS A 118 -3.54 6.04 -12.54
C LYS A 118 -2.55 6.99 -13.21
N SER A 119 -1.26 6.62 -13.18
CA SER A 119 -0.22 7.44 -13.79
C SER A 119 -0.32 7.41 -15.31
N ASP A 120 -1.33 6.72 -15.83
CA ASP A 120 -1.54 6.61 -17.27
C ASP A 120 -1.74 7.99 -17.89
N LEU A 121 -2.13 8.96 -17.08
CA LEU A 121 -2.35 10.33 -17.56
C LEU A 121 -1.17 11.23 -17.23
N GLU A 122 -0.17 11.23 -18.11
CA GLU A 122 1.02 12.05 -17.91
C GLU A 122 0.71 13.54 -18.15
N GLU A 123 -0.30 13.81 -18.97
CA GLU A 123 -0.68 15.18 -19.29
C GLU A 123 -1.70 15.71 -18.27
N ARG A 124 -2.30 14.81 -17.52
CA ARG A 124 -3.30 15.18 -16.52
C ARG A 124 -2.77 14.97 -15.11
N ARG A 125 -1.46 14.76 -15.01
CA ARG A 125 -0.82 14.55 -13.71
C ARG A 125 -0.65 15.87 -12.96
N GLN A 126 -1.39 16.03 -11.86
CA GLN A 126 -1.32 17.25 -11.07
C GLN A 126 -0.16 17.21 -10.09
N VAL A 127 0.17 16.02 -9.62
CA VAL A 127 1.28 15.85 -8.67
C VAL A 127 2.55 15.37 -9.36
N PRO A 128 3.56 16.25 -9.52
CA PRO A 128 4.83 15.88 -10.17
C PRO A 128 5.49 14.70 -9.45
N VAL A 129 5.99 13.75 -10.22
CA VAL A 129 6.63 12.57 -9.66
C VAL A 129 7.77 12.95 -8.72
N GLU A 130 8.62 13.86 -9.17
CA GLU A 130 9.76 14.32 -8.37
C GLU A 130 9.29 14.97 -7.07
N GLU A 131 8.24 15.77 -7.15
CA GLU A 131 7.70 16.44 -5.98
C GLU A 131 7.20 15.44 -4.95
N ALA A 132 6.64 14.33 -5.43
CA ALA A 132 6.13 13.30 -4.55
C ALA A 132 7.26 12.54 -3.87
N ARG A 133 8.38 12.40 -4.57
CA ARG A 133 9.54 11.71 -4.03
C ARG A 133 10.11 12.43 -2.81
N SER A 134 10.11 13.77 -2.88
CA SER A 134 10.64 14.58 -1.79
C SER A 134 9.79 14.44 -0.53
N LYS A 135 8.48 14.64 -0.67
CA LYS A 135 7.57 14.56 0.46
C LYS A 135 7.62 13.18 1.11
N ALA A 136 7.57 12.15 0.29
CA ALA A 136 7.61 10.77 0.78
C ALA A 136 8.95 10.44 1.41
N GLU A 137 10.02 10.91 0.79
CA GLU A 137 11.37 10.65 1.29
C GLU A 137 11.50 11.08 2.75
N GLU A 138 10.75 12.11 3.13
CA GLU A 138 10.78 12.61 4.51
C GLU A 138 10.50 11.48 5.49
N TRP A 139 9.61 10.57 5.09
CA TRP A 139 9.26 9.42 5.93
C TRP A 139 10.39 8.40 5.92
N GLY A 140 11.15 8.37 4.84
CA GLY A 140 12.25 7.44 4.72
C GLY A 140 11.96 6.34 3.71
N VAL A 141 11.19 6.67 2.69
CA VAL A 141 10.82 5.71 1.65
C VAL A 141 11.14 6.23 0.26
N GLN A 142 10.75 5.46 -0.74
CA GLN A 142 10.96 5.82 -2.13
C GLN A 142 9.63 5.76 -2.89
N TYR A 143 9.37 6.78 -3.72
CA TYR A 143 8.12 6.84 -4.47
C TYR A 143 8.33 6.41 -5.91
N VAL A 144 7.32 5.72 -6.45
CA VAL A 144 7.36 5.24 -7.84
C VAL A 144 6.01 5.43 -8.52
N GLU A 145 6.03 5.66 -9.82
CA GLU A 145 4.80 5.84 -10.60
C GLU A 145 4.27 4.51 -11.10
N THR A 146 2.96 4.33 -11.04
CA THR A 146 2.34 3.08 -11.48
C THR A 146 1.00 3.33 -12.15
N SER A 147 0.51 2.32 -12.85
CA SER A 147 -0.77 2.39 -13.54
C SER A 147 -1.52 1.07 -13.41
N ALA A 148 -2.60 1.08 -12.64
CA ALA A 148 -3.40 -0.11 -12.42
C ALA A 148 -3.97 -0.64 -13.73
N LYS A 149 -3.84 0.15 -14.79
CA LYS A 149 -4.35 -0.23 -16.11
C LYS A 149 -3.27 -0.97 -16.90
N THR A 150 -2.02 -0.54 -16.73
CA THR A 150 -0.91 -1.18 -17.42
C THR A 150 -0.39 -2.37 -16.63
N ARG A 151 -0.71 -2.40 -15.33
CA ARG A 151 -0.28 -3.48 -14.45
C ARG A 151 1.22 -3.72 -14.58
N ALA A 152 1.95 -2.66 -14.93
CA ALA A 152 3.39 -2.76 -15.12
C ALA A 152 4.17 -2.78 -13.80
N ASN A 153 3.97 -1.76 -12.97
CA ASN A 153 4.66 -1.67 -11.69
C ASN A 153 3.72 -1.83 -10.51
N VAL A 154 2.52 -2.34 -10.75
CA VAL A 154 1.55 -2.53 -9.69
C VAL A 154 2.05 -3.59 -8.71
N ASP A 155 2.65 -4.66 -9.24
CA ASP A 155 3.18 -5.74 -8.42
C ASP A 155 4.47 -5.31 -7.72
N LYS A 156 5.14 -4.31 -8.29
CA LYS A 156 6.40 -3.81 -7.75
C LYS A 156 6.27 -3.34 -6.30
N VAL A 157 5.19 -2.62 -6.00
CA VAL A 157 4.97 -2.10 -4.66
C VAL A 157 4.65 -3.22 -3.68
N PHE A 158 4.09 -4.31 -4.18
CA PHE A 158 3.73 -5.44 -3.33
C PHE A 158 4.98 -6.23 -2.93
N PHE A 159 5.82 -6.55 -3.91
CA PHE A 159 7.04 -7.31 -3.66
C PHE A 159 8.09 -6.47 -2.93
N ASP A 160 8.32 -5.25 -3.42
CA ASP A 160 9.31 -4.36 -2.81
C ASP A 160 8.99 -4.15 -1.33
N LEU A 161 7.72 -3.88 -1.04
CA LEU A 161 7.29 -3.66 0.34
C LEU A 161 7.46 -4.93 1.15
N MET A 162 7.29 -6.08 0.50
CA MET A 162 7.43 -7.37 1.17
C MET A 162 8.85 -7.54 1.70
N ARG A 163 9.82 -7.09 0.91
CA ARG A 163 11.22 -7.19 1.29
C ARG A 163 11.54 -6.25 2.46
N GLU A 164 10.89 -5.09 2.46
CA GLU A 164 11.10 -4.10 3.51
C GLU A 164 10.74 -4.69 4.87
N ILE A 165 9.75 -5.59 4.88
CA ILE A 165 9.30 -6.21 6.11
C ILE A 165 10.31 -7.24 6.62
N ARG A 166 10.67 -8.19 5.77
CA ARG A 166 11.61 -9.24 6.15
C ARG A 166 13.00 -8.68 6.40
N THR A 167 13.31 -7.54 5.80
CA THR A 167 14.62 -6.92 5.97
C THR A 167 14.67 -5.96 7.16
N LYS A 168 13.82 -4.93 7.14
CA LYS A 168 13.80 -3.91 8.18
C LYS A 168 13.24 -4.43 9.51
N LYS A 169 12.03 -4.99 9.48
CA LYS A 169 11.41 -5.49 10.71
C LYS A 169 12.22 -6.61 11.35
N MET A 170 12.70 -7.54 10.54
CA MET A 170 13.49 -8.65 11.05
C MET A 170 14.86 -8.18 11.54
N SER A 171 15.22 -6.95 11.19
CA SER A 171 16.52 -6.39 11.59
C SER A 171 16.54 -6.11 13.09
N GLU A 172 15.64 -5.22 13.53
CA GLU A 172 15.55 -4.86 14.95
C GLU A 172 16.88 -4.33 15.47
N ASN A 173 17.03 -3.01 15.52
CA ASN A 173 18.26 -2.40 16.01
C ASN A 173 18.19 -2.21 17.53
N LYS A 174 19.08 -2.88 18.24
CA LYS A 174 19.12 -2.79 19.70
C LYS A 174 20.56 -2.70 20.20
PG GNP B . -14.21 1.34 -1.82
O1G GNP B . -15.63 1.49 -1.39
O2G GNP B . -13.79 -0.19 -1.88
O3G GNP B . -13.23 2.20 -0.90
N3B GNP B . -13.98 1.91 -3.38
PB GNP B . -12.38 2.33 -3.65
O1B GNP B . -11.99 3.38 -2.66
O2B GNP B . -11.55 1.11 -3.76
O3A GNP B . -12.47 3.01 -5.09
PA GNP B . -12.85 2.15 -6.36
O1A GNP B . -12.08 0.88 -6.34
O2A GNP B . -14.34 2.08 -6.45
O5' GNP B . -12.32 3.04 -7.56
C5' GNP B . -11.58 2.46 -8.64
C4' GNP B . -12.09 2.98 -9.96
O4' GNP B . -11.04 3.74 -10.60
C3' GNP B . -12.47 1.92 -10.97
O3' GNP B . -13.45 2.40 -11.88
C2' GNP B . -11.15 1.62 -11.68
O2' GNP B . -11.34 1.21 -13.01
C1' GNP B . -10.48 3.01 -11.67
N9 GNP B . -9.04 2.96 -11.51
C8 GNP B . -8.35 2.66 -10.34
N7 GNP B . -7.06 2.71 -10.49
C5 GNP B . -6.88 3.05 -11.82
C6 GNP B . -5.68 3.24 -12.56
O6 GNP B . -4.51 3.15 -12.18
N1 GNP B . -5.94 3.57 -13.89
C2 GNP B . -7.19 3.71 -14.43
N2 GNP B . -7.24 4.04 -15.73
N3 GNP B . -8.32 3.53 -13.75
C4 GNP B . -8.08 3.21 -12.46
HNB3 GNP B . -14.56 2.68 -3.54
H5'2 GNP B . -11.69 1.38 -8.61
H5'1 GNP B . -10.53 2.72 -8.54
H4' GNP B . -12.99 3.57 -9.76
H3' GNP B . -12.90 1.04 -10.50
HO3' GNP B . -14.28 2.42 -11.42
H2' GNP B . -10.56 0.91 -11.09
HO2' GNP B . -12.26 0.93 -13.09
H1' GNP B . -10.70 3.57 -12.59
H8 GNP B . -8.84 2.44 -9.41
HN1 GNP B . -5.14 3.73 -14.50
HN21 GNP B . -8.14 4.15 -16.18
HN22 GNP B . -6.39 4.17 -16.25
MG MG C . -12.28 -1.04 -3.38
N LEU A 1 7.88 -21.59 5.40
CA LEU A 1 7.18 -20.46 4.73
C LEU A 1 6.70 -19.43 5.75
N ALA A 2 6.96 -18.16 5.46
CA ALA A 2 6.55 -17.08 6.35
C ALA A 2 5.24 -16.44 5.88
N LEU A 3 4.63 -15.65 6.76
CA LEU A 3 3.37 -14.98 6.44
C LEU A 3 3.52 -13.47 6.60
N HIS A 4 3.49 -12.76 5.48
CA HIS A 4 3.61 -11.31 5.49
C HIS A 4 2.25 -10.65 5.27
N LYS A 5 1.96 -9.62 6.07
CA LYS A 5 0.69 -8.90 5.96
C LYS A 5 0.86 -7.62 5.16
N VAL A 6 -0.18 -7.25 4.43
CA VAL A 6 -0.17 -6.05 3.61
C VAL A 6 -1.46 -5.25 3.76
N ILE A 7 -1.34 -4.04 4.28
CA ILE A 7 -2.51 -3.19 4.48
C ILE A 7 -2.63 -2.15 3.37
N MET A 8 -3.58 -2.36 2.46
CA MET A 8 -3.78 -1.43 1.35
C MET A 8 -4.38 -0.13 1.87
N VAL A 9 -3.50 0.81 2.23
CA VAL A 9 -3.93 2.10 2.75
C VAL A 9 -3.84 3.18 1.68
N GLY A 10 -4.53 4.29 1.91
CA GLY A 10 -4.51 5.39 0.96
C GLY A 10 -5.35 6.56 1.43
N SER A 11 -5.70 7.44 0.48
CA SER A 11 -6.51 8.61 0.79
C SER A 11 -7.85 8.20 1.39
N GLY A 12 -8.50 7.25 0.73
CA GLY A 12 -9.80 6.77 1.21
C GLY A 12 -10.62 6.14 0.10
N GLY A 13 -10.40 6.60 -1.13
CA GLY A 13 -11.15 6.06 -2.26
C GLY A 13 -10.41 6.26 -3.58
N VAL A 14 -9.10 6.10 -3.56
CA VAL A 14 -8.28 6.27 -4.76
C VAL A 14 -8.36 5.04 -5.65
N GLY A 15 -7.70 3.97 -5.23
CA GLY A 15 -7.69 2.75 -6.01
C GLY A 15 -6.91 1.63 -5.35
N LYS A 16 -6.79 1.71 -4.03
CA LYS A 16 -6.05 0.70 -3.26
C LYS A 16 -6.45 -0.71 -3.68
N SER A 17 -7.75 -0.94 -3.81
CA SER A 17 -8.28 -2.24 -4.21
C SER A 17 -7.87 -2.58 -5.64
N ALA A 18 -7.72 -1.57 -6.47
CA ALA A 18 -7.33 -1.76 -7.86
C ALA A 18 -5.95 -2.37 -7.95
N LEU A 19 -4.99 -1.75 -7.26
CA LEU A 19 -3.63 -2.27 -7.23
C LEU A 19 -3.66 -3.65 -6.60
N THR A 20 -4.69 -3.89 -5.79
CA THR A 20 -4.86 -5.16 -5.11
C THR A 20 -5.24 -6.27 -6.08
N LEU A 21 -6.20 -5.98 -6.96
CA LEU A 21 -6.66 -6.95 -7.94
C LEU A 21 -5.62 -7.22 -9.02
N GLN A 22 -4.96 -6.16 -9.48
CA GLN A 22 -3.94 -6.28 -10.52
C GLN A 22 -2.84 -7.25 -10.10
N PHE A 23 -2.49 -7.23 -8.81
CA PHE A 23 -1.45 -8.11 -8.30
C PHE A 23 -1.94 -9.55 -8.21
N MET A 24 -3.26 -9.73 -8.10
CA MET A 24 -3.86 -11.05 -7.96
C MET A 24 -4.05 -11.75 -9.32
N TYR A 25 -4.65 -11.06 -10.29
CA TYR A 25 -4.91 -11.67 -11.59
C TYR A 25 -4.13 -11.00 -12.73
N ASP A 26 -3.56 -9.83 -12.46
CA ASP A 26 -2.80 -9.10 -13.48
C ASP A 26 -3.68 -8.75 -14.67
N GLU A 27 -4.96 -8.51 -14.40
CA GLU A 27 -5.91 -8.15 -15.45
C GLU A 27 -6.87 -7.08 -14.96
N PHE A 28 -7.02 -6.02 -15.75
CA PHE A 28 -7.90 -4.92 -15.40
C PHE A 28 -9.36 -5.27 -15.68
N VAL A 29 -10.11 -5.54 -14.62
CA VAL A 29 -11.51 -5.88 -14.74
C VAL A 29 -12.37 -5.12 -13.72
N GLU A 30 -13.53 -4.64 -14.16
CA GLU A 30 -14.43 -3.90 -13.29
C GLU A 30 -15.21 -4.84 -12.38
N ASP A 31 -14.77 -4.97 -11.14
CA ASP A 31 -15.43 -5.84 -10.17
C ASP A 31 -14.82 -5.68 -8.78
N TYR A 32 -15.65 -5.80 -7.75
CA TYR A 32 -15.18 -5.67 -6.37
C TYR A 32 -16.15 -6.34 -5.41
N GLU A 33 -15.62 -6.81 -4.28
CA GLU A 33 -16.42 -7.48 -3.26
C GLU A 33 -15.99 -7.05 -1.86
N PRO A 34 -16.96 -6.71 -0.98
CA PRO A 34 -16.66 -6.28 0.40
C PRO A 34 -15.86 -7.33 1.17
N THR A 35 -14.94 -6.86 2.01
CA THR A 35 -14.12 -7.76 2.81
C THR A 35 -14.85 -8.18 4.08
N LYS A 36 -14.52 -9.38 4.57
CA LYS A 36 -15.14 -9.90 5.78
C LYS A 36 -14.12 -10.67 6.63
N ALA A 37 -13.16 -9.94 7.19
CA ALA A 37 -12.12 -10.55 8.02
C ALA A 37 -11.35 -11.61 7.26
N ASP A 38 -11.48 -11.60 5.94
CA ASP A 38 -10.80 -12.58 5.09
C ASP A 38 -9.82 -11.88 4.15
N SER A 39 -8.61 -12.43 4.04
CA SER A 39 -7.58 -11.87 3.18
C SER A 39 -7.16 -12.88 2.12
N TYR A 40 -6.26 -12.45 1.23
CA TYR A 40 -5.77 -13.31 0.16
C TYR A 40 -4.52 -14.06 0.59
N ARG A 41 -4.29 -15.23 -0.01
CA ARG A 41 -3.12 -16.03 0.32
C ARG A 41 -2.62 -16.80 -0.91
N LYS A 42 -1.32 -16.71 -1.17
CA LYS A 42 -0.71 -17.38 -2.31
C LYS A 42 0.79 -17.52 -2.12
N LYS A 43 1.35 -18.64 -2.58
CA LYS A 43 2.78 -18.91 -2.45
C LYS A 43 3.55 -18.23 -3.57
N VAL A 44 4.60 -17.50 -3.21
CA VAL A 44 5.43 -16.79 -4.18
C VAL A 44 6.91 -17.03 -3.90
N VAL A 45 7.71 -17.00 -4.96
CA VAL A 45 9.15 -17.19 -4.83
C VAL A 45 9.88 -15.87 -4.69
N LEU A 46 10.70 -15.76 -3.64
CA LEU A 46 11.48 -14.55 -3.39
C LEU A 46 12.94 -14.90 -3.14
N ASP A 47 13.74 -14.81 -4.20
CA ASP A 47 15.17 -15.12 -4.11
C ASP A 47 15.39 -16.54 -3.59
N GLY A 48 14.44 -17.42 -3.90
CA GLY A 48 14.54 -18.81 -3.47
C GLY A 48 13.63 -19.10 -2.30
N GLU A 49 13.44 -18.11 -1.43
CA GLU A 49 12.59 -18.28 -0.26
C GLU A 49 11.11 -18.09 -0.62
N GLU A 50 10.32 -19.13 -0.38
CA GLU A 50 8.89 -19.08 -0.68
C GLU A 50 8.09 -18.66 0.55
N VAL A 51 7.37 -17.55 0.43
CA VAL A 51 6.56 -17.04 1.53
C VAL A 51 5.16 -16.66 1.05
N GLN A 52 4.17 -16.84 1.92
CA GLN A 52 2.79 -16.51 1.58
C GLN A 52 2.50 -15.04 1.88
N ILE A 53 1.66 -14.43 1.04
CA ILE A 53 1.30 -13.03 1.21
C ILE A 53 -0.15 -12.89 1.67
N ASP A 54 -0.40 -11.88 2.50
CA ASP A 54 -1.74 -11.62 3.02
C ASP A 54 -2.15 -10.18 2.77
N ILE A 55 -3.16 -9.97 1.92
CA ILE A 55 -3.63 -8.63 1.60
C ILE A 55 -5.12 -8.48 1.93
N LEU A 56 -5.49 -7.33 2.47
CA LEU A 56 -6.88 -7.06 2.82
C LEU A 56 -7.48 -5.98 1.93
N ASP A 57 -8.69 -6.23 1.43
CA ASP A 57 -9.36 -5.27 0.56
C ASP A 57 -10.26 -4.34 1.36
N THR A 58 -9.72 -3.20 1.76
CA THR A 58 -10.47 -2.22 2.54
C THR A 58 -11.26 -1.29 1.62
N ALA A 59 -12.03 -0.39 2.21
CA ALA A 59 -12.84 0.56 1.45
C ALA A 59 -13.10 1.83 2.24
N GLY A 60 -13.88 2.74 1.65
CA GLY A 60 -14.20 3.98 2.32
C GLY A 60 -15.23 3.81 3.41
N LEU A 61 -14.78 3.84 4.66
CA LEU A 61 -15.68 3.69 5.80
C LEU A 61 -16.54 4.94 5.98
N GLU A 62 -15.89 6.11 5.93
CA GLU A 62 -16.57 7.40 6.07
C GLU A 62 -17.19 7.58 7.46
N ASP A 63 -18.33 6.93 7.69
CA ASP A 63 -19.02 7.01 8.96
C ASP A 63 -18.54 5.94 9.94
N TYR A 64 -17.90 6.36 11.02
CA TYR A 64 -17.38 5.44 12.04
C TYR A 64 -16.70 6.19 13.17
N ALA A 65 -16.52 5.52 14.30
CA ALA A 65 -15.87 6.12 15.45
C ALA A 65 -14.35 6.14 15.26
N ALA A 66 -13.78 4.96 14.99
CA ALA A 66 -12.34 4.82 14.79
C ALA A 66 -11.99 3.38 14.38
N ILE A 67 -12.53 2.95 13.25
CA ILE A 67 -12.29 1.59 12.76
C ILE A 67 -11.01 1.52 11.92
N ARG A 68 -10.57 2.67 11.42
CA ARG A 68 -9.38 2.75 10.59
C ARG A 68 -8.16 2.17 11.32
N ASP A 69 -7.90 2.68 12.52
CA ASP A 69 -6.77 2.21 13.32
C ASP A 69 -6.85 0.71 13.58
N ASN A 70 -8.08 0.19 13.69
CA ASN A 70 -8.29 -1.23 13.95
C ASN A 70 -7.66 -2.08 12.85
N TYR A 71 -7.71 -1.58 11.61
CA TYR A 71 -7.16 -2.32 10.47
C TYR A 71 -5.63 -2.24 10.44
N PHE A 72 -5.08 -1.15 10.96
CA PHE A 72 -3.64 -0.96 10.97
C PHE A 72 -2.99 -1.67 12.16
N ARG A 73 -3.80 -2.06 13.13
CA ARG A 73 -3.30 -2.74 14.32
C ARG A 73 -3.10 -4.22 14.05
N SER A 74 -3.96 -4.80 13.23
CA SER A 74 -3.87 -6.22 12.90
C SER A 74 -3.03 -6.44 11.64
N GLY A 75 -2.30 -5.42 11.23
CA GLY A 75 -1.47 -5.52 10.05
C GLY A 75 0.00 -5.23 10.33
N GLU A 76 0.88 -5.68 9.43
CA GLU A 76 2.31 -5.45 9.58
C GLU A 76 2.82 -4.47 8.54
N GLY A 77 2.58 -4.78 7.27
CA GLY A 77 3.01 -3.91 6.19
C GLY A 77 1.97 -2.86 5.83
N PHE A 78 2.42 -1.75 5.26
CA PHE A 78 1.51 -0.68 4.87
C PHE A 78 1.86 -0.15 3.48
N LEU A 79 0.84 -0.03 2.64
CA LEU A 79 1.04 0.47 1.28
C LEU A 79 0.15 1.69 1.02
N LEU A 80 0.76 2.86 0.97
CA LEU A 80 0.04 4.10 0.73
C LEU A 80 -0.18 4.30 -0.77
N VAL A 81 -1.41 4.65 -1.13
CA VAL A 81 -1.75 4.86 -2.54
C VAL A 81 -2.54 6.15 -2.75
N PHE A 82 -2.10 6.96 -3.71
CA PHE A 82 -2.78 8.21 -4.03
C PHE A 82 -2.78 8.47 -5.53
N SER A 83 -3.89 8.99 -6.04
CA SER A 83 -4.01 9.29 -7.46
C SER A 83 -3.43 10.66 -7.78
N ILE A 84 -2.74 10.75 -8.91
CA ILE A 84 -2.14 12.00 -9.35
C ILE A 84 -3.20 12.94 -9.93
N THR A 85 -4.23 12.36 -10.53
CA THR A 85 -5.31 13.13 -11.13
C THR A 85 -6.11 13.86 -10.05
N GLU A 86 -5.96 13.42 -8.81
CA GLU A 86 -6.67 14.03 -7.69
C GLU A 86 -5.70 14.45 -6.59
N HIS A 87 -5.49 15.75 -6.46
CA HIS A 87 -4.59 16.30 -5.45
C HIS A 87 -5.07 15.98 -4.04
N GLU A 88 -6.33 15.59 -3.92
CA GLU A 88 -6.93 15.28 -2.63
C GLU A 88 -6.39 13.96 -2.10
N SER A 89 -5.98 13.10 -3.02
CA SER A 89 -5.46 11.78 -2.66
C SER A 89 -4.12 11.89 -1.96
N PHE A 90 -3.18 12.58 -2.58
CA PHE A 90 -1.84 12.76 -2.03
C PHE A 90 -1.88 13.40 -0.65
N THR A 91 -2.83 14.30 -0.43
CA THR A 91 -2.96 15.00 0.85
C THR A 91 -3.49 14.09 1.95
N ALA A 92 -4.64 13.46 1.69
CA ALA A 92 -5.26 12.57 2.67
C ALA A 92 -4.34 11.40 2.98
N THR A 93 -3.68 10.87 1.96
CA THR A 93 -2.76 9.77 2.14
C THR A 93 -1.69 10.12 3.16
N ALA A 94 -1.15 11.32 3.02
CA ALA A 94 -0.12 11.82 3.94
C ALA A 94 -0.73 12.04 5.31
N GLU A 95 -2.03 12.33 5.33
CA GLU A 95 -2.76 12.55 6.56
C GLU A 95 -2.95 11.22 7.30
N PHE A 96 -3.02 10.14 6.51
CA PHE A 96 -3.18 8.81 7.07
C PHE A 96 -1.87 8.30 7.66
N ARG A 97 -0.76 8.85 7.15
CA ARG A 97 0.57 8.47 7.60
C ARG A 97 0.65 8.47 9.14
N GLU A 98 0.04 9.49 9.74
CA GLU A 98 0.04 9.61 11.20
C GLU A 98 -0.83 8.53 11.84
N GLN A 99 -1.92 8.18 11.17
CA GLN A 99 -2.84 7.16 11.67
C GLN A 99 -2.17 5.80 11.79
N ILE A 100 -1.34 5.47 10.79
CA ILE A 100 -0.64 4.20 10.77
C ILE A 100 0.27 4.04 11.99
N LEU A 101 0.95 5.12 12.36
CA LEU A 101 1.87 5.10 13.50
C LEU A 101 1.12 4.94 14.83
N ARG A 102 -0.14 5.37 14.86
CA ARG A 102 -0.95 5.30 16.08
C ARG A 102 -0.92 3.90 16.68
N VAL A 103 -1.20 2.89 15.87
CA VAL A 103 -1.20 1.51 16.34
C VAL A 103 0.19 1.05 16.73
N LYS A 104 1.18 1.50 15.98
CA LYS A 104 2.57 1.15 16.24
C LYS A 104 3.29 2.25 17.01
N ALA A 105 2.56 2.87 17.93
CA ALA A 105 3.13 3.95 18.75
C ALA A 105 4.26 3.45 19.63
N GLU A 106 4.29 2.13 19.85
CA GLU A 106 5.33 1.53 20.68
C GLU A 106 6.34 0.77 19.82
N GLU A 107 6.16 0.82 18.51
CA GLU A 107 7.05 0.15 17.58
C GLU A 107 7.87 1.17 16.78
N ASP A 108 9.11 0.80 16.46
CA ASP A 108 10.00 1.68 15.71
C ASP A 108 9.97 1.37 14.22
N LYS A 109 10.45 0.19 13.85
CA LYS A 109 10.48 -0.22 12.45
C LYS A 109 9.07 -0.33 11.88
N ILE A 110 8.81 0.44 10.82
CA ILE A 110 7.51 0.43 10.17
C ILE A 110 7.65 0.25 8.66
N PRO A 111 7.35 -0.97 8.15
CA PRO A 111 7.45 -1.26 6.71
C PRO A 111 6.40 -0.52 5.91
N LEU A 112 6.79 0.63 5.35
CA LEU A 112 5.89 1.44 4.55
C LEU A 112 6.41 1.60 3.12
N LEU A 113 5.51 1.89 2.20
CA LEU A 113 5.88 2.07 0.80
C LEU A 113 4.75 2.78 0.06
N VAL A 114 5.05 3.96 -0.47
CA VAL A 114 4.07 4.75 -1.20
C VAL A 114 4.07 4.42 -2.68
N VAL A 115 2.88 4.42 -3.28
CA VAL A 115 2.71 4.13 -4.69
C VAL A 115 1.79 5.16 -5.33
N GLY A 116 2.01 5.42 -6.62
CA GLY A 116 1.18 6.39 -7.32
C GLY A 116 0.25 5.73 -8.32
N ASN A 117 -0.98 6.22 -8.39
CA ASN A 117 -1.97 5.70 -9.29
C ASN A 117 -2.22 6.69 -10.43
N LYS A 118 -2.98 6.26 -11.42
CA LYS A 118 -3.30 7.10 -12.57
C LYS A 118 -2.03 7.50 -13.33
N SER A 119 -0.95 6.75 -13.11
CA SER A 119 0.32 7.03 -13.77
C SER A 119 0.19 6.96 -15.29
N ASP A 120 -0.88 6.31 -15.75
CA ASP A 120 -1.13 6.17 -17.18
C ASP A 120 -1.52 7.51 -17.79
N LEU A 121 -1.65 8.53 -16.93
CA LEU A 121 -2.02 9.87 -17.37
C LEU A 121 -0.94 10.87 -16.99
N GLU A 122 0.07 11.00 -17.85
CA GLU A 122 1.17 11.91 -17.60
C GLU A 122 0.75 13.37 -17.80
N GLU A 123 -0.20 13.59 -18.70
CA GLU A 123 -0.69 14.93 -18.99
C GLU A 123 -1.66 15.41 -17.92
N ARG A 124 -2.23 14.47 -17.17
CA ARG A 124 -3.18 14.79 -16.11
C ARG A 124 -2.55 14.66 -14.74
N ARG A 125 -1.22 14.63 -14.69
CA ARG A 125 -0.50 14.52 -13.43
C ARG A 125 -0.35 15.88 -12.76
N GLN A 126 -1.02 16.05 -11.63
CA GLN A 126 -0.97 17.31 -10.89
C GLN A 126 0.17 17.32 -9.88
N VAL A 127 0.55 16.13 -9.41
CA VAL A 127 1.63 15.99 -8.44
C VAL A 127 2.93 15.57 -9.11
N PRO A 128 3.89 16.49 -9.27
CA PRO A 128 5.18 16.18 -9.90
C PRO A 128 5.88 15.04 -9.18
N VAL A 129 6.31 14.04 -9.94
CA VAL A 129 6.98 12.88 -9.37
C VAL A 129 8.15 13.30 -8.49
N GLU A 130 8.95 14.24 -8.98
CA GLU A 130 10.10 14.74 -8.23
C GLU A 130 9.70 15.24 -6.85
N GLU A 131 8.64 16.04 -6.81
CA GLU A 131 8.14 16.59 -5.56
C GLU A 131 7.59 15.47 -4.66
N ALA A 132 7.05 14.45 -5.29
CA ALA A 132 6.48 13.31 -4.57
C ALA A 132 7.59 12.45 -3.97
N ARG A 133 8.75 12.44 -4.62
CA ARG A 133 9.89 11.66 -4.15
C ARG A 133 10.55 12.30 -2.93
N SER A 134 10.68 13.62 -2.97
CA SER A 134 11.30 14.35 -1.86
C SER A 134 10.49 14.22 -0.58
N LYS A 135 9.16 14.20 -0.72
CA LYS A 135 8.28 14.09 0.44
C LYS A 135 8.25 12.65 0.94
N ALA A 136 8.04 11.71 0.03
CA ALA A 136 7.99 10.30 0.40
C ALA A 136 9.29 9.86 1.06
N GLU A 137 10.40 10.42 0.59
CA GLU A 137 11.71 10.10 1.13
C GLU A 137 11.80 10.47 2.61
N GLU A 138 11.08 11.53 3.00
CA GLU A 138 11.07 11.99 4.38
C GLU A 138 10.76 10.84 5.33
N TRP A 139 9.75 10.05 4.97
CA TRP A 139 9.34 8.91 5.78
C TRP A 139 10.42 7.82 5.77
N GLY A 140 11.25 7.84 4.72
CA GLY A 140 12.30 6.85 4.60
C GLY A 140 11.97 5.79 3.55
N VAL A 141 11.02 6.12 2.68
CA VAL A 141 10.60 5.21 1.63
C VAL A 141 10.85 5.80 0.24
N GLN A 142 10.61 4.99 -0.77
CA GLN A 142 10.78 5.42 -2.16
C GLN A 142 9.43 5.38 -2.87
N TYR A 143 9.06 6.48 -3.50
CA TYR A 143 7.79 6.55 -4.21
C TYR A 143 7.95 6.23 -5.69
N VAL A 144 6.98 5.51 -6.25
CA VAL A 144 7.00 5.13 -7.65
C VAL A 144 5.63 5.30 -8.29
N GLU A 145 5.62 5.61 -9.59
CA GLU A 145 4.38 5.79 -10.33
C GLU A 145 3.93 4.47 -10.92
N THR A 146 2.62 4.21 -10.86
CA THR A 146 2.08 2.95 -11.38
C THR A 146 0.70 3.14 -11.99
N SER A 147 0.37 2.29 -12.96
CA SER A 147 -0.92 2.34 -13.63
C SER A 147 -1.71 1.06 -13.36
N ALA A 148 -2.76 1.17 -12.57
CA ALA A 148 -3.60 0.03 -12.23
C ALA A 148 -4.28 -0.57 -13.46
N LYS A 149 -4.04 0.04 -14.62
CA LYS A 149 -4.63 -0.45 -15.86
C LYS A 149 -3.63 -1.30 -16.65
N THR A 150 -2.38 -0.83 -16.72
CA THR A 150 -1.35 -1.55 -17.45
C THR A 150 -0.58 -2.50 -16.53
N ARG A 151 -0.94 -2.51 -15.25
CA ARG A 151 -0.30 -3.37 -14.25
C ARG A 151 1.18 -3.60 -14.55
N ALA A 152 1.88 -2.55 -14.95
CA ALA A 152 3.30 -2.65 -15.27
C ALA A 152 4.16 -2.71 -14.00
N ASN A 153 4.02 -1.71 -13.15
CA ASN A 153 4.80 -1.66 -11.90
C ASN A 153 3.92 -1.86 -10.67
N VAL A 154 2.70 -2.37 -10.88
CA VAL A 154 1.79 -2.59 -9.77
C VAL A 154 2.33 -3.66 -8.81
N ASP A 155 2.76 -4.78 -9.36
CA ASP A 155 3.31 -5.87 -8.55
C ASP A 155 4.69 -5.53 -8.01
N LYS A 156 5.39 -4.63 -8.70
CA LYS A 156 6.73 -4.22 -8.31
C LYS A 156 6.76 -3.68 -6.88
N VAL A 157 5.76 -2.87 -6.53
CA VAL A 157 5.70 -2.28 -5.19
C VAL A 157 5.35 -3.33 -4.14
N PHE A 158 4.65 -4.38 -4.56
CA PHE A 158 4.26 -5.44 -3.64
C PHE A 158 5.49 -6.24 -3.21
N PHE A 159 6.34 -6.56 -4.18
CA PHE A 159 7.55 -7.32 -3.92
C PHE A 159 8.58 -6.46 -3.18
N ASP A 160 8.54 -5.15 -3.45
CA ASP A 160 9.48 -4.22 -2.81
C ASP A 160 9.30 -4.23 -1.30
N LEU A 161 8.07 -4.05 -0.85
CA LEU A 161 7.75 -4.04 0.57
C LEU A 161 7.98 -5.42 1.18
N MET A 162 7.75 -6.46 0.37
CA MET A 162 7.93 -7.84 0.83
C MET A 162 9.30 -8.05 1.44
N ARG A 163 10.33 -7.53 0.78
CA ARG A 163 11.70 -7.66 1.26
C ARG A 163 11.92 -6.82 2.52
N GLU A 164 11.24 -5.68 2.59
CA GLU A 164 11.35 -4.78 3.74
C GLU A 164 10.93 -5.47 5.03
N ILE A 165 9.77 -6.12 5.01
CA ILE A 165 9.25 -6.80 6.18
C ILE A 165 10.22 -7.87 6.69
N ARG A 166 10.95 -8.47 5.77
CA ARG A 166 11.90 -9.52 6.13
C ARG A 166 13.17 -8.94 6.75
N THR A 167 13.79 -7.98 6.07
CA THR A 167 15.03 -7.38 6.55
C THR A 167 14.81 -6.19 7.49
N LYS A 168 14.13 -5.15 7.00
CA LYS A 168 13.90 -3.94 7.79
C LYS A 168 13.08 -4.17 9.06
N LYS A 169 11.91 -4.77 8.91
CA LYS A 169 11.04 -5.01 10.07
C LYS A 169 11.70 -5.91 11.10
N MET A 170 12.27 -7.03 10.64
CA MET A 170 12.92 -7.97 11.54
C MET A 170 14.24 -7.43 12.07
N SER A 171 14.73 -6.34 11.47
CA SER A 171 15.98 -5.72 11.90
C SER A 171 15.89 -5.27 13.35
N GLU A 172 14.95 -4.36 13.61
CA GLU A 172 14.74 -3.84 14.97
C GLU A 172 16.04 -3.36 15.60
N ASN A 173 17.03 -3.04 14.76
CA ASN A 173 18.33 -2.58 15.23
C ASN A 173 18.96 -3.60 16.17
N LYS A 174 19.79 -4.48 15.60
CA LYS A 174 20.46 -5.52 16.37
C LYS A 174 19.46 -6.39 17.11
PG GNP B . -14.90 1.31 -2.28
O1G GNP B . -16.30 1.14 -1.80
O2G GNP B . -14.07 -0.03 -2.16
O3G GNP B . -14.18 2.53 -1.54
N3B GNP B . -14.88 1.69 -3.91
PB GNP B . -13.46 2.50 -4.32
O1B GNP B . -13.34 3.71 -3.47
O2B GNP B . -12.33 1.55 -4.38
O3A GNP B . -13.78 2.97 -5.80
PA GNP B . -12.87 4.07 -6.51
O1A GNP B . -13.58 5.37 -6.49
O2A GNP B . -11.51 3.99 -5.93
O5' GNP B . -12.82 3.55 -8.01
C5' GNP B . -11.61 3.59 -8.76
C4' GNP B . -11.90 3.58 -10.24
O4' GNP B . -11.04 4.54 -10.90
C3' GNP B . -11.64 2.24 -10.94
O3' GNP B . -12.80 1.43 -10.96
C2' GNP B . -11.23 2.67 -12.35
O2' GNP B . -12.34 2.97 -13.16
C1' GNP B . -10.46 3.96 -12.05
N9 GNP B . -9.04 3.77 -11.81
C8 GNP B . -8.44 3.39 -10.63
N7 GNP B . -7.14 3.30 -10.71
C5 GNP B . -6.86 3.65 -12.03
C6 GNP B . -5.62 3.74 -12.72
O6 GNP B . -4.48 3.53 -12.27
N1 GNP B . -5.78 4.12 -14.04
C2 GNP B . -7.00 4.39 -14.63
N2 GNP B . -6.96 4.74 -15.92
N3 GNP B . -8.16 4.30 -14.01
C4 GNP B . -8.02 3.93 -12.71
HNB3 GNP B . -15.65 2.24 -4.14
H5'2 GNP B . -10.98 2.72 -8.51
H5'1 GNP B . -11.05 4.51 -8.52
H4' GNP B . -12.96 3.79 -10.36
H3' GNP B . -10.86 1.67 -10.43
HO3' GNP B . -12.70 0.78 -10.27
H2' GNP B . -10.57 1.92 -12.80
HO2' GNP B . -12.25 3.87 -13.47
H1' GNP B . -10.56 4.69 -12.87
H8 GNP B . -8.99 3.18 -9.72
HN1 GNP B . -4.96 4.21 -14.61
HN21 GNP B . -7.82 4.95 -16.41
HN22 GNP B . -6.07 4.80 -16.40
MG MG C . -12.33 -0.60 -3.54
N LEU A 1 8.50 -20.74 6.54
CA LEU A 1 7.91 -19.80 5.56
C LEU A 1 7.37 -18.55 6.26
N ALA A 2 7.80 -17.39 5.79
CA ALA A 2 7.36 -16.12 6.38
C ALA A 2 5.99 -15.71 5.85
N LEU A 3 5.26 -14.96 6.66
CA LEU A 3 3.92 -14.51 6.28
C LEU A 3 3.79 -13.00 6.51
N HIS A 4 3.77 -12.25 5.40
CA HIS A 4 3.65 -10.80 5.48
C HIS A 4 2.24 -10.35 5.10
N LYS A 5 1.66 -9.46 5.92
CA LYS A 5 0.32 -8.95 5.66
C LYS A 5 0.36 -7.48 5.28
N VAL A 6 0.01 -7.19 4.02
CA VAL A 6 0.01 -5.82 3.52
C VAL A 6 -1.41 -5.27 3.41
N ILE A 7 -1.60 -4.04 3.88
CA ILE A 7 -2.90 -3.39 3.83
C ILE A 7 -2.88 -2.21 2.87
N MET A 8 -3.61 -2.34 1.76
CA MET A 8 -3.67 -1.26 0.77
C MET A 8 -4.30 -0.02 1.39
N VAL A 9 -3.46 0.92 1.82
CA VAL A 9 -3.95 2.15 2.43
C VAL A 9 -3.83 3.31 1.46
N GLY A 10 -4.51 4.42 1.77
CA GLY A 10 -4.47 5.58 0.90
C GLY A 10 -5.36 6.71 1.41
N SER A 11 -5.72 7.60 0.50
CA SER A 11 -6.57 8.74 0.84
C SER A 11 -7.96 8.28 1.25
N GLY A 12 -8.57 7.44 0.43
CA GLY A 12 -9.90 6.94 0.72
C GLY A 12 -10.72 6.73 -0.54
N GLY A 13 -10.23 7.25 -1.66
CA GLY A 13 -10.94 7.11 -2.92
C GLY A 13 -10.01 7.20 -4.12
N VAL A 14 -9.10 6.23 -4.25
CA VAL A 14 -8.16 6.21 -5.35
C VAL A 14 -8.19 4.86 -6.07
N GLY A 15 -8.21 3.78 -5.32
CA GLY A 15 -8.25 2.45 -5.91
C GLY A 15 -7.37 1.46 -5.19
N LYS A 16 -7.38 1.51 -3.86
CA LYS A 16 -6.58 0.60 -3.05
C LYS A 16 -6.86 -0.86 -3.42
N SER A 17 -8.08 -1.09 -3.90
CA SER A 17 -8.52 -2.43 -4.30
C SER A 17 -8.06 -2.74 -5.73
N ALA A 18 -7.90 -1.71 -6.53
CA ALA A 18 -7.48 -1.86 -7.92
C ALA A 18 -6.13 -2.54 -7.99
N LEU A 19 -5.16 -2.01 -7.26
CA LEU A 19 -3.84 -2.61 -7.23
C LEU A 19 -3.93 -3.99 -6.62
N THR A 20 -4.97 -4.19 -5.81
CA THR A 20 -5.20 -5.46 -5.15
C THR A 20 -5.54 -6.56 -6.16
N LEU A 21 -6.55 -6.30 -6.98
CA LEU A 21 -6.99 -7.26 -7.99
C LEU A 21 -5.94 -7.47 -9.07
N GLN A 22 -5.32 -6.38 -9.50
CA GLN A 22 -4.30 -6.46 -10.53
C GLN A 22 -3.17 -7.41 -10.14
N PHE A 23 -2.80 -7.39 -8.87
CA PHE A 23 -1.74 -8.26 -8.37
C PHE A 23 -2.20 -9.72 -8.30
N MET A 24 -3.51 -9.91 -8.16
CA MET A 24 -4.07 -11.26 -8.05
C MET A 24 -4.26 -11.96 -9.40
N TYR A 25 -4.89 -11.27 -10.35
CA TYR A 25 -5.15 -11.89 -11.66
C TYR A 25 -4.33 -11.25 -12.78
N ASP A 26 -3.63 -10.17 -12.48
CA ASP A 26 -2.82 -9.49 -13.49
C ASP A 26 -3.67 -9.06 -14.68
N GLU A 27 -4.94 -8.77 -14.40
CA GLU A 27 -5.88 -8.35 -15.44
C GLU A 27 -6.91 -7.38 -14.87
N PHE A 28 -7.22 -6.33 -15.63
CA PHE A 28 -8.20 -5.33 -15.20
C PHE A 28 -9.62 -5.86 -15.37
N VAL A 29 -10.25 -6.20 -14.26
CA VAL A 29 -11.62 -6.71 -14.29
C VAL A 29 -12.51 -5.96 -13.30
N GLU A 30 -13.76 -5.75 -13.69
CA GLU A 30 -14.72 -5.04 -12.85
C GLU A 30 -15.34 -5.98 -11.82
N ASP A 31 -14.86 -5.90 -10.58
CA ASP A 31 -15.36 -6.75 -9.51
C ASP A 31 -15.04 -6.16 -8.15
N TYR A 32 -15.97 -6.31 -7.20
CA TYR A 32 -15.78 -5.79 -5.85
C TYR A 32 -16.63 -6.57 -4.86
N GLU A 33 -16.04 -6.85 -3.69
CA GLU A 33 -16.75 -7.58 -2.65
C GLU A 33 -16.32 -7.12 -1.25
N PRO A 34 -17.20 -6.42 -0.52
CA PRO A 34 -16.90 -5.92 0.83
C PRO A 34 -16.50 -7.05 1.77
N THR A 35 -15.53 -6.78 2.65
CA THR A 35 -15.06 -7.78 3.60
C THR A 35 -14.98 -7.20 5.01
N LYS A 36 -15.11 -8.07 6.00
CA LYS A 36 -15.06 -7.65 7.40
C LYS A 36 -13.74 -8.08 8.04
N ALA A 37 -13.18 -9.18 7.54
CA ALA A 37 -11.91 -9.70 8.06
C ALA A 37 -11.28 -10.67 7.08
N ASP A 38 -11.99 -10.97 5.99
CA ASP A 38 -11.50 -11.89 4.98
C ASP A 38 -10.37 -11.24 4.17
N SER A 39 -9.29 -11.99 3.97
CA SER A 39 -8.14 -11.50 3.21
C SER A 39 -7.75 -12.47 2.11
N TYR A 40 -6.79 -12.07 1.28
CA TYR A 40 -6.31 -12.90 0.19
C TYR A 40 -4.93 -13.45 0.51
N ARG A 41 -4.65 -14.67 0.07
CA ARG A 41 -3.37 -15.29 0.33
C ARG A 41 -2.89 -16.12 -0.87
N LYS A 42 -1.59 -16.08 -1.13
CA LYS A 42 -0.99 -16.82 -2.23
C LYS A 42 0.51 -17.00 -1.99
N LYS A 43 1.05 -18.12 -2.46
CA LYS A 43 2.46 -18.42 -2.28
C LYS A 43 3.30 -17.83 -3.41
N VAL A 44 4.33 -17.07 -3.02
CA VAL A 44 5.22 -16.44 -3.99
C VAL A 44 6.67 -16.55 -3.53
N VAL A 45 7.59 -16.72 -4.48
CA VAL A 45 8.99 -16.84 -4.17
C VAL A 45 9.62 -15.47 -3.90
N LEU A 46 10.56 -15.43 -2.96
CA LEU A 46 11.24 -14.20 -2.60
C LEU A 46 12.74 -14.43 -2.44
N ASP A 47 13.50 -14.06 -3.46
CA ASP A 47 14.96 -14.22 -3.44
C ASP A 47 15.34 -15.67 -3.16
N GLY A 48 14.50 -16.60 -3.59
CA GLY A 48 14.76 -18.01 -3.38
C GLY A 48 13.86 -18.62 -2.32
N GLU A 49 13.58 -17.85 -1.27
CA GLU A 49 12.73 -18.34 -0.19
C GLU A 49 11.26 -17.97 -0.44
N GLU A 50 10.44 -18.98 -0.65
CA GLU A 50 9.01 -18.77 -0.92
C GLU A 50 8.28 -18.32 0.35
N VAL A 51 7.76 -17.09 0.31
CA VAL A 51 7.03 -16.53 1.43
C VAL A 51 5.57 -16.26 1.05
N GLN A 52 4.66 -16.53 1.97
CA GLN A 52 3.24 -16.32 1.72
C GLN A 52 2.87 -14.85 1.92
N ILE A 53 2.18 -14.30 0.94
CA ILE A 53 1.75 -12.90 1.00
C ILE A 53 0.26 -12.79 1.23
N ASP A 54 -0.13 -11.93 2.17
CA ASP A 54 -1.54 -11.73 2.49
C ASP A 54 -1.95 -10.29 2.20
N ILE A 55 -2.92 -10.12 1.31
CA ILE A 55 -3.40 -8.79 0.95
C ILE A 55 -4.80 -8.55 1.52
N LEU A 56 -4.89 -7.58 2.43
CA LEU A 56 -6.15 -7.23 3.07
C LEU A 56 -6.51 -5.77 2.83
N ASP A 57 -7.70 -5.55 2.26
CA ASP A 57 -8.19 -4.21 1.98
C ASP A 57 -9.70 -4.22 1.83
N THR A 58 -10.34 -3.10 2.18
CA THR A 58 -11.79 -2.99 2.08
C THR A 58 -12.21 -1.76 1.27
N ALA A 59 -12.29 -0.61 1.94
CA ALA A 59 -12.68 0.64 1.28
C ALA A 59 -12.55 1.83 2.23
N GLY A 60 -13.13 2.96 1.85
CA GLY A 60 -13.06 4.15 2.68
C GLY A 60 -13.77 3.95 4.01
N LEU A 61 -13.00 3.60 5.03
CA LEU A 61 -13.56 3.38 6.36
C LEU A 61 -13.60 4.67 7.17
N GLU A 62 -13.55 5.80 6.47
CA GLU A 62 -13.58 7.10 7.12
C GLU A 62 -14.98 7.41 7.65
N ASP A 63 -15.94 6.56 7.31
CA ASP A 63 -17.33 6.75 7.74
C ASP A 63 -17.44 6.55 9.25
N TYR A 64 -16.84 5.47 9.75
CA TYR A 64 -16.90 5.16 11.18
C TYR A 64 -16.09 6.17 11.98
N ALA A 65 -15.93 5.90 13.28
CA ALA A 65 -15.18 6.79 14.16
C ALA A 65 -13.69 6.65 13.95
N ALA A 66 -13.19 5.42 14.04
CA ALA A 66 -11.76 5.15 13.86
C ALA A 66 -11.49 3.66 13.77
N ILE A 67 -12.45 2.92 13.22
CA ILE A 67 -12.32 1.47 13.08
C ILE A 67 -11.12 1.11 12.20
N ARG A 68 -10.64 2.09 11.43
CA ARG A 68 -9.51 1.90 10.54
C ARG A 68 -8.33 1.27 11.27
N ASP A 69 -8.10 1.70 12.50
CA ASP A 69 -6.99 1.18 13.31
C ASP A 69 -7.07 -0.34 13.43
N ASN A 70 -8.29 -0.86 13.55
CA ASN A 70 -8.49 -2.30 13.69
C ASN A 70 -7.92 -3.06 12.49
N TYR A 71 -8.09 -2.50 11.30
CA TYR A 71 -7.61 -3.12 10.08
C TYR A 71 -6.10 -2.95 9.93
N PHE A 72 -5.58 -1.80 10.35
CA PHE A 72 -4.16 -1.53 10.25
C PHE A 72 -3.37 -2.35 11.28
N ARG A 73 -4.08 -2.87 12.27
CA ARG A 73 -3.45 -3.67 13.32
C ARG A 73 -3.28 -5.12 12.87
N SER A 74 -4.09 -5.53 11.91
CA SER A 74 -4.03 -6.89 11.39
C SER A 74 -3.08 -6.98 10.21
N GLY A 75 -2.34 -5.90 9.97
CA GLY A 75 -1.39 -5.86 8.87
C GLY A 75 -0.04 -5.35 9.30
N GLU A 76 1.01 -6.06 8.92
CA GLU A 76 2.37 -5.67 9.28
C GLU A 76 2.86 -4.53 8.39
N GLY A 77 2.74 -4.70 7.08
CA GLY A 77 3.18 -3.68 6.15
C GLY A 77 2.05 -2.77 5.71
N PHE A 78 2.41 -1.63 5.13
CA PHE A 78 1.42 -0.66 4.66
C PHE A 78 1.78 -0.13 3.28
N LEU A 79 0.76 0.06 2.44
CA LEU A 79 0.98 0.57 1.09
C LEU A 79 0.14 1.82 0.85
N LEU A 80 0.78 2.99 0.87
CA LEU A 80 0.10 4.25 0.64
C LEU A 80 -0.07 4.50 -0.85
N VAL A 81 -1.30 4.77 -1.28
CA VAL A 81 -1.57 5.01 -2.68
C VAL A 81 -2.45 6.23 -2.91
N PHE A 82 -2.08 7.05 -3.89
CA PHE A 82 -2.83 8.24 -4.23
C PHE A 82 -2.74 8.51 -5.74
N SER A 83 -3.84 8.95 -6.33
CA SER A 83 -3.88 9.23 -7.76
C SER A 83 -3.23 10.57 -8.08
N ILE A 84 -2.54 10.63 -9.20
CA ILE A 84 -1.87 11.86 -9.63
C ILE A 84 -2.88 12.86 -10.14
N THR A 85 -3.95 12.36 -10.74
CA THR A 85 -5.01 13.22 -11.28
C THR A 85 -5.89 13.74 -10.15
N GLU A 86 -5.56 13.35 -8.92
CA GLU A 86 -6.30 13.78 -7.74
C GLU A 86 -5.37 14.28 -6.65
N HIS A 87 -5.13 15.58 -6.63
CA HIS A 87 -4.25 16.19 -5.64
C HIS A 87 -4.80 16.00 -4.23
N GLU A 88 -6.09 15.67 -4.13
CA GLU A 88 -6.73 15.47 -2.85
C GLU A 88 -6.27 14.16 -2.22
N SER A 89 -5.88 13.22 -3.08
CA SER A 89 -5.43 11.92 -2.64
C SER A 89 -4.08 12.02 -1.92
N PHE A 90 -3.11 12.65 -2.56
CA PHE A 90 -1.77 12.81 -1.99
C PHE A 90 -1.82 13.50 -0.62
N THR A 91 -2.74 14.44 -0.48
CA THR A 91 -2.89 15.19 0.76
C THR A 91 -3.49 14.34 1.87
N ALA A 92 -4.64 13.73 1.58
CA ALA A 92 -5.32 12.89 2.56
C ALA A 92 -4.45 11.70 2.96
N THR A 93 -3.75 11.12 1.99
CA THR A 93 -2.87 9.99 2.25
C THR A 93 -1.85 10.34 3.32
N ALA A 94 -1.47 11.61 3.36
CA ALA A 94 -0.49 12.08 4.33
C ALA A 94 -1.02 11.94 5.75
N GLU A 95 -2.32 12.14 5.93
CA GLU A 95 -2.94 12.02 7.23
C GLU A 95 -2.91 10.58 7.73
N PHE A 96 -3.28 9.65 6.85
CA PHE A 96 -3.29 8.22 7.19
C PHE A 96 -1.91 7.76 7.64
N ARG A 97 -0.87 8.34 7.06
CA ARG A 97 0.51 7.99 7.40
C ARG A 97 0.72 8.05 8.91
N GLU A 98 0.19 9.09 9.55
CA GLU A 98 0.32 9.26 10.98
C GLU A 98 -0.54 8.25 11.74
N GLN A 99 -1.72 7.97 11.21
CA GLN A 99 -2.64 7.00 11.83
C GLN A 99 -2.02 5.61 11.88
N ILE A 100 -1.14 5.34 10.92
CA ILE A 100 -0.48 4.05 10.84
C ILE A 100 0.30 3.75 12.12
N LEU A 101 0.88 4.78 12.72
CA LEU A 101 1.66 4.63 13.94
C LEU A 101 0.82 4.21 15.13
N ARG A 102 -0.48 4.52 15.08
CA ARG A 102 -1.39 4.17 16.18
C ARG A 102 -1.28 2.69 16.57
N VAL A 103 -1.37 1.82 15.57
CA VAL A 103 -1.29 0.37 15.81
C VAL A 103 0.12 -0.04 16.22
N LYS A 104 1.08 0.87 16.05
CA LYS A 104 2.46 0.59 16.42
C LYS A 104 3.01 1.72 17.30
N ALA A 105 2.29 2.03 18.37
CA ALA A 105 2.69 3.09 19.29
C ALA A 105 4.15 2.94 19.71
N GLU A 106 4.59 1.71 19.91
CA GLU A 106 5.97 1.45 20.30
C GLU A 106 6.94 1.97 19.23
N GLU A 107 6.68 1.56 17.98
CA GLU A 107 7.49 1.97 16.84
C GLU A 107 8.96 1.56 17.01
N ASP A 108 9.35 0.55 16.23
CA ASP A 108 10.72 0.06 16.24
C ASP A 108 11.23 -0.07 14.82
N LYS A 109 10.41 -0.68 13.96
CA LYS A 109 10.74 -0.86 12.55
C LYS A 109 9.46 -0.84 11.73
N ILE A 110 8.92 0.37 11.52
CA ILE A 110 7.68 0.54 10.77
C ILE A 110 7.92 0.43 9.26
N PRO A 111 7.35 -0.60 8.61
CA PRO A 111 7.48 -0.81 7.17
C PRO A 111 6.39 -0.07 6.39
N LEU A 112 6.81 0.74 5.43
CA LEU A 112 5.86 1.51 4.61
C LEU A 112 6.39 1.67 3.19
N LEU A 113 5.50 2.03 2.27
CA LEU A 113 5.89 2.23 0.88
C LEU A 113 4.84 3.04 0.13
N VAL A 114 5.23 4.26 -0.27
CA VAL A 114 4.33 5.15 -1.00
C VAL A 114 4.32 4.83 -2.49
N VAL A 115 3.15 4.95 -3.11
CA VAL A 115 3.01 4.69 -4.54
C VAL A 115 1.92 5.56 -5.15
N GLY A 116 2.04 5.83 -6.44
CA GLY A 116 1.06 6.65 -7.13
C GLY A 116 0.58 6.00 -8.41
N ASN A 117 -0.73 5.87 -8.56
CA ASN A 117 -1.32 5.25 -9.75
C ASN A 117 -1.72 6.32 -10.76
N LYS A 118 -2.55 5.93 -11.73
CA LYS A 118 -3.02 6.85 -12.76
C LYS A 118 -1.87 7.32 -13.65
N SER A 119 -0.72 6.66 -13.53
CA SER A 119 0.46 7.02 -14.32
C SER A 119 0.18 6.96 -15.82
N ASP A 120 -0.93 6.31 -16.18
CA ASP A 120 -1.30 6.18 -17.59
C ASP A 120 -1.58 7.54 -18.20
N LEU A 121 -1.62 8.56 -17.35
CA LEU A 121 -1.88 9.92 -17.80
C LEU A 121 -0.72 10.84 -17.41
N GLU A 122 0.39 10.71 -18.12
CA GLU A 122 1.57 11.53 -17.85
C GLU A 122 1.31 12.99 -18.18
N GLU A 123 0.36 13.23 -19.08
CA GLU A 123 0.01 14.59 -19.47
C GLU A 123 -1.02 15.19 -18.52
N ARG A 124 -1.51 14.38 -17.59
CA ARG A 124 -2.50 14.83 -16.63
C ARG A 124 -1.97 14.73 -15.20
N ARG A 125 -0.68 14.42 -15.06
CA ARG A 125 -0.07 14.30 -13.74
C ARG A 125 0.12 15.67 -13.11
N GLN A 126 -0.68 15.97 -12.09
CA GLN A 126 -0.62 17.26 -11.40
C GLN A 126 0.51 17.29 -10.38
N VAL A 127 0.79 16.13 -9.79
CA VAL A 127 1.85 16.02 -8.78
C VAL A 127 3.15 15.49 -9.38
N PRO A 128 4.17 16.36 -9.56
CA PRO A 128 5.45 15.93 -10.11
C PRO A 128 6.07 14.81 -9.29
N VAL A 129 6.51 13.74 -9.95
CA VAL A 129 7.10 12.61 -9.26
C VAL A 129 8.18 13.06 -8.27
N GLU A 130 9.05 13.96 -8.71
CA GLU A 130 10.13 14.47 -7.87
C GLU A 130 9.58 15.05 -6.56
N GLU A 131 8.57 15.91 -6.68
CA GLU A 131 7.96 16.53 -5.52
C GLU A 131 7.30 15.48 -4.62
N ALA A 132 6.84 14.40 -5.23
CA ALA A 132 6.19 13.32 -4.51
C ALA A 132 7.21 12.49 -3.73
N ARG A 133 8.43 12.41 -4.26
CA ARG A 133 9.50 11.65 -3.62
C ARG A 133 10.10 12.42 -2.45
N SER A 134 10.21 13.72 -2.60
CA SER A 134 10.78 14.58 -1.56
C SER A 134 9.93 14.53 -0.29
N LYS A 135 8.62 14.61 -0.45
CA LYS A 135 7.70 14.60 0.68
C LYS A 135 7.61 13.20 1.29
N ALA A 136 7.40 12.21 0.43
CA ALA A 136 7.28 10.82 0.88
C ALA A 136 8.54 10.34 1.58
N GLU A 137 9.67 10.92 1.19
CA GLU A 137 10.95 10.56 1.77
C GLU A 137 10.99 10.89 3.26
N GLU A 138 10.29 11.95 3.64
CA GLU A 138 10.23 12.38 5.04
C GLU A 138 9.85 11.21 5.95
N TRP A 139 8.93 10.38 5.47
CA TRP A 139 8.46 9.23 6.24
C TRP A 139 9.53 8.14 6.30
N GLY A 140 10.42 8.13 5.31
CA GLY A 140 11.48 7.15 5.28
C GLY A 140 11.25 6.11 4.20
N VAL A 141 10.46 6.46 3.19
CA VAL A 141 10.15 5.54 2.10
C VAL A 141 10.51 6.15 0.74
N GLN A 142 10.20 5.41 -0.32
CA GLN A 142 10.46 5.85 -1.68
C GLN A 142 9.20 5.77 -2.52
N TYR A 143 8.94 6.81 -3.30
CA TYR A 143 7.76 6.87 -4.15
C TYR A 143 8.04 6.37 -5.57
N VAL A 144 7.14 5.52 -6.07
CA VAL A 144 7.27 4.96 -7.41
C VAL A 144 5.98 5.16 -8.21
N GLU A 145 6.11 5.19 -9.54
CA GLU A 145 4.95 5.38 -10.41
C GLU A 145 4.29 4.04 -10.75
N THR A 146 2.97 4.04 -10.87
CA THR A 146 2.23 2.83 -11.18
C THR A 146 0.94 3.12 -11.93
N SER A 147 0.28 2.07 -12.41
CA SER A 147 -0.97 2.19 -13.13
C SER A 147 -1.82 0.94 -12.94
N ALA A 148 -2.97 1.11 -12.29
CA ALA A 148 -3.88 -0.01 -12.03
C ALA A 148 -4.54 -0.50 -13.31
N LYS A 149 -4.20 0.15 -14.43
CA LYS A 149 -4.78 -0.22 -15.72
C LYS A 149 -3.82 -1.09 -16.52
N THR A 150 -2.55 -0.69 -16.55
CA THR A 150 -1.54 -1.43 -17.29
C THR A 150 -0.84 -2.46 -16.40
N ARG A 151 -1.19 -2.45 -15.12
CA ARG A 151 -0.61 -3.37 -14.13
C ARG A 151 0.86 -3.66 -14.41
N ALA A 152 1.57 -2.64 -14.85
CA ALA A 152 2.99 -2.76 -15.17
C ALA A 152 3.86 -2.78 -13.91
N ASN A 153 3.69 -1.78 -13.05
CA ASN A 153 4.46 -1.69 -11.82
C ASN A 153 3.60 -1.93 -10.58
N VAL A 154 2.40 -2.46 -10.79
CA VAL A 154 1.51 -2.73 -9.65
C VAL A 154 2.12 -3.80 -8.74
N ASP A 155 2.82 -4.75 -9.34
CA ASP A 155 3.46 -5.82 -8.58
C ASP A 155 4.71 -5.30 -7.86
N LYS A 156 5.31 -4.26 -8.43
CA LYS A 156 6.52 -3.66 -7.85
C LYS A 156 6.26 -3.12 -6.44
N VAL A 157 5.04 -2.69 -6.18
CA VAL A 157 4.70 -2.13 -4.87
C VAL A 157 4.56 -3.24 -3.83
N PHE A 158 4.02 -4.38 -4.24
CA PHE A 158 3.83 -5.51 -3.35
C PHE A 158 5.16 -6.22 -3.07
N PHE A 159 6.01 -6.31 -4.09
CA PHE A 159 7.31 -6.97 -3.95
C PHE A 159 8.26 -6.12 -3.10
N ASP A 160 8.37 -4.84 -3.46
CA ASP A 160 9.24 -3.92 -2.73
C ASP A 160 8.89 -3.91 -1.25
N LEU A 161 7.59 -3.78 -0.96
CA LEU A 161 7.11 -3.76 0.42
C LEU A 161 7.44 -5.10 1.09
N MET A 162 7.29 -6.18 0.36
CA MET A 162 7.57 -7.52 0.88
C MET A 162 9.01 -7.61 1.39
N ARG A 163 9.94 -7.12 0.57
CA ARG A 163 11.37 -7.15 0.91
C ARG A 163 11.69 -6.21 2.07
N GLU A 164 11.08 -5.03 2.06
CA GLU A 164 11.32 -4.03 3.11
C GLU A 164 10.92 -4.54 4.49
N ILE A 165 9.86 -5.34 4.55
CA ILE A 165 9.39 -5.87 5.82
C ILE A 165 10.32 -6.96 6.36
N ARG A 166 10.57 -7.97 5.55
CA ARG A 166 11.43 -9.08 5.95
C ARG A 166 12.83 -8.61 6.29
N THR A 167 13.24 -7.50 5.69
CA THR A 167 14.57 -6.95 5.92
C THR A 167 14.62 -6.02 7.13
N LYS A 168 13.83 -4.95 7.09
CA LYS A 168 13.82 -3.96 8.16
C LYS A 168 13.18 -4.49 9.46
N LYS A 169 11.96 -5.00 9.36
CA LYS A 169 11.26 -5.51 10.54
C LYS A 169 12.00 -6.66 11.21
N MET A 170 12.22 -7.73 10.46
CA MET A 170 12.90 -8.91 11.00
C MET A 170 14.29 -8.56 11.54
N SER A 171 14.78 -7.37 11.20
CA SER A 171 16.10 -6.94 11.66
C SER A 171 16.09 -6.67 13.17
N GLU A 172 15.24 -5.73 13.59
CA GLU A 172 15.12 -5.38 15.00
C GLU A 172 16.44 -4.85 15.56
N ASN A 173 16.47 -3.55 15.87
CA ASN A 173 17.67 -2.92 16.42
C ASN A 173 17.34 -2.10 17.66
N LYS A 174 17.98 -2.45 18.78
CA LYS A 174 17.75 -1.76 20.04
C LYS A 174 19.01 -1.03 20.49
PG GNP B . -13.65 2.91 -2.83
O1G GNP B . -14.68 3.65 -3.60
O2G GNP B . -13.81 1.34 -2.99
O3G GNP B . -13.65 3.34 -1.30
N3B GNP B . -12.09 3.28 -3.35
PB GNP B . -11.93 3.13 -5.02
O1B GNP B . -10.99 4.16 -5.50
O2B GNP B . -11.63 1.70 -5.33
O3A GNP B . -13.39 3.46 -5.56
PA GNP B . -13.56 4.17 -6.97
O1A GNP B . -15.02 4.24 -7.29
O2A GNP B . -12.78 5.44 -6.98
O5' GNP B . -12.86 3.14 -7.96
C5' GNP B . -11.70 3.50 -8.70
C4' GNP B . -11.89 3.16 -10.16
O4' GNP B . -11.09 4.08 -10.96
C3' GNP B . -11.43 1.77 -10.57
O3' GNP B . -12.48 0.82 -10.44
C2' GNP B . -11.01 1.97 -12.02
O2' GNP B . -12.13 1.97 -12.90
C1' GNP B . -10.41 3.36 -11.97
N9 GNP B . -8.98 3.38 -11.67
C8 GNP B . -8.39 3.24 -10.44
N7 GNP B . -7.09 3.30 -10.48
C5 GNP B . -6.80 3.50 -11.83
C6 GNP B . -5.55 3.65 -12.48
O6 GNP B . -4.42 3.63 -11.98
N1 GNP B . -5.71 3.82 -13.85
C2 GNP B . -6.92 3.85 -14.50
N2 GNP B . -6.87 4.04 -15.83
N3 GNP B . -8.08 3.72 -13.90
C4 GNP B . -7.95 3.55 -12.57
HNB3 GNP B . -11.45 2.68 -2.91
H5'2 GNP B . -10.84 2.96 -8.31
H5'1 GNP B . -11.52 4.57 -8.61
H4' GNP B . -12.96 3.22 -10.38
H3' GNP B . -10.61 1.41 -9.95
HO3' GNP B . -12.07 -0.03 -10.27
H2' GNP B . -10.27 1.23 -12.31
HO2' GNP B . -12.56 2.82 -12.81
H1' GNP B . -10.56 3.92 -12.91
H8 GNP B . -8.95 3.08 -9.52
HN1 GNP B . -4.87 3.93 -14.41
HN21 GNP B . -7.72 4.07 -16.36
HN22 GNP B . -5.98 4.14 -16.30
MG MG C . -12.31 -0.07 -4.04
N LEU A 1 6.36 -21.65 6.71
CA LEU A 1 6.63 -20.49 5.81
C LEU A 1 6.25 -19.18 6.49
N ALA A 2 7.04 -18.15 6.25
CA ALA A 2 6.79 -16.84 6.84
C ALA A 2 5.45 -16.27 6.37
N LEU A 3 4.84 -15.45 7.21
CA LEU A 3 3.55 -14.85 6.87
C LEU A 3 3.61 -13.33 6.95
N HIS A 4 3.63 -12.68 5.79
CA HIS A 4 3.69 -11.23 5.72
C HIS A 4 2.33 -10.65 5.35
N LYS A 5 1.72 -9.92 6.27
CA LYS A 5 0.41 -9.33 6.04
C LYS A 5 0.52 -7.84 5.71
N VAL A 6 0.30 -7.50 4.45
CA VAL A 6 0.35 -6.11 4.00
C VAL A 6 -1.03 -5.49 3.97
N ILE A 7 -1.13 -4.24 4.41
CA ILE A 7 -2.40 -3.53 4.44
C ILE A 7 -2.48 -2.48 3.33
N MET A 8 -3.66 -2.35 2.74
CA MET A 8 -3.87 -1.39 1.66
C MET A 8 -4.36 -0.05 2.24
N VAL A 9 -3.41 0.80 2.60
CA VAL A 9 -3.75 2.11 3.16
C VAL A 9 -3.68 3.19 2.09
N GLY A 10 -4.30 4.34 2.36
CA GLY A 10 -4.29 5.42 1.40
C GLY A 10 -5.18 6.58 1.82
N SER A 11 -5.56 7.42 0.87
CA SER A 11 -6.40 8.57 1.14
C SER A 11 -7.76 8.13 1.68
N GLY A 12 -8.28 7.03 1.14
CA GLY A 12 -9.56 6.52 1.58
C GLY A 12 -10.52 6.29 0.42
N GLY A 13 -10.09 6.68 -0.78
CA GLY A 13 -10.94 6.51 -1.95
C GLY A 13 -10.22 6.84 -3.24
N VAL A 14 -9.46 5.88 -3.75
CA VAL A 14 -8.71 6.07 -4.99
C VAL A 14 -8.74 4.80 -5.85
N GLY A 15 -8.74 3.65 -5.19
CA GLY A 15 -8.76 2.39 -5.90
C GLY A 15 -7.78 1.39 -5.34
N LYS A 16 -7.76 1.27 -4.01
CA LYS A 16 -6.87 0.34 -3.33
C LYS A 16 -7.06 -1.09 -3.83
N SER A 17 -8.32 -1.48 -3.99
CA SER A 17 -8.67 -2.82 -4.48
C SER A 17 -8.14 -3.04 -5.91
N ALA A 18 -8.03 -1.96 -6.66
CA ALA A 18 -7.57 -2.03 -8.04
C ALA A 18 -6.16 -2.62 -8.09
N LEU A 19 -5.27 -2.04 -7.30
CA LEU A 19 -3.90 -2.54 -7.23
C LEU A 19 -3.92 -3.94 -6.65
N THR A 20 -4.98 -4.23 -5.90
CA THR A 20 -5.13 -5.53 -5.26
C THR A 20 -5.35 -6.65 -6.28
N LEU A 21 -6.29 -6.43 -7.21
CA LEU A 21 -6.60 -7.43 -8.22
C LEU A 21 -5.48 -7.58 -9.25
N GLN A 22 -4.94 -6.46 -9.71
CA GLN A 22 -3.86 -6.49 -10.71
C GLN A 22 -2.69 -7.36 -10.25
N PHE A 23 -2.40 -7.33 -8.96
CA PHE A 23 -1.31 -8.12 -8.41
C PHE A 23 -1.64 -9.61 -8.39
N MET A 24 -2.92 -9.92 -8.25
CA MET A 24 -3.37 -11.31 -8.18
C MET A 24 -3.53 -11.97 -9.55
N TYR A 25 -4.23 -11.31 -10.47
CA TYR A 25 -4.46 -11.89 -11.80
C TYR A 25 -3.93 -11.00 -12.93
N ASP A 26 -3.52 -9.78 -12.60
CA ASP A 26 -3.00 -8.85 -13.60
C ASP A 26 -4.05 -8.59 -14.67
N GLU A 27 -5.32 -8.66 -14.28
CA GLU A 27 -6.43 -8.42 -15.19
C GLU A 27 -7.34 -7.33 -14.65
N PHE A 28 -7.60 -6.32 -15.48
CA PHE A 28 -8.45 -5.21 -15.08
C PHE A 28 -9.93 -5.55 -15.25
N VAL A 29 -10.65 -5.63 -14.13
CA VAL A 29 -12.07 -5.94 -14.15
C VAL A 29 -12.87 -4.86 -13.44
N GLU A 30 -14.04 -4.54 -13.99
CA GLU A 30 -14.91 -3.51 -13.42
C GLU A 30 -15.49 -3.97 -12.09
N ASP A 31 -16.10 -5.16 -12.10
CA ASP A 31 -16.71 -5.72 -10.90
C ASP A 31 -15.68 -5.93 -9.80
N TYR A 32 -15.98 -5.42 -8.61
CA TYR A 32 -15.08 -5.56 -7.47
C TYR A 32 -15.75 -6.32 -6.33
N GLU A 33 -14.94 -6.89 -5.45
CA GLU A 33 -15.45 -7.65 -4.31
C GLU A 33 -15.25 -6.87 -3.01
N PRO A 34 -16.32 -6.63 -2.24
CA PRO A 34 -16.24 -5.89 -0.97
C PRO A 34 -15.44 -6.65 0.08
N THR A 35 -14.69 -5.89 0.89
CA THR A 35 -13.88 -6.49 1.95
C THR A 35 -14.34 -6.03 3.32
N LYS A 36 -14.78 -6.98 4.14
CA LYS A 36 -15.26 -6.66 5.48
C LYS A 36 -14.32 -7.23 6.54
N ALA A 37 -13.80 -8.43 6.29
CA ALA A 37 -12.89 -9.09 7.22
C ALA A 37 -12.17 -10.25 6.55
N ASP A 38 -12.40 -10.42 5.25
CA ASP A 38 -11.78 -11.49 4.50
C ASP A 38 -10.49 -11.01 3.83
N SER A 39 -9.43 -11.79 3.98
CA SER A 39 -8.14 -11.45 3.39
C SER A 39 -7.77 -12.42 2.28
N TYR A 40 -6.80 -12.02 1.45
CA TYR A 40 -6.36 -12.87 0.35
C TYR A 40 -5.03 -13.52 0.69
N ARG A 41 -4.77 -14.69 0.10
CA ARG A 41 -3.52 -15.41 0.35
C ARG A 41 -2.93 -15.96 -0.94
N LYS A 42 -1.60 -15.96 -1.02
CA LYS A 42 -0.89 -16.46 -2.19
C LYS A 42 0.53 -16.84 -1.82
N LYS A 43 1.14 -17.71 -2.63
CA LYS A 43 2.51 -18.15 -2.38
C LYS A 43 3.47 -17.60 -3.43
N VAL A 44 4.50 -16.90 -2.96
CA VAL A 44 5.51 -16.31 -3.85
C VAL A 44 6.91 -16.52 -3.28
N VAL A 45 7.87 -16.77 -4.17
CA VAL A 45 9.25 -17.01 -3.75
C VAL A 45 10.11 -15.75 -3.89
N LEU A 46 11.06 -15.59 -2.97
CA LEU A 46 11.95 -14.46 -2.97
C LEU A 46 13.41 -14.91 -3.02
N ASP A 47 13.97 -14.98 -4.23
CA ASP A 47 15.35 -15.39 -4.42
C ASP A 47 15.63 -16.75 -3.78
N GLY A 48 14.61 -17.61 -3.74
CA GLY A 48 14.78 -18.93 -3.17
C GLY A 48 13.78 -19.25 -2.07
N GLU A 49 13.71 -18.38 -1.06
CA GLU A 49 12.81 -18.59 0.07
C GLU A 49 11.38 -18.16 -0.28
N GLU A 50 10.47 -19.12 -0.22
CA GLU A 50 9.06 -18.86 -0.51
C GLU A 50 8.28 -18.52 0.75
N VAL A 51 7.52 -17.43 0.70
CA VAL A 51 6.73 -16.99 1.85
C VAL A 51 5.30 -16.65 1.43
N GLN A 52 4.38 -16.75 2.39
CA GLN A 52 2.98 -16.46 2.12
C GLN A 52 2.68 -14.96 2.24
N ILE A 53 1.82 -14.48 1.36
CA ILE A 53 1.44 -13.07 1.35
C ILE A 53 -0.04 -12.90 1.70
N ASP A 54 -0.36 -11.82 2.40
CA ASP A 54 -1.74 -11.55 2.78
C ASP A 54 -2.09 -10.08 2.56
N ILE A 55 -3.00 -9.83 1.62
CA ILE A 55 -3.42 -8.47 1.32
C ILE A 55 -4.82 -8.19 1.85
N LEU A 56 -5.00 -7.01 2.44
CA LEU A 56 -6.30 -6.62 2.99
C LEU A 56 -6.64 -5.19 2.55
N ASP A 57 -7.59 -5.08 1.62
CA ASP A 57 -8.01 -3.78 1.12
C ASP A 57 -9.13 -3.21 1.98
N THR A 58 -8.99 -1.96 2.39
CA THR A 58 -10.00 -1.31 3.22
C THR A 58 -10.78 -0.27 2.42
N ALA A 59 -12.09 -0.42 2.39
CA ALA A 59 -12.96 0.50 1.67
C ALA A 59 -13.03 1.86 2.37
N GLY A 60 -14.08 2.62 2.07
CA GLY A 60 -14.25 3.92 2.70
C GLY A 60 -14.98 3.84 4.02
N LEU A 61 -14.23 3.70 5.10
CA LEU A 61 -14.80 3.63 6.45
C LEU A 61 -15.07 5.02 7.00
N GLU A 62 -15.16 6.01 6.11
CA GLU A 62 -15.41 7.38 6.50
C GLU A 62 -16.73 7.51 7.27
N ASP A 63 -17.59 6.52 7.09
CA ASP A 63 -18.89 6.51 7.78
C ASP A 63 -18.71 6.48 9.30
N TYR A 64 -17.73 5.70 9.75
CA TYR A 64 -17.45 5.57 11.18
C TYR A 64 -16.48 6.66 11.63
N ALA A 65 -16.15 6.65 12.93
CA ALA A 65 -15.23 7.63 13.48
C ALA A 65 -13.80 7.35 13.04
N ALA A 66 -13.34 6.13 13.29
CA ALA A 66 -11.99 5.72 12.92
C ALA A 66 -11.76 4.24 13.24
N ILE A 67 -12.40 3.37 12.45
CA ILE A 67 -12.27 1.93 12.65
C ILE A 67 -11.04 1.39 11.93
N ARG A 68 -10.57 2.16 10.95
CA ARG A 68 -9.39 1.77 10.16
C ARG A 68 -8.20 1.46 11.07
N ASP A 69 -8.15 2.13 12.22
CA ASP A 69 -7.06 1.94 13.17
C ASP A 69 -6.90 0.46 13.54
N ASN A 70 -8.02 -0.25 13.55
CA ASN A 70 -8.01 -1.67 13.89
C ASN A 70 -7.41 -2.50 12.75
N TYR A 71 -7.67 -2.09 11.51
CA TYR A 71 -7.16 -2.80 10.35
C TYR A 71 -5.64 -2.72 10.27
N PHE A 72 -5.07 -1.67 10.83
CA PHE A 72 -3.62 -1.49 10.83
C PHE A 72 -2.97 -2.30 11.94
N ARG A 73 -3.77 -2.71 12.92
CA ARG A 73 -3.27 -3.48 14.05
C ARG A 73 -3.22 -4.97 13.69
N SER A 74 -3.99 -5.36 12.68
CA SER A 74 -4.03 -6.75 12.24
C SER A 74 -3.05 -6.99 11.10
N GLY A 75 -2.16 -6.04 10.87
CA GLY A 75 -1.18 -6.18 9.81
C GLY A 75 0.22 -5.77 10.25
N GLU A 76 1.19 -6.03 9.38
CA GLU A 76 2.57 -5.69 9.68
C GLU A 76 3.08 -4.59 8.74
N GLY A 77 2.94 -4.82 7.44
CA GLY A 77 3.38 -3.85 6.46
C GLY A 77 2.27 -2.90 6.06
N PHE A 78 2.65 -1.78 5.44
CA PHE A 78 1.68 -0.78 5.01
C PHE A 78 2.04 -0.24 3.63
N LEU A 79 1.03 -0.10 2.77
CA LEU A 79 1.24 0.42 1.43
C LEU A 79 0.39 1.67 1.19
N LEU A 80 1.04 2.82 1.18
CA LEU A 80 0.34 4.08 0.95
C LEU A 80 0.17 4.32 -0.55
N VAL A 81 -1.01 3.95 -1.06
CA VAL A 81 -1.30 4.10 -2.48
C VAL A 81 -2.34 5.20 -2.72
N PHE A 82 -2.07 6.04 -3.72
CA PHE A 82 -2.98 7.13 -4.07
C PHE A 82 -3.01 7.35 -5.58
N SER A 83 -3.73 8.37 -6.01
CA SER A 83 -3.84 8.68 -7.44
C SER A 83 -3.30 10.09 -7.73
N ILE A 84 -2.71 10.25 -8.92
CA ILE A 84 -2.16 11.54 -9.32
C ILE A 84 -3.27 12.47 -9.81
N THR A 85 -4.29 11.91 -10.43
CA THR A 85 -5.41 12.69 -10.94
C THR A 85 -6.11 13.46 -9.82
N GLU A 86 -5.91 13.00 -8.58
CA GLU A 86 -6.53 13.64 -7.43
C GLU A 86 -5.46 14.08 -6.42
N HIS A 87 -5.18 15.38 -6.38
CA HIS A 87 -4.20 15.94 -5.45
C HIS A 87 -4.64 15.72 -4.01
N GLU A 88 -5.94 15.48 -3.83
CA GLU A 88 -6.50 15.26 -2.50
C GLU A 88 -6.05 13.91 -1.95
N SER A 89 -5.74 12.99 -2.85
CA SER A 89 -5.31 11.65 -2.48
C SER A 89 -3.95 11.68 -1.77
N PHE A 90 -2.97 12.31 -2.41
CA PHE A 90 -1.62 12.42 -1.85
C PHE A 90 -1.64 13.13 -0.50
N THR A 91 -2.53 14.10 -0.36
CA THR A 91 -2.65 14.88 0.87
C THR A 91 -3.28 14.04 1.99
N ALA A 92 -4.42 13.44 1.69
CA ALA A 92 -5.13 12.62 2.67
C ALA A 92 -4.28 11.43 3.09
N THR A 93 -3.54 10.86 2.16
CA THR A 93 -2.67 9.72 2.43
C THR A 93 -1.66 10.08 3.52
N ALA A 94 -1.18 11.31 3.48
CA ALA A 94 -0.21 11.79 4.45
C ALA A 94 -0.79 11.77 5.86
N GLU A 95 -2.10 11.99 5.95
CA GLU A 95 -2.79 11.99 7.24
C GLU A 95 -2.81 10.59 7.84
N PHE A 96 -3.13 9.61 7.02
CA PHE A 96 -3.18 8.21 7.46
C PHE A 96 -1.84 7.76 8.03
N ARG A 97 -0.76 8.41 7.59
CA ARG A 97 0.58 8.08 8.04
C ARG A 97 0.66 8.01 9.56
N GLU A 98 -0.07 8.91 10.22
CA GLU A 98 -0.07 8.96 11.68
C GLU A 98 -0.81 7.76 12.28
N GLN A 99 -1.99 7.46 11.74
CA GLN A 99 -2.79 6.35 12.21
C GLN A 99 -2.01 5.04 12.17
N ILE A 100 -1.02 4.99 11.28
CA ILE A 100 -0.19 3.80 11.14
C ILE A 100 0.67 3.57 12.38
N LEU A 101 1.28 4.65 12.88
CA LEU A 101 2.13 4.57 14.05
C LEU A 101 1.33 4.26 15.31
N ARG A 102 0.05 4.63 15.31
CA ARG A 102 -0.83 4.40 16.45
C ARG A 102 -0.79 2.94 16.90
N VAL A 103 -0.98 2.04 15.96
CA VAL A 103 -1.00 0.61 16.25
C VAL A 103 0.40 0.10 16.60
N LYS A 104 1.41 0.60 15.89
CA LYS A 104 2.78 0.20 16.13
C LYS A 104 3.51 1.22 17.01
N ALA A 105 2.79 1.77 17.97
CA ALA A 105 3.36 2.75 18.89
C ALA A 105 4.57 2.20 19.64
N GLU A 106 4.59 0.88 19.82
CA GLU A 106 5.69 0.23 20.53
C GLU A 106 6.80 -0.17 19.57
N GLU A 107 6.45 -0.37 18.31
CA GLU A 107 7.42 -0.77 17.29
C GLU A 107 8.17 0.45 16.75
N ASP A 108 9.46 0.29 16.50
CA ASP A 108 10.28 1.38 15.97
C ASP A 108 10.28 1.37 14.45
N LYS A 109 10.75 0.27 13.86
CA LYS A 109 10.80 0.13 12.41
C LYS A 109 9.40 -0.11 11.84
N ILE A 110 8.99 0.77 10.92
CA ILE A 110 7.67 0.65 10.31
C ILE A 110 7.78 0.55 8.78
N PRO A 111 7.58 -0.66 8.21
CA PRO A 111 7.65 -0.85 6.76
C PRO A 111 6.58 -0.06 6.02
N LEU A 112 7.01 0.78 5.09
CA LEU A 112 6.08 1.61 4.32
C LEU A 112 6.57 1.81 2.89
N LEU A 113 5.65 2.16 2.01
CA LEU A 113 5.97 2.40 0.61
C LEU A 113 4.87 3.23 -0.06
N VAL A 114 5.27 4.31 -0.72
CA VAL A 114 4.31 5.19 -1.40
C VAL A 114 4.29 4.92 -2.90
N VAL A 115 3.11 5.00 -3.49
CA VAL A 115 2.96 4.78 -4.91
C VAL A 115 1.76 5.55 -5.47
N GLY A 116 1.84 5.91 -6.75
CA GLY A 116 0.76 6.65 -7.38
C GLY A 116 0.32 6.02 -8.68
N ASN A 117 -0.92 5.55 -8.72
CA ASN A 117 -1.49 4.94 -9.91
C ASN A 117 -1.92 6.02 -10.90
N LYS A 118 -2.79 5.65 -11.83
CA LYS A 118 -3.28 6.60 -12.83
C LYS A 118 -2.14 7.12 -13.70
N SER A 119 -0.99 6.47 -13.63
CA SER A 119 0.17 6.87 -14.41
C SER A 119 -0.15 6.87 -15.91
N ASP A 120 -1.26 6.24 -16.27
CA ASP A 120 -1.68 6.17 -17.67
C ASP A 120 -2.08 7.55 -18.18
N LEU A 121 -2.08 8.54 -17.27
CA LEU A 121 -2.44 9.90 -17.62
C LEU A 121 -1.31 10.86 -17.25
N GLU A 122 -0.34 11.01 -18.14
CA GLU A 122 0.80 11.88 -17.92
C GLU A 122 0.39 13.35 -18.02
N GLU A 123 -0.47 13.66 -18.99
CA GLU A 123 -0.92 15.03 -19.21
C GLU A 123 -1.92 15.45 -18.14
N ARG A 124 -2.38 14.50 -17.33
CA ARG A 124 -3.33 14.79 -16.27
C ARG A 124 -2.69 14.67 -14.90
N ARG A 125 -1.39 14.39 -14.87
CA ARG A 125 -0.66 14.26 -13.62
C ARG A 125 -0.40 15.63 -13.00
N GLN A 126 -1.09 15.92 -11.89
CA GLN A 126 -0.94 17.20 -11.22
C GLN A 126 0.17 17.16 -10.16
N VAL A 127 0.42 15.97 -9.62
CA VAL A 127 1.44 15.81 -8.60
C VAL A 127 2.78 15.38 -9.22
N PRO A 128 3.74 16.31 -9.33
CA PRO A 128 5.06 16.00 -9.90
C PRO A 128 5.79 14.96 -9.06
N VAL A 129 6.27 13.91 -9.72
CA VAL A 129 6.99 12.83 -9.04
C VAL A 129 8.07 13.38 -8.12
N GLU A 130 8.80 14.37 -8.60
CA GLU A 130 9.88 14.98 -7.82
C GLU A 130 9.38 15.45 -6.45
N GLU A 131 8.27 16.19 -6.45
CA GLU A 131 7.70 16.69 -5.21
C GLU A 131 7.18 15.54 -4.36
N ALA A 132 6.65 14.51 -5.01
CA ALA A 132 6.12 13.35 -4.32
C ALA A 132 7.24 12.57 -3.63
N ARG A 133 8.45 12.65 -4.19
CA ARG A 133 9.59 11.95 -3.63
C ARG A 133 10.14 12.69 -2.41
N SER A 134 10.01 14.02 -2.43
CA SER A 134 10.51 14.85 -1.33
C SER A 134 9.75 14.58 -0.04
N LYS A 135 8.42 14.66 -0.12
CA LYS A 135 7.57 14.42 1.04
C LYS A 135 7.67 12.98 1.53
N ALA A 136 7.57 12.05 0.59
CA ALA A 136 7.64 10.62 0.92
C ALA A 136 8.97 10.24 1.56
N GLU A 137 10.06 10.72 0.97
CA GLU A 137 11.39 10.43 1.48
C GLU A 137 11.52 10.77 2.97
N GLU A 138 10.79 11.81 3.39
CA GLU A 138 10.81 12.23 4.79
C GLU A 138 10.53 11.04 5.71
N TRP A 139 9.60 10.19 5.29
CA TRP A 139 9.23 9.01 6.06
C TRP A 139 10.32 7.95 5.97
N GLY A 140 11.09 8.00 4.89
CA GLY A 140 12.16 7.05 4.68
C GLY A 140 11.83 6.04 3.59
N VAL A 141 10.82 6.38 2.79
CA VAL A 141 10.39 5.51 1.70
C VAL A 141 10.66 6.14 0.34
N GLN A 142 10.39 5.37 -0.71
CA GLN A 142 10.58 5.85 -2.08
C GLN A 142 9.26 5.81 -2.83
N TYR A 143 9.02 6.80 -3.67
CA TYR A 143 7.78 6.88 -4.43
C TYR A 143 7.99 6.45 -5.88
N VAL A 144 7.02 5.72 -6.42
CA VAL A 144 7.08 5.23 -7.78
C VAL A 144 5.72 5.33 -8.47
N GLU A 145 5.74 5.43 -9.80
CA GLU A 145 4.51 5.52 -10.59
C GLU A 145 4.02 4.13 -10.99
N THR A 146 2.71 3.97 -11.09
CA THR A 146 2.12 2.70 -11.46
C THR A 146 0.81 2.88 -12.22
N SER A 147 0.32 1.80 -12.80
CA SER A 147 -0.93 1.84 -13.56
C SER A 147 -1.75 0.57 -13.32
N ALA A 148 -2.88 0.73 -12.64
CA ALA A 148 -3.76 -0.39 -12.33
C ALA A 148 -4.43 -0.92 -13.59
N LYS A 149 -4.15 -0.29 -14.72
CA LYS A 149 -4.72 -0.70 -15.99
C LYS A 149 -3.76 -1.56 -16.78
N THR A 150 -2.48 -1.18 -16.78
CA THR A 150 -1.45 -1.91 -17.50
C THR A 150 -0.75 -2.92 -16.58
N ARG A 151 -1.07 -2.85 -15.29
CA ARG A 151 -0.50 -3.74 -14.27
C ARG A 151 0.97 -4.07 -14.56
N ALA A 152 1.71 -3.08 -15.08
CA ALA A 152 3.11 -3.28 -15.40
C ALA A 152 4.00 -3.22 -14.15
N ASN A 153 3.89 -2.12 -13.41
CA ASN A 153 4.70 -1.95 -12.20
C ASN A 153 3.85 -1.98 -10.94
N VAL A 154 2.63 -2.51 -11.05
CA VAL A 154 1.74 -2.59 -9.90
C VAL A 154 2.28 -3.56 -8.85
N ASP A 155 2.80 -4.70 -9.31
CA ASP A 155 3.36 -5.71 -8.42
C ASP A 155 4.70 -5.26 -7.84
N LYS A 156 5.28 -4.23 -8.45
CA LYS A 156 6.57 -3.71 -8.00
C LYS A 156 6.53 -3.26 -6.55
N VAL A 157 5.42 -2.62 -6.15
CA VAL A 157 5.28 -2.13 -4.79
C VAL A 157 4.97 -3.25 -3.81
N PHE A 158 4.34 -4.31 -4.30
CA PHE A 158 3.98 -5.44 -3.46
C PHE A 158 5.22 -6.24 -3.08
N PHE A 159 6.07 -6.51 -4.07
CA PHE A 159 7.30 -7.27 -3.84
C PHE A 159 8.31 -6.43 -3.07
N ASP A 160 8.29 -5.12 -3.30
CA ASP A 160 9.20 -4.21 -2.62
C ASP A 160 8.92 -4.19 -1.13
N LEU A 161 7.65 -3.98 -0.77
CA LEU A 161 7.24 -3.94 0.63
C LEU A 161 7.54 -5.28 1.30
N MET A 162 7.35 -6.37 0.55
CA MET A 162 7.61 -7.70 1.08
C MET A 162 9.03 -7.84 1.58
N ARG A 163 9.98 -7.33 0.81
CA ARG A 163 11.40 -7.40 1.17
C ARG A 163 11.71 -6.48 2.35
N GLU A 164 11.06 -5.32 2.38
CA GLU A 164 11.28 -4.36 3.46
C GLU A 164 10.94 -4.97 4.81
N ILE A 165 9.76 -5.55 4.92
CA ILE A 165 9.31 -6.17 6.17
C ILE A 165 10.28 -7.26 6.62
N ARG A 166 10.90 -7.93 5.66
CA ARG A 166 11.85 -8.99 5.97
C ARG A 166 13.16 -8.44 6.52
N THR A 167 13.76 -7.52 5.78
CA THR A 167 15.04 -6.94 6.19
C THR A 167 14.88 -5.73 7.11
N LYS A 168 14.19 -4.69 6.62
CA LYS A 168 14.01 -3.45 7.38
C LYS A 168 13.34 -3.67 8.74
N LYS A 169 12.18 -4.31 8.74
CA LYS A 169 11.45 -4.55 9.99
C LYS A 169 12.20 -5.46 10.95
N MET A 170 12.58 -6.64 10.47
CA MET A 170 13.30 -7.60 11.30
C MET A 170 14.63 -7.05 11.77
N SER A 171 15.12 -6.01 11.10
CA SER A 171 16.39 -5.39 11.46
C SER A 171 16.32 -4.80 12.87
N GLU A 172 15.38 -3.89 13.08
CA GLU A 172 15.20 -3.23 14.37
C GLU A 172 16.44 -2.44 14.76
N ASN A 173 16.35 -1.72 15.88
CA ASN A 173 17.48 -0.92 16.37
C ASN A 173 18.72 -1.78 16.54
N LYS A 174 18.65 -2.74 17.47
CA LYS A 174 19.78 -3.62 17.73
C LYS A 174 19.30 -5.06 17.99
PG GNP B . -14.44 1.24 -1.97
O1G GNP B . -15.87 1.37 -1.58
O2G GNP B . -13.97 -0.27 -2.01
O3G GNP B . -13.50 2.12 -1.02
N3B GNP B . -14.17 1.82 -3.52
PB GNP B . -12.57 2.27 -3.74
O1B GNP B . -12.19 3.25 -2.69
O2B GNP B . -11.73 1.04 -3.92
O3A GNP B . -12.63 3.03 -5.14
PA GNP B . -13.14 2.27 -6.45
O1A GNP B . -12.45 0.95 -6.53
O2A GNP B . -14.63 2.29 -6.47
O5' GNP B . -12.60 3.20 -7.62
C5' GNP B . -11.98 2.64 -8.77
C4' GNP B . -12.26 3.51 -9.97
O4' GNP B . -11.04 4.20 -10.36
C3' GNP B . -12.70 2.76 -11.23
O3' GNP B . -13.52 3.58 -12.06
C2' GNP B . -11.37 2.44 -11.90
O2' GNP B . -11.51 2.31 -13.31
C1' GNP B . -10.57 3.70 -11.59
N9 GNP B . -9.13 3.45 -11.46
C8 GNP B . -8.45 3.12 -10.32
N7 GNP B . -7.16 2.98 -10.52
C5 GNP B . -6.99 3.22 -11.87
C6 GNP B . -5.81 3.20 -12.67
O6 GNP B . -4.65 2.96 -12.31
N1 GNP B . -6.08 3.50 -14.00
C2 GNP B . -7.33 3.78 -14.49
N2 GNP B . -7.39 4.04 -15.81
N3 GNP B . -8.44 3.80 -13.77
C4 GNP B . -8.19 3.51 -12.47
HNB3 GNP B . -14.75 2.59 -3.69
H5'2 GNP B . -12.39 1.64 -8.95
H5'1 GNP B . -10.91 2.57 -8.63
H4' GNP B . -13.08 4.19 -9.72
H3' GNP B . -13.28 1.88 -10.99
HO3' GNP B . -13.94 3.00 -12.70
H2' GNP B . -10.92 1.55 -11.45
HO2' GNP B . -11.58 3.20 -13.67
H1' GNP B . -10.71 4.48 -12.33
H8 GNP B . -8.92 3.01 -9.36
HN1 GNP B . -5.30 3.51 -14.64
HN21 GNP B . -8.28 4.26 -16.24
HN22 GNP B . -6.54 4.03 -16.36
MG MG C . -12.42 -1.10 -3.48
N LEU A 1 7.54 -21.06 8.29
CA LEU A 1 7.53 -20.06 7.19
C LEU A 1 7.10 -18.69 7.70
N ALA A 2 7.51 -17.65 6.98
CA ALA A 2 7.16 -16.29 7.36
C ALA A 2 5.84 -15.86 6.73
N LEU A 3 5.00 -15.18 7.50
CA LEU A 3 3.70 -14.72 7.03
C LEU A 3 3.61 -13.20 7.12
N HIS A 4 3.65 -12.54 5.97
CA HIS A 4 3.57 -11.08 5.93
C HIS A 4 2.19 -10.63 5.45
N LYS A 5 1.67 -9.58 6.08
CA LYS A 5 0.35 -9.06 5.72
C LYS A 5 0.42 -7.58 5.37
N VAL A 6 0.12 -7.25 4.12
CA VAL A 6 0.14 -5.87 3.67
C VAL A 6 -1.27 -5.32 3.49
N ILE A 7 -1.50 -4.12 4.01
CA ILE A 7 -2.81 -3.48 3.90
C ILE A 7 -2.76 -2.29 2.96
N MET A 8 -3.48 -2.39 1.85
CA MET A 8 -3.53 -1.31 0.87
C MET A 8 -4.20 -0.08 1.46
N VAL A 9 -3.38 0.84 1.95
CA VAL A 9 -3.89 2.07 2.55
C VAL A 9 -3.78 3.23 1.57
N GLY A 10 -4.45 4.34 1.89
CA GLY A 10 -4.42 5.50 1.02
C GLY A 10 -5.33 6.62 1.50
N SER A 11 -5.72 7.48 0.56
CA SER A 11 -6.59 8.61 0.87
C SER A 11 -7.94 8.12 1.41
N GLY A 12 -8.47 7.06 0.80
CA GLY A 12 -9.75 6.52 1.24
C GLY A 12 -10.66 6.19 0.07
N GLY A 13 -10.24 6.56 -1.13
CA GLY A 13 -11.03 6.29 -2.32
C GLY A 13 -10.23 6.45 -3.60
N VAL A 14 -8.98 5.98 -3.57
CA VAL A 14 -8.11 6.07 -4.73
C VAL A 14 -8.13 4.78 -5.55
N GLY A 15 -7.95 3.65 -4.89
CA GLY A 15 -7.97 2.37 -5.57
C GLY A 15 -7.13 1.33 -4.86
N LYS A 16 -7.16 1.34 -3.54
CA LYS A 16 -6.41 0.39 -2.73
C LYS A 16 -6.63 -1.04 -3.21
N SER A 17 -7.85 -1.31 -3.67
CA SER A 17 -8.24 -2.63 -4.16
C SER A 17 -7.77 -2.86 -5.60
N ALA A 18 -7.66 -1.77 -6.35
CA ALA A 18 -7.26 -1.85 -7.74
C ALA A 18 -5.88 -2.48 -7.88
N LEU A 19 -4.92 -1.93 -7.15
CA LEU A 19 -3.57 -2.46 -7.18
C LEU A 19 -3.60 -3.88 -6.64
N THR A 20 -4.60 -4.16 -5.82
CA THR A 20 -4.75 -5.47 -5.21
C THR A 20 -5.07 -6.55 -6.24
N LEU A 21 -6.15 -6.33 -7.00
CA LEU A 21 -6.60 -7.28 -8.01
C LEU A 21 -5.51 -7.59 -9.04
N GLN A 22 -4.78 -6.56 -9.45
CA GLN A 22 -3.72 -6.74 -10.44
C GLN A 22 -2.67 -7.73 -9.96
N PHE A 23 -2.30 -7.61 -8.69
CA PHE A 23 -1.29 -8.50 -8.12
C PHE A 23 -1.82 -9.91 -7.86
N MET A 24 -3.11 -10.02 -7.55
CA MET A 24 -3.72 -11.32 -7.24
C MET A 24 -4.09 -12.13 -8.49
N TYR A 25 -4.81 -11.51 -9.41
CA TYR A 25 -5.25 -12.22 -10.62
C TYR A 25 -4.81 -11.51 -11.90
N ASP A 26 -4.25 -10.31 -11.75
CA ASP A 26 -3.79 -9.53 -12.90
C ASP A 26 -4.93 -9.27 -13.87
N GLU A 27 -5.79 -8.32 -13.52
CA GLU A 27 -6.93 -7.96 -14.34
C GLU A 27 -7.55 -6.65 -13.86
N PHE A 28 -7.79 -5.73 -14.79
CA PHE A 28 -8.37 -4.44 -14.46
C PHE A 28 -9.89 -4.54 -14.33
N VAL A 29 -10.37 -4.43 -13.09
CA VAL A 29 -11.80 -4.50 -12.82
C VAL A 29 -12.27 -3.26 -12.06
N GLU A 30 -13.50 -2.82 -12.33
CA GLU A 30 -14.05 -1.65 -11.67
C GLU A 30 -15.28 -2.01 -10.83
N ASP A 31 -15.96 -3.09 -11.21
CA ASP A 31 -17.14 -3.54 -10.49
C ASP A 31 -16.83 -4.73 -9.58
N TYR A 32 -17.73 -4.99 -8.64
CA TYR A 32 -17.55 -6.10 -7.69
C TYR A 32 -16.25 -5.97 -6.92
N GLU A 33 -16.35 -5.51 -5.68
CA GLU A 33 -15.18 -5.34 -4.83
C GLU A 33 -15.57 -5.44 -3.35
N PRO A 34 -15.88 -6.65 -2.87
CA PRO A 34 -16.27 -6.87 -1.47
C PRO A 34 -15.08 -6.83 -0.52
N THR A 35 -15.17 -6.00 0.52
CA THR A 35 -14.10 -5.88 1.50
C THR A 35 -14.67 -5.82 2.91
N LYS A 36 -14.52 -6.92 3.65
CA LYS A 36 -15.03 -6.99 5.02
C LYS A 36 -13.90 -7.29 5.99
N ALA A 37 -13.35 -8.50 5.89
CA ALA A 37 -12.25 -8.92 6.75
C ALA A 37 -11.54 -10.13 6.18
N ASP A 38 -12.06 -10.66 5.08
CA ASP A 38 -11.46 -11.83 4.43
C ASP A 38 -10.18 -11.45 3.71
N SER A 39 -9.10 -12.18 4.00
CA SER A 39 -7.82 -11.90 3.38
C SER A 39 -7.42 -13.03 2.42
N TYR A 40 -6.42 -12.76 1.59
CA TYR A 40 -5.95 -13.74 0.62
C TYR A 40 -4.63 -14.37 1.06
N ARG A 41 -4.32 -15.54 0.52
CA ARG A 41 -3.09 -16.24 0.85
C ARG A 41 -2.60 -17.05 -0.34
N LYS A 42 -1.27 -17.13 -0.49
CA LYS A 42 -0.66 -17.87 -1.58
C LYS A 42 0.84 -18.02 -1.35
N LYS A 43 1.36 -19.22 -1.59
CA LYS A 43 2.78 -19.49 -1.40
C LYS A 43 3.59 -18.98 -2.59
N VAL A 44 4.55 -18.11 -2.30
CA VAL A 44 5.40 -17.54 -3.34
C VAL A 44 6.85 -17.45 -2.86
N VAL A 45 7.78 -17.74 -3.78
CA VAL A 45 9.20 -17.70 -3.45
C VAL A 45 9.71 -16.27 -3.37
N LEU A 46 10.56 -15.99 -2.39
CA LEU A 46 11.12 -14.66 -2.21
C LEU A 46 12.54 -14.75 -1.66
N ASP A 47 13.51 -14.35 -2.46
CA ASP A 47 14.92 -14.38 -2.05
C ASP A 47 15.32 -15.81 -1.69
N GLY A 48 14.70 -16.78 -2.35
CA GLY A 48 15.00 -18.18 -2.10
C GLY A 48 14.07 -18.79 -1.07
N GLU A 49 13.62 -17.98 -0.12
CA GLU A 49 12.72 -18.45 0.93
C GLU A 49 11.26 -18.18 0.55
N GLU A 50 10.50 -19.25 0.37
CA GLU A 50 9.10 -19.13 0.01
C GLU A 50 8.26 -18.71 1.21
N VAL A 51 7.68 -17.52 1.13
CA VAL A 51 6.85 -17.00 2.21
C VAL A 51 5.44 -16.68 1.72
N GLN A 52 4.46 -16.87 2.58
CA GLN A 52 3.06 -16.62 2.23
C GLN A 52 2.73 -15.14 2.34
N ILE A 53 2.04 -14.60 1.33
CA ILE A 53 1.65 -13.21 1.31
C ILE A 53 0.16 -13.05 1.58
N ASP A 54 -0.19 -12.05 2.38
CA ASP A 54 -1.59 -11.78 2.71
C ASP A 54 -1.95 -10.33 2.41
N ILE A 55 -2.82 -10.14 1.43
CA ILE A 55 -3.24 -8.79 1.03
C ILE A 55 -4.71 -8.54 1.34
N LEU A 56 -5.03 -7.28 1.62
CA LEU A 56 -6.40 -6.89 1.93
C LEU A 56 -6.80 -5.68 1.08
N ASP A 57 -7.87 -5.84 0.31
CA ASP A 57 -8.37 -4.79 -0.57
C ASP A 57 -8.43 -3.44 0.14
N THR A 58 -9.18 -3.39 1.24
CA THR A 58 -9.33 -2.15 2.01
C THR A 58 -10.06 -1.08 1.21
N ALA A 59 -11.34 -0.90 1.50
CA ALA A 59 -12.14 0.10 0.79
C ALA A 59 -12.28 1.37 1.62
N GLY A 60 -13.16 2.26 1.18
CA GLY A 60 -13.37 3.51 1.88
C GLY A 60 -13.97 3.30 3.26
N LEU A 61 -13.10 3.07 4.24
CA LEU A 61 -13.53 2.86 5.62
C LEU A 61 -13.41 4.13 6.43
N GLU A 62 -13.51 5.28 5.76
CA GLU A 62 -13.41 6.58 6.41
C GLU A 62 -14.47 6.73 7.49
N ASP A 63 -14.51 7.91 8.12
CA ASP A 63 -15.49 8.19 9.16
C ASP A 63 -15.31 7.22 10.34
N TYR A 64 -16.42 6.89 11.00
CA TYR A 64 -16.39 5.97 12.14
C TYR A 64 -15.62 6.57 13.31
N ALA A 65 -15.66 5.88 14.45
CA ALA A 65 -14.97 6.33 15.65
C ALA A 65 -13.46 6.16 15.54
N ALA A 66 -13.03 4.94 15.23
CA ALA A 66 -11.60 4.65 15.10
C ALA A 66 -11.36 3.28 14.48
N ILE A 67 -12.36 2.77 13.76
CA ILE A 67 -12.25 1.47 13.11
C ILE A 67 -11.05 1.42 12.17
N ARG A 68 -10.57 2.60 11.77
CA ARG A 68 -9.43 2.69 10.87
C ARG A 68 -8.24 1.91 11.42
N ASP A 69 -7.98 2.09 12.71
CA ASP A 69 -6.87 1.39 13.37
C ASP A 69 -7.07 -0.12 13.33
N ASN A 70 -8.32 -0.55 13.45
CA ASN A 70 -8.64 -1.98 13.44
C ASN A 70 -8.15 -2.64 12.17
N TYR A 71 -8.28 -1.95 11.04
CA TYR A 71 -7.84 -2.49 9.76
C TYR A 71 -6.31 -2.60 9.68
N PHE A 72 -5.63 -1.61 10.25
CA PHE A 72 -4.17 -1.59 10.24
C PHE A 72 -3.62 -2.71 11.14
N ARG A 73 -4.43 -3.19 12.06
CA ARG A 73 -4.02 -4.25 12.97
C ARG A 73 -4.10 -5.62 12.30
N SER A 74 -4.64 -5.64 11.08
CA SER A 74 -4.77 -6.88 10.33
C SER A 74 -3.56 -7.09 9.41
N GLY A 75 -2.62 -6.16 9.44
CA GLY A 75 -1.45 -6.28 8.61
C GLY A 75 -0.22 -5.63 9.22
N GLU A 76 0.95 -6.18 8.88
CA GLU A 76 2.22 -5.67 9.40
C GLU A 76 2.73 -4.52 8.53
N GLY A 77 2.72 -4.74 7.21
CA GLY A 77 3.18 -3.73 6.29
C GLY A 77 2.07 -2.78 5.87
N PHE A 78 2.44 -1.67 5.25
CA PHE A 78 1.47 -0.68 4.80
C PHE A 78 1.84 -0.11 3.43
N LEU A 79 0.85 0.02 2.56
CA LEU A 79 1.07 0.55 1.22
C LEU A 79 0.25 1.83 1.00
N LEU A 80 0.92 2.97 1.09
CA LEU A 80 0.27 4.26 0.90
C LEU A 80 0.15 4.59 -0.59
N VAL A 81 -1.07 4.65 -1.10
CA VAL A 81 -1.28 4.92 -2.52
C VAL A 81 -2.15 6.15 -2.75
N PHE A 82 -1.76 6.96 -3.74
CA PHE A 82 -2.51 8.17 -4.10
C PHE A 82 -2.41 8.40 -5.61
N SER A 83 -3.39 9.10 -6.16
CA SER A 83 -3.41 9.37 -7.60
C SER A 83 -2.77 10.73 -7.90
N ILE A 84 -1.90 10.77 -8.91
CA ILE A 84 -1.25 12.01 -9.31
C ILE A 84 -2.27 13.00 -9.86
N THR A 85 -3.41 12.47 -10.30
CA THR A 85 -4.48 13.30 -10.85
C THR A 85 -5.31 13.92 -9.75
N GLU A 86 -5.71 13.11 -8.78
CA GLU A 86 -6.51 13.59 -7.65
C GLU A 86 -5.62 14.19 -6.57
N HIS A 87 -5.57 15.52 -6.53
CA HIS A 87 -4.76 16.23 -5.55
C HIS A 87 -5.23 15.94 -4.13
N GLU A 88 -6.47 15.45 -4.02
CA GLU A 88 -7.04 15.14 -2.72
C GLU A 88 -6.42 13.87 -2.14
N SER A 89 -5.97 12.99 -3.04
CA SER A 89 -5.37 11.73 -2.64
C SER A 89 -4.02 11.94 -1.96
N PHE A 90 -3.13 12.64 -2.64
CA PHE A 90 -1.78 12.91 -2.14
C PHE A 90 -1.82 13.53 -0.73
N THR A 91 -2.71 14.50 -0.55
CA THR A 91 -2.84 15.19 0.74
C THR A 91 -3.48 14.32 1.81
N ALA A 92 -4.65 13.76 1.52
CA ALA A 92 -5.37 12.92 2.48
C ALA A 92 -4.53 11.75 2.94
N THR A 93 -3.81 11.13 2.00
CA THR A 93 -2.96 10.00 2.31
C THR A 93 -1.95 10.35 3.40
N ALA A 94 -1.51 11.60 3.39
CA ALA A 94 -0.54 12.07 4.37
C ALA A 94 -1.10 12.01 5.79
N GLU A 95 -2.42 12.17 5.91
CA GLU A 95 -3.07 12.13 7.21
C GLU A 95 -3.01 10.72 7.82
N PHE A 96 -3.29 9.72 6.99
CA PHE A 96 -3.27 8.33 7.42
C PHE A 96 -1.89 7.93 7.94
N ARG A 97 -0.86 8.64 7.46
CA ARG A 97 0.51 8.37 7.87
C ARG A 97 0.63 8.27 9.39
N GLU A 98 0.10 9.27 10.08
CA GLU A 98 0.15 9.31 11.55
C GLU A 98 -0.75 8.25 12.16
N GLN A 99 -1.82 7.90 11.47
CA GLN A 99 -2.77 6.90 11.96
C GLN A 99 -2.15 5.50 11.91
N ILE A 100 -1.22 5.30 11.00
CA ILE A 100 -0.54 4.02 10.85
C ILE A 100 0.28 3.67 12.08
N LEU A 101 0.96 4.67 12.64
CA LEU A 101 1.80 4.46 13.81
C LEU A 101 0.96 4.12 15.05
N ARG A 102 -0.29 4.56 15.06
CA ARG A 102 -1.18 4.31 16.19
C ARG A 102 -1.21 2.84 16.56
N VAL A 103 -1.45 1.98 15.57
CA VAL A 103 -1.52 0.55 15.79
C VAL A 103 -0.16 -0.05 16.15
N LYS A 104 0.84 0.23 15.32
CA LYS A 104 2.18 -0.28 15.55
C LYS A 104 2.96 0.63 16.49
N ALA A 105 2.29 1.15 17.51
CA ALA A 105 2.92 2.05 18.48
C ALA A 105 3.91 1.29 19.36
N GLU A 106 3.94 -0.03 19.22
CA GLU A 106 4.85 -0.85 20.01
C GLU A 106 6.10 -1.21 19.22
N GLU A 107 6.02 -1.07 17.90
CA GLU A 107 7.16 -1.37 17.03
C GLU A 107 7.98 -0.12 16.75
N ASP A 108 9.29 -0.28 16.63
CA ASP A 108 10.18 0.83 16.35
C ASP A 108 10.39 0.99 14.84
N LYS A 109 10.47 -0.14 14.14
CA LYS A 109 10.65 -0.15 12.70
C LYS A 109 9.31 -0.37 12.00
N ILE A 110 8.76 0.69 11.43
CA ILE A 110 7.47 0.60 10.74
C ILE A 110 7.66 0.50 9.23
N PRO A 111 7.46 -0.69 8.65
CA PRO A 111 7.60 -0.90 7.20
C PRO A 111 6.55 -0.12 6.41
N LEU A 112 7.01 0.74 5.51
CA LEU A 112 6.10 1.55 4.71
C LEU A 112 6.61 1.67 3.27
N LEU A 113 5.69 1.90 2.34
CA LEU A 113 6.03 2.04 0.92
C LEU A 113 4.90 2.73 0.18
N VAL A 114 5.21 3.84 -0.48
CA VAL A 114 4.20 4.60 -1.21
C VAL A 114 4.22 4.27 -2.70
N VAL A 115 3.03 4.25 -3.30
CA VAL A 115 2.89 3.95 -4.72
C VAL A 115 1.83 4.87 -5.34
N GLY A 116 2.19 5.55 -6.42
CA GLY A 116 1.25 6.44 -7.08
C GLY A 116 0.67 5.86 -8.34
N ASN A 117 -0.67 5.79 -8.38
CA ASN A 117 -1.36 5.26 -9.54
C ASN A 117 -1.72 6.39 -10.50
N LYS A 118 -2.56 6.09 -11.49
CA LYS A 118 -2.98 7.10 -12.46
C LYS A 118 -1.78 7.66 -13.21
N SER A 119 -0.65 6.94 -13.16
CA SER A 119 0.57 7.37 -13.82
C SER A 119 0.39 7.39 -15.34
N ASP A 120 -0.68 6.78 -15.81
CA ASP A 120 -0.96 6.73 -17.24
C ASP A 120 -1.54 8.04 -17.73
N LEU A 121 -1.52 9.06 -16.87
CA LEU A 121 -2.04 10.38 -17.22
C LEU A 121 -1.01 11.47 -16.93
N GLU A 122 -0.08 11.65 -17.86
CA GLU A 122 0.96 12.65 -17.72
C GLU A 122 0.40 14.06 -17.90
N GLU A 123 -0.67 14.17 -18.69
CA GLU A 123 -1.29 15.46 -18.94
C GLU A 123 -2.29 15.82 -17.84
N ARG A 124 -3.04 14.83 -17.38
CA ARG A 124 -4.03 15.05 -16.32
C ARG A 124 -3.36 15.10 -14.95
N ARG A 125 -2.04 14.94 -14.95
CA ARG A 125 -1.27 14.97 -13.70
C ARG A 125 -1.36 16.34 -13.03
N GLN A 126 -2.03 16.40 -11.89
CA GLN A 126 -2.17 17.65 -11.15
C GLN A 126 -0.99 17.85 -10.20
N VAL A 127 -0.48 16.73 -9.68
CA VAL A 127 0.66 16.77 -8.76
C VAL A 127 1.92 16.29 -9.46
N PRO A 128 2.94 17.16 -9.60
CA PRO A 128 4.20 16.79 -10.26
C PRO A 128 4.77 15.51 -9.68
N VAL A 129 5.01 14.52 -10.54
CA VAL A 129 5.54 13.23 -10.10
C VAL A 129 6.79 13.42 -9.24
N GLU A 130 7.67 14.32 -9.68
CA GLU A 130 8.90 14.60 -8.94
C GLU A 130 8.60 15.13 -7.55
N GLU A 131 7.61 16.01 -7.46
CA GLU A 131 7.22 16.61 -6.19
C GLU A 131 6.71 15.53 -5.23
N ALA A 132 5.97 14.56 -5.78
CA ALA A 132 5.43 13.47 -4.98
C ALA A 132 6.55 12.63 -4.37
N ARG A 133 7.68 12.59 -5.06
CA ARG A 133 8.84 11.83 -4.59
C ARG A 133 9.50 12.50 -3.40
N SER A 134 9.48 13.83 -3.38
CA SER A 134 10.09 14.59 -2.30
C SER A 134 9.36 14.37 -0.98
N LYS A 135 8.05 14.58 -0.99
CA LYS A 135 7.23 14.42 0.20
C LYS A 135 7.28 12.97 0.72
N ALA A 136 7.11 12.02 -0.20
CA ALA A 136 7.11 10.60 0.16
C ALA A 136 8.45 10.19 0.77
N GLU A 137 9.54 10.60 0.13
CA GLU A 137 10.88 10.27 0.61
C GLU A 137 11.06 10.63 2.08
N GLU A 138 10.38 11.69 2.52
CA GLU A 138 10.45 12.13 3.91
C GLU A 138 10.19 10.97 4.87
N TRP A 139 9.17 10.17 4.54
CA TRP A 139 8.80 9.03 5.37
C TRP A 139 9.84 7.91 5.28
N GLY A 140 10.98 8.21 4.65
CA GLY A 140 12.03 7.23 4.50
C GLY A 140 11.64 6.11 3.55
N VAL A 141 10.73 6.41 2.62
CA VAL A 141 10.27 5.43 1.65
C VAL A 141 10.52 5.89 0.23
N GLN A 142 10.48 4.94 -0.69
CA GLN A 142 10.69 5.24 -2.11
C GLN A 142 9.35 5.20 -2.84
N TYR A 143 9.04 6.28 -3.55
CA TYR A 143 7.79 6.38 -4.29
C TYR A 143 7.99 5.98 -5.75
N VAL A 144 7.11 5.09 -6.22
CA VAL A 144 7.19 4.61 -7.60
C VAL A 144 5.87 4.86 -8.33
N GLU A 145 5.96 5.05 -9.64
CA GLU A 145 4.78 5.30 -10.47
C GLU A 145 4.20 3.99 -10.98
N THR A 146 2.87 3.90 -10.99
CA THR A 146 2.19 2.68 -11.44
C THR A 146 0.86 3.01 -12.11
N SER A 147 0.31 2.02 -12.80
CA SER A 147 -0.96 2.16 -13.49
C SER A 147 -1.80 0.90 -13.32
N ALA A 148 -2.91 1.04 -12.59
CA ALA A 148 -3.79 -0.10 -12.33
C ALA A 148 -4.41 -0.64 -13.62
N LYS A 149 -4.18 0.05 -14.73
CA LYS A 149 -4.72 -0.37 -16.02
C LYS A 149 -3.69 -1.17 -16.81
N THR A 150 -2.42 -0.79 -16.68
CA THR A 150 -1.35 -1.48 -17.40
C THR A 150 -0.67 -2.51 -16.51
N ARG A 151 -1.00 -2.50 -15.22
CA ARG A 151 -0.43 -3.42 -14.22
C ARG A 151 1.03 -3.76 -14.54
N ALA A 152 1.78 -2.73 -14.95
CA ALA A 152 3.19 -2.92 -15.30
C ALA A 152 4.08 -3.00 -14.06
N ASN A 153 4.02 -1.98 -13.20
CA ASN A 153 4.86 -1.95 -12.00
C ASN A 153 4.03 -2.09 -10.72
N VAL A 154 2.77 -2.48 -10.85
CA VAL A 154 1.93 -2.66 -9.68
C VAL A 154 2.45 -3.79 -8.79
N ASP A 155 2.77 -4.91 -9.42
CA ASP A 155 3.29 -6.07 -8.68
C ASP A 155 4.73 -5.82 -8.24
N LYS A 156 5.35 -4.80 -8.83
CA LYS A 156 6.74 -4.47 -8.50
C LYS A 156 6.85 -3.89 -7.09
N VAL A 157 5.95 -2.99 -6.74
CA VAL A 157 5.97 -2.36 -5.43
C VAL A 157 5.57 -3.35 -4.33
N PHE A 158 4.76 -4.34 -4.70
CA PHE A 158 4.33 -5.35 -3.74
C PHE A 158 5.50 -6.21 -3.28
N PHE A 159 6.29 -6.66 -4.25
CA PHE A 159 7.46 -7.48 -3.95
C PHE A 159 8.53 -6.66 -3.23
N ASP A 160 8.64 -5.40 -3.61
CA ASP A 160 9.62 -4.49 -3.01
C ASP A 160 9.37 -4.31 -1.52
N LEU A 161 8.10 -4.36 -1.12
CA LEU A 161 7.73 -4.18 0.28
C LEU A 161 8.13 -5.40 1.12
N MET A 162 7.81 -6.60 0.62
CA MET A 162 8.11 -7.82 1.31
C MET A 162 9.61 -7.93 1.63
N ARG A 163 10.44 -7.42 0.72
CA ARG A 163 11.88 -7.47 0.90
C ARG A 163 12.34 -6.53 2.01
N GLU A 164 11.85 -5.29 1.98
CA GLU A 164 12.21 -4.29 2.98
C GLU A 164 11.66 -4.66 4.35
N ILE A 165 10.57 -5.42 4.39
CA ILE A 165 9.97 -5.82 5.65
C ILE A 165 10.84 -6.84 6.39
N ARG A 166 11.16 -7.94 5.71
CA ARG A 166 11.97 -9.00 6.31
C ARG A 166 13.33 -8.47 6.75
N THR A 167 13.81 -7.45 6.05
CA THR A 167 15.11 -6.87 6.36
C THR A 167 15.03 -5.78 7.44
N LYS A 168 14.25 -4.73 7.18
CA LYS A 168 14.11 -3.62 8.12
C LYS A 168 13.33 -3.98 9.38
N LYS A 169 12.13 -4.51 9.21
CA LYS A 169 11.29 -4.87 10.35
C LYS A 169 11.96 -5.88 11.28
N MET A 170 12.43 -6.98 10.71
CA MET A 170 13.09 -8.02 11.48
C MET A 170 14.40 -7.53 12.09
N SER A 171 14.91 -6.41 11.57
CA SER A 171 16.16 -5.85 12.07
C SER A 171 16.04 -5.43 13.53
N GLU A 172 15.14 -4.50 13.80
CA GLU A 172 14.91 -4.01 15.17
C GLU A 172 16.19 -3.41 15.75
N ASN A 173 16.10 -2.95 16.99
CA ASN A 173 17.26 -2.35 17.67
C ASN A 173 17.34 -2.81 19.11
N LYS A 174 18.28 -3.71 19.39
CA LYS A 174 18.46 -4.25 20.73
C LYS A 174 19.67 -3.60 21.41
PG GNP B . -13.26 3.06 -3.13
O1G GNP B . -14.36 3.69 -3.89
O2G GNP B . -13.43 1.48 -3.03
O3G GNP B . -13.13 3.72 -1.68
N3B GNP B . -11.76 3.33 -3.84
PB GNP B . -11.75 2.88 -5.46
O1B GNP B . -10.89 3.85 -6.20
O2B GNP B . -11.43 1.45 -5.54
O3A GNP B . -13.26 3.10 -5.92
PA GNP B . -13.71 2.72 -7.39
O1A GNP B . -13.27 1.33 -7.68
O2A GNP B . -15.15 3.06 -7.55
O5' GNP B . -12.85 3.73 -8.28
C5' GNP B . -12.18 3.27 -9.45
C4' GNP B . -12.29 4.30 -10.54
O4' GNP B . -11.01 4.96 -10.71
C3' GNP B . -12.61 3.74 -11.92
O3' GNP B . -13.26 4.71 -12.73
C2' GNP B . -11.24 3.38 -12.47
O2' GNP B . -11.20 3.42 -13.88
C1' GNP B . -10.39 4.54 -11.91
N9 GNP B . -9.01 4.16 -11.62
C8 GNP B . -8.51 3.75 -10.41
N7 GNP B . -7.23 3.49 -10.44
C5 GNP B . -6.87 3.75 -11.75
C6 GNP B . -5.60 3.66 -12.40
O6 GNP B . -4.52 3.32 -11.91
N1 GNP B . -5.67 4.02 -13.74
C2 GNP B . -6.82 4.42 -14.38
N2 GNP B . -6.69 4.73 -15.67
N3 GNP B . -8.00 4.51 -13.80
C4 GNP B . -7.95 4.16 -12.50
HNB3 GNP B . -11.07 2.83 -3.35
H5'2 GNP B . -12.61 2.33 -9.78
H5'1 GNP B . -11.12 3.11 -9.22
H4' GNP B . -13.10 4.98 -10.28
H3' GNP B . -13.28 2.89 -11.87
HO3' GNP B . -13.89 4.25 -13.29
H2' GNP B . -10.91 2.42 -12.07
HO2' GNP B . -10.39 2.98 -14.15
H1' GNP B . -10.38 5.39 -12.58
H8 GNP B . -9.12 3.63 -9.52
HN1 GNP B . -4.82 3.98 -14.27
HN21 GNP B . -7.49 5.03 -16.21
HN22 GNP B . -5.79 4.67 -16.12
MG MG C . -11.99 -0.08 -3.92
N LEU A 1 7.80 -21.46 5.71
CA LEU A 1 7.35 -20.31 4.88
C LEU A 1 6.82 -19.18 5.76
N ALA A 2 7.51 -18.05 5.73
CA ALA A 2 7.10 -16.89 6.51
C ALA A 2 5.77 -16.35 6.02
N LEU A 3 5.08 -15.60 6.89
CA LEU A 3 3.78 -15.03 6.54
C LEU A 3 3.79 -13.52 6.74
N HIS A 4 3.67 -12.79 5.64
CA HIS A 4 3.66 -11.33 5.69
C HIS A 4 2.28 -10.78 5.35
N LYS A 5 1.99 -9.58 5.86
CA LYS A 5 0.69 -8.96 5.62
C LYS A 5 0.85 -7.56 5.02
N VAL A 6 -0.02 -7.21 4.09
CA VAL A 6 0.03 -5.91 3.44
C VAL A 6 -1.36 -5.28 3.40
N ILE A 7 -1.52 -4.16 4.09
CA ILE A 7 -2.79 -3.45 4.12
C ILE A 7 -2.80 -2.29 3.14
N MET A 8 -3.51 -2.45 2.03
CA MET A 8 -3.60 -1.39 1.04
C MET A 8 -4.21 -0.13 1.65
N VAL A 9 -3.35 0.75 2.16
CA VAL A 9 -3.81 1.98 2.78
C VAL A 9 -3.71 3.16 1.82
N GLY A 10 -4.46 4.22 2.11
CA GLY A 10 -4.43 5.40 1.25
C GLY A 10 -5.25 6.54 1.83
N SER A 11 -5.62 7.49 0.97
CA SER A 11 -6.41 8.64 1.39
C SER A 11 -7.75 8.20 1.95
N GLY A 12 -8.35 7.21 1.30
CA GLY A 12 -9.64 6.70 1.74
C GLY A 12 -10.69 6.79 0.66
N GLY A 13 -10.28 6.56 -0.59
CA GLY A 13 -11.21 6.63 -1.70
C GLY A 13 -10.51 6.79 -3.04
N VAL A 14 -9.37 6.11 -3.20
CA VAL A 14 -8.61 6.19 -4.44
C VAL A 14 -8.89 5.00 -5.34
N GLY A 15 -8.35 3.84 -4.96
CA GLY A 15 -8.54 2.64 -5.74
C GLY A 15 -7.55 1.54 -5.36
N LYS A 16 -7.34 1.38 -4.07
CA LYS A 16 -6.41 0.37 -3.56
C LYS A 16 -6.73 -1.01 -4.12
N SER A 17 -8.01 -1.36 -4.08
CA SER A 17 -8.48 -2.65 -4.57
C SER A 17 -7.98 -2.93 -6.00
N ALA A 18 -7.78 -1.86 -6.76
CA ALA A 18 -7.32 -1.98 -8.14
C ALA A 18 -5.95 -2.62 -8.18
N LEU A 19 -5.02 -2.07 -7.42
CA LEU A 19 -3.67 -2.61 -7.35
C LEU A 19 -3.74 -3.98 -6.71
N THR A 20 -4.79 -4.19 -5.91
CA THR A 20 -4.99 -5.44 -5.22
C THR A 20 -5.26 -6.58 -6.21
N LEU A 21 -6.14 -6.30 -7.16
CA LEU A 21 -6.51 -7.29 -8.18
C LEU A 21 -5.37 -7.50 -9.17
N GLN A 22 -4.76 -6.41 -9.62
CA GLN A 22 -3.66 -6.49 -10.59
C GLN A 22 -2.53 -7.36 -10.06
N PHE A 23 -2.21 -7.21 -8.78
CA PHE A 23 -1.15 -7.99 -8.18
C PHE A 23 -1.56 -9.46 -7.98
N MET A 24 -2.87 -9.68 -7.88
CA MET A 24 -3.39 -11.03 -7.64
C MET A 24 -3.48 -11.87 -8.93
N TYR A 25 -4.01 -11.28 -10.00
CA TYR A 25 -4.17 -12.03 -11.26
C TYR A 25 -3.48 -11.36 -12.44
N ASP A 26 -2.97 -10.14 -12.23
CA ASP A 26 -2.29 -9.41 -13.30
C ASP A 26 -3.22 -9.21 -14.48
N GLU A 27 -4.47 -8.83 -14.18
CA GLU A 27 -5.47 -8.59 -15.22
C GLU A 27 -6.52 -7.61 -14.72
N PHE A 28 -6.76 -6.57 -15.50
CA PHE A 28 -7.74 -5.55 -15.14
C PHE A 28 -9.16 -6.02 -15.43
N VAL A 29 -10.01 -6.01 -14.40
CA VAL A 29 -11.39 -6.43 -14.54
C VAL A 29 -12.34 -5.34 -14.08
N GLU A 30 -13.46 -5.20 -14.77
CA GLU A 30 -14.45 -4.18 -14.44
C GLU A 30 -15.33 -4.62 -13.27
N ASP A 31 -14.86 -5.61 -12.53
CA ASP A 31 -15.60 -6.13 -11.38
C ASP A 31 -14.84 -5.89 -10.08
N TYR A 32 -15.46 -6.23 -8.96
CA TYR A 32 -14.83 -6.06 -7.65
C TYR A 32 -15.47 -6.98 -6.62
N GLU A 33 -15.03 -6.87 -5.37
CA GLU A 33 -15.56 -7.69 -4.30
C GLU A 33 -15.63 -6.92 -2.98
N PRO A 34 -16.76 -7.01 -2.25
CA PRO A 34 -16.93 -6.31 -0.98
C PRO A 34 -16.17 -6.99 0.16
N THR A 35 -15.76 -6.19 1.15
CA THR A 35 -15.03 -6.72 2.29
C THR A 35 -15.92 -7.61 3.16
N LYS A 36 -15.74 -8.92 3.03
CA LYS A 36 -16.52 -9.87 3.80
C LYS A 36 -15.75 -10.35 5.02
N ALA A 37 -14.86 -9.50 5.51
CA ALA A 37 -14.04 -9.82 6.69
C ALA A 37 -13.15 -11.02 6.42
N ASP A 38 -12.99 -11.38 5.16
CA ASP A 38 -12.15 -12.52 4.77
C ASP A 38 -10.87 -12.03 4.10
N SER A 39 -9.74 -12.57 4.56
CA SER A 39 -8.44 -12.19 4.00
C SER A 39 -8.08 -13.04 2.79
N TYR A 40 -6.97 -12.71 2.15
CA TYR A 40 -6.50 -13.43 0.97
C TYR A 40 -5.08 -13.95 1.19
N ARG A 41 -4.73 -15.02 0.49
CA ARG A 41 -3.38 -15.59 0.61
C ARG A 41 -2.87 -16.07 -0.74
N LYS A 42 -1.56 -15.93 -0.95
CA LYS A 42 -0.93 -16.35 -2.19
C LYS A 42 0.53 -16.76 -1.96
N LYS A 43 1.05 -17.63 -2.82
CA LYS A 43 2.43 -18.10 -2.71
C LYS A 43 3.36 -17.33 -3.64
N VAL A 44 4.45 -16.82 -3.08
CA VAL A 44 5.44 -16.07 -3.85
C VAL A 44 6.85 -16.40 -3.38
N VAL A 45 7.79 -16.41 -4.31
CA VAL A 45 9.19 -16.72 -3.97
C VAL A 45 10.05 -15.46 -4.00
N LEU A 46 10.98 -15.38 -3.05
CA LEU A 46 11.88 -14.24 -2.97
C LEU A 46 13.31 -14.69 -2.71
N ASP A 47 14.14 -14.66 -3.75
CA ASP A 47 15.53 -15.06 -3.64
C ASP A 47 15.66 -16.49 -3.11
N GLY A 48 14.66 -17.32 -3.42
CA GLY A 48 14.69 -18.70 -2.96
C GLY A 48 13.63 -19.00 -1.92
N GLU A 49 13.53 -18.12 -0.92
CA GLU A 49 12.55 -18.31 0.15
C GLU A 49 11.14 -17.95 -0.31
N GLU A 50 10.27 -18.95 -0.36
CA GLU A 50 8.89 -18.75 -0.78
C GLU A 50 8.00 -18.45 0.43
N VAL A 51 7.47 -17.24 0.48
CA VAL A 51 6.60 -16.83 1.59
C VAL A 51 5.18 -16.55 1.10
N GLN A 52 4.24 -16.51 2.03
CA GLN A 52 2.84 -16.26 1.71
C GLN A 52 2.48 -14.79 1.99
N ILE A 53 1.69 -14.20 1.09
CA ILE A 53 1.27 -12.82 1.25
C ILE A 53 -0.23 -12.74 1.57
N ASP A 54 -0.60 -11.85 2.48
CA ASP A 54 -1.99 -11.68 2.86
C ASP A 54 -2.41 -10.21 2.82
N ILE A 55 -3.44 -9.91 2.04
CA ILE A 55 -3.93 -8.54 1.91
C ILE A 55 -5.42 -8.46 2.21
N LEU A 56 -5.78 -7.55 3.12
CA LEU A 56 -7.18 -7.36 3.50
C LEU A 56 -7.77 -6.15 2.79
N ASP A 57 -8.71 -6.39 1.89
CA ASP A 57 -9.35 -5.32 1.14
C ASP A 57 -10.36 -4.59 2.02
N THR A 58 -10.41 -3.27 1.88
CA THR A 58 -11.34 -2.46 2.66
C THR A 58 -11.53 -1.08 2.03
N ALA A 59 -12.70 -0.51 2.24
CA ALA A 59 -13.02 0.81 1.69
C ALA A 59 -12.31 1.91 2.46
N GLY A 60 -12.58 3.16 2.09
CA GLY A 60 -11.96 4.28 2.76
C GLY A 60 -12.26 4.31 4.24
N LEU A 61 -11.24 4.02 5.05
CA LEU A 61 -11.40 4.01 6.50
C LEU A 61 -11.75 5.41 7.03
N GLU A 62 -11.57 6.41 6.17
CA GLU A 62 -11.85 7.80 6.54
C GLU A 62 -13.31 7.97 6.99
N ASP A 63 -14.18 7.08 6.52
CA ASP A 63 -15.60 7.16 6.86
C ASP A 63 -15.81 6.89 8.35
N TYR A 64 -14.88 6.17 8.97
CA TYR A 64 -14.98 5.86 10.39
C TYR A 64 -14.41 6.99 11.24
N ALA A 65 -14.87 7.08 12.49
CA ALA A 65 -14.42 8.12 13.40
C ALA A 65 -13.03 7.81 13.95
N ALA A 66 -12.86 6.60 14.46
CA ALA A 66 -11.57 6.19 15.02
C ALA A 66 -11.39 4.67 14.91
N ILE A 67 -12.37 4.01 14.31
CA ILE A 67 -12.33 2.56 14.15
C ILE A 67 -11.18 2.16 13.22
N ARG A 68 -10.65 3.13 12.47
CA ARG A 68 -9.55 2.88 11.55
C ARG A 68 -8.40 2.17 12.25
N ASP A 69 -8.10 2.58 13.47
CA ASP A 69 -7.02 1.99 14.26
C ASP A 69 -7.19 0.48 14.39
N ASN A 70 -8.44 0.03 14.42
CA ASN A 70 -8.74 -1.39 14.57
C ASN A 70 -8.20 -2.21 13.40
N TYR A 71 -8.24 -1.65 12.20
CA TYR A 71 -7.76 -2.34 11.01
C TYR A 71 -6.24 -2.32 10.92
N PHE A 72 -5.65 -1.16 11.24
CA PHE A 72 -4.20 -1.02 11.18
C PHE A 72 -3.53 -1.86 12.27
N ARG A 73 -4.24 -2.11 13.35
CA ARG A 73 -3.71 -2.89 14.47
C ARG A 73 -3.64 -4.36 14.11
N SER A 74 -4.34 -4.75 13.05
CA SER A 74 -4.35 -6.14 12.61
C SER A 74 -3.50 -6.33 11.36
N GLY A 75 -2.73 -5.30 10.99
CA GLY A 75 -1.89 -5.37 9.82
C GLY A 75 -0.43 -5.15 10.14
N GLU A 76 0.45 -5.94 9.51
CA GLU A 76 1.88 -5.82 9.73
C GLU A 76 2.48 -4.77 8.80
N GLY A 77 2.25 -4.94 7.50
CA GLY A 77 2.76 -4.00 6.52
C GLY A 77 1.72 -2.98 6.09
N PHE A 78 2.19 -1.86 5.55
CA PHE A 78 1.29 -0.79 5.10
C PHE A 78 1.73 -0.29 3.72
N LEU A 79 0.75 -0.10 2.83
CA LEU A 79 1.04 0.40 1.49
C LEU A 79 0.20 1.65 1.18
N LEU A 80 0.84 2.82 1.20
CA LEU A 80 0.14 4.07 0.92
C LEU A 80 0.03 4.28 -0.58
N VAL A 81 -1.20 4.36 -1.08
CA VAL A 81 -1.43 4.55 -2.51
C VAL A 81 -2.46 5.64 -2.78
N PHE A 82 -2.19 6.46 -3.80
CA PHE A 82 -3.09 7.53 -4.19
C PHE A 82 -3.07 7.73 -5.70
N SER A 83 -3.98 8.55 -6.22
CA SER A 83 -4.04 8.81 -7.65
C SER A 83 -3.56 10.21 -7.98
N ILE A 84 -2.78 10.32 -9.06
CA ILE A 84 -2.25 11.62 -9.49
C ILE A 84 -3.40 12.52 -9.92
N THR A 85 -4.41 11.93 -10.54
CA THR A 85 -5.57 12.66 -11.01
C THR A 85 -6.37 13.21 -9.83
N GLU A 86 -6.06 12.70 -8.64
CA GLU A 86 -6.74 13.13 -7.42
C GLU A 86 -5.74 13.73 -6.43
N HIS A 87 -5.48 15.02 -6.56
CA HIS A 87 -4.54 15.73 -5.69
C HIS A 87 -5.04 15.71 -4.25
N GLU A 88 -6.31 15.39 -4.07
CA GLU A 88 -6.93 15.36 -2.74
C GLU A 88 -6.46 14.12 -1.98
N SER A 89 -6.09 13.09 -2.71
CA SER A 89 -5.64 11.83 -2.12
C SER A 89 -4.25 11.98 -1.49
N PHE A 90 -3.32 12.52 -2.25
CA PHE A 90 -1.94 12.70 -1.77
C PHE A 90 -1.90 13.40 -0.41
N THR A 91 -2.84 14.31 -0.19
CA THR A 91 -2.91 15.07 1.06
C THR A 91 -3.39 14.20 2.22
N ALA A 92 -4.53 13.56 2.04
CA ALA A 92 -5.10 12.69 3.07
C ALA A 92 -4.17 11.52 3.36
N THR A 93 -3.54 11.01 2.31
CA THR A 93 -2.62 9.89 2.45
C THR A 93 -1.51 10.23 3.42
N ALA A 94 -1.13 11.51 3.43
CA ALA A 94 -0.08 11.98 4.32
C ALA A 94 -0.52 11.94 5.78
N GLU A 95 -1.83 12.09 6.00
CA GLU A 95 -2.39 12.04 7.35
C GLU A 95 -2.34 10.62 7.91
N PHE A 96 -2.84 9.68 7.11
CA PHE A 96 -2.85 8.28 7.51
C PHE A 96 -1.47 7.80 7.93
N ARG A 97 -0.44 8.40 7.33
CA ARG A 97 0.94 8.05 7.64
C ARG A 97 1.18 8.08 9.15
N GLU A 98 0.61 9.09 9.81
CA GLU A 98 0.75 9.24 11.25
C GLU A 98 -0.04 8.16 12.01
N GLN A 99 -1.29 7.94 11.60
CA GLN A 99 -2.14 6.96 12.24
C GLN A 99 -1.51 5.57 12.25
N ILE A 100 -0.67 5.30 11.25
CA ILE A 100 -0.01 4.01 11.16
C ILE A 100 0.84 3.72 12.40
N LEU A 101 1.55 4.73 12.87
CA LEU A 101 2.40 4.58 14.04
C LEU A 101 1.59 4.38 15.31
N ARG A 102 0.35 4.87 15.31
CA ARG A 102 -0.53 4.75 16.47
C ARG A 102 -0.65 3.30 16.94
N VAL A 103 -0.96 2.42 16.00
CA VAL A 103 -1.13 0.99 16.31
C VAL A 103 0.20 0.33 16.65
N LYS A 104 1.23 0.61 15.86
CA LYS A 104 2.55 0.03 16.10
C LYS A 104 3.42 0.95 16.94
N ALA A 105 2.79 1.67 17.87
CA ALA A 105 3.51 2.59 18.74
C ALA A 105 4.57 1.87 19.56
N GLU A 106 4.32 0.58 19.82
CA GLU A 106 5.26 -0.22 20.60
C GLU A 106 6.45 -0.64 19.76
N GLU A 107 6.22 -0.85 18.46
CA GLU A 107 7.28 -1.25 17.55
C GLU A 107 8.11 -0.04 17.11
N ASP A 108 9.24 -0.31 16.46
CA ASP A 108 10.12 0.76 15.99
C ASP A 108 10.29 0.69 14.49
N LYS A 109 10.27 -0.53 13.94
CA LYS A 109 10.42 -0.73 12.51
C LYS A 109 9.05 -0.80 11.84
N ILE A 110 8.69 0.26 11.11
CA ILE A 110 7.40 0.32 10.43
C ILE A 110 7.59 0.40 8.90
N PRO A 111 7.34 -0.71 8.19
CA PRO A 111 7.46 -0.74 6.73
C PRO A 111 6.42 0.13 6.04
N LEU A 112 6.88 0.96 5.10
CA LEU A 112 5.98 1.85 4.37
C LEU A 112 6.47 2.08 2.95
N LEU A 113 5.54 2.42 2.06
CA LEU A 113 5.86 2.68 0.66
C LEU A 113 4.73 3.45 -0.01
N VAL A 114 5.09 4.55 -0.67
CA VAL A 114 4.09 5.37 -1.35
C VAL A 114 3.99 5.00 -2.83
N VAL A 115 2.76 5.01 -3.35
CA VAL A 115 2.51 4.66 -4.74
C VAL A 115 1.52 5.62 -5.38
N GLY A 116 1.64 5.80 -6.69
CA GLY A 116 0.74 6.69 -7.41
C GLY A 116 0.22 6.05 -8.68
N ASN A 117 -1.03 5.61 -8.65
CA ASN A 117 -1.65 4.98 -9.80
C ASN A 117 -2.14 6.05 -10.78
N LYS A 118 -2.96 5.64 -11.74
CA LYS A 118 -3.50 6.55 -12.74
C LYS A 118 -2.38 7.14 -13.60
N SER A 119 -1.19 6.56 -13.50
CA SER A 119 -0.04 7.04 -14.27
C SER A 119 -0.30 6.96 -15.77
N ASP A 120 -1.34 6.23 -16.15
CA ASP A 120 -1.69 6.08 -17.56
C ASP A 120 -2.13 7.43 -18.15
N LEU A 121 -2.25 8.42 -17.28
CA LEU A 121 -2.65 9.76 -17.71
C LEU A 121 -1.53 10.77 -17.44
N GLU A 122 -0.55 10.80 -18.33
CA GLU A 122 0.58 11.70 -18.20
C GLU A 122 0.16 13.15 -18.47
N GLU A 123 -1.00 13.32 -19.09
CA GLU A 123 -1.52 14.64 -19.41
C GLU A 123 -2.45 15.16 -18.31
N ARG A 124 -2.76 14.31 -17.35
CA ARG A 124 -3.65 14.69 -16.25
C ARG A 124 -2.96 14.52 -14.90
N ARG A 125 -1.64 14.38 -14.92
CA ARG A 125 -0.88 14.21 -13.68
C ARG A 125 -0.72 15.56 -12.97
N GLN A 126 -1.42 15.71 -11.86
CA GLN A 126 -1.38 16.95 -11.08
C GLN A 126 -0.20 16.94 -10.11
N VAL A 127 0.17 15.76 -9.62
CA VAL A 127 1.27 15.64 -8.68
C VAL A 127 2.53 15.09 -9.36
N PRO A 128 3.49 15.96 -9.70
CA PRO A 128 4.75 15.53 -10.33
C PRO A 128 5.47 14.48 -9.49
N VAL A 129 6.07 13.51 -10.16
CA VAL A 129 6.78 12.44 -9.47
C VAL A 129 7.83 12.97 -8.50
N GLU A 130 8.66 13.90 -8.99
CA GLU A 130 9.72 14.48 -8.17
C GLU A 130 9.17 15.08 -6.87
N GLU A 131 8.13 15.89 -6.98
CA GLU A 131 7.53 16.52 -5.81
C GLU A 131 6.98 15.46 -4.87
N ALA A 132 6.45 14.39 -5.42
CA ALA A 132 5.88 13.31 -4.63
C ALA A 132 6.98 12.55 -3.88
N ARG A 133 8.18 12.53 -4.46
CA ARG A 133 9.31 11.84 -3.85
C ARG A 133 9.91 12.66 -2.71
N SER A 134 9.84 13.99 -2.84
CA SER A 134 10.38 14.89 -1.84
C SER A 134 9.60 14.80 -0.52
N LYS A 135 8.27 14.82 -0.63
CA LYS A 135 7.41 14.76 0.54
C LYS A 135 7.43 13.35 1.15
N ALA A 136 7.34 12.34 0.29
CA ALA A 136 7.34 10.95 0.75
C ALA A 136 8.65 10.59 1.44
N GLU A 137 9.76 11.05 0.88
CA GLU A 137 11.07 10.77 1.43
C GLU A 137 11.14 11.17 2.90
N GLU A 138 10.39 12.22 3.25
CA GLU A 138 10.36 12.70 4.63
C GLU A 138 10.08 11.55 5.60
N TRP A 139 9.11 10.71 5.24
CA TRP A 139 8.75 9.57 6.07
C TRP A 139 9.84 8.51 6.05
N GLY A 140 10.66 8.53 5.01
CA GLY A 140 11.74 7.58 4.88
C GLY A 140 11.44 6.50 3.85
N VAL A 141 10.63 6.87 2.86
CA VAL A 141 10.26 5.92 1.81
C VAL A 141 10.58 6.48 0.42
N GLN A 142 10.24 5.70 -0.60
CA GLN A 142 10.46 6.08 -1.98
C GLN A 142 9.15 6.00 -2.75
N TYR A 143 8.95 6.90 -3.70
CA TYR A 143 7.71 6.91 -4.48
C TYR A 143 7.94 6.42 -5.90
N VAL A 144 7.00 5.60 -6.37
CA VAL A 144 7.07 5.04 -7.72
C VAL A 144 5.73 5.21 -8.43
N GLU A 145 5.77 5.34 -9.75
CA GLU A 145 4.56 5.51 -10.54
C GLU A 145 4.01 4.15 -10.95
N THR A 146 2.68 4.03 -10.98
CA THR A 146 2.03 2.78 -11.34
C THR A 146 0.75 3.02 -12.13
N SER A 147 0.24 1.97 -12.75
CA SER A 147 -0.99 2.06 -13.52
C SER A 147 -1.77 0.75 -13.43
N ALA A 148 -2.91 0.81 -12.75
CA ALA A 148 -3.76 -0.37 -12.58
C ALA A 148 -4.30 -0.88 -13.91
N LYS A 149 -4.01 -0.16 -14.99
CA LYS A 149 -4.47 -0.55 -16.32
C LYS A 149 -3.46 -1.46 -17.00
N THR A 150 -2.22 -0.99 -17.09
CA THR A 150 -1.16 -1.76 -17.73
C THR A 150 -0.37 -2.57 -16.72
N ARG A 151 -0.78 -2.49 -15.44
CA ARG A 151 -0.13 -3.22 -14.34
C ARG A 151 1.37 -3.38 -14.58
N ALA A 152 2.03 -2.27 -14.93
CA ALA A 152 3.47 -2.30 -15.20
C ALA A 152 4.29 -2.33 -13.92
N ASN A 153 4.07 -1.35 -13.04
CA ASN A 153 4.82 -1.26 -11.78
C ASN A 153 3.92 -1.53 -10.57
N VAL A 154 2.71 -2.02 -10.81
CA VAL A 154 1.80 -2.30 -9.70
C VAL A 154 2.36 -3.39 -8.81
N ASP A 155 2.91 -4.45 -9.42
CA ASP A 155 3.49 -5.56 -8.68
C ASP A 155 4.83 -5.15 -8.06
N LYS A 156 5.44 -4.11 -8.64
CA LYS A 156 6.73 -3.62 -8.17
C LYS A 156 6.63 -3.04 -6.76
N VAL A 157 5.56 -2.29 -6.48
CA VAL A 157 5.39 -1.68 -5.17
C VAL A 157 5.09 -2.72 -4.09
N PHE A 158 4.49 -3.83 -4.51
CA PHE A 158 4.16 -4.90 -3.57
C PHE A 158 5.39 -5.69 -3.17
N PHE A 159 6.19 -6.06 -4.16
CA PHE A 159 7.41 -6.83 -3.91
C PHE A 159 8.48 -5.98 -3.22
N ASP A 160 8.62 -4.73 -3.66
CA ASP A 160 9.60 -3.82 -3.09
C ASP A 160 9.34 -3.61 -1.59
N LEU A 161 8.07 -3.46 -1.24
CA LEU A 161 7.70 -3.25 0.16
C LEU A 161 7.86 -4.54 0.96
N MET A 162 7.65 -5.67 0.32
CA MET A 162 7.79 -6.97 0.97
C MET A 162 9.20 -7.21 1.46
N ARG A 163 10.18 -6.96 0.58
CA ARG A 163 11.58 -7.15 0.93
C ARG A 163 11.97 -6.24 2.09
N GLU A 164 11.40 -5.05 2.12
CA GLU A 164 11.68 -4.10 3.19
C GLU A 164 11.25 -4.65 4.54
N ILE A 165 10.20 -5.48 4.52
CA ILE A 165 9.69 -6.08 5.75
C ILE A 165 10.62 -7.17 6.26
N ARG A 166 10.92 -8.14 5.39
CA ARG A 166 11.80 -9.25 5.76
C ARG A 166 13.11 -8.75 6.35
N THR A 167 13.62 -7.63 5.83
CA THR A 167 14.87 -7.06 6.30
C THR A 167 14.70 -6.13 7.49
N LYS A 168 13.90 -5.08 7.32
CA LYS A 168 13.69 -4.09 8.38
C LYS A 168 12.86 -4.62 9.55
N LYS A 169 11.67 -5.14 9.26
CA LYS A 169 10.79 -5.66 10.30
C LYS A 169 11.46 -6.75 11.14
N MET A 170 12.09 -7.71 10.46
CA MET A 170 12.76 -8.81 11.15
C MET A 170 14.05 -8.35 11.84
N SER A 171 14.50 -7.14 11.51
CA SER A 171 15.71 -6.60 12.10
C SER A 171 15.53 -6.38 13.61
N GLU A 172 14.57 -5.52 13.95
CA GLU A 172 14.28 -5.21 15.35
C GLU A 172 15.51 -4.63 16.05
N ASN A 173 15.37 -4.35 17.35
CA ASN A 173 16.45 -3.79 18.14
C ASN A 173 16.93 -4.80 19.18
N LYS A 174 16.16 -5.86 19.37
CA LYS A 174 16.51 -6.89 20.34
C LYS A 174 16.18 -8.28 19.81
PG GNP B . -13.48 1.99 -1.75
O1G GNP B . -14.80 2.23 -1.10
O2G GNP B . -13.09 0.45 -1.70
O3G GNP B . -12.34 2.91 -1.11
N3B GNP B . -13.52 2.38 -3.38
PB GNP B . -11.98 2.71 -3.96
O1B GNP B . -11.38 3.79 -3.15
O2B GNP B . -11.24 1.43 -4.13
O3A GNP B . -12.30 3.29 -5.41
PA GNP B . -12.97 2.37 -6.51
O1A GNP B . -12.14 1.14 -6.67
O2A GNP B . -14.41 2.21 -6.19
O5' GNP B . -12.84 3.25 -7.83
C5' GNP B . -11.64 3.25 -8.60
C4' GNP B . -11.91 2.67 -9.97
O4' GNP B . -11.18 3.46 -10.95
C3' GNP B . -11.43 1.24 -10.17
O3' GNP B . -12.45 0.31 -9.84
C2' GNP B . -11.09 1.19 -11.65
O2' GNP B . -12.23 1.00 -12.45
C1' GNP B . -10.54 2.60 -11.88
N9 GNP B . -9.10 2.71 -11.69
C8 GNP B . -8.40 2.57 -10.51
N7 GNP B . -7.12 2.74 -10.65
C5 GNP B . -6.95 3.00 -12.00
C6 GNP B . -5.77 3.27 -12.75
O6 GNP B . -4.60 3.32 -12.35
N1 GNP B . -6.04 3.48 -14.10
C2 GNP B . -7.31 3.44 -14.65
N2 GNP B . -7.38 3.68 -15.96
N3 GNP B . -8.41 3.21 -13.96
C4 GNP B . -8.16 2.99 -12.65
HNB3 GNP B . -14.10 3.16 -3.52
H5'2 GNP B . -10.89 2.64 -8.09
H5'1 GNP B . -11.27 4.26 -8.71
H4' GNP B . -12.98 2.67 -10.12
H3' GNP B . -10.58 1.00 -9.53
HO3' GNP B . -12.86 0.03 -10.66
H2' GNP B . -10.31 0.44 -11.83
HO2' GNP B . -12.15 1.58 -13.21
H1' GNP B . -10.77 2.97 -12.87
H8 GNP B . -8.87 2.36 -9.56
HN1 GNP B . -5.26 3.68 -14.71
HN21 GNP B . -8.27 3.68 -16.43
HN22 GNP B . -6.54 3.87 -16.49
MG MG C . -11.93 -0.62 -3.37
N LEU A 1 8.02 -21.28 6.38
CA LEU A 1 7.68 -20.08 5.56
C LEU A 1 7.31 -18.91 6.46
N ALA A 2 7.32 -17.71 5.88
CA ALA A 2 6.99 -16.50 6.63
C ALA A 2 5.65 -15.92 6.17
N LEU A 3 4.89 -15.40 7.11
CA LEU A 3 3.59 -14.81 6.80
C LEU A 3 3.65 -13.29 6.94
N HIS A 4 3.63 -12.59 5.81
CA HIS A 4 3.69 -11.13 5.80
C HIS A 4 2.34 -10.54 5.43
N LYS A 5 1.80 -9.70 6.32
CA LYS A 5 0.50 -9.08 6.08
C LYS A 5 0.67 -7.61 5.70
N VAL A 6 0.23 -7.26 4.49
CA VAL A 6 0.33 -5.90 4.01
C VAL A 6 -1.04 -5.22 3.97
N ILE A 7 -1.10 -3.99 4.47
CA ILE A 7 -2.34 -3.23 4.49
C ILE A 7 -2.41 -2.25 3.32
N MET A 8 -3.55 -2.25 2.62
CA MET A 8 -3.74 -1.35 1.48
C MET A 8 -4.24 0.00 1.96
N VAL A 9 -3.32 0.95 2.13
CA VAL A 9 -3.67 2.29 2.58
C VAL A 9 -4.11 3.16 1.41
N GLY A 10 -4.70 4.31 1.73
CA GLY A 10 -5.15 5.22 0.70
C GLY A 10 -5.93 6.40 1.26
N SER A 11 -6.19 7.39 0.40
CA SER A 11 -6.93 8.57 0.81
C SER A 11 -8.30 8.19 1.33
N GLY A 12 -9.15 7.70 0.42
CA GLY A 12 -10.50 7.30 0.80
C GLY A 12 -11.30 6.83 -0.41
N GLY A 13 -10.97 7.36 -1.58
CA GLY A 13 -11.66 6.98 -2.80
C GLY A 13 -10.74 6.95 -4.01
N VAL A 14 -9.52 6.44 -3.80
CA VAL A 14 -8.54 6.35 -4.87
C VAL A 14 -8.68 5.04 -5.63
N GLY A 15 -8.46 3.93 -4.93
CA GLY A 15 -8.58 2.62 -5.56
C GLY A 15 -7.56 1.63 -5.03
N LYS A 16 -7.39 1.60 -3.72
CA LYS A 16 -6.44 0.69 -3.07
C LYS A 16 -6.72 -0.75 -3.48
N SER A 17 -8.01 -1.08 -3.61
CA SER A 17 -8.44 -2.42 -4.00
C SER A 17 -8.03 -2.73 -5.45
N ALA A 18 -7.96 -1.69 -6.27
CA ALA A 18 -7.60 -1.84 -7.67
C ALA A 18 -6.20 -2.42 -7.78
N LEU A 19 -5.26 -1.78 -7.10
CA LEU A 19 -3.88 -2.25 -7.08
C LEU A 19 -3.86 -3.65 -6.51
N THR A 20 -4.88 -3.94 -5.70
CA THR A 20 -5.00 -5.24 -5.06
C THR A 20 -5.43 -6.33 -6.04
N LEU A 21 -6.41 -6.00 -6.88
CA LEU A 21 -6.92 -6.95 -7.87
C LEU A 21 -5.92 -7.19 -8.98
N GLN A 22 -5.23 -6.13 -9.39
CA GLN A 22 -4.24 -6.24 -10.47
C GLN A 22 -3.14 -7.22 -10.10
N PHE A 23 -2.76 -7.23 -8.83
CA PHE A 23 -1.71 -8.13 -8.36
C PHE A 23 -2.21 -9.57 -8.28
N MET A 24 -3.53 -9.74 -8.13
CA MET A 24 -4.12 -11.07 -8.01
C MET A 24 -4.34 -11.75 -9.36
N TYR A 25 -4.96 -11.05 -10.31
CA TYR A 25 -5.25 -11.64 -11.62
C TYR A 25 -4.38 -11.07 -12.74
N ASP A 26 -3.65 -9.99 -12.45
CA ASP A 26 -2.78 -9.38 -13.45
C ASP A 26 -3.60 -8.90 -14.64
N GLU A 27 -4.84 -8.50 -14.38
CA GLU A 27 -5.73 -8.03 -15.43
C GLU A 27 -6.67 -6.94 -14.90
N PHE A 28 -7.10 -6.05 -15.80
CA PHE A 28 -7.99 -4.97 -15.41
C PHE A 28 -9.45 -5.39 -15.56
N VAL A 29 -10.11 -5.63 -14.44
CA VAL A 29 -11.51 -6.05 -14.43
C VAL A 29 -12.31 -5.25 -13.41
N GLU A 30 -13.60 -5.07 -13.68
CA GLU A 30 -14.48 -4.32 -12.78
C GLU A 30 -15.52 -5.24 -12.16
N ASP A 31 -15.47 -5.38 -10.84
CA ASP A 31 -16.41 -6.22 -10.12
C ASP A 31 -16.96 -5.51 -8.88
N TYR A 32 -16.08 -4.79 -8.19
CA TYR A 32 -16.46 -4.05 -6.99
C TYR A 32 -17.04 -4.99 -5.93
N GLU A 33 -16.20 -5.36 -4.95
CA GLU A 33 -16.61 -6.25 -3.88
C GLU A 33 -15.97 -5.84 -2.56
N PRO A 34 -16.71 -5.11 -1.69
CA PRO A 34 -16.19 -4.68 -0.39
C PRO A 34 -15.74 -5.85 0.47
N THR A 35 -14.87 -5.58 1.43
CA THR A 35 -14.36 -6.61 2.33
C THR A 35 -14.84 -6.40 3.76
N LYS A 36 -14.88 -7.49 4.52
CA LYS A 36 -15.31 -7.43 5.91
C LYS A 36 -14.25 -8.05 6.82
N ALA A 37 -13.59 -9.10 6.31
CA ALA A 37 -12.56 -9.80 7.06
C ALA A 37 -11.84 -10.81 6.18
N ASP A 38 -12.35 -10.99 4.97
CA ASP A 38 -11.76 -11.94 4.02
C ASP A 38 -10.55 -11.32 3.32
N SER A 39 -9.46 -12.08 3.26
CA SER A 39 -8.24 -11.60 2.61
C SER A 39 -7.72 -12.63 1.60
N TYR A 40 -6.64 -12.26 0.92
CA TYR A 40 -6.05 -13.14 -0.08
C TYR A 40 -4.76 -13.77 0.45
N ARG A 41 -4.45 -14.97 -0.02
CA ARG A 41 -3.25 -15.68 0.39
C ARG A 41 -2.66 -16.48 -0.76
N LYS A 42 -1.37 -16.29 -0.99
CA LYS A 42 -0.67 -17.00 -2.07
C LYS A 42 0.82 -17.08 -1.78
N LYS A 43 1.41 -18.24 -2.09
CA LYS A 43 2.84 -18.44 -1.86
C LYS A 43 3.67 -17.93 -3.03
N VAL A 44 4.64 -17.07 -2.73
CA VAL A 44 5.51 -16.51 -3.74
C VAL A 44 6.96 -16.55 -3.30
N VAL A 45 7.85 -16.93 -4.22
CA VAL A 45 9.28 -17.00 -3.93
C VAL A 45 9.86 -15.62 -3.67
N LEU A 46 10.63 -15.51 -2.59
CA LEU A 46 11.25 -14.24 -2.21
C LEU A 46 12.72 -14.45 -1.84
N ASP A 47 13.62 -14.02 -2.72
CA ASP A 47 15.05 -14.15 -2.49
C ASP A 47 15.43 -15.60 -2.23
N GLY A 48 14.70 -16.52 -2.85
CA GLY A 48 14.97 -17.94 -2.68
C GLY A 48 14.03 -18.60 -1.70
N GLU A 49 13.54 -17.83 -0.73
CA GLU A 49 12.63 -18.37 0.28
C GLU A 49 11.19 -17.95 -0.03
N GLU A 50 10.35 -18.94 -0.32
CA GLU A 50 8.95 -18.68 -0.63
C GLU A 50 8.16 -18.34 0.63
N VAL A 51 7.61 -17.14 0.68
CA VAL A 51 6.83 -16.69 1.82
C VAL A 51 5.40 -16.39 1.43
N GLN A 52 4.48 -16.62 2.37
CA GLN A 52 3.06 -16.38 2.14
C GLN A 52 2.72 -14.91 2.35
N ILE A 53 2.04 -14.32 1.38
CA ILE A 53 1.64 -12.92 1.46
C ILE A 53 0.14 -12.78 1.67
N ASP A 54 -0.25 -11.86 2.55
CA ASP A 54 -1.66 -11.62 2.84
C ASP A 54 -2.05 -10.19 2.52
N ILE A 55 -2.91 -10.02 1.52
CA ILE A 55 -3.37 -8.70 1.10
C ILE A 55 -4.85 -8.52 1.36
N LEU A 56 -5.22 -7.39 1.96
CA LEU A 56 -6.62 -7.11 2.26
C LEU A 56 -7.15 -6.00 1.35
N ASP A 57 -8.34 -6.22 0.81
CA ASP A 57 -8.97 -5.24 -0.08
C ASP A 57 -9.14 -3.90 0.61
N THR A 58 -9.60 -3.94 1.86
CA THR A 58 -9.82 -2.73 2.66
C THR A 58 -10.68 -1.72 1.91
N ALA A 59 -10.82 -0.53 2.48
CA ALA A 59 -11.62 0.53 1.87
C ALA A 59 -11.53 1.81 2.69
N GLY A 60 -12.30 2.82 2.28
CA GLY A 60 -12.30 4.09 2.99
C GLY A 60 -12.71 3.92 4.44
N LEU A 61 -11.72 3.92 5.34
CA LEU A 61 -11.98 3.75 6.76
C LEU A 61 -12.39 5.08 7.41
N GLU A 62 -12.87 6.01 6.59
CA GLU A 62 -13.29 7.32 7.08
C GLU A 62 -14.73 7.26 7.59
N ASP A 63 -15.22 6.05 7.86
CA ASP A 63 -16.59 5.86 8.33
C ASP A 63 -16.60 5.42 9.80
N TYR A 64 -15.88 4.34 10.09
CA TYR A 64 -15.82 3.80 11.45
C TYR A 64 -15.30 4.86 12.43
N ALA A 65 -15.69 4.72 13.69
CA ALA A 65 -15.27 5.66 14.73
C ALA A 65 -13.82 5.40 15.16
N ALA A 66 -13.53 4.15 15.53
CA ALA A 66 -12.18 3.78 15.96
C ALA A 66 -11.79 2.43 15.39
N ILE A 67 -12.72 1.77 14.72
CA ILE A 67 -12.47 0.47 14.12
C ILE A 67 -11.48 0.59 12.97
N ARG A 68 -11.33 1.79 12.43
CA ARG A 68 -10.41 2.04 11.33
C ARG A 68 -8.99 1.66 11.71
N ASP A 69 -8.63 1.93 12.97
CA ASP A 69 -7.30 1.62 13.47
C ASP A 69 -7.10 0.12 13.59
N ASN A 70 -8.19 -0.59 13.87
CA ASN A 70 -8.16 -2.04 14.02
C ASN A 70 -7.54 -2.71 12.80
N TYR A 71 -7.78 -2.13 11.62
CA TYR A 71 -7.25 -2.68 10.37
C TYR A 71 -5.73 -2.59 10.33
N PHE A 72 -5.19 -1.45 10.72
CA PHE A 72 -3.75 -1.25 10.72
C PHE A 72 -3.08 -2.16 11.75
N ARG A 73 -3.79 -2.42 12.83
CA ARG A 73 -3.27 -3.27 13.90
C ARG A 73 -3.36 -4.75 13.52
N SER A 74 -4.02 -5.03 12.40
CA SER A 74 -4.19 -6.40 11.92
C SER A 74 -3.13 -6.74 10.87
N GLY A 75 -2.19 -5.83 10.66
CA GLY A 75 -1.14 -6.05 9.68
C GLY A 75 0.21 -5.58 10.16
N GLU A 76 1.27 -5.98 9.46
CA GLU A 76 2.63 -5.59 9.82
C GLU A 76 3.18 -4.55 8.84
N GLY A 77 2.88 -4.75 7.55
CA GLY A 77 3.36 -3.83 6.54
C GLY A 77 2.30 -2.81 6.13
N PHE A 78 2.74 -1.70 5.55
CA PHE A 78 1.82 -0.66 5.12
C PHE A 78 2.19 -0.16 3.72
N LEU A 79 1.19 0.01 2.86
CA LEU A 79 1.42 0.48 1.50
C LEU A 79 0.48 1.64 1.17
N LEU A 80 1.03 2.85 1.11
CA LEU A 80 0.24 4.04 0.79
C LEU A 80 0.09 4.19 -0.72
N VAL A 81 -1.12 4.57 -1.15
CA VAL A 81 -1.38 4.75 -2.58
C VAL A 81 -2.31 5.94 -2.83
N PHE A 82 -1.93 6.80 -3.77
CA PHE A 82 -2.74 7.96 -4.12
C PHE A 82 -2.77 8.16 -5.64
N SER A 83 -3.79 8.86 -6.13
CA SER A 83 -3.93 9.11 -7.56
C SER A 83 -3.42 10.49 -7.94
N ILE A 84 -2.82 10.57 -9.12
CA ILE A 84 -2.28 11.84 -9.61
C ILE A 84 -3.40 12.74 -10.13
N THR A 85 -4.42 12.11 -10.73
CA THR A 85 -5.56 12.84 -11.27
C THR A 85 -6.37 13.50 -10.15
N GLU A 86 -6.06 13.13 -8.91
CA GLU A 86 -6.75 13.69 -7.75
C GLU A 86 -5.74 14.13 -6.69
N HIS A 87 -5.48 15.44 -6.64
CA HIS A 87 -4.54 16.01 -5.69
C HIS A 87 -5.02 15.80 -4.25
N GLU A 88 -6.29 15.47 -4.10
CA GLU A 88 -6.88 15.26 -2.78
C GLU A 88 -6.39 13.95 -2.16
N SER A 89 -6.01 13.01 -3.02
CA SER A 89 -5.53 11.71 -2.55
C SER A 89 -4.19 11.85 -1.83
N PHE A 90 -3.23 12.46 -2.50
CA PHE A 90 -1.90 12.66 -1.93
C PHE A 90 -1.96 13.30 -0.54
N THR A 91 -2.89 14.24 -0.37
CA THR A 91 -3.04 14.95 0.90
C THR A 91 -3.64 14.05 1.99
N ALA A 92 -4.80 13.45 1.70
CA ALA A 92 -5.47 12.58 2.66
C ALA A 92 -4.57 11.42 3.06
N THR A 93 -3.96 10.79 2.06
CA THR A 93 -3.07 9.66 2.29
C THR A 93 -1.98 10.04 3.29
N ALA A 94 -1.59 11.31 3.27
CA ALA A 94 -0.56 11.80 4.17
C ALA A 94 -0.99 11.69 5.63
N GLU A 95 -2.28 11.87 5.88
CA GLU A 95 -2.82 11.77 7.23
C GLU A 95 -2.59 10.37 7.79
N PHE A 96 -2.96 9.36 7.01
CA PHE A 96 -2.80 7.97 7.41
C PHE A 96 -1.35 7.66 7.77
N ARG A 97 -0.42 8.30 7.06
CA ARG A 97 1.01 8.08 7.31
C ARG A 97 1.34 8.24 8.79
N GLU A 98 0.89 9.34 9.38
CA GLU A 98 1.13 9.59 10.80
C GLU A 98 0.32 8.64 11.68
N GLN A 99 -0.89 8.34 11.25
CA GLN A 99 -1.77 7.45 12.00
C GLN A 99 -1.20 6.04 12.08
N ILE A 100 -0.39 5.67 11.10
CA ILE A 100 0.23 4.35 11.08
C ILE A 100 1.16 4.17 12.28
N LEU A 101 1.93 5.21 12.59
CA LEU A 101 2.84 5.17 13.72
C LEU A 101 2.08 5.11 15.04
N ARG A 102 0.89 5.70 15.06
CA ARG A 102 0.06 5.73 16.27
C ARG A 102 -0.36 4.33 16.69
N VAL A 103 -0.90 3.56 15.74
CA VAL A 103 -1.35 2.20 16.03
C VAL A 103 -0.18 1.29 16.35
N LYS A 104 1.03 1.77 16.07
CA LYS A 104 2.24 0.99 16.32
C LYS A 104 3.17 1.75 17.28
N ALA A 105 2.58 2.46 18.23
CA ALA A 105 3.36 3.23 19.20
C ALA A 105 4.26 2.32 20.02
N GLU A 106 4.01 1.02 19.94
CA GLU A 106 4.81 0.03 20.68
C GLU A 106 5.87 -0.57 19.79
N GLU A 107 5.65 -0.54 18.48
CA GLU A 107 6.60 -1.08 17.51
C GLU A 107 7.51 0.02 16.97
N ASP A 108 8.78 -0.33 16.79
CA ASP A 108 9.75 0.63 16.27
C ASP A 108 9.92 0.48 14.77
N LYS A 109 10.12 -0.76 14.32
CA LYS A 109 10.29 -1.04 12.90
C LYS A 109 8.95 -0.99 12.17
N ILE A 110 8.75 0.06 11.38
CA ILE A 110 7.51 0.22 10.63
C ILE A 110 7.79 0.31 9.13
N PRO A 111 7.52 -0.79 8.38
CA PRO A 111 7.74 -0.83 6.93
C PRO A 111 6.65 -0.10 6.17
N LEU A 112 7.04 0.88 5.36
CA LEU A 112 6.09 1.66 4.58
C LEU A 112 6.58 1.85 3.14
N LEU A 113 5.66 2.19 2.25
CA LEU A 113 5.99 2.40 0.85
C LEU A 113 4.84 3.12 0.14
N VAL A 114 5.15 4.21 -0.54
CA VAL A 114 4.14 4.99 -1.24
C VAL A 114 4.15 4.69 -2.74
N VAL A 115 2.97 4.66 -3.34
CA VAL A 115 2.81 4.40 -4.77
C VAL A 115 1.73 5.27 -5.37
N GLY A 116 1.80 5.50 -6.68
CA GLY A 116 0.81 6.33 -7.35
C GLY A 116 0.23 5.64 -8.58
N ASN A 117 -1.09 5.57 -8.66
CA ASN A 117 -1.75 4.96 -9.79
C ASN A 117 -2.17 6.03 -10.79
N LYS A 118 -2.96 5.63 -11.78
CA LYS A 118 -3.43 6.54 -12.82
C LYS A 118 -2.25 7.15 -13.59
N SER A 119 -1.07 6.55 -13.42
CA SER A 119 0.13 7.04 -14.09
C SER A 119 -0.01 6.95 -15.61
N ASP A 120 -1.00 6.20 -16.07
CA ASP A 120 -1.24 6.04 -17.50
C ASP A 120 -1.55 7.38 -18.15
N LEU A 121 -1.87 8.37 -17.32
CA LEU A 121 -2.19 9.71 -17.81
C LEU A 121 -1.06 10.68 -17.48
N GLU A 122 -0.02 10.68 -18.30
CA GLU A 122 1.13 11.57 -18.09
C GLU A 122 0.77 13.01 -18.42
N GLU A 123 -0.32 13.19 -19.16
CA GLU A 123 -0.76 14.53 -19.56
C GLU A 123 -1.76 15.09 -18.55
N ARG A 124 -2.38 14.20 -17.77
CA ARG A 124 -3.36 14.61 -16.76
C ARG A 124 -2.77 14.49 -15.36
N ARG A 125 -1.45 14.58 -15.27
CA ARG A 125 -0.78 14.48 -13.98
C ARG A 125 -0.51 15.87 -13.40
N GLN A 126 -1.21 16.19 -12.31
CA GLN A 126 -1.06 17.49 -11.65
C GLN A 126 0.11 17.48 -10.67
N VAL A 127 0.35 16.31 -10.06
CA VAL A 127 1.43 16.17 -9.09
C VAL A 127 2.68 15.59 -9.74
N PRO A 128 3.73 16.40 -9.94
CA PRO A 128 4.98 15.91 -10.54
C PRO A 128 5.61 14.83 -9.69
N VAL A 129 5.99 13.72 -10.33
CA VAL A 129 6.59 12.60 -9.62
C VAL A 129 7.71 13.07 -8.70
N GLU A 130 8.56 13.95 -9.21
CA GLU A 130 9.68 14.49 -8.43
C GLU A 130 9.20 15.10 -7.13
N GLU A 131 8.17 15.94 -7.22
CA GLU A 131 7.61 16.60 -6.04
C GLU A 131 7.06 15.57 -5.05
N ALA A 132 6.43 14.53 -5.60
CA ALA A 132 5.84 13.48 -4.76
C ALA A 132 6.94 12.65 -4.08
N ARG A 133 8.09 12.56 -4.72
CA ARG A 133 9.22 11.80 -4.16
C ARG A 133 9.86 12.56 -3.00
N SER A 134 9.96 13.87 -3.14
CA SER A 134 10.55 14.71 -2.11
C SER A 134 9.76 14.64 -0.82
N LYS A 135 8.45 14.84 -0.92
CA LYS A 135 7.57 14.80 0.25
C LYS A 135 7.51 13.39 0.84
N ALA A 136 7.40 12.40 -0.02
CA ALA A 136 7.34 11.01 0.41
C ALA A 136 8.63 10.58 1.10
N GLU A 137 9.74 11.14 0.64
CA GLU A 137 11.06 10.82 1.19
C GLU A 137 11.11 11.20 2.67
N GLU A 138 10.39 12.26 3.03
CA GLU A 138 10.36 12.73 4.41
C GLU A 138 9.94 11.61 5.35
N TRP A 139 8.98 10.79 4.90
CA TRP A 139 8.48 9.68 5.71
C TRP A 139 9.53 8.58 5.83
N GLY A 140 10.49 8.56 4.91
CA GLY A 140 11.53 7.56 4.93
C GLY A 140 11.32 6.47 3.90
N VAL A 141 10.52 6.78 2.88
CA VAL A 141 10.23 5.81 1.83
C VAL A 141 10.51 6.40 0.45
N GLN A 142 10.36 5.57 -0.58
CA GLN A 142 10.57 5.99 -1.96
C GLN A 142 9.26 5.85 -2.74
N TYR A 143 8.89 6.91 -3.44
CA TYR A 143 7.66 6.90 -4.23
C TYR A 143 7.93 6.52 -5.68
N VAL A 144 7.02 5.72 -6.24
CA VAL A 144 7.14 5.28 -7.62
C VAL A 144 5.80 5.38 -8.35
N GLU A 145 5.88 5.60 -9.66
CA GLU A 145 4.68 5.73 -10.48
C GLU A 145 4.26 4.38 -11.03
N THR A 146 2.95 4.14 -11.11
CA THR A 146 2.42 2.88 -11.61
C THR A 146 1.07 3.07 -12.30
N SER A 147 0.76 2.16 -13.22
CA SER A 147 -0.50 2.21 -13.95
C SER A 147 -1.32 0.97 -13.67
N ALA A 148 -2.42 1.14 -12.94
CA ALA A 148 -3.29 0.02 -12.58
C ALA A 148 -3.99 -0.54 -13.81
N LYS A 149 -3.87 0.17 -14.93
CA LYS A 149 -4.50 -0.27 -16.18
C LYS A 149 -3.57 -1.19 -16.95
N THR A 150 -2.26 -0.93 -16.86
CA THR A 150 -1.28 -1.74 -17.55
C THR A 150 -0.62 -2.74 -16.61
N ARG A 151 -0.90 -2.60 -15.31
CA ARG A 151 -0.35 -3.47 -14.27
C ARG A 151 1.08 -3.90 -14.59
N ALA A 152 1.86 -2.98 -15.16
CA ALA A 152 3.24 -3.25 -15.52
C ALA A 152 4.18 -3.20 -14.31
N ASN A 153 4.17 -2.07 -13.61
CA ASN A 153 5.04 -1.90 -12.43
C ASN A 153 4.25 -1.91 -11.13
N VAL A 154 2.99 -2.33 -11.19
CA VAL A 154 2.14 -2.39 -10.01
C VAL A 154 2.63 -3.48 -9.05
N ASP A 155 2.99 -4.64 -9.60
CA ASP A 155 3.46 -5.74 -8.79
C ASP A 155 4.86 -5.46 -8.26
N LYS A 156 5.51 -4.45 -8.83
CA LYS A 156 6.85 -4.06 -8.43
C LYS A 156 6.85 -3.45 -7.03
N VAL A 157 5.76 -2.75 -6.70
CA VAL A 157 5.65 -2.11 -5.40
C VAL A 157 5.34 -3.12 -4.30
N PHE A 158 4.70 -4.22 -4.68
CA PHE A 158 4.34 -5.27 -3.73
C PHE A 158 5.59 -6.03 -3.28
N PHE A 159 6.43 -6.40 -4.26
CA PHE A 159 7.66 -7.11 -3.97
C PHE A 159 8.65 -6.22 -3.24
N ASP A 160 8.68 -4.95 -3.63
CA ASP A 160 9.59 -3.99 -3.01
C ASP A 160 9.33 -3.87 -1.51
N LEU A 161 8.08 -3.61 -1.15
CA LEU A 161 7.70 -3.48 0.24
C LEU A 161 7.87 -4.80 0.99
N MET A 162 7.59 -5.90 0.30
CA MET A 162 7.71 -7.23 0.89
C MET A 162 9.13 -7.46 1.42
N ARG A 163 10.12 -7.05 0.65
CA ARG A 163 11.52 -7.21 1.05
C ARG A 163 11.86 -6.33 2.24
N GLU A 164 11.25 -5.15 2.29
CA GLU A 164 11.48 -4.21 3.37
C GLU A 164 10.96 -4.76 4.70
N ILE A 165 9.87 -5.52 4.63
CA ILE A 165 9.26 -6.09 5.82
C ILE A 165 10.10 -7.24 6.37
N ARG A 166 10.38 -8.23 5.53
CA ARG A 166 11.16 -9.39 5.93
C ARG A 166 12.53 -8.99 6.48
N THR A 167 13.04 -7.86 5.99
CA THR A 167 14.34 -7.38 6.44
C THR A 167 14.24 -6.49 7.68
N LYS A 168 13.51 -5.38 7.56
CA LYS A 168 13.36 -4.44 8.66
C LYS A 168 12.47 -4.96 9.80
N LYS A 169 11.26 -5.38 9.47
CA LYS A 169 10.32 -5.89 10.47
C LYS A 169 10.90 -7.07 11.24
N MET A 170 11.60 -7.96 10.54
CA MET A 170 12.18 -9.15 11.17
C MET A 170 13.49 -8.83 11.90
N SER A 171 14.08 -7.68 11.61
CA SER A 171 15.34 -7.30 12.25
C SER A 171 15.14 -7.11 13.75
N GLU A 172 14.25 -6.19 14.11
CA GLU A 172 13.96 -5.90 15.51
C GLU A 172 15.23 -5.59 16.29
N ASN A 173 15.59 -4.32 16.36
CA ASN A 173 16.80 -3.90 17.07
C ASN A 173 16.83 -2.37 17.19
N LYS A 174 17.83 -1.87 17.92
CA LYS A 174 17.98 -0.43 18.11
C LYS A 174 18.58 0.21 16.87
PG GNP B . -13.89 2.22 -1.80
O1G GNP B . -15.26 2.62 -1.40
O2G GNP B . -13.71 0.65 -1.77
O3G GNP B . -12.78 2.95 -0.91
N3B GNP B . -13.55 2.66 -3.39
PB GNP B . -11.91 2.82 -3.64
O1B GNP B . -11.36 3.82 -2.68
O2B GNP B . -11.28 1.47 -3.71
O3A GNP B . -11.87 3.46 -5.10
PA GNP B . -12.34 2.61 -6.36
O1A GNP B . -11.55 1.35 -6.41
O2A GNP B . -13.82 2.53 -6.35
O5' GNP B . -11.89 3.54 -7.58
C5' GNP B . -10.85 3.13 -8.46
C4' GNP B . -11.30 3.25 -9.89
O4' GNP B . -10.52 4.28 -10.55
C3' GNP B . -11.10 2.00 -10.75
O3' GNP B . -12.25 1.16 -10.70
C2' GNP B . -10.87 2.57 -12.15
O2' GNP B . -12.08 2.93 -12.78
C1' GNP B . -10.08 3.83 -11.82
N9 GNP B . -8.63 3.62 -11.76
C8 GNP B . -7.89 3.30 -10.65
N7 GNP B . -6.62 3.19 -10.89
C5 GNP B . -6.51 3.44 -12.25
C6 GNP B . -5.37 3.47 -13.10
O6 GNP B . -4.19 3.26 -12.81
N1 GNP B . -5.70 3.77 -14.42
C2 GNP B . -6.98 4.03 -14.85
N2 GNP B . -7.11 4.31 -16.15
N3 GNP B . -8.06 4.01 -14.07
C4 GNP B . -7.74 3.72 -12.80
HNB3 GNP B . -14.01 3.50 -3.59
H5'2 GNP B . -10.58 2.09 -8.26
H5'1 GNP B . -9.97 3.76 -8.31
H4' GNP B . -12.38 3.45 -9.89
H3' GNP B . -10.27 1.40 -10.39
HO3' GNP B . -12.97 1.70 -10.38
H2' GNP B . -10.28 1.88 -12.75
HO2' GNP B . -12.23 2.30 -13.48
H1' GNP B . -10.27 4.63 -12.53
H8 GNP B . -8.32 3.16 -9.67
HN1 GNP B . -4.96 3.82 -15.10
HN21 GNP B . -8.03 4.52 -16.55
HN22 GNP B . -6.30 4.33 -16.75
MG MG C . -12.28 -0.52 -3.14
N LEU A 1 8.53 -21.04 6.24
CA LEU A 1 7.78 -19.98 5.54
C LEU A 1 7.24 -18.95 6.52
N ALA A 2 7.32 -17.68 6.14
CA ALA A 2 6.83 -16.59 6.98
C ALA A 2 5.49 -16.07 6.47
N LEU A 3 4.92 -15.12 7.20
CA LEU A 3 3.64 -14.54 6.81
C LEU A 3 3.68 -13.01 6.87
N HIS A 4 3.69 -12.38 5.70
CA HIS A 4 3.73 -10.92 5.64
C HIS A 4 2.36 -10.36 5.27
N LYS A 5 1.77 -9.61 6.20
CA LYS A 5 0.44 -9.02 5.97
C LYS A 5 0.56 -7.59 5.44
N VAL A 6 0.07 -7.38 4.23
CA VAL A 6 0.11 -6.07 3.60
C VAL A 6 -1.28 -5.43 3.58
N ILE A 7 -1.36 -4.19 4.06
CA ILE A 7 -2.62 -3.46 4.09
C ILE A 7 -2.64 -2.36 3.03
N MET A 8 -3.75 -2.30 2.28
CA MET A 8 -3.90 -1.29 1.25
C MET A 8 -4.40 0.03 1.83
N VAL A 9 -3.48 0.83 2.36
CA VAL A 9 -3.84 2.12 2.93
C VAL A 9 -3.76 3.22 1.88
N GLY A 10 -4.55 4.27 2.10
CA GLY A 10 -4.57 5.38 1.16
C GLY A 10 -5.44 6.52 1.62
N SER A 11 -5.83 7.37 0.68
CA SER A 11 -6.67 8.52 0.99
C SER A 11 -8.05 8.08 1.45
N GLY A 12 -8.64 7.14 0.71
CA GLY A 12 -9.95 6.64 1.05
C GLY A 12 -10.77 6.32 -0.19
N GLY A 13 -10.24 6.69 -1.36
CA GLY A 13 -10.93 6.43 -2.60
C GLY A 13 -10.08 6.73 -3.82
N VAL A 14 -9.12 5.84 -4.09
CA VAL A 14 -8.23 6.00 -5.24
C VAL A 14 -8.18 4.72 -6.06
N GLY A 15 -8.54 3.60 -5.43
CA GLY A 15 -8.54 2.33 -6.13
C GLY A 15 -7.47 1.39 -5.62
N LYS A 16 -7.38 1.22 -4.30
CA LYS A 16 -6.38 0.34 -3.70
C LYS A 16 -6.57 -1.09 -4.20
N SER A 17 -7.82 -1.52 -4.23
CA SER A 17 -8.19 -2.86 -4.69
C SER A 17 -7.70 -3.11 -6.11
N ALA A 18 -7.61 -2.04 -6.89
CA ALA A 18 -7.16 -2.13 -8.27
C ALA A 18 -5.76 -2.70 -8.33
N LEU A 19 -4.86 -2.10 -7.56
CA LEU A 19 -3.49 -2.58 -7.50
C LEU A 19 -3.50 -3.99 -6.94
N THR A 20 -4.54 -4.29 -6.20
CA THR A 20 -4.70 -5.59 -5.58
C THR A 20 -5.08 -6.67 -6.60
N LEU A 21 -5.98 -6.31 -7.52
CA LEU A 21 -6.43 -7.23 -8.55
C LEU A 21 -5.35 -7.51 -9.59
N GLN A 22 -4.59 -6.47 -9.94
CA GLN A 22 -3.54 -6.61 -10.94
C GLN A 22 -2.41 -7.52 -10.43
N PHE A 23 -2.22 -7.56 -9.12
CA PHE A 23 -1.18 -8.39 -8.53
C PHE A 23 -1.55 -9.88 -8.57
N MET A 24 -2.73 -10.20 -8.05
CA MET A 24 -3.19 -11.59 -7.98
C MET A 24 -3.82 -12.07 -9.29
N TYR A 25 -4.75 -11.29 -9.83
CA TYR A 25 -5.44 -11.66 -11.06
C TYR A 25 -4.72 -11.17 -12.31
N ASP A 26 -3.94 -10.09 -12.18
CA ASP A 26 -3.21 -9.53 -13.32
C ASP A 26 -4.19 -9.18 -14.44
N GLU A 27 -5.32 -8.58 -14.06
CA GLU A 27 -6.34 -8.21 -15.03
C GLU A 27 -7.13 -6.99 -14.56
N PHE A 28 -7.46 -6.10 -15.50
CA PHE A 28 -8.22 -4.89 -15.19
C PHE A 28 -9.71 -5.10 -15.45
N VAL A 29 -10.48 -5.23 -14.38
CA VAL A 29 -11.92 -5.45 -14.51
C VAL A 29 -12.70 -4.54 -13.55
N GLU A 30 -13.92 -4.19 -13.93
CA GLU A 30 -14.76 -3.33 -13.11
C GLU A 30 -15.49 -4.14 -12.03
N ASP A 31 -15.14 -5.42 -11.92
CA ASP A 31 -15.76 -6.28 -10.93
C ASP A 31 -14.95 -6.32 -9.64
N TYR A 32 -15.65 -6.31 -8.51
CA TYR A 32 -15.00 -6.34 -7.20
C TYR A 32 -15.85 -7.11 -6.19
N GLU A 33 -15.28 -7.35 -5.01
CA GLU A 33 -15.99 -8.07 -3.96
C GLU A 33 -15.92 -7.30 -2.64
N PRO A 34 -17.09 -6.99 -2.03
CA PRO A 34 -17.15 -6.25 -0.76
C PRO A 34 -16.34 -6.94 0.34
N THR A 35 -15.38 -6.21 0.91
CA THR A 35 -14.55 -6.74 1.97
C THR A 35 -15.14 -6.42 3.34
N LYS A 36 -15.13 -7.41 4.23
CA LYS A 36 -15.67 -7.23 5.58
C LYS A 36 -14.68 -7.73 6.63
N ALA A 37 -14.14 -8.93 6.39
CA ALA A 37 -13.18 -9.52 7.31
C ALA A 37 -12.38 -10.63 6.64
N ASP A 38 -12.83 -11.04 5.46
CA ASP A 38 -12.16 -12.10 4.71
C ASP A 38 -10.89 -11.58 4.05
N SER A 39 -9.81 -12.35 4.17
CA SER A 39 -8.53 -11.96 3.59
C SER A 39 -8.07 -13.00 2.57
N TYR A 40 -6.97 -12.69 1.87
CA TYR A 40 -6.44 -13.60 0.85
C TYR A 40 -5.06 -14.11 1.26
N ARG A 41 -4.66 -15.24 0.69
CA ARG A 41 -3.35 -15.83 0.98
C ARG A 41 -2.76 -16.47 -0.28
N LYS A 42 -1.46 -16.28 -0.48
CA LYS A 42 -0.78 -16.83 -1.63
C LYS A 42 0.71 -17.06 -1.34
N LYS A 43 1.32 -17.98 -2.08
CA LYS A 43 2.73 -18.30 -1.89
C LYS A 43 3.55 -17.91 -3.12
N VAL A 44 4.56 -17.08 -2.91
CA VAL A 44 5.43 -16.64 -4.00
C VAL A 44 6.89 -16.61 -3.56
N VAL A 45 7.78 -16.89 -4.51
CA VAL A 45 9.22 -16.91 -4.23
C VAL A 45 9.79 -15.50 -4.19
N LEU A 46 10.78 -15.29 -3.33
CA LEU A 46 11.41 -13.98 -3.20
C LEU A 46 12.88 -14.13 -2.82
N ASP A 47 13.77 -13.76 -3.75
CA ASP A 47 15.20 -13.85 -3.52
C ASP A 47 15.61 -15.28 -3.18
N GLY A 48 14.87 -16.24 -3.73
CA GLY A 48 15.16 -17.64 -3.48
C GLY A 48 14.39 -18.18 -2.29
N GLU A 49 13.91 -17.28 -1.43
CA GLU A 49 13.15 -17.66 -0.25
C GLU A 49 11.67 -17.34 -0.42
N GLU A 50 10.85 -18.39 -0.46
CA GLU A 50 9.41 -18.22 -0.62
C GLU A 50 8.75 -17.81 0.70
N VAL A 51 7.74 -16.98 0.62
CA VAL A 51 7.03 -16.52 1.80
C VAL A 51 5.54 -16.30 1.51
N GLN A 52 4.73 -16.41 2.55
CA GLN A 52 3.28 -16.24 2.42
C GLN A 52 2.91 -14.76 2.41
N ILE A 53 1.91 -14.42 1.60
CA ILE A 53 1.45 -13.03 1.50
C ILE A 53 -0.04 -12.92 1.80
N ASP A 54 -0.39 -11.96 2.64
CA ASP A 54 -1.79 -11.75 3.03
C ASP A 54 -2.23 -10.34 2.63
N ILE A 55 -3.20 -10.26 1.72
CA ILE A 55 -3.71 -8.98 1.26
C ILE A 55 -5.12 -8.73 1.76
N LEU A 56 -5.33 -7.56 2.38
CA LEU A 56 -6.63 -7.19 2.91
C LEU A 56 -7.05 -5.84 2.34
N ASP A 57 -8.11 -5.84 1.54
CA ASP A 57 -8.61 -4.61 0.93
C ASP A 57 -9.43 -3.80 1.93
N THR A 58 -8.96 -2.60 2.24
CA THR A 58 -9.66 -1.73 3.19
C THR A 58 -10.42 -0.64 2.46
N ALA A 59 -11.75 -0.65 2.62
CA ALA A 59 -12.60 0.35 1.98
C ALA A 59 -12.32 1.74 2.52
N GLY A 60 -13.10 2.72 2.05
CA GLY A 60 -12.91 4.09 2.49
C GLY A 60 -13.09 4.25 3.99
N LEU A 61 -11.96 4.24 4.72
CA LEU A 61 -12.00 4.39 6.17
C LEU A 61 -12.20 5.85 6.57
N GLU A 62 -12.44 6.71 5.58
CA GLU A 62 -12.65 8.13 5.83
C GLU A 62 -13.70 8.36 6.91
N ASP A 63 -14.65 7.43 7.01
CA ASP A 63 -15.72 7.54 8.01
C ASP A 63 -15.35 6.77 9.27
N TYR A 64 -16.36 6.28 9.99
CA TYR A 64 -16.15 5.52 11.22
C TYR A 64 -15.58 6.41 12.32
N ALA A 65 -15.80 6.02 13.57
CA ALA A 65 -15.31 6.78 14.71
C ALA A 65 -13.83 6.56 14.94
N ALA A 66 -13.42 5.30 15.06
CA ALA A 66 -12.02 4.96 15.28
C ALA A 66 -11.73 3.51 14.91
N ILE A 67 -12.69 2.87 14.26
CA ILE A 67 -12.55 1.48 13.85
C ILE A 67 -11.38 1.32 12.87
N ARG A 68 -10.95 2.44 12.28
CA ARG A 68 -9.85 2.43 11.33
C ARG A 68 -8.60 1.79 11.93
N ASP A 69 -8.32 2.12 13.19
CA ASP A 69 -7.15 1.59 13.89
C ASP A 69 -7.13 0.06 13.84
N ASN A 70 -8.31 -0.56 13.81
CA ASN A 70 -8.42 -2.00 13.77
C ASN A 70 -7.77 -2.57 12.51
N TYR A 71 -8.12 -2.00 11.36
CA TYR A 71 -7.58 -2.45 10.08
C TYR A 71 -6.06 -2.31 10.04
N PHE A 72 -5.54 -1.26 10.68
CA PHE A 72 -4.10 -1.02 10.72
C PHE A 72 -3.42 -1.94 11.73
N ARG A 73 -4.18 -2.36 12.74
CA ARG A 73 -3.65 -3.24 13.76
C ARG A 73 -3.68 -4.70 13.32
N SER A 74 -4.48 -4.98 12.30
CA SER A 74 -4.60 -6.33 11.77
C SER A 74 -3.56 -6.60 10.71
N GLY A 75 -2.63 -5.67 10.55
CA GLY A 75 -1.58 -5.82 9.55
C GLY A 75 -0.25 -5.26 10.02
N GLU A 76 0.84 -5.94 9.66
CA GLU A 76 2.17 -5.51 10.06
C GLU A 76 2.77 -4.57 9.03
N GLY A 77 2.48 -4.83 7.76
CA GLY A 77 2.99 -4.00 6.69
C GLY A 77 1.96 -2.99 6.21
N PHE A 78 2.45 -1.89 5.62
CA PHE A 78 1.56 -0.85 5.12
C PHE A 78 1.98 -0.40 3.72
N LEU A 79 0.98 -0.11 2.88
CA LEU A 79 1.25 0.34 1.52
C LEU A 79 0.35 1.53 1.17
N LEU A 80 0.93 2.73 1.15
CA LEU A 80 0.17 3.94 0.84
C LEU A 80 0.03 4.14 -0.66
N VAL A 81 -1.19 4.42 -1.10
CA VAL A 81 -1.47 4.63 -2.52
C VAL A 81 -2.29 5.90 -2.73
N PHE A 82 -1.74 6.85 -3.48
CA PHE A 82 -2.45 8.09 -3.78
C PHE A 82 -2.49 8.34 -5.29
N SER A 83 -3.61 8.84 -5.77
CA SER A 83 -3.78 9.12 -7.19
C SER A 83 -3.25 10.50 -7.56
N ILE A 84 -2.65 10.60 -8.74
CA ILE A 84 -2.11 11.86 -9.22
C ILE A 84 -3.22 12.76 -9.75
N THR A 85 -4.25 12.14 -10.33
CA THR A 85 -5.38 12.87 -10.86
C THR A 85 -6.06 13.70 -9.78
N GLU A 86 -6.13 13.15 -8.58
CA GLU A 86 -6.74 13.83 -7.45
C GLU A 86 -5.70 14.25 -6.41
N HIS A 87 -5.41 15.54 -6.36
CA HIS A 87 -4.44 16.07 -5.42
C HIS A 87 -4.91 15.83 -3.97
N GLU A 88 -6.20 15.54 -3.82
CA GLU A 88 -6.76 15.30 -2.50
C GLU A 88 -6.28 13.95 -1.96
N SER A 89 -5.95 13.05 -2.88
CA SER A 89 -5.48 11.72 -2.51
C SER A 89 -4.14 11.80 -1.79
N PHE A 90 -3.19 12.49 -2.40
CA PHE A 90 -1.84 12.65 -1.85
C PHE A 90 -1.89 13.24 -0.43
N THR A 91 -2.82 14.16 -0.21
CA THR A 91 -2.95 14.80 1.10
C THR A 91 -3.54 13.86 2.15
N ALA A 92 -4.69 13.27 1.82
CA ALA A 92 -5.35 12.35 2.73
C ALA A 92 -4.46 11.15 3.01
N THR A 93 -3.77 10.66 1.98
CA THR A 93 -2.87 9.54 2.14
C THR A 93 -1.79 9.87 3.15
N ALA A 94 -1.31 11.11 3.08
CA ALA A 94 -0.28 11.58 3.99
C ALA A 94 -0.86 11.73 5.38
N GLU A 95 -2.17 12.00 5.43
CA GLU A 95 -2.88 12.15 6.68
C GLU A 95 -3.01 10.80 7.37
N PHE A 96 -3.10 9.75 6.57
CA PHE A 96 -3.22 8.39 7.08
C PHE A 96 -1.87 7.89 7.58
N ARG A 97 -0.80 8.44 7.02
CA ARG A 97 0.55 8.07 7.40
C ARG A 97 0.75 8.22 8.91
N GLU A 98 0.20 9.30 9.46
CA GLU A 98 0.31 9.56 10.90
C GLU A 98 -0.54 8.57 11.69
N GLN A 99 -1.63 8.09 11.07
CA GLN A 99 -2.52 7.14 11.72
C GLN A 99 -1.90 5.76 11.81
N ILE A 100 -0.99 5.48 10.88
CA ILE A 100 -0.30 4.20 10.83
C ILE A 100 0.50 3.94 12.11
N LEU A 101 1.11 4.99 12.64
CA LEU A 101 1.91 4.89 13.86
C LEU A 101 1.04 4.57 15.08
N ARG A 102 -0.23 4.96 15.03
CA ARG A 102 -1.16 4.72 16.14
C ARG A 102 -1.13 3.27 16.60
N VAL A 103 -1.29 2.34 15.66
CA VAL A 103 -1.29 0.92 15.98
C VAL A 103 0.09 0.48 16.47
N LYS A 104 1.13 1.06 15.89
CA LYS A 104 2.49 0.73 16.27
C LYS A 104 3.10 1.85 17.11
N ALA A 105 2.41 2.21 18.19
CA ALA A 105 2.87 3.28 19.08
C ALA A 105 4.33 3.08 19.47
N GLU A 106 4.72 1.84 19.71
CA GLU A 106 6.10 1.53 20.09
C GLU A 106 7.06 1.99 18.99
N GLU A 107 6.73 1.65 17.75
CA GLU A 107 7.55 2.05 16.60
C GLU A 107 8.98 1.57 16.73
N ASP A 108 9.32 0.54 15.97
CA ASP A 108 10.67 -0.02 15.96
C ASP A 108 11.15 -0.20 14.52
N LYS A 109 10.32 -0.83 13.72
CA LYS A 109 10.62 -1.07 12.31
C LYS A 109 9.32 -1.01 11.50
N ILE A 110 8.89 0.21 11.16
CA ILE A 110 7.67 0.40 10.41
C ILE A 110 7.89 0.28 8.90
N PRO A 111 7.37 -0.79 8.27
CA PRO A 111 7.49 -1.01 6.84
C PRO A 111 6.43 -0.22 6.07
N LEU A 112 6.87 0.52 5.04
CA LEU A 112 5.95 1.33 4.26
C LEU A 112 6.45 1.53 2.83
N LEU A 113 5.53 1.86 1.93
CA LEU A 113 5.86 2.09 0.54
C LEU A 113 4.74 2.87 -0.15
N VAL A 114 5.07 4.06 -0.65
CA VAL A 114 4.08 4.90 -1.32
C VAL A 114 4.12 4.73 -2.83
N VAL A 115 2.96 4.78 -3.46
CA VAL A 115 2.86 4.64 -4.91
C VAL A 115 1.79 5.55 -5.48
N GLY A 116 1.95 5.91 -6.75
CA GLY A 116 1.00 6.78 -7.40
C GLY A 116 0.42 6.16 -8.65
N ASN A 117 -0.86 5.80 -8.60
CA ASN A 117 -1.52 5.18 -9.73
C ASN A 117 -2.00 6.26 -10.71
N LYS A 118 -2.85 5.86 -11.65
CA LYS A 118 -3.38 6.78 -12.65
C LYS A 118 -2.25 7.40 -13.48
N SER A 119 -1.05 6.82 -13.37
CA SER A 119 0.10 7.31 -14.11
C SER A 119 -0.14 7.25 -15.62
N ASP A 120 -1.19 6.53 -16.02
CA ASP A 120 -1.53 6.40 -17.43
C ASP A 120 -2.01 7.74 -18.00
N LEU A 121 -2.10 8.74 -17.12
CA LEU A 121 -2.54 10.07 -17.53
C LEU A 121 -1.46 11.11 -17.24
N GLU A 122 -0.52 11.26 -18.16
CA GLU A 122 0.56 12.23 -18.01
C GLU A 122 0.06 13.66 -18.18
N GLU A 123 -1.02 13.81 -18.92
CA GLU A 123 -1.61 15.13 -19.16
C GLU A 123 -2.58 15.53 -18.04
N ARG A 124 -2.84 14.58 -17.14
CA ARG A 124 -3.75 14.83 -16.03
C ARG A 124 -3.04 14.66 -14.70
N ARG A 125 -1.72 14.47 -14.74
CA ARG A 125 -0.93 14.31 -13.52
C ARG A 125 -0.74 15.65 -12.83
N GLN A 126 -1.39 15.82 -11.69
CA GLN A 126 -1.30 17.06 -10.93
C GLN A 126 -0.13 17.04 -9.95
N VAL A 127 0.20 15.85 -9.45
CA VAL A 127 1.30 15.69 -8.50
C VAL A 127 2.57 15.22 -9.20
N PRO A 128 3.56 16.11 -9.38
CA PRO A 128 4.83 15.75 -10.02
C PRO A 128 5.52 14.61 -9.28
N VAL A 129 5.89 13.56 -10.03
CA VAL A 129 6.55 12.41 -9.43
C VAL A 129 7.73 12.82 -8.54
N GLU A 130 8.53 13.76 -9.05
CA GLU A 130 9.69 14.24 -8.31
C GLU A 130 9.27 14.87 -6.98
N GLU A 131 8.27 15.73 -7.03
CA GLU A 131 7.78 16.40 -5.83
C GLU A 131 7.27 15.38 -4.81
N ALA A 132 6.67 14.31 -5.32
CA ALA A 132 6.14 13.27 -4.45
C ALA A 132 7.26 12.49 -3.76
N ARG A 133 8.41 12.39 -4.43
CA ARG A 133 9.55 11.68 -3.88
C ARG A 133 10.09 12.37 -2.63
N SER A 134 10.25 13.68 -2.71
CA SER A 134 10.77 14.47 -1.59
C SER A 134 9.89 14.32 -0.35
N LYS A 135 8.58 14.51 -0.52
CA LYS A 135 7.65 14.41 0.59
C LYS A 135 7.56 12.98 1.11
N ALA A 136 7.57 12.02 0.20
CA ALA A 136 7.50 10.60 0.57
C ALA A 136 8.75 10.16 1.32
N GLU A 137 9.87 10.78 0.99
CA GLU A 137 11.15 10.44 1.63
C GLU A 137 11.11 10.78 3.12
N GLU A 138 10.36 11.82 3.47
CA GLU A 138 10.24 12.24 4.86
C GLU A 138 9.83 11.06 5.74
N TRP A 139 8.84 10.30 5.28
CA TRP A 139 8.35 9.15 6.02
C TRP A 139 9.42 8.06 6.10
N GLY A 140 10.35 8.08 5.15
CA GLY A 140 11.41 7.10 5.11
C GLY A 140 11.20 6.05 4.03
N VAL A 141 10.47 6.42 2.98
CA VAL A 141 10.20 5.51 1.88
C VAL A 141 10.49 6.15 0.54
N GLN A 142 10.38 5.34 -0.52
CA GLN A 142 10.61 5.81 -1.87
C GLN A 142 9.32 5.72 -2.66
N TYR A 143 8.96 6.78 -3.36
CA TYR A 143 7.72 6.81 -4.14
C TYR A 143 7.99 6.44 -5.59
N VAL A 144 7.08 5.67 -6.17
CA VAL A 144 7.19 5.24 -7.56
C VAL A 144 5.87 5.39 -8.31
N GLU A 145 5.95 5.55 -9.63
CA GLU A 145 4.77 5.69 -10.47
C GLU A 145 4.26 4.33 -10.95
N THR A 146 2.94 4.20 -11.04
CA THR A 146 2.34 2.94 -11.48
C THR A 146 1.01 3.18 -12.18
N SER A 147 0.54 2.15 -12.88
CA SER A 147 -0.73 2.22 -13.59
C SER A 147 -1.50 0.92 -13.45
N ALA A 148 -2.62 0.98 -12.73
CA ALA A 148 -3.45 -0.20 -12.51
C ALA A 148 -4.10 -0.69 -13.81
N LYS A 149 -3.87 0.05 -14.89
CA LYS A 149 -4.41 -0.31 -16.18
C LYS A 149 -3.42 -1.16 -16.98
N THR A 150 -2.16 -0.77 -16.94
CA THR A 150 -1.11 -1.48 -17.66
C THR A 150 -0.43 -2.51 -16.76
N ARG A 151 -0.80 -2.50 -15.47
CA ARG A 151 -0.23 -3.42 -14.47
C ARG A 151 1.25 -3.70 -14.73
N ALA A 152 1.98 -2.66 -15.14
CA ALA A 152 3.41 -2.78 -15.43
C ALA A 152 4.25 -2.82 -14.16
N ASN A 153 4.12 -1.81 -13.31
CA ASN A 153 4.88 -1.74 -12.08
C ASN A 153 3.99 -1.92 -10.85
N VAL A 154 2.77 -2.41 -11.06
CA VAL A 154 1.84 -2.62 -9.96
C VAL A 154 2.38 -3.68 -9.00
N ASP A 155 2.98 -4.73 -9.53
CA ASP A 155 3.54 -5.80 -8.72
C ASP A 155 4.82 -5.35 -8.02
N LYS A 156 5.46 -4.32 -8.56
CA LYS A 156 6.71 -3.80 -8.01
C LYS A 156 6.53 -3.28 -6.59
N VAL A 157 5.36 -2.76 -6.27
CA VAL A 157 5.10 -2.22 -4.93
C VAL A 157 4.82 -3.34 -3.93
N PHE A 158 4.27 -4.45 -4.40
CA PHE A 158 3.97 -5.58 -3.53
C PHE A 158 5.25 -6.32 -3.13
N PHE A 159 6.12 -6.52 -4.12
CA PHE A 159 7.38 -7.22 -3.88
C PHE A 159 8.36 -6.34 -3.09
N ASP A 160 8.49 -5.08 -3.49
CA ASP A 160 9.39 -4.15 -2.82
C ASP A 160 9.03 -4.03 -1.35
N LEU A 161 7.73 -3.96 -1.06
CA LEU A 161 7.25 -3.84 0.31
C LEU A 161 7.46 -5.15 1.08
N MET A 162 7.37 -6.26 0.36
CA MET A 162 7.55 -7.58 0.97
C MET A 162 8.98 -7.77 1.46
N ARG A 163 9.93 -7.25 0.70
CA ARG A 163 11.34 -7.39 1.04
C ARG A 163 11.70 -6.58 2.28
N GLU A 164 11.28 -5.32 2.34
CA GLU A 164 11.57 -4.46 3.47
C GLU A 164 10.96 -4.99 4.76
N ILE A 165 9.88 -5.75 4.64
CA ILE A 165 9.21 -6.32 5.80
C ILE A 165 10.07 -7.40 6.46
N ARG A 166 10.50 -8.38 5.67
CA ARG A 166 11.31 -9.48 6.19
C ARG A 166 12.71 -9.02 6.52
N THR A 167 13.16 -7.95 5.90
CA THR A 167 14.51 -7.44 6.13
C THR A 167 14.56 -6.45 7.30
N LYS A 168 13.81 -5.36 7.20
CA LYS A 168 13.80 -4.32 8.23
C LYS A 168 13.09 -4.75 9.51
N LYS A 169 11.86 -5.21 9.40
CA LYS A 169 11.08 -5.62 10.58
C LYS A 169 11.74 -6.79 11.32
N MET A 170 11.92 -7.91 10.62
CA MET A 170 12.52 -9.09 11.23
C MET A 170 13.88 -8.76 11.87
N SER A 171 14.47 -7.64 11.46
CA SER A 171 15.77 -7.23 11.99
C SER A 171 15.69 -6.93 13.48
N GLU A 172 14.86 -5.93 13.83
CA GLU A 172 14.69 -5.52 15.22
C GLU A 172 16.04 -5.19 15.86
N ASN A 173 16.45 -3.92 15.76
CA ASN A 173 17.72 -3.48 16.33
C ASN A 173 17.55 -3.13 17.81
N LYS A 174 16.42 -2.50 18.13
CA LYS A 174 16.15 -2.11 19.51
C LYS A 174 15.65 -3.30 20.33
PG GNP B . -13.79 1.05 -1.65
O1G GNP B . -15.04 0.91 -0.86
O2G GNP B . -12.95 -0.30 -1.64
O3G GNP B . -12.91 2.29 -1.14
N3B GNP B . -14.12 1.37 -3.26
PB GNP B . -12.81 2.07 -4.03
O1B GNP B . -12.35 3.24 -3.25
O2B GNP B . -11.83 1.00 -4.39
O3A GNP B . -13.48 2.60 -5.39
PA GNP B . -12.70 3.65 -6.30
O1A GNP B . -13.56 4.86 -6.45
O2A GNP B . -11.32 3.80 -5.78
O5' GNP B . -12.65 2.89 -7.70
C5' GNP B . -11.50 2.97 -8.53
C4' GNP B . -11.90 3.34 -9.94
O4' GNP B . -10.77 3.97 -10.60
C3' GNP B . -12.27 2.17 -10.84
O3' GNP B . -13.19 2.56 -11.85
C2' GNP B . -10.93 1.76 -11.43
O2' GNP B . -11.08 1.13 -12.69
C1' GNP B . -10.27 3.12 -11.61
N9 GNP B . -8.81 3.07 -11.49
C8 GNP B . -8.09 2.83 -10.34
N7 GNP B . -6.80 2.87 -10.53
C5 GNP B . -6.66 3.17 -11.89
C6 GNP B . -5.50 3.34 -12.68
O6 GNP B . -4.31 3.27 -12.32
N1 GNP B . -5.80 3.63 -14.00
C2 GNP B . -7.07 3.74 -14.50
N2 GNP B . -7.17 4.03 -15.81
N3 GNP B . -8.17 3.58 -13.78
C4 GNP B . -7.89 3.30 -12.48
HNB3 GNP B . -14.90 1.96 -3.32
H5'2 GNP B . -10.98 2.01 -8.54
H5'1 GNP B . -10.82 3.73 -8.15
H4' GNP B . -12.79 3.98 -9.88
H3' GNP B . -12.75 1.37 -10.28
HO3' GNP B . -13.20 1.87 -12.52
H2' GNP B . -10.39 1.13 -10.71
HO2' GNP B . -11.70 1.64 -13.19
H1' GNP B . -10.51 3.57 -12.57
H8 GNP B . -8.54 2.61 -9.39
HN1 GNP B . -5.03 3.77 -14.64
HN21 GNP B . -8.08 4.12 -16.24
HN22 GNP B . -6.34 4.15 -16.36
MG MG C . -11.71 -1.08 -3.42
N LEU A 1 7.42 -21.98 6.80
CA LEU A 1 6.96 -20.87 5.92
C LEU A 1 6.62 -19.64 6.75
N ALA A 2 6.68 -18.47 6.12
CA ALA A 2 6.38 -17.22 6.80
C ALA A 2 5.08 -16.61 6.30
N LEU A 3 4.51 -15.69 7.08
CA LEU A 3 3.26 -15.04 6.71
C LEU A 3 3.38 -13.52 6.82
N HIS A 4 3.37 -12.85 5.67
CA HIS A 4 3.47 -11.39 5.64
C HIS A 4 2.12 -10.76 5.35
N LYS A 5 1.82 -9.67 6.05
CA LYS A 5 0.55 -8.98 5.87
C LYS A 5 0.73 -7.68 5.09
N VAL A 6 -0.28 -7.35 4.29
CA VAL A 6 -0.26 -6.14 3.48
C VAL A 6 -1.54 -5.34 3.67
N ILE A 7 -1.42 -4.14 4.24
CA ILE A 7 -2.58 -3.30 4.48
C ILE A 7 -2.72 -2.24 3.40
N MET A 8 -3.71 -2.42 2.54
CA MET A 8 -3.97 -1.47 1.45
C MET A 8 -4.50 -0.15 1.99
N VAL A 9 -3.58 0.73 2.38
CA VAL A 9 -3.95 2.04 2.92
C VAL A 9 -3.85 3.13 1.86
N GLY A 10 -4.48 4.27 2.13
CA GLY A 10 -4.47 5.37 1.19
C GLY A 10 -5.38 6.50 1.61
N SER A 11 -5.74 7.35 0.65
CA SER A 11 -6.62 8.48 0.91
C SER A 11 -7.95 7.99 1.49
N GLY A 12 -8.64 7.17 0.72
CA GLY A 12 -9.91 6.63 1.16
C GLY A 12 -10.86 6.37 -0.01
N GLY A 13 -10.29 5.95 -1.13
CA GLY A 13 -11.09 5.67 -2.31
C GLY A 13 -10.39 6.04 -3.61
N VAL A 14 -9.16 5.55 -3.76
CA VAL A 14 -8.37 5.83 -4.96
C VAL A 14 -8.19 4.57 -5.80
N GLY A 15 -8.99 3.54 -5.51
CA GLY A 15 -8.90 2.30 -6.25
C GLY A 15 -7.84 1.37 -5.69
N LYS A 16 -8.00 1.01 -4.42
CA LYS A 16 -7.05 0.12 -3.74
C LYS A 16 -7.28 -1.33 -4.17
N SER A 17 -8.52 -1.78 -4.06
CA SER A 17 -8.89 -3.15 -4.43
C SER A 17 -8.49 -3.46 -5.87
N ALA A 18 -8.49 -2.43 -6.70
CA ALA A 18 -8.14 -2.58 -8.11
C ALA A 18 -6.68 -2.99 -8.23
N LEU A 19 -5.82 -2.21 -7.60
CA LEU A 19 -4.39 -2.50 -7.59
C LEU A 19 -4.18 -3.87 -6.99
N THR A 20 -5.14 -4.29 -6.15
CA THR A 20 -5.07 -5.57 -5.49
C THR A 20 -5.29 -6.72 -6.48
N LEU A 21 -6.29 -6.57 -7.33
CA LEU A 21 -6.60 -7.59 -8.32
C LEU A 21 -5.54 -7.67 -9.42
N GLN A 22 -4.90 -6.53 -9.69
CA GLN A 22 -3.87 -6.48 -10.72
C GLN A 22 -2.65 -7.31 -10.33
N PHE A 23 -2.33 -7.31 -9.04
CA PHE A 23 -1.19 -8.06 -8.54
C PHE A 23 -1.46 -9.57 -8.53
N MET A 24 -2.72 -9.94 -8.31
CA MET A 24 -3.10 -11.36 -8.23
C MET A 24 -3.32 -12.00 -9.60
N TYR A 25 -4.10 -11.36 -10.47
CA TYR A 25 -4.40 -11.93 -11.79
C TYR A 25 -3.60 -11.26 -12.90
N ASP A 26 -2.99 -10.12 -12.62
CA ASP A 26 -2.22 -9.40 -13.62
C ASP A 26 -3.11 -9.06 -14.82
N GLU A 27 -4.38 -8.83 -14.53
CA GLU A 27 -5.36 -8.50 -15.57
C GLU A 27 -6.39 -7.51 -15.04
N PHE A 28 -6.72 -6.51 -15.85
CA PHE A 28 -7.69 -5.50 -15.46
C PHE A 28 -9.11 -6.03 -15.59
N VAL A 29 -9.82 -6.12 -14.47
CA VAL A 29 -11.19 -6.60 -14.45
C VAL A 29 -12.07 -5.69 -13.61
N GLU A 30 -13.36 -5.62 -13.97
CA GLU A 30 -14.31 -4.78 -13.24
C GLU A 30 -14.99 -5.55 -12.12
N ASP A 31 -14.38 -6.66 -11.72
CA ASP A 31 -14.92 -7.49 -10.65
C ASP A 31 -15.01 -6.71 -9.34
N TYR A 32 -15.95 -7.09 -8.49
CA TYR A 32 -16.15 -6.44 -7.20
C TYR A 32 -16.00 -7.43 -6.05
N GLU A 33 -15.17 -7.08 -5.07
CA GLU A 33 -14.94 -7.93 -3.92
C GLU A 33 -15.24 -7.20 -2.61
N PRO A 34 -16.38 -7.51 -1.97
CA PRO A 34 -16.78 -6.87 -0.70
C PRO A 34 -15.73 -7.06 0.40
N THR A 35 -15.69 -6.11 1.33
CA THR A 35 -14.75 -6.17 2.44
C THR A 35 -15.46 -6.44 3.75
N LYS A 36 -15.07 -7.51 4.43
CA LYS A 36 -15.68 -7.87 5.70
C LYS A 36 -14.60 -8.23 6.72
N ALA A 37 -13.89 -9.33 6.47
CA ALA A 37 -12.83 -9.78 7.37
C ALA A 37 -11.99 -10.87 6.71
N ASP A 38 -12.39 -11.27 5.51
CA ASP A 38 -11.68 -12.31 4.76
C ASP A 38 -10.60 -11.69 3.88
N SER A 39 -9.37 -12.17 4.03
CA SER A 39 -8.25 -11.67 3.24
C SER A 39 -7.81 -12.69 2.21
N TYR A 40 -6.90 -12.28 1.32
CA TYR A 40 -6.39 -13.15 0.27
C TYR A 40 -5.12 -13.86 0.72
N ARG A 41 -4.75 -14.92 -0.01
CA ARG A 41 -3.56 -15.68 0.31
C ARG A 41 -2.97 -16.31 -0.95
N LYS A 42 -1.65 -16.21 -1.10
CA LYS A 42 -0.96 -16.77 -2.25
C LYS A 42 0.50 -17.06 -1.92
N LYS A 43 1.05 -18.11 -2.53
CA LYS A 43 2.44 -18.49 -2.29
C LYS A 43 3.33 -17.99 -3.42
N VAL A 44 4.36 -17.24 -3.05
CA VAL A 44 5.31 -16.70 -4.03
C VAL A 44 6.74 -16.82 -3.54
N VAL A 45 7.65 -17.17 -4.44
CA VAL A 45 9.06 -17.33 -4.11
C VAL A 45 9.78 -15.98 -4.09
N LEU A 46 10.65 -15.79 -3.11
CA LEU A 46 11.40 -14.55 -2.97
C LEU A 46 12.81 -14.83 -2.46
N ASP A 47 13.81 -14.55 -3.30
CA ASP A 47 15.20 -14.77 -2.93
C ASP A 47 15.44 -16.22 -2.53
N GLY A 48 14.68 -17.13 -3.11
CA GLY A 48 14.82 -18.55 -2.80
C GLY A 48 14.02 -18.95 -1.58
N GLU A 49 13.01 -18.15 -1.23
CA GLU A 49 12.17 -18.44 -0.07
C GLU A 49 10.70 -18.21 -0.40
N GLU A 50 9.92 -19.29 -0.40
CA GLU A 50 8.50 -19.21 -0.70
C GLU A 50 7.70 -18.83 0.55
N VAL A 51 7.09 -17.65 0.52
CA VAL A 51 6.29 -17.17 1.65
C VAL A 51 4.88 -16.81 1.20
N GLN A 52 3.95 -16.78 2.17
CA GLN A 52 2.56 -16.46 1.88
C GLN A 52 2.33 -14.95 1.99
N ILE A 53 1.40 -14.45 1.17
CA ILE A 53 1.06 -13.03 1.17
C ILE A 53 -0.42 -12.82 1.47
N ASP A 54 -0.69 -11.98 2.47
CA ASP A 54 -2.07 -11.70 2.87
C ASP A 54 -2.41 -10.25 2.61
N ILE A 55 -3.34 -10.02 1.68
CA ILE A 55 -3.77 -8.67 1.35
C ILE A 55 -5.24 -8.46 1.69
N LEU A 56 -5.58 -7.25 2.13
CA LEU A 56 -6.95 -6.93 2.48
C LEU A 56 -7.57 -6.01 1.42
N ASP A 57 -8.79 -6.33 1.01
CA ASP A 57 -9.48 -5.53 0.01
C ASP A 57 -9.65 -4.09 0.50
N THR A 58 -9.81 -3.95 1.81
CA THR A 58 -9.98 -2.64 2.44
C THR A 58 -11.09 -1.84 1.76
N ALA A 59 -11.28 -0.60 2.21
CA ALA A 59 -12.31 0.28 1.67
C ALA A 59 -12.21 1.67 2.28
N GLY A 60 -13.19 2.52 2.00
CA GLY A 60 -13.20 3.86 2.53
C GLY A 60 -13.23 3.87 4.04
N LEU A 61 -12.07 4.12 4.65
CA LEU A 61 -11.97 4.16 6.11
C LEU A 61 -12.47 5.49 6.66
N GLU A 62 -13.09 6.29 5.79
CA GLU A 62 -13.62 7.59 6.19
C GLU A 62 -14.96 7.44 6.90
N ASP A 63 -15.58 6.27 6.75
CA ASP A 63 -16.87 6.00 7.38
C ASP A 63 -16.70 5.75 8.87
N TYR A 64 -15.52 5.31 9.27
CA TYR A 64 -15.23 5.03 10.66
C TYR A 64 -14.63 6.25 11.35
N ALA A 65 -15.03 6.50 12.59
CA ALA A 65 -14.52 7.62 13.36
C ALA A 65 -13.09 7.38 13.82
N ALA A 66 -12.84 6.18 14.36
CA ALA A 66 -11.52 5.84 14.85
C ALA A 66 -11.26 4.33 14.72
N ILE A 67 -12.26 3.61 14.24
CA ILE A 67 -12.14 2.16 14.07
C ILE A 67 -11.21 1.83 12.91
N ARG A 68 -10.98 2.82 12.05
CA ARG A 68 -10.12 2.65 10.88
C ARG A 68 -8.71 2.22 11.29
N ASP A 69 -8.28 2.68 12.46
CA ASP A 69 -6.95 2.35 12.96
C ASP A 69 -6.81 0.86 13.26
N ASN A 70 -7.93 0.24 13.65
CA ASN A 70 -7.95 -1.19 13.95
C ASN A 70 -7.29 -2.01 12.84
N TYR A 71 -7.60 -1.65 11.59
CA TYR A 71 -7.06 -2.36 10.44
C TYR A 71 -5.54 -2.26 10.39
N PHE A 72 -5.00 -1.14 10.86
CA PHE A 72 -3.56 -0.92 10.86
C PHE A 72 -2.90 -1.55 12.09
N ARG A 73 -3.68 -1.78 13.12
CA ARG A 73 -3.16 -2.37 14.36
C ARG A 73 -2.96 -3.86 14.21
N SER A 74 -3.84 -4.51 13.46
CA SER A 74 -3.74 -5.95 13.24
C SER A 74 -2.95 -6.26 11.97
N GLY A 75 -2.38 -5.22 11.37
CA GLY A 75 -1.60 -5.40 10.16
C GLY A 75 -0.11 -5.22 10.38
N GLU A 76 0.69 -5.74 9.46
CA GLU A 76 2.15 -5.63 9.56
C GLU A 76 2.68 -4.66 8.51
N GLY A 77 2.43 -4.98 7.24
CA GLY A 77 2.88 -4.13 6.15
C GLY A 77 1.86 -3.05 5.82
N PHE A 78 2.35 -1.94 5.26
CA PHE A 78 1.46 -0.84 4.89
C PHE A 78 1.82 -0.31 3.51
N LEU A 79 0.79 -0.12 2.68
CA LEU A 79 0.99 0.39 1.33
C LEU A 79 0.17 1.66 1.11
N LEU A 80 0.84 2.81 1.16
CA LEU A 80 0.18 4.09 0.96
C LEU A 80 0.04 4.38 -0.53
N VAL A 81 -1.21 4.56 -0.96
CA VAL A 81 -1.48 4.81 -2.38
C VAL A 81 -2.35 6.05 -2.57
N PHE A 82 -2.03 6.81 -3.62
CA PHE A 82 -2.80 8.01 -3.94
C PHE A 82 -2.76 8.27 -5.45
N SER A 83 -3.82 8.87 -5.96
CA SER A 83 -3.91 9.18 -7.39
C SER A 83 -3.25 10.52 -7.71
N ILE A 84 -2.60 10.59 -8.87
CA ILE A 84 -1.94 11.81 -9.30
C ILE A 84 -2.96 12.85 -9.79
N THR A 85 -3.95 12.38 -10.54
CA THR A 85 -4.98 13.26 -11.07
C THR A 85 -5.88 13.78 -9.96
N GLU A 86 -5.73 13.20 -8.77
CA GLU A 86 -6.53 13.61 -7.61
C GLU A 86 -5.65 14.15 -6.49
N HIS A 87 -5.51 15.47 -6.43
CA HIS A 87 -4.70 16.12 -5.41
C HIS A 87 -5.25 15.85 -4.02
N GLU A 88 -6.50 15.42 -3.95
CA GLU A 88 -7.16 15.13 -2.69
C GLU A 88 -6.62 13.84 -2.08
N SER A 89 -6.12 12.96 -2.94
CA SER A 89 -5.58 11.68 -2.51
C SER A 89 -4.27 11.85 -1.76
N PHE A 90 -3.32 12.54 -2.39
CA PHE A 90 -2.02 12.79 -1.79
C PHE A 90 -2.15 13.44 -0.41
N THR A 91 -3.15 14.31 -0.27
CA THR A 91 -3.39 15.01 0.99
C THR A 91 -3.96 14.09 2.05
N ALA A 92 -5.05 13.40 1.72
CA ALA A 92 -5.69 12.48 2.65
C ALA A 92 -4.74 11.39 3.07
N THR A 93 -3.84 11.00 2.17
CA THR A 93 -2.86 9.98 2.44
C THR A 93 -1.80 10.49 3.41
N ALA A 94 -1.54 11.79 3.34
CA ALA A 94 -0.55 12.43 4.19
C ALA A 94 -0.85 12.24 5.67
N GLU A 95 -2.13 12.37 6.04
CA GLU A 95 -2.53 12.21 7.44
C GLU A 95 -2.49 10.75 7.87
N PHE A 96 -2.98 9.86 6.99
CA PHE A 96 -2.99 8.43 7.29
C PHE A 96 -1.57 7.94 7.61
N ARG A 97 -0.57 8.62 7.05
CA ARG A 97 0.82 8.27 7.28
C ARG A 97 1.14 8.19 8.77
N GLU A 98 0.71 9.22 9.51
CA GLU A 98 0.95 9.27 10.94
C GLU A 98 0.09 8.24 11.67
N GLN A 99 -1.13 8.05 11.22
CA GLN A 99 -2.06 7.10 11.83
C GLN A 99 -1.44 5.70 11.85
N ILE A 100 -0.58 5.41 10.88
CA ILE A 100 0.08 4.12 10.79
C ILE A 100 1.02 3.90 11.97
N LEU A 101 1.85 4.88 12.25
CA LEU A 101 2.81 4.79 13.36
C LEU A 101 2.09 4.78 14.71
N ARG A 102 0.90 5.37 14.74
CA ARG A 102 0.10 5.43 15.97
C ARG A 102 -0.12 4.04 16.55
N VAL A 103 -0.57 3.11 15.71
CA VAL A 103 -0.82 1.74 16.15
C VAL A 103 0.48 0.98 16.40
N LYS A 104 1.59 1.57 15.94
CA LYS A 104 2.90 0.96 16.12
C LYS A 104 3.80 1.85 16.95
N ALA A 105 3.21 2.54 17.93
CA ALA A 105 3.96 3.44 18.80
C ALA A 105 5.00 2.68 19.62
N GLU A 106 4.84 1.37 19.72
CA GLU A 106 5.77 0.54 20.47
C GLU A 106 6.88 0.01 19.57
N GLU A 107 6.63 0.02 18.26
CA GLU A 107 7.59 -0.46 17.29
C GLU A 107 8.38 0.70 16.68
N ASP A 108 9.45 0.37 15.96
CA ASP A 108 10.29 1.39 15.33
C ASP A 108 10.29 1.23 13.81
N LYS A 109 10.83 0.10 13.35
CA LYS A 109 10.89 -0.19 11.92
C LYS A 109 9.52 -0.58 11.38
N ILE A 110 8.93 0.32 10.59
CA ILE A 110 7.61 0.09 10.02
C ILE A 110 7.69 -0.05 8.50
N PRO A 111 7.31 -1.22 7.94
CA PRO A 111 7.35 -1.45 6.50
C PRO A 111 6.29 -0.62 5.77
N LEU A 112 6.71 0.51 5.24
CA LEU A 112 5.81 1.40 4.51
C LEU A 112 6.32 1.65 3.10
N LEU A 113 5.40 2.01 2.21
CA LEU A 113 5.75 2.27 0.82
C LEU A 113 4.66 3.09 0.13
N VAL A 114 5.05 4.23 -0.44
CA VAL A 114 4.10 5.10 -1.11
C VAL A 114 4.15 4.90 -2.63
N VAL A 115 2.99 4.98 -3.26
CA VAL A 115 2.88 4.83 -4.70
C VAL A 115 1.82 5.75 -5.29
N GLY A 116 1.94 6.06 -6.57
CA GLY A 116 0.98 6.93 -7.21
C GLY A 116 0.27 6.24 -8.37
N ASN A 117 -1.01 5.94 -8.18
CA ASN A 117 -1.78 5.28 -9.22
C ASN A 117 -2.23 6.29 -10.26
N LYS A 118 -3.05 5.84 -11.19
CA LYS A 118 -3.57 6.70 -12.26
C LYS A 118 -2.42 7.32 -13.06
N SER A 119 -1.23 6.70 -12.95
CA SER A 119 -0.05 7.19 -13.66
C SER A 119 -0.27 7.19 -15.17
N ASP A 120 -1.27 6.44 -15.62
CA ASP A 120 -1.58 6.36 -17.04
C ASP A 120 -2.03 7.72 -17.58
N LEU A 121 -2.21 8.68 -16.68
CA LEU A 121 -2.63 10.02 -17.07
C LEU A 121 -1.49 11.01 -16.88
N GLU A 122 -0.56 11.05 -17.84
CA GLU A 122 0.58 11.95 -17.78
C GLU A 122 0.14 13.39 -18.05
N GLU A 123 -1.07 13.55 -18.56
CA GLU A 123 -1.60 14.87 -18.88
C GLU A 123 -2.42 15.41 -17.71
N ARG A 124 -2.94 14.51 -16.89
CA ARG A 124 -3.75 14.89 -15.74
C ARG A 124 -2.93 14.85 -14.45
N ARG A 125 -1.66 14.48 -14.57
CA ARG A 125 -0.78 14.41 -13.41
C ARG A 125 -0.53 15.80 -12.85
N GLN A 126 -1.12 16.08 -11.68
CA GLN A 126 -0.97 17.38 -11.04
C GLN A 126 0.16 17.36 -10.01
N VAL A 127 0.42 16.19 -9.45
CA VAL A 127 1.48 16.05 -8.45
C VAL A 127 2.79 15.62 -9.11
N PRO A 128 3.75 16.56 -9.27
CA PRO A 128 5.05 16.23 -9.86
C PRO A 128 5.78 15.17 -9.06
N VAL A 129 6.20 14.10 -9.73
CA VAL A 129 6.89 13.00 -9.08
C VAL A 129 8.03 13.50 -8.20
N GLU A 130 8.80 14.46 -8.72
CA GLU A 130 9.93 15.03 -8.00
C GLU A 130 9.51 15.56 -6.63
N GLU A 131 8.44 16.35 -6.61
CA GLU A 131 7.93 16.91 -5.36
C GLU A 131 7.38 15.81 -4.47
N ALA A 132 6.84 14.77 -5.09
CA ALA A 132 6.27 13.65 -4.37
C ALA A 132 7.35 12.84 -3.68
N ARG A 133 8.55 12.82 -4.28
CA ARG A 133 9.67 12.07 -3.72
C ARG A 133 10.22 12.75 -2.46
N SER A 134 10.34 14.07 -2.51
CA SER A 134 10.87 14.83 -1.37
C SER A 134 10.03 14.61 -0.12
N LYS A 135 8.72 14.79 -0.25
CA LYS A 135 7.81 14.61 0.89
C LYS A 135 7.75 13.15 1.32
N ALA A 136 7.59 12.25 0.34
CA ALA A 136 7.50 10.83 0.61
C ALA A 136 8.76 10.33 1.34
N GLU A 137 9.89 10.95 1.02
CA GLU A 137 11.16 10.56 1.63
C GLU A 137 11.19 10.91 3.11
N GLU A 138 10.51 11.99 3.48
CA GLU A 138 10.44 12.43 4.87
C GLU A 138 9.98 11.29 5.78
N TRP A 139 8.91 10.61 5.37
CA TRP A 139 8.37 9.50 6.15
C TRP A 139 9.41 8.38 6.26
N GLY A 140 10.31 8.32 5.27
CA GLY A 140 11.33 7.29 5.26
C GLY A 140 11.09 6.24 4.22
N VAL A 141 10.32 6.58 3.20
CA VAL A 141 10.00 5.65 2.12
C VAL A 141 10.24 6.26 0.75
N GLN A 142 10.41 5.39 -0.25
CA GLN A 142 10.61 5.83 -1.62
C GLN A 142 9.30 5.78 -2.39
N TYR A 143 9.03 6.83 -3.16
CA TYR A 143 7.80 6.89 -3.93
C TYR A 143 8.03 6.53 -5.39
N VAL A 144 7.06 5.84 -5.98
CA VAL A 144 7.14 5.42 -7.37
C VAL A 144 5.78 5.54 -8.06
N GLU A 145 5.80 5.69 -9.38
CA GLU A 145 4.58 5.82 -10.16
C GLU A 145 4.12 4.46 -10.69
N THR A 146 2.81 4.26 -10.75
CA THR A 146 2.26 2.99 -11.23
C THR A 146 0.90 3.19 -11.90
N SER A 147 0.57 2.30 -12.83
CA SER A 147 -0.71 2.36 -13.53
C SER A 147 -1.49 1.08 -13.32
N ALA A 148 -2.60 1.17 -12.59
CA ALA A 148 -3.44 0.01 -12.30
C ALA A 148 -4.11 -0.53 -13.57
N LYS A 149 -4.02 0.23 -14.66
CA LYS A 149 -4.61 -0.17 -15.91
C LYS A 149 -3.64 -1.02 -16.73
N THR A 150 -2.41 -0.53 -16.85
CA THR A 150 -1.38 -1.25 -17.60
C THR A 150 -0.67 -2.29 -16.73
N ARG A 151 -1.01 -2.28 -15.43
CA ARG A 151 -0.41 -3.22 -14.46
C ARG A 151 1.04 -3.54 -14.79
N ALA A 152 1.79 -2.54 -15.23
CA ALA A 152 3.19 -2.73 -15.59
C ALA A 152 4.09 -2.77 -14.35
N ASN A 153 4.03 -1.73 -13.53
CA ASN A 153 4.85 -1.65 -12.33
C ASN A 153 3.99 -1.73 -11.06
N VAL A 154 2.76 -2.21 -11.20
CA VAL A 154 1.86 -2.32 -10.06
C VAL A 154 2.39 -3.33 -9.04
N ASP A 155 2.89 -4.46 -9.53
CA ASP A 155 3.42 -5.51 -8.66
C ASP A 155 4.77 -5.09 -8.07
N LYS A 156 5.38 -4.07 -8.63
CA LYS A 156 6.68 -3.58 -8.16
C LYS A 156 6.63 -3.17 -6.69
N VAL A 157 5.56 -2.48 -6.29
CA VAL A 157 5.42 -2.02 -4.91
C VAL A 157 5.08 -3.16 -3.97
N PHE A 158 4.45 -4.20 -4.49
CA PHE A 158 4.09 -5.36 -3.67
C PHE A 158 5.32 -6.15 -3.27
N PHE A 159 6.16 -6.44 -4.25
CA PHE A 159 7.38 -7.21 -4.01
C PHE A 159 8.42 -6.37 -3.26
N ASP A 160 8.54 -5.10 -3.63
CA ASP A 160 9.49 -4.20 -2.99
C ASP A 160 9.22 -4.08 -1.50
N LEU A 161 7.95 -3.96 -1.13
CA LEU A 161 7.56 -3.84 0.27
C LEU A 161 7.77 -5.16 1.01
N MET A 162 7.57 -6.26 0.29
CA MET A 162 7.73 -7.59 0.87
C MET A 162 9.15 -7.77 1.42
N ARG A 163 10.13 -7.29 0.68
CA ARG A 163 11.53 -7.38 1.08
C ARG A 163 11.77 -6.60 2.37
N GLU A 164 11.06 -5.49 2.54
CA GLU A 164 11.21 -4.66 3.73
C GLU A 164 10.73 -5.40 4.97
N ILE A 165 9.55 -6.02 4.87
CA ILE A 165 8.99 -6.76 6.00
C ILE A 165 9.94 -7.86 6.47
N ARG A 166 10.69 -8.43 5.54
CA ARG A 166 11.62 -9.51 5.86
C ARG A 166 12.87 -8.98 6.57
N THR A 167 13.52 -7.99 5.96
CA THR A 167 14.74 -7.43 6.54
C THR A 167 14.47 -6.30 7.52
N LYS A 168 13.82 -5.24 7.06
CA LYS A 168 13.54 -4.06 7.89
C LYS A 168 12.69 -4.40 9.12
N LYS A 169 11.55 -5.04 8.90
CA LYS A 169 10.64 -5.38 10.01
C LYS A 169 11.27 -6.37 10.99
N MET A 170 12.00 -7.35 10.47
CA MET A 170 12.62 -8.36 11.33
C MET A 170 13.93 -7.87 11.95
N SER A 171 14.51 -6.81 11.38
CA SER A 171 15.77 -6.28 11.90
C SER A 171 15.58 -5.74 13.32
N GLU A 172 14.70 -4.75 13.46
CA GLU A 172 14.42 -4.14 14.75
C GLU A 172 15.70 -3.59 15.39
N ASN A 173 16.00 -2.32 15.14
CA ASN A 173 17.19 -1.68 15.68
C ASN A 173 18.46 -2.43 15.25
N LYS A 174 19.59 -2.03 15.81
CA LYS A 174 20.86 -2.67 15.48
C LYS A 174 21.04 -3.98 16.25
PG GNP B . -14.20 1.36 -1.94
O1G GNP B . -15.46 1.83 -1.33
O2G GNP B . -14.14 -0.24 -2.01
O3G GNP B . -12.93 1.96 -1.19
N3B GNP B . -14.07 1.87 -3.53
PB GNP B . -12.48 1.85 -4.06
O1B GNP B . -11.62 2.55 -3.06
O2B GNP B . -12.12 0.47 -4.46
O3A GNP B . -12.55 2.75 -5.37
PA GNP B . -13.24 2.18 -6.69
O1A GNP B . -12.66 0.84 -6.99
O2A GNP B . -14.71 2.30 -6.56
O5' GNP B . -12.74 3.21 -7.81
C5' GNP B . -11.87 2.79 -8.85
C4' GNP B . -12.36 3.35 -10.18
O4' GNP B . -11.27 4.05 -10.82
C3' GNP B . -12.79 2.30 -11.20
O3' GNP B . -13.72 2.86 -12.13
C2' GNP B . -11.48 1.92 -11.88
O2' GNP B . -11.68 1.51 -13.21
C1' GNP B . -10.73 3.26 -11.87
N9 GNP B . -9.30 3.13 -11.65
C8 GNP B . -8.68 2.65 -10.52
N7 GNP B . -7.38 2.66 -10.61
C5 GNP B . -7.12 3.17 -11.88
C6 GNP B . -5.88 3.41 -12.54
O6 GNP B . -4.74 3.22 -12.12
N1 GNP B . -6.07 3.94 -13.81
C2 GNP B . -7.30 4.20 -14.37
N2 GNP B . -7.29 4.71 -15.62
N3 GNP B . -8.46 3.98 -13.76
C4 GNP B . -8.29 3.46 -12.52
HNB3 GNP B . -14.43 2.78 -3.61
H5'2 GNP B . -11.86 1.70 -8.91
H5'1 GNP B . -10.86 3.15 -8.68
H4' GNP B . -13.22 3.97 -9.97
H3' GNP B . -13.29 1.46 -10.73
HO3' GNP B . -14.14 2.12 -12.57
H2' GNP B . -10.95 1.18 -11.27
HO2' GNP B . -10.81 1.41 -13.60
H1' GNP B . -10.88 3.82 -12.80
H8 GNP B . -9.21 2.30 -9.65
HN1 GNP B . -5.25 4.14 -14.36
HN21 GNP B . -8.16 4.91 -16.08
HN22 GNP B . -6.41 4.87 -16.08
MG MG C . -12.75 -1.45 -3.38
N LEU A 1 7.49 -21.02 6.28
CA LEU A 1 7.10 -19.91 5.38
C LEU A 1 6.77 -18.66 6.19
N ALA A 2 7.23 -17.50 5.73
CA ALA A 2 6.97 -16.24 6.41
C ALA A 2 5.63 -15.66 5.99
N LEU A 3 4.80 -15.32 6.98
CA LEU A 3 3.49 -14.75 6.72
C LEU A 3 3.52 -13.23 6.84
N HIS A 4 3.44 -12.54 5.71
CA HIS A 4 3.46 -11.08 5.68
C HIS A 4 2.06 -10.54 5.43
N LYS A 5 1.75 -9.41 6.08
CA LYS A 5 0.44 -8.77 5.93
C LYS A 5 0.56 -7.48 5.14
N VAL A 6 -0.47 -7.18 4.35
CA VAL A 6 -0.49 -5.96 3.54
C VAL A 6 -1.78 -5.18 3.75
N ILE A 7 -1.64 -3.95 4.27
CA ILE A 7 -2.79 -3.10 4.51
C ILE A 7 -2.87 -1.99 3.46
N MET A 8 -3.81 -2.12 2.53
CA MET A 8 -4.00 -1.14 1.48
C MET A 8 -4.45 0.19 2.05
N VAL A 9 -3.53 1.14 2.13
CA VAL A 9 -3.83 2.48 2.63
C VAL A 9 -3.61 3.51 1.53
N GLY A 10 -4.35 4.61 1.59
CA GLY A 10 -4.20 5.65 0.58
C GLY A 10 -5.32 6.66 0.62
N SER A 11 -5.21 7.64 1.51
CA SER A 11 -6.21 8.70 1.63
C SER A 11 -7.58 8.11 2.01
N GLY A 12 -8.32 7.69 0.99
CA GLY A 12 -9.64 7.11 1.21
C GLY A 12 -10.30 6.68 -0.07
N GLY A 13 -10.28 7.56 -1.07
CA GLY A 13 -10.88 7.25 -2.36
C GLY A 13 -9.90 7.37 -3.50
N VAL A 14 -9.16 6.29 -3.76
CA VAL A 14 -8.17 6.27 -4.82
C VAL A 14 -8.35 5.06 -5.73
N GLY A 15 -8.19 3.87 -5.16
CA GLY A 15 -8.35 2.64 -5.93
C GLY A 15 -7.41 1.54 -5.45
N LYS A 16 -7.33 1.38 -4.13
CA LYS A 16 -6.46 0.37 -3.53
C LYS A 16 -6.79 -1.03 -4.06
N SER A 17 -8.09 -1.35 -4.07
CA SER A 17 -8.57 -2.64 -4.54
C SER A 17 -8.11 -2.92 -5.98
N ALA A 18 -7.93 -1.84 -6.74
CA ALA A 18 -7.52 -1.96 -8.13
C ALA A 18 -6.17 -2.65 -8.22
N LEU A 19 -5.21 -2.12 -7.48
CA LEU A 19 -3.87 -2.72 -7.45
C LEU A 19 -3.97 -4.12 -6.88
N THR A 20 -5.02 -4.33 -6.08
CA THR A 20 -5.24 -5.61 -5.44
C THR A 20 -5.61 -6.68 -6.46
N LEU A 21 -6.47 -6.33 -7.41
CA LEU A 21 -6.91 -7.27 -8.43
C LEU A 21 -5.80 -7.58 -9.43
N GLN A 22 -5.15 -6.53 -9.93
CA GLN A 22 -4.06 -6.71 -10.90
C GLN A 22 -2.95 -7.58 -10.34
N PHE A 23 -2.71 -7.46 -9.04
CA PHE A 23 -1.67 -8.23 -8.38
C PHE A 23 -2.06 -9.69 -8.22
N MET A 24 -3.37 -9.95 -8.11
CA MET A 24 -3.87 -11.31 -7.93
C MET A 24 -4.00 -12.10 -9.23
N TYR A 25 -4.63 -11.52 -10.25
CA TYR A 25 -4.84 -12.22 -11.52
C TYR A 25 -4.10 -11.57 -12.68
N ASP A 26 -3.23 -10.60 -12.39
CA ASP A 26 -2.46 -9.91 -13.43
C ASP A 26 -3.34 -9.61 -14.65
N GLU A 27 -4.60 -9.28 -14.38
CA GLU A 27 -5.55 -8.97 -15.44
C GLU A 27 -6.55 -7.91 -14.99
N PHE A 28 -6.85 -6.97 -15.88
CA PHE A 28 -7.78 -5.89 -15.57
C PHE A 28 -9.22 -6.34 -15.79
N VAL A 29 -9.93 -6.58 -14.70
CA VAL A 29 -11.32 -7.02 -14.78
C VAL A 29 -12.13 -6.52 -13.58
N GLU A 30 -13.36 -6.11 -13.83
CA GLU A 30 -14.23 -5.60 -12.79
C GLU A 30 -15.05 -6.74 -12.16
N ASP A 31 -15.06 -6.79 -10.83
CA ASP A 31 -15.80 -7.83 -10.12
C ASP A 31 -16.35 -7.30 -8.80
N TYR A 32 -15.63 -6.35 -8.20
CA TYR A 32 -16.05 -5.77 -6.92
C TYR A 32 -16.16 -6.86 -5.84
N GLU A 33 -15.10 -7.02 -5.06
CA GLU A 33 -15.07 -8.02 -4.01
C GLU A 33 -15.23 -7.37 -2.63
N PRO A 34 -16.36 -7.60 -1.94
CA PRO A 34 -16.62 -7.03 -0.62
C PRO A 34 -15.65 -7.57 0.44
N THR A 35 -15.00 -6.65 1.15
CA THR A 35 -14.05 -7.04 2.19
C THR A 35 -14.51 -6.56 3.57
N LYS A 36 -14.73 -7.51 4.47
CA LYS A 36 -15.16 -7.20 5.82
C LYS A 36 -14.21 -7.82 6.84
N ALA A 37 -13.85 -9.08 6.60
CA ALA A 37 -12.93 -9.79 7.49
C ALA A 37 -12.16 -10.86 6.71
N ASP A 38 -12.59 -11.10 5.47
CA ASP A 38 -11.95 -12.08 4.63
C ASP A 38 -10.70 -11.50 3.98
N SER A 39 -9.58 -12.21 4.11
CA SER A 39 -8.32 -11.77 3.54
C SER A 39 -7.90 -12.64 2.36
N TYR A 40 -6.81 -12.27 1.71
CA TYR A 40 -6.31 -13.02 0.56
C TYR A 40 -5.03 -13.76 0.93
N ARG A 41 -4.69 -14.78 0.14
CA ARG A 41 -3.49 -15.56 0.38
C ARG A 41 -2.93 -16.11 -0.93
N LYS A 42 -1.61 -16.08 -1.05
CA LYS A 42 -0.93 -16.56 -2.25
C LYS A 42 0.52 -16.91 -1.94
N LYS A 43 0.99 -17.99 -2.56
CA LYS A 43 2.37 -18.44 -2.36
C LYS A 43 3.27 -17.93 -3.48
N VAL A 44 4.24 -17.08 -3.12
CA VAL A 44 5.16 -16.53 -4.09
C VAL A 44 6.60 -16.59 -3.58
N VAL A 45 7.55 -16.73 -4.50
CA VAL A 45 8.95 -16.81 -4.14
C VAL A 45 9.59 -15.44 -4.11
N LEU A 46 10.54 -15.25 -3.20
CA LEU A 46 11.25 -13.98 -3.06
C LEU A 46 12.69 -14.21 -2.64
N ASP A 47 13.62 -13.84 -3.51
CA ASP A 47 15.06 -14.02 -3.23
C ASP A 47 15.37 -15.48 -2.95
N GLY A 48 14.61 -16.38 -3.57
CA GLY A 48 14.82 -17.79 -3.37
C GLY A 48 13.91 -18.39 -2.31
N GLU A 49 13.60 -17.58 -1.30
CA GLU A 49 12.73 -18.03 -0.21
C GLU A 49 11.27 -17.69 -0.49
N GLU A 50 10.43 -18.72 -0.47
CA GLU A 50 9.00 -18.54 -0.71
C GLU A 50 8.26 -18.18 0.57
N VAL A 51 7.61 -17.01 0.58
CA VAL A 51 6.87 -16.56 1.75
C VAL A 51 5.40 -16.33 1.40
N GLN A 52 4.52 -16.56 2.37
CA GLN A 52 3.09 -16.38 2.16
C GLN A 52 2.71 -14.92 2.32
N ILE A 53 1.80 -14.45 1.47
CA ILE A 53 1.36 -13.07 1.51
C ILE A 53 -0.13 -12.99 1.83
N ASP A 54 -0.49 -12.02 2.67
CA ASP A 54 -1.88 -11.83 3.06
C ASP A 54 -2.29 -10.37 2.91
N ILE A 55 -3.19 -10.09 1.97
CA ILE A 55 -3.66 -8.74 1.74
C ILE A 55 -5.09 -8.56 2.23
N LEU A 56 -5.40 -7.35 2.72
CA LEU A 56 -6.72 -7.06 3.23
C LEU A 56 -7.14 -5.64 2.87
N ASP A 57 -8.16 -5.51 2.03
CA ASP A 57 -8.66 -4.21 1.61
C ASP A 57 -9.39 -3.51 2.74
N THR A 58 -9.14 -2.22 2.92
CA THR A 58 -9.79 -1.45 3.97
C THR A 58 -10.83 -0.50 3.41
N ALA A 59 -10.72 -0.20 2.12
CA ALA A 59 -11.66 0.71 1.45
C ALA A 59 -11.66 2.08 2.11
N GLY A 60 -12.64 2.90 1.75
CA GLY A 60 -12.74 4.23 2.32
C GLY A 60 -12.97 4.19 3.82
N LEU A 61 -11.90 4.36 4.58
CA LEU A 61 -11.98 4.35 6.04
C LEU A 61 -12.41 5.71 6.58
N GLU A 62 -12.84 6.59 5.68
CA GLU A 62 -13.28 7.93 6.06
C GLU A 62 -14.50 7.87 6.97
N ASP A 63 -15.14 6.70 7.01
CA ASP A 63 -16.33 6.53 7.85
C ASP A 63 -15.97 5.81 9.15
N TYR A 64 -17.00 5.34 9.86
CA TYR A 64 -16.81 4.63 11.13
C TYR A 64 -16.19 5.55 12.18
N ALA A 65 -16.47 5.26 13.45
CA ALA A 65 -15.95 6.05 14.56
C ALA A 65 -14.47 5.75 14.81
N ALA A 66 -14.16 4.46 15.00
CA ALA A 66 -12.80 4.03 15.26
C ALA A 66 -12.51 2.68 14.60
N ILE A 67 -13.53 2.12 13.95
CA ILE A 67 -13.38 0.83 13.27
C ILE A 67 -12.28 0.91 12.21
N ARG A 68 -11.93 2.14 11.83
CA ARG A 68 -10.89 2.37 10.82
C ARG A 68 -9.53 1.90 11.32
N ASP A 69 -9.14 2.38 12.50
CA ASP A 69 -7.85 2.02 13.09
C ASP A 69 -7.72 0.51 13.26
N ASN A 70 -8.85 -0.16 13.49
CA ASN A 70 -8.87 -1.60 13.67
C ASN A 70 -8.16 -2.32 12.52
N TYR A 71 -8.34 -1.82 11.31
CA TYR A 71 -7.71 -2.43 10.14
C TYR A 71 -6.20 -2.33 10.20
N PHE A 72 -5.69 -1.17 10.63
CA PHE A 72 -4.26 -0.95 10.73
C PHE A 72 -3.63 -1.82 11.82
N ARG A 73 -4.40 -2.07 12.87
CA ARG A 73 -3.92 -2.88 13.99
C ARG A 73 -4.00 -4.36 13.67
N SER A 74 -4.70 -4.69 12.58
CA SER A 74 -4.87 -6.08 12.17
C SER A 74 -3.88 -6.45 11.06
N GLY A 75 -2.87 -5.60 10.87
CA GLY A 75 -1.89 -5.85 9.84
C GLY A 75 -0.47 -5.63 10.31
N GLU A 76 0.49 -5.79 9.40
CA GLU A 76 1.90 -5.60 9.72
C GLU A 76 2.52 -4.54 8.83
N GLY A 77 2.43 -4.75 7.51
CA GLY A 77 2.98 -3.81 6.56
C GLY A 77 1.94 -2.84 6.05
N PHE A 78 2.38 -1.71 5.52
CA PHE A 78 1.48 -0.69 5.00
C PHE A 78 1.89 -0.26 3.60
N LEU A 79 0.90 -0.06 2.73
CA LEU A 79 1.17 0.36 1.35
C LEU A 79 0.34 1.59 1.00
N LEU A 80 0.98 2.76 0.96
CA LEU A 80 0.27 3.99 0.62
C LEU A 80 0.15 4.13 -0.89
N VAL A 81 -1.08 4.29 -1.37
CA VAL A 81 -1.33 4.41 -2.81
C VAL A 81 -2.34 5.51 -3.09
N PHE A 82 -1.88 6.63 -3.64
CA PHE A 82 -2.76 7.73 -3.98
C PHE A 82 -2.79 7.95 -5.49
N SER A 83 -3.73 8.78 -5.95
CA SER A 83 -3.86 9.06 -7.36
C SER A 83 -3.32 10.45 -7.69
N ILE A 84 -2.62 10.56 -8.83
CA ILE A 84 -2.04 11.81 -9.25
C ILE A 84 -3.13 12.76 -9.75
N THR A 85 -4.12 12.21 -10.46
CA THR A 85 -5.22 13.01 -10.98
C THR A 85 -6.06 13.59 -9.84
N GLU A 86 -5.99 12.94 -8.68
CA GLU A 86 -6.73 13.39 -7.50
C GLU A 86 -5.79 13.96 -6.45
N HIS A 87 -5.63 15.27 -6.46
CA HIS A 87 -4.76 15.95 -5.51
C HIS A 87 -5.25 15.76 -4.08
N GLU A 88 -6.50 15.30 -3.94
CA GLU A 88 -7.10 15.10 -2.63
C GLU A 88 -6.52 13.87 -1.94
N SER A 89 -6.04 12.91 -2.74
CA SER A 89 -5.48 11.68 -2.20
C SER A 89 -4.11 11.91 -1.56
N PHE A 90 -3.19 12.48 -2.34
CA PHE A 90 -1.83 12.74 -1.87
C PHE A 90 -1.83 13.50 -0.54
N THR A 91 -2.80 14.39 -0.38
CA THR A 91 -2.91 15.20 0.83
C THR A 91 -3.38 14.40 2.04
N ALA A 92 -4.51 13.72 1.90
CA ALA A 92 -5.07 12.93 2.98
C ALA A 92 -4.12 11.81 3.39
N THR A 93 -3.49 11.19 2.41
CA THR A 93 -2.55 10.11 2.65
C THR A 93 -1.49 10.53 3.67
N ALA A 94 -1.16 11.80 3.66
CA ALA A 94 -0.14 12.35 4.57
C ALA A 94 -0.58 12.24 6.02
N GLU A 95 -1.81 12.64 6.31
CA GLU A 95 -2.34 12.58 7.68
C GLU A 95 -2.24 11.17 8.26
N PHE A 96 -2.52 10.18 7.43
CA PHE A 96 -2.48 8.78 7.84
C PHE A 96 -1.14 8.39 8.45
N ARG A 97 -0.07 9.13 8.11
CA ARG A 97 1.26 8.83 8.64
C ARG A 97 1.22 8.63 10.16
N GLU A 98 0.49 9.50 10.85
CA GLU A 98 0.39 9.42 12.30
C GLU A 98 -0.45 8.21 12.73
N GLN A 99 -1.60 8.03 12.09
CA GLN A 99 -2.49 6.91 12.41
C GLN A 99 -1.79 5.57 12.30
N ILE A 100 -0.91 5.45 11.32
CA ILE A 100 -0.16 4.22 11.11
C ILE A 100 0.66 3.84 12.34
N LEU A 101 1.37 4.82 12.88
CA LEU A 101 2.21 4.60 14.07
C LEU A 101 1.36 4.32 15.31
N ARG A 102 0.14 4.83 15.33
CA ARG A 102 -0.76 4.64 16.47
C ARG A 102 -0.96 3.16 16.79
N VAL A 103 -1.30 2.37 15.78
CA VAL A 103 -1.54 0.94 15.97
C VAL A 103 -0.24 0.20 16.28
N LYS A 104 0.89 0.81 15.93
CA LYS A 104 2.19 0.21 16.16
C LYS A 104 3.02 1.07 17.11
N ALA A 105 2.37 1.63 18.12
CA ALA A 105 3.04 2.48 19.10
C ALA A 105 4.07 1.68 19.91
N GLU A 106 3.99 0.37 19.84
CA GLU A 106 4.92 -0.51 20.56
C GLU A 106 6.00 -1.05 19.63
N GLU A 107 5.92 -0.69 18.35
CA GLU A 107 6.89 -1.13 17.37
C GLU A 107 7.84 0.00 16.97
N ASP A 108 9.06 -0.37 16.57
CA ASP A 108 10.05 0.62 16.16
C ASP A 108 10.05 0.80 14.64
N LYS A 109 10.37 -0.29 13.93
CA LYS A 109 10.41 -0.25 12.47
C LYS A 109 9.02 -0.48 11.88
N ILE A 110 8.54 0.50 11.11
CA ILE A 110 7.22 0.40 10.49
C ILE A 110 7.33 0.33 8.97
N PRO A 111 7.12 -0.86 8.37
CA PRO A 111 7.20 -1.03 6.91
C PRO A 111 6.23 -0.12 6.18
N LEU A 112 6.75 0.63 5.21
CA LEU A 112 5.91 1.55 4.44
C LEU A 112 6.44 1.70 3.00
N LEU A 113 5.56 2.13 2.12
CA LEU A 113 5.91 2.33 0.72
C LEU A 113 4.82 3.15 0.02
N VAL A 114 5.21 4.27 -0.57
CA VAL A 114 4.25 5.14 -1.25
C VAL A 114 4.26 4.90 -2.76
N VAL A 115 3.07 4.95 -3.34
CA VAL A 115 2.91 4.74 -4.78
C VAL A 115 1.80 5.63 -5.34
N GLY A 116 1.92 5.99 -6.62
CA GLY A 116 0.91 6.81 -7.25
C GLY A 116 0.35 6.17 -8.49
N ASN A 117 -0.92 5.77 -8.43
CA ASN A 117 -1.57 5.14 -9.56
C ASN A 117 -2.07 6.19 -10.53
N LYS A 118 -2.91 5.77 -11.48
CA LYS A 118 -3.46 6.68 -12.48
C LYS A 118 -2.34 7.35 -13.27
N SER A 119 -1.13 6.78 -13.18
CA SER A 119 0.03 7.32 -13.88
C SER A 119 -0.14 7.23 -15.40
N ASP A 120 -1.20 6.55 -15.84
CA ASP A 120 -1.49 6.41 -17.26
C ASP A 120 -1.83 7.77 -17.87
N LEU A 121 -1.99 8.77 -17.00
CA LEU A 121 -2.31 10.12 -17.44
C LEU A 121 -1.19 11.08 -17.06
N GLU A 122 -0.13 11.11 -17.88
CA GLU A 122 1.01 11.97 -17.63
C GLU A 122 0.65 13.43 -17.92
N GLU A 123 -0.37 13.62 -18.74
CA GLU A 123 -0.82 14.97 -19.10
C GLU A 123 -1.81 15.50 -18.07
N ARG A 124 -2.23 14.64 -17.15
CA ARG A 124 -3.17 15.03 -16.11
C ARG A 124 -2.54 14.94 -14.72
N ARG A 125 -1.27 14.56 -14.68
CA ARG A 125 -0.55 14.43 -13.42
C ARG A 125 -0.41 15.79 -12.74
N GLN A 126 -1.07 15.95 -11.60
CA GLN A 126 -1.02 17.21 -10.86
C GLN A 126 0.16 17.24 -9.89
N VAL A 127 0.55 16.07 -9.41
CA VAL A 127 1.67 15.95 -8.48
C VAL A 127 2.94 15.51 -9.20
N PRO A 128 3.90 16.43 -9.43
CA PRO A 128 5.16 16.09 -10.11
C PRO A 128 5.85 14.92 -9.41
N VAL A 129 6.16 13.87 -10.17
CA VAL A 129 6.82 12.70 -9.61
C VAL A 129 8.05 13.10 -8.80
N GLU A 130 8.84 14.02 -9.34
CA GLU A 130 10.05 14.49 -8.66
C GLU A 130 9.71 15.05 -7.28
N GLU A 131 8.69 15.91 -7.22
CA GLU A 131 8.28 16.51 -5.96
C GLU A 131 7.79 15.44 -4.99
N ALA A 132 7.13 14.42 -5.52
CA ALA A 132 6.62 13.33 -4.70
C ALA A 132 7.75 12.49 -4.12
N ARG A 133 8.88 12.46 -4.82
CA ARG A 133 10.05 11.70 -4.38
C ARG A 133 10.60 12.27 -3.08
N SER A 134 10.80 13.59 -3.05
CA SER A 134 11.33 14.26 -1.86
C SER A 134 10.45 14.00 -0.66
N LYS A 135 9.13 14.11 -0.86
CA LYS A 135 8.18 13.90 0.23
C LYS A 135 8.25 12.46 0.73
N ALA A 136 8.23 11.51 -0.19
CA ALA A 136 8.29 10.10 0.18
C ALA A 136 9.51 9.80 1.05
N GLU A 137 10.66 10.27 0.60
CA GLU A 137 11.91 10.06 1.31
C GLU A 137 11.79 10.52 2.77
N GLU A 138 10.98 11.55 3.02
CA GLU A 138 10.79 12.07 4.37
C GLU A 138 10.46 10.95 5.35
N TRP A 139 9.50 10.11 4.98
CA TRP A 139 9.11 8.99 5.82
C TRP A 139 10.18 7.91 5.82
N GLY A 140 11.07 7.98 4.84
CA GLY A 140 12.14 7.00 4.73
C GLY A 140 11.85 5.96 3.66
N VAL A 141 10.89 6.26 2.81
CA VAL A 141 10.51 5.35 1.73
C VAL A 141 10.82 5.95 0.37
N GLN A 142 10.44 5.23 -0.68
CA GLN A 142 10.65 5.67 -2.04
C GLN A 142 9.33 5.63 -2.80
N TYR A 143 9.02 6.70 -3.52
CA TYR A 143 7.78 6.77 -4.27
C TYR A 143 7.98 6.35 -5.73
N VAL A 144 7.02 5.60 -6.25
CA VAL A 144 7.07 5.13 -7.62
C VAL A 144 5.74 5.33 -8.35
N GLU A 145 5.81 5.47 -9.68
CA GLU A 145 4.62 5.66 -10.49
C GLU A 145 4.09 4.33 -10.99
N THR A 146 2.77 4.17 -11.02
CA THR A 146 2.15 2.93 -11.46
C THR A 146 0.83 3.19 -12.17
N SER A 147 0.41 2.24 -13.00
CA SER A 147 -0.84 2.34 -13.74
C SER A 147 -1.62 1.03 -13.64
N ALA A 148 -2.72 1.06 -12.91
CA ALA A 148 -3.56 -0.12 -12.73
C ALA A 148 -4.20 -0.55 -14.04
N LYS A 149 -4.25 0.35 -15.01
CA LYS A 149 -4.83 0.06 -16.30
C LYS A 149 -3.87 -0.73 -17.17
N THR A 150 -2.57 -0.59 -16.89
CA THR A 150 -1.54 -1.29 -17.64
C THR A 150 -1.02 -2.51 -16.88
N ARG A 151 -1.22 -2.49 -15.55
CA ARG A 151 -0.77 -3.59 -14.70
C ARG A 151 0.72 -3.84 -14.90
N ALA A 152 1.45 -2.79 -15.29
CA ALA A 152 2.88 -2.91 -15.54
C ALA A 152 3.72 -2.92 -14.26
N ASN A 153 3.57 -1.88 -13.43
CA ASN A 153 4.34 -1.78 -12.20
C ASN A 153 3.48 -1.95 -10.95
N VAL A 154 2.30 -2.54 -11.12
CA VAL A 154 1.41 -2.77 -9.99
C VAL A 154 1.99 -3.78 -9.01
N ASP A 155 2.44 -4.92 -9.53
CA ASP A 155 3.03 -5.96 -8.70
C ASP A 155 4.42 -5.54 -8.23
N LYS A 156 4.98 -4.53 -8.87
CA LYS A 156 6.32 -4.04 -8.53
C LYS A 156 6.35 -3.45 -7.12
N VAL A 157 5.24 -2.87 -6.69
CA VAL A 157 5.16 -2.26 -5.37
C VAL A 157 4.91 -3.30 -4.28
N PHE A 158 4.28 -4.41 -4.65
CA PHE A 158 3.97 -5.47 -3.71
C PHE A 158 5.23 -6.24 -3.34
N PHE A 159 6.04 -6.57 -4.33
CA PHE A 159 7.27 -7.31 -4.12
C PHE A 159 8.33 -6.44 -3.44
N ASP A 160 8.30 -5.14 -3.74
CA ASP A 160 9.26 -4.21 -3.17
C ASP A 160 9.03 -4.05 -1.66
N LEU A 161 7.77 -3.81 -1.28
CA LEU A 161 7.41 -3.63 0.12
C LEU A 161 7.68 -4.91 0.91
N MET A 162 7.53 -6.06 0.26
CA MET A 162 7.75 -7.35 0.91
C MET A 162 9.18 -7.46 1.44
N ARG A 163 10.13 -7.04 0.62
CA ARG A 163 11.54 -7.08 1.00
C ARG A 163 11.81 -6.18 2.20
N GLU A 164 11.10 -5.05 2.26
CA GLU A 164 11.26 -4.09 3.34
C GLU A 164 10.91 -4.71 4.69
N ILE A 165 9.85 -5.52 4.71
CA ILE A 165 9.42 -6.17 5.95
C ILE A 165 10.44 -7.19 6.45
N ARG A 166 11.11 -7.85 5.51
CA ARG A 166 12.11 -8.86 5.86
C ARG A 166 13.40 -8.22 6.36
N THR A 167 13.81 -7.14 5.70
CA THR A 167 15.05 -6.45 6.06
C THR A 167 14.87 -5.39 7.14
N LYS A 168 14.01 -4.41 6.88
CA LYS A 168 13.80 -3.31 7.83
C LYS A 168 13.14 -3.74 9.14
N LYS A 169 11.98 -4.40 9.04
CA LYS A 169 11.26 -4.84 10.24
C LYS A 169 12.08 -5.81 11.09
N MET A 170 12.60 -6.85 10.45
CA MET A 170 13.38 -7.85 11.16
C MET A 170 14.70 -7.29 11.68
N SER A 171 15.08 -6.10 11.20
CA SER A 171 16.31 -5.46 11.63
C SER A 171 16.23 -5.06 13.10
N GLU A 172 15.25 -4.20 13.42
CA GLU A 172 15.05 -3.73 14.79
C GLU A 172 16.29 -3.03 15.33
N ASN A 173 16.31 -1.70 15.21
CA ASN A 173 17.43 -0.91 15.69
C ASN A 173 17.08 0.58 15.77
N LYS A 174 17.73 1.29 16.69
CA LYS A 174 17.48 2.71 16.86
C LYS A 174 18.70 3.54 16.48
PG GNP B . -13.53 2.76 -2.82
O1G GNP B . -14.63 3.51 -3.48
O2G GNP B . -13.69 1.18 -3.03
O3G GNP B . -13.43 3.12 -1.28
N3B GNP B . -12.02 3.16 -3.45
PB GNP B . -11.98 3.01 -5.12
O1B GNP B . -11.14 4.11 -5.67
O2B GNP B . -11.62 1.61 -5.45
O3A GNP B . -13.49 3.26 -5.55
PA GNP B . -13.82 3.76 -7.03
O1A GNP B . -15.21 3.34 -7.36
O2A GNP B . -13.45 5.18 -7.16
O5' GNP B . -12.81 2.88 -7.91
C5' GNP B . -11.98 3.51 -8.89
C4' GNP B . -12.11 2.80 -10.21
O4' GNP B . -11.27 3.46 -11.19
C3' GNP B . -11.65 1.35 -10.22
O3' GNP B . -12.72 0.47 -9.87
C2' GNP B . -11.19 1.14 -11.66
O2' GNP B . -12.27 0.88 -12.53
C1' GNP B . -10.59 2.51 -11.99
N9 GNP B . -9.15 2.62 -11.72
C8 GNP B . -8.49 2.27 -10.56
N7 GNP B . -7.22 2.48 -10.61
C5 GNP B . -7.01 3.00 -11.88
C6 GNP B . -5.80 3.43 -12.51
O6 GNP B . -4.65 3.43 -12.07
N1 GNP B . -6.04 3.89 -13.81
C2 GNP B . -7.28 3.93 -14.41
N2 GNP B . -7.31 4.40 -15.66
N3 GNP B . -8.40 3.54 -13.83
C4 GNP B . -8.19 3.09 -12.58
HNB3 GNP B . -11.34 2.59 -3.04
H5'2 GNP B . -10.94 3.47 -8.57
H5'1 GNP B . -12.27 4.54 -9.02
H4' GNP B . -13.17 2.79 -10.49
H3' GNP B . -10.86 1.16 -9.49
HO3' GNP B . -13.54 0.93 -10.05
H2' GNP B . -10.43 0.35 -11.70
HO2' GNP B . -13.05 1.26 -12.13
H1' GNP B . -10.76 2.79 -13.03
H8 GNP B . -9.00 1.86 -9.70
HN1 GNP B . -5.24 4.22 -14.34
HN21 GNP B . -8.18 4.46 -16.16
HN22 GNP B . -6.45 4.71 -16.11
MG MG C . -12.22 -0.18 -4.15
N LEU A 1 8.51 -21.00 6.97
CA LEU A 1 8.05 -19.95 6.02
C LEU A 1 7.76 -18.65 6.76
N ALA A 2 7.38 -17.62 6.01
CA ALA A 2 7.07 -16.32 6.59
C ALA A 2 5.78 -15.76 6.00
N LEU A 3 4.92 -15.24 6.87
CA LEU A 3 3.65 -14.67 6.44
C LEU A 3 3.61 -13.16 6.69
N HIS A 4 3.70 -12.39 5.62
CA HIS A 4 3.68 -10.93 5.72
C HIS A 4 2.33 -10.38 5.26
N LYS A 5 1.73 -9.54 6.08
CA LYS A 5 0.43 -8.96 5.74
C LYS A 5 0.56 -7.50 5.31
N VAL A 6 -0.12 -7.17 4.22
CA VAL A 6 -0.09 -5.81 3.69
C VAL A 6 -1.50 -5.19 3.70
N ILE A 7 -1.59 -3.97 4.22
CA ILE A 7 -2.88 -3.28 4.29
C ILE A 7 -2.90 -2.07 3.36
N MET A 8 -3.71 -2.13 2.32
CA MET A 8 -3.83 -1.03 1.36
C MET A 8 -4.32 0.24 2.05
N VAL A 9 -3.38 1.13 2.38
CA VAL A 9 -3.73 2.39 3.03
C VAL A 9 -3.64 3.54 2.03
N GLY A 10 -4.38 4.61 2.29
CA GLY A 10 -4.37 5.75 1.41
C GLY A 10 -5.30 6.86 1.86
N SER A 11 -5.65 7.76 0.95
CA SER A 11 -6.53 8.86 1.25
C SER A 11 -7.90 8.37 1.68
N GLY A 12 -8.46 7.44 0.90
CA GLY A 12 -9.76 6.89 1.21
C GLY A 12 -10.51 6.45 -0.03
N GLY A 13 -10.00 6.81 -1.19
CA GLY A 13 -10.65 6.42 -2.43
C GLY A 13 -9.82 6.76 -3.66
N VAL A 14 -8.91 5.85 -4.03
CA VAL A 14 -8.06 6.05 -5.20
C VAL A 14 -7.98 4.78 -6.04
N GLY A 15 -8.53 3.69 -5.50
CA GLY A 15 -8.52 2.43 -6.21
C GLY A 15 -7.46 1.47 -5.70
N LYS A 16 -7.34 1.37 -4.37
CA LYS A 16 -6.36 0.48 -3.76
C LYS A 16 -6.61 -0.96 -4.19
N SER A 17 -7.87 -1.36 -4.18
CA SER A 17 -8.28 -2.70 -4.57
C SER A 17 -7.84 -3.02 -6.00
N ALA A 18 -7.75 -1.97 -6.82
CA ALA A 18 -7.36 -2.13 -8.21
C ALA A 18 -5.97 -2.75 -8.29
N LEU A 19 -5.04 -2.16 -7.57
CA LEU A 19 -3.69 -2.69 -7.53
C LEU A 19 -3.74 -4.11 -6.99
N THR A 20 -4.80 -4.37 -6.21
CA THR A 20 -4.98 -5.68 -5.61
C THR A 20 -5.45 -6.71 -6.64
N LEU A 21 -6.34 -6.29 -7.53
CA LEU A 21 -6.87 -7.18 -8.56
C LEU A 21 -5.83 -7.50 -9.63
N GLN A 22 -4.93 -6.57 -9.89
CA GLN A 22 -3.90 -6.75 -10.89
C GLN A 22 -2.81 -7.71 -10.40
N PHE A 23 -2.46 -7.61 -9.13
CA PHE A 23 -1.44 -8.47 -8.54
C PHE A 23 -1.96 -9.90 -8.35
N MET A 24 -3.23 -10.03 -7.98
CA MET A 24 -3.83 -11.34 -7.74
C MET A 24 -4.31 -12.04 -9.02
N TYR A 25 -5.08 -11.33 -9.85
CA TYR A 25 -5.60 -11.93 -11.08
C TYR A 25 -4.92 -11.41 -12.34
N ASP A 26 -4.29 -10.24 -12.24
CA ASP A 26 -3.63 -9.64 -13.40
C ASP A 26 -4.62 -9.39 -14.52
N GLU A 27 -5.66 -8.62 -14.22
CA GLU A 27 -6.69 -8.30 -15.19
C GLU A 27 -7.42 -7.01 -14.80
N PHE A 28 -7.60 -6.12 -15.76
CA PHE A 28 -8.28 -4.86 -15.51
C PHE A 28 -9.76 -4.96 -15.85
N VAL A 29 -10.60 -5.01 -14.81
CA VAL A 29 -12.05 -5.11 -14.99
C VAL A 29 -12.79 -4.51 -13.81
N GLU A 30 -13.99 -3.98 -14.08
CA GLU A 30 -14.81 -3.38 -13.04
C GLU A 30 -15.46 -4.45 -12.16
N ASP A 31 -14.96 -4.59 -10.94
CA ASP A 31 -15.49 -5.58 -10.01
C ASP A 31 -15.04 -5.27 -8.58
N TYR A 32 -15.96 -5.43 -7.63
CA TYR A 32 -15.66 -5.16 -6.22
C TYR A 32 -16.26 -6.24 -5.34
N GLU A 33 -15.64 -6.46 -4.18
CA GLU A 33 -16.11 -7.47 -3.23
C GLU A 33 -15.92 -6.99 -1.79
N PRO A 34 -16.99 -7.00 -0.97
CA PRO A 34 -16.93 -6.58 0.43
C PRO A 34 -15.90 -7.38 1.23
N THR A 35 -15.30 -6.75 2.23
CA THR A 35 -14.31 -7.39 3.06
C THR A 35 -14.66 -7.25 4.54
N LYS A 36 -14.72 -8.38 5.25
CA LYS A 36 -15.04 -8.39 6.66
C LYS A 36 -13.91 -9.00 7.48
N ALA A 37 -13.47 -10.20 7.07
CA ALA A 37 -12.39 -10.89 7.75
C ALA A 37 -11.69 -11.86 6.82
N ASP A 38 -12.17 -11.93 5.57
CA ASP A 38 -11.60 -12.82 4.58
C ASP A 38 -10.41 -12.15 3.88
N SER A 39 -9.29 -12.87 3.80
CA SER A 39 -8.09 -12.34 3.16
C SER A 39 -7.57 -13.31 2.10
N TYR A 40 -6.60 -12.84 1.32
CA TYR A 40 -6.02 -13.66 0.27
C TYR A 40 -4.60 -14.09 0.64
N ARG A 41 -4.21 -15.28 0.22
CA ARG A 41 -2.88 -15.81 0.51
C ARG A 41 -2.35 -16.64 -0.65
N LYS A 42 -1.06 -16.46 -0.95
CA LYS A 42 -0.42 -17.19 -2.04
C LYS A 42 1.07 -17.37 -1.76
N LYS A 43 1.62 -18.51 -2.18
CA LYS A 43 3.03 -18.80 -1.98
C LYS A 43 3.86 -18.37 -3.18
N VAL A 44 4.87 -17.56 -2.93
CA VAL A 44 5.76 -17.08 -4.00
C VAL A 44 7.20 -16.98 -3.52
N VAL A 45 8.13 -17.34 -4.40
CA VAL A 45 9.55 -17.29 -4.06
C VAL A 45 10.06 -15.85 -4.01
N LEU A 46 10.97 -15.58 -3.07
CA LEU A 46 11.53 -14.24 -2.93
C LEU A 46 13.01 -14.33 -2.55
N ASP A 47 13.88 -14.02 -3.51
CA ASP A 47 15.32 -14.06 -3.28
C ASP A 47 15.76 -15.44 -2.80
N GLY A 48 15.04 -16.48 -3.23
CA GLY A 48 15.36 -17.83 -2.82
C GLY A 48 14.44 -18.33 -1.73
N GLU A 49 14.07 -17.45 -0.81
CA GLU A 49 13.19 -17.81 0.29
C GLU A 49 11.73 -17.53 -0.07
N GLU A 50 10.94 -18.61 -0.18
CA GLU A 50 9.53 -18.48 -0.51
C GLU A 50 8.71 -18.09 0.72
N VAL A 51 8.12 -16.90 0.67
CA VAL A 51 7.30 -16.42 1.78
C VAL A 51 5.87 -16.15 1.33
N GLN A 52 4.91 -16.48 2.19
CA GLN A 52 3.50 -16.29 1.86
C GLN A 52 3.08 -14.84 2.10
N ILE A 53 2.30 -14.30 1.18
CA ILE A 53 1.82 -12.93 1.28
C ILE A 53 0.30 -12.90 1.53
N ASP A 54 -0.10 -12.14 2.54
CA ASP A 54 -1.51 -12.01 2.88
C ASP A 54 -2.01 -10.59 2.56
N ILE A 55 -2.93 -10.51 1.60
CA ILE A 55 -3.48 -9.22 1.19
C ILE A 55 -4.89 -9.02 1.74
N LEU A 56 -5.08 -7.94 2.49
CA LEU A 56 -6.38 -7.63 3.08
C LEU A 56 -7.04 -6.50 2.30
N ASP A 57 -8.06 -6.84 1.51
CA ASP A 57 -8.77 -5.84 0.72
C ASP A 57 -9.45 -4.81 1.62
N THR A 58 -9.10 -3.54 1.42
CA THR A 58 -9.68 -2.47 2.21
C THR A 58 -10.33 -1.41 1.31
N ALA A 59 -11.30 -0.70 1.87
CA ALA A 59 -12.00 0.35 1.13
C ALA A 59 -12.22 1.57 1.99
N GLY A 60 -12.88 2.58 1.43
CA GLY A 60 -13.15 3.80 2.16
C GLY A 60 -13.99 3.54 3.40
N LEU A 61 -13.41 3.83 4.56
CA LEU A 61 -14.12 3.61 5.83
C LEU A 61 -15.01 4.80 6.17
N GLU A 62 -15.10 5.74 5.23
CA GLU A 62 -15.92 6.94 5.42
C GLU A 62 -15.42 7.76 6.61
N ASP A 63 -15.84 7.38 7.82
CA ASP A 63 -15.43 8.07 9.02
C ASP A 63 -15.31 7.11 10.20
N TYR A 64 -16.46 6.65 10.71
CA TYR A 64 -16.50 5.73 11.84
C TYR A 64 -15.84 6.34 13.08
N ALA A 65 -15.88 5.61 14.18
CA ALA A 65 -15.30 6.07 15.43
C ALA A 65 -13.79 5.91 15.43
N ALA A 66 -13.32 4.70 15.16
CA ALA A 66 -11.88 4.41 15.13
C ALA A 66 -11.61 3.00 14.62
N ILE A 67 -12.53 2.47 13.81
CA ILE A 67 -12.38 1.13 13.27
C ILE A 67 -11.16 1.05 12.35
N ARG A 68 -10.68 2.22 11.91
CA ARG A 68 -9.51 2.28 11.03
C ARG A 68 -8.31 1.59 11.66
N ASP A 69 -7.97 2.00 12.87
CA ASP A 69 -6.84 1.43 13.60
C ASP A 69 -6.97 -0.08 13.72
N ASN A 70 -8.20 -0.55 13.85
CA ASN A 70 -8.46 -1.98 13.98
C ASN A 70 -8.04 -2.74 12.73
N TYR A 71 -8.18 -2.11 11.57
CA TYR A 71 -7.81 -2.72 10.30
C TYR A 71 -6.30 -2.67 10.09
N PHE A 72 -5.68 -1.58 10.55
CA PHE A 72 -4.24 -1.41 10.40
C PHE A 72 -3.46 -2.30 11.37
N ARG A 73 -4.14 -2.76 12.41
CA ARG A 73 -3.50 -3.62 13.41
C ARG A 73 -3.48 -5.07 12.96
N SER A 74 -4.41 -5.43 12.07
CA SER A 74 -4.50 -6.79 11.56
C SER A 74 -3.37 -7.08 10.58
N GLY A 75 -2.57 -6.05 10.30
CA GLY A 75 -1.46 -6.21 9.37
C GLY A 75 -0.15 -5.70 9.95
N GLU A 76 0.96 -6.07 9.32
CA GLU A 76 2.27 -5.64 9.77
C GLU A 76 2.83 -4.53 8.89
N GLY A 77 2.69 -4.69 7.58
CA GLY A 77 3.17 -3.69 6.65
C GLY A 77 2.08 -2.73 6.20
N PHE A 78 2.48 -1.63 5.58
CA PHE A 78 1.53 -0.63 5.10
C PHE A 78 1.93 -0.12 3.71
N LEU A 79 0.94 0.10 2.87
CA LEU A 79 1.19 0.59 1.51
C LEU A 79 0.29 1.78 1.20
N LEU A 80 0.89 2.97 1.13
CA LEU A 80 0.13 4.19 0.84
C LEU A 80 -0.08 4.36 -0.66
N VAL A 81 -1.32 4.66 -1.05
CA VAL A 81 -1.65 4.83 -2.46
C VAL A 81 -2.52 6.05 -2.69
N PHE A 82 -2.17 6.85 -3.70
CA PHE A 82 -2.92 8.04 -4.05
C PHE A 82 -2.91 8.28 -5.56
N SER A 83 -3.91 8.98 -6.06
CA SER A 83 -3.99 9.27 -7.49
C SER A 83 -3.41 10.64 -7.80
N ILE A 84 -2.79 10.75 -8.97
CA ILE A 84 -2.19 12.01 -9.40
C ILE A 84 -3.26 12.99 -9.88
N THR A 85 -4.28 12.46 -10.55
CA THR A 85 -5.37 13.28 -11.05
C THR A 85 -6.18 13.86 -9.90
N GLU A 86 -5.97 13.31 -8.71
CA GLU A 86 -6.67 13.78 -7.52
C GLU A 86 -5.69 14.25 -6.46
N HIS A 87 -5.41 15.55 -6.46
CA HIS A 87 -4.47 16.15 -5.51
C HIS A 87 -4.95 15.97 -4.07
N GLU A 88 -6.24 15.64 -3.91
CA GLU A 88 -6.81 15.45 -2.58
C GLU A 88 -6.31 14.16 -1.95
N SER A 89 -5.96 13.21 -2.82
CA SER A 89 -5.48 11.92 -2.36
C SER A 89 -4.09 12.04 -1.73
N PHE A 90 -3.17 12.66 -2.46
CA PHE A 90 -1.80 12.85 -1.99
C PHE A 90 -1.78 13.52 -0.61
N THR A 91 -2.66 14.49 -0.42
CA THR A 91 -2.74 15.23 0.83
C THR A 91 -3.36 14.39 1.95
N ALA A 92 -4.53 13.84 1.69
CA ALA A 92 -5.22 13.02 2.67
C ALA A 92 -4.39 11.82 3.08
N THR A 93 -3.64 11.26 2.12
CA THR A 93 -2.79 10.12 2.38
C THR A 93 -1.74 10.47 3.43
N ALA A 94 -1.35 11.73 3.46
CA ALA A 94 -0.35 12.20 4.41
C ALA A 94 -0.89 12.14 5.83
N GLU A 95 -2.21 12.27 5.97
CA GLU A 95 -2.84 12.21 7.29
C GLU A 95 -2.75 10.81 7.85
N PHE A 96 -3.04 9.82 7.01
CA PHE A 96 -2.98 8.42 7.40
C PHE A 96 -1.57 8.02 7.84
N ARG A 97 -0.59 8.77 7.34
CA ARG A 97 0.82 8.52 7.66
C ARG A 97 1.03 8.32 9.16
N GLU A 98 0.62 9.32 9.94
CA GLU A 98 0.76 9.26 11.40
C GLU A 98 -0.17 8.23 12.01
N GLN A 99 -1.38 8.10 11.44
CA GLN A 99 -2.36 7.15 11.94
C GLN A 99 -1.79 5.74 11.95
N ILE A 100 -0.88 5.48 11.02
CA ILE A 100 -0.23 4.18 10.91
C ILE A 100 0.51 3.84 12.20
N LEU A 101 1.09 4.86 12.82
CA LEU A 101 1.84 4.68 14.06
C LEU A 101 0.94 4.28 15.22
N ARG A 102 -0.35 4.64 15.15
CA ARG A 102 -1.31 4.33 16.21
C ARG A 102 -1.26 2.85 16.60
N VAL A 103 -1.35 1.96 15.62
CA VAL A 103 -1.32 0.53 15.87
C VAL A 103 0.01 0.12 16.49
N LYS A 104 1.08 0.78 16.05
CA LYS A 104 2.42 0.51 16.56
C LYS A 104 2.89 1.68 17.40
N ALA A 105 2.14 1.98 18.47
CA ALA A 105 2.47 3.09 19.36
C ALA A 105 3.94 3.08 19.77
N GLU A 106 4.43 1.91 20.16
CA GLU A 106 5.83 1.78 20.56
C GLU A 106 6.74 2.27 19.45
N GLU A 107 6.31 2.05 18.20
CA GLU A 107 7.06 2.48 17.03
C GLU A 107 8.49 1.95 17.05
N ASP A 108 8.69 0.80 16.42
CA ASP A 108 10.01 0.18 16.35
C ASP A 108 10.44 0.04 14.89
N LYS A 109 9.58 -0.60 14.10
CA LYS A 109 9.87 -0.81 12.68
C LYS A 109 8.56 -0.91 11.88
N ILE A 110 8.04 0.24 11.45
CA ILE A 110 6.80 0.27 10.68
C ILE A 110 7.09 0.27 9.17
N PRO A 111 6.73 -0.83 8.47
CA PRO A 111 6.95 -0.94 7.02
C PRO A 111 6.03 -0.01 6.24
N LEU A 112 6.61 0.79 5.36
CA LEU A 112 5.83 1.72 4.56
C LEU A 112 6.34 1.79 3.11
N LEU A 113 5.44 2.03 2.18
CA LEU A 113 5.78 2.15 0.77
C LEU A 113 4.74 2.98 0.04
N VAL A 114 5.14 4.17 -0.40
CA VAL A 114 4.22 5.06 -1.09
C VAL A 114 4.23 4.82 -2.60
N VAL A 115 3.05 4.84 -3.19
CA VAL A 115 2.90 4.63 -4.63
C VAL A 115 1.77 5.48 -5.20
N GLY A 116 1.95 5.96 -6.41
CA GLY A 116 0.93 6.79 -7.05
C GLY A 116 0.42 6.15 -8.33
N ASN A 117 -0.89 5.96 -8.41
CA ASN A 117 -1.49 5.35 -9.59
C ASN A 117 -1.91 6.43 -10.58
N LYS A 118 -2.71 6.04 -11.57
CA LYS A 118 -3.19 6.97 -12.60
C LYS A 118 -2.04 7.47 -13.46
N SER A 119 -0.85 6.89 -13.28
CA SER A 119 0.33 7.28 -14.03
C SER A 119 0.10 7.16 -15.53
N ASP A 120 -0.98 6.48 -15.91
CA ASP A 120 -1.30 6.30 -17.32
C ASP A 120 -1.62 7.64 -17.98
N LEU A 121 -1.72 8.68 -17.16
CA LEU A 121 -2.02 10.01 -17.66
C LEU A 121 -0.90 10.98 -17.28
N GLU A 122 0.05 11.17 -18.19
CA GLU A 122 1.16 12.08 -17.95
C GLU A 122 0.72 13.54 -18.00
N GLU A 123 -0.03 13.89 -19.05
CA GLU A 123 -0.51 15.25 -19.22
C GLU A 123 -1.56 15.62 -18.18
N ARG A 124 -2.14 14.62 -17.53
CA ARG A 124 -3.15 14.86 -16.51
C ARG A 124 -2.59 14.66 -15.11
N ARG A 125 -1.27 14.73 -15.00
CA ARG A 125 -0.60 14.56 -13.71
C ARG A 125 -0.36 15.92 -13.06
N GLN A 126 -1.06 16.18 -11.96
CA GLN A 126 -0.92 17.44 -11.25
C GLN A 126 0.30 17.45 -10.34
N VAL A 127 0.58 16.30 -9.71
CA VAL A 127 1.72 16.19 -8.82
C VAL A 127 2.95 15.67 -9.55
N PRO A 128 4.00 16.52 -9.72
CA PRO A 128 5.22 16.11 -10.40
C PRO A 128 5.91 14.97 -9.66
N VAL A 129 6.33 13.95 -10.40
CA VAL A 129 7.00 12.80 -9.81
C VAL A 129 8.19 13.23 -8.94
N GLU A 130 8.99 14.15 -9.45
CA GLU A 130 10.16 14.63 -8.73
C GLU A 130 9.79 15.18 -7.36
N GLU A 131 8.78 16.05 -7.31
CA GLU A 131 8.32 16.63 -6.07
C GLU A 131 7.80 15.56 -5.12
N ALA A 132 7.19 14.53 -5.69
CA ALA A 132 6.65 13.43 -4.91
C ALA A 132 7.75 12.60 -4.26
N ARG A 133 8.91 12.56 -4.89
CA ARG A 133 10.05 11.80 -4.39
C ARG A 133 10.69 12.49 -3.18
N SER A 134 10.80 13.81 -3.26
CA SER A 134 11.41 14.59 -2.18
C SER A 134 10.62 14.45 -0.89
N LYS A 135 9.29 14.49 -0.98
CA LYS A 135 8.44 14.38 0.19
C LYS A 135 8.40 12.94 0.69
N ALA A 136 8.16 12.00 -0.22
CA ALA A 136 8.08 10.58 0.14
C ALA A 136 9.36 10.13 0.84
N GLU A 137 10.49 10.64 0.38
CA GLU A 137 11.78 10.28 0.95
C GLU A 137 11.86 10.69 2.43
N GLU A 138 11.16 11.76 2.79
CA GLU A 138 11.15 12.25 4.16
C GLU A 138 10.81 11.13 5.14
N TRP A 139 9.77 10.38 4.81
CA TRP A 139 9.32 9.26 5.65
C TRP A 139 10.39 8.18 5.72
N GLY A 140 11.30 8.19 4.76
CA GLY A 140 12.37 7.21 4.72
C GLY A 140 12.07 6.11 3.72
N VAL A 141 11.09 6.34 2.87
CA VAL A 141 10.70 5.36 1.86
C VAL A 141 10.96 5.88 0.45
N GLN A 142 10.61 5.07 -0.53
CA GLN A 142 10.78 5.42 -1.93
C GLN A 142 9.44 5.39 -2.65
N TYR A 143 9.12 6.47 -3.36
CA TYR A 143 7.87 6.56 -4.09
C TYR A 143 8.04 6.15 -5.54
N VAL A 144 7.05 5.42 -6.07
CA VAL A 144 7.10 4.95 -7.44
C VAL A 144 5.76 5.18 -8.16
N GLU A 145 5.82 5.34 -9.47
CA GLU A 145 4.62 5.55 -10.27
C GLU A 145 4.05 4.22 -10.74
N THR A 146 2.72 4.15 -10.88
CA THR A 146 2.06 2.93 -11.31
C THR A 146 0.77 3.21 -12.04
N SER A 147 0.24 2.19 -12.71
CA SER A 147 -1.00 2.31 -13.45
C SER A 147 -1.86 1.05 -13.25
N ALA A 148 -2.99 1.21 -12.56
CA ALA A 148 -3.89 0.09 -12.29
C ALA A 148 -4.48 -0.46 -13.58
N LYS A 149 -4.20 0.19 -14.70
CA LYS A 149 -4.71 -0.24 -16.00
C LYS A 149 -3.68 -1.09 -16.74
N THR A 150 -2.49 -0.55 -16.92
CA THR A 150 -1.42 -1.26 -17.62
C THR A 150 -0.78 -2.31 -16.72
N ARG A 151 -1.15 -2.29 -15.43
CA ARG A 151 -0.63 -3.23 -14.45
C ARG A 151 0.84 -3.59 -14.71
N ALA A 152 1.62 -2.59 -15.13
CA ALA A 152 3.04 -2.80 -15.43
C ALA A 152 3.88 -2.86 -14.15
N ASN A 153 3.79 -1.81 -13.33
CA ASN A 153 4.56 -1.75 -12.10
C ASN A 153 3.68 -1.98 -10.88
N VAL A 154 2.48 -2.52 -11.09
CA VAL A 154 1.57 -2.78 -9.99
C VAL A 154 2.12 -3.87 -9.07
N ASP A 155 2.66 -4.93 -9.67
CA ASP A 155 3.22 -6.04 -8.90
C ASP A 155 4.54 -5.65 -8.25
N LYS A 156 5.12 -4.54 -8.72
CA LYS A 156 6.40 -4.06 -8.19
C LYS A 156 6.26 -3.51 -6.77
N VAL A 157 5.12 -2.90 -6.49
CA VAL A 157 4.88 -2.32 -5.17
C VAL A 157 4.66 -3.40 -4.11
N PHE A 158 4.12 -4.53 -4.54
CA PHE A 158 3.85 -5.64 -3.64
C PHE A 158 5.15 -6.38 -3.28
N PHE A 159 5.98 -6.64 -4.29
CA PHE A 159 7.25 -7.33 -4.07
C PHE A 159 8.25 -6.43 -3.37
N ASP A 160 8.23 -5.15 -3.70
CA ASP A 160 9.14 -4.19 -3.10
C ASP A 160 8.88 -4.06 -1.60
N LEU A 161 7.60 -3.93 -1.24
CA LEU A 161 7.22 -3.81 0.15
C LEU A 161 7.43 -5.13 0.88
N MET A 162 7.27 -6.24 0.16
CA MET A 162 7.46 -7.56 0.73
C MET A 162 8.85 -7.70 1.33
N ARG A 163 9.86 -7.26 0.58
CA ARG A 163 11.24 -7.34 1.05
C ARG A 163 11.47 -6.37 2.21
N GLU A 164 10.78 -5.23 2.17
CA GLU A 164 10.91 -4.23 3.22
C GLU A 164 10.40 -4.76 4.55
N ILE A 165 9.41 -5.65 4.50
CA ILE A 165 8.83 -6.22 5.71
C ILE A 165 9.79 -7.22 6.35
N ARG A 166 10.29 -8.16 5.56
CA ARG A 166 11.21 -9.17 6.08
C ARG A 166 12.55 -8.56 6.49
N THR A 167 12.87 -7.40 5.91
CA THR A 167 14.13 -6.74 6.24
C THR A 167 14.01 -5.80 7.44
N LYS A 168 13.13 -4.81 7.35
CA LYS A 168 12.94 -3.83 8.42
C LYS A 168 12.26 -4.43 9.66
N LYS A 169 11.08 -5.01 9.47
CA LYS A 169 10.32 -5.58 10.58
C LYS A 169 11.10 -6.67 11.31
N MET A 170 11.47 -7.72 10.58
CA MET A 170 12.21 -8.83 11.18
C MET A 170 13.49 -8.38 11.88
N SER A 171 13.96 -7.18 11.52
CA SER A 171 15.17 -6.65 12.13
C SER A 171 14.89 -6.07 13.50
N GLU A 172 13.83 -5.26 13.59
CA GLU A 172 13.44 -4.63 14.86
C GLU A 172 14.52 -3.68 15.36
N ASN A 173 14.16 -2.86 16.33
CA ASN A 173 15.10 -1.90 16.90
C ASN A 173 16.15 -2.61 17.76
N LYS A 174 15.81 -3.80 18.24
CA LYS A 174 16.72 -4.58 19.07
C LYS A 174 17.65 -5.43 18.20
PG GNP B . -14.03 1.76 -2.58
O1G GNP B . -15.34 2.11 -1.97
O2G GNP B . -13.85 0.18 -2.71
O3G GNP B . -12.83 2.43 -1.78
N3B GNP B . -13.92 2.34 -4.15
PB GNP B . -12.32 2.47 -4.64
O1B GNP B . -11.55 3.22 -3.62
O2B GNP B . -11.84 1.13 -5.07
O3A GNP B . -12.46 3.39 -5.93
PA GNP B . -13.46 2.98 -7.10
O1A GNP B . -13.62 1.50 -7.10
O2A GNP B . -14.68 3.83 -6.99
O5' GNP B . -12.65 3.41 -8.40
C5' GNP B . -12.47 2.49 -9.48
C4' GNP B . -12.64 3.21 -10.80
O4' GNP B . -11.46 4.02 -11.05
C3' GNP B . -12.78 2.30 -12.02
O3' GNP B . -13.55 2.92 -13.03
C2' GNP B . -11.33 2.11 -12.45
O2' GNP B . -11.22 1.84 -13.84
C1' GNP B . -10.75 3.49 -12.16
N9 GNP B . -9.33 3.48 -11.84
C8 GNP B . -8.77 3.15 -10.63
N7 GNP B . -7.46 3.23 -10.64
C5 GNP B . -7.16 3.66 -11.92
C6 GNP B . -5.90 3.93 -12.52
O6 GNP B . -4.77 3.86 -12.02
N1 GNP B . -6.04 4.34 -13.85
C2 GNP B . -7.24 4.47 -14.51
N2 GNP B . -7.17 4.87 -15.79
N3 GNP B . -8.41 4.22 -13.96
C4 GNP B . -8.30 3.82 -12.67
HNB3 GNP B . -14.35 3.23 -4.19
H5'2 GNP B . -13.21 1.69 -9.41
H5'1 GNP B . -11.47 2.06 -9.44
H4' GNP B . -13.56 3.79 -10.74
H3' GNP B . -13.27 1.36 -11.77
HO3' GNP B . -14.29 2.32 -13.23
H2' GNP B . -10.84 1.34 -11.84
HO2' GNP B . -12.12 1.81 -14.19
H1' GNP B . -10.90 4.19 -12.99
H8 GNP B . -9.33 2.83 -9.77
HN1 GNP B . -5.19 4.56 -14.37
HN21 GNP B . -8.02 4.98 -16.33
HN22 GNP B . -6.28 5.07 -16.21
MG MG C . -12.24 -0.85 -3.98
N LEU A 1 8.07 -21.25 5.71
CA LEU A 1 7.22 -20.27 4.99
C LEU A 1 6.72 -19.17 5.93
N ALA A 2 7.26 -17.96 5.76
CA ALA A 2 6.87 -16.83 6.59
C ALA A 2 5.46 -16.36 6.22
N LEU A 3 4.97 -15.37 6.95
CA LEU A 3 3.64 -14.82 6.70
C LEU A 3 3.63 -13.31 6.84
N HIS A 4 3.56 -12.61 5.71
CA HIS A 4 3.55 -11.15 5.70
C HIS A 4 2.16 -10.62 5.35
N LYS A 5 1.80 -9.49 5.94
CA LYS A 5 0.50 -8.90 5.68
C LYS A 5 0.64 -7.45 5.21
N VAL A 6 0.21 -7.18 3.98
CA VAL A 6 0.28 -5.84 3.42
C VAL A 6 -1.08 -5.15 3.47
N ILE A 7 -1.16 -4.06 4.24
CA ILE A 7 -2.41 -3.33 4.38
C ILE A 7 -2.58 -2.31 3.25
N MET A 8 -3.72 -2.36 2.60
CA MET A 8 -4.01 -1.44 1.50
C MET A 8 -4.54 -0.11 2.02
N VAL A 9 -3.63 0.84 2.21
CA VAL A 9 -4.00 2.16 2.70
C VAL A 9 -3.74 3.22 1.63
N GLY A 10 -4.45 4.34 1.71
CA GLY A 10 -4.27 5.39 0.72
C GLY A 10 -5.45 6.34 0.63
N SER A 11 -5.44 7.36 1.48
CA SER A 11 -6.50 8.36 1.52
C SER A 11 -7.86 7.71 1.82
N GLY A 12 -8.47 7.15 0.78
CA GLY A 12 -9.76 6.50 0.93
C GLY A 12 -10.33 6.06 -0.41
N GLY A 13 -11.06 6.97 -1.06
CA GLY A 13 -11.64 6.65 -2.35
C GLY A 13 -10.66 6.88 -3.49
N VAL A 14 -9.62 6.05 -3.54
CA VAL A 14 -8.59 6.17 -4.57
C VAL A 14 -8.59 4.95 -5.49
N GLY A 15 -8.64 3.77 -4.90
CA GLY A 15 -8.64 2.55 -5.68
C GLY A 15 -7.65 1.53 -5.16
N LYS A 16 -7.46 1.52 -3.84
CA LYS A 16 -6.54 0.59 -3.20
C LYS A 16 -6.86 -0.85 -3.57
N SER A 17 -8.15 -1.11 -3.80
CA SER A 17 -8.63 -2.44 -4.18
C SER A 17 -8.17 -2.80 -5.58
N ALA A 18 -8.00 -1.77 -6.42
CA ALA A 18 -7.58 -1.95 -7.80
C ALA A 18 -6.17 -2.47 -7.83
N LEU A 19 -5.27 -1.78 -7.14
CA LEU A 19 -3.89 -2.21 -7.07
C LEU A 19 -3.84 -3.62 -6.53
N THR A 20 -4.88 -3.96 -5.77
CA THR A 20 -4.98 -5.28 -5.17
C THR A 20 -5.34 -6.35 -6.20
N LEU A 21 -6.38 -6.08 -6.98
CA LEU A 21 -6.85 -7.03 -8.00
C LEU A 21 -5.79 -7.34 -9.04
N GLN A 22 -5.01 -6.33 -9.43
CA GLN A 22 -3.96 -6.52 -10.43
C GLN A 22 -2.88 -7.47 -9.92
N PHE A 23 -2.51 -7.33 -8.66
CA PHE A 23 -1.47 -8.18 -8.08
C PHE A 23 -1.96 -9.62 -7.84
N MET A 24 -3.26 -9.76 -7.56
CA MET A 24 -3.84 -11.07 -7.28
C MET A 24 -4.14 -11.88 -8.54
N TYR A 25 -4.81 -11.28 -9.51
CA TYR A 25 -5.16 -12.01 -10.74
C TYR A 25 -4.39 -11.53 -11.96
N ASP A 26 -3.64 -10.44 -11.82
CA ASP A 26 -2.88 -9.91 -12.95
C ASP A 26 -3.81 -9.63 -14.12
N GLU A 27 -4.95 -9.00 -13.81
CA GLU A 27 -5.95 -8.67 -14.83
C GLU A 27 -6.79 -7.48 -14.40
N PHE A 28 -6.94 -6.51 -15.30
CA PHE A 28 -7.73 -5.32 -15.02
C PHE A 28 -9.21 -5.57 -15.31
N VAL A 29 -10.00 -5.73 -14.25
CA VAL A 29 -11.43 -5.97 -14.40
C VAL A 29 -12.25 -4.86 -13.77
N GLU A 30 -13.36 -4.51 -14.42
CA GLU A 30 -14.23 -3.44 -13.92
C GLU A 30 -14.90 -3.86 -12.61
N ASP A 31 -15.24 -5.14 -12.51
CA ASP A 31 -15.88 -5.66 -11.31
C ASP A 31 -14.93 -5.57 -10.11
N TYR A 32 -15.48 -5.15 -8.97
CA TYR A 32 -14.69 -5.01 -7.74
C TYR A 32 -15.25 -5.89 -6.63
N GLU A 33 -14.44 -6.14 -5.61
CA GLU A 33 -14.85 -6.95 -4.48
C GLU A 33 -14.56 -6.24 -3.16
N PRO A 34 -15.58 -5.62 -2.54
CA PRO A 34 -15.41 -4.91 -1.27
C PRO A 34 -15.09 -5.84 -0.10
N THR A 35 -14.17 -5.41 0.76
CA THR A 35 -13.77 -6.22 1.90
C THR A 35 -14.70 -5.98 3.10
N LYS A 36 -14.94 -7.02 3.87
CA LYS A 36 -15.80 -6.94 5.05
C LYS A 36 -15.17 -7.66 6.24
N ALA A 37 -14.59 -8.83 5.97
CA ALA A 37 -13.95 -9.62 7.01
C ALA A 37 -13.15 -10.77 6.40
N ASP A 38 -13.23 -10.90 5.07
CA ASP A 38 -12.52 -11.96 4.37
C ASP A 38 -11.08 -11.54 4.07
N SER A 39 -10.15 -12.46 4.27
CA SER A 39 -8.73 -12.20 4.02
C SER A 39 -8.25 -12.96 2.79
N TYR A 40 -7.18 -12.45 2.17
CA TYR A 40 -6.62 -13.09 0.98
C TYR A 40 -5.26 -13.70 1.30
N ARG A 41 -4.86 -14.70 0.51
CA ARG A 41 -3.58 -15.36 0.71
C ARG A 41 -3.01 -15.86 -0.62
N LYS A 42 -1.69 -15.93 -0.70
CA LYS A 42 -1.03 -16.39 -1.93
C LYS A 42 0.44 -16.70 -1.66
N LYS A 43 1.01 -17.57 -2.48
CA LYS A 43 2.42 -17.96 -2.34
C LYS A 43 3.22 -17.53 -3.57
N VAL A 44 4.31 -16.82 -3.35
CA VAL A 44 5.16 -16.35 -4.44
C VAL A 44 6.64 -16.49 -4.08
N VAL A 45 7.48 -16.50 -5.10
CA VAL A 45 8.92 -16.63 -4.90
C VAL A 45 9.58 -15.25 -4.79
N LEU A 46 10.57 -15.15 -3.90
CA LEU A 46 11.27 -13.89 -3.69
C LEU A 46 12.77 -14.15 -3.49
N ASP A 47 13.54 -13.94 -4.54
CA ASP A 47 14.99 -14.16 -4.49
C ASP A 47 15.32 -15.57 -4.02
N GLY A 48 14.43 -16.51 -4.36
CA GLY A 48 14.64 -17.89 -3.97
C GLY A 48 13.81 -18.29 -2.76
N GLU A 49 13.64 -17.36 -1.83
CA GLU A 49 12.87 -17.60 -0.63
C GLU A 49 11.38 -17.48 -0.91
N GLU A 50 10.62 -18.50 -0.52
CA GLU A 50 9.17 -18.52 -0.74
C GLU A 50 8.43 -18.14 0.54
N VAL A 51 7.75 -17.01 0.50
CA VAL A 51 6.98 -16.52 1.64
C VAL A 51 5.52 -16.35 1.29
N GLN A 52 4.66 -16.38 2.31
CA GLN A 52 3.23 -16.22 2.10
C GLN A 52 2.79 -14.77 2.30
N ILE A 53 1.86 -14.31 1.47
CA ILE A 53 1.36 -12.95 1.56
C ILE A 53 -0.13 -12.94 1.89
N ASP A 54 -0.55 -11.96 2.69
CA ASP A 54 -1.95 -11.85 3.08
C ASP A 54 -2.43 -10.40 2.98
N ILE A 55 -3.47 -10.18 2.18
CA ILE A 55 -4.02 -8.85 2.01
C ILE A 55 -5.36 -8.72 2.72
N LEU A 56 -5.48 -7.70 3.57
CA LEU A 56 -6.71 -7.48 4.33
C LEU A 56 -7.17 -6.04 4.17
N ASP A 57 -8.47 -5.85 3.94
CA ASP A 57 -9.06 -4.53 3.78
C ASP A 57 -8.54 -3.85 2.51
N THR A 58 -9.46 -3.48 1.62
CA THR A 58 -9.10 -2.82 0.38
C THR A 58 -10.03 -1.65 0.09
N ALA A 59 -10.78 -1.23 1.10
CA ALA A 59 -11.71 -0.11 0.95
C ALA A 59 -11.32 1.06 1.86
N GLY A 60 -11.90 2.22 1.58
CA GLY A 60 -11.60 3.41 2.36
C GLY A 60 -11.96 3.23 3.83
N LEU A 61 -10.97 3.37 4.69
CA LEU A 61 -11.18 3.23 6.13
C LEU A 61 -11.61 4.56 6.76
N GLU A 62 -12.20 5.42 5.94
CA GLU A 62 -12.66 6.73 6.41
C GLU A 62 -14.10 6.66 6.91
N ASP A 63 -14.77 5.56 6.58
CA ASP A 63 -16.16 5.37 6.99
C ASP A 63 -16.26 4.88 8.43
N TYR A 64 -15.11 4.81 9.11
CA TYR A 64 -15.08 4.37 10.49
C TYR A 64 -14.53 5.47 11.40
N ALA A 65 -15.19 5.67 12.54
CA ALA A 65 -14.76 6.69 13.50
C ALA A 65 -13.49 6.27 14.22
N ALA A 66 -13.46 5.03 14.70
CA ALA A 66 -12.29 4.51 15.40
C ALA A 66 -12.09 3.02 15.12
N ILE A 67 -12.87 2.48 14.19
CA ILE A 67 -12.76 1.07 13.83
C ILE A 67 -11.68 0.86 12.79
N ARG A 68 -11.31 1.93 12.10
CA ARG A 68 -10.28 1.87 11.07
C ARG A 68 -8.95 1.39 11.65
N ASP A 69 -8.66 1.80 12.88
CA ASP A 69 -7.41 1.42 13.54
C ASP A 69 -7.32 -0.10 13.70
N ASN A 70 -8.46 -0.73 13.89
CA ASN A 70 -8.53 -2.18 14.04
C ASN A 70 -7.80 -2.90 12.91
N TYR A 71 -7.89 -2.31 11.71
CA TYR A 71 -7.25 -2.89 10.53
C TYR A 71 -5.74 -2.70 10.56
N PHE A 72 -5.31 -1.49 10.88
CA PHE A 72 -3.88 -1.18 10.94
C PHE A 72 -3.19 -2.00 12.02
N ARG A 73 -3.95 -2.44 13.01
CA ARG A 73 -3.41 -3.22 14.12
C ARG A 73 -3.33 -4.70 13.74
N SER A 74 -4.34 -5.18 13.03
CA SER A 74 -4.39 -6.58 12.62
C SER A 74 -3.39 -6.84 11.49
N GLY A 75 -2.69 -5.80 11.06
CA GLY A 75 -1.72 -5.94 10.00
C GLY A 75 -0.29 -5.75 10.48
N GLU A 76 0.66 -5.97 9.57
CA GLU A 76 2.07 -5.82 9.90
C GLU A 76 2.72 -4.75 9.02
N GLY A 77 2.50 -4.87 7.71
CA GLY A 77 3.06 -3.91 6.77
C GLY A 77 2.03 -2.87 6.36
N PHE A 78 2.48 -1.83 5.67
CA PHE A 78 1.59 -0.77 5.22
C PHE A 78 1.95 -0.31 3.80
N LEU A 79 0.93 -0.08 2.98
CA LEU A 79 1.15 0.37 1.61
C LEU A 79 0.28 1.59 1.30
N LEU A 80 0.92 2.75 1.27
CA LEU A 80 0.23 4.01 0.99
C LEU A 80 0.16 4.25 -0.52
N VAL A 81 -1.06 4.47 -1.03
CA VAL A 81 -1.25 4.70 -2.46
C VAL A 81 -2.26 5.82 -2.71
N PHE A 82 -1.92 6.71 -3.64
CA PHE A 82 -2.81 7.82 -3.98
C PHE A 82 -2.84 8.03 -5.50
N SER A 83 -3.96 8.53 -6.00
CA SER A 83 -4.11 8.78 -7.43
C SER A 83 -3.64 10.18 -7.79
N ILE A 84 -2.87 10.28 -8.86
CA ILE A 84 -2.34 11.56 -9.32
C ILE A 84 -3.46 12.46 -9.83
N THR A 85 -4.49 11.84 -10.40
CA THR A 85 -5.63 12.59 -10.93
C THR A 85 -6.42 13.25 -9.82
N GLU A 86 -6.33 12.69 -8.61
CA GLU A 86 -7.04 13.22 -7.46
C GLU A 86 -6.07 13.80 -6.43
N HIS A 87 -5.91 15.11 -6.45
CA HIS A 87 -5.01 15.80 -5.52
C HIS A 87 -5.47 15.59 -4.08
N GLU A 88 -6.72 15.16 -3.92
CA GLU A 88 -7.30 14.93 -2.60
C GLU A 88 -6.71 13.67 -1.96
N SER A 89 -6.29 12.73 -2.80
CA SER A 89 -5.72 11.48 -2.31
C SER A 89 -4.35 11.70 -1.69
N PHE A 90 -3.47 12.33 -2.45
CA PHE A 90 -2.12 12.62 -1.98
C PHE A 90 -2.13 13.33 -0.62
N THR A 91 -3.08 14.23 -0.46
CA THR A 91 -3.21 15.00 0.78
C THR A 91 -3.77 14.16 1.93
N ALA A 92 -4.90 13.51 1.70
CA ALA A 92 -5.55 12.69 2.73
C ALA A 92 -4.62 11.57 3.18
N THR A 93 -3.90 10.99 2.25
CA THR A 93 -2.97 9.90 2.54
C THR A 93 -1.97 10.33 3.61
N ALA A 94 -1.64 11.61 3.62
CA ALA A 94 -0.68 12.15 4.58
C ALA A 94 -1.21 12.05 6.01
N GLU A 95 -2.51 12.23 6.17
CA GLU A 95 -3.13 12.15 7.49
C GLU A 95 -2.98 10.74 8.06
N PHE A 96 -3.16 9.74 7.21
CA PHE A 96 -3.05 8.34 7.62
C PHE A 96 -1.62 8.00 8.02
N ARG A 97 -0.66 8.73 7.47
CA ARG A 97 0.77 8.51 7.78
C ARG A 97 0.98 8.45 9.29
N GLU A 98 0.37 9.39 10.00
CA GLU A 98 0.49 9.46 11.44
C GLU A 98 -0.25 8.31 12.11
N GLN A 99 -1.44 8.01 11.62
CA GLN A 99 -2.28 6.94 12.16
C GLN A 99 -1.52 5.61 12.17
N ILE A 100 -0.73 5.39 11.13
CA ILE A 100 0.05 4.17 11.01
C ILE A 100 0.99 4.00 12.21
N LEU A 101 1.70 5.08 12.54
CA LEU A 101 2.64 5.06 13.65
C LEU A 101 1.91 4.91 14.99
N ARG A 102 0.68 5.45 15.06
CA ARG A 102 -0.11 5.38 16.29
C ARG A 102 -0.38 3.95 16.72
N VAL A 103 -0.89 3.15 15.79
CA VAL A 103 -1.20 1.74 16.07
C VAL A 103 0.06 0.93 16.35
N LYS A 104 1.21 1.50 16.03
CA LYS A 104 2.48 0.83 16.24
C LYS A 104 3.41 1.69 17.10
N ALA A 105 2.82 2.52 17.96
CA ALA A 105 3.60 3.39 18.83
C ALA A 105 4.51 2.59 19.74
N GLU A 106 4.13 1.34 19.99
CA GLU A 106 4.92 0.46 20.85
C GLU A 106 6.10 -0.13 20.07
N GLU A 107 5.95 -0.22 18.76
CA GLU A 107 7.00 -0.77 17.90
C GLU A 107 8.03 0.31 17.56
N ASP A 108 9.02 -0.06 16.76
CA ASP A 108 10.06 0.87 16.36
C ASP A 108 10.17 0.93 14.83
N LYS A 109 10.47 -0.22 14.23
CA LYS A 109 10.62 -0.32 12.78
C LYS A 109 9.26 -0.46 12.11
N ILE A 110 8.86 0.57 11.37
CA ILE A 110 7.57 0.57 10.68
C ILE A 110 7.76 0.58 9.16
N PRO A 111 7.56 -0.57 8.49
CA PRO A 111 7.72 -0.67 7.04
C PRO A 111 6.66 0.15 6.29
N LEU A 112 7.11 0.95 5.33
CA LEU A 112 6.21 1.78 4.54
C LEU A 112 6.67 1.87 3.09
N LEU A 113 5.74 2.20 2.20
CA LEU A 113 6.02 2.33 0.78
C LEU A 113 4.88 3.05 0.08
N VAL A 114 5.19 4.18 -0.55
CA VAL A 114 4.18 4.97 -1.24
C VAL A 114 4.22 4.75 -2.75
N VAL A 115 3.03 4.76 -3.37
CA VAL A 115 2.91 4.55 -4.80
C VAL A 115 1.79 5.42 -5.38
N GLY A 116 1.98 5.87 -6.61
CA GLY A 116 0.97 6.69 -7.26
C GLY A 116 0.26 5.96 -8.37
N ASN A 117 -1.06 6.01 -8.35
CA ASN A 117 -1.88 5.34 -9.35
C ASN A 117 -2.23 6.32 -10.47
N LYS A 118 -3.07 5.87 -11.40
CA LYS A 118 -3.49 6.69 -12.52
C LYS A 118 -2.30 7.20 -13.32
N SER A 119 -1.15 6.57 -13.14
CA SER A 119 0.07 6.97 -13.85
C SER A 119 -0.11 6.88 -15.36
N ASP A 120 -1.17 6.19 -15.79
CA ASP A 120 -1.46 6.05 -17.21
C ASP A 120 -1.98 7.34 -17.80
N LEU A 121 -2.01 8.39 -16.97
CA LEU A 121 -2.49 9.70 -17.39
C LEU A 121 -1.48 10.78 -17.06
N GLU A 122 -0.25 10.59 -17.52
CA GLU A 122 0.82 11.55 -17.28
C GLU A 122 0.54 12.89 -17.95
N GLU A 123 -0.47 12.91 -18.81
CA GLU A 123 -0.84 14.13 -19.52
C GLU A 123 -1.61 15.08 -18.61
N ARG A 124 -2.20 14.55 -17.54
CA ARG A 124 -2.97 15.37 -16.61
C ARG A 124 -2.50 15.16 -15.17
N ARG A 125 -1.29 14.62 -15.00
CA ARG A 125 -0.74 14.38 -13.68
C ARG A 125 -0.59 15.69 -12.91
N GLN A 126 -1.44 15.88 -11.90
CA GLN A 126 -1.41 17.09 -11.09
C GLN A 126 -0.24 17.11 -10.13
N VAL A 127 0.15 15.93 -9.63
CA VAL A 127 1.26 15.83 -8.69
C VAL A 127 2.55 15.44 -9.40
N PRO A 128 3.50 16.40 -9.55
CA PRO A 128 4.79 16.13 -10.21
C PRO A 128 5.54 14.99 -9.55
N VAL A 129 6.04 14.07 -10.36
CA VAL A 129 6.78 12.92 -9.84
C VAL A 129 7.98 13.36 -9.01
N GLU A 130 8.67 14.40 -9.47
CA GLU A 130 9.83 14.91 -8.76
C GLU A 130 9.44 15.46 -7.40
N GLU A 131 8.31 16.15 -7.33
CA GLU A 131 7.83 16.73 -6.09
C GLU A 131 7.27 15.64 -5.16
N ALA A 132 6.77 14.56 -5.77
CA ALA A 132 6.22 13.46 -5.00
C ALA A 132 7.32 12.66 -4.32
N ARG A 133 8.30 12.22 -5.12
CA ARG A 133 9.43 11.46 -4.60
C ARG A 133 10.12 12.19 -3.45
N SER A 134 10.36 13.49 -3.64
CA SER A 134 11.02 14.30 -2.61
C SER A 134 10.23 14.24 -1.31
N LYS A 135 8.92 14.10 -1.43
CA LYS A 135 8.04 14.02 -0.27
C LYS A 135 8.16 12.64 0.40
N ALA A 136 8.09 11.60 -0.41
CA ALA A 136 8.17 10.24 0.11
C ALA A 136 9.44 10.04 0.93
N GLU A 137 10.55 10.56 0.43
CA GLU A 137 11.83 10.44 1.10
C GLU A 137 11.75 10.96 2.54
N GLU A 138 10.91 11.97 2.76
CA GLU A 138 10.74 12.54 4.10
C GLU A 138 10.46 11.46 5.13
N TRP A 139 9.52 10.57 4.79
CA TRP A 139 9.16 9.47 5.69
C TRP A 139 10.25 8.42 5.73
N GLY A 140 11.09 8.41 4.69
CA GLY A 140 12.17 7.45 4.61
C GLY A 140 11.91 6.38 3.57
N VAL A 141 10.87 6.60 2.76
CA VAL A 141 10.50 5.65 1.71
C VAL A 141 10.73 6.25 0.33
N GLN A 142 10.55 5.42 -0.68
CA GLN A 142 10.72 5.84 -2.06
C GLN A 142 9.38 5.74 -2.79
N TYR A 143 9.00 6.81 -3.49
CA TYR A 143 7.74 6.82 -4.22
C TYR A 143 7.94 6.43 -5.67
N VAL A 144 7.05 5.58 -6.17
CA VAL A 144 7.13 5.12 -7.56
C VAL A 144 5.78 5.31 -8.26
N GLU A 145 5.84 5.61 -9.56
CA GLU A 145 4.64 5.79 -10.35
C GLU A 145 4.19 4.47 -10.96
N THR A 146 2.89 4.19 -10.84
CA THR A 146 2.34 2.93 -11.36
C THR A 146 0.95 3.15 -11.95
N SER A 147 0.63 2.35 -12.97
CA SER A 147 -0.67 2.44 -13.63
C SER A 147 -1.37 1.09 -13.61
N ALA A 148 -2.41 0.98 -12.78
CA ALA A 148 -3.17 -0.26 -12.67
C ALA A 148 -3.80 -0.64 -14.01
N LYS A 149 -3.80 0.30 -14.94
CA LYS A 149 -4.35 0.07 -16.27
C LYS A 149 -3.46 -0.88 -17.06
N THR A 150 -2.14 -0.70 -16.91
CA THR A 150 -1.18 -1.56 -17.60
C THR A 150 -0.64 -2.63 -16.67
N ARG A 151 -0.91 -2.47 -15.37
CA ARG A 151 -0.45 -3.43 -14.37
C ARG A 151 1.04 -3.70 -14.53
N ALA A 152 1.78 -2.66 -14.95
CA ALA A 152 3.22 -2.79 -15.17
C ALA A 152 4.02 -2.79 -13.87
N ASN A 153 3.85 -1.75 -13.06
CA ASN A 153 4.58 -1.64 -11.80
C ASN A 153 3.67 -1.80 -10.59
N VAL A 154 2.45 -2.29 -10.81
CA VAL A 154 1.51 -2.48 -9.71
C VAL A 154 2.02 -3.57 -8.77
N ASP A 155 2.56 -4.64 -9.35
CA ASP A 155 3.11 -5.75 -8.55
C ASP A 155 4.45 -5.35 -7.94
N LYS A 156 5.07 -4.32 -8.51
CA LYS A 156 6.37 -3.85 -8.05
C LYS A 156 6.34 -3.39 -6.59
N VAL A 157 5.24 -2.78 -6.17
CA VAL A 157 5.12 -2.30 -4.79
C VAL A 157 4.99 -3.46 -3.81
N PHE A 158 4.32 -4.53 -4.23
CA PHE A 158 4.13 -5.69 -3.38
C PHE A 158 5.45 -6.43 -3.18
N PHE A 159 6.21 -6.56 -4.27
CA PHE A 159 7.49 -7.25 -4.23
C PHE A 159 8.55 -6.41 -3.49
N ASP A 160 8.49 -5.10 -3.69
CA ASP A 160 9.45 -4.20 -3.05
C ASP A 160 9.20 -4.09 -1.55
N LEU A 161 7.97 -3.74 -1.19
CA LEU A 161 7.59 -3.60 0.21
C LEU A 161 7.81 -4.90 0.98
N MET A 162 7.66 -6.02 0.30
CA MET A 162 7.84 -7.33 0.92
C MET A 162 9.24 -7.47 1.52
N ARG A 163 10.25 -7.10 0.74
CA ARG A 163 11.64 -7.19 1.18
C ARG A 163 11.85 -6.41 2.47
N GLU A 164 11.18 -5.27 2.59
CA GLU A 164 11.30 -4.43 3.78
C GLU A 164 10.71 -5.14 5.00
N ILE A 165 9.60 -5.84 4.79
CA ILE A 165 8.94 -6.56 5.87
C ILE A 165 9.83 -7.65 6.44
N ARG A 166 10.61 -8.29 5.58
CA ARG A 166 11.50 -9.37 6.00
C ARG A 166 12.74 -8.84 6.73
N THR A 167 13.38 -7.83 6.14
CA THR A 167 14.60 -7.28 6.72
C THR A 167 14.34 -6.17 7.75
N LYS A 168 13.68 -5.10 7.33
CA LYS A 168 13.42 -3.96 8.20
C LYS A 168 12.49 -4.29 9.37
N LYS A 169 11.32 -4.83 9.07
CA LYS A 169 10.34 -5.17 10.10
C LYS A 169 10.91 -6.18 11.11
N MET A 170 11.35 -7.33 10.61
CA MET A 170 11.90 -8.38 11.47
C MET A 170 13.14 -7.92 12.22
N SER A 171 13.76 -6.85 11.74
CA SER A 171 14.97 -6.31 12.39
C SER A 171 14.66 -5.90 13.82
N GLU A 172 13.71 -4.98 13.98
CA GLU A 172 13.32 -4.49 15.30
C GLU A 172 14.49 -3.85 16.04
N ASN A 173 14.21 -3.26 17.19
CA ASN A 173 15.24 -2.61 17.99
C ASN A 173 16.12 -3.66 18.67
N LYS A 174 17.43 -3.43 18.64
CA LYS A 174 18.39 -4.35 19.23
C LYS A 174 18.30 -5.74 18.61
PG GNP B . -13.85 2.29 -1.68
O1G GNP B . -14.93 2.55 -0.70
O2G GNP B . -13.44 0.75 -1.70
O3G GNP B . -12.60 3.23 -1.42
N3B GNP B . -14.36 2.63 -3.24
PB GNP B . -13.05 2.80 -4.29
O1B GNP B . -12.08 3.75 -3.71
O2B GNP B . -12.59 1.45 -4.71
O3A GNP B . -13.74 3.51 -5.55
PA GNP B . -12.83 4.25 -6.63
O1A GNP B . -13.39 5.62 -6.85
O2A GNP B . -11.40 4.12 -6.24
O5' GNP B . -13.08 3.39 -7.94
C5' GNP B . -12.01 2.69 -8.58
C4' GNP B . -12.20 2.70 -10.08
O4' GNP B . -11.29 3.66 -10.66
C3' GNP B . -11.88 1.38 -10.78
O3' GNP B . -13.03 0.53 -10.82
C2' GNP B . -11.46 1.82 -12.17
O2' GNP B . -12.57 2.11 -12.99
C1' GNP B . -10.71 3.12 -11.85
N9 GNP B . -9.28 2.94 -11.62
C8 GNP B . -8.67 2.50 -10.47
N7 GNP B . -7.37 2.45 -10.56
C5 GNP B . -7.10 2.89 -11.84
C6 GNP B . -5.86 3.05 -12.52
O6 GNP B . -4.72 2.83 -12.09
N1 GNP B . -6.04 3.52 -13.82
C2 GNP B . -7.25 3.81 -14.38
N2 GNP B . -7.22 4.26 -15.65
N3 GNP B . -8.41 3.66 -13.78
C4 GNP B . -8.26 3.19 -12.51
HNB3 GNP B . -14.88 3.46 -3.25
H5'2 GNP B . -11.97 1.67 -8.22
H5'1 GNP B . -11.06 3.19 -8.35
H4' GNP B . -13.25 2.91 -10.28
H3' GNP B . -11.10 0.82 -10.25
HO3' GNP B . -12.74 -0.35 -10.57
H2' GNP B . -10.78 1.08 -12.60
HO2' GNP B . -12.38 2.94 -13.44
H1' GNP B . -10.83 3.87 -12.63
H8 GNP B . -9.22 2.21 -9.58
HN1 GNP B . -5.20 3.67 -14.38
HN21 GNP B . -8.08 4.48 -16.13
HN22 GNP B . -6.33 4.36 -16.13
MG MG C . -12.07 -0.24 -3.25
N LEU A 1 8.47 -21.17 5.65
CA LEU A 1 7.87 -20.02 4.93
C LEU A 1 7.32 -18.99 5.92
N ALA A 2 7.52 -17.72 5.60
CA ALA A 2 7.04 -16.63 6.45
C ALA A 2 5.69 -16.12 5.96
N LEU A 3 4.97 -15.43 6.84
CA LEU A 3 3.66 -14.89 6.50
C LEU A 3 3.61 -13.39 6.78
N HIS A 4 3.61 -12.60 5.70
CA HIS A 4 3.56 -11.15 5.83
C HIS A 4 2.20 -10.62 5.39
N LYS A 5 1.75 -9.56 6.04
CA LYS A 5 0.45 -8.96 5.71
C LYS A 5 0.61 -7.51 5.25
N VAL A 6 -0.13 -7.16 4.19
CA VAL A 6 -0.10 -5.81 3.65
C VAL A 6 -1.47 -5.15 3.71
N ILE A 7 -1.50 -3.91 4.19
CA ILE A 7 -2.74 -3.16 4.31
C ILE A 7 -2.76 -1.97 3.36
N MET A 8 -3.61 -2.04 2.35
CA MET A 8 -3.73 -0.96 1.38
C MET A 8 -4.22 0.32 2.04
N VAL A 9 -3.29 1.20 2.39
CA VAL A 9 -3.64 2.46 3.03
C VAL A 9 -3.60 3.61 2.02
N GLY A 10 -4.31 4.67 2.31
CA GLY A 10 -4.35 5.82 1.42
C GLY A 10 -5.31 6.89 1.89
N SER A 11 -5.64 7.82 0.98
CA SER A 11 -6.56 8.90 1.30
C SER A 11 -7.92 8.35 1.73
N GLY A 12 -8.29 7.21 1.16
CA GLY A 12 -9.56 6.59 1.47
C GLY A 12 -10.13 5.84 0.29
N GLY A 13 -9.60 6.14 -0.90
CA GLY A 13 -10.04 5.48 -2.12
C GLY A 13 -8.93 5.36 -3.14
N VAL A 14 -9.03 6.12 -4.22
CA VAL A 14 -8.03 6.12 -5.28
C VAL A 14 -8.03 4.81 -6.08
N GLY A 15 -8.46 3.71 -5.45
CA GLY A 15 -8.50 2.44 -6.14
C GLY A 15 -7.45 1.47 -5.63
N LYS A 16 -7.22 1.49 -4.31
CA LYS A 16 -6.23 0.61 -3.69
C LYS A 16 -6.55 -0.86 -3.99
N SER A 17 -7.84 -1.15 -4.15
CA SER A 17 -8.30 -2.50 -4.44
C SER A 17 -7.90 -2.93 -5.85
N ALA A 18 -7.79 -1.95 -6.74
CA ALA A 18 -7.42 -2.20 -8.13
C ALA A 18 -6.06 -2.86 -8.18
N LEU A 19 -5.09 -2.22 -7.53
CA LEU A 19 -3.74 -2.78 -7.48
C LEU A 19 -3.79 -4.14 -6.82
N THR A 20 -4.82 -4.32 -5.99
CA THR A 20 -5.00 -5.57 -5.28
C THR A 20 -5.42 -6.70 -6.22
N LEU A 21 -6.28 -6.36 -7.19
CA LEU A 21 -6.76 -7.35 -8.15
C LEU A 21 -5.68 -7.74 -9.16
N GLN A 22 -4.96 -6.73 -9.66
CA GLN A 22 -3.90 -6.97 -10.64
C GLN A 22 -2.84 -7.91 -10.08
N PHE A 23 -2.53 -7.77 -8.81
CA PHE A 23 -1.53 -8.62 -8.18
C PHE A 23 -2.04 -10.03 -7.95
N MET A 24 -3.37 -10.17 -7.84
CA MET A 24 -3.98 -11.48 -7.59
C MET A 24 -4.17 -12.31 -8.86
N TYR A 25 -4.75 -11.71 -9.91
CA TYR A 25 -5.00 -12.45 -11.15
C TYR A 25 -4.36 -11.76 -12.36
N ASP A 26 -3.83 -10.57 -12.15
CA ASP A 26 -3.21 -9.82 -13.24
C ASP A 26 -4.21 -9.57 -14.36
N GLU A 27 -5.29 -8.87 -14.01
CA GLU A 27 -6.34 -8.56 -14.98
C GLU A 27 -7.23 -7.42 -14.47
N PHE A 28 -7.39 -6.40 -15.30
CA PHE A 28 -8.22 -5.25 -14.95
C PHE A 28 -9.66 -5.47 -15.41
N VAL A 29 -10.56 -5.63 -14.44
CA VAL A 29 -11.98 -5.84 -14.74
C VAL A 29 -12.86 -5.18 -13.69
N GLU A 30 -14.05 -4.75 -14.12
CA GLU A 30 -14.99 -4.11 -13.21
C GLU A 30 -15.65 -5.13 -12.30
N ASP A 31 -15.11 -5.28 -11.10
CA ASP A 31 -15.64 -6.24 -10.12
C ASP A 31 -15.15 -5.91 -8.72
N TYR A 32 -16.09 -5.77 -7.79
CA TYR A 32 -15.76 -5.44 -6.41
C TYR A 32 -16.59 -6.27 -5.43
N GLU A 33 -16.01 -6.58 -4.28
CA GLU A 33 -16.71 -7.35 -3.25
C GLU A 33 -16.38 -6.83 -1.86
N PRO A 34 -17.41 -6.59 -1.01
CA PRO A 34 -17.21 -6.09 0.35
C PRO A 34 -16.30 -6.99 1.18
N THR A 35 -15.55 -6.38 2.09
CA THR A 35 -14.63 -7.13 2.95
C THR A 35 -14.82 -6.75 4.40
N LYS A 36 -15.02 -7.76 5.26
CA LYS A 36 -15.21 -7.53 6.68
C LYS A 36 -14.12 -8.20 7.50
N ALA A 37 -13.65 -9.36 7.03
CA ALA A 37 -12.61 -10.10 7.72
C ALA A 37 -11.95 -11.14 6.82
N ASP A 38 -12.45 -11.24 5.58
CA ASP A 38 -11.92 -12.19 4.63
C ASP A 38 -10.67 -11.62 3.93
N SER A 39 -9.64 -12.45 3.83
CA SER A 39 -8.39 -12.03 3.20
C SER A 39 -7.97 -13.01 2.11
N TYR A 40 -6.91 -12.67 1.38
CA TYR A 40 -6.41 -13.52 0.32
C TYR A 40 -5.03 -14.06 0.66
N ARG A 41 -4.66 -15.19 0.07
CA ARG A 41 -3.36 -15.81 0.33
C ARG A 41 -2.76 -16.37 -0.95
N LYS A 42 -1.43 -16.43 -0.98
CA LYS A 42 -0.72 -16.96 -2.14
C LYS A 42 0.74 -17.26 -1.79
N LYS A 43 1.44 -17.93 -2.69
CA LYS A 43 2.83 -18.29 -2.46
C LYS A 43 3.75 -17.67 -3.51
N VAL A 44 4.85 -17.08 -3.04
CA VAL A 44 5.81 -16.44 -3.92
C VAL A 44 7.24 -16.65 -3.42
N VAL A 45 8.17 -16.88 -4.34
CA VAL A 45 9.56 -17.09 -3.98
C VAL A 45 10.36 -15.79 -3.99
N LEU A 46 11.20 -15.61 -2.98
CA LEU A 46 12.03 -14.42 -2.86
C LEU A 46 13.50 -14.77 -2.83
N ASP A 47 14.18 -14.57 -3.95
CA ASP A 47 15.61 -14.85 -4.09
C ASP A 47 15.97 -16.19 -3.45
N GLY A 48 15.03 -17.14 -3.49
CA GLY A 48 15.29 -18.45 -2.91
C GLY A 48 14.30 -18.83 -1.83
N GLU A 49 14.07 -17.91 -0.89
CA GLU A 49 13.15 -18.18 0.21
C GLU A 49 11.72 -17.80 -0.16
N GLU A 50 10.86 -18.79 -0.17
CA GLU A 50 9.45 -18.59 -0.51
C GLU A 50 8.65 -18.18 0.72
N VAL A 51 7.99 -17.03 0.63
CA VAL A 51 7.18 -16.53 1.72
C VAL A 51 5.79 -16.13 1.23
N GLN A 52 4.77 -16.44 2.03
CA GLN A 52 3.40 -16.12 1.67
C GLN A 52 3.05 -14.69 2.06
N ILE A 53 1.98 -14.16 1.46
CA ILE A 53 1.53 -12.81 1.75
C ILE A 53 0.01 -12.75 1.84
N ASP A 54 -0.49 -11.90 2.73
CA ASP A 54 -1.93 -11.75 2.92
C ASP A 54 -2.35 -10.30 2.65
N ILE A 55 -3.22 -10.11 1.66
CA ILE A 55 -3.69 -8.78 1.30
C ILE A 55 -5.11 -8.55 1.81
N LEU A 56 -5.28 -7.49 2.60
CA LEU A 56 -6.58 -7.15 3.16
C LEU A 56 -7.24 -6.05 2.34
N ASP A 57 -8.41 -6.35 1.77
CA ASP A 57 -9.15 -5.39 0.96
C ASP A 57 -9.91 -4.40 1.86
N THR A 58 -9.46 -3.15 1.88
CA THR A 58 -10.09 -2.12 2.69
C THR A 58 -10.99 -1.23 1.84
N ALA A 59 -11.63 -0.27 2.49
CA ALA A 59 -12.53 0.66 1.80
C ALA A 59 -12.53 2.02 2.50
N GLY A 60 -13.54 2.83 2.20
CA GLY A 60 -13.63 4.15 2.81
C GLY A 60 -13.67 4.07 4.32
N LEU A 61 -12.49 4.18 4.94
CA LEU A 61 -12.38 4.11 6.39
C LEU A 61 -12.83 5.42 7.03
N GLU A 62 -13.37 6.32 6.22
CA GLU A 62 -13.84 7.61 6.70
C GLU A 62 -15.21 7.46 7.36
N ASP A 63 -15.83 6.31 7.19
CA ASP A 63 -17.14 6.05 7.76
C ASP A 63 -17.03 5.59 9.20
N TYR A 64 -15.87 5.08 9.57
CA TYR A 64 -15.64 4.61 10.93
C TYR A 64 -14.87 5.66 11.75
N ALA A 65 -15.39 5.97 12.93
CA ALA A 65 -14.76 6.95 13.81
C ALA A 65 -13.46 6.42 14.38
N ALA A 66 -13.50 5.18 14.87
CA ALA A 66 -12.31 4.55 15.44
C ALA A 66 -12.23 3.07 15.08
N ILE A 67 -13.28 2.57 14.42
CA ILE A 67 -13.33 1.17 14.01
C ILE A 67 -12.38 0.91 12.84
N ARG A 68 -12.03 1.98 12.13
CA ARG A 68 -11.14 1.87 10.98
C ARG A 68 -9.74 1.41 11.40
N ASP A 69 -9.32 1.82 12.59
CA ASP A 69 -8.01 1.45 13.12
C ASP A 69 -7.87 -0.07 13.21
N ASN A 70 -8.99 -0.74 13.46
CA ASN A 70 -9.01 -2.19 13.58
C ASN A 70 -8.33 -2.86 12.40
N TYR A 71 -8.53 -2.31 11.21
CA TYR A 71 -7.94 -2.87 10.00
C TYR A 71 -6.41 -2.76 10.02
N PHE A 72 -5.91 -1.58 10.38
CA PHE A 72 -4.47 -1.34 10.42
C PHE A 72 -3.81 -2.27 11.45
N ARG A 73 -4.49 -2.48 12.56
CA ARG A 73 -3.97 -3.34 13.63
C ARG A 73 -4.08 -4.82 13.24
N SER A 74 -4.80 -5.09 12.15
CA SER A 74 -4.97 -6.46 11.68
C SER A 74 -3.92 -6.81 10.61
N GLY A 75 -2.94 -5.93 10.44
CA GLY A 75 -1.90 -6.17 9.45
C GLY A 75 -0.50 -5.99 10.03
N GLU A 76 0.50 -6.10 9.17
CA GLU A 76 1.89 -5.95 9.58
C GLU A 76 2.58 -4.83 8.80
N GLY A 77 2.17 -4.67 7.54
CA GLY A 77 2.76 -3.64 6.69
C GLY A 77 1.74 -2.65 6.20
N PHE A 78 2.21 -1.56 5.61
CA PHE A 78 1.33 -0.51 5.09
C PHE A 78 1.74 -0.10 3.68
N LEU A 79 0.74 0.16 2.83
CA LEU A 79 0.98 0.58 1.46
C LEU A 79 0.16 1.81 1.12
N LEU A 80 0.83 2.96 1.03
CA LEU A 80 0.13 4.21 0.71
C LEU A 80 -0.07 4.33 -0.80
N VAL A 81 -1.31 4.59 -1.21
CA VAL A 81 -1.61 4.71 -2.63
C VAL A 81 -2.48 5.94 -2.91
N PHE A 82 -2.05 6.75 -3.87
CA PHE A 82 -2.79 7.95 -4.26
C PHE A 82 -2.67 8.19 -5.76
N SER A 83 -3.67 8.84 -6.35
CA SER A 83 -3.66 9.12 -7.77
C SER A 83 -3.09 10.51 -8.06
N ILE A 84 -2.49 10.66 -9.24
CA ILE A 84 -1.91 11.94 -9.64
C ILE A 84 -3.00 12.91 -10.06
N THR A 85 -4.03 12.39 -10.71
CA THR A 85 -5.15 13.22 -11.15
C THR A 85 -5.93 13.75 -9.96
N GLU A 86 -5.87 13.03 -8.85
CA GLU A 86 -6.55 13.42 -7.62
C GLU A 86 -5.57 13.98 -6.60
N HIS A 87 -5.35 15.30 -6.67
CA HIS A 87 -4.43 15.96 -5.76
C HIS A 87 -4.91 15.86 -4.31
N GLU A 88 -6.18 15.51 -4.14
CA GLU A 88 -6.77 15.39 -2.81
C GLU A 88 -6.27 14.13 -2.12
N SER A 89 -5.89 13.14 -2.91
CA SER A 89 -5.39 11.86 -2.39
C SER A 89 -4.03 12.02 -1.74
N PHE A 90 -3.08 12.59 -2.48
CA PHE A 90 -1.72 12.78 -1.98
C PHE A 90 -1.71 13.50 -0.63
N THR A 91 -2.60 14.47 -0.47
CA THR A 91 -2.70 15.25 0.76
C THR A 91 -3.31 14.43 1.91
N ALA A 92 -4.49 13.86 1.66
CA ALA A 92 -5.18 13.08 2.68
C ALA A 92 -4.36 11.87 3.11
N THR A 93 -3.66 11.27 2.16
CA THR A 93 -2.84 10.10 2.44
C THR A 93 -1.83 10.41 3.55
N ALA A 94 -1.41 11.66 3.62
CA ALA A 94 -0.44 12.09 4.62
C ALA A 94 -1.05 12.03 6.02
N GLU A 95 -2.34 12.32 6.12
CA GLU A 95 -3.03 12.28 7.41
C GLU A 95 -2.97 10.88 8.01
N PHE A 96 -3.07 9.87 7.14
CA PHE A 96 -3.03 8.48 7.57
C PHE A 96 -1.64 8.10 8.07
N ARG A 97 -0.62 8.80 7.57
CA ARG A 97 0.76 8.53 7.96
C ARG A 97 0.90 8.44 9.47
N GLU A 98 0.46 9.48 10.17
CA GLU A 98 0.54 9.52 11.62
C GLU A 98 -0.26 8.39 12.26
N GLN A 99 -1.38 8.05 11.63
CA GLN A 99 -2.25 6.98 12.13
C GLN A 99 -1.53 5.63 12.07
N ILE A 100 -0.55 5.53 11.18
CA ILE A 100 0.21 4.30 11.02
C ILE A 100 1.05 4.00 12.26
N LEU A 101 1.76 5.00 12.76
CA LEU A 101 2.58 4.84 13.94
C LEU A 101 1.74 4.61 15.18
N ARG A 102 0.51 5.12 15.16
CA ARG A 102 -0.41 4.96 16.30
C ARG A 102 -0.73 3.49 16.52
N VAL A 103 -1.12 2.79 15.46
CA VAL A 103 -1.47 1.39 15.55
C VAL A 103 -0.23 0.52 15.83
N LYS A 104 0.94 1.12 15.71
CA LYS A 104 2.20 0.42 15.95
C LYS A 104 3.03 1.13 17.02
N ALA A 105 2.37 1.57 18.08
CA ALA A 105 3.04 2.26 19.17
C ALA A 105 4.01 1.33 19.90
N GLU A 106 3.86 0.03 19.67
CA GLU A 106 4.72 -0.96 20.31
C GLU A 106 5.89 -1.34 19.43
N GLU A 107 5.72 -1.17 18.11
CA GLU A 107 6.77 -1.50 17.16
C GLU A 107 7.84 -0.42 17.14
N ASP A 108 9.00 -0.75 16.58
CA ASP A 108 10.11 0.20 16.49
C ASP A 108 10.43 0.54 15.04
N LYS A 109 9.94 -0.30 14.13
CA LYS A 109 10.17 -0.10 12.70
C LYS A 109 8.94 -0.50 11.89
N ILE A 110 8.21 0.50 11.39
CA ILE A 110 7.01 0.24 10.61
C ILE A 110 7.31 0.37 9.11
N PRO A 111 7.23 -0.75 8.35
CA PRO A 111 7.48 -0.74 6.91
C PRO A 111 6.41 0.05 6.14
N LEU A 112 6.85 1.05 5.38
CA LEU A 112 5.95 1.88 4.60
C LEU A 112 6.40 1.94 3.15
N LEU A 113 5.46 2.24 2.25
CA LEU A 113 5.77 2.34 0.83
C LEU A 113 4.70 3.16 0.12
N VAL A 114 5.12 4.22 -0.57
CA VAL A 114 4.18 5.10 -1.27
C VAL A 114 4.23 4.86 -2.78
N VAL A 115 3.06 4.97 -3.41
CA VAL A 115 2.95 4.78 -4.85
C VAL A 115 1.92 5.74 -5.44
N GLY A 116 2.09 6.05 -6.72
CA GLY A 116 1.17 6.93 -7.41
C GLY A 116 0.60 6.30 -8.67
N ASN A 117 -0.66 5.89 -8.59
CA ASN A 117 -1.31 5.25 -9.71
C ASN A 117 -1.84 6.30 -10.68
N LYS A 118 -2.62 5.85 -11.67
CA LYS A 118 -3.18 6.76 -12.67
C LYS A 118 -2.07 7.42 -13.49
N SER A 119 -0.86 6.89 -13.39
CA SER A 119 0.28 7.43 -14.12
C SER A 119 0.08 7.32 -15.63
N ASP A 120 -0.97 6.61 -16.03
CA ASP A 120 -1.29 6.45 -17.44
C ASP A 120 -1.62 7.79 -18.08
N LEU A 121 -1.77 8.81 -17.24
CA LEU A 121 -2.09 10.16 -17.71
C LEU A 121 -0.97 11.13 -17.38
N GLU A 122 0.01 11.24 -18.28
CA GLU A 122 1.13 12.13 -18.09
C GLU A 122 0.73 13.59 -18.28
N GLU A 123 -0.29 13.81 -19.09
CA GLU A 123 -0.78 15.16 -19.36
C GLU A 123 -1.77 15.61 -18.30
N ARG A 124 -2.14 14.70 -17.40
CA ARG A 124 -3.08 15.02 -16.34
C ARG A 124 -2.44 14.87 -14.96
N ARG A 125 -1.12 14.80 -14.93
CA ARG A 125 -0.39 14.66 -13.68
C ARG A 125 -0.21 16.02 -13.01
N GLN A 126 -0.90 16.23 -11.90
CA GLN A 126 -0.81 17.48 -11.16
C GLN A 126 0.40 17.51 -10.25
N VAL A 127 0.77 16.35 -9.71
CA VAL A 127 1.92 16.25 -8.82
C VAL A 127 3.12 15.64 -9.55
N PRO A 128 4.16 16.45 -9.85
CA PRO A 128 5.35 15.96 -10.54
C PRO A 128 5.97 14.78 -9.79
N VAL A 129 6.36 13.75 -10.52
CA VAL A 129 6.96 12.56 -9.92
C VAL A 129 8.08 12.94 -8.96
N GLU A 130 8.92 13.88 -9.37
CA GLU A 130 10.05 14.32 -8.55
C GLU A 130 9.57 14.91 -7.23
N GLU A 131 8.58 15.80 -7.30
CA GLU A 131 8.04 16.44 -6.11
C GLU A 131 7.54 15.40 -5.11
N ALA A 132 6.97 14.31 -5.63
CA ALA A 132 6.45 13.25 -4.78
C ALA A 132 7.58 12.50 -4.08
N ARG A 133 8.74 12.42 -4.75
CA ARG A 133 9.90 11.74 -4.18
C ARG A 133 10.44 12.48 -2.96
N SER A 134 10.52 13.80 -3.08
CA SER A 134 11.03 14.64 -1.99
C SER A 134 10.20 14.48 -0.73
N LYS A 135 8.88 14.38 -0.89
CA LYS A 135 7.98 14.24 0.25
C LYS A 135 8.01 12.82 0.80
N ALA A 136 8.03 11.84 -0.10
CA ALA A 136 8.05 10.44 0.28
C ALA A 136 9.27 10.08 1.12
N GLU A 137 10.44 10.50 0.65
CA GLU A 137 11.70 10.22 1.33
C GLU A 137 11.67 10.69 2.79
N GLU A 138 10.93 11.76 3.06
CA GLU A 138 10.84 12.30 4.41
C GLU A 138 10.43 11.21 5.41
N TRP A 139 9.53 10.32 4.97
CA TRP A 139 9.07 9.23 5.83
C TRP A 139 10.10 8.11 5.88
N GLY A 140 11.01 8.11 4.91
CA GLY A 140 12.02 7.07 4.86
C GLY A 140 11.71 6.01 3.83
N VAL A 141 10.86 6.36 2.87
CA VAL A 141 10.47 5.43 1.83
C VAL A 141 10.79 5.98 0.44
N GLN A 142 10.50 5.18 -0.58
CA GLN A 142 10.73 5.57 -1.96
C GLN A 142 9.42 5.54 -2.73
N TYR A 143 9.12 6.62 -3.44
CA TYR A 143 7.89 6.71 -4.21
C TYR A 143 8.11 6.31 -5.67
N VAL A 144 7.14 5.60 -6.22
CA VAL A 144 7.22 5.15 -7.60
C VAL A 144 5.88 5.34 -8.32
N GLU A 145 5.94 5.48 -9.64
CA GLU A 145 4.72 5.67 -10.44
C GLU A 145 4.17 4.32 -10.89
N THR A 146 2.85 4.25 -11.02
CA THR A 146 2.19 3.01 -11.45
C THR A 146 0.90 3.30 -12.19
N SER A 147 0.32 2.26 -12.79
CA SER A 147 -0.92 2.38 -13.53
C SER A 147 -1.73 1.09 -13.43
N ALA A 148 -2.88 1.17 -12.78
CA ALA A 148 -3.75 0.00 -12.63
C ALA A 148 -4.36 -0.40 -13.96
N LYS A 149 -4.08 0.39 -15.00
CA LYS A 149 -4.60 0.14 -16.34
C LYS A 149 -3.63 -0.71 -17.14
N THR A 150 -2.34 -0.46 -16.95
CA THR A 150 -1.30 -1.21 -17.66
C THR A 150 -0.79 -2.37 -16.81
N ARG A 151 -1.04 -2.29 -15.50
CA ARG A 151 -0.61 -3.33 -14.57
C ARG A 151 0.87 -3.64 -14.77
N ALA A 152 1.64 -2.62 -15.16
CA ALA A 152 3.06 -2.79 -15.42
C ALA A 152 3.89 -2.84 -14.13
N ASN A 153 3.77 -1.80 -13.30
CA ASN A 153 4.52 -1.75 -12.05
C ASN A 153 3.61 -1.88 -10.84
N VAL A 154 2.42 -2.44 -11.03
CA VAL A 154 1.48 -2.61 -9.93
C VAL A 154 2.01 -3.60 -8.90
N ASP A 155 2.58 -4.70 -9.38
CA ASP A 155 3.14 -5.72 -8.49
C ASP A 155 4.45 -5.26 -7.87
N LYS A 156 5.03 -4.20 -8.42
CA LYS A 156 6.30 -3.67 -7.93
C LYS A 156 6.19 -3.25 -6.46
N VAL A 157 5.07 -2.67 -6.09
CA VAL A 157 4.87 -2.21 -4.70
C VAL A 157 4.58 -3.37 -3.75
N PHE A 158 4.02 -4.45 -4.29
CA PHE A 158 3.71 -5.62 -3.48
C PHE A 158 4.97 -6.39 -3.10
N PHE A 159 5.82 -6.64 -4.09
CA PHE A 159 7.06 -7.37 -3.86
C PHE A 159 8.07 -6.54 -3.08
N ASP A 160 8.20 -5.27 -3.46
CA ASP A 160 9.15 -4.37 -2.80
C ASP A 160 8.85 -4.27 -1.31
N LEU A 161 7.59 -3.98 -0.98
CA LEU A 161 7.17 -3.84 0.41
C LEU A 161 7.39 -5.14 1.18
N MET A 162 7.21 -6.26 0.49
CA MET A 162 7.40 -7.57 1.11
C MET A 162 8.82 -7.72 1.66
N ARG A 163 9.80 -7.35 0.85
CA ARG A 163 11.20 -7.44 1.24
C ARG A 163 11.53 -6.42 2.32
N GLU A 164 10.88 -5.26 2.25
CA GLU A 164 11.10 -4.19 3.22
C GLU A 164 10.81 -4.66 4.64
N ILE A 165 9.78 -5.50 4.78
CA ILE A 165 9.41 -6.02 6.09
C ILE A 165 10.46 -6.98 6.63
N ARG A 166 10.81 -7.98 5.82
CA ARG A 166 11.79 -8.98 6.22
C ARG A 166 13.12 -8.35 6.62
N THR A 167 13.52 -7.31 5.92
CA THR A 167 14.79 -6.63 6.19
C THR A 167 14.68 -5.54 7.27
N LYS A 168 13.83 -4.55 7.04
CA LYS A 168 13.67 -3.43 7.97
C LYS A 168 13.01 -3.81 9.29
N LYS A 169 11.83 -4.44 9.22
CA LYS A 169 11.11 -4.80 10.44
C LYS A 169 11.88 -5.81 11.29
N MET A 170 12.59 -6.72 10.65
CA MET A 170 13.35 -7.75 11.38
C MET A 170 14.70 -7.22 11.88
N SER A 171 15.10 -6.05 11.38
CA SER A 171 16.38 -5.46 11.79
C SER A 171 16.21 -4.62 13.06
N GLU A 172 15.38 -3.59 12.98
CA GLU A 172 15.13 -2.70 14.10
C GLU A 172 16.43 -2.18 14.69
N ASN A 173 16.93 -1.08 14.14
CA ASN A 173 18.18 -0.49 14.61
C ASN A 173 18.13 1.03 14.46
N LYS A 174 18.28 1.73 15.58
CA LYS A 174 18.26 3.20 15.58
C LYS A 174 16.95 3.73 15.03
PG GNP B . -13.65 2.67 -2.57
O1G GNP B . -14.77 3.32 -3.31
O2G GNP B . -13.68 1.08 -2.73
O3G GNP B . -13.67 3.09 -1.03
N3B GNP B . -12.15 3.17 -3.12
PB GNP B . -12.01 3.04 -4.79
O1B GNP B . -11.16 4.15 -5.28
O2B GNP B . -11.63 1.65 -5.13
O3A GNP B . -13.50 3.30 -5.31
PA GNP B . -13.75 4.15 -6.63
O1A GNP B . -15.11 3.86 -7.13
O2A GNP B . -13.37 5.56 -6.38
O5' GNP B . -12.69 3.52 -7.64
C5' GNP B . -11.95 4.35 -8.54
C4' GNP B . -11.95 3.74 -9.93
O4' GNP B . -10.98 4.43 -10.75
C3' GNP B . -11.55 2.27 -10.01
O3' GNP B . -12.66 1.42 -9.75
C2' GNP B . -11.04 2.15 -11.44
O2' GNP B . -12.11 2.02 -12.37
C1' GNP B . -10.37 3.51 -11.64
N9 GNP B . -8.92 3.50 -11.38
C8 GNP B . -8.30 3.34 -10.16
N7 GNP B . -7.01 3.37 -10.24
C5 GNP B . -6.74 3.55 -11.59
C6 GNP B . -5.51 3.64 -12.29
O6 GNP B . -4.36 3.60 -11.82
N1 GNP B . -5.70 3.82 -13.65
C2 GNP B . -6.93 3.89 -14.27
N2 GNP B . -6.92 4.06 -15.60
N3 GNP B . -8.09 3.80 -13.64
C4 GNP B . -7.93 3.62 -12.31
HNB3 GNP B . -11.45 2.63 -2.70
H5'2 GNP B . -10.92 4.43 -8.20
H5'1 GNP B . -12.39 5.34 -8.59
H4' GNP B . -12.97 3.81 -10.31
H3' GNP B . -10.79 2.03 -9.26
HO3' GNP B . -13.13 1.31 -10.59
H2' GNP B . -10.32 1.33 -11.52
HO2' GNP B . -12.93 2.12 -11.88
H1' GNP B . -10.52 3.90 -12.65
H8 GNP B . -8.85 3.21 -9.24
HN1 GNP B . -4.88 3.91 -14.24
HN21 GNP B . -7.78 4.11 -16.11
HN22 GNP B . -6.03 4.13 -16.09
MG MG C . -12.11 -0.18 -3.84
N LEU A 1 7.47 -21.17 7.07
CA LEU A 1 7.40 -20.03 6.12
C LEU A 1 7.08 -18.72 6.85
N ALA A 2 7.30 -17.60 6.17
CA ALA A 2 7.03 -16.29 6.76
C ALA A 2 5.76 -15.68 6.17
N LEU A 3 4.87 -15.23 7.04
CA LEU A 3 3.61 -14.63 6.61
C LEU A 3 3.65 -13.11 6.77
N HIS A 4 3.72 -12.41 5.64
CA HIS A 4 3.78 -10.95 5.64
C HIS A 4 2.45 -10.36 5.19
N LYS A 5 1.76 -9.67 6.10
CA LYS A 5 0.49 -9.04 5.79
C LYS A 5 0.68 -7.59 5.37
N VAL A 6 -0.10 -7.16 4.37
CA VAL A 6 -0.01 -5.80 3.87
C VAL A 6 -1.38 -5.13 3.85
N ILE A 7 -1.44 -3.87 4.23
CA ILE A 7 -2.70 -3.13 4.26
C ILE A 7 -2.71 -2.02 3.22
N MET A 8 -3.78 -1.96 2.44
CA MET A 8 -3.92 -0.93 1.42
C MET A 8 -4.45 0.37 2.02
N VAL A 9 -3.54 1.28 2.34
CA VAL A 9 -3.92 2.56 2.93
C VAL A 9 -3.90 3.66 1.89
N GLY A 10 -4.64 4.74 2.15
CA GLY A 10 -4.69 5.84 1.20
C GLY A 10 -5.60 6.95 1.66
N SER A 11 -5.90 7.87 0.74
CA SER A 11 -6.77 9.00 1.05
C SER A 11 -8.15 8.53 1.48
N GLY A 12 -8.71 7.59 0.71
CA GLY A 12 -10.02 7.05 1.01
C GLY A 12 -10.89 6.95 -0.23
N GLY A 13 -10.26 6.96 -1.40
CA GLY A 13 -11.00 6.86 -2.64
C GLY A 13 -10.11 7.07 -3.86
N VAL A 14 -9.18 6.16 -4.07
CA VAL A 14 -8.26 6.23 -5.20
C VAL A 14 -8.28 4.96 -6.03
N GLY A 15 -8.33 3.81 -5.35
CA GLY A 15 -8.35 2.54 -6.04
C GLY A 15 -7.37 1.55 -5.44
N LYS A 16 -7.26 1.57 -4.12
CA LYS A 16 -6.37 0.66 -3.40
C LYS A 16 -6.72 -0.79 -3.67
N SER A 17 -8.02 -1.07 -3.79
CA SER A 17 -8.52 -2.41 -4.06
C SER A 17 -8.21 -2.84 -5.49
N ALA A 18 -8.16 -1.88 -6.39
CA ALA A 18 -7.91 -2.16 -7.80
C ALA A 18 -6.51 -2.72 -7.97
N LEU A 19 -5.53 -2.02 -7.42
CA LEU A 19 -4.15 -2.47 -7.48
C LEU A 19 -4.05 -3.81 -6.77
N THR A 20 -4.99 -4.04 -5.85
CA THR A 20 -5.01 -5.28 -5.09
C THR A 20 -5.38 -6.46 -5.99
N LEU A 21 -6.42 -6.29 -6.81
CA LEU A 21 -6.87 -7.34 -7.71
C LEU A 21 -5.86 -7.59 -8.83
N GLN A 22 -5.18 -6.52 -9.26
CA GLN A 22 -4.19 -6.62 -10.32
C GLN A 22 -3.06 -7.56 -9.92
N PHE A 23 -2.71 -7.55 -8.63
CA PHE A 23 -1.64 -8.39 -8.13
C PHE A 23 -2.06 -9.86 -8.07
N MET A 24 -3.36 -10.10 -7.90
CA MET A 24 -3.90 -11.45 -7.79
C MET A 24 -4.11 -12.12 -9.15
N TYR A 25 -4.78 -11.44 -10.07
CA TYR A 25 -5.08 -12.01 -11.39
C TYR A 25 -4.25 -11.40 -12.52
N ASP A 26 -3.56 -10.30 -12.22
CA ASP A 26 -2.74 -9.64 -13.24
C ASP A 26 -3.61 -9.18 -14.41
N GLU A 27 -4.88 -8.89 -14.12
CA GLU A 27 -5.81 -8.45 -15.15
C GLU A 27 -6.78 -7.41 -14.60
N PHE A 28 -7.27 -6.53 -15.48
CA PHE A 28 -8.20 -5.49 -15.08
C PHE A 28 -9.63 -5.94 -15.32
N VAL A 29 -10.42 -5.97 -14.25
CA VAL A 29 -11.82 -6.38 -14.34
C VAL A 29 -12.74 -5.33 -13.74
N GLU A 30 -13.95 -5.24 -14.28
CA GLU A 30 -14.94 -4.27 -13.80
C GLU A 30 -15.69 -4.81 -12.58
N ASP A 31 -15.23 -5.93 -12.06
CA ASP A 31 -15.86 -6.55 -10.90
C ASP A 31 -15.07 -6.26 -9.62
N TYR A 32 -15.79 -6.18 -8.50
CA TYR A 32 -15.17 -5.92 -7.22
C TYR A 32 -15.84 -6.74 -6.11
N GLU A 33 -15.19 -6.82 -4.96
CA GLU A 33 -15.72 -7.56 -3.83
C GLU A 33 -15.52 -6.79 -2.52
N PRO A 34 -16.59 -6.59 -1.73
CA PRO A 34 -16.52 -5.86 -0.46
C PRO A 34 -15.49 -6.47 0.49
N THR A 35 -15.00 -5.67 1.42
CA THR A 35 -14.01 -6.12 2.38
C THR A 35 -14.40 -5.73 3.80
N LYS A 36 -14.69 -6.73 4.62
CA LYS A 36 -15.07 -6.49 6.02
C LYS A 36 -14.05 -7.11 6.97
N ALA A 37 -13.59 -8.30 6.63
CA ALA A 37 -12.61 -9.01 7.45
C ALA A 37 -11.97 -10.16 6.68
N ASP A 38 -12.39 -10.34 5.44
CA ASP A 38 -11.86 -11.41 4.60
C ASP A 38 -10.57 -10.97 3.91
N SER A 39 -9.56 -11.83 3.97
CA SER A 39 -8.27 -11.54 3.35
C SER A 39 -7.88 -12.59 2.32
N TYR A 40 -6.80 -12.34 1.60
CA TYR A 40 -6.33 -13.27 0.58
C TYR A 40 -4.96 -13.84 0.97
N ARG A 41 -4.65 -15.03 0.45
CA ARG A 41 -3.36 -15.66 0.72
C ARG A 41 -2.77 -16.26 -0.54
N LYS A 42 -1.46 -16.07 -0.71
CA LYS A 42 -0.75 -16.57 -1.87
C LYS A 42 0.68 -16.95 -1.51
N LYS A 43 1.27 -17.88 -2.27
CA LYS A 43 2.63 -18.33 -2.01
C LYS A 43 3.54 -18.03 -3.20
N VAL A 44 4.59 -17.25 -2.95
CA VAL A 44 5.54 -16.88 -4.00
C VAL A 44 6.98 -16.93 -3.48
N VAL A 45 7.91 -17.28 -4.35
CA VAL A 45 9.32 -17.35 -3.97
C VAL A 45 9.97 -15.97 -4.00
N LEU A 46 10.87 -15.73 -3.05
CA LEU A 46 11.55 -14.45 -2.96
C LEU A 46 13.05 -14.63 -2.73
N ASP A 47 13.83 -14.40 -3.80
CA ASP A 47 15.28 -14.53 -3.72
C ASP A 47 15.70 -15.90 -3.18
N GLY A 48 14.88 -16.91 -3.47
CA GLY A 48 15.18 -18.25 -3.00
C GLY A 48 14.26 -18.71 -1.87
N GLU A 49 14.00 -17.81 -0.93
CA GLU A 49 13.14 -18.11 0.20
C GLU A 49 11.68 -17.76 -0.11
N GLU A 50 10.83 -18.78 -0.10
CA GLU A 50 9.40 -18.58 -0.38
C GLU A 50 8.65 -18.18 0.88
N VAL A 51 7.85 -17.13 0.79
CA VAL A 51 7.07 -16.66 1.93
C VAL A 51 5.62 -16.39 1.52
N GLN A 52 4.70 -16.58 2.47
CA GLN A 52 3.29 -16.36 2.21
C GLN A 52 2.93 -14.88 2.32
N ILE A 53 2.10 -14.41 1.40
CA ILE A 53 1.69 -13.01 1.39
C ILE A 53 0.18 -12.87 1.57
N ASP A 54 -0.24 -11.90 2.38
CA ASP A 54 -1.66 -11.66 2.64
C ASP A 54 -1.99 -10.19 2.41
N ILE A 55 -2.95 -9.94 1.52
CA ILE A 55 -3.37 -8.57 1.21
C ILE A 55 -4.77 -8.27 1.75
N LEU A 56 -4.95 -7.05 2.24
CA LEU A 56 -6.24 -6.62 2.78
C LEU A 56 -6.66 -5.30 2.15
N ASP A 57 -7.75 -5.32 1.38
CA ASP A 57 -8.25 -4.12 0.72
C ASP A 57 -8.47 -3.00 1.73
N THR A 58 -9.25 -3.31 2.77
CA THR A 58 -9.56 -2.34 3.84
C THR A 58 -10.59 -1.31 3.39
N ALA A 59 -10.49 -0.87 2.14
CA ALA A 59 -11.41 0.12 1.58
C ALA A 59 -11.38 1.41 2.41
N GLY A 60 -12.26 2.34 2.06
CA GLY A 60 -12.33 3.60 2.77
C GLY A 60 -12.77 3.41 4.21
N LEU A 61 -11.92 3.81 5.15
CA LEU A 61 -12.23 3.67 6.57
C LEU A 61 -12.94 4.93 7.09
N GLU A 62 -13.46 5.73 6.18
CA GLU A 62 -14.16 6.95 6.55
C GLU A 62 -15.55 6.66 7.10
N ASP A 63 -15.86 5.37 7.27
CA ASP A 63 -17.16 4.96 7.78
C ASP A 63 -17.03 4.44 9.22
N TYR A 64 -15.80 4.17 9.64
CA TYR A 64 -15.55 3.66 10.98
C TYR A 64 -15.08 4.79 11.90
N ALA A 65 -15.57 4.78 13.13
CA ALA A 65 -15.21 5.79 14.11
C ALA A 65 -13.82 5.54 14.68
N ALA A 66 -13.60 4.33 15.19
CA ALA A 66 -12.31 3.97 15.77
C ALA A 66 -11.86 2.58 15.30
N ILE A 67 -12.75 1.89 14.60
CA ILE A 67 -12.45 0.55 14.10
C ILE A 67 -11.31 0.61 13.07
N ARG A 68 -11.05 1.81 12.57
CA ARG A 68 -9.99 2.02 11.58
C ARG A 68 -8.66 1.46 12.07
N ASP A 69 -8.30 1.80 13.31
CA ASP A 69 -7.06 1.34 13.91
C ASP A 69 -6.96 -0.17 13.86
N ASN A 70 -8.11 -0.84 13.95
CA ASN A 70 -8.15 -2.30 13.93
C ASN A 70 -7.64 -2.84 12.60
N TYR A 71 -8.08 -2.23 11.51
CA TYR A 71 -7.68 -2.64 10.17
C TYR A 71 -6.17 -2.49 9.97
N PHE A 72 -5.65 -1.32 10.32
CA PHE A 72 -4.23 -1.04 10.18
C PHE A 72 -3.40 -1.96 11.08
N ARG A 73 -4.03 -2.48 12.12
CA ARG A 73 -3.36 -3.36 13.07
C ARG A 73 -3.37 -4.81 12.57
N SER A 74 -4.39 -5.16 11.80
CA SER A 74 -4.52 -6.51 11.27
C SER A 74 -3.27 -6.92 10.48
N GLY A 75 -2.70 -5.98 9.74
CA GLY A 75 -1.52 -6.26 8.95
C GLY A 75 -0.29 -5.56 9.49
N GLU A 76 0.89 -6.08 9.13
CA GLU A 76 2.15 -5.51 9.59
C GLU A 76 2.73 -4.57 8.53
N GLY A 77 2.19 -4.65 7.32
CA GLY A 77 2.68 -3.80 6.23
C GLY A 77 1.71 -2.69 5.90
N PHE A 78 2.23 -1.63 5.26
CA PHE A 78 1.40 -0.49 4.88
C PHE A 78 1.73 -0.02 3.46
N LEU A 79 0.70 0.22 2.67
CA LEU A 79 0.89 0.68 1.29
C LEU A 79 0.05 1.93 1.01
N LEU A 80 0.70 3.09 1.01
CA LEU A 80 0.01 4.35 0.76
C LEU A 80 -0.12 4.60 -0.74
N VAL A 81 -1.33 4.77 -1.22
CA VAL A 81 -1.56 5.01 -2.65
C VAL A 81 -2.45 6.25 -2.87
N PHE A 82 -2.07 7.05 -3.86
CA PHE A 82 -2.83 8.25 -4.20
C PHE A 82 -2.75 8.51 -5.70
N SER A 83 -3.78 9.17 -6.24
CA SER A 83 -3.83 9.49 -7.66
C SER A 83 -3.13 10.80 -7.97
N ILE A 84 -2.33 10.81 -9.02
CA ILE A 84 -1.60 12.01 -9.43
C ILE A 84 -2.57 13.06 -9.94
N THR A 85 -3.63 12.62 -10.61
CA THR A 85 -4.63 13.52 -11.14
C THR A 85 -5.47 14.11 -10.02
N GLU A 86 -5.50 13.41 -8.89
CA GLU A 86 -6.26 13.87 -7.72
C GLU A 86 -5.32 14.36 -6.62
N HIS A 87 -5.05 15.65 -6.61
CA HIS A 87 -4.16 16.24 -5.62
C HIS A 87 -4.73 16.09 -4.21
N GLU A 88 -6.01 15.77 -4.13
CA GLU A 88 -6.69 15.59 -2.85
C GLU A 88 -6.25 14.30 -2.18
N SER A 89 -5.85 13.33 -3.00
CA SER A 89 -5.42 12.03 -2.52
C SER A 89 -4.07 12.12 -1.81
N PHE A 90 -3.09 12.73 -2.47
CA PHE A 90 -1.75 12.89 -1.92
C PHE A 90 -1.79 13.56 -0.54
N THR A 91 -2.67 14.54 -0.40
CA THR A 91 -2.82 15.28 0.86
C THR A 91 -3.49 14.43 1.94
N ALA A 92 -4.66 13.90 1.61
CA ALA A 92 -5.42 13.07 2.55
C ALA A 92 -4.62 11.86 2.98
N THR A 93 -3.85 11.30 2.06
CA THR A 93 -3.02 10.14 2.34
C THR A 93 -2.01 10.46 3.44
N ALA A 94 -1.59 11.71 3.47
CA ALA A 94 -0.62 12.17 4.46
C ALA A 94 -1.18 12.05 5.87
N GLU A 95 -2.48 12.28 6.02
CA GLU A 95 -3.14 12.19 7.31
C GLU A 95 -3.06 10.77 7.86
N PHE A 96 -3.30 9.80 7.00
CA PHE A 96 -3.26 8.39 7.39
C PHE A 96 -1.86 7.98 7.83
N ARG A 97 -0.85 8.65 7.28
CA ARG A 97 0.54 8.36 7.62
C ARG A 97 0.77 8.43 9.12
N GLU A 98 0.19 9.46 9.75
CA GLU A 98 0.32 9.64 11.19
C GLU A 98 -0.47 8.60 11.95
N GLN A 99 -1.56 8.14 11.35
CA GLN A 99 -2.42 7.12 11.97
C GLN A 99 -1.72 5.75 11.97
N ILE A 100 -0.82 5.57 11.02
CA ILE A 100 -0.08 4.32 10.89
C ILE A 100 0.70 4.00 12.17
N LEU A 101 1.25 5.04 12.78
CA LEU A 101 2.03 4.86 14.00
C LEU A 101 1.15 4.45 15.19
N ARG A 102 -0.13 4.82 15.14
CA ARG A 102 -1.05 4.48 16.23
C ARG A 102 -1.01 3.00 16.57
N VAL A 103 -1.14 2.14 15.56
CA VAL A 103 -1.11 0.70 15.78
C VAL A 103 0.25 0.27 16.32
N LYS A 104 1.30 0.90 15.80
CA LYS A 104 2.66 0.62 16.25
C LYS A 104 3.10 1.69 17.24
N ALA A 105 2.31 1.88 18.29
CA ALA A 105 2.60 2.88 19.31
C ALA A 105 4.07 2.85 19.73
N GLU A 106 4.64 1.65 19.81
CA GLU A 106 6.04 1.50 20.18
C GLU A 106 6.92 2.23 19.17
N GLU A 107 6.60 2.05 17.89
CA GLU A 107 7.32 2.69 16.80
C GLU A 107 8.79 2.29 16.77
N ASP A 108 9.16 1.54 15.74
CA ASP A 108 10.53 1.09 15.56
C ASP A 108 10.83 0.93 14.08
N LYS A 109 10.19 -0.05 13.46
CA LYS A 109 10.37 -0.30 12.03
C LYS A 109 9.02 -0.58 11.37
N ILE A 110 8.30 0.49 11.02
CA ILE A 110 6.99 0.33 10.38
C ILE A 110 7.14 0.19 8.85
N PRO A 111 6.78 -0.98 8.30
CA PRO A 111 6.87 -1.22 6.85
C PRO A 111 5.89 -0.35 6.07
N LEU A 112 6.42 0.49 5.20
CA LEU A 112 5.58 1.38 4.39
C LEU A 112 6.15 1.53 2.97
N LEU A 113 5.29 1.99 2.06
CA LEU A 113 5.69 2.20 0.68
C LEU A 113 4.61 2.98 -0.07
N VAL A 114 5.00 4.08 -0.71
CA VAL A 114 4.05 4.89 -1.44
C VAL A 114 4.08 4.59 -2.93
N VAL A 115 2.90 4.60 -3.55
CA VAL A 115 2.76 4.34 -4.97
C VAL A 115 1.67 5.21 -5.59
N GLY A 116 1.93 5.72 -6.79
CA GLY A 116 0.96 6.56 -7.45
C GLY A 116 0.35 5.88 -8.67
N ASN A 117 -0.98 5.88 -8.73
CA ASN A 117 -1.68 5.27 -9.85
C ASN A 117 -2.07 6.33 -10.87
N LYS A 118 -2.95 5.98 -11.79
CA LYS A 118 -3.39 6.92 -12.82
C LYS A 118 -2.22 7.41 -13.65
N SER A 119 -1.13 6.66 -13.65
CA SER A 119 0.07 7.02 -14.42
C SER A 119 -0.25 7.19 -15.90
N ASP A 120 -1.24 6.43 -16.38
CA ASP A 120 -1.64 6.50 -17.78
C ASP A 120 -2.06 7.92 -18.14
N LEU A 121 -2.42 8.69 -17.13
CA LEU A 121 -2.84 10.08 -17.31
C LEU A 121 -1.66 11.02 -17.13
N GLU A 122 -0.70 10.93 -18.05
CA GLU A 122 0.49 11.78 -17.99
C GLU A 122 0.14 13.24 -18.23
N GLU A 123 -1.07 13.48 -18.72
CA GLU A 123 -1.53 14.83 -18.99
C GLU A 123 -2.28 15.41 -17.80
N ARG A 124 -2.62 14.55 -16.84
CA ARG A 124 -3.34 14.98 -15.66
C ARG A 124 -2.43 14.97 -14.42
N ARG A 125 -1.22 14.46 -14.58
CA ARG A 125 -0.26 14.40 -13.49
C ARG A 125 0.06 15.80 -12.97
N GLN A 126 -0.44 16.11 -11.78
CA GLN A 126 -0.22 17.42 -11.17
C GLN A 126 0.85 17.35 -10.09
N VAL A 127 1.13 16.14 -9.63
CA VAL A 127 2.14 15.93 -8.59
C VAL A 127 3.45 15.44 -9.19
N PRO A 128 4.45 16.34 -9.36
CA PRO A 128 5.75 15.96 -9.93
C PRO A 128 6.42 14.86 -9.10
N VAL A 129 7.04 13.90 -9.79
CA VAL A 129 7.71 12.79 -9.12
C VAL A 129 8.73 13.29 -8.10
N GLU A 130 9.56 14.24 -8.49
CA GLU A 130 10.59 14.78 -7.61
C GLU A 130 9.99 15.30 -6.30
N GLU A 131 8.85 15.97 -6.39
CA GLU A 131 8.19 16.51 -5.20
C GLU A 131 7.51 15.42 -4.39
N ALA A 132 7.03 14.38 -5.08
CA ALA A 132 6.35 13.27 -4.43
C ALA A 132 7.34 12.35 -3.71
N ARG A 133 8.56 12.26 -4.24
CA ARG A 133 9.58 11.42 -3.66
C ARG A 133 10.21 12.09 -2.43
N SER A 134 10.30 13.42 -2.47
CA SER A 134 10.89 14.17 -1.36
C SER A 134 10.01 14.07 -0.11
N LYS A 135 8.73 14.40 -0.26
CA LYS A 135 7.80 14.36 0.86
C LYS A 135 7.65 12.93 1.39
N ALA A 136 7.56 11.97 0.47
CA ALA A 136 7.41 10.57 0.85
C ALA A 136 8.66 10.02 1.52
N GLU A 137 9.81 10.46 1.04
CA GLU A 137 11.09 10.01 1.59
C GLU A 137 11.19 10.34 3.08
N GLU A 138 10.58 11.45 3.47
CA GLU A 138 10.60 11.87 4.87
C GLU A 138 10.15 10.74 5.79
N TRP A 139 9.11 10.02 5.37
CA TRP A 139 8.59 8.91 6.15
C TRP A 139 9.58 7.74 6.16
N GLY A 140 10.37 7.64 5.09
CA GLY A 140 11.35 6.58 4.99
C GLY A 140 11.01 5.57 3.91
N VAL A 141 10.37 6.05 2.85
CA VAL A 141 9.99 5.17 1.75
C VAL A 141 10.33 5.78 0.39
N GLN A 142 10.06 5.02 -0.67
CA GLN A 142 10.31 5.47 -2.02
C GLN A 142 9.02 5.49 -2.83
N TYR A 143 8.82 6.54 -3.62
CA TYR A 143 7.62 6.67 -4.42
C TYR A 143 7.88 6.32 -5.87
N VAL A 144 6.94 5.60 -6.48
CA VAL A 144 7.07 5.19 -7.88
C VAL A 144 5.77 5.38 -8.64
N GLU A 145 5.88 5.56 -9.95
CA GLU A 145 4.71 5.75 -10.81
C GLU A 145 4.20 4.41 -11.32
N THR A 146 2.89 4.22 -11.29
CA THR A 146 2.29 2.97 -11.74
C THR A 146 0.89 3.18 -12.30
N SER A 147 0.41 2.21 -13.05
CA SER A 147 -0.91 2.27 -13.66
C SER A 147 -1.68 0.97 -13.43
N ALA A 148 -2.71 1.03 -12.59
CA ALA A 148 -3.52 -0.15 -12.29
C ALA A 148 -4.30 -0.63 -13.51
N LYS A 149 -4.19 0.11 -14.61
CA LYS A 149 -4.89 -0.25 -15.84
C LYS A 149 -4.05 -1.22 -16.67
N THR A 150 -2.75 -0.94 -16.78
CA THR A 150 -1.86 -1.79 -17.56
C THR A 150 -1.09 -2.76 -16.66
N ARG A 151 -1.36 -2.68 -15.35
CA ARG A 151 -0.72 -3.55 -14.36
C ARG A 151 0.73 -3.88 -14.74
N ALA A 152 1.48 -2.85 -15.12
CA ALA A 152 2.88 -3.04 -15.52
C ALA A 152 3.79 -3.19 -14.31
N ASN A 153 3.77 -2.21 -13.40
CA ASN A 153 4.61 -2.25 -12.21
C ASN A 153 3.80 -2.43 -10.94
N VAL A 154 2.49 -2.67 -11.08
CA VAL A 154 1.62 -2.85 -9.93
C VAL A 154 2.11 -4.01 -9.06
N ASP A 155 2.55 -5.09 -9.70
CA ASP A 155 3.05 -6.25 -8.99
C ASP A 155 4.44 -5.98 -8.41
N LYS A 156 5.08 -4.91 -8.89
CA LYS A 156 6.42 -4.56 -8.44
C LYS A 156 6.40 -3.83 -7.08
N VAL A 157 5.33 -3.09 -6.82
CA VAL A 157 5.20 -2.36 -5.56
C VAL A 157 4.97 -3.31 -4.39
N PHE A 158 4.34 -4.44 -4.68
CA PHE A 158 4.06 -5.44 -3.65
C PHE A 158 5.32 -6.18 -3.24
N PHE A 159 6.12 -6.56 -4.24
CA PHE A 159 7.37 -7.27 -3.99
C PHE A 159 8.39 -6.34 -3.33
N ASP A 160 8.36 -5.08 -3.71
CA ASP A 160 9.29 -4.09 -3.16
C ASP A 160 9.11 -3.97 -1.65
N LEU A 161 7.86 -3.88 -1.21
CA LEU A 161 7.56 -3.76 0.22
C LEU A 161 7.81 -5.08 0.95
N MET A 162 7.40 -6.17 0.33
CA MET A 162 7.57 -7.49 0.92
C MET A 162 9.03 -7.75 1.29
N ARG A 163 9.94 -7.25 0.47
CA ARG A 163 11.37 -7.43 0.71
C ARG A 163 11.83 -6.62 1.92
N GLU A 164 11.26 -5.43 2.10
CA GLU A 164 11.63 -4.56 3.21
C GLU A 164 10.99 -5.02 4.52
N ILE A 165 9.87 -5.72 4.41
CA ILE A 165 9.17 -6.21 5.60
C ILE A 165 10.01 -7.24 6.35
N ARG A 166 10.51 -8.24 5.62
CA ARG A 166 11.32 -9.29 6.24
C ARG A 166 12.71 -8.79 6.60
N THR A 167 13.17 -7.75 5.92
CA THR A 167 14.50 -7.21 6.18
C THR A 167 14.49 -6.14 7.28
N LYS A 168 13.75 -5.07 7.05
CA LYS A 168 13.66 -3.95 8.01
C LYS A 168 12.89 -4.30 9.28
N LYS A 169 11.66 -4.77 9.12
CA LYS A 169 10.82 -5.11 10.27
C LYS A 169 11.43 -6.21 11.14
N MET A 170 11.81 -7.31 10.52
CA MET A 170 12.39 -8.43 11.26
C MET A 170 13.72 -8.05 11.89
N SER A 171 14.28 -6.92 11.47
CA SER A 171 15.56 -6.45 11.99
C SER A 171 15.42 -5.96 13.43
N GLU A 172 14.57 -4.94 13.61
CA GLU A 172 14.34 -4.37 14.94
C GLU A 172 15.63 -3.82 15.54
N ASN A 173 15.54 -3.31 16.76
CA ASN A 173 16.71 -2.74 17.44
C ASN A 173 17.33 -3.78 18.38
N LYS A 174 16.49 -4.66 18.91
CA LYS A 174 16.96 -5.70 19.83
C LYS A 174 17.18 -7.02 19.10
PG GNP B . -13.50 2.68 -1.80
O1G GNP B . -14.70 3.24 -1.14
O2G GNP B . -13.59 1.10 -1.94
O3G GNP B . -12.16 3.13 -1.07
N3B GNP B . -13.36 3.26 -3.38
PB GNP B . -11.80 3.07 -3.97
O1B GNP B . -10.85 3.64 -2.99
O2B GNP B . -11.62 1.67 -4.43
O3A GNP B . -11.83 4.02 -5.25
PA GNP B . -12.71 3.61 -6.53
O1A GNP B . -13.52 2.41 -6.19
O2A GNP B . -13.39 4.82 -7.03
O5' GNP B . -11.59 3.19 -7.58
C5' GNP B . -11.90 2.31 -8.66
C4' GNP B . -12.12 3.11 -9.93
O4' GNP B . -10.88 3.83 -10.25
C3' GNP B . -12.45 2.30 -11.17
O3' GNP B . -13.31 3.01 -12.04
C2' GNP B . -11.08 2.05 -11.80
O2' GNP B . -11.16 1.89 -13.20
C1' GNP B . -10.37 3.36 -11.49
N9 GNP B . -8.92 3.24 -11.36
C8 GNP B . -8.21 2.86 -10.24
N7 GNP B . -6.93 2.84 -10.43
C5 GNP B . -6.76 3.23 -11.74
C6 GNP B . -5.59 3.39 -12.52
O6 GNP B . -4.41 3.23 -12.18
N1 GNP B . -5.87 3.80 -13.82
C2 GNP B . -7.13 4.02 -14.31
N2 GNP B . -7.21 4.41 -15.59
N3 GNP B . -8.24 3.87 -13.61
C4 GNP B . -7.98 3.48 -12.34
HNB3 GNP B . -13.62 4.20 -3.40
H5'2 GNP B . -12.81 1.75 -8.43
H5'1 GNP B . -11.08 1.62 -8.83
H4' GNP B . -12.96 3.77 -9.76
H3' GNP B . -12.96 1.37 -10.92
HO3' GNP B . -12.75 3.57 -12.59
H2' GNP B . -10.58 1.21 -11.31
HO2' GNP B . -12.08 1.93 -13.43
H1' GNP B . -10.58 4.13 -12.23
H8 GNP B . -8.68 2.61 -9.31
HN1 GNP B . -5.08 3.95 -14.44
HN21 GNP B . -8.11 4.59 -16.01
HN22 GNP B . -6.37 4.53 -16.13
MG MG C . -12.19 -0.20 -3.21
N LEU A 1 8.37 -21.06 6.20
CA LEU A 1 7.73 -20.00 5.38
C LEU A 1 7.17 -18.89 6.25
N ALA A 2 7.65 -17.66 6.03
CA ALA A 2 7.19 -16.52 6.79
C ALA A 2 5.89 -15.97 6.23
N LEU A 3 5.31 -15.00 6.91
CA LEU A 3 4.06 -14.39 6.46
C LEU A 3 4.13 -12.88 6.57
N HIS A 4 3.89 -12.20 5.44
CA HIS A 4 3.93 -10.74 5.40
C HIS A 4 2.56 -10.16 5.05
N LYS A 5 1.95 -9.48 6.01
CA LYS A 5 0.64 -8.87 5.79
C LYS A 5 0.78 -7.51 5.12
N VAL A 6 -0.18 -7.18 4.28
CA VAL A 6 -0.17 -5.92 3.55
C VAL A 6 -1.48 -5.15 3.73
N ILE A 7 -1.39 -3.95 4.29
CA ILE A 7 -2.57 -3.13 4.51
C ILE A 7 -2.72 -2.08 3.42
N MET A 8 -3.70 -2.27 2.55
CA MET A 8 -3.96 -1.35 1.45
C MET A 8 -4.52 -0.03 1.98
N VAL A 9 -3.63 0.92 2.26
CA VAL A 9 -4.04 2.22 2.79
C VAL A 9 -3.98 3.29 1.70
N GLY A 10 -4.70 4.39 1.93
CA GLY A 10 -4.73 5.48 0.97
C GLY A 10 -5.62 6.62 1.42
N SER A 11 -5.96 7.50 0.48
CA SER A 11 -6.80 8.65 0.77
C SER A 11 -8.17 8.21 1.29
N GLY A 12 -8.61 7.05 0.84
CA GLY A 12 -9.90 6.53 1.26
C GLY A 12 -10.91 6.48 0.14
N GLY A 13 -10.41 6.44 -1.10
CA GLY A 13 -11.27 6.39 -2.26
C GLY A 13 -10.52 6.63 -3.55
N VAL A 14 -9.32 6.07 -3.63
CA VAL A 14 -8.47 6.23 -4.81
C VAL A 14 -8.53 4.99 -5.70
N GLY A 15 -8.44 3.81 -5.09
CA GLY A 15 -8.48 2.58 -5.85
C GLY A 15 -7.53 1.53 -5.29
N LYS A 16 -7.44 1.48 -3.96
CA LYS A 16 -6.57 0.52 -3.29
C LYS A 16 -6.86 -0.90 -3.77
N SER A 17 -8.12 -1.18 -4.03
CA SER A 17 -8.55 -2.50 -4.50
C SER A 17 -8.04 -2.79 -5.90
N ALA A 18 -7.88 -1.73 -6.68
CA ALA A 18 -7.41 -1.84 -8.06
C ALA A 18 -6.01 -2.42 -8.09
N LEU A 19 -5.12 -1.79 -7.31
CA LEU A 19 -3.75 -2.25 -7.22
C LEU A 19 -3.75 -3.66 -6.63
N THR A 20 -4.81 -3.95 -5.88
CA THR A 20 -4.97 -5.24 -5.24
C THR A 20 -5.29 -6.35 -6.25
N LEU A 21 -6.26 -6.08 -7.12
CA LEU A 21 -6.69 -7.05 -8.12
C LEU A 21 -5.64 -7.23 -9.22
N GLN A 22 -4.93 -6.14 -9.55
CA GLN A 22 -3.91 -6.19 -10.58
C GLN A 22 -2.75 -7.10 -10.17
N PHE A 23 -2.48 -7.15 -8.88
CA PHE A 23 -1.41 -7.98 -8.35
C PHE A 23 -1.78 -9.46 -8.36
N MET A 24 -3.02 -9.77 -8.01
CA MET A 24 -3.48 -11.16 -7.94
C MET A 24 -3.89 -11.73 -9.30
N TYR A 25 -4.74 -10.99 -10.03
CA TYR A 25 -5.23 -11.47 -11.33
C TYR A 25 -4.48 -10.84 -12.50
N ASP A 26 -3.92 -9.65 -12.30
CA ASP A 26 -3.19 -8.96 -13.36
C ASP A 26 -4.11 -8.74 -14.55
N GLU A 27 -5.36 -8.38 -14.27
CA GLU A 27 -6.35 -8.14 -15.31
C GLU A 27 -7.28 -7.00 -14.92
N PHE A 28 -7.44 -6.04 -15.81
CA PHE A 28 -8.31 -4.89 -15.56
C PHE A 28 -9.76 -5.23 -15.91
N VAL A 29 -10.58 -5.42 -14.88
CA VAL A 29 -11.99 -5.76 -15.07
C VAL A 29 -12.89 -4.83 -14.25
N GLU A 30 -14.00 -4.40 -14.86
CA GLU A 30 -14.94 -3.52 -14.19
C GLU A 30 -15.74 -4.27 -13.13
N ASP A 31 -15.31 -4.15 -11.88
CA ASP A 31 -15.99 -4.82 -10.76
C ASP A 31 -15.48 -4.29 -9.42
N TYR A 32 -16.06 -4.80 -8.34
CA TYR A 32 -15.66 -4.39 -7.00
C TYR A 32 -16.17 -5.37 -5.95
N GLU A 33 -15.45 -5.48 -4.84
CA GLU A 33 -15.84 -6.39 -3.77
C GLU A 33 -15.45 -5.81 -2.40
N PRO A 34 -16.42 -5.21 -1.68
CA PRO A 34 -16.16 -4.62 -0.35
C PRO A 34 -15.44 -5.57 0.59
N THR A 35 -14.64 -5.01 1.50
CA THR A 35 -13.89 -5.81 2.47
C THR A 35 -14.68 -5.98 3.76
N LYS A 36 -14.91 -7.23 4.14
CA LYS A 36 -15.65 -7.54 5.36
C LYS A 36 -14.74 -8.13 6.42
N ALA A 37 -14.28 -9.36 6.19
CA ALA A 37 -13.40 -10.04 7.13
C ALA A 37 -12.60 -11.14 6.45
N ASP A 38 -12.71 -11.22 5.12
CA ASP A 38 -11.99 -12.23 4.35
C ASP A 38 -10.61 -11.73 3.96
N SER A 39 -9.61 -12.59 4.11
CA SER A 39 -8.23 -12.24 3.76
C SER A 39 -7.74 -13.07 2.59
N TYR A 40 -6.73 -12.56 1.89
CA TYR A 40 -6.17 -13.26 0.74
C TYR A 40 -4.86 -13.96 1.12
N ARG A 41 -4.54 -15.03 0.41
CA ARG A 41 -3.32 -15.79 0.67
C ARG A 41 -2.72 -16.32 -0.63
N LYS A 42 -1.41 -16.13 -0.81
CA LYS A 42 -0.73 -16.59 -2.02
C LYS A 42 0.72 -16.95 -1.71
N LYS A 43 1.22 -17.98 -2.40
CA LYS A 43 2.59 -18.44 -2.20
C LYS A 43 3.53 -17.82 -3.24
N VAL A 44 4.48 -17.02 -2.76
CA VAL A 44 5.45 -16.37 -3.63
C VAL A 44 6.87 -16.55 -3.11
N VAL A 45 7.85 -16.51 -4.00
CA VAL A 45 9.24 -16.68 -3.61
C VAL A 45 9.97 -15.35 -3.60
N LEU A 46 10.91 -15.20 -2.66
CA LEU A 46 11.69 -13.98 -2.54
C LEU A 46 13.07 -14.28 -1.97
N ASP A 47 14.11 -13.88 -2.71
CA ASP A 47 15.48 -14.13 -2.29
C ASP A 47 15.72 -15.62 -2.05
N GLY A 48 15.00 -16.45 -2.80
CA GLY A 48 15.15 -17.88 -2.66
C GLY A 48 14.24 -18.46 -1.60
N GLU A 49 13.93 -17.64 -0.59
CA GLU A 49 13.06 -18.08 0.50
C GLU A 49 11.59 -17.79 0.17
N GLU A 50 10.80 -18.85 0.05
CA GLU A 50 9.38 -18.72 -0.28
C GLU A 50 8.59 -18.22 0.93
N VAL A 51 7.99 -17.04 0.79
CA VAL A 51 7.21 -16.45 1.86
C VAL A 51 5.77 -16.19 1.41
N GLN A 52 4.83 -16.39 2.33
CA GLN A 52 3.42 -16.18 2.03
C GLN A 52 3.04 -14.71 2.12
N ILE A 53 1.94 -14.35 1.48
CA ILE A 53 1.45 -12.97 1.48
C ILE A 53 -0.03 -12.92 1.82
N ASP A 54 -0.40 -11.95 2.65
CA ASP A 54 -1.79 -11.81 3.07
C ASP A 54 -2.21 -10.34 3.07
N ILE A 55 -3.13 -9.99 2.17
CA ILE A 55 -3.62 -8.62 2.07
C ILE A 55 -4.98 -8.48 2.76
N LEU A 56 -5.09 -7.49 3.63
CA LEU A 56 -6.34 -7.26 4.36
C LEU A 56 -6.71 -5.79 4.34
N ASP A 57 -8.00 -5.51 4.12
CA ASP A 57 -8.52 -4.14 4.08
C ASP A 57 -8.02 -3.42 2.84
N THR A 58 -8.94 -2.81 2.10
CA THR A 58 -8.60 -2.07 0.90
C THR A 58 -9.64 -1.00 0.60
N ALA A 59 -10.74 -1.02 1.35
CA ALA A 59 -11.80 -0.05 1.16
C ALA A 59 -11.65 1.14 2.10
N GLY A 60 -12.16 2.29 1.70
CA GLY A 60 -12.07 3.48 2.53
C GLY A 60 -13.17 3.55 3.56
N LEU A 61 -12.79 3.53 4.83
CA LEU A 61 -13.75 3.60 5.92
C LEU A 61 -14.30 5.01 6.09
N GLU A 62 -13.47 5.90 6.62
CA GLU A 62 -13.85 7.30 6.82
C GLU A 62 -15.09 7.40 7.73
N ASP A 63 -15.37 6.31 8.45
CA ASP A 63 -16.52 6.28 9.36
C ASP A 63 -16.15 5.59 10.66
N TYR A 64 -17.16 5.28 11.47
CA TYR A 64 -16.97 4.60 12.76
C TYR A 64 -16.13 5.47 13.70
N ALA A 65 -15.94 4.99 14.92
CA ALA A 65 -15.15 5.71 15.92
C ALA A 65 -13.68 5.71 15.56
N ALA A 66 -13.13 4.52 15.34
CA ALA A 66 -11.72 4.38 14.99
C ALA A 66 -11.37 2.93 14.70
N ILE A 67 -12.33 2.19 14.15
CA ILE A 67 -12.13 0.78 13.82
C ILE A 67 -10.98 0.61 12.83
N ARG A 68 -10.72 1.65 12.05
CA ARG A 68 -9.64 1.60 11.06
C ARG A 68 -8.32 1.17 11.70
N ASP A 69 -8.10 1.60 12.94
CA ASP A 69 -6.89 1.25 13.68
C ASP A 69 -6.75 -0.26 13.81
N ASN A 70 -7.88 -0.92 14.06
CA ASN A 70 -7.91 -2.37 14.22
C ASN A 70 -7.25 -3.06 13.03
N TYR A 71 -7.44 -2.47 11.84
CA TYR A 71 -6.86 -3.02 10.62
C TYR A 71 -5.36 -2.82 10.57
N PHE A 72 -4.91 -1.63 10.92
CA PHE A 72 -3.48 -1.31 10.93
C PHE A 72 -2.74 -2.10 11.99
N ARG A 73 -3.48 -2.58 13.00
CA ARG A 73 -2.89 -3.35 14.08
C ARG A 73 -2.69 -4.80 13.68
N SER A 74 -3.73 -5.41 13.12
CA SER A 74 -3.66 -6.80 12.70
C SER A 74 -2.78 -6.96 11.46
N GLY A 75 -2.21 -5.86 11.00
CA GLY A 75 -1.34 -5.89 9.84
C GLY A 75 0.09 -5.53 10.18
N GLU A 76 1.00 -5.78 9.24
CA GLU A 76 2.40 -5.48 9.44
C GLU A 76 2.91 -4.49 8.39
N GLY A 77 2.61 -4.78 7.13
CA GLY A 77 3.03 -3.90 6.05
C GLY A 77 2.01 -2.82 5.74
N PHE A 78 2.46 -1.75 5.10
CA PHE A 78 1.57 -0.64 4.75
C PHE A 78 1.88 -0.11 3.36
N LEU A 79 0.85 0.00 2.53
CA LEU A 79 1.01 0.50 1.17
C LEU A 79 0.12 1.71 0.92
N LEU A 80 0.71 2.89 0.93
CA LEU A 80 -0.04 4.13 0.69
C LEU A 80 -0.20 4.36 -0.80
N VAL A 81 -1.44 4.60 -1.24
CA VAL A 81 -1.71 4.83 -2.65
C VAL A 81 -2.57 6.07 -2.87
N PHE A 82 -2.24 6.82 -3.91
CA PHE A 82 -2.99 8.02 -4.27
C PHE A 82 -2.91 8.28 -5.78
N SER A 83 -3.99 8.80 -6.35
CA SER A 83 -4.02 9.10 -7.78
C SER A 83 -3.38 10.44 -8.07
N ILE A 84 -2.71 10.54 -9.22
CA ILE A 84 -2.06 11.78 -9.61
C ILE A 84 -3.08 12.79 -10.12
N THR A 85 -4.11 12.29 -10.80
CA THR A 85 -5.16 13.15 -11.33
C THR A 85 -6.00 13.74 -10.20
N GLU A 86 -5.82 13.21 -8.99
CA GLU A 86 -6.55 13.68 -7.83
C GLU A 86 -5.60 14.19 -6.75
N HIS A 87 -5.42 15.51 -6.71
CA HIS A 87 -4.54 16.12 -5.72
C HIS A 87 -5.05 15.88 -4.30
N GLU A 88 -6.33 15.51 -4.20
CA GLU A 88 -6.94 15.25 -2.90
C GLU A 88 -6.44 13.93 -2.33
N SER A 89 -6.04 13.04 -3.22
CA SER A 89 -5.55 11.73 -2.83
C SER A 89 -4.22 11.81 -2.09
N PHE A 90 -3.24 12.46 -2.71
CA PHE A 90 -1.92 12.60 -2.10
C PHE A 90 -1.97 13.33 -0.76
N THR A 91 -2.88 14.28 -0.64
CA THR A 91 -3.04 15.05 0.58
C THR A 91 -3.67 14.22 1.69
N ALA A 92 -4.82 13.63 1.40
CA ALA A 92 -5.53 12.80 2.38
C ALA A 92 -4.68 11.62 2.82
N THR A 93 -3.94 11.03 1.87
CA THR A 93 -3.08 9.90 2.16
C THR A 93 -2.07 10.25 3.23
N ALA A 94 -1.65 11.51 3.26
CA ALA A 94 -0.68 11.98 4.24
C ALA A 94 -1.25 11.93 5.65
N GLU A 95 -2.57 12.06 5.74
CA GLU A 95 -3.25 12.01 7.04
C GLU A 95 -3.21 10.61 7.61
N PHE A 96 -3.50 9.62 6.77
CA PHE A 96 -3.50 8.22 7.18
C PHE A 96 -2.13 7.81 7.70
N ARG A 97 -1.10 8.51 7.24
CA ARG A 97 0.28 8.22 7.64
C ARG A 97 0.40 8.11 9.17
N GLU A 98 -0.18 9.08 9.87
CA GLU A 98 -0.14 9.10 11.32
C GLU A 98 -0.99 7.98 11.91
N GLN A 99 -2.10 7.68 11.27
CA GLN A 99 -3.01 6.63 11.74
C GLN A 99 -2.29 5.29 11.79
N ILE A 100 -1.28 5.13 10.95
CA ILE A 100 -0.51 3.90 10.90
C ILE A 100 0.37 3.73 12.14
N LEU A 101 1.01 4.81 12.56
CA LEU A 101 1.89 4.78 13.73
C LEU A 101 1.11 4.55 15.02
N ARG A 102 -0.17 4.93 15.02
CA ARG A 102 -1.01 4.79 16.21
C ARG A 102 -0.95 3.38 16.77
N VAL A 103 -1.16 2.38 15.92
CA VAL A 103 -1.14 0.98 16.35
C VAL A 103 0.26 0.53 16.73
N LYS A 104 1.24 0.82 15.88
CA LYS A 104 2.61 0.42 16.13
C LYS A 104 3.34 1.48 16.96
N ALA A 105 2.60 2.13 17.86
CA ALA A 105 3.19 3.16 18.71
C ALA A 105 4.27 2.59 19.62
N GLU A 106 4.28 1.26 19.75
CA GLU A 106 5.26 0.58 20.60
C GLU A 106 6.45 0.09 19.78
N GLU A 107 6.28 0.04 18.46
CA GLU A 107 7.33 -0.42 17.56
C GLU A 107 8.14 0.75 17.02
N ASP A 108 9.19 0.46 16.27
CA ASP A 108 10.04 1.50 15.69
C ASP A 108 10.10 1.37 14.17
N LYS A 109 10.35 0.15 13.70
CA LYS A 109 10.42 -0.11 12.27
C LYS A 109 9.04 -0.30 11.67
N ILE A 110 8.69 0.55 10.71
CA ILE A 110 7.39 0.48 10.05
C ILE A 110 7.53 0.33 8.53
N PRO A 111 7.30 -0.90 8.00
CA PRO A 111 7.40 -1.14 6.56
C PRO A 111 6.34 -0.38 5.78
N LEU A 112 6.77 0.68 5.09
CA LEU A 112 5.85 1.50 4.30
C LEU A 112 6.37 1.66 2.88
N LEU A 113 5.45 2.01 1.97
CA LEU A 113 5.80 2.20 0.57
C LEU A 113 4.66 2.88 -0.17
N VAL A 114 4.96 4.01 -0.81
CA VAL A 114 3.95 4.76 -1.55
C VAL A 114 3.90 4.33 -3.01
N VAL A 115 2.69 4.29 -3.57
CA VAL A 115 2.49 3.89 -4.95
C VAL A 115 1.51 4.83 -5.65
N GLY A 116 2.00 5.57 -6.64
CA GLY A 116 1.14 6.49 -7.36
C GLY A 116 0.36 5.79 -8.46
N ASN A 117 -0.95 6.00 -8.47
CA ASN A 117 -1.82 5.38 -9.47
C ASN A 117 -2.18 6.39 -10.55
N LYS A 118 -3.02 5.97 -11.48
CA LYS A 118 -3.45 6.83 -12.58
C LYS A 118 -2.25 7.37 -13.35
N SER A 119 -1.12 6.70 -13.23
CA SER A 119 0.10 7.12 -13.93
C SER A 119 -0.06 6.99 -15.44
N ASP A 120 -1.17 6.41 -15.86
CA ASP A 120 -1.44 6.24 -17.29
C ASP A 120 -1.77 7.59 -17.93
N LEU A 121 -1.72 8.64 -17.13
CA LEU A 121 -2.01 9.99 -17.60
C LEU A 121 -0.89 10.95 -17.22
N GLU A 122 0.34 10.56 -17.55
CA GLU A 122 1.52 11.37 -17.23
C GLU A 122 1.45 12.73 -17.94
N GLU A 123 0.53 12.87 -18.88
CA GLU A 123 0.37 14.10 -19.62
C GLU A 123 -0.35 15.16 -18.79
N ARG A 124 -1.25 14.71 -17.92
CA ARG A 124 -2.01 15.61 -17.06
C ARG A 124 -1.73 15.35 -15.59
N ARG A 125 -0.56 14.78 -15.30
CA ARG A 125 -0.17 14.48 -13.93
C ARG A 125 -0.12 15.76 -13.10
N GLN A 126 -1.08 15.91 -12.18
CA GLN A 126 -1.16 17.09 -11.32
C GLN A 126 -0.05 17.08 -10.27
N VAL A 127 0.35 15.89 -9.84
CA VAL A 127 1.40 15.77 -8.84
C VAL A 127 2.71 15.29 -9.46
N PRO A 128 3.66 16.22 -9.74
CA PRO A 128 4.95 15.86 -10.33
C PRO A 128 5.67 14.79 -9.50
N VAL A 129 6.16 13.76 -10.17
CA VAL A 129 6.85 12.68 -9.50
C VAL A 129 7.92 13.20 -8.55
N GLU A 130 8.73 14.14 -9.03
CA GLU A 130 9.80 14.72 -8.22
C GLU A 130 9.27 15.27 -6.90
N GLU A 131 8.16 15.99 -6.95
CA GLU A 131 7.56 16.56 -5.75
C GLU A 131 7.07 15.45 -4.82
N ALA A 132 6.49 14.41 -5.40
CA ALA A 132 5.98 13.29 -4.63
C ALA A 132 7.12 12.48 -4.01
N ARG A 133 8.26 12.49 -4.68
CA ARG A 133 9.43 11.74 -4.21
C ARG A 133 10.07 12.42 -3.00
N SER A 134 10.07 13.75 -3.00
CA SER A 134 10.66 14.52 -1.91
C SER A 134 9.86 14.34 -0.62
N LYS A 135 8.55 14.32 -0.74
CA LYS A 135 7.67 14.16 0.42
C LYS A 135 7.68 12.72 0.93
N ALA A 136 7.53 11.78 0.00
CA ALA A 136 7.51 10.36 0.33
C ALA A 136 8.82 9.91 0.98
N GLU A 137 9.94 10.38 0.42
CA GLU A 137 11.26 10.03 0.94
C GLU A 137 11.38 10.37 2.42
N GLU A 138 10.68 11.43 2.84
CA GLU A 138 10.71 11.87 4.24
C GLU A 138 10.35 10.71 5.17
N TRP A 139 9.31 9.97 4.81
CA TRP A 139 8.87 8.83 5.62
C TRP A 139 9.91 7.71 5.60
N GLY A 140 10.83 7.79 4.64
CA GLY A 140 11.87 6.78 4.53
C GLY A 140 11.52 5.72 3.51
N VAL A 141 10.77 6.11 2.48
CA VAL A 141 10.35 5.19 1.44
C VAL A 141 10.68 5.74 0.05
N GLN A 142 10.27 5.00 -0.97
CA GLN A 142 10.50 5.39 -2.36
C GLN A 142 9.19 5.41 -3.13
N TYR A 143 8.92 6.51 -3.81
CA TYR A 143 7.69 6.66 -4.58
C TYR A 143 7.90 6.31 -6.05
N VAL A 144 6.97 5.53 -6.60
CA VAL A 144 7.03 5.11 -8.00
C VAL A 144 5.68 5.30 -8.68
N GLU A 145 5.71 5.49 -9.99
CA GLU A 145 4.49 5.68 -10.77
C GLU A 145 3.96 4.33 -11.25
N THR A 146 2.64 4.14 -11.17
CA THR A 146 2.02 2.89 -11.59
C THR A 146 0.65 3.13 -12.22
N SER A 147 0.26 2.21 -13.09
CA SER A 147 -1.03 2.30 -13.76
C SER A 147 -1.85 1.04 -13.49
N ALA A 148 -2.91 1.19 -12.70
CA ALA A 148 -3.78 0.07 -12.36
C ALA A 148 -4.47 -0.52 -13.59
N LYS A 149 -4.20 0.06 -14.75
CA LYS A 149 -4.79 -0.41 -16.00
C LYS A 149 -3.81 -1.29 -16.77
N THR A 150 -2.59 -0.80 -16.94
CA THR A 150 -1.55 -1.54 -17.66
C THR A 150 -0.79 -2.47 -16.72
N ARG A 151 -1.12 -2.41 -15.43
CA ARG A 151 -0.47 -3.24 -14.40
C ARG A 151 1.01 -3.47 -14.71
N ALA A 152 1.71 -2.41 -15.10
CA ALA A 152 3.12 -2.49 -15.44
C ALA A 152 4.01 -2.55 -14.19
N ASN A 153 3.88 -1.57 -13.31
CA ASN A 153 4.69 -1.52 -12.09
C ASN A 153 3.87 -1.80 -10.84
N VAL A 154 2.67 -2.35 -11.01
CA VAL A 154 1.83 -2.67 -9.88
C VAL A 154 2.41 -3.80 -9.04
N ASP A 155 2.88 -4.85 -9.72
CA ASP A 155 3.47 -5.99 -9.04
C ASP A 155 4.86 -5.67 -8.49
N LYS A 156 5.44 -4.57 -8.96
CA LYS A 156 6.77 -4.16 -8.54
C LYS A 156 6.76 -3.55 -7.13
N VAL A 157 5.68 -2.89 -6.76
CA VAL A 157 5.57 -2.26 -5.45
C VAL A 157 5.25 -3.28 -4.35
N PHE A 158 4.59 -4.37 -4.72
CA PHE A 158 4.21 -5.39 -3.75
C PHE A 158 5.45 -6.17 -3.28
N PHE A 159 6.27 -6.59 -4.24
CA PHE A 159 7.47 -7.33 -3.93
C PHE A 159 8.52 -6.42 -3.30
N ASP A 160 8.50 -5.15 -3.67
CA ASP A 160 9.44 -4.17 -3.14
C ASP A 160 9.29 -4.04 -1.63
N LEU A 161 8.06 -3.91 -1.16
CA LEU A 161 7.79 -3.78 0.26
C LEU A 161 8.01 -5.10 0.97
N MET A 162 7.74 -6.19 0.26
CA MET A 162 7.90 -7.53 0.81
C MET A 162 9.33 -7.73 1.33
N ARG A 163 10.30 -7.21 0.61
CA ARG A 163 11.70 -7.33 1.00
C ARG A 163 11.98 -6.51 2.26
N GLU A 164 11.34 -5.36 2.36
CA GLU A 164 11.52 -4.48 3.52
C GLU A 164 10.87 -5.07 4.76
N ILE A 165 9.83 -5.87 4.55
CA ILE A 165 9.12 -6.49 5.66
C ILE A 165 9.98 -7.53 6.38
N ARG A 166 10.50 -8.48 5.61
CA ARG A 166 11.33 -9.54 6.19
C ARG A 166 12.67 -9.02 6.65
N THR A 167 13.16 -7.94 6.04
CA THR A 167 14.46 -7.39 6.41
C THR A 167 14.36 -6.34 7.51
N LYS A 168 13.63 -5.25 7.25
CA LYS A 168 13.50 -4.15 8.22
C LYS A 168 12.65 -4.51 9.43
N LYS A 169 11.42 -4.97 9.19
CA LYS A 169 10.51 -5.31 10.28
C LYS A 169 11.11 -6.39 11.19
N MET A 170 11.66 -7.44 10.58
CA MET A 170 12.25 -8.54 11.35
C MET A 170 13.44 -8.09 12.19
N SER A 171 13.94 -6.88 11.91
CA SER A 171 15.08 -6.35 12.66
C SER A 171 14.69 -6.00 14.09
N GLU A 172 13.74 -5.08 14.24
CA GLU A 172 13.28 -4.65 15.54
C GLU A 172 14.44 -4.12 16.39
N ASN A 173 15.44 -3.57 15.71
CA ASN A 173 16.62 -3.02 16.38
C ASN A 173 17.37 -4.10 17.15
N LYS A 174 18.51 -3.72 17.73
CA LYS A 174 19.33 -4.67 18.49
C LYS A 174 19.45 -4.23 19.95
PG GNP B . -13.52 2.64 -2.73
O1G GNP B . -14.66 3.35 -3.36
O2G GNP B . -13.68 1.05 -2.86
O3G GNP B . -13.32 3.07 -1.21
N3B GNP B . -12.06 3.02 -3.47
PB GNP B . -12.12 2.85 -5.14
O1B GNP B . -11.26 3.89 -5.75
O2B GNP B . -11.85 1.42 -5.47
O3A GNP B . -13.64 3.17 -5.49
PA GNP B . -13.99 4.01 -6.80
O1A GNP B . -15.46 3.97 -7.00
O2A GNP B . -13.32 5.33 -6.71
O5' GNP B . -13.29 3.16 -7.95
C5' GNP B . -12.19 3.67 -8.69
C4' GNP B . -12.40 3.46 -10.17
O4' GNP B . -11.49 4.33 -10.90
C3' GNP B . -12.09 2.06 -10.67
O3' GNP B . -13.23 1.23 -10.59
C2' GNP B . -11.67 2.30 -12.12
O2' GNP B . -12.78 2.46 -12.97
C1' GNP B . -10.92 3.63 -11.99
N9 GNP B . -9.49 3.48 -11.75
C8 GNP B . -8.88 3.08 -10.58
N7 GNP B . -7.57 3.05 -10.67
C5 GNP B . -7.30 3.46 -11.97
C6 GNP B . -6.07 3.62 -12.64
O6 GNP B . -4.93 3.43 -12.21
N1 GNP B . -6.23 4.05 -13.95
C2 GNP B . -7.46 4.28 -14.54
N2 GNP B . -7.42 4.69 -15.82
N3 GNP B . -8.62 4.14 -13.93
C4 GNP B . -8.47 3.72 -12.65
HNB3 GNP B . -11.35 2.44 -3.10
H5'2 GNP B . -11.27 3.18 -8.37
H5'1 GNP B . -12.09 4.75 -8.50
H4' GNP B . -13.45 3.65 -10.38
H3' GNP B . -11.31 1.58 -10.08
HO3' GNP B . -13.57 1.29 -9.69
H2' GNP B . -11.00 1.50 -12.45
HO2' GNP B . -12.71 3.33 -13.38
H1' GNP B . -11.05 4.25 -12.88
H8 GNP B . -9.42 2.81 -9.70
HN1 GNP B . -5.41 4.19 -14.52
HN21 GNP B . -8.28 4.87 -16.32
HN22 GNP B . -6.53 4.79 -16.29
MG MG C . -12.28 -0.33 -4.06
N LEU A 1 7.56 -21.79 6.60
CA LEU A 1 7.08 -20.71 5.71
C LEU A 1 6.66 -19.49 6.53
N ALA A 2 7.00 -18.31 6.02
CA ALA A 2 6.66 -17.07 6.69
C ALA A 2 5.34 -16.50 6.18
N LEU A 3 4.65 -15.75 7.04
CA LEU A 3 3.37 -15.15 6.68
C LEU A 3 3.40 -13.64 6.90
N HIS A 4 3.39 -12.89 5.80
CA HIS A 4 3.42 -11.43 5.88
C HIS A 4 2.09 -10.84 5.43
N LYS A 5 1.62 -9.82 6.16
CA LYS A 5 0.35 -9.17 5.83
C LYS A 5 0.55 -7.70 5.53
N VAL A 6 0.13 -7.28 4.34
CA VAL A 6 0.25 -5.90 3.91
C VAL A 6 -1.10 -5.19 3.98
N ILE A 7 -1.09 -3.96 4.47
CA ILE A 7 -2.32 -3.18 4.59
C ILE A 7 -2.43 -2.15 3.46
N MET A 8 -3.42 -2.35 2.60
CA MET A 8 -3.65 -1.45 1.48
C MET A 8 -4.28 -0.14 1.96
N VAL A 9 -3.43 0.80 2.38
CA VAL A 9 -3.90 2.09 2.86
C VAL A 9 -3.89 3.13 1.75
N GLY A 10 -4.65 4.20 1.94
CA GLY A 10 -4.73 5.26 0.96
C GLY A 10 -5.67 6.36 1.36
N SER A 11 -5.93 7.28 0.44
CA SER A 11 -6.82 8.41 0.69
C SER A 11 -8.19 7.92 1.17
N GLY A 12 -8.70 6.89 0.50
CA GLY A 12 -9.99 6.33 0.86
C GLY A 12 -10.74 5.80 -0.34
N GLY A 13 -10.29 6.20 -1.53
CA GLY A 13 -10.93 5.75 -2.76
C GLY A 13 -10.15 6.13 -4.00
N VAL A 14 -8.98 5.52 -4.17
CA VAL A 14 -8.12 5.80 -5.31
C VAL A 14 -7.93 4.56 -6.19
N GLY A 15 -8.27 3.40 -5.65
CA GLY A 15 -8.12 2.17 -6.39
C GLY A 15 -7.23 1.17 -5.67
N LYS A 16 -7.39 1.06 -4.36
CA LYS A 16 -6.60 0.15 -3.56
C LYS A 16 -6.86 -1.31 -3.98
N SER A 17 -8.13 -1.68 -4.01
CA SER A 17 -8.54 -3.02 -4.40
C SER A 17 -8.13 -3.33 -5.83
N ALA A 18 -8.09 -2.30 -6.66
CA ALA A 18 -7.73 -2.47 -8.07
C ALA A 18 -6.30 -2.94 -8.17
N LEU A 19 -5.39 -2.22 -7.52
CA LEU A 19 -3.99 -2.58 -7.50
C LEU A 19 -3.86 -3.94 -6.84
N THR A 20 -4.84 -4.27 -6.00
CA THR A 20 -4.86 -5.53 -5.29
C THR A 20 -5.13 -6.70 -6.24
N LEU A 21 -6.10 -6.51 -7.14
CA LEU A 21 -6.47 -7.54 -8.10
C LEU A 21 -5.38 -7.72 -9.16
N GLN A 22 -4.80 -6.62 -9.60
CA GLN A 22 -3.74 -6.66 -10.60
C GLN A 22 -2.59 -7.56 -10.16
N PHE A 23 -2.28 -7.51 -8.87
CA PHE A 23 -1.21 -8.33 -8.32
C PHE A 23 -1.61 -9.80 -8.24
N MET A 24 -2.91 -10.05 -8.14
CA MET A 24 -3.43 -11.40 -8.02
C MET A 24 -3.54 -12.13 -9.36
N TYR A 25 -4.16 -11.50 -10.36
CA TYR A 25 -4.33 -12.14 -11.66
C TYR A 25 -3.64 -11.39 -12.80
N ASP A 26 -3.11 -10.21 -12.51
CA ASP A 26 -2.43 -9.40 -13.53
C ASP A 26 -3.39 -9.09 -14.68
N GLU A 27 -4.66 -8.91 -14.34
CA GLU A 27 -5.68 -8.59 -15.32
C GLU A 27 -6.69 -7.61 -14.74
N PHE A 28 -6.99 -6.56 -15.50
CA PHE A 28 -7.94 -5.53 -15.07
C PHE A 28 -9.37 -6.08 -15.08
N VAL A 29 -9.94 -6.28 -13.90
CA VAL A 29 -11.30 -6.80 -13.78
C VAL A 29 -12.25 -5.71 -13.31
N GLU A 30 -13.45 -5.68 -13.89
CA GLU A 30 -14.46 -4.71 -13.53
C GLU A 30 -15.17 -5.10 -12.23
N ASP A 31 -15.30 -6.41 -12.01
CA ASP A 31 -15.96 -6.93 -10.81
C ASP A 31 -15.20 -6.52 -9.55
N TYR A 32 -15.76 -5.56 -8.81
CA TYR A 32 -15.14 -5.09 -7.57
C TYR A 32 -15.43 -6.04 -6.43
N GLU A 33 -14.82 -5.80 -5.27
CA GLU A 33 -15.02 -6.64 -4.10
C GLU A 33 -14.94 -5.81 -2.81
N PRO A 34 -16.11 -5.52 -2.19
CA PRO A 34 -16.16 -4.73 -0.95
C PRO A 34 -15.28 -5.33 0.14
N THR A 35 -14.84 -4.49 1.07
CA THR A 35 -13.99 -4.94 2.17
C THR A 35 -14.82 -5.26 3.41
N LYS A 36 -14.48 -6.38 4.06
CA LYS A 36 -15.17 -6.81 5.27
C LYS A 36 -14.18 -7.37 6.29
N ALA A 37 -13.50 -8.45 5.89
CA ALA A 37 -12.52 -9.09 6.76
C ALA A 37 -11.74 -10.15 5.99
N ASP A 38 -12.33 -10.64 4.91
CA ASP A 38 -11.69 -11.67 4.09
C ASP A 38 -10.57 -11.06 3.24
N SER A 39 -9.42 -11.73 3.24
CA SER A 39 -8.28 -11.25 2.48
C SER A 39 -7.79 -12.33 1.51
N TYR A 40 -6.81 -11.97 0.69
CA TYR A 40 -6.26 -12.90 -0.28
C TYR A 40 -4.96 -13.51 0.25
N ARG A 41 -4.70 -14.76 -0.11
CA ARG A 41 -3.50 -15.45 0.33
C ARG A 41 -3.03 -16.48 -0.70
N LYS A 42 -1.73 -16.52 -0.94
CA LYS A 42 -1.15 -17.45 -1.90
C LYS A 42 0.31 -17.73 -1.57
N LYS A 43 0.90 -18.69 -2.29
CA LYS A 43 2.29 -19.05 -2.08
C LYS A 43 3.17 -18.53 -3.20
N VAL A 44 4.20 -17.76 -2.83
CA VAL A 44 5.13 -17.19 -3.81
C VAL A 44 6.57 -17.32 -3.34
N VAL A 45 7.49 -17.44 -4.28
CA VAL A 45 8.90 -17.57 -3.96
C VAL A 45 9.62 -16.23 -4.00
N LEU A 46 10.44 -15.97 -2.99
CA LEU A 46 11.20 -14.72 -2.92
C LEU A 46 12.63 -14.99 -2.50
N ASP A 47 13.56 -14.72 -3.42
CA ASP A 47 14.98 -14.94 -3.16
C ASP A 47 15.24 -16.37 -2.72
N GLY A 48 14.43 -17.30 -3.22
CA GLY A 48 14.59 -18.70 -2.87
C GLY A 48 13.65 -19.13 -1.75
N GLU A 49 13.36 -18.21 -0.84
CA GLU A 49 12.48 -18.50 0.28
C GLU A 49 11.02 -18.21 -0.07
N GLU A 50 10.21 -19.26 -0.12
CA GLU A 50 8.80 -19.12 -0.45
C GLU A 50 8.02 -18.67 0.78
N VAL A 51 7.29 -17.56 0.64
CA VAL A 51 6.51 -17.03 1.75
C VAL A 51 5.11 -16.63 1.28
N GLN A 52 4.13 -16.78 2.16
CA GLN A 52 2.74 -16.44 1.84
C GLN A 52 2.48 -14.94 2.04
N ILE A 53 1.78 -14.35 1.09
CA ILE A 53 1.46 -12.92 1.15
C ILE A 53 -0.04 -12.71 1.35
N ASP A 54 -0.40 -11.82 2.25
CA ASP A 54 -1.80 -11.53 2.53
C ASP A 54 -2.13 -10.06 2.25
N ILE A 55 -3.07 -9.83 1.34
CA ILE A 55 -3.47 -8.48 0.97
C ILE A 55 -4.94 -8.24 1.27
N LEU A 56 -5.22 -7.15 1.99
CA LEU A 56 -6.59 -6.80 2.33
C LEU A 56 -7.12 -5.70 1.41
N ASP A 57 -8.28 -5.92 0.82
CA ASP A 57 -8.89 -4.96 -0.09
C ASP A 57 -8.92 -3.57 0.54
N THR A 58 -9.42 -3.50 1.78
CA THR A 58 -9.51 -2.24 2.51
C THR A 58 -10.42 -1.25 1.82
N ALA A 59 -11.51 -0.88 2.49
CA ALA A 59 -12.46 0.08 1.95
C ALA A 59 -12.21 1.48 2.51
N GLY A 60 -13.14 2.39 2.24
CA GLY A 60 -12.99 3.74 2.73
C GLY A 60 -12.90 3.81 4.24
N LEU A 61 -11.68 3.88 4.76
CA LEU A 61 -11.46 3.94 6.21
C LEU A 61 -11.60 5.37 6.72
N GLU A 62 -12.10 6.26 5.86
CA GLU A 62 -12.27 7.66 6.23
C GLU A 62 -13.65 7.91 6.83
N ASP A 63 -14.37 6.82 7.10
CA ASP A 63 -15.72 6.92 7.66
C ASP A 63 -15.71 6.55 9.14
N TYR A 64 -14.83 5.63 9.52
CA TYR A 64 -14.73 5.19 10.91
C TYR A 64 -13.97 6.22 11.74
N ALA A 65 -14.55 6.58 12.87
CA ALA A 65 -13.94 7.56 13.77
C ALA A 65 -12.61 7.06 14.32
N ALA A 66 -12.57 5.80 14.72
CA ALA A 66 -11.37 5.19 15.27
C ALA A 66 -11.30 3.70 14.98
N ILE A 67 -12.36 3.18 14.39
CA ILE A 67 -12.43 1.75 14.05
C ILE A 67 -11.46 1.41 12.92
N ARG A 68 -11.03 2.44 12.18
CA ARG A 68 -10.11 2.26 11.07
C ARG A 68 -8.76 1.74 11.56
N ASP A 69 -8.40 2.12 12.78
CA ASP A 69 -7.12 1.71 13.36
C ASP A 69 -7.05 0.20 13.52
N ASN A 70 -8.21 -0.42 13.74
CA ASN A 70 -8.29 -1.87 13.91
C ASN A 70 -7.59 -2.60 12.77
N TYR A 71 -7.65 -2.03 11.57
CA TYR A 71 -7.03 -2.64 10.40
C TYR A 71 -5.51 -2.45 10.39
N PHE A 72 -5.06 -1.31 10.89
CA PHE A 72 -3.63 -1.01 10.92
C PHE A 72 -2.94 -1.63 12.14
N ARG A 73 -3.74 -2.05 13.12
CA ARG A 73 -3.18 -2.64 14.34
C ARG A 73 -2.83 -4.11 14.12
N SER A 74 -3.68 -4.82 13.39
CA SER A 74 -3.44 -6.23 13.11
C SER A 74 -2.65 -6.41 11.82
N GLY A 75 -2.07 -5.33 11.33
CA GLY A 75 -1.30 -5.38 10.10
C GLY A 75 0.20 -5.15 10.33
N GLU A 76 1.01 -5.61 9.38
CA GLU A 76 2.45 -5.45 9.47
C GLU A 76 2.95 -4.41 8.48
N GLY A 77 2.71 -4.66 7.19
CA GLY A 77 3.14 -3.74 6.16
C GLY A 77 2.10 -2.68 5.88
N PHE A 78 2.53 -1.60 5.22
CA PHE A 78 1.63 -0.50 4.88
C PHE A 78 1.95 0.06 3.51
N LEU A 79 0.95 0.11 2.63
CA LEU A 79 1.12 0.64 1.29
C LEU A 79 0.22 1.85 1.05
N LEU A 80 0.82 3.04 1.11
CA LEU A 80 0.06 4.28 0.89
C LEU A 80 -0.09 4.55 -0.59
N VAL A 81 -1.34 4.69 -1.06
CA VAL A 81 -1.59 4.95 -2.47
C VAL A 81 -2.51 6.14 -2.67
N PHE A 82 -2.16 6.99 -3.64
CA PHE A 82 -2.96 8.16 -3.97
C PHE A 82 -2.94 8.41 -5.47
N SER A 83 -4.08 8.80 -6.02
CA SER A 83 -4.18 9.07 -7.45
C SER A 83 -3.42 10.34 -7.82
N ILE A 84 -2.55 10.24 -8.82
CA ILE A 84 -1.77 11.37 -9.28
C ILE A 84 -2.66 12.48 -9.83
N THR A 85 -3.73 12.09 -10.52
CA THR A 85 -4.65 13.07 -11.10
C THR A 85 -5.52 13.70 -10.02
N GLU A 86 -5.57 13.08 -8.85
CA GLU A 86 -6.36 13.60 -7.74
C GLU A 86 -5.45 14.09 -6.61
N HIS A 87 -5.22 15.40 -6.58
CA HIS A 87 -4.37 15.99 -5.55
C HIS A 87 -4.99 15.81 -4.17
N GLU A 88 -6.28 15.46 -4.14
CA GLU A 88 -6.98 15.27 -2.89
C GLU A 88 -6.56 13.96 -2.22
N SER A 89 -6.12 13.02 -3.05
CA SER A 89 -5.69 11.72 -2.58
C SER A 89 -4.37 11.83 -1.81
N PHE A 90 -3.43 12.57 -2.38
CA PHE A 90 -2.11 12.76 -1.77
C PHE A 90 -2.24 13.37 -0.36
N THR A 91 -3.19 14.27 -0.21
CA THR A 91 -3.41 14.95 1.06
C THR A 91 -4.05 14.01 2.09
N ALA A 92 -5.16 13.39 1.70
CA ALA A 92 -5.87 12.46 2.58
C ALA A 92 -4.94 11.34 3.03
N THR A 93 -4.17 10.81 2.09
CA THR A 93 -3.24 9.73 2.38
C THR A 93 -2.26 10.14 3.49
N ALA A 94 -1.86 11.40 3.45
CA ALA A 94 -0.92 11.93 4.44
C ALA A 94 -1.45 11.77 5.86
N GLU A 95 -2.77 11.81 6.01
CA GLU A 95 -3.40 11.68 7.32
C GLU A 95 -3.20 10.27 7.86
N PHE A 96 -3.43 9.27 7.01
CA PHE A 96 -3.28 7.87 7.41
C PHE A 96 -1.84 7.57 7.81
N ARG A 97 -0.90 8.33 7.26
CA ARG A 97 0.52 8.13 7.56
C ARG A 97 0.75 8.14 9.07
N GLU A 98 0.17 9.12 9.75
CA GLU A 98 0.30 9.25 11.19
C GLU A 98 -0.48 8.15 11.91
N GLN A 99 -1.67 7.84 11.39
CA GLN A 99 -2.52 6.80 11.99
C GLN A 99 -1.78 5.47 12.05
N ILE A 100 -0.87 5.25 11.12
CA ILE A 100 -0.10 4.02 11.07
C ILE A 100 0.77 3.87 12.32
N LEU A 101 1.48 4.93 12.68
CA LEU A 101 2.35 4.90 13.85
C LEU A 101 1.53 4.80 15.14
N ARG A 102 0.29 5.28 15.09
CA ARG A 102 -0.60 5.24 16.26
C ARG A 102 -0.75 3.82 16.80
N VAL A 103 -1.07 2.89 15.91
CA VAL A 103 -1.25 1.49 16.30
C VAL A 103 0.08 0.82 16.61
N LYS A 104 1.15 1.35 16.05
CA LYS A 104 2.48 0.79 16.26
C LYS A 104 3.36 1.75 17.09
N ALA A 105 2.75 2.37 18.09
CA ALA A 105 3.47 3.30 18.95
C ALA A 105 4.54 2.59 19.77
N GLU A 106 4.53 1.27 19.74
CA GLU A 106 5.50 0.46 20.49
C GLU A 106 6.64 0.01 19.58
N GLU A 107 6.35 -0.11 18.29
CA GLU A 107 7.35 -0.55 17.31
C GLU A 107 8.05 0.65 16.68
N ASP A 108 9.29 0.44 16.26
CA ASP A 108 10.07 1.50 15.64
C ASP A 108 10.25 1.25 14.14
N LYS A 109 10.33 -0.03 13.77
CA LYS A 109 10.49 -0.41 12.37
C LYS A 109 9.14 -0.61 11.71
N ILE A 110 8.65 0.42 11.02
CA ILE A 110 7.38 0.36 10.34
C ILE A 110 7.55 0.32 8.83
N PRO A 111 7.36 -0.87 8.21
CA PRO A 111 7.50 -1.02 6.75
C PRO A 111 6.45 -0.24 5.98
N LEU A 112 6.88 0.85 5.35
CA LEU A 112 5.99 1.69 4.57
C LEU A 112 6.50 1.83 3.14
N LEU A 113 5.59 2.04 2.20
CA LEU A 113 5.94 2.21 0.80
C LEU A 113 4.80 2.88 0.04
N VAL A 114 5.06 4.07 -0.49
CA VAL A 114 4.04 4.81 -1.21
C VAL A 114 4.08 4.50 -2.70
N VAL A 115 2.89 4.41 -3.30
CA VAL A 115 2.76 4.12 -4.72
C VAL A 115 1.78 5.09 -5.38
N GLY A 116 2.02 5.40 -6.64
CA GLY A 116 1.14 6.31 -7.36
C GLY A 116 0.32 5.61 -8.42
N ASN A 117 -0.99 5.83 -8.39
CA ASN A 117 -1.88 5.21 -9.36
C ASN A 117 -2.37 6.25 -10.36
N LYS A 118 -3.23 5.81 -11.27
CA LYS A 118 -3.78 6.70 -12.28
C LYS A 118 -2.66 7.35 -13.11
N SER A 119 -1.48 6.75 -13.05
CA SER A 119 -0.32 7.26 -13.78
C SER A 119 -0.58 7.28 -15.29
N ASP A 120 -1.62 6.57 -15.71
CA ASP A 120 -1.99 6.52 -17.12
C ASP A 120 -2.54 7.86 -17.58
N LEU A 121 -2.56 8.83 -16.67
CA LEU A 121 -3.06 10.17 -16.97
C LEU A 121 -1.98 11.22 -16.72
N GLU A 122 -0.93 11.19 -17.54
CA GLU A 122 0.17 12.13 -17.40
C GLU A 122 -0.29 13.56 -17.67
N GLU A 123 -1.37 13.68 -18.44
CA GLU A 123 -1.91 14.99 -18.78
C GLU A 123 -2.77 15.55 -17.64
N ARG A 124 -3.29 14.66 -16.81
CA ARG A 124 -4.12 15.05 -15.68
C ARG A 124 -3.33 15.01 -14.38
N ARG A 125 -2.06 14.62 -14.48
CA ARG A 125 -1.18 14.54 -13.31
C ARG A 125 -0.91 15.93 -12.73
N GLN A 126 -1.49 16.20 -11.56
CA GLN A 126 -1.31 17.49 -10.91
C GLN A 126 -0.14 17.45 -9.93
N VAL A 127 0.17 16.26 -9.43
CA VAL A 127 1.27 16.10 -8.48
C VAL A 127 2.51 15.51 -9.17
N PRO A 128 3.52 16.35 -9.45
CA PRO A 128 4.76 15.89 -10.09
C PRO A 128 5.47 14.86 -9.22
N VAL A 129 5.86 13.74 -9.84
CA VAL A 129 6.54 12.67 -9.13
C VAL A 129 7.71 13.21 -8.29
N GLU A 130 8.49 14.10 -8.88
CA GLU A 130 9.64 14.69 -8.21
C GLU A 130 9.25 15.30 -6.86
N GLU A 131 8.07 15.91 -6.81
CA GLU A 131 7.58 16.53 -5.58
C GLU A 131 7.11 15.48 -4.59
N ALA A 132 6.36 14.51 -5.10
CA ALA A 132 5.84 13.43 -4.27
C ALA A 132 6.97 12.65 -3.60
N ARG A 133 8.11 12.59 -4.26
CA ARG A 133 9.27 11.88 -3.72
C ARG A 133 9.87 12.62 -2.53
N SER A 134 9.78 13.95 -2.56
CA SER A 134 10.31 14.76 -1.47
C SER A 134 9.52 14.55 -0.19
N LYS A 135 8.20 14.66 -0.28
CA LYS A 135 7.33 14.48 0.88
C LYS A 135 7.41 13.04 1.39
N ALA A 136 7.34 12.09 0.48
CA ALA A 136 7.39 10.67 0.84
C ALA A 136 8.72 10.33 1.51
N GLU A 137 9.81 10.87 0.96
CA GLU A 137 11.14 10.62 1.50
C GLU A 137 11.21 10.97 2.99
N GLU A 138 10.43 11.98 3.39
CA GLU A 138 10.39 12.40 4.78
C GLU A 138 10.10 11.23 5.70
N TRP A 139 9.07 10.45 5.35
CA TRP A 139 8.69 9.29 6.14
C TRP A 139 9.79 8.23 6.11
N GLY A 140 10.66 8.34 5.11
CA GLY A 140 11.76 7.39 4.98
C GLY A 140 11.50 6.35 3.91
N VAL A 141 10.62 6.68 2.96
CA VAL A 141 10.29 5.78 1.87
C VAL A 141 10.55 6.40 0.51
N GLN A 142 10.34 5.59 -0.53
CA GLN A 142 10.52 6.03 -1.90
C GLN A 142 9.20 5.91 -2.67
N TYR A 143 8.84 6.93 -3.42
CA TYR A 143 7.60 6.93 -4.17
C TYR A 143 7.85 6.63 -5.65
N VAL A 144 6.90 5.91 -6.25
CA VAL A 144 7.00 5.53 -7.66
C VAL A 144 5.64 5.60 -8.35
N GLU A 145 5.66 5.87 -9.66
CA GLU A 145 4.44 5.98 -10.45
C GLU A 145 4.07 4.62 -11.05
N THR A 146 2.77 4.33 -11.09
CA THR A 146 2.29 3.06 -11.63
C THR A 146 0.88 3.19 -12.18
N SER A 147 0.51 2.27 -13.08
CA SER A 147 -0.82 2.26 -13.68
C SER A 147 -1.52 0.94 -13.42
N ALA A 148 -2.56 0.98 -12.60
CA ALA A 148 -3.33 -0.22 -12.26
C ALA A 148 -4.08 -0.76 -13.48
N LYS A 149 -4.02 -0.02 -14.58
CA LYS A 149 -4.70 -0.42 -15.81
C LYS A 149 -3.78 -1.28 -16.67
N THR A 150 -2.52 -0.85 -16.78
CA THR A 150 -1.54 -1.59 -17.58
C THR A 150 -0.77 -2.59 -16.72
N ARG A 151 -1.05 -2.58 -15.42
CA ARG A 151 -0.39 -3.49 -14.46
C ARG A 151 1.06 -3.78 -14.82
N ALA A 152 1.77 -2.75 -15.30
CA ALA A 152 3.16 -2.92 -15.70
C ALA A 152 4.10 -2.95 -14.49
N ASN A 153 4.04 -1.91 -13.67
CA ASN A 153 4.89 -1.83 -12.48
C ASN A 153 4.07 -1.92 -11.19
N VAL A 154 2.85 -2.44 -11.30
CA VAL A 154 1.98 -2.56 -10.13
C VAL A 154 2.54 -3.58 -9.13
N ASP A 155 2.96 -4.74 -9.62
CA ASP A 155 3.51 -5.79 -8.76
C ASP A 155 4.92 -5.42 -8.30
N LYS A 156 5.52 -4.44 -8.96
CA LYS A 156 6.87 -3.99 -8.65
C LYS A 156 6.96 -3.39 -7.24
N VAL A 157 5.88 -2.77 -6.79
CA VAL A 157 5.86 -2.14 -5.46
C VAL A 157 5.51 -3.14 -4.36
N PHE A 158 4.74 -4.18 -4.72
CA PHE A 158 4.35 -5.20 -3.74
C PHE A 158 5.56 -5.99 -3.29
N PHE A 159 6.42 -6.37 -4.23
CA PHE A 159 7.62 -7.13 -3.93
C PHE A 159 8.65 -6.26 -3.22
N ASP A 160 8.63 -4.96 -3.53
CA ASP A 160 9.56 -4.01 -2.94
C ASP A 160 9.39 -3.94 -1.43
N LEU A 161 8.15 -3.70 -0.99
CA LEU A 161 7.86 -3.60 0.43
C LEU A 161 8.00 -4.96 1.12
N MET A 162 7.63 -6.02 0.40
CA MET A 162 7.71 -7.37 0.93
C MET A 162 9.12 -7.68 1.45
N ARG A 163 10.12 -7.20 0.72
CA ARG A 163 11.51 -7.41 1.10
C ARG A 163 11.85 -6.66 2.39
N GLU A 164 11.22 -5.49 2.54
CA GLU A 164 11.45 -4.67 3.73
C GLU A 164 10.87 -5.32 4.98
N ILE A 165 9.74 -6.01 4.81
CA ILE A 165 9.10 -6.70 5.92
C ILE A 165 9.98 -7.81 6.49
N ARG A 166 10.71 -8.47 5.59
CA ARG A 166 11.60 -9.56 6.00
C ARG A 166 12.87 -9.04 6.67
N THR A 167 13.50 -8.05 6.03
CA THR A 167 14.76 -7.50 6.54
C THR A 167 14.56 -6.37 7.55
N LYS A 168 13.89 -5.29 7.13
CA LYS A 168 13.68 -4.12 7.99
C LYS A 168 12.79 -4.40 9.20
N LYS A 169 11.60 -4.92 8.96
CA LYS A 169 10.66 -5.19 10.06
C LYS A 169 11.23 -6.19 11.06
N MET A 170 11.81 -7.28 10.57
CA MET A 170 12.37 -8.30 11.44
C MET A 170 13.66 -7.83 12.09
N SER A 171 14.21 -6.73 11.59
CA SER A 171 15.45 -6.18 12.14
C SER A 171 15.23 -5.71 13.57
N GLU A 172 14.32 -4.74 13.74
CA GLU A 172 14.02 -4.19 15.07
C GLU A 172 15.26 -3.61 15.72
N ASN A 173 15.41 -2.30 15.62
CA ASN A 173 16.56 -1.60 16.21
C ASN A 173 16.13 -0.27 16.82
N LYS A 174 16.16 -0.21 18.14
CA LYS A 174 15.78 1.00 18.85
C LYS A 174 16.98 1.92 19.04
PG GNP B . -13.77 1.95 -2.47
O1G GNP B . -14.82 2.72 -3.18
O2G GNP B . -13.95 0.38 -2.65
O3G GNP B . -13.74 2.34 -0.92
N3B GNP B . -12.23 2.32 -3.03
PB GNP B . -12.11 2.16 -4.70
O1B GNP B . -11.19 3.22 -5.20
O2B GNP B . -11.82 0.74 -5.01
O3A GNP B . -13.59 2.49 -5.19
PA GNP B . -13.82 3.33 -6.52
O1A GNP B . -15.27 3.31 -6.85
O2A GNP B . -13.12 4.63 -6.39
O5' GNP B . -13.05 2.45 -7.61
C5' GNP B . -11.93 2.98 -8.31
C4' GNP B . -12.35 3.42 -9.70
O4' GNP B . -11.20 4.01 -10.37
C3' GNP B . -12.82 2.32 -10.62
O3' GNP B . -13.74 2.81 -11.59
C2' GNP B . -11.53 1.83 -11.26
O2' GNP B . -11.75 1.29 -12.55
C1' GNP B . -10.75 3.14 -11.40
N9 GNP B . -9.31 2.99 -11.27
C8 GNP B . -8.62 2.56 -10.16
N7 GNP B . -7.33 2.53 -10.33
C5 GNP B . -7.15 2.95 -11.64
C6 GNP B . -5.96 3.12 -12.40
O6 GNP B . -4.80 2.92 -12.05
N1 GNP B . -6.23 3.57 -13.68
C2 GNP B . -7.48 3.84 -14.18
N2 GNP B . -7.54 4.27 -15.45
N3 GNP B . -8.60 3.69 -13.49
C4 GNP B . -8.36 3.25 -12.23
HNB3 GNP B . -11.58 1.72 -2.59
H5'2 GNP B . -11.16 2.21 -8.40
H5'1 GNP B . -11.51 3.83 -7.77
H4' GNP B . -13.18 4.12 -9.58
H3' GNP B . -13.34 1.53 -10.08
HO3' GNP B . -13.35 3.60 -11.98
H2' GNP B . -11.01 1.14 -10.60
HO2' GNP B . -10.91 0.96 -12.87
H1' GNP B . -10.96 3.65 -12.35
H8 GNP B . -9.11 2.29 -9.23
HN1 GNP B . -5.44 3.72 -14.31
HN21 GNP B . -8.44 4.47 -15.87
HN22 GNP B . -6.69 4.38 -15.98
MG MG C . -12.45 -1.02 -3.68
N LEU A 1 7.62 -21.22 6.80
CA LEU A 1 7.36 -20.08 5.88
C LEU A 1 7.00 -18.82 6.67
N ALA A 2 7.35 -17.66 6.11
CA ALA A 2 7.06 -16.39 6.75
C ALA A 2 5.78 -15.78 6.20
N LEU A 3 5.13 -14.93 6.99
CA LEU A 3 3.89 -14.29 6.56
C LEU A 3 4.02 -12.77 6.59
N HIS A 4 3.84 -12.15 5.42
CA HIS A 4 3.93 -10.70 5.31
C HIS A 4 2.56 -10.11 4.94
N LYS A 5 1.92 -9.48 5.91
CA LYS A 5 0.60 -8.89 5.69
C LYS A 5 0.71 -7.45 5.19
N VAL A 6 0.08 -7.18 4.05
CA VAL A 6 0.09 -5.85 3.45
C VAL A 6 -1.33 -5.31 3.31
N ILE A 7 -1.54 -4.08 3.77
CA ILE A 7 -2.86 -3.45 3.69
C ILE A 7 -2.85 -2.29 2.71
N MET A 8 -3.70 -2.38 1.68
CA MET A 8 -3.80 -1.31 0.68
C MET A 8 -4.36 -0.05 1.32
N VAL A 9 -3.48 0.83 1.75
CA VAL A 9 -3.89 2.08 2.37
C VAL A 9 -3.66 3.26 1.44
N GLY A 10 -4.29 4.39 1.75
CA GLY A 10 -4.14 5.57 0.93
C GLY A 10 -5.06 6.70 1.36
N SER A 11 -5.46 7.52 0.40
CA SER A 11 -6.35 8.65 0.68
C SER A 11 -7.72 8.16 1.12
N GLY A 12 -8.26 7.20 0.38
CA GLY A 12 -9.57 6.65 0.71
C GLY A 12 -10.28 6.13 -0.52
N GLY A 13 -9.77 6.49 -1.70
CA GLY A 13 -10.38 6.05 -2.94
C GLY A 13 -9.60 6.48 -4.16
N VAL A 14 -8.61 5.67 -4.55
CA VAL A 14 -7.79 5.97 -5.72
C VAL A 14 -7.68 4.75 -6.64
N GLY A 15 -7.80 3.57 -6.05
CA GLY A 15 -7.72 2.34 -6.83
C GLY A 15 -7.00 1.23 -6.09
N LYS A 16 -7.19 1.18 -4.77
CA LYS A 16 -6.56 0.17 -3.93
C LYS A 16 -6.95 -1.24 -4.38
N SER A 17 -8.26 -1.49 -4.46
CA SER A 17 -8.78 -2.79 -4.88
C SER A 17 -8.36 -3.12 -6.31
N ALA A 18 -8.21 -2.08 -7.12
CA ALA A 18 -7.83 -2.24 -8.52
C ALA A 18 -6.43 -2.84 -8.59
N LEU A 19 -5.50 -2.22 -7.89
CA LEU A 19 -4.14 -2.71 -7.83
C LEU A 19 -4.14 -4.10 -7.24
N THR A 20 -5.17 -4.38 -6.45
CA THR A 20 -5.30 -5.67 -5.79
C THR A 20 -5.60 -6.77 -6.80
N LEU A 21 -6.59 -6.53 -7.66
CA LEU A 21 -6.98 -7.50 -8.67
C LEU A 21 -5.89 -7.69 -9.71
N GLN A 22 -5.10 -6.64 -9.93
CA GLN A 22 -4.01 -6.69 -10.91
C GLN A 22 -2.84 -7.51 -10.38
N PHE A 23 -2.69 -7.54 -9.06
CA PHE A 23 -1.61 -8.31 -8.45
C PHE A 23 -1.88 -9.81 -8.50
N MET A 24 -3.08 -10.20 -8.07
CA MET A 24 -3.46 -11.62 -8.03
C MET A 24 -3.96 -12.14 -9.38
N TYR A 25 -4.90 -11.43 -10.00
CA TYR A 25 -5.47 -11.88 -11.27
C TYR A 25 -4.79 -11.23 -12.47
N ASP A 26 -4.14 -10.08 -12.25
CA ASP A 26 -3.47 -9.38 -13.35
C ASP A 26 -4.46 -9.02 -14.44
N GLU A 27 -5.67 -8.68 -14.02
CA GLU A 27 -6.73 -8.31 -14.95
C GLU A 27 -7.58 -7.17 -14.38
N PHE A 28 -7.75 -6.12 -15.18
CA PHE A 28 -8.54 -4.96 -14.75
C PHE A 28 -10.02 -5.29 -14.77
N VAL A 29 -10.64 -5.29 -13.58
CA VAL A 29 -12.05 -5.58 -13.45
C VAL A 29 -12.76 -4.52 -12.63
N GLU A 30 -13.78 -3.91 -13.21
CA GLU A 30 -14.55 -2.86 -12.52
C GLU A 30 -15.25 -3.42 -11.29
N ASP A 31 -15.60 -4.70 -11.35
CA ASP A 31 -16.28 -5.36 -10.24
C ASP A 31 -15.42 -5.33 -8.98
N TYR A 32 -16.08 -5.27 -7.82
CA TYR A 32 -15.37 -5.24 -6.54
C TYR A 32 -15.86 -6.35 -5.61
N GLU A 33 -15.12 -6.55 -4.53
CA GLU A 33 -15.46 -7.58 -3.55
C GLU A 33 -15.36 -7.03 -2.12
N PRO A 34 -16.51 -6.70 -1.49
CA PRO A 34 -16.52 -6.16 -0.13
C PRO A 34 -15.69 -6.98 0.84
N THR A 35 -15.19 -6.33 1.89
CA THR A 35 -14.35 -6.99 2.87
C THR A 35 -15.05 -7.07 4.23
N LYS A 36 -14.85 -8.18 4.94
CA LYS A 36 -15.45 -8.39 6.24
C LYS A 36 -14.45 -9.05 7.19
N ALA A 37 -13.80 -10.10 6.71
CA ALA A 37 -12.82 -10.83 7.51
C ALA A 37 -12.02 -11.80 6.64
N ASP A 38 -12.49 -12.01 5.41
CA ASP A 38 -11.84 -12.91 4.47
C ASP A 38 -10.55 -12.29 3.93
N SER A 39 -9.46 -13.04 4.04
CA SER A 39 -8.17 -12.57 3.56
C SER A 39 -7.65 -13.44 2.42
N TYR A 40 -6.61 -12.97 1.74
CA TYR A 40 -6.01 -13.70 0.63
C TYR A 40 -4.60 -14.14 0.98
N ARG A 41 -4.18 -15.28 0.42
CA ARG A 41 -2.84 -15.80 0.68
C ARG A 41 -2.34 -16.62 -0.51
N LYS A 42 -1.06 -16.42 -0.85
CA LYS A 42 -0.45 -17.13 -1.96
C LYS A 42 1.07 -17.20 -1.80
N LYS A 43 1.65 -18.34 -2.17
CA LYS A 43 3.09 -18.53 -2.06
C LYS A 43 3.82 -17.87 -3.22
N VAL A 44 4.84 -17.09 -2.90
CA VAL A 44 5.64 -16.40 -3.91
C VAL A 44 7.12 -16.49 -3.58
N VAL A 45 7.96 -16.45 -4.62
CA VAL A 45 9.41 -16.52 -4.43
C VAL A 45 10.03 -15.13 -4.33
N LEU A 46 10.96 -14.98 -3.40
CA LEU A 46 11.63 -13.70 -3.17
C LEU A 46 13.12 -13.93 -2.92
N ASP A 47 13.93 -13.79 -3.97
CA ASP A 47 15.38 -13.97 -3.86
C ASP A 47 15.69 -15.38 -3.34
N GLY A 48 14.84 -16.33 -3.67
CA GLY A 48 15.04 -17.70 -3.23
C GLY A 48 14.23 -18.04 -2.00
N GLU A 49 14.03 -17.05 -1.14
CA GLU A 49 13.26 -17.24 0.09
C GLU A 49 11.76 -17.23 -0.20
N GLU A 50 11.11 -18.37 0.05
CA GLU A 50 9.68 -18.49 -0.19
C GLU A 50 8.88 -18.01 1.02
N VAL A 51 8.09 -16.96 0.80
CA VAL A 51 7.26 -16.40 1.86
C VAL A 51 5.86 -16.09 1.35
N GLN A 52 4.85 -16.36 2.19
CA GLN A 52 3.46 -16.11 1.81
C GLN A 52 3.03 -14.71 2.18
N ILE A 53 2.21 -14.10 1.33
CA ILE A 53 1.73 -12.75 1.55
C ILE A 53 0.23 -12.75 1.83
N ASP A 54 -0.17 -12.02 2.87
CA ASP A 54 -1.57 -11.92 3.24
C ASP A 54 -2.14 -10.55 2.89
N ILE A 55 -3.07 -10.53 1.94
CA ILE A 55 -3.68 -9.27 1.50
C ILE A 55 -5.10 -9.15 2.03
N LEU A 56 -5.51 -7.92 2.35
CA LEU A 56 -6.85 -7.66 2.86
C LEU A 56 -7.37 -6.32 2.34
N ASP A 57 -8.29 -6.38 1.39
CA ASP A 57 -8.87 -5.18 0.80
C ASP A 57 -9.50 -4.29 1.88
N THR A 58 -9.17 -3.01 1.85
CA THR A 58 -9.70 -2.06 2.81
C THR A 58 -10.25 -0.81 2.12
N ALA A 59 -11.57 -0.71 2.06
CA ALA A 59 -12.22 0.43 1.43
C ALA A 59 -12.33 1.59 2.42
N GLY A 60 -13.06 2.63 2.04
CA GLY A 60 -13.23 3.77 2.90
C GLY A 60 -13.87 3.41 4.23
N LEU A 61 -13.06 3.27 5.26
CA LEU A 61 -13.56 2.92 6.59
C LEU A 61 -14.30 4.08 7.23
N GLU A 62 -14.43 5.18 6.49
CA GLU A 62 -15.13 6.37 6.99
C GLU A 62 -14.48 6.87 8.28
N ASP A 63 -15.25 7.63 9.05
CA ASP A 63 -14.75 8.18 10.31
C ASP A 63 -15.08 7.28 11.50
N TYR A 64 -14.05 6.88 12.24
CA TYR A 64 -14.23 6.03 13.40
C TYR A 64 -13.19 6.33 14.48
N ALA A 65 -13.63 6.31 15.74
CA ALA A 65 -12.74 6.61 16.85
C ALA A 65 -11.57 5.62 16.91
N ALA A 66 -11.88 4.34 16.92
CA ALA A 66 -10.85 3.31 16.98
C ALA A 66 -11.31 2.02 16.30
N ILE A 67 -12.42 2.10 15.57
CA ILE A 67 -12.97 0.94 14.88
C ILE A 67 -12.23 0.70 13.57
N ARG A 68 -12.02 1.76 12.81
CA ARG A 68 -11.32 1.68 11.53
C ARG A 68 -9.83 1.39 11.74
N ASP A 69 -9.29 1.87 12.85
CA ASP A 69 -7.88 1.67 13.16
C ASP A 69 -7.56 0.19 13.37
N ASN A 70 -8.55 -0.56 13.87
CA ASN A 70 -8.38 -1.98 14.12
C ASN A 70 -7.79 -2.69 12.90
N TYR A 71 -8.27 -2.31 11.71
CA TYR A 71 -7.81 -2.92 10.47
C TYR A 71 -6.32 -2.69 10.26
N PHE A 72 -5.84 -1.52 10.68
CA PHE A 72 -4.43 -1.18 10.54
C PHE A 72 -3.58 -1.93 11.56
N ARG A 73 -4.21 -2.40 12.63
CA ARG A 73 -3.50 -3.11 13.69
C ARG A 73 -3.34 -4.59 13.32
N SER A 74 -4.37 -5.17 12.72
CA SER A 74 -4.35 -6.57 12.33
C SER A 74 -3.26 -6.83 11.30
N GLY A 75 -2.85 -5.77 10.60
CA GLY A 75 -1.81 -5.89 9.60
C GLY A 75 -0.44 -5.51 10.13
N GLU A 76 0.61 -5.83 9.37
CA GLU A 76 1.97 -5.53 9.79
C GLU A 76 2.56 -4.43 8.92
N GLY A 77 2.43 -4.58 7.60
CA GLY A 77 2.97 -3.60 6.68
C GLY A 77 1.88 -2.70 6.11
N PHE A 78 2.30 -1.59 5.52
CA PHE A 78 1.35 -0.65 4.93
C PHE A 78 1.80 -0.23 3.53
N LEU A 79 0.81 0.04 2.67
CA LEU A 79 1.10 0.46 1.31
C LEU A 79 0.27 1.69 0.95
N LEU A 80 0.91 2.86 0.94
CA LEU A 80 0.23 4.12 0.64
C LEU A 80 0.11 4.31 -0.87
N VAL A 81 -1.11 4.61 -1.32
CA VAL A 81 -1.35 4.83 -2.74
C VAL A 81 -2.21 6.06 -3.00
N PHE A 82 -1.82 6.85 -4.00
CA PHE A 82 -2.57 8.04 -4.38
C PHE A 82 -2.52 8.23 -5.89
N SER A 83 -3.51 8.94 -6.43
CA SER A 83 -3.56 9.18 -7.86
C SER A 83 -2.97 10.54 -8.21
N ILE A 84 -2.35 10.62 -9.38
CA ILE A 84 -1.75 11.86 -9.85
C ILE A 84 -2.82 12.81 -10.35
N THR A 85 -3.91 12.24 -10.85
CA THR A 85 -5.02 13.02 -11.36
C THR A 85 -5.79 13.68 -10.22
N GLU A 86 -5.63 13.16 -9.02
CA GLU A 86 -6.29 13.70 -7.84
C GLU A 86 -5.28 14.17 -6.80
N HIS A 87 -4.99 15.46 -6.82
CA HIS A 87 -4.04 16.04 -5.87
C HIS A 87 -4.55 15.91 -4.44
N GLU A 88 -5.83 15.61 -4.30
CA GLU A 88 -6.46 15.48 -2.99
C GLU A 88 -6.03 14.17 -2.34
N SER A 89 -5.68 13.19 -3.16
CA SER A 89 -5.27 11.89 -2.67
C SER A 89 -3.93 11.97 -1.96
N PHE A 90 -2.99 12.69 -2.56
CA PHE A 90 -1.65 12.87 -1.99
C PHE A 90 -1.72 13.44 -0.57
N THR A 91 -2.65 14.36 -0.35
CA THR A 91 -2.82 14.99 0.96
C THR A 91 -3.43 14.03 1.97
N ALA A 92 -4.57 13.46 1.63
CA ALA A 92 -5.27 12.52 2.50
C ALA A 92 -4.38 11.33 2.82
N THR A 93 -3.58 10.91 1.85
CA THR A 93 -2.68 9.78 2.04
C THR A 93 -1.70 10.07 3.17
N ALA A 94 -1.26 11.33 3.24
CA ALA A 94 -0.34 11.76 4.29
C ALA A 94 -1.08 11.86 5.62
N GLU A 95 -2.37 12.12 5.53
CA GLU A 95 -3.22 12.24 6.70
C GLU A 95 -3.32 10.90 7.42
N PHE A 96 -3.27 9.82 6.65
CA PHE A 96 -3.34 8.47 7.20
C PHE A 96 -1.99 8.05 7.78
N ARG A 97 -0.92 8.66 7.28
CA ARG A 97 0.44 8.37 7.73
C ARG A 97 0.52 8.41 9.25
N GLU A 98 -0.13 9.40 9.85
CA GLU A 98 -0.12 9.56 11.30
C GLU A 98 -0.95 8.47 11.98
N GLN A 99 -2.02 8.02 11.32
CA GLN A 99 -2.88 6.99 11.87
C GLN A 99 -2.20 5.63 11.85
N ILE A 100 -1.29 5.47 10.90
CA ILE A 100 -0.55 4.21 10.75
C ILE A 100 0.28 3.90 11.99
N LEU A 101 0.94 4.91 12.52
CA LEU A 101 1.77 4.74 13.71
C LEU A 101 0.94 4.41 14.95
N ARG A 102 -0.32 4.83 14.95
CA ARG A 102 -1.22 4.59 16.08
C ARG A 102 -1.29 3.10 16.42
N VAL A 103 -1.55 2.28 15.41
CA VAL A 103 -1.66 0.84 15.62
C VAL A 103 -0.32 0.22 15.99
N LYS A 104 0.75 0.98 15.84
CA LYS A 104 2.09 0.51 16.16
C LYS A 104 2.78 1.45 17.13
N ALA A 105 2.26 1.51 18.36
CA ALA A 105 2.83 2.37 19.39
C ALA A 105 4.00 1.68 20.09
N GLU A 106 3.96 0.35 20.10
CA GLU A 106 5.02 -0.45 20.73
C GLU A 106 6.05 -0.89 19.70
N GLU A 107 5.89 -0.43 18.46
CA GLU A 107 6.79 -0.78 17.38
C GLU A 107 7.43 0.47 16.78
N ASP A 108 8.72 0.39 16.47
CA ASP A 108 9.45 1.51 15.89
C ASP A 108 9.74 1.28 14.41
N LYS A 109 9.40 0.10 13.92
CA LYS A 109 9.64 -0.25 12.52
C LYS A 109 8.33 -0.58 11.81
N ILE A 110 7.75 0.40 11.13
CA ILE A 110 6.51 0.18 10.40
C ILE A 110 6.74 0.22 8.90
N PRO A 111 6.64 -0.93 8.20
CA PRO A 111 6.84 -1.00 6.75
C PRO A 111 5.91 -0.07 5.99
N LEU A 112 6.49 0.81 5.17
CA LEU A 112 5.69 1.76 4.40
C LEU A 112 6.23 1.89 2.97
N LEU A 113 5.36 2.30 2.06
CA LEU A 113 5.74 2.47 0.66
C LEU A 113 4.71 3.32 -0.07
N VAL A 114 5.18 4.35 -0.78
CA VAL A 114 4.29 5.25 -1.49
C VAL A 114 4.34 5.00 -2.99
N VAL A 115 3.19 5.15 -3.65
CA VAL A 115 3.11 4.95 -5.09
C VAL A 115 2.04 5.85 -5.71
N GLY A 116 2.21 6.14 -7.00
CA GLY A 116 1.25 6.98 -7.70
C GLY A 116 0.64 6.27 -8.87
N ASN A 117 -0.63 5.88 -8.74
CA ASN A 117 -1.32 5.18 -9.81
C ASN A 117 -1.85 6.17 -10.84
N LYS A 118 -2.67 5.68 -11.75
CA LYS A 118 -3.24 6.53 -12.80
C LYS A 118 -2.15 7.17 -13.64
N SER A 119 -0.95 6.59 -13.57
CA SER A 119 0.20 7.09 -14.33
C SER A 119 -0.05 6.99 -15.84
N ASP A 120 -1.11 6.29 -16.22
CA ASP A 120 -1.46 6.12 -17.63
C ASP A 120 -1.70 7.48 -18.27
N LEU A 121 -1.86 8.50 -17.44
CA LEU A 121 -2.10 9.86 -17.91
C LEU A 121 -0.92 10.77 -17.55
N GLU A 122 0.08 10.79 -18.41
CA GLU A 122 1.27 11.62 -18.18
C GLU A 122 0.96 13.10 -18.38
N GLU A 123 -0.07 13.38 -19.17
CA GLU A 123 -0.46 14.76 -19.44
C GLU A 123 -1.34 15.32 -18.31
N ARG A 124 -2.17 14.46 -17.74
CA ARG A 124 -3.06 14.86 -16.66
C ARG A 124 -2.38 14.71 -15.30
N ARG A 125 -1.05 14.59 -15.33
CA ARG A 125 -0.27 14.45 -14.11
C ARG A 125 0.10 15.83 -13.56
N GLN A 126 -0.52 16.20 -12.44
CA GLN A 126 -0.26 17.51 -11.82
C GLN A 126 0.88 17.42 -10.80
N VAL A 127 1.04 16.24 -10.19
CA VAL A 127 2.09 16.04 -9.19
C VAL A 127 3.36 15.49 -9.82
N PRO A 128 4.45 16.29 -9.89
CA PRO A 128 5.72 15.86 -10.46
C PRO A 128 6.31 14.69 -9.67
N VAL A 129 6.93 13.75 -10.38
CA VAL A 129 7.54 12.59 -9.74
C VAL A 129 8.61 13.00 -8.73
N GLU A 130 9.37 14.03 -9.07
CA GLU A 130 10.45 14.51 -8.20
C GLU A 130 9.89 15.08 -6.90
N GLU A 131 8.83 15.87 -7.00
CA GLU A 131 8.21 16.48 -5.84
C GLU A 131 7.65 15.43 -4.87
N ALA A 132 6.96 14.44 -5.43
CA ALA A 132 6.37 13.38 -4.62
C ALA A 132 7.42 12.64 -3.80
N ARG A 133 8.51 12.25 -4.46
CA ARG A 133 9.60 11.53 -3.79
C ARG A 133 10.21 12.35 -2.67
N SER A 134 10.47 13.62 -2.93
CA SER A 134 11.07 14.51 -1.94
C SER A 134 10.25 14.56 -0.66
N LYS A 135 8.93 14.56 -0.79
CA LYS A 135 8.04 14.62 0.36
C LYS A 135 7.91 13.26 1.03
N ALA A 136 7.66 12.23 0.23
CA ALA A 136 7.48 10.88 0.74
C ALA A 136 8.76 10.36 1.38
N GLU A 137 9.89 10.86 0.91
CA GLU A 137 11.19 10.43 1.43
C GLU A 137 11.30 10.75 2.92
N GLU A 138 10.62 11.82 3.34
CA GLU A 138 10.63 12.22 4.74
C GLU A 138 10.15 11.10 5.64
N TRP A 139 9.31 10.23 5.08
CA TRP A 139 8.76 9.10 5.83
C TRP A 139 9.76 7.94 5.89
N GLY A 140 10.76 8.01 5.03
CA GLY A 140 11.78 6.96 4.98
C GLY A 140 11.47 5.93 3.93
N VAL A 141 10.72 6.33 2.92
CA VAL A 141 10.34 5.44 1.83
C VAL A 141 10.71 6.03 0.47
N GLN A 142 10.44 5.26 -0.58
CA GLN A 142 10.73 5.68 -1.94
C GLN A 142 9.46 5.65 -2.79
N TYR A 143 9.22 6.73 -3.52
CA TYR A 143 8.03 6.83 -4.35
C TYR A 143 8.31 6.44 -5.79
N VAL A 144 7.34 5.76 -6.40
CA VAL A 144 7.45 5.32 -7.78
C VAL A 144 6.12 5.48 -8.52
N GLU A 145 6.19 5.67 -9.83
CA GLU A 145 4.99 5.83 -10.65
C GLU A 145 4.51 4.49 -11.18
N THR A 146 3.20 4.28 -11.17
CA THR A 146 2.62 3.02 -11.65
C THR A 146 1.26 3.24 -12.30
N SER A 147 0.84 2.28 -13.10
CA SER A 147 -0.45 2.36 -13.79
C SER A 147 -1.30 1.13 -13.49
N ALA A 148 -2.36 1.32 -12.69
CA ALA A 148 -3.25 0.23 -12.33
C ALA A 148 -4.10 -0.22 -13.51
N LYS A 149 -3.81 0.32 -14.69
CA LYS A 149 -4.55 -0.04 -15.90
C LYS A 149 -3.79 -1.09 -16.69
N THR A 150 -2.53 -0.81 -16.98
CA THR A 150 -1.69 -1.74 -17.74
C THR A 150 -1.03 -2.76 -16.82
N ARG A 151 -1.39 -2.69 -15.53
CA ARG A 151 -0.84 -3.59 -14.50
C ARG A 151 0.63 -3.91 -14.75
N ALA A 152 1.37 -2.91 -15.22
CA ALA A 152 2.79 -3.09 -15.51
C ALA A 152 3.63 -3.08 -14.23
N ASN A 153 3.51 -2.00 -13.46
CA ASN A 153 4.28 -1.87 -12.22
C ASN A 153 3.39 -1.93 -10.98
N VAL A 154 2.22 -2.55 -11.12
CA VAL A 154 1.30 -2.67 -9.99
C VAL A 154 1.88 -3.59 -8.91
N ASP A 155 2.52 -4.68 -9.35
CA ASP A 155 3.12 -5.64 -8.43
C ASP A 155 4.41 -5.07 -7.81
N LYS A 156 4.92 -4.00 -8.40
CA LYS A 156 6.15 -3.37 -7.94
C LYS A 156 6.05 -2.95 -6.47
N VAL A 157 4.89 -2.46 -6.05
CA VAL A 157 4.69 -2.01 -4.69
C VAL A 157 4.54 -3.17 -3.72
N PHE A 158 3.99 -4.28 -4.20
CA PHE A 158 3.79 -5.46 -3.37
C PHE A 158 5.11 -6.18 -3.11
N PHE A 159 5.90 -6.37 -4.17
CA PHE A 159 7.18 -7.05 -4.05
C PHE A 159 8.20 -6.18 -3.34
N ASP A 160 8.27 -4.90 -3.70
CA ASP A 160 9.21 -3.97 -3.08
C ASP A 160 9.01 -3.90 -1.57
N LEU A 161 7.78 -3.63 -1.15
CA LEU A 161 7.46 -3.53 0.26
C LEU A 161 7.71 -4.86 0.97
N MET A 162 7.48 -5.96 0.25
CA MET A 162 7.68 -7.29 0.81
C MET A 162 9.09 -7.44 1.38
N ARG A 163 10.07 -6.92 0.64
CA ARG A 163 11.46 -7.00 1.07
C ARG A 163 11.71 -6.11 2.28
N GLU A 164 11.01 -4.98 2.33
CA GLU A 164 11.16 -4.03 3.43
C GLU A 164 10.55 -4.59 4.71
N ILE A 165 9.57 -5.48 4.57
CA ILE A 165 8.91 -6.07 5.72
C ILE A 165 9.82 -7.07 6.42
N ARG A 166 10.40 -7.98 5.67
CA ARG A 166 11.29 -9.00 6.23
C ARG A 166 12.63 -8.40 6.65
N THR A 167 13.02 -7.30 6.03
CA THR A 167 14.29 -6.65 6.34
C THR A 167 14.17 -5.65 7.49
N LYS A 168 13.34 -4.63 7.30
CA LYS A 168 13.17 -3.58 8.31
C LYS A 168 12.40 -4.05 9.54
N LYS A 169 11.21 -4.60 9.34
CA LYS A 169 10.37 -5.06 10.45
C LYS A 169 11.06 -6.14 11.27
N MET A 170 11.51 -7.21 10.61
CA MET A 170 12.17 -8.31 11.31
C MET A 170 13.44 -7.86 12.03
N SER A 171 13.94 -6.69 11.65
CA SER A 171 15.15 -6.15 12.27
C SER A 171 14.88 -5.73 13.71
N GLU A 172 13.82 -4.96 13.91
CA GLU A 172 13.44 -4.49 15.24
C GLU A 172 14.57 -3.70 15.88
N ASN A 173 15.48 -3.19 15.05
CA ASN A 173 16.61 -2.42 15.53
C ASN A 173 17.45 -3.23 16.51
N LYS A 174 18.48 -3.89 15.99
CA LYS A 174 19.36 -4.71 16.82
C LYS A 174 20.15 -3.84 17.80
PG GNP B . -13.31 2.41 -2.57
O1G GNP B . -14.31 3.36 -3.12
O2G GNP B . -13.67 0.90 -2.96
O3G GNP B . -13.14 2.57 -1.00
N3B GNP B . -11.77 2.69 -3.19
PB GNP B . -11.77 2.73 -4.88
O1B GNP B . -10.80 3.77 -5.32
O2B GNP B . -11.61 1.35 -5.37
O3A GNP B . -13.24 3.23 -5.22
PA GNP B . -13.52 3.99 -6.60
O1A GNP B . -14.97 3.93 -6.89
O2A GNP B . -12.84 5.30 -6.56
O5' GNP B . -12.76 3.05 -7.65
C5' GNP B . -11.70 3.57 -8.47
C4' GNP B . -11.94 3.20 -9.91
O4' GNP B . -11.15 4.07 -10.76
C3' GNP B . -11.52 1.79 -10.29
O3' GNP B . -12.58 0.86 -10.09
C2' GNP B . -11.17 1.92 -11.76
O2' GNP B . -12.32 1.91 -12.59
C1' GNP B . -10.54 3.32 -11.79
N9 GNP B . -9.09 3.32 -11.58
C8 GNP B . -8.43 3.17 -10.39
N7 GNP B . -7.13 3.22 -10.51
C5 GNP B . -6.93 3.42 -11.87
C6 GNP B . -5.72 3.56 -12.60
O6 GNP B . -4.56 3.53 -12.18
N1 GNP B . -5.97 3.74 -13.97
C2 GNP B . -7.22 3.79 -14.53
N2 GNP B . -7.25 3.97 -15.86
N3 GNP B . -8.34 3.66 -13.86
C4 GNP B . -8.12 3.48 -12.54
HNB3 GNP B . -11.16 1.99 -2.89
H5'2 GNP B . -10.75 3.16 -8.14
H5'1 GNP B . -11.67 4.65 -8.39
H4' GNP B . -13.02 3.27 -10.10
H3' GNP B . -10.69 1.44 -9.69
HO3' GNP B . -13.39 1.28 -10.39
H2' GNP B . -10.45 1.16 -12.05
HO2' GNP B . -12.40 2.79 -12.98
H1' GNP B . -10.74 3.84 -12.72
H8 GNP B . -8.94 3.02 -9.44
HN1 GNP B . -5.17 3.85 -14.57
HN21 GNP B . -8.14 4.01 -16.34
HN22 GNP B . -6.39 4.07 -16.38
MG MG C . -12.39 -0.50 -4.26
N LEU A 1 9.17 -20.34 4.91
CA LEU A 1 8.02 -19.50 4.49
C LEU A 1 7.62 -18.54 5.61
N ALA A 2 7.00 -17.43 5.22
CA ALA A 2 6.56 -16.43 6.18
C ALA A 2 5.15 -15.94 5.85
N LEU A 3 4.68 -14.96 6.61
CA LEU A 3 3.34 -14.41 6.40
C LEU A 3 3.38 -12.88 6.43
N HIS A 4 3.44 -12.27 5.26
CA HIS A 4 3.48 -10.81 5.15
C HIS A 4 2.14 -10.26 4.68
N LYS A 5 1.53 -9.40 5.51
CA LYS A 5 0.24 -8.81 5.18
C LYS A 5 0.41 -7.36 4.75
N VAL A 6 -0.29 -6.97 3.69
CA VAL A 6 -0.23 -5.60 3.19
C VAL A 6 -1.59 -4.92 3.28
N ILE A 7 -1.63 -3.76 3.92
CA ILE A 7 -2.87 -3.01 4.07
C ILE A 7 -2.88 -1.75 3.20
N MET A 8 -3.79 -1.72 2.24
CA MET A 8 -3.90 -0.58 1.34
C MET A 8 -4.38 0.66 2.10
N VAL A 9 -3.43 1.50 2.50
CA VAL A 9 -3.76 2.73 3.21
C VAL A 9 -3.58 3.95 2.31
N GLY A 10 -4.08 5.09 2.74
CA GLY A 10 -3.95 6.30 1.94
C GLY A 10 -5.08 7.27 2.16
N SER A 11 -5.42 8.02 1.12
CA SER A 11 -6.49 9.01 1.18
C SER A 11 -7.79 8.38 1.65
N GLY A 12 -8.31 7.46 0.83
CA GLY A 12 -9.55 6.78 1.16
C GLY A 12 -10.42 6.54 -0.07
N GLY A 13 -9.77 6.22 -1.19
CA GLY A 13 -10.50 5.98 -2.41
C GLY A 13 -9.78 6.51 -3.64
N VAL A 14 -8.86 5.73 -4.17
CA VAL A 14 -8.09 6.13 -5.35
C VAL A 14 -7.93 4.98 -6.33
N GLY A 15 -7.82 3.76 -5.81
CA GLY A 15 -7.67 2.59 -6.65
C GLY A 15 -6.85 1.50 -6.00
N LYS A 16 -7.01 1.36 -4.68
CA LYS A 16 -6.28 0.36 -3.93
C LYS A 16 -6.71 -1.05 -4.33
N SER A 17 -7.99 -1.33 -4.22
CA SER A 17 -8.55 -2.64 -4.58
C SER A 17 -8.17 -3.01 -6.01
N ALA A 18 -8.01 -1.99 -6.85
CA ALA A 18 -7.66 -2.20 -8.24
C ALA A 18 -6.30 -2.87 -8.33
N LEU A 19 -5.32 -2.26 -7.67
CA LEU A 19 -3.97 -2.80 -7.64
C LEU A 19 -4.02 -4.17 -6.99
N THR A 20 -5.02 -4.37 -6.15
CA THR A 20 -5.18 -5.63 -5.44
C THR A 20 -5.48 -6.77 -6.41
N LEU A 21 -6.44 -6.54 -7.31
CA LEU A 21 -6.83 -7.55 -8.29
C LEU A 21 -5.73 -7.76 -9.32
N GLN A 22 -5.04 -6.69 -9.69
CA GLN A 22 -3.96 -6.77 -10.68
C GLN A 22 -2.86 -7.70 -10.19
N PHE A 23 -2.57 -7.65 -8.90
CA PHE A 23 -1.54 -8.49 -8.32
C PHE A 23 -1.98 -9.95 -8.22
N MET A 24 -3.29 -10.16 -8.17
CA MET A 24 -3.84 -11.51 -8.04
C MET A 24 -3.92 -12.26 -9.38
N TYR A 25 -4.47 -11.64 -10.41
CA TYR A 25 -4.61 -12.29 -11.71
C TYR A 25 -3.87 -11.58 -12.83
N ASP A 26 -3.24 -10.45 -12.52
CA ASP A 26 -2.50 -9.69 -13.53
C ASP A 26 -3.41 -9.30 -14.69
N GLU A 27 -4.65 -8.96 -14.36
CA GLU A 27 -5.63 -8.57 -15.38
C GLU A 27 -6.62 -7.56 -14.82
N PHE A 28 -7.03 -6.61 -15.66
CA PHE A 28 -7.97 -5.58 -15.24
C PHE A 28 -9.41 -6.06 -15.44
N VAL A 29 -10.07 -6.38 -14.34
CA VAL A 29 -11.45 -6.85 -14.38
C VAL A 29 -12.24 -6.40 -13.15
N GLU A 30 -13.49 -6.03 -13.36
CA GLU A 30 -14.34 -5.58 -12.26
C GLU A 30 -14.82 -6.76 -11.42
N ASP A 31 -14.72 -6.62 -10.10
CA ASP A 31 -15.14 -7.67 -9.18
C ASP A 31 -15.88 -7.10 -7.98
N TYR A 32 -15.17 -6.26 -7.22
CA TYR A 32 -15.75 -5.62 -6.03
C TYR A 32 -16.24 -6.68 -5.04
N GLU A 33 -15.41 -6.99 -4.05
CA GLU A 33 -15.75 -7.98 -3.04
C GLU A 33 -15.92 -7.30 -1.67
N PRO A 34 -16.87 -7.81 -0.84
CA PRO A 34 -17.12 -7.26 0.49
C PRO A 34 -15.92 -7.40 1.41
N THR A 35 -15.86 -6.57 2.44
CA THR A 35 -14.76 -6.61 3.40
C THR A 35 -15.29 -6.72 4.83
N LYS A 36 -14.86 -7.77 5.53
CA LYS A 36 -15.27 -7.99 6.91
C LYS A 36 -14.18 -8.72 7.68
N ALA A 37 -13.62 -9.74 7.05
CA ALA A 37 -12.55 -10.53 7.67
C ALA A 37 -11.90 -11.46 6.65
N ASP A 38 -12.59 -11.67 5.53
CA ASP A 38 -12.09 -12.54 4.47
C ASP A 38 -11.01 -11.83 3.65
N SER A 39 -9.85 -12.46 3.54
CA SER A 39 -8.74 -11.90 2.79
C SER A 39 -8.23 -12.90 1.75
N TYR A 40 -7.25 -12.46 0.96
CA TYR A 40 -6.66 -13.32 -0.07
C TYR A 40 -5.31 -13.86 0.38
N ARG A 41 -4.84 -14.90 -0.29
CA ARG A 41 -3.55 -15.50 0.06
C ARG A 41 -2.90 -16.12 -1.18
N LYS A 42 -1.62 -15.85 -1.36
CA LYS A 42 -0.87 -16.38 -2.50
C LYS A 42 0.60 -16.52 -2.13
N LYS A 43 1.31 -17.39 -2.85
CA LYS A 43 2.73 -17.61 -2.60
C LYS A 43 3.56 -17.32 -3.84
N VAL A 44 4.55 -16.46 -3.67
CA VAL A 44 5.44 -16.08 -4.77
C VAL A 44 6.90 -16.07 -4.31
N VAL A 45 7.79 -16.60 -5.13
CA VAL A 45 9.20 -16.66 -4.80
C VAL A 45 9.77 -15.25 -4.60
N LEU A 46 10.70 -15.14 -3.65
CA LEU A 46 11.33 -13.86 -3.35
C LEU A 46 12.83 -14.03 -3.13
N ASP A 47 13.60 -13.76 -4.17
CA ASP A 47 15.05 -13.89 -4.11
C ASP A 47 15.46 -15.29 -3.65
N GLY A 48 14.63 -16.27 -4.00
CA GLY A 48 14.92 -17.64 -3.63
C GLY A 48 14.21 -18.06 -2.36
N GLU A 49 13.06 -17.47 -2.10
CA GLU A 49 12.27 -17.80 -0.91
C GLU A 49 10.79 -17.56 -1.14
N GLU A 50 10.01 -18.63 -1.15
CA GLU A 50 8.57 -18.54 -1.35
C GLU A 50 7.85 -18.18 -0.05
N VAL A 51 7.24 -17.01 -0.01
CA VAL A 51 6.53 -16.55 1.18
C VAL A 51 5.02 -16.50 0.93
N GLN A 52 4.27 -16.30 2.01
CA GLN A 52 2.82 -16.22 1.92
C GLN A 52 2.36 -14.77 2.12
N ILE A 53 1.71 -14.22 1.09
CA ILE A 53 1.22 -12.85 1.15
C ILE A 53 -0.29 -12.81 1.33
N ASP A 54 -0.74 -11.99 2.28
CA ASP A 54 -2.16 -11.84 2.56
C ASP A 54 -2.61 -10.41 2.30
N ILE A 55 -3.52 -10.24 1.34
CA ILE A 55 -4.03 -8.92 1.00
C ILE A 55 -5.48 -8.76 1.44
N LEU A 56 -5.79 -7.60 2.01
CA LEU A 56 -7.15 -7.31 2.48
C LEU A 56 -7.55 -5.88 2.14
N ASP A 57 -8.42 -5.74 1.14
CA ASP A 57 -8.88 -4.43 0.72
C ASP A 57 -9.80 -3.81 1.78
N THR A 58 -9.35 -2.68 2.35
CA THR A 58 -10.12 -2.00 3.38
C THR A 58 -11.17 -1.08 2.77
N ALA A 59 -10.89 -0.59 1.56
CA ALA A 59 -11.81 0.31 0.86
C ALA A 59 -12.07 1.58 1.68
N GLY A 60 -13.05 2.36 1.25
CA GLY A 60 -13.38 3.58 1.96
C GLY A 60 -14.28 3.34 3.15
N LEU A 61 -13.74 3.53 4.35
CA LEU A 61 -14.51 3.33 5.58
C LEU A 61 -15.52 4.46 5.78
N GLU A 62 -15.11 5.68 5.46
CA GLU A 62 -15.96 6.85 5.60
C GLU A 62 -16.31 7.12 7.06
N ASP A 63 -17.28 6.38 7.59
CA ASP A 63 -17.71 6.54 8.97
C ASP A 63 -16.63 6.08 9.94
N TYR A 64 -17.03 5.78 11.18
CA TYR A 64 -16.10 5.31 12.22
C TYR A 64 -15.14 6.42 12.63
N ALA A 65 -15.03 6.66 13.92
CA ALA A 65 -14.14 7.69 14.45
C ALA A 65 -12.68 7.25 14.43
N ALA A 66 -12.41 6.09 15.05
CA ALA A 66 -11.05 5.57 15.10
C ALA A 66 -11.00 4.06 14.87
N ILE A 67 -12.12 3.49 14.44
CA ILE A 67 -12.20 2.06 14.18
C ILE A 67 -11.22 1.67 13.08
N ARG A 68 -10.78 2.67 12.32
CA ARG A 68 -9.83 2.46 11.23
C ARG A 68 -8.52 1.86 11.75
N ASP A 69 -8.10 2.32 12.92
CA ASP A 69 -6.87 1.84 13.54
C ASP A 69 -6.88 0.33 13.71
N ASN A 70 -8.05 -0.22 13.96
CA ASN A 70 -8.20 -1.67 14.15
C ASN A 70 -7.56 -2.46 13.01
N TYR A 71 -7.94 -2.13 11.78
CA TYR A 71 -7.41 -2.82 10.60
C TYR A 71 -5.91 -2.64 10.47
N PHE A 72 -5.44 -1.41 10.70
CA PHE A 72 -4.02 -1.10 10.60
C PHE A 72 -3.21 -1.90 11.62
N ARG A 73 -3.89 -2.39 12.65
CA ARG A 73 -3.22 -3.16 13.70
C ARG A 73 -2.97 -4.60 13.26
N SER A 74 -4.01 -5.23 12.71
CA SER A 74 -3.91 -6.61 12.25
C SER A 74 -3.00 -6.72 11.03
N GLY A 75 -2.59 -5.57 10.50
CA GLY A 75 -1.73 -5.55 9.34
C GLY A 75 -0.27 -5.38 9.70
N GLU A 76 0.59 -6.15 9.07
CA GLU A 76 2.03 -6.07 9.32
C GLU A 76 2.72 -5.16 8.31
N GLY A 77 1.97 -4.72 7.31
CA GLY A 77 2.51 -3.85 6.29
C GLY A 77 1.53 -2.75 5.89
N PHE A 78 2.06 -1.64 5.38
CA PHE A 78 1.22 -0.51 4.97
C PHE A 78 1.62 -0.02 3.59
N LEU A 79 0.62 0.30 2.76
CA LEU A 79 0.86 0.80 1.41
C LEU A 79 0.11 2.11 1.16
N LEU A 80 0.85 3.21 1.07
CA LEU A 80 0.24 4.51 0.83
C LEU A 80 -0.01 4.70 -0.66
N VAL A 81 -1.26 4.57 -1.08
CA VAL A 81 -1.62 4.70 -2.48
C VAL A 81 -2.46 5.94 -2.74
N PHE A 82 -2.14 6.64 -3.83
CA PHE A 82 -2.88 7.84 -4.21
C PHE A 82 -2.80 8.07 -5.72
N SER A 83 -3.88 8.61 -6.29
CA SER A 83 -3.92 8.88 -7.72
C SER A 83 -3.25 10.19 -8.06
N ILE A 84 -2.60 10.25 -9.21
CA ILE A 84 -1.92 11.46 -9.66
C ILE A 84 -2.92 12.50 -10.15
N THR A 85 -4.02 12.02 -10.73
CA THR A 85 -5.05 12.92 -11.24
C THR A 85 -5.86 13.51 -10.10
N GLU A 86 -5.57 13.06 -8.89
CA GLU A 86 -6.27 13.55 -7.70
C GLU A 86 -5.27 14.08 -6.66
N HIS A 87 -4.95 15.36 -6.78
CA HIS A 87 -4.01 16.00 -5.85
C HIS A 87 -4.54 15.98 -4.42
N GLU A 88 -5.85 15.75 -4.29
CA GLU A 88 -6.49 15.72 -2.98
C GLU A 88 -6.14 14.45 -2.23
N SER A 89 -5.83 13.40 -2.99
CA SER A 89 -5.48 12.11 -2.40
C SER A 89 -4.11 12.16 -1.72
N PHE A 90 -3.11 12.63 -2.45
CA PHE A 90 -1.74 12.71 -1.92
C PHE A 90 -1.72 13.37 -0.54
N THR A 91 -2.47 14.44 -0.39
CA THR A 91 -2.53 15.17 0.87
C THR A 91 -3.27 14.38 1.94
N ALA A 92 -4.38 13.76 1.55
CA ALA A 92 -5.18 12.97 2.48
C ALA A 92 -4.41 11.76 2.99
N THR A 93 -3.55 11.20 2.14
CA THR A 93 -2.74 10.05 2.51
C THR A 93 -1.75 10.43 3.60
N ALA A 94 -1.27 11.67 3.51
CA ALA A 94 -0.30 12.19 4.47
C ALA A 94 -0.83 12.09 5.89
N GLU A 95 -2.13 12.30 6.05
CA GLU A 95 -2.76 12.23 7.36
C GLU A 95 -2.68 10.81 7.92
N PHE A 96 -2.99 9.83 7.08
CA PHE A 96 -2.96 8.43 7.47
C PHE A 96 -1.53 7.98 7.81
N ARG A 97 -0.55 8.66 7.25
CA ARG A 97 0.86 8.33 7.48
C ARG A 97 1.16 8.20 8.98
N GLU A 98 0.79 9.22 9.74
CA GLU A 98 1.03 9.22 11.19
C GLU A 98 0.13 8.21 11.90
N GLN A 99 -1.10 8.06 11.41
CA GLN A 99 -2.05 7.13 12.02
C GLN A 99 -1.50 5.71 12.04
N ILE A 100 -0.58 5.44 11.12
CA ILE A 100 0.04 4.13 11.02
C ILE A 100 0.80 3.80 12.30
N LEU A 101 1.43 4.80 12.89
CA LEU A 101 2.21 4.63 14.11
C LEU A 101 1.32 4.31 15.31
N ARG A 102 0.06 4.73 15.26
CA ARG A 102 -0.87 4.49 16.35
C ARG A 102 -0.90 3.02 16.76
N VAL A 103 -1.05 2.13 15.79
CA VAL A 103 -1.09 0.69 16.05
C VAL A 103 0.29 0.14 16.40
N LYS A 104 1.33 0.89 16.06
CA LYS A 104 2.70 0.47 16.34
C LYS A 104 3.37 1.43 17.32
N ALA A 105 2.65 1.80 18.38
CA ALA A 105 3.18 2.70 19.39
C ALA A 105 4.37 2.08 20.12
N GLU A 106 4.47 0.76 20.07
CA GLU A 106 5.56 0.05 20.72
C GLU A 106 6.62 -0.37 19.71
N GLU A 107 6.20 -0.63 18.48
CA GLU A 107 7.11 -1.05 17.42
C GLU A 107 7.84 0.16 16.82
N ASP A 108 9.16 0.09 16.81
CA ASP A 108 9.98 1.16 16.27
C ASP A 108 10.01 1.12 14.74
N LYS A 109 10.43 -0.02 14.20
CA LYS A 109 10.49 -0.19 12.75
C LYS A 109 9.10 -0.25 12.14
N ILE A 110 8.80 0.68 11.24
CA ILE A 110 7.49 0.73 10.59
C ILE A 110 7.61 0.53 9.08
N PRO A 111 7.23 -0.64 8.56
CA PRO A 111 7.29 -0.93 7.12
C PRO A 111 6.25 -0.13 6.34
N LEU A 112 6.71 0.68 5.39
CA LEU A 112 5.81 1.50 4.58
C LEU A 112 6.36 1.68 3.17
N LEU A 113 5.48 2.07 2.26
CA LEU A 113 5.86 2.32 0.87
C LEU A 113 4.81 3.18 0.18
N VAL A 114 5.26 4.22 -0.51
CA VAL A 114 4.36 5.13 -1.20
C VAL A 114 4.31 4.83 -2.70
N VAL A 115 3.12 4.97 -3.28
CA VAL A 115 2.93 4.69 -4.69
C VAL A 115 1.95 5.68 -5.33
N GLY A 116 2.16 5.97 -6.61
CA GLY A 116 1.29 6.88 -7.32
C GLY A 116 0.58 6.21 -8.48
N ASN A 117 -0.70 5.95 -8.30
CA ASN A 117 -1.49 5.29 -9.33
C ASN A 117 -1.90 6.28 -10.41
N LYS A 118 -2.76 5.83 -11.32
CA LYS A 118 -3.24 6.66 -12.41
C LYS A 118 -2.09 7.14 -13.30
N SER A 119 -0.93 6.51 -13.16
CA SER A 119 0.25 6.89 -13.94
C SER A 119 -0.03 6.79 -15.44
N ASP A 120 -1.08 6.06 -15.80
CA ASP A 120 -1.44 5.90 -17.21
C ASP A 120 -1.71 7.24 -17.86
N LEU A 121 -2.03 8.23 -17.03
CA LEU A 121 -2.32 9.58 -17.51
C LEU A 121 -1.17 10.53 -17.19
N GLU A 122 -0.13 10.52 -18.04
CA GLU A 122 1.03 11.38 -17.83
C GLU A 122 0.69 12.84 -18.15
N GLU A 123 -0.21 13.04 -19.11
CA GLU A 123 -0.62 14.38 -19.50
C GLU A 123 -1.59 14.99 -18.48
N ARG A 124 -2.06 14.15 -17.57
CA ARG A 124 -2.99 14.60 -16.54
C ARG A 124 -2.37 14.51 -15.15
N ARG A 125 -1.06 14.29 -15.10
CA ARG A 125 -0.35 14.19 -13.83
C ARG A 125 -0.13 15.57 -13.22
N GLN A 126 -0.82 15.85 -12.13
CA GLN A 126 -0.70 17.15 -11.46
C GLN A 126 0.44 17.15 -10.45
N VAL A 127 0.70 15.99 -9.85
CA VAL A 127 1.76 15.87 -8.86
C VAL A 127 3.04 15.30 -9.49
N PRO A 128 4.06 16.16 -9.70
CA PRO A 128 5.34 15.72 -10.27
C PRO A 128 6.00 14.65 -9.41
N VAL A 129 6.51 13.61 -10.04
CA VAL A 129 7.16 12.51 -9.33
C VAL A 129 8.25 13.03 -8.38
N GLU A 130 9.07 13.95 -8.87
CA GLU A 130 10.17 14.51 -8.07
C GLU A 130 9.64 15.09 -6.76
N GLU A 131 8.59 15.90 -6.83
CA GLU A 131 8.02 16.50 -5.64
C GLU A 131 7.42 15.45 -4.71
N ALA A 132 6.77 14.45 -5.31
CA ALA A 132 6.15 13.39 -4.53
C ALA A 132 7.21 12.54 -3.82
N ARG A 133 8.40 12.47 -4.40
CA ARG A 133 9.49 11.69 -3.83
C ARG A 133 10.11 12.42 -2.64
N SER A 134 10.25 13.73 -2.75
CA SER A 134 10.86 14.54 -1.70
C SER A 134 10.02 14.52 -0.42
N LYS A 135 8.70 14.59 -0.57
CA LYS A 135 7.81 14.59 0.59
C LYS A 135 7.72 13.20 1.22
N ALA A 136 7.52 12.19 0.38
CA ALA A 136 7.40 10.81 0.85
C ALA A 136 8.70 10.30 1.45
N GLU A 137 9.82 10.75 0.90
CA GLU A 137 11.13 10.35 1.38
C GLU A 137 11.31 10.68 2.85
N GLU A 138 10.67 11.77 3.27
CA GLU A 138 10.74 12.21 4.67
C GLU A 138 10.35 11.07 5.61
N TRP A 139 9.34 10.30 5.23
CA TRP A 139 8.88 9.18 6.04
C TRP A 139 9.91 8.07 6.08
N GLY A 140 10.77 8.03 5.06
CA GLY A 140 11.80 7.00 4.99
C GLY A 140 11.47 5.94 3.96
N VAL A 141 10.67 6.31 2.97
CA VAL A 141 10.28 5.38 1.92
C VAL A 141 10.57 5.93 0.53
N GLN A 142 10.53 5.07 -0.47
CA GLN A 142 10.78 5.47 -1.85
C GLN A 142 9.45 5.47 -2.62
N TYR A 143 9.28 6.47 -3.48
CA TYR A 143 8.05 6.59 -4.26
C TYR A 143 8.28 6.18 -5.71
N VAL A 144 7.30 5.46 -6.26
CA VAL A 144 7.36 4.99 -7.64
C VAL A 144 6.03 5.22 -8.35
N GLU A 145 6.08 5.37 -9.67
CA GLU A 145 4.88 5.59 -10.47
C GLU A 145 4.31 4.25 -10.92
N THR A 146 2.98 4.12 -10.86
CA THR A 146 2.32 2.87 -11.25
C THR A 146 0.97 3.12 -11.90
N SER A 147 0.55 2.17 -12.73
CA SER A 147 -0.73 2.25 -13.41
C SER A 147 -1.54 0.97 -13.20
N ALA A 148 -2.62 1.07 -12.45
CA ALA A 148 -3.47 -0.08 -12.17
C ALA A 148 -4.22 -0.54 -13.42
N LYS A 149 -3.89 0.06 -14.55
CA LYS A 149 -4.53 -0.29 -15.82
C LYS A 149 -3.65 -1.24 -16.63
N THR A 150 -2.40 -0.85 -16.85
CA THR A 150 -1.46 -1.66 -17.60
C THR A 150 -0.68 -2.60 -16.69
N ARG A 151 -1.04 -2.57 -15.39
CA ARG A 151 -0.39 -3.41 -14.38
C ARG A 151 1.10 -3.61 -14.66
N ALA A 152 1.78 -2.54 -15.04
CA ALA A 152 3.20 -2.59 -15.33
C ALA A 152 4.04 -2.63 -14.05
N ASN A 153 3.85 -1.63 -13.20
CA ASN A 153 4.59 -1.56 -11.93
C ASN A 153 3.66 -1.76 -10.74
N VAL A 154 2.53 -2.42 -10.96
CA VAL A 154 1.59 -2.67 -9.88
C VAL A 154 2.21 -3.62 -8.85
N ASP A 155 2.89 -4.66 -9.34
CA ASP A 155 3.53 -5.63 -8.47
C ASP A 155 4.79 -5.05 -7.83
N LYS A 156 5.27 -3.94 -8.41
CA LYS A 156 6.48 -3.27 -7.92
C LYS A 156 6.37 -2.87 -6.46
N VAL A 157 5.16 -2.55 -6.02
CA VAL A 157 4.94 -2.13 -4.63
C VAL A 157 4.76 -3.33 -3.70
N PHE A 158 4.28 -4.44 -4.24
CA PHE A 158 4.07 -5.64 -3.43
C PHE A 158 5.38 -6.33 -3.12
N PHE A 159 6.22 -6.50 -4.15
CA PHE A 159 7.51 -7.16 -3.99
C PHE A 159 8.50 -6.26 -3.24
N ASP A 160 8.48 -4.97 -3.52
CA ASP A 160 9.39 -4.03 -2.88
C ASP A 160 9.15 -3.96 -1.38
N LEU A 161 7.89 -3.71 -1.00
CA LEU A 161 7.53 -3.61 0.41
C LEU A 161 7.77 -4.93 1.12
N MET A 162 7.60 -6.04 0.41
CA MET A 162 7.78 -7.36 0.98
C MET A 162 9.19 -7.50 1.58
N ARG A 163 10.20 -7.06 0.83
CA ARG A 163 11.58 -7.14 1.28
C ARG A 163 11.83 -6.21 2.46
N GLU A 164 11.18 -5.04 2.44
CA GLU A 164 11.34 -4.06 3.50
C GLU A 164 10.75 -4.55 4.81
N ILE A 165 9.69 -5.35 4.71
CA ILE A 165 9.02 -5.88 5.90
C ILE A 165 9.87 -6.94 6.59
N ARG A 166 10.40 -7.87 5.80
CA ARG A 166 11.22 -8.95 6.35
C ARG A 166 12.61 -8.46 6.76
N THR A 167 13.08 -7.39 6.13
CA THR A 167 14.39 -6.86 6.43
C THR A 167 14.38 -5.84 7.58
N LYS A 168 13.62 -4.76 7.42
CA LYS A 168 13.56 -3.70 8.43
C LYS A 168 12.82 -4.13 9.71
N LYS A 169 11.58 -4.59 9.57
CA LYS A 169 10.77 -4.98 10.72
C LYS A 169 11.41 -6.13 11.51
N MET A 170 11.67 -7.25 10.84
CA MET A 170 12.26 -8.41 11.49
C MET A 170 13.56 -8.07 12.22
N SER A 171 14.15 -6.93 11.87
CA SER A 171 15.39 -6.50 12.50
C SER A 171 15.13 -5.78 13.82
N GLU A 172 14.08 -4.95 13.83
CA GLU A 172 13.70 -4.19 15.02
C GLU A 172 14.84 -3.27 15.46
N ASN A 173 14.60 -2.54 16.55
CA ASN A 173 15.60 -1.62 17.08
C ASN A 173 16.26 -2.20 18.32
N LYS A 174 17.60 -2.15 18.36
CA LYS A 174 18.36 -2.66 19.48
C LYS A 174 18.07 -4.16 19.70
PG GNP B . -14.49 1.72 -2.59
O1G GNP B . -15.87 1.92 -2.09
O2G GNP B . -14.01 0.22 -2.41
O3G GNP B . -13.46 2.74 -1.92
N3B GNP B . -14.38 1.99 -4.24
PB GNP B . -12.83 2.44 -4.68
O1B GNP B . -12.47 3.68 -3.96
O2B GNP B . -11.92 1.26 -4.60
O3A GNP B . -13.03 2.81 -6.22
PA GNP B . -12.20 4.00 -6.88
O1A GNP B . -12.89 5.27 -6.59
O2A GNP B . -10.78 3.85 -6.49
O5' GNP B . -12.34 3.69 -8.44
C5' GNP B . -11.67 2.59 -9.03
C4' GNP B . -11.87 2.59 -10.53
O4' GNP B . -11.07 3.65 -11.11
C3' GNP B . -11.44 1.32 -11.24
O3' GNP B . -12.50 0.38 -11.32
C2' GNP B . -11.04 1.83 -12.62
O2' GNP B . -12.16 2.05 -13.45
C1' GNP B . -10.40 3.17 -12.26
N9 GNP B . -8.97 3.09 -11.97
C8 GNP B . -8.39 2.70 -10.79
N7 GNP B . -7.08 2.73 -10.81
C5 GNP B . -6.78 3.17 -12.10
C6 GNP B . -5.53 3.40 -12.71
O6 GNP B . -4.40 3.26 -12.23
N1 GNP B . -5.67 3.83 -14.03
C2 GNP B . -6.88 4.02 -14.66
N2 GNP B . -6.81 4.45 -15.93
N3 GNP B . -8.05 3.82 -14.10
C4 GNP B . -7.93 3.39 -12.82
HNB3 GNP B . -15.01 2.70 -4.49
H5'2 GNP B . -12.05 1.65 -8.62
H5'1 GNP B . -10.59 2.64 -8.82
H4' GNP B . -12.94 2.70 -10.71
H3' GNP B . -10.62 0.82 -10.74
HO3' GNP B . -12.64 0.18 -12.25
H2' GNP B . -10.31 1.16 -13.08
HO2' GNP B . -12.63 1.23 -13.53
H1' GNP B . -10.54 3.92 -13.05
H8 GNP B . -8.95 2.40 -9.91
HN1 GNP B . -4.82 4.03 -14.54
HN21 GNP B . -7.65 4.60 -16.45
HN22 GNP B . -5.91 4.61 -16.37
MG MG C . -12.47 -0.81 -3.75
N LEU A 1 9.00 -21.06 5.22
CA LEU A 1 7.97 -20.11 4.72
C LEU A 1 7.92 -18.85 5.57
N ALA A 2 7.23 -17.83 5.08
CA ALA A 2 7.09 -16.57 5.80
C ALA A 2 5.83 -15.82 5.37
N LEU A 3 4.78 -15.92 6.19
CA LEU A 3 3.52 -15.25 5.89
C LEU A 3 3.55 -13.80 6.36
N HIS A 4 3.70 -12.88 5.41
CA HIS A 4 3.74 -11.45 5.71
C HIS A 4 2.41 -10.79 5.35
N LYS A 5 1.81 -10.12 6.33
CA LYS A 5 0.53 -9.45 6.13
C LYS A 5 0.73 -7.99 5.73
N VAL A 6 0.06 -7.59 4.64
CA VAL A 6 0.15 -6.23 4.15
C VAL A 6 -1.24 -5.60 4.05
N ILE A 7 -1.34 -4.33 4.43
CA ILE A 7 -2.60 -3.60 4.37
C ILE A 7 -2.58 -2.55 3.27
N MET A 8 -3.57 -2.62 2.38
CA MET A 8 -3.67 -1.65 1.29
C MET A 8 -4.31 -0.36 1.77
N VAL A 9 -3.49 0.68 1.92
CA VAL A 9 -3.96 1.98 2.38
C VAL A 9 -3.72 3.04 1.31
N GLY A 10 -4.41 4.18 1.42
CA GLY A 10 -4.24 5.24 0.45
C GLY A 10 -5.40 6.22 0.45
N SER A 11 -5.31 7.24 1.31
CA SER A 11 -6.34 8.26 1.40
C SER A 11 -7.71 7.66 1.76
N GLY A 12 -8.42 7.17 0.75
CA GLY A 12 -9.72 6.58 0.98
C GLY A 12 -10.37 6.10 -0.31
N GLY A 13 -10.41 6.97 -1.31
CA GLY A 13 -11.00 6.63 -2.59
C GLY A 13 -10.02 6.78 -3.73
N VAL A 14 -8.96 5.97 -3.71
CA VAL A 14 -7.94 6.01 -4.74
C VAL A 14 -8.00 4.77 -5.63
N GLY A 15 -8.05 3.60 -5.00
CA GLY A 15 -8.11 2.36 -5.75
C GLY A 15 -7.21 1.29 -5.17
N LYS A 16 -7.13 1.24 -3.85
CA LYS A 16 -6.29 0.28 -3.15
C LYS A 16 -6.61 -1.14 -3.63
N SER A 17 -7.88 -1.39 -3.90
CA SER A 17 -8.34 -2.70 -4.37
C SER A 17 -7.91 -2.94 -5.81
N ALA A 18 -7.79 -1.85 -6.56
CA ALA A 18 -7.41 -1.94 -7.97
C ALA A 18 -6.05 -2.60 -8.11
N LEU A 19 -5.07 -2.07 -7.37
CA LEU A 19 -3.74 -2.63 -7.40
C LEU A 19 -3.81 -4.06 -6.87
N THR A 20 -4.82 -4.32 -6.05
CA THR A 20 -4.99 -5.63 -5.46
C THR A 20 -5.33 -6.68 -6.52
N LEU A 21 -6.41 -6.44 -7.27
CA LEU A 21 -6.86 -7.36 -8.31
C LEU A 21 -5.77 -7.57 -9.36
N GLN A 22 -4.96 -6.55 -9.59
CA GLN A 22 -3.90 -6.64 -10.58
C GLN A 22 -2.76 -7.54 -10.11
N PHE A 23 -2.42 -7.45 -8.83
CA PHE A 23 -1.35 -8.25 -8.26
C PHE A 23 -1.77 -9.71 -8.10
N MET A 24 -3.04 -9.93 -7.78
CA MET A 24 -3.55 -11.27 -7.55
C MET A 24 -3.93 -12.00 -8.85
N TYR A 25 -4.70 -11.33 -9.70
CA TYR A 25 -5.15 -11.95 -10.96
C TYR A 25 -4.32 -11.53 -12.16
N ASP A 26 -3.63 -10.40 -12.06
CA ASP A 26 -2.82 -9.91 -13.16
C ASP A 26 -3.71 -9.61 -14.37
N GLU A 27 -4.92 -9.16 -14.09
CA GLU A 27 -5.89 -8.85 -15.13
C GLU A 27 -6.80 -7.70 -14.69
N PHE A 28 -7.01 -6.75 -15.59
CA PHE A 28 -7.86 -5.60 -15.30
C PHE A 28 -9.32 -5.88 -15.64
N VAL A 29 -10.15 -6.04 -14.62
CA VAL A 29 -11.57 -6.30 -14.82
C VAL A 29 -12.41 -5.45 -13.86
N GLU A 30 -13.49 -4.87 -14.37
CA GLU A 30 -14.36 -4.03 -13.57
C GLU A 30 -15.26 -4.88 -12.68
N ASP A 31 -14.99 -4.89 -11.39
CA ASP A 31 -15.79 -5.66 -10.44
C ASP A 31 -15.58 -5.15 -9.01
N TYR A 32 -16.65 -5.13 -8.23
CA TYR A 32 -16.59 -4.67 -6.84
C TYR A 32 -16.81 -5.83 -5.88
N GLU A 33 -16.07 -5.81 -4.78
CA GLU A 33 -16.17 -6.86 -3.76
C GLU A 33 -16.08 -6.27 -2.35
N PRO A 34 -17.22 -6.14 -1.66
CA PRO A 34 -17.25 -5.58 -0.30
C PRO A 34 -16.34 -6.33 0.66
N THR A 35 -15.90 -5.64 1.71
CA THR A 35 -15.02 -6.23 2.70
C THR A 35 -15.84 -7.01 3.74
N LYS A 36 -15.82 -8.33 3.62
CA LYS A 36 -16.57 -9.19 4.53
C LYS A 36 -15.63 -9.77 5.60
N ALA A 37 -14.64 -8.98 6.00
CA ALA A 37 -13.68 -9.40 7.02
C ALA A 37 -12.89 -10.62 6.56
N ASP A 38 -12.94 -10.90 5.26
CA ASP A 38 -12.22 -12.05 4.70
C ASP A 38 -11.01 -11.58 3.90
N SER A 39 -9.84 -12.12 4.24
CA SER A 39 -8.60 -11.75 3.56
C SER A 39 -8.23 -12.79 2.50
N TYR A 40 -7.16 -12.52 1.76
CA TYR A 40 -6.70 -13.43 0.72
C TYR A 40 -5.42 -14.15 1.16
N ARG A 41 -5.10 -15.25 0.49
CA ARG A 41 -3.89 -16.00 0.80
C ARG A 41 -3.22 -16.52 -0.46
N LYS A 42 -1.90 -16.28 -0.55
CA LYS A 42 -1.11 -16.72 -1.69
C LYS A 42 0.38 -16.64 -1.35
N LYS A 43 1.18 -17.48 -1.99
CA LYS A 43 2.61 -17.49 -1.73
C LYS A 43 3.40 -17.52 -3.04
N VAL A 44 4.47 -16.72 -3.11
CA VAL A 44 5.30 -16.66 -4.30
C VAL A 44 6.78 -16.60 -3.93
N VAL A 45 7.64 -16.94 -4.89
CA VAL A 45 9.08 -16.92 -4.67
C VAL A 45 9.62 -15.50 -4.60
N LEU A 46 10.63 -15.29 -3.75
CA LEU A 46 11.24 -13.97 -3.60
C LEU A 46 12.75 -14.08 -3.55
N ASP A 47 13.39 -13.81 -4.68
CA ASP A 47 14.85 -13.88 -4.79
C ASP A 47 15.36 -15.23 -4.32
N GLY A 48 14.56 -16.27 -4.52
CA GLY A 48 14.95 -17.60 -4.13
C GLY A 48 14.09 -18.17 -3.00
N GLU A 49 13.90 -17.36 -1.96
CA GLU A 49 13.10 -17.78 -0.80
C GLU A 49 11.63 -17.49 -1.04
N GLU A 50 10.82 -18.54 -1.08
CA GLU A 50 9.38 -18.39 -1.29
C GLU A 50 8.66 -18.10 0.02
N VAL A 51 8.07 -16.91 0.10
CA VAL A 51 7.35 -16.49 1.30
C VAL A 51 5.87 -16.27 1.00
N GLN A 52 5.03 -16.45 2.01
CA GLN A 52 3.59 -16.26 1.86
C GLN A 52 3.20 -14.80 2.10
N ILE A 53 2.00 -14.44 1.68
CA ILE A 53 1.51 -13.07 1.84
C ILE A 53 0.00 -13.04 2.03
N ASP A 54 -0.48 -12.08 2.83
CA ASP A 54 -1.90 -11.93 3.09
C ASP A 54 -2.35 -10.50 2.82
N ILE A 55 -3.29 -10.33 1.90
CA ILE A 55 -3.80 -9.00 1.56
C ILE A 55 -5.28 -8.88 1.90
N LEU A 56 -5.68 -7.70 2.35
CA LEU A 56 -7.06 -7.45 2.71
C LEU A 56 -7.56 -6.15 2.08
N ASP A 57 -8.59 -6.25 1.24
CA ASP A 57 -9.16 -5.09 0.58
C ASP A 57 -9.92 -4.23 1.57
N THR A 58 -9.61 -2.93 1.61
CA THR A 58 -10.27 -2.01 2.52
C THR A 58 -11.02 -0.92 1.77
N ALA A 59 -12.09 -0.43 2.38
CA ALA A 59 -12.91 0.62 1.77
C ALA A 59 -12.63 1.97 2.43
N GLY A 60 -13.50 2.94 2.15
CA GLY A 60 -13.33 4.27 2.73
C GLY A 60 -13.36 4.24 4.25
N LEU A 61 -12.18 4.18 4.85
CA LEU A 61 -12.06 4.15 6.31
C LEU A 61 -12.24 5.55 6.91
N GLU A 62 -12.55 6.52 6.07
CA GLU A 62 -12.74 7.90 6.53
C GLU A 62 -14.18 8.13 6.97
N ASP A 63 -14.91 7.05 7.19
CA ASP A 63 -16.31 7.14 7.62
C ASP A 63 -16.49 6.60 9.02
N TYR A 64 -15.47 5.91 9.53
CA TYR A 64 -15.51 5.33 10.87
C TYR A 64 -14.84 6.25 11.88
N ALA A 65 -15.32 6.20 13.13
CA ALA A 65 -14.77 7.03 14.19
C ALA A 65 -13.37 6.57 14.59
N ALA A 66 -13.24 5.29 14.91
CA ALA A 66 -11.95 4.73 15.31
C ALA A 66 -11.78 3.31 14.78
N ILE A 67 -12.86 2.73 14.29
CA ILE A 67 -12.83 1.37 13.75
C ILE A 67 -11.81 1.30 12.60
N ARG A 68 -11.49 2.45 12.05
CA ARG A 68 -10.54 2.56 10.95
C ARG A 68 -9.16 2.03 11.37
N ASP A 69 -8.72 2.43 12.56
CA ASP A 69 -7.43 2.01 13.08
C ASP A 69 -7.37 0.50 13.28
N ASN A 70 -8.52 -0.10 13.60
CA ASN A 70 -8.60 -1.53 13.82
C ASN A 70 -7.97 -2.33 12.67
N TYR A 71 -8.16 -1.84 11.46
CA TYR A 71 -7.63 -2.51 10.28
C TYR A 71 -6.10 -2.40 10.22
N PHE A 72 -5.57 -1.28 10.73
CA PHE A 72 -4.14 -1.05 10.74
C PHE A 72 -3.47 -1.78 11.89
N ARG A 73 -4.26 -2.15 12.89
CA ARG A 73 -3.74 -2.86 14.06
C ARG A 73 -3.61 -4.35 13.78
N SER A 74 -4.40 -4.84 12.83
CA SER A 74 -4.39 -6.25 12.46
C SER A 74 -3.44 -6.50 11.29
N GLY A 75 -2.61 -5.51 10.98
CA GLY A 75 -1.67 -5.65 9.88
C GLY A 75 -0.25 -5.34 10.28
N GLU A 76 0.71 -5.97 9.60
CA GLU A 76 2.13 -5.77 9.88
C GLU A 76 2.74 -4.79 8.89
N GLY A 77 2.31 -4.88 7.64
CA GLY A 77 2.82 -4.00 6.60
C GLY A 77 1.80 -2.97 6.17
N PHE A 78 2.28 -1.88 5.56
CA PHE A 78 1.39 -0.81 5.10
C PHE A 78 1.84 -0.30 3.73
N LEU A 79 0.90 -0.22 2.79
CA LEU A 79 1.19 0.26 1.45
C LEU A 79 0.36 1.49 1.12
N LEU A 80 0.99 2.66 1.18
CA LEU A 80 0.30 3.92 0.89
C LEU A 80 0.24 4.18 -0.62
N VAL A 81 -0.95 4.47 -1.13
CA VAL A 81 -1.13 4.73 -2.55
C VAL A 81 -2.13 5.86 -2.80
N PHE A 82 -1.67 6.92 -3.47
CA PHE A 82 -2.52 8.05 -3.80
C PHE A 82 -2.56 8.28 -5.30
N SER A 83 -3.67 8.82 -5.79
CA SER A 83 -3.83 9.08 -7.22
C SER A 83 -3.32 10.46 -7.58
N ILE A 84 -2.57 10.52 -8.67
CA ILE A 84 -2.02 11.78 -9.15
C ILE A 84 -3.13 12.68 -9.70
N THR A 85 -4.15 12.05 -10.28
CA THR A 85 -5.28 12.79 -10.84
C THR A 85 -6.15 13.36 -9.72
N GLU A 86 -6.03 12.78 -8.53
CA GLU A 86 -6.79 13.24 -7.37
C GLU A 86 -5.87 13.81 -6.30
N HIS A 87 -5.73 15.13 -6.28
CA HIS A 87 -4.88 15.80 -5.32
C HIS A 87 -5.36 15.57 -3.89
N GLU A 88 -6.60 15.11 -3.76
CA GLU A 88 -7.19 14.85 -2.45
C GLU A 88 -6.58 13.61 -1.83
N SER A 89 -6.10 12.72 -2.68
CA SER A 89 -5.49 11.48 -2.23
C SER A 89 -4.15 11.74 -1.55
N PHE A 90 -3.28 12.43 -2.26
CA PHE A 90 -1.94 12.76 -1.76
C PHE A 90 -2.01 13.40 -0.37
N THR A 91 -3.00 14.26 -0.18
CA THR A 91 -3.18 14.97 1.09
C THR A 91 -3.71 14.05 2.19
N ALA A 92 -4.82 13.39 1.92
CA ALA A 92 -5.45 12.49 2.89
C ALA A 92 -4.49 11.38 3.31
N THR A 93 -3.74 10.86 2.34
CA THR A 93 -2.78 9.80 2.60
C THR A 93 -1.78 10.21 3.68
N ALA A 94 -1.49 11.50 3.73
CA ALA A 94 -0.56 12.03 4.72
C ALA A 94 -1.12 11.95 6.12
N GLU A 95 -2.45 12.07 6.23
CA GLU A 95 -3.12 11.99 7.52
C GLU A 95 -3.03 10.58 8.09
N PHE A 96 -3.28 9.59 7.23
CA PHE A 96 -3.22 8.19 7.63
C PHE A 96 -1.81 7.81 8.06
N ARG A 97 -0.81 8.53 7.54
CA ARG A 97 0.58 8.26 7.89
C ARG A 97 0.75 8.15 9.41
N GLU A 98 0.18 9.10 10.12
CA GLU A 98 0.25 9.12 11.58
C GLU A 98 -0.59 8.00 12.19
N GLN A 99 -1.78 7.78 11.62
CA GLN A 99 -2.68 6.74 12.11
C GLN A 99 -1.99 5.38 12.12
N ILE A 100 -1.10 5.17 11.16
CA ILE A 100 -0.38 3.92 11.06
C ILE A 100 0.49 3.68 12.29
N LEU A 101 1.22 4.72 12.69
CA LEU A 101 2.09 4.64 13.86
C LEU A 101 1.28 4.51 15.15
N ARG A 102 0.06 5.02 15.15
CA ARG A 102 -0.81 4.98 16.33
C ARG A 102 -0.99 3.55 16.84
N VAL A 103 -1.36 2.65 15.95
CA VAL A 103 -1.60 1.25 16.33
C VAL A 103 -0.32 0.58 16.82
N LYS A 104 0.80 0.90 16.17
CA LYS A 104 2.08 0.31 16.54
C LYS A 104 3.17 1.39 16.66
N ALA A 105 3.14 2.12 17.76
CA ALA A 105 4.13 3.18 18.00
C ALA A 105 5.40 2.61 18.61
N GLU A 106 5.24 1.58 19.44
CA GLU A 106 6.39 0.93 20.08
C GLU A 106 7.35 0.38 19.04
N GLU A 107 6.80 -0.16 17.96
CA GLU A 107 7.63 -0.71 16.88
C GLU A 107 8.42 0.40 16.20
N ASP A 108 9.69 0.51 16.55
CA ASP A 108 10.55 1.54 15.97
C ASP A 108 10.60 1.42 14.45
N LYS A 109 10.44 0.20 13.95
CA LYS A 109 10.47 -0.06 12.52
C LYS A 109 9.07 -0.36 11.98
N ILE A 110 8.59 0.49 11.08
CA ILE A 110 7.28 0.31 10.49
C ILE A 110 7.38 0.23 8.96
N PRO A 111 7.19 -0.96 8.38
CA PRO A 111 7.27 -1.14 6.92
C PRO A 111 6.29 -0.24 6.17
N LEU A 112 6.83 0.74 5.46
CA LEU A 112 6.01 1.68 4.71
C LEU A 112 6.49 1.79 3.27
N LEU A 113 5.59 2.13 2.36
CA LEU A 113 5.93 2.27 0.95
C LEU A 113 4.82 3.02 0.22
N VAL A 114 5.19 4.13 -0.44
CA VAL A 114 4.21 4.93 -1.17
C VAL A 114 4.31 4.70 -2.67
N VAL A 115 3.15 4.69 -3.32
CA VAL A 115 3.08 4.49 -4.77
C VAL A 115 1.96 5.33 -5.38
N GLY A 116 2.10 5.69 -6.64
CA GLY A 116 1.08 6.48 -7.30
C GLY A 116 0.56 5.80 -8.55
N ASN A 117 -0.76 5.85 -8.73
CA ASN A 117 -1.39 5.23 -9.89
C ASN A 117 -1.76 6.29 -10.92
N LYS A 118 -2.57 5.91 -11.91
CA LYS A 118 -3.00 6.84 -12.96
C LYS A 118 -1.81 7.31 -13.79
N SER A 119 -0.69 6.60 -13.69
CA SER A 119 0.52 6.96 -14.43
C SER A 119 0.26 7.01 -15.93
N ASP A 120 -0.87 6.47 -16.36
CA ASP A 120 -1.23 6.46 -17.77
C ASP A 120 -1.77 7.83 -18.19
N LEU A 121 -1.69 8.80 -17.28
CA LEU A 121 -2.16 10.15 -17.55
C LEU A 121 -1.10 11.18 -17.17
N GLU A 122 -0.06 11.29 -17.99
CA GLU A 122 1.04 12.22 -17.73
C GLU A 122 0.61 13.66 -18.00
N GLU A 123 -0.20 13.86 -19.04
CA GLU A 123 -0.66 15.19 -19.39
C GLU A 123 -1.68 15.72 -18.40
N ARG A 124 -2.13 14.84 -17.50
CA ARG A 124 -3.11 15.23 -16.49
C ARG A 124 -2.48 15.27 -15.10
N ARG A 125 -1.46 14.43 -14.92
CA ARG A 125 -0.77 14.34 -13.64
C ARG A 125 -0.56 15.72 -13.02
N GLN A 126 -1.31 16.00 -11.96
CA GLN A 126 -1.22 17.29 -11.28
C GLN A 126 -0.06 17.32 -10.29
N VAL A 127 0.24 16.16 -9.70
CA VAL A 127 1.34 16.06 -8.74
C VAL A 127 2.63 15.59 -9.42
N PRO A 128 3.61 16.50 -9.60
CA PRO A 128 4.88 16.13 -10.23
C PRO A 128 5.56 14.98 -9.49
N VAL A 129 5.90 13.93 -10.22
CA VAL A 129 6.55 12.77 -9.63
C VAL A 129 7.70 13.18 -8.70
N GLU A 130 8.50 14.15 -9.16
CA GLU A 130 9.63 14.63 -8.37
C GLU A 130 9.18 15.18 -7.03
N GLU A 131 8.16 16.05 -7.06
CA GLU A 131 7.64 16.65 -5.84
C GLU A 131 7.10 15.58 -4.91
N ALA A 132 6.62 14.48 -5.48
CA ALA A 132 6.08 13.38 -4.70
C ALA A 132 7.19 12.54 -4.07
N ARG A 133 8.34 12.50 -4.73
CA ARG A 133 9.48 11.73 -4.23
C ARG A 133 10.17 12.45 -3.08
N SER A 134 10.27 13.78 -3.20
CA SER A 134 10.90 14.59 -2.18
C SER A 134 10.16 14.49 -0.85
N LYS A 135 8.83 14.42 -0.93
CA LYS A 135 8.00 14.32 0.25
C LYS A 135 8.03 12.90 0.80
N ALA A 136 7.84 11.93 -0.08
CA ALA A 136 7.85 10.52 0.33
C ALA A 136 9.10 10.16 1.11
N GLU A 137 10.23 10.72 0.69
CA GLU A 137 11.51 10.46 1.34
C GLU A 137 11.48 10.85 2.81
N GLU A 138 10.69 11.88 3.15
CA GLU A 138 10.57 12.34 4.54
C GLU A 138 10.23 11.18 5.46
N TRP A 139 9.24 10.39 5.07
CA TRP A 139 8.81 9.24 5.86
C TRP A 139 9.92 8.19 5.93
N GLY A 140 10.86 8.28 4.99
CA GLY A 140 11.95 7.33 4.94
C GLY A 140 11.75 6.28 3.88
N VAL A 141 10.78 6.51 2.99
CA VAL A 141 10.47 5.58 1.92
C VAL A 141 10.77 6.18 0.55
N GLN A 142 10.44 5.42 -0.49
CA GLN A 142 10.65 5.86 -1.86
C GLN A 142 9.34 5.75 -2.62
N TYR A 143 8.96 6.82 -3.31
CA TYR A 143 7.72 6.84 -4.08
C TYR A 143 7.97 6.47 -5.54
N VAL A 144 7.15 5.54 -6.04
CA VAL A 144 7.28 5.09 -7.42
C VAL A 144 5.96 5.21 -8.18
N GLU A 145 6.05 5.35 -9.50
CA GLU A 145 4.87 5.48 -10.34
C GLU A 145 4.40 4.10 -10.81
N THR A 146 3.08 3.95 -10.97
CA THR A 146 2.51 2.67 -11.41
C THR A 146 1.21 2.87 -12.18
N SER A 147 0.75 1.80 -12.82
CA SER A 147 -0.49 1.86 -13.60
C SER A 147 -1.34 0.62 -13.32
N ALA A 148 -2.45 0.82 -12.61
CA ALA A 148 -3.35 -0.28 -12.28
C ALA A 148 -4.07 -0.79 -13.53
N LYS A 149 -3.85 -0.12 -14.65
CA LYS A 149 -4.47 -0.52 -15.91
C LYS A 149 -3.56 -1.42 -16.71
N THR A 150 -2.27 -1.07 -16.76
CA THR A 150 -1.29 -1.85 -17.50
C THR A 150 -0.58 -2.85 -16.59
N ARG A 151 -0.95 -2.84 -15.31
CA ARG A 151 -0.36 -3.75 -14.31
C ARG A 151 1.12 -4.02 -14.58
N ALA A 152 1.84 -2.97 -14.95
CA ALA A 152 3.26 -3.09 -15.25
C ALA A 152 4.11 -3.17 -13.99
N ASN A 153 3.98 -2.17 -13.12
CA ASN A 153 4.76 -2.12 -11.88
C ASN A 153 3.87 -2.32 -10.65
N VAL A 154 2.61 -2.69 -10.86
CA VAL A 154 1.70 -2.89 -9.75
C VAL A 154 2.23 -3.96 -8.79
N ASP A 155 2.80 -5.01 -9.34
CA ASP A 155 3.36 -6.10 -8.54
C ASP A 155 4.68 -5.69 -7.89
N LYS A 156 5.43 -4.83 -8.59
CA LYS A 156 6.72 -4.36 -8.10
C LYS A 156 6.61 -3.70 -6.73
N VAL A 157 5.47 -3.06 -6.46
CA VAL A 157 5.27 -2.38 -5.19
C VAL A 157 5.04 -3.37 -4.06
N PHE A 158 4.45 -4.51 -4.38
CA PHE A 158 4.18 -5.54 -3.38
C PHE A 158 5.46 -6.27 -2.98
N PHE A 159 6.31 -6.54 -3.98
CA PHE A 159 7.57 -7.22 -3.74
C PHE A 159 8.57 -6.31 -3.03
N ASP A 160 8.55 -5.02 -3.37
CA ASP A 160 9.47 -4.06 -2.76
C ASP A 160 9.24 -3.98 -1.26
N LEU A 161 7.98 -3.78 -0.87
CA LEU A 161 7.62 -3.69 0.54
C LEU A 161 7.86 -5.02 1.24
N MET A 162 7.70 -6.10 0.51
CA MET A 162 7.89 -7.45 1.05
C MET A 162 9.27 -7.61 1.67
N ARG A 163 10.30 -7.13 0.97
CA ARG A 163 11.67 -7.24 1.45
C ARG A 163 11.86 -6.43 2.74
N GLU A 164 11.19 -5.28 2.82
CA GLU A 164 11.28 -4.41 3.99
C GLU A 164 10.86 -5.16 5.25
N ILE A 165 9.71 -5.81 5.20
CA ILE A 165 9.19 -6.56 6.34
C ILE A 165 10.16 -7.65 6.79
N ARG A 166 10.91 -8.20 5.85
CA ARG A 166 11.87 -9.25 6.15
C ARG A 166 13.12 -8.71 6.84
N THR A 167 13.77 -7.74 6.20
CA THR A 167 15.01 -7.16 6.74
C THR A 167 14.76 -6.00 7.70
N LYS A 168 14.10 -4.95 7.22
CA LYS A 168 13.86 -3.75 8.02
C LYS A 168 13.03 -4.02 9.27
N LYS A 169 11.86 -4.64 9.12
CA LYS A 169 10.98 -4.92 10.26
C LYS A 169 11.64 -5.86 11.26
N MET A 170 12.03 -7.04 10.80
CA MET A 170 12.66 -8.03 11.68
C MET A 170 13.90 -7.48 12.36
N SER A 171 14.42 -6.36 11.85
CA SER A 171 15.62 -5.74 12.42
C SER A 171 15.30 -5.12 13.78
N GLU A 172 14.39 -4.16 13.79
CA GLU A 172 13.98 -3.47 15.02
C GLU A 172 15.14 -2.68 15.63
N ASN A 173 14.81 -1.70 16.45
CA ASN A 173 15.81 -0.86 17.10
C ASN A 173 16.26 -1.48 18.43
N LYS A 174 15.49 -2.46 18.91
CA LYS A 174 15.80 -3.13 20.16
C LYS A 174 17.16 -3.82 20.08
PG GNP B . -13.58 2.56 -2.63
O1G GNP B . -14.58 3.38 -3.38
O2G GNP B . -13.76 0.99 -2.94
O3G GNP B . -13.65 2.84 -1.06
N3B GNP B . -12.00 2.95 -3.06
PB GNP B . -11.76 2.86 -4.72
O1B GNP B . -10.84 3.96 -5.12
O2B GNP B . -11.40 1.47 -5.06
O3A GNP B . -13.20 3.18 -5.32
PA GNP B . -13.35 3.71 -6.82
O1A GNP B . -14.68 3.33 -7.33
O2A GNP B . -12.93 5.13 -6.86
O5' GNP B . -12.25 2.84 -7.59
C5' GNP B . -11.26 3.47 -8.41
C4' GNP B . -11.57 3.26 -9.87
O4' GNP B . -10.70 4.11 -10.67
C3' GNP B . -11.33 1.85 -10.39
O3' GNP B . -12.48 1.03 -10.24
C2' GNP B . -11.00 2.09 -11.87
O2' GNP B . -12.16 2.28 -12.64
C1' GNP B . -10.21 3.40 -11.78
N9 GNP B . -8.76 3.21 -11.62
C8 GNP B . -8.11 2.77 -10.49
N7 GNP B . -6.82 2.72 -10.63
C5 GNP B . -6.60 3.15 -11.94
C6 GNP B . -5.39 3.30 -12.66
O6 GNP B . -4.24 3.09 -12.28
N1 GNP B . -5.61 3.76 -13.95
C2 GNP B . -6.85 4.04 -14.48
N2 GNP B . -6.86 4.47 -15.76
N3 GNP B . -7.99 3.90 -13.82
C4 GNP B . -7.79 3.45 -12.56
HNB3 GNP B . -11.39 2.34 -2.61
H5'2 GNP B . -10.27 3.04 -8.18
H5'1 GNP B . -11.24 4.54 -8.20
H4' GNP B . -12.63 3.46 -10.01
H3' GNP B . -10.53 1.34 -9.85
HO3' GNP B . -12.78 1.13 -9.33
H2' GNP B . -10.37 1.27 -12.25
HO2' GNP B . -12.89 1.89 -12.16
H1' GNP B . -10.37 4.02 -12.67
H8 GNP B . -8.62 2.50 -9.58
HN1 GNP B . -4.81 3.90 -14.55
HN21 GNP B . -7.75 4.69 -16.20
HN22 GNP B . -6.00 4.57 -16.27
MG MG C . -12.20 -0.36 -3.94
N LEU A 1 8.22 -20.64 7.79
CA LEU A 1 7.85 -19.68 6.71
C LEU A 1 7.35 -18.37 7.30
N ALA A 2 7.84 -17.26 6.75
CA ALA A 2 7.44 -15.94 7.21
C ALA A 2 6.14 -15.50 6.52
N LEU A 3 5.28 -14.85 7.30
CA LEU A 3 3.99 -14.38 6.76
C LEU A 3 3.94 -12.86 6.77
N HIS A 4 3.92 -12.27 5.57
CA HIS A 4 3.86 -10.82 5.44
C HIS A 4 2.46 -10.37 5.03
N LYS A 5 1.88 -9.48 5.85
CA LYS A 5 0.54 -8.96 5.57
C LYS A 5 0.62 -7.60 4.87
N VAL A 6 -0.32 -7.37 3.96
CA VAL A 6 -0.37 -6.12 3.21
C VAL A 6 -1.69 -5.40 3.43
N ILE A 7 -1.63 -4.19 4.00
CA ILE A 7 -2.83 -3.41 4.24
C ILE A 7 -2.89 -2.22 3.28
N MET A 8 -3.78 -2.31 2.29
CA MET A 8 -3.94 -1.25 1.30
C MET A 8 -4.42 0.04 1.97
N VAL A 9 -3.49 0.93 2.25
CA VAL A 9 -3.82 2.21 2.88
C VAL A 9 -3.80 3.34 1.86
N GLY A 10 -4.53 4.41 2.16
CA GLY A 10 -4.59 5.54 1.26
C GLY A 10 -5.44 6.67 1.81
N SER A 11 -5.85 7.57 0.93
CA SER A 11 -6.67 8.71 1.32
C SER A 11 -8.03 8.24 1.83
N GLY A 12 -8.64 7.31 1.11
CA GLY A 12 -9.93 6.77 1.49
C GLY A 12 -10.87 6.67 0.31
N GLY A 13 -10.31 6.41 -0.86
CA GLY A 13 -11.11 6.29 -2.07
C GLY A 13 -10.33 6.64 -3.32
N VAL A 14 -9.38 5.79 -3.67
CA VAL A 14 -8.54 6.01 -4.85
C VAL A 14 -8.55 4.78 -5.77
N GLY A 15 -8.69 3.61 -5.17
CA GLY A 15 -8.70 2.38 -5.95
C GLY A 15 -7.68 1.38 -5.46
N LYS A 16 -7.49 1.31 -4.15
CA LYS A 16 -6.54 0.39 -3.55
C LYS A 16 -6.82 -1.05 -3.99
N SER A 17 -8.09 -1.35 -4.17
CA SER A 17 -8.52 -2.68 -4.58
C SER A 17 -8.06 -2.99 -6.01
N ALA A 18 -7.95 -1.94 -6.82
CA ALA A 18 -7.54 -2.09 -8.21
C ALA A 18 -6.14 -2.66 -8.28
N LEU A 19 -5.23 -2.03 -7.57
CA LEU A 19 -3.85 -2.49 -7.53
C LEU A 19 -3.83 -3.90 -6.97
N THR A 20 -4.86 -4.21 -6.19
CA THR A 20 -4.97 -5.52 -5.56
C THR A 20 -5.25 -6.61 -6.59
N LEU A 21 -6.34 -6.45 -7.34
CA LEU A 21 -6.74 -7.43 -8.35
C LEU A 21 -5.66 -7.63 -9.40
N GLN A 22 -4.86 -6.60 -9.66
CA GLN A 22 -3.79 -6.69 -10.65
C GLN A 22 -2.67 -7.60 -10.16
N PHE A 23 -2.30 -7.46 -8.89
CA PHE A 23 -1.24 -8.26 -8.32
C PHE A 23 -1.70 -9.70 -8.09
N MET A 24 -2.99 -9.87 -7.84
CA MET A 24 -3.55 -11.20 -7.57
C MET A 24 -3.83 -12.01 -8.84
N TYR A 25 -4.52 -11.40 -9.81
CA TYR A 25 -4.86 -12.12 -11.04
C TYR A 25 -4.23 -11.48 -12.28
N ASP A 26 -3.75 -10.25 -12.17
CA ASP A 26 -3.14 -9.56 -13.29
C ASP A 26 -4.13 -9.41 -14.44
N GLU A 27 -5.24 -8.73 -14.17
CA GLU A 27 -6.27 -8.52 -15.19
C GLU A 27 -7.17 -7.35 -14.79
N PHE A 28 -7.33 -6.40 -15.71
CA PHE A 28 -8.17 -5.23 -15.46
C PHE A 28 -9.61 -5.48 -15.86
N VAL A 29 -10.48 -5.66 -14.87
CA VAL A 29 -11.90 -5.91 -15.12
C VAL A 29 -12.77 -5.22 -14.07
N GLU A 30 -13.89 -4.66 -14.52
CA GLU A 30 -14.82 -3.98 -13.61
C GLU A 30 -15.35 -4.93 -12.55
N ASP A 31 -14.89 -4.75 -11.32
CA ASP A 31 -15.32 -5.59 -10.20
C ASP A 31 -14.97 -4.95 -8.86
N TYR A 32 -15.70 -5.35 -7.82
CA TYR A 32 -15.47 -4.81 -6.47
C TYR A 32 -15.96 -5.79 -5.42
N GLU A 33 -15.35 -5.73 -4.23
CA GLU A 33 -15.72 -6.60 -3.12
C GLU A 33 -15.69 -5.84 -1.80
N PRO A 34 -16.84 -5.75 -1.10
CA PRO A 34 -16.92 -5.04 0.19
C PRO A 34 -15.91 -5.57 1.21
N THR A 35 -15.47 -4.70 2.10
CA THR A 35 -14.50 -5.07 3.13
C THR A 35 -15.20 -5.55 4.40
N LYS A 36 -14.89 -6.77 4.81
CA LYS A 36 -15.49 -7.35 6.01
C LYS A 36 -14.46 -8.18 6.78
N ALA A 37 -13.93 -9.20 6.13
CA ALA A 37 -12.94 -10.07 6.74
C ALA A 37 -12.25 -10.95 5.71
N ASP A 38 -12.54 -10.68 4.44
CA ASP A 38 -11.95 -11.43 3.34
C ASP A 38 -10.48 -11.08 3.14
N SER A 39 -9.64 -12.11 3.06
CA SER A 39 -8.20 -11.91 2.88
C SER A 39 -7.65 -12.90 1.85
N TYR A 40 -6.61 -12.49 1.13
CA TYR A 40 -5.98 -13.35 0.14
C TYR A 40 -4.77 -14.05 0.72
N ARG A 41 -4.37 -15.14 0.08
CA ARG A 41 -3.21 -15.91 0.54
C ARG A 41 -2.52 -16.61 -0.62
N LYS A 42 -1.19 -16.51 -0.65
CA LYS A 42 -0.40 -17.14 -1.71
C LYS A 42 1.07 -17.22 -1.31
N LYS A 43 1.81 -18.11 -1.97
CA LYS A 43 3.22 -18.29 -1.68
C LYS A 43 4.08 -17.88 -2.87
N VAL A 44 5.09 -17.04 -2.62
CA VAL A 44 5.99 -16.59 -3.67
C VAL A 44 7.44 -16.63 -3.20
N VAL A 45 8.35 -16.92 -4.13
CA VAL A 45 9.77 -16.99 -3.81
C VAL A 45 10.40 -15.60 -3.84
N LEU A 46 11.22 -15.32 -2.83
CA LEU A 46 11.89 -14.02 -2.73
C LEU A 46 13.35 -14.20 -2.33
N ASP A 47 14.25 -13.91 -3.27
CA ASP A 47 15.68 -14.04 -3.01
C ASP A 47 16.03 -15.47 -2.61
N GLY A 48 15.26 -16.43 -3.11
CA GLY A 48 15.49 -17.82 -2.79
C GLY A 48 14.62 -18.32 -1.66
N GLU A 49 14.26 -17.41 -0.75
CA GLU A 49 13.42 -17.76 0.38
C GLU A 49 11.94 -17.50 0.06
N GLU A 50 11.16 -18.57 0.00
CA GLU A 50 9.73 -18.47 -0.29
C GLU A 50 8.95 -18.13 0.97
N VAL A 51 8.29 -16.97 0.96
CA VAL A 51 7.50 -16.53 2.09
C VAL A 51 6.04 -16.33 1.71
N GLN A 52 5.14 -16.54 2.67
CA GLN A 52 3.71 -16.39 2.42
C GLN A 52 3.33 -14.91 2.50
N ILE A 53 2.20 -14.57 1.89
CA ILE A 53 1.73 -13.19 1.90
C ILE A 53 0.21 -13.11 1.95
N ASP A 54 -0.29 -12.37 2.94
CA ASP A 54 -1.72 -12.20 3.11
C ASP A 54 -2.12 -10.76 2.81
N ILE A 55 -2.89 -10.57 1.73
CA ILE A 55 -3.32 -9.24 1.33
C ILE A 55 -4.76 -8.98 1.74
N LEU A 56 -4.98 -7.87 2.45
CA LEU A 56 -6.32 -7.51 2.90
C LEU A 56 -6.95 -6.50 1.94
N ASP A 57 -8.21 -6.75 1.58
CA ASP A 57 -8.93 -5.88 0.66
C ASP A 57 -8.88 -4.42 1.10
N THR A 58 -9.61 -4.10 2.17
CA THR A 58 -9.65 -2.74 2.70
C THR A 58 -10.35 -1.79 1.73
N ALA A 59 -11.10 -0.83 2.27
CA ALA A 59 -11.81 0.14 1.46
C ALA A 59 -11.74 1.53 2.08
N GLY A 60 -12.34 2.50 1.38
CA GLY A 60 -12.34 3.87 1.87
C GLY A 60 -13.43 4.11 2.90
N LEU A 61 -13.04 4.27 4.15
CA LEU A 61 -13.99 4.51 5.23
C LEU A 61 -14.29 6.00 5.38
N GLU A 62 -13.32 6.73 5.92
CA GLU A 62 -13.47 8.17 6.12
C GLU A 62 -14.66 8.48 7.03
N ASP A 63 -15.11 7.47 7.77
CA ASP A 63 -16.23 7.63 8.68
C ASP A 63 -15.96 6.95 10.02
N TYR A 64 -17.02 6.74 10.80
CA TYR A 64 -16.90 6.10 12.10
C TYR A 64 -16.00 6.91 13.03
N ALA A 65 -15.79 6.38 14.24
CA ALA A 65 -14.95 7.04 15.23
C ALA A 65 -13.47 6.87 14.90
N ALA A 66 -13.05 5.61 14.75
CA ALA A 66 -11.66 5.32 14.44
C ALA A 66 -11.49 3.86 14.00
N ILE A 67 -12.54 3.30 13.41
CA ILE A 67 -12.51 1.92 12.94
C ILE A 67 -11.36 1.71 11.96
N ARG A 68 -10.88 2.80 11.38
CA ARG A 68 -9.77 2.73 10.43
C ARG A 68 -8.56 2.07 11.06
N ASP A 69 -8.20 2.53 12.26
CA ASP A 69 -7.06 2.00 12.99
C ASP A 69 -7.20 0.49 13.19
N ASN A 70 -8.43 0.05 13.48
CA ASN A 70 -8.71 -1.36 13.70
C ASN A 70 -8.23 -2.22 12.55
N TYR A 71 -8.31 -1.69 11.33
CA TYR A 71 -7.87 -2.43 10.15
C TYR A 71 -6.35 -2.42 10.03
N PHE A 72 -5.74 -1.29 10.35
CA PHE A 72 -4.28 -1.15 10.28
C PHE A 72 -3.59 -1.99 11.35
N ARG A 73 -4.35 -2.40 12.36
CA ARG A 73 -3.80 -3.20 13.45
C ARG A 73 -3.78 -4.67 13.09
N SER A 74 -4.63 -5.06 12.14
CA SER A 74 -4.71 -6.46 11.71
C SER A 74 -3.67 -6.78 10.64
N GLY A 75 -2.70 -5.88 10.46
CA GLY A 75 -1.66 -6.10 9.48
C GLY A 75 -0.29 -5.68 9.95
N GLU A 76 0.74 -6.07 9.21
CA GLU A 76 2.11 -5.73 9.56
C GLU A 76 2.68 -4.73 8.57
N GLY A 77 2.47 -4.98 7.28
CA GLY A 77 2.96 -4.10 6.25
C GLY A 77 1.92 -3.10 5.79
N PHE A 78 2.37 -1.95 5.32
CA PHE A 78 1.45 -0.91 4.85
C PHE A 78 1.85 -0.44 3.45
N LEU A 79 0.84 -0.17 2.62
CA LEU A 79 1.09 0.30 1.26
C LEU A 79 0.18 1.49 0.94
N LEU A 80 0.77 2.66 0.85
CA LEU A 80 0.01 3.88 0.56
C LEU A 80 -0.23 4.03 -0.93
N VAL A 81 -1.46 4.42 -1.29
CA VAL A 81 -1.81 4.60 -2.70
C VAL A 81 -2.70 5.82 -2.89
N PHE A 82 -2.30 6.71 -3.78
CA PHE A 82 -3.06 7.92 -4.08
C PHE A 82 -3.09 8.19 -5.58
N SER A 83 -4.16 8.82 -6.05
CA SER A 83 -4.30 9.12 -7.46
C SER A 83 -3.70 10.48 -7.79
N ILE A 84 -2.93 10.52 -8.87
CA ILE A 84 -2.29 11.76 -9.30
C ILE A 84 -3.33 12.70 -9.89
N THR A 85 -4.42 12.13 -10.38
CA THR A 85 -5.50 12.91 -10.97
C THR A 85 -6.27 13.66 -9.89
N GLU A 86 -6.22 13.14 -8.66
CA GLU A 86 -6.90 13.74 -7.53
C GLU A 86 -5.91 14.19 -6.47
N HIS A 87 -5.67 15.49 -6.40
CA HIS A 87 -4.75 16.06 -5.43
C HIS A 87 -5.22 15.79 -3.99
N GLU A 88 -6.49 15.42 -3.85
CA GLU A 88 -7.07 15.14 -2.54
C GLU A 88 -6.54 13.84 -1.95
N SER A 89 -6.13 12.93 -2.83
CA SER A 89 -5.61 11.64 -2.40
C SER A 89 -4.25 11.77 -1.73
N PHE A 90 -3.31 12.40 -2.45
CA PHE A 90 -1.96 12.59 -1.95
C PHE A 90 -1.95 13.35 -0.62
N THR A 91 -2.90 14.27 -0.48
CA THR A 91 -3.02 15.10 0.72
C THR A 91 -3.55 14.31 1.91
N ALA A 92 -4.70 13.66 1.73
CA ALA A 92 -5.31 12.88 2.80
C ALA A 92 -4.40 11.74 3.23
N THR A 93 -3.77 11.10 2.25
CA THR A 93 -2.84 10.01 2.52
C THR A 93 -1.76 10.45 3.49
N ALA A 94 -1.42 11.73 3.43
CA ALA A 94 -0.39 12.29 4.30
C ALA A 94 -0.80 12.24 5.77
N GLU A 95 -2.08 12.44 6.02
CA GLU A 95 -2.60 12.40 7.39
C GLU A 95 -2.48 11.00 8.00
N PHE A 96 -2.76 9.99 7.17
CA PHE A 96 -2.70 8.60 7.60
C PHE A 96 -1.33 8.26 8.22
N ARG A 97 -0.31 9.03 7.87
CA ARG A 97 1.04 8.80 8.38
C ARG A 97 1.01 8.58 9.90
N GLU A 98 0.29 9.44 10.60
CA GLU A 98 0.19 9.34 12.06
C GLU A 98 -0.66 8.14 12.49
N GLN A 99 -1.78 7.93 11.80
CA GLN A 99 -2.68 6.82 12.11
C GLN A 99 -1.97 5.47 12.07
N ILE A 100 -1.02 5.33 11.14
CA ILE A 100 -0.28 4.08 11.00
C ILE A 100 0.49 3.74 12.27
N LEU A 101 1.13 4.74 12.87
CA LEU A 101 1.92 4.53 14.09
C LEU A 101 1.04 4.19 15.28
N ARG A 102 -0.21 4.63 15.25
CA ARG A 102 -1.15 4.37 16.35
C ARG A 102 -1.24 2.88 16.66
N VAL A 103 -1.44 2.08 15.63
CA VAL A 103 -1.57 0.63 15.78
C VAL A 103 -0.23 -0.03 16.11
N LYS A 104 0.85 0.55 15.62
CA LYS A 104 2.18 0.00 15.86
C LYS A 104 3.01 0.89 16.79
N ALA A 105 2.54 1.04 18.02
CA ALA A 105 3.24 1.86 19.01
C ALA A 105 4.33 1.06 19.72
N GLU A 106 4.23 -0.26 19.62
CA GLU A 106 5.21 -1.14 20.26
C GLU A 106 6.28 -1.59 19.26
N GLU A 107 6.10 -1.19 18.01
CA GLU A 107 7.05 -1.56 16.95
C GLU A 107 7.87 -0.35 16.52
N ASP A 108 9.19 -0.48 16.58
CA ASP A 108 10.10 0.60 16.19
C ASP A 108 10.19 0.70 14.67
N LYS A 109 10.39 -0.44 14.02
CA LYS A 109 10.50 -0.48 12.57
C LYS A 109 9.12 -0.64 11.93
N ILE A 110 8.66 0.41 11.26
CA ILE A 110 7.36 0.38 10.61
C ILE A 110 7.51 0.33 9.08
N PRO A 111 7.28 -0.84 8.46
CA PRO A 111 7.38 -1.00 7.02
C PRO A 111 6.33 -0.19 6.27
N LEU A 112 6.75 0.52 5.23
CA LEU A 112 5.85 1.34 4.44
C LEU A 112 6.37 1.51 3.01
N LEU A 113 5.47 1.85 2.10
CA LEU A 113 5.83 2.05 0.70
C LEU A 113 4.73 2.82 0.00
N VAL A 114 5.06 4.01 -0.50
CA VAL A 114 4.08 4.84 -1.19
C VAL A 114 4.02 4.50 -2.67
N VAL A 115 2.80 4.54 -3.22
CA VAL A 115 2.58 4.24 -4.63
C VAL A 115 1.61 5.24 -5.25
N GLY A 116 1.81 5.55 -6.52
CA GLY A 116 0.94 6.48 -7.21
C GLY A 116 0.20 5.84 -8.35
N ASN A 117 -1.13 5.94 -8.34
CA ASN A 117 -1.95 5.35 -9.39
C ASN A 117 -2.28 6.39 -10.45
N LYS A 118 -3.12 6.00 -11.40
CA LYS A 118 -3.54 6.88 -12.48
C LYS A 118 -2.34 7.39 -13.27
N SER A 119 -1.20 6.71 -13.14
CA SER A 119 0.03 7.11 -13.84
C SER A 119 -0.20 7.17 -15.35
N ASP A 120 -1.08 6.29 -15.84
CA ASP A 120 -1.39 6.23 -17.25
C ASP A 120 -1.80 7.60 -17.78
N LEU A 121 -2.22 8.47 -16.87
CA LEU A 121 -2.63 9.83 -17.22
C LEU A 121 -1.55 10.84 -16.86
N GLU A 122 -0.46 10.83 -17.63
CA GLU A 122 0.66 11.74 -17.38
C GLU A 122 0.28 13.17 -17.71
N GLU A 123 -0.75 13.35 -18.53
CA GLU A 123 -1.20 14.67 -18.91
C GLU A 123 -2.11 15.27 -17.83
N ARG A 124 -2.68 14.41 -16.99
CA ARG A 124 -3.56 14.85 -15.92
C ARG A 124 -2.88 14.74 -14.57
N ARG A 125 -1.57 14.54 -14.58
CA ARG A 125 -0.80 14.42 -13.36
C ARG A 125 -0.58 15.79 -12.72
N GLN A 126 -1.19 16.00 -11.56
CA GLN A 126 -1.06 17.27 -10.85
C GLN A 126 0.15 17.26 -9.92
N VAL A 127 0.50 16.08 -9.43
CA VAL A 127 1.64 15.94 -8.53
C VAL A 127 2.85 15.36 -9.26
N PRO A 128 3.85 16.19 -9.61
CA PRO A 128 5.05 15.73 -10.30
C PRO A 128 5.75 14.60 -9.54
N VAL A 129 6.21 13.60 -10.28
CA VAL A 129 6.89 12.45 -9.67
C VAL A 129 8.05 12.91 -8.78
N GLU A 130 8.86 13.84 -9.29
CA GLU A 130 10.01 14.36 -8.56
C GLU A 130 9.57 14.93 -7.21
N GLU A 131 8.56 15.79 -7.25
CA GLU A 131 8.06 16.42 -6.03
C GLU A 131 7.53 15.36 -5.06
N ALA A 132 7.02 14.27 -5.62
CA ALA A 132 6.48 13.18 -4.81
C ALA A 132 7.60 12.36 -4.18
N ARG A 133 8.75 12.30 -4.84
CA ARG A 133 9.89 11.54 -4.34
C ARG A 133 10.51 12.24 -3.13
N SER A 134 10.65 13.56 -3.22
CA SER A 134 11.25 14.35 -2.14
C SER A 134 10.44 14.22 -0.86
N LYS A 135 9.11 14.31 -0.98
CA LYS A 135 8.23 14.22 0.18
C LYS A 135 8.15 12.78 0.70
N ALA A 136 7.93 11.83 -0.21
CA ALA A 136 7.84 10.43 0.16
C ALA A 136 9.08 9.97 0.92
N GLU A 137 10.22 10.51 0.53
CA GLU A 137 11.48 10.16 1.17
C GLU A 137 11.47 10.53 2.64
N GLU A 138 10.75 11.61 2.99
CA GLU A 138 10.66 12.06 4.37
C GLU A 138 10.27 10.90 5.29
N TRP A 139 9.22 10.18 4.91
CA TRP A 139 8.75 9.04 5.69
C TRP A 139 9.82 7.95 5.76
N GLY A 140 10.73 7.97 4.79
CA GLY A 140 11.78 6.98 4.73
C GLY A 140 11.50 5.92 3.69
N VAL A 141 10.61 6.23 2.76
CA VAL A 141 10.24 5.30 1.70
C VAL A 141 10.42 5.92 0.32
N GLN A 142 10.55 5.07 -0.68
CA GLN A 142 10.71 5.52 -2.06
C GLN A 142 9.38 5.43 -2.79
N TYR A 143 9.04 6.48 -3.54
CA TYR A 143 7.78 6.51 -4.27
C TYR A 143 7.97 6.11 -5.73
N VAL A 144 6.96 5.44 -6.28
CA VAL A 144 6.99 4.98 -7.66
C VAL A 144 5.63 5.19 -8.34
N GLU A 145 5.66 5.36 -9.66
CA GLU A 145 4.44 5.55 -10.44
C GLU A 145 3.88 4.22 -10.90
N THR A 146 2.56 4.10 -10.92
CA THR A 146 1.91 2.85 -11.34
C THR A 146 0.55 3.10 -11.98
N SER A 147 0.11 2.14 -12.78
CA SER A 147 -1.18 2.22 -13.46
C SER A 147 -1.92 0.88 -13.40
N ALA A 148 -3.00 0.85 -12.65
CA ALA A 148 -3.79 -0.38 -12.49
C ALA A 148 -4.37 -0.83 -13.83
N LYS A 149 -4.22 0.00 -14.85
CA LYS A 149 -4.75 -0.33 -16.18
C LYS A 149 -3.77 -1.21 -16.94
N THR A 150 -2.52 -0.76 -17.04
CA THR A 150 -1.49 -1.50 -17.75
C THR A 150 -0.71 -2.41 -16.80
N ARG A 151 -1.08 -2.37 -15.51
CA ARG A 151 -0.43 -3.18 -14.47
C ARG A 151 1.05 -3.40 -14.77
N ALA A 152 1.74 -2.33 -15.12
CA ALA A 152 3.17 -2.40 -15.43
C ALA A 152 4.03 -2.48 -14.18
N ASN A 153 3.88 -1.50 -13.28
CA ASN A 153 4.66 -1.46 -12.06
C ASN A 153 3.79 -1.73 -10.82
N VAL A 154 2.58 -2.21 -11.04
CA VAL A 154 1.67 -2.49 -9.93
C VAL A 154 2.26 -3.57 -9.02
N ASP A 155 2.75 -4.65 -9.61
CA ASP A 155 3.35 -5.75 -8.85
C ASP A 155 4.72 -5.36 -8.30
N LYS A 156 5.32 -4.32 -8.89
CA LYS A 156 6.64 -3.86 -8.50
C LYS A 156 6.64 -3.33 -7.06
N VAL A 157 5.54 -2.72 -6.64
CA VAL A 157 5.45 -2.17 -5.29
C VAL A 157 5.10 -3.24 -4.26
N PHE A 158 4.41 -4.30 -4.70
CA PHE A 158 4.04 -5.39 -3.80
C PHE A 158 5.26 -6.19 -3.39
N PHE A 159 6.12 -6.49 -4.36
CA PHE A 159 7.33 -7.26 -4.10
C PHE A 159 8.36 -6.41 -3.35
N ASP A 160 8.53 -5.17 -3.80
CA ASP A 160 9.48 -4.25 -3.16
C ASP A 160 9.21 -4.13 -1.67
N LEU A 161 7.96 -3.87 -1.32
CA LEU A 161 7.56 -3.73 0.08
C LEU A 161 7.88 -5.00 0.86
N MET A 162 7.59 -6.15 0.25
CA MET A 162 7.84 -7.44 0.88
C MET A 162 9.28 -7.56 1.33
N ARG A 163 10.21 -7.08 0.50
CA ARG A 163 11.62 -7.14 0.81
C ARG A 163 11.98 -6.22 1.97
N GLU A 164 11.30 -5.07 2.03
CA GLU A 164 11.55 -4.09 3.08
C GLU A 164 11.01 -4.58 4.41
N ILE A 165 9.99 -5.43 4.38
CA ILE A 165 9.39 -5.96 5.59
C ILE A 165 10.30 -6.98 6.27
N ARG A 166 10.70 -8.00 5.51
CA ARG A 166 11.57 -9.04 6.03
C ARG A 166 12.92 -8.50 6.46
N THR A 167 13.34 -7.40 5.85
CA THR A 167 14.64 -6.80 6.16
C THR A 167 14.56 -5.82 7.33
N LYS A 168 13.75 -4.78 7.17
CA LYS A 168 13.61 -3.74 8.19
C LYS A 168 12.86 -4.24 9.44
N LYS A 169 11.66 -4.79 9.25
CA LYS A 169 10.85 -5.26 10.37
C LYS A 169 11.55 -6.36 11.16
N MET A 170 11.87 -7.46 10.50
CA MET A 170 12.54 -8.59 11.15
C MET A 170 13.83 -8.16 11.84
N SER A 171 14.40 -7.05 11.40
CA SER A 171 15.64 -6.55 11.97
C SER A 171 15.45 -6.17 13.43
N GLU A 172 14.55 -5.21 13.68
CA GLU A 172 14.28 -4.74 15.03
C GLU A 172 15.53 -4.17 15.70
N ASN A 173 16.53 -3.83 14.87
CA ASN A 173 17.79 -3.28 15.37
C ASN A 173 18.50 -4.26 16.28
N LYS A 174 18.16 -4.22 17.57
CA LYS A 174 18.77 -5.11 18.55
C LYS A 174 20.30 -5.02 18.52
PG GNP B . -13.68 2.66 -3.10
O1G GNP B . -14.83 3.39 -3.71
O2G GNP B . -13.85 1.08 -3.24
O3G GNP B . -13.48 3.09 -1.58
N3B GNP B . -12.22 3.05 -3.84
PB GNP B . -12.27 2.78 -5.50
O1B GNP B . -11.50 3.86 -6.17
O2B GNP B . -11.90 1.37 -5.75
O3A GNP B . -13.81 2.97 -5.86
PA GNP B . -14.33 2.72 -7.34
O1A GNP B . -14.13 1.28 -7.66
O2A GNP B . -15.68 3.31 -7.49
O5' GNP B . -13.30 3.57 -8.21
C5' GNP B . -12.44 2.94 -9.16
C4' GNP B . -12.62 3.57 -10.52
O4' GNP B . -11.35 4.13 -10.95
C3' GNP B . -13.02 2.61 -11.64
O3' GNP B . -13.76 3.28 -12.65
C2' GNP B . -11.68 2.12 -12.15
O2' GNP B . -11.74 1.72 -13.51
C1' GNP B . -10.84 3.40 -12.05
N9 GNP B . -9.42 3.16 -11.83
C8 GNP B . -8.84 2.61 -10.71
N7 GNP B . -7.54 2.52 -10.80
C5 GNP B . -7.25 3.04 -12.05
C6 GNP B . -6.00 3.19 -12.71
O6 GNP B . -4.87 2.90 -12.29
N1 GNP B . -6.13 3.76 -13.97
C2 GNP B . -7.34 4.13 -14.53
N2 GNP B . -7.28 4.65 -15.76
N3 GNP B . -8.51 3.99 -13.93
C4 GNP B . -8.40 3.43 -12.70
HNB3 GNP B . -11.50 2.51 -3.44
H5'2 GNP B . -12.68 1.87 -9.22
H5'1 GNP B . -11.40 3.06 -8.84
H4' GNP B . -13.42 4.30 -10.44
H3' GNP B . -13.65 1.80 -11.26
HO3' GNP B . -13.62 2.80 -13.47
H2' GNP B . -11.27 1.34 -11.51
HO2' GNP B . -10.93 1.98 -13.92
H1' GNP B . -10.94 4.03 -12.93
H8 GNP B . -9.40 2.29 -9.85
HN1 GNP B . -5.30 3.92 -14.51
HN21 GNP B . -8.13 4.94 -16.23
HN22 GNP B . -6.39 4.76 -16.21
MG MG C . -12.36 -0.33 -4.28
N LEU A 1 8.40 -21.14 5.83
CA LEU A 1 7.49 -20.25 5.05
C LEU A 1 6.96 -19.12 5.92
N ALA A 2 7.42 -17.89 5.62
CA ALA A 2 6.99 -16.72 6.38
C ALA A 2 5.61 -16.25 5.92
N LEU A 3 4.98 -15.44 6.76
CA LEU A 3 3.65 -14.91 6.45
C LEU A 3 3.57 -13.42 6.77
N HIS A 4 3.53 -12.61 5.73
CA HIS A 4 3.45 -11.16 5.91
C HIS A 4 2.06 -10.63 5.56
N LYS A 5 1.68 -9.51 6.15
CA LYS A 5 0.38 -8.91 5.91
C LYS A 5 0.51 -7.43 5.54
N VAL A 6 0.19 -7.12 4.29
CA VAL A 6 0.27 -5.74 3.82
C VAL A 6 -1.10 -5.07 3.81
N ILE A 7 -1.19 -3.91 4.44
CA ILE A 7 -2.44 -3.15 4.51
C ILE A 7 -2.55 -2.16 3.36
N MET A 8 -3.65 -2.22 2.63
CA MET A 8 -3.88 -1.33 1.50
C MET A 8 -4.39 0.03 1.99
N VAL A 9 -3.49 0.84 2.53
CA VAL A 9 -3.85 2.16 3.03
C VAL A 9 -3.84 3.20 1.92
N GLY A 10 -4.60 4.26 2.10
CA GLY A 10 -4.68 5.31 1.09
C GLY A 10 -5.56 6.46 1.52
N SER A 11 -5.88 7.34 0.57
CA SER A 11 -6.73 8.49 0.84
C SER A 11 -8.10 8.06 1.34
N GLY A 12 -8.85 7.39 0.48
CA GLY A 12 -10.18 6.93 0.83
C GLY A 12 -11.01 6.56 -0.39
N GLY A 13 -10.73 7.20 -1.51
CA GLY A 13 -11.44 6.92 -2.74
C GLY A 13 -10.52 6.93 -3.95
N VAL A 14 -9.33 6.35 -3.78
CA VAL A 14 -8.33 6.29 -4.85
C VAL A 14 -8.52 5.05 -5.71
N GLY A 15 -8.12 3.91 -5.16
CA GLY A 15 -8.23 2.65 -5.88
C GLY A 15 -7.35 1.58 -5.28
N LYS A 16 -7.17 1.65 -3.97
CA LYS A 16 -6.35 0.69 -3.23
C LYS A 16 -6.73 -0.75 -3.59
N SER A 17 -8.02 -0.99 -3.76
CA SER A 17 -8.53 -2.31 -4.12
C SER A 17 -8.11 -2.70 -5.54
N ALA A 18 -7.96 -1.70 -6.39
CA ALA A 18 -7.58 -1.91 -7.78
C ALA A 18 -6.19 -2.50 -7.87
N LEU A 19 -5.23 -1.84 -7.21
CA LEU A 19 -3.87 -2.32 -7.19
C LEU A 19 -3.86 -3.71 -6.58
N THR A 20 -4.87 -3.98 -5.76
CA THR A 20 -4.99 -5.26 -5.10
C THR A 20 -5.35 -6.37 -6.09
N LEU A 21 -6.34 -6.09 -6.95
CA LEU A 21 -6.78 -7.06 -7.94
C LEU A 21 -5.73 -7.29 -9.02
N GLN A 22 -5.05 -6.22 -9.42
CA GLN A 22 -4.02 -6.31 -10.45
C GLN A 22 -2.89 -7.25 -10.01
N PHE A 23 -2.52 -7.18 -8.74
CA PHE A 23 -1.47 -8.03 -8.21
C PHE A 23 -1.93 -9.48 -8.07
N MET A 24 -3.23 -9.66 -7.93
CA MET A 24 -3.82 -10.99 -7.76
C MET A 24 -4.02 -11.74 -9.08
N TYR A 25 -4.63 -11.09 -10.07
CA TYR A 25 -4.90 -11.73 -11.34
C TYR A 25 -4.29 -10.97 -12.52
N ASP A 26 -3.88 -9.73 -12.29
CA ASP A 26 -3.28 -8.91 -13.35
C ASP A 26 -4.29 -8.61 -14.44
N GLU A 27 -5.54 -8.34 -14.04
CA GLU A 27 -6.59 -8.03 -14.99
C GLU A 27 -7.48 -6.90 -14.45
N PHE A 28 -7.67 -5.87 -15.26
CA PHE A 28 -8.50 -4.73 -14.86
C PHE A 28 -9.97 -4.98 -15.18
N VAL A 29 -10.78 -5.16 -14.15
CA VAL A 29 -12.20 -5.42 -14.32
C VAL A 29 -13.02 -4.60 -13.33
N GLU A 30 -14.18 -4.11 -13.77
CA GLU A 30 -15.05 -3.32 -12.93
C GLU A 30 -15.58 -4.14 -11.75
N ASP A 31 -16.02 -5.36 -12.03
CA ASP A 31 -16.56 -6.25 -11.01
C ASP A 31 -15.53 -6.46 -9.90
N TYR A 32 -15.98 -6.29 -8.65
CA TYR A 32 -15.10 -6.46 -7.49
C TYR A 32 -15.79 -7.29 -6.40
N GLU A 33 -15.08 -7.49 -5.30
CA GLU A 33 -15.62 -8.26 -4.17
C GLU A 33 -15.45 -7.48 -2.86
N PRO A 34 -16.57 -7.15 -2.18
CA PRO A 34 -16.52 -6.41 -0.91
C PRO A 34 -15.59 -7.06 0.11
N THR A 35 -14.77 -6.25 0.77
CA THR A 35 -13.83 -6.74 1.77
C THR A 35 -14.45 -6.74 3.16
N LYS A 36 -14.61 -7.92 3.74
CA LYS A 36 -15.18 -8.05 5.08
C LYS A 36 -14.52 -9.18 5.85
N ALA A 37 -13.48 -8.84 6.61
CA ALA A 37 -12.74 -9.82 7.41
C ALA A 37 -12.17 -10.93 6.53
N ASP A 38 -12.03 -10.64 5.24
CA ASP A 38 -11.50 -11.62 4.29
C ASP A 38 -10.16 -11.15 3.73
N SER A 39 -9.18 -12.04 3.74
CA SER A 39 -7.85 -11.73 3.23
C SER A 39 -7.50 -12.63 2.04
N TYR A 40 -6.38 -12.32 1.39
CA TYR A 40 -5.93 -13.11 0.25
C TYR A 40 -4.55 -13.71 0.51
N ARG A 41 -4.47 -15.03 0.41
CA ARG A 41 -3.22 -15.74 0.64
C ARG A 41 -2.81 -16.55 -0.59
N LYS A 42 -1.56 -16.41 -0.99
CA LYS A 42 -1.03 -17.12 -2.16
C LYS A 42 0.46 -17.39 -1.99
N LYS A 43 0.88 -18.61 -2.31
CA LYS A 43 2.28 -18.99 -2.19
C LYS A 43 3.09 -18.49 -3.39
N VAL A 44 4.05 -17.62 -3.11
CA VAL A 44 4.91 -17.06 -4.15
C VAL A 44 6.36 -17.04 -3.71
N VAL A 45 7.27 -17.33 -4.65
CA VAL A 45 8.69 -17.34 -4.36
C VAL A 45 9.24 -15.93 -4.22
N LEU A 46 10.15 -15.74 -3.27
CA LEU A 46 10.75 -14.43 -3.01
C LEU A 46 12.22 -14.58 -2.64
N ASP A 47 13.10 -14.19 -3.57
CA ASP A 47 14.54 -14.27 -3.36
C ASP A 47 14.96 -15.70 -3.04
N GLY A 48 14.24 -16.66 -3.59
CA GLY A 48 14.55 -18.06 -3.36
C GLY A 48 13.65 -18.70 -2.31
N GLU A 49 13.25 -17.91 -1.32
CA GLU A 49 12.38 -18.40 -0.26
C GLU A 49 10.93 -18.01 -0.52
N GLU A 50 10.08 -19.03 -0.64
CA GLU A 50 8.66 -18.81 -0.89
C GLU A 50 7.92 -18.42 0.39
N VAL A 51 7.35 -17.22 0.39
CA VAL A 51 6.61 -16.72 1.55
C VAL A 51 5.17 -16.37 1.17
N GLN A 52 4.24 -16.61 2.08
CA GLN A 52 2.84 -16.31 1.83
C GLN A 52 2.54 -14.83 2.06
N ILE A 53 1.84 -14.22 1.11
CA ILE A 53 1.49 -12.81 1.21
C ILE A 53 0.01 -12.65 1.55
N ASP A 54 -0.29 -11.72 2.47
CA ASP A 54 -1.66 -11.49 2.88
C ASP A 54 -2.06 -10.03 2.65
N ILE A 55 -3.03 -9.82 1.78
CA ILE A 55 -3.50 -8.46 1.47
C ILE A 55 -4.89 -8.22 2.05
N LEU A 56 -4.97 -7.32 3.02
CA LEU A 56 -6.24 -6.98 3.66
C LEU A 56 -6.75 -5.64 3.14
N ASP A 57 -7.68 -5.68 2.20
CA ASP A 57 -8.24 -4.47 1.62
C ASP A 57 -9.04 -3.68 2.65
N THR A 58 -9.54 -2.51 2.24
CA THR A 58 -10.33 -1.67 3.11
C THR A 58 -11.39 -0.91 2.32
N ALA A 59 -12.16 -0.08 3.01
CA ALA A 59 -13.22 0.70 2.38
C ALA A 59 -13.44 2.03 3.08
N GLY A 60 -12.73 3.06 2.63
CA GLY A 60 -12.85 4.37 3.23
C GLY A 60 -12.90 4.30 4.75
N LEU A 61 -11.83 3.80 5.35
CA LEU A 61 -11.75 3.65 6.80
C LEU A 61 -12.10 4.95 7.52
N GLU A 62 -12.07 6.06 6.80
CA GLU A 62 -12.38 7.37 7.37
C GLU A 62 -13.82 7.42 7.88
N ASP A 63 -14.60 6.38 7.59
CA ASP A 63 -15.98 6.32 8.02
C ASP A 63 -16.12 5.72 9.41
N TYR A 64 -15.45 4.59 9.63
CA TYR A 64 -15.49 3.91 10.92
C TYR A 64 -14.97 4.81 12.03
N ALA A 65 -15.60 4.73 13.20
CA ALA A 65 -15.20 5.54 14.34
C ALA A 65 -13.87 5.08 14.92
N ALA A 66 -13.78 3.78 15.21
CA ALA A 66 -12.56 3.20 15.76
C ALA A 66 -12.29 1.83 15.16
N ILE A 67 -13.27 1.30 14.42
CA ILE A 67 -13.14 0.00 13.79
C ILE A 67 -12.04 0.02 12.73
N ARG A 68 -11.71 1.21 12.25
CA ARG A 68 -10.68 1.37 11.24
C ARG A 68 -9.31 0.91 11.76
N ASP A 69 -9.07 1.13 13.04
CA ASP A 69 -7.81 0.74 13.66
C ASP A 69 -7.60 -0.77 13.61
N ASN A 70 -8.71 -1.51 13.68
CA ASN A 70 -8.66 -2.97 13.64
C ASN A 70 -7.91 -3.46 12.41
N TYR A 71 -8.06 -2.73 11.30
CA TYR A 71 -7.41 -3.10 10.05
C TYR A 71 -5.90 -2.88 10.11
N PHE A 72 -5.49 -1.72 10.61
CA PHE A 72 -4.08 -1.40 10.72
C PHE A 72 -3.39 -2.35 11.71
N ARG A 73 -4.15 -2.80 12.70
CA ARG A 73 -3.62 -3.71 13.71
C ARG A 73 -3.68 -5.15 13.22
N SER A 74 -4.29 -5.36 12.07
CA SER A 74 -4.41 -6.70 11.49
C SER A 74 -3.30 -6.96 10.49
N GLY A 75 -2.39 -6.00 10.36
CA GLY A 75 -1.29 -6.15 9.43
C GLY A 75 0.03 -5.70 10.03
N GLU A 76 1.12 -6.00 9.33
CA GLU A 76 2.46 -5.64 9.79
C GLU A 76 3.07 -4.58 8.88
N GLY A 77 2.66 -4.58 7.62
CA GLY A 77 3.17 -3.62 6.66
C GLY A 77 2.12 -2.63 6.20
N PHE A 78 2.56 -1.56 5.55
CA PHE A 78 1.64 -0.52 5.08
C PHE A 78 2.01 -0.06 3.67
N LEU A 79 1.01 0.04 2.81
CA LEU A 79 1.21 0.48 1.43
C LEU A 79 0.33 1.68 1.10
N LEU A 80 0.92 2.87 1.15
CA LEU A 80 0.19 4.11 0.86
C LEU A 80 0.12 4.38 -0.63
N VAL A 81 -1.05 4.14 -1.22
CA VAL A 81 -1.24 4.36 -2.64
C VAL A 81 -2.20 5.52 -2.91
N PHE A 82 -1.88 6.33 -3.91
CA PHE A 82 -2.72 7.47 -4.28
C PHE A 82 -2.63 7.74 -5.78
N SER A 83 -3.58 8.53 -6.29
CA SER A 83 -3.61 8.86 -7.72
C SER A 83 -3.02 10.24 -7.98
N ILE A 84 -2.44 10.40 -9.17
CA ILE A 84 -1.82 11.66 -9.56
C ILE A 84 -2.87 12.67 -10.02
N THR A 85 -3.84 12.20 -10.80
CA THR A 85 -4.89 13.08 -11.31
C THR A 85 -5.68 13.71 -10.18
N GLU A 86 -5.76 13.01 -9.05
CA GLU A 86 -6.50 13.52 -7.89
C GLU A 86 -5.54 13.97 -6.79
N HIS A 87 -5.31 15.28 -6.72
CA HIS A 87 -4.41 15.85 -5.72
C HIS A 87 -4.93 15.60 -4.31
N GLU A 88 -6.22 15.25 -4.21
CA GLU A 88 -6.84 14.99 -2.92
C GLU A 88 -6.33 13.68 -2.34
N SER A 89 -5.90 12.79 -3.23
CA SER A 89 -5.40 11.48 -2.84
C SER A 89 -4.10 11.61 -2.05
N PHE A 90 -3.13 12.32 -2.62
CA PHE A 90 -1.83 12.51 -2.00
C PHE A 90 -1.95 13.25 -0.66
N THR A 91 -2.91 14.16 -0.57
CA THR A 91 -3.12 14.95 0.64
C THR A 91 -3.72 14.11 1.76
N ALA A 92 -4.83 13.45 1.48
CA ALA A 92 -5.50 12.61 2.48
C ALA A 92 -4.59 11.49 2.93
N THR A 93 -3.87 10.90 1.99
CA THR A 93 -2.94 9.82 2.28
C THR A 93 -1.91 10.26 3.31
N ALA A 94 -1.57 11.54 3.28
CA ALA A 94 -0.60 12.12 4.20
C ALA A 94 -1.13 12.07 5.63
N GLU A 95 -2.44 12.19 5.79
CA GLU A 95 -3.06 12.14 7.10
C GLU A 95 -2.92 10.76 7.73
N PHE A 96 -3.16 9.74 6.91
CA PHE A 96 -3.06 8.36 7.38
C PHE A 96 -1.65 8.04 7.86
N ARG A 97 -0.67 8.79 7.35
CA ARG A 97 0.73 8.59 7.74
C ARG A 97 0.85 8.57 9.26
N GLU A 98 0.20 9.52 9.91
CA GLU A 98 0.22 9.61 11.37
C GLU A 98 -0.57 8.47 11.99
N GLN A 99 -1.71 8.13 11.39
CA GLN A 99 -2.56 7.06 11.90
C GLN A 99 -1.79 5.75 12.03
N ILE A 100 -0.85 5.54 11.11
CA ILE A 100 -0.03 4.33 11.13
C ILE A 100 0.72 4.19 12.44
N LEU A 101 1.35 5.29 12.85
CA LEU A 101 2.12 5.30 14.10
C LEU A 101 1.22 5.18 15.32
N ARG A 102 -0.02 5.67 15.20
CA ARG A 102 -0.97 5.62 16.31
C ARG A 102 -1.27 4.19 16.73
N VAL A 103 -1.61 3.34 15.78
CA VAL A 103 -1.91 1.94 16.07
C VAL A 103 -0.67 1.21 16.57
N LYS A 104 0.49 1.84 16.39
CA LYS A 104 1.75 1.26 16.83
C LYS A 104 2.49 2.25 17.73
N ALA A 105 1.91 2.54 18.89
CA ALA A 105 2.52 3.46 19.83
C ALA A 105 3.81 2.91 20.42
N GLU A 106 3.89 1.58 20.50
CA GLU A 106 5.08 0.91 21.04
C GLU A 106 5.93 0.35 19.90
N GLU A 107 5.76 0.93 18.71
CA GLU A 107 6.48 0.50 17.52
C GLU A 107 8.00 0.56 17.71
N ASP A 108 8.71 0.17 16.67
CA ASP A 108 10.18 0.18 16.67
C ASP A 108 10.69 0.31 15.24
N LYS A 109 10.08 -0.45 14.35
CA LYS A 109 10.45 -0.43 12.93
C LYS A 109 9.20 -0.52 12.06
N ILE A 110 8.64 0.64 11.73
CA ILE A 110 7.43 0.70 10.91
C ILE A 110 7.75 0.73 9.42
N PRO A 111 7.44 -0.34 8.68
CA PRO A 111 7.68 -0.41 7.24
C PRO A 111 6.61 0.31 6.44
N LEU A 112 7.03 1.10 5.45
CA LEU A 112 6.09 1.85 4.63
C LEU A 112 6.59 1.95 3.19
N LEU A 113 5.66 2.25 2.28
CA LEU A 113 6.00 2.39 0.86
C LEU A 113 4.88 3.13 0.14
N VAL A 114 5.26 4.20 -0.56
CA VAL A 114 4.29 5.02 -1.29
C VAL A 114 4.36 4.78 -2.79
N VAL A 115 3.20 4.82 -3.43
CA VAL A 115 3.12 4.62 -4.87
C VAL A 115 2.00 5.47 -5.48
N GLY A 116 2.27 6.03 -6.65
CA GLY A 116 1.28 6.85 -7.32
C GLY A 116 0.77 6.21 -8.60
N ASN A 117 -0.48 5.75 -8.57
CA ASN A 117 -1.06 5.12 -9.74
C ASN A 117 -1.61 6.17 -10.70
N LYS A 118 -2.50 5.75 -11.60
CA LYS A 118 -3.09 6.67 -12.57
C LYS A 118 -2.03 7.19 -13.55
N SER A 119 -0.84 6.58 -13.50
CA SER A 119 0.26 6.99 -14.39
C SER A 119 -0.14 6.86 -15.86
N ASP A 120 -1.28 6.21 -16.11
CA ASP A 120 -1.77 6.03 -17.47
C ASP A 120 -2.19 7.36 -18.07
N LEU A 121 -2.08 8.42 -17.27
CA LEU A 121 -2.45 9.77 -17.70
C LEU A 121 -1.32 10.76 -17.42
N GLU A 122 -0.28 10.72 -18.24
CA GLU A 122 0.85 11.61 -18.08
C GLU A 122 0.47 13.05 -18.41
N GLU A 123 -0.40 13.21 -19.40
CA GLU A 123 -0.84 14.53 -19.82
C GLU A 123 -1.76 15.16 -18.78
N ARG A 124 -2.16 14.37 -17.79
CA ARG A 124 -3.04 14.85 -16.74
C ARG A 124 -2.37 14.81 -15.37
N ARG A 125 -1.16 14.24 -15.32
CA ARG A 125 -0.42 14.15 -14.08
C ARG A 125 -0.21 15.53 -13.48
N GLN A 126 -0.93 15.81 -12.39
CA GLN A 126 -0.84 17.10 -11.71
C GLN A 126 0.30 17.12 -10.70
N VAL A 127 0.56 15.97 -10.09
CA VAL A 127 1.62 15.86 -9.10
C VAL A 127 2.95 15.43 -9.73
N PRO A 128 3.94 16.34 -9.79
CA PRO A 128 5.25 16.02 -10.36
C PRO A 128 5.94 14.92 -9.56
N VAL A 129 6.34 13.85 -10.24
CA VAL A 129 7.00 12.73 -9.59
C VAL A 129 8.15 13.20 -8.71
N GLU A 130 8.96 14.12 -9.22
CA GLU A 130 10.10 14.64 -8.48
C GLU A 130 9.67 15.19 -7.13
N GLU A 131 8.57 15.93 -7.10
CA GLU A 131 8.06 16.50 -5.86
C GLU A 131 7.64 15.41 -4.89
N ALA A 132 6.80 14.50 -5.36
CA ALA A 132 6.31 13.40 -4.54
C ALA A 132 7.46 12.55 -4.00
N ARG A 133 8.57 12.51 -4.76
CA ARG A 133 9.74 11.74 -4.35
C ARG A 133 10.40 12.35 -3.13
N SER A 134 10.68 13.66 -3.19
CA SER A 134 11.31 14.36 -2.09
C SER A 134 10.49 14.22 -0.81
N LYS A 135 9.17 14.23 -0.96
CA LYS A 135 8.27 14.09 0.17
C LYS A 135 8.31 12.68 0.73
N ALA A 136 8.19 11.70 -0.17
CA ALA A 136 8.20 10.30 0.22
C ALA A 136 9.47 9.94 0.98
N GLU A 137 10.55 10.62 0.66
CA GLU A 137 11.83 10.37 1.31
C GLU A 137 11.80 10.81 2.77
N GLU A 138 11.03 11.86 3.05
CA GLU A 138 10.91 12.38 4.41
C GLU A 138 10.44 11.28 5.36
N TRP A 139 9.57 10.40 4.87
CA TRP A 139 9.06 9.31 5.68
C TRP A 139 10.08 8.19 5.79
N GLY A 140 11.05 8.20 4.88
CA GLY A 140 12.08 7.18 4.87
C GLY A 140 11.82 6.11 3.83
N VAL A 141 10.93 6.42 2.88
CA VAL A 141 10.59 5.49 1.82
C VAL A 141 10.86 6.09 0.46
N GLN A 142 10.50 5.34 -0.58
CA GLN A 142 10.68 5.79 -1.96
C GLN A 142 9.33 5.80 -2.67
N TYR A 143 9.12 6.78 -3.54
CA TYR A 143 7.86 6.88 -4.28
C TYR A 143 8.06 6.55 -5.75
N VAL A 144 7.28 5.59 -6.24
CA VAL A 144 7.38 5.17 -7.63
C VAL A 144 6.02 5.30 -8.34
N GLU A 145 6.07 5.46 -9.65
CA GLU A 145 4.85 5.60 -10.46
C GLU A 145 4.33 4.24 -10.91
N THR A 146 3.01 4.11 -11.01
CA THR A 146 2.39 2.85 -11.42
C THR A 146 1.07 3.09 -12.16
N SER A 147 0.55 2.03 -12.76
CA SER A 147 -0.70 2.12 -13.50
C SER A 147 -1.57 0.90 -13.22
N ALA A 148 -2.68 1.10 -12.52
CA ALA A 148 -3.59 0.03 -12.18
C ALA A 148 -4.28 -0.53 -13.42
N LYS A 149 -4.06 0.13 -14.55
CA LYS A 149 -4.66 -0.28 -15.81
C LYS A 149 -3.75 -1.25 -16.56
N THR A 150 -2.50 -0.87 -16.72
CA THR A 150 -1.52 -1.70 -17.41
C THR A 150 -0.86 -2.70 -16.45
N ARG A 151 -1.17 -2.54 -15.16
CA ARG A 151 -0.63 -3.41 -14.10
C ARG A 151 0.82 -3.81 -14.38
N ALA A 152 1.57 -2.89 -14.99
CA ALA A 152 2.97 -3.14 -15.31
C ALA A 152 3.88 -3.02 -14.08
N ASN A 153 3.76 -1.90 -13.37
CA ASN A 153 4.58 -1.67 -12.18
C ASN A 153 3.77 -1.82 -10.89
N VAL A 154 2.54 -2.29 -11.00
CA VAL A 154 1.69 -2.46 -9.83
C VAL A 154 2.27 -3.51 -8.87
N ASP A 155 2.79 -4.59 -9.44
CA ASP A 155 3.37 -5.66 -8.63
C ASP A 155 4.71 -5.23 -8.03
N LYS A 156 5.26 -4.12 -8.55
CA LYS A 156 6.54 -3.61 -8.08
C LYS A 156 6.43 -3.09 -6.65
N VAL A 157 5.31 -2.47 -6.31
CA VAL A 157 5.13 -1.91 -4.97
C VAL A 157 4.84 -3.00 -3.94
N PHE A 158 4.23 -4.10 -4.38
CA PHE A 158 3.92 -5.20 -3.49
C PHE A 158 5.18 -5.94 -3.08
N PHE A 159 6.05 -6.20 -4.06
CA PHE A 159 7.31 -6.90 -3.81
C PHE A 159 8.29 -6.02 -3.04
N ASP A 160 8.38 -4.75 -3.44
CA ASP A 160 9.28 -3.81 -2.77
C ASP A 160 8.97 -3.72 -1.29
N LEU A 161 7.70 -3.47 -0.98
CA LEU A 161 7.26 -3.36 0.42
C LEU A 161 7.58 -4.64 1.17
N MET A 162 7.20 -5.78 0.59
CA MET A 162 7.44 -7.08 1.22
C MET A 162 8.90 -7.25 1.58
N ARG A 163 9.80 -6.83 0.70
CA ARG A 163 11.23 -6.94 0.95
C ARG A 163 11.68 -5.98 2.06
N GLU A 164 11.08 -4.79 2.08
CA GLU A 164 11.41 -3.79 3.08
C GLU A 164 11.04 -4.27 4.48
N ILE A 165 9.97 -5.05 4.58
CA ILE A 165 9.51 -5.56 5.86
C ILE A 165 10.44 -6.66 6.38
N ARG A 166 10.75 -7.64 5.55
CA ARG A 166 11.62 -8.74 5.93
C ARG A 166 12.99 -8.23 6.36
N THR A 167 13.41 -7.12 5.78
CA THR A 167 14.72 -6.54 6.08
C THR A 167 14.67 -5.58 7.27
N LYS A 168 13.85 -4.54 7.17
CA LYS A 168 13.76 -3.52 8.22
C LYS A 168 13.09 -4.04 9.50
N LYS A 169 11.88 -4.60 9.36
CA LYS A 169 11.15 -5.10 10.52
C LYS A 169 11.91 -6.20 11.26
N MET A 170 12.26 -7.26 10.53
CA MET A 170 12.99 -8.39 11.12
C MET A 170 14.35 -7.96 11.67
N SER A 171 14.79 -6.76 11.32
CA SER A 171 16.08 -6.26 11.79
C SER A 171 16.05 -6.05 13.30
N GLU A 172 15.11 -5.23 13.76
CA GLU A 172 14.96 -4.94 15.19
C GLU A 172 16.25 -4.40 15.79
N ASN A 173 17.13 -3.89 14.93
CA ASN A 173 18.41 -3.34 15.38
C ASN A 173 18.19 -2.14 16.29
N LYS A 174 18.84 -2.16 17.45
CA LYS A 174 18.73 -1.07 18.41
C LYS A 174 20.09 -0.43 18.67
PG GNP B . -13.67 2.56 -1.99
O1G GNP B . -14.62 3.46 -2.71
O2G GNP B . -13.90 1.03 -2.37
O3G GNP B . -13.75 2.78 -0.42
N3B GNP B . -12.08 2.91 -2.39
PB GNP B . -11.83 2.93 -4.05
O1B GNP B . -10.83 3.98 -4.36
O2B GNP B . -11.56 1.54 -4.49
O3A GNP B . -13.24 3.38 -4.63
PA GNP B . -13.56 3.21 -6.18
O1A GNP B . -13.56 1.75 -6.50
O2A GNP B . -14.76 4.00 -6.51
O5' GNP B . -12.29 3.88 -6.87
C5' GNP B . -11.32 3.09 -7.56
C4' GNP B . -11.74 2.88 -8.99
O4' GNP B . -11.09 3.90 -9.82
C3' GNP B . -11.31 1.55 -9.60
O3' GNP B . -12.33 0.57 -9.44
C2' GNP B . -11.10 1.89 -11.07
O2' GNP B . -12.31 1.94 -11.80
C1' GNP B . -10.52 3.31 -10.96
N9 GNP B . -9.07 3.35 -10.84
C8 GNP B . -8.33 3.20 -9.69
N7 GNP B . -7.04 3.29 -9.88
C5 GNP B . -6.92 3.51 -11.25
C6 GNP B . -5.76 3.70 -12.04
O6 GNP B . -4.57 3.70 -11.68
N1 GNP B . -6.06 3.88 -13.38
C2 GNP B . -7.35 3.90 -13.89
N2 GNP B . -7.45 4.10 -15.21
N3 GNP B . -8.44 3.73 -13.16
C4 GNP B . -8.15 3.55 -11.85
HNB3 GNP B . -11.49 2.24 -1.98
H5'2 GNP B . -11.23 2.12 -7.06
H5'1 GNP B . -10.35 3.60 -7.53
H4' GNP B . -12.82 2.92 -9.03
H3' GNP B . -10.43 1.15 -9.12
HO3' GNP B . -12.78 0.49 -10.28
H2' GNP B . -10.37 1.20 -11.52
HO2' GNP B . -12.11 1.70 -12.70
H1' GNP B . -10.80 3.93 -11.82
H8 GNP B . -8.77 3.03 -8.72
HN1 GNP B . -5.31 4.02 -14.03
HN21 GNP B . -8.36 4.13 -15.66
HN22 GNP B . -6.62 4.23 -15.77
MG MG C . -12.40 -0.33 -3.45
N LEU A 1 7.91 -21.46 6.54
CA LEU A 1 7.64 -20.32 5.65
C LEU A 1 7.09 -19.13 6.43
N ALA A 2 7.69 -17.97 6.24
CA ALA A 2 7.26 -16.76 6.93
C ALA A 2 5.91 -16.28 6.41
N LEU A 3 5.19 -15.54 7.24
CA LEU A 3 3.89 -15.01 6.87
C LEU A 3 3.84 -13.49 7.03
N HIS A 4 3.65 -12.80 5.91
CA HIS A 4 3.59 -11.34 5.93
C HIS A 4 2.19 -10.86 5.57
N LYS A 5 1.81 -9.71 6.12
CA LYS A 5 0.49 -9.14 5.87
C LYS A 5 0.60 -7.68 5.42
N VAL A 6 -0.01 -7.36 4.28
CA VAL A 6 0.02 -6.00 3.74
C VAL A 6 -1.37 -5.38 3.75
N ILE A 7 -1.46 -4.16 4.29
CA ILE A 7 -2.73 -3.45 4.36
C ILE A 7 -2.78 -2.29 3.37
N MET A 8 -3.64 -2.40 2.37
CA MET A 8 -3.78 -1.35 1.37
C MET A 8 -4.34 -0.08 1.99
N VAL A 9 -3.45 0.83 2.38
CA VAL A 9 -3.87 2.09 2.99
C VAL A 9 -3.75 3.23 1.98
N GLY A 10 -4.40 4.35 2.28
CA GLY A 10 -4.35 5.48 1.38
C GLY A 10 -5.31 6.59 1.78
N SER A 11 -5.58 7.49 0.84
CA SER A 11 -6.49 8.60 1.08
C SER A 11 -7.86 8.11 1.51
N GLY A 12 -8.39 7.15 0.75
CA GLY A 12 -9.70 6.59 1.06
C GLY A 12 -10.34 5.97 -0.16
N GLY A 13 -9.84 6.31 -1.34
CA GLY A 13 -10.39 5.76 -2.57
C GLY A 13 -9.60 6.19 -3.79
N VAL A 14 -8.61 5.39 -4.16
CA VAL A 14 -7.78 5.68 -5.33
C VAL A 14 -7.57 4.44 -6.20
N GLY A 15 -8.15 3.32 -5.77
CA GLY A 15 -8.02 2.09 -6.52
C GLY A 15 -7.05 1.11 -5.89
N LYS A 16 -7.09 1.02 -4.56
CA LYS A 16 -6.20 0.11 -3.84
C LYS A 16 -6.51 -1.34 -4.19
N SER A 17 -7.77 -1.72 -4.03
CA SER A 17 -8.22 -3.07 -4.34
C SER A 17 -7.92 -3.43 -5.79
N ALA A 18 -7.92 -2.41 -6.64
CA ALA A 18 -7.64 -2.58 -8.06
C ALA A 18 -6.24 -3.09 -8.25
N LEU A 19 -5.29 -2.38 -7.65
CA LEU A 19 -3.90 -2.78 -7.72
C LEU A 19 -3.77 -4.18 -7.15
N THR A 20 -4.71 -4.53 -6.27
CA THR A 20 -4.73 -5.84 -5.66
C THR A 20 -5.18 -6.91 -6.65
N LEU A 21 -6.16 -6.55 -7.47
CA LEU A 21 -6.69 -7.47 -8.47
C LEU A 21 -5.68 -7.69 -9.59
N GLN A 22 -4.86 -6.67 -9.85
CA GLN A 22 -3.85 -6.74 -10.89
C GLN A 22 -2.66 -7.58 -10.43
N PHE A 23 -2.37 -7.52 -9.14
CA PHE A 23 -1.27 -8.27 -8.56
C PHE A 23 -1.61 -9.75 -8.45
N MET A 24 -2.79 -10.04 -7.92
CA MET A 24 -3.22 -11.43 -7.72
C MET A 24 -3.82 -12.06 -8.98
N TYR A 25 -4.75 -11.36 -9.63
CA TYR A 25 -5.41 -11.90 -10.83
C TYR A 25 -4.78 -11.38 -12.11
N ASP A 26 -4.21 -10.18 -12.06
CA ASP A 26 -3.58 -9.59 -13.23
C ASP A 26 -4.60 -9.45 -14.36
N GLU A 27 -5.67 -8.70 -14.09
CA GLU A 27 -6.73 -8.50 -15.08
C GLU A 27 -7.65 -7.36 -14.65
N PHE A 28 -7.85 -6.40 -15.54
CA PHE A 28 -8.70 -5.26 -15.25
C PHE A 28 -10.17 -5.59 -15.54
N VAL A 29 -10.96 -5.73 -14.48
CA VAL A 29 -12.38 -6.04 -14.63
C VAL A 29 -13.21 -5.18 -13.69
N GLU A 30 -14.42 -4.83 -14.13
CA GLU A 30 -15.32 -4.00 -13.31
C GLU A 30 -15.90 -4.81 -12.15
N ASP A 31 -15.52 -6.08 -12.07
CA ASP A 31 -16.00 -6.95 -11.01
C ASP A 31 -15.37 -6.59 -9.68
N TYR A 32 -16.09 -5.81 -8.88
CA TYR A 32 -15.60 -5.38 -7.58
C TYR A 32 -16.00 -6.36 -6.48
N GLU A 33 -15.18 -6.46 -5.45
CA GLU A 33 -15.45 -7.37 -4.34
C GLU A 33 -15.29 -6.64 -3.01
N PRO A 34 -16.40 -6.25 -2.36
CA PRO A 34 -16.36 -5.55 -1.07
C PRO A 34 -15.78 -6.41 0.04
N THR A 35 -14.80 -5.86 0.75
CA THR A 35 -14.14 -6.59 1.84
C THR A 35 -14.76 -6.23 3.18
N LYS A 36 -14.99 -7.25 4.01
CA LYS A 36 -15.57 -7.05 5.34
C LYS A 36 -14.61 -7.50 6.42
N ALA A 37 -14.07 -8.70 6.26
CA ALA A 37 -13.13 -9.25 7.23
C ALA A 37 -12.33 -10.40 6.62
N ASP A 38 -12.73 -10.81 5.41
CA ASP A 38 -12.06 -11.90 4.71
C ASP A 38 -10.80 -11.39 4.00
N SER A 39 -9.69 -12.08 4.23
CA SER A 39 -8.42 -11.71 3.62
C SER A 39 -8.03 -12.69 2.52
N TYR A 40 -6.96 -12.37 1.80
CA TYR A 40 -6.47 -13.23 0.73
C TYR A 40 -5.11 -13.82 1.10
N ARG A 41 -4.73 -14.89 0.42
CA ARG A 41 -3.45 -15.54 0.70
C ARG A 41 -2.90 -16.22 -0.55
N LYS A 42 -1.63 -15.98 -0.82
CA LYS A 42 -0.96 -16.57 -1.98
C LYS A 42 0.50 -16.89 -1.65
N LYS A 43 1.03 -17.91 -2.30
CA LYS A 43 2.42 -18.33 -2.06
C LYS A 43 3.30 -17.99 -3.26
N VAL A 44 4.31 -17.16 -3.04
CA VAL A 44 5.24 -16.77 -4.09
C VAL A 44 6.68 -16.82 -3.60
N VAL A 45 7.60 -17.11 -4.51
CA VAL A 45 9.02 -17.19 -4.16
C VAL A 45 9.65 -15.79 -4.10
N LEU A 46 10.59 -15.61 -3.17
CA LEU A 46 11.26 -14.34 -3.00
C LEU A 46 12.76 -14.54 -2.77
N ASP A 47 13.56 -14.29 -3.81
CA ASP A 47 15.00 -14.44 -3.72
C ASP A 47 15.38 -15.85 -3.27
N GLY A 48 14.55 -16.83 -3.64
CA GLY A 48 14.80 -18.21 -3.27
C GLY A 48 13.93 -18.67 -2.12
N GLU A 49 13.65 -17.76 -1.20
CA GLU A 49 12.81 -18.08 -0.04
C GLU A 49 11.35 -17.76 -0.33
N GLU A 50 10.51 -18.79 -0.37
CA GLU A 50 9.09 -18.62 -0.64
C GLU A 50 8.32 -18.32 0.64
N VAL A 51 7.64 -17.18 0.65
CA VAL A 51 6.86 -16.77 1.81
C VAL A 51 5.42 -16.46 1.41
N GLN A 52 4.50 -16.62 2.36
CA GLN A 52 3.08 -16.37 2.10
C GLN A 52 2.77 -14.88 2.21
N ILE A 53 1.84 -14.41 1.37
CA ILE A 53 1.46 -13.01 1.36
C ILE A 53 -0.05 -12.87 1.63
N ASP A 54 -0.39 -12.11 2.67
CA ASP A 54 -1.78 -11.88 3.03
C ASP A 54 -2.19 -10.44 2.73
N ILE A 55 -3.10 -10.28 1.79
CA ILE A 55 -3.57 -8.95 1.41
C ILE A 55 -4.97 -8.67 1.95
N LEU A 56 -5.14 -7.49 2.52
CA LEU A 56 -6.43 -7.09 3.08
C LEU A 56 -6.80 -5.68 2.61
N ASP A 57 -7.85 -5.60 1.79
CA ASP A 57 -8.30 -4.33 1.25
C ASP A 57 -9.18 -3.58 2.24
N THR A 58 -9.09 -2.26 2.23
CA THR A 58 -9.89 -1.42 3.13
C THR A 58 -10.63 -0.35 2.36
N ALA A 59 -11.93 -0.54 2.17
CA ALA A 59 -12.76 0.42 1.44
C ALA A 59 -12.95 1.69 2.25
N GLY A 60 -13.63 2.66 1.64
CA GLY A 60 -13.86 3.93 2.31
C GLY A 60 -14.70 3.77 3.57
N LEU A 61 -14.07 3.92 4.73
CA LEU A 61 -14.76 3.79 6.01
C LEU A 61 -15.38 5.11 6.42
N GLU A 62 -15.73 5.94 5.43
CA GLU A 62 -16.35 7.24 5.67
C GLU A 62 -15.40 8.18 6.40
N ASP A 63 -15.32 8.04 7.73
CA ASP A 63 -14.45 8.88 8.54
C ASP A 63 -14.18 8.23 9.89
N TYR A 64 -14.76 7.07 10.11
CA TYR A 64 -14.57 6.35 11.37
C TYR A 64 -13.11 5.98 11.58
N ALA A 65 -12.44 6.72 12.45
CA ALA A 65 -11.03 6.48 12.75
C ALA A 65 -10.86 5.27 13.66
N ALA A 66 -11.94 4.84 14.31
CA ALA A 66 -11.90 3.71 15.21
C ALA A 66 -11.94 2.38 14.46
N ILE A 67 -12.58 2.39 13.29
CA ILE A 67 -12.69 1.17 12.48
C ILE A 67 -11.39 0.88 11.75
N ARG A 68 -10.86 1.88 11.05
CA ARG A 68 -9.60 1.73 10.31
C ARG A 68 -8.45 1.40 11.25
N ASP A 69 -8.46 2.01 12.43
CA ASP A 69 -7.42 1.78 13.42
C ASP A 69 -7.34 0.29 13.76
N ASN A 70 -8.48 -0.39 13.70
CA ASN A 70 -8.53 -1.81 14.00
C ASN A 70 -7.85 -2.62 12.89
N TYR A 71 -7.98 -2.14 11.65
CA TYR A 71 -7.38 -2.81 10.52
C TYR A 71 -5.86 -2.77 10.59
N PHE A 72 -5.32 -1.61 10.96
CA PHE A 72 -3.87 -1.45 11.07
C PHE A 72 -3.30 -2.34 12.16
N ARG A 73 -4.17 -2.83 13.05
CA ARG A 73 -3.76 -3.70 14.14
C ARG A 73 -3.66 -5.15 13.66
N SER A 74 -4.54 -5.52 12.73
CA SER A 74 -4.55 -6.88 12.20
C SER A 74 -3.59 -7.02 11.02
N GLY A 75 -2.76 -6.00 10.82
CA GLY A 75 -1.80 -6.03 9.72
C GLY A 75 -0.39 -5.74 10.18
N GLU A 76 0.58 -6.34 9.49
CA GLU A 76 1.99 -6.14 9.82
C GLU A 76 2.68 -5.27 8.78
N GLY A 77 1.92 -4.87 7.76
CA GLY A 77 2.47 -4.04 6.70
C GLY A 77 1.51 -2.94 6.28
N PHE A 78 2.04 -1.89 5.66
CA PHE A 78 1.23 -0.77 5.21
C PHE A 78 1.65 -0.31 3.82
N LEU A 79 0.67 -0.08 2.95
CA LEU A 79 0.94 0.37 1.59
C LEU A 79 0.14 1.63 1.27
N LEU A 80 0.83 2.78 1.23
CA LEU A 80 0.16 4.05 0.94
C LEU A 80 0.01 4.24 -0.56
N VAL A 81 -1.23 4.44 -1.00
CA VAL A 81 -1.51 4.64 -2.43
C VAL A 81 -2.36 5.89 -2.66
N PHE A 82 -1.97 6.67 -3.66
CA PHE A 82 -2.71 7.87 -4.01
C PHE A 82 -2.66 8.09 -5.52
N SER A 83 -3.73 8.66 -6.07
CA SER A 83 -3.81 8.92 -7.50
C SER A 83 -3.23 10.28 -7.85
N ILE A 84 -2.63 10.37 -9.03
CA ILE A 84 -2.03 11.63 -9.49
C ILE A 84 -3.11 12.59 -9.99
N THR A 85 -4.15 12.04 -10.60
CA THR A 85 -5.24 12.85 -11.11
C THR A 85 -6.09 13.42 -9.98
N GLU A 86 -5.77 13.00 -8.75
CA GLU A 86 -6.48 13.48 -7.57
C GLU A 86 -5.51 13.99 -6.52
N HIS A 87 -5.31 15.30 -6.50
CA HIS A 87 -4.41 15.94 -5.55
C HIS A 87 -4.89 15.72 -4.11
N GLU A 88 -6.15 15.34 -3.97
CA GLU A 88 -6.72 15.10 -2.65
C GLU A 88 -6.19 13.79 -2.07
N SER A 89 -5.81 12.88 -2.96
CA SER A 89 -5.30 11.58 -2.56
C SER A 89 -3.95 11.70 -1.87
N PHE A 90 -2.99 12.36 -2.52
CA PHE A 90 -1.65 12.54 -1.97
C PHE A 90 -1.69 13.24 -0.61
N THR A 91 -2.60 14.19 -0.47
CA THR A 91 -2.73 14.95 0.77
C THR A 91 -3.34 14.10 1.89
N ALA A 92 -4.50 13.51 1.62
CA ALA A 92 -5.19 12.69 2.61
C ALA A 92 -4.34 11.50 3.03
N THR A 93 -3.66 10.90 2.06
CA THR A 93 -2.79 9.75 2.34
C THR A 93 -1.78 10.10 3.42
N ALA A 94 -1.24 11.30 3.33
CA ALA A 94 -0.26 11.79 4.30
C ALA A 94 -0.81 11.74 5.72
N GLU A 95 -2.12 11.92 5.84
CA GLU A 95 -2.78 11.89 7.15
C GLU A 95 -2.76 10.49 7.73
N PHE A 96 -3.13 9.51 6.92
CA PHE A 96 -3.15 8.12 7.35
C PHE A 96 -1.77 7.65 7.80
N ARG A 97 -0.73 8.30 7.27
CA ARG A 97 0.64 7.96 7.62
C ARG A 97 0.83 8.01 9.14
N GLU A 98 0.30 9.04 9.76
CA GLU A 98 0.40 9.20 11.20
C GLU A 98 -0.46 8.17 11.94
N GLN A 99 -1.58 7.81 11.32
CA GLN A 99 -2.50 6.83 11.91
C GLN A 99 -1.83 5.47 12.00
N ILE A 100 -0.93 5.21 11.06
CA ILE A 100 -0.20 3.94 11.01
C ILE A 100 0.62 3.73 12.28
N LEU A 101 1.32 4.78 12.70
CA LEU A 101 2.16 4.71 13.90
C LEU A 101 1.33 4.55 15.17
N ARG A 102 0.09 5.05 15.14
CA ARG A 102 -0.80 4.97 16.29
C ARG A 102 -0.92 3.55 16.82
N VAL A 103 -1.21 2.61 15.92
CA VAL A 103 -1.36 1.21 16.30
C VAL A 103 -0.02 0.58 16.69
N LYS A 104 1.02 0.95 15.96
CA LYS A 104 2.36 0.41 16.23
C LYS A 104 3.16 1.37 17.11
N ALA A 105 2.48 2.03 18.04
CA ALA A 105 3.11 2.98 18.94
C ALA A 105 4.18 2.30 19.79
N GLU A 106 4.20 0.96 19.77
CA GLU A 106 5.17 0.20 20.55
C GLU A 106 6.39 -0.13 19.70
N GLU A 107 6.17 -0.40 18.42
CA GLU A 107 7.27 -0.73 17.51
C GLU A 107 7.96 0.54 16.99
N ASP A 108 9.05 0.36 16.26
CA ASP A 108 9.79 1.48 15.71
C ASP A 108 9.94 1.32 14.20
N LYS A 109 10.40 0.15 13.77
CA LYS A 109 10.58 -0.12 12.35
C LYS A 109 9.26 -0.48 11.70
N ILE A 110 8.62 0.51 11.07
CA ILE A 110 7.33 0.29 10.42
C ILE A 110 7.49 0.22 8.89
N PRO A 111 7.08 -0.91 8.28
CA PRO A 111 7.18 -1.08 6.82
C PRO A 111 6.12 -0.27 6.08
N LEU A 112 6.56 0.57 5.16
CA LEU A 112 5.65 1.40 4.39
C LEU A 112 6.18 1.64 2.97
N LEU A 113 5.28 1.96 2.06
CA LEU A 113 5.66 2.22 0.68
C LEU A 113 4.58 3.06 -0.02
N VAL A 114 5.00 4.19 -0.59
CA VAL A 114 4.08 5.08 -1.27
C VAL A 114 4.12 4.86 -2.78
N VAL A 115 2.97 4.96 -3.42
CA VAL A 115 2.89 4.77 -4.86
C VAL A 115 1.80 5.65 -5.48
N GLY A 116 2.06 6.09 -6.71
CA GLY A 116 1.11 6.94 -7.40
C GLY A 116 0.61 6.28 -8.67
N ASN A 117 -0.63 5.80 -8.64
CA ASN A 117 -1.21 5.14 -9.80
C ASN A 117 -1.72 6.17 -10.79
N LYS A 118 -2.55 5.74 -11.73
CA LYS A 118 -3.10 6.63 -12.74
C LYS A 118 -1.99 7.18 -13.64
N SER A 119 -0.80 6.59 -13.54
CA SER A 119 0.33 7.04 -14.34
C SER A 119 0.01 7.01 -15.83
N ASP A 120 -1.07 6.34 -16.19
CA ASP A 120 -1.49 6.27 -17.59
C ASP A 120 -1.88 7.65 -18.10
N LEU A 121 -1.84 8.64 -17.22
CA LEU A 121 -2.18 10.01 -17.56
C LEU A 121 -1.05 10.95 -17.15
N GLU A 122 -0.01 11.01 -17.97
CA GLU A 122 1.13 11.87 -17.70
C GLU A 122 0.78 13.34 -17.91
N GLU A 123 -0.25 13.58 -18.71
CA GLU A 123 -0.68 14.95 -19.00
C GLU A 123 -1.68 15.43 -17.95
N ARG A 124 -2.13 14.52 -17.10
CA ARG A 124 -3.08 14.86 -16.05
C ARG A 124 -2.48 14.65 -14.66
N ARG A 125 -1.17 14.43 -14.62
CA ARG A 125 -0.47 14.23 -13.35
C ARG A 125 -0.32 15.55 -12.61
N GLN A 126 -1.08 15.71 -11.53
CA GLN A 126 -1.03 16.94 -10.73
C GLN A 126 0.10 16.88 -9.70
N VAL A 127 0.37 15.69 -9.18
CA VAL A 127 1.43 15.52 -8.19
C VAL A 127 2.78 15.27 -8.86
N PRO A 128 3.72 16.23 -8.76
CA PRO A 128 5.05 16.10 -9.35
C PRO A 128 5.79 14.87 -8.82
N VAL A 129 6.74 14.38 -9.59
CA VAL A 129 7.52 13.21 -9.20
C VAL A 129 8.43 13.51 -8.01
N GLU A 130 9.41 14.38 -8.24
CA GLU A 130 10.36 14.75 -7.19
C GLU A 130 9.66 15.25 -5.93
N GLU A 131 8.47 15.82 -6.10
CA GLU A 131 7.71 16.31 -4.96
C GLU A 131 7.14 15.18 -4.13
N ALA A 132 6.58 14.18 -4.82
CA ALA A 132 6.00 13.02 -4.14
C ALA A 132 7.08 12.15 -3.51
N ARG A 133 8.26 12.14 -4.12
CA ARG A 133 9.38 11.35 -3.62
C ARG A 133 10.03 12.01 -2.43
N SER A 134 10.19 13.33 -2.49
CA SER A 134 10.82 14.09 -1.43
C SER A 134 9.97 14.09 -0.16
N LYS A 135 8.69 14.43 -0.30
CA LYS A 135 7.79 14.48 0.84
C LYS A 135 7.66 13.11 1.50
N ALA A 136 7.42 12.09 0.70
CA ALA A 136 7.28 10.72 1.20
C ALA A 136 8.57 10.23 1.84
N GLU A 137 9.69 10.74 1.35
CA GLU A 137 11.00 10.34 1.85
C GLU A 137 11.11 10.63 3.35
N GLU A 138 10.45 11.68 3.81
CA GLU A 138 10.48 12.06 5.21
C GLU A 138 10.05 10.88 6.10
N TRP A 139 9.08 10.12 5.62
CA TRP A 139 8.58 8.96 6.37
C TRP A 139 9.59 7.82 6.35
N GLY A 140 10.47 7.84 5.36
CA GLY A 140 11.48 6.80 5.24
C GLY A 140 11.15 5.78 4.17
N VAL A 141 10.47 6.24 3.11
CA VAL A 141 10.09 5.36 2.01
C VAL A 141 10.45 5.98 0.67
N GLN A 142 10.26 5.21 -0.40
CA GLN A 142 10.54 5.67 -1.74
C GLN A 142 9.27 5.61 -2.59
N TYR A 143 9.00 6.69 -3.31
CA TYR A 143 7.79 6.77 -4.14
C TYR A 143 8.09 6.38 -5.58
N VAL A 144 7.16 5.62 -6.17
CA VAL A 144 7.32 5.17 -7.55
C VAL A 144 6.00 5.34 -8.32
N GLU A 145 6.10 5.49 -9.63
CA GLU A 145 4.93 5.66 -10.49
C GLU A 145 4.40 4.30 -10.96
N THR A 146 3.08 4.18 -11.01
CA THR A 146 2.45 2.93 -11.44
C THR A 146 1.10 3.20 -12.10
N SER A 147 0.50 2.15 -12.65
CA SER A 147 -0.80 2.27 -13.30
C SER A 147 -1.60 0.98 -13.14
N ALA A 148 -2.67 1.06 -12.36
CA ALA A 148 -3.53 -0.10 -12.13
C ALA A 148 -4.20 -0.56 -13.42
N LYS A 149 -4.03 0.22 -14.48
CA LYS A 149 -4.61 -0.10 -15.77
C LYS A 149 -3.64 -0.92 -16.61
N THR A 150 -2.38 -0.46 -16.68
CA THR A 150 -1.36 -1.14 -17.44
C THR A 150 -0.73 -2.27 -16.63
N ARG A 151 -1.07 -2.31 -15.34
CA ARG A 151 -0.56 -3.32 -14.41
C ARG A 151 0.90 -3.66 -14.70
N ALA A 152 1.68 -2.66 -15.11
CA ALA A 152 3.09 -2.85 -15.43
C ALA A 152 3.94 -2.93 -14.16
N ASN A 153 3.85 -1.91 -13.32
CA ASN A 153 4.63 -1.86 -12.09
C ASN A 153 3.73 -1.98 -10.86
N VAL A 154 2.52 -2.48 -11.05
CA VAL A 154 1.57 -2.63 -9.95
C VAL A 154 2.07 -3.64 -8.92
N ASP A 155 2.66 -4.74 -9.40
CA ASP A 155 3.17 -5.78 -8.51
C ASP A 155 4.45 -5.33 -7.81
N LYS A 156 5.06 -4.26 -8.31
CA LYS A 156 6.31 -3.74 -7.74
C LYS A 156 6.13 -3.29 -6.29
N VAL A 157 5.00 -2.69 -5.98
CA VAL A 157 4.75 -2.20 -4.62
C VAL A 157 4.52 -3.35 -3.64
N PHE A 158 4.02 -4.46 -4.17
CA PHE A 158 3.77 -5.64 -3.35
C PHE A 158 5.06 -6.35 -2.99
N PHE A 159 5.91 -6.56 -3.98
CA PHE A 159 7.20 -7.22 -3.77
C PHE A 159 8.16 -6.34 -2.99
N ASP A 160 8.28 -5.08 -3.42
CA ASP A 160 9.19 -4.12 -2.77
C ASP A 160 8.89 -4.03 -1.28
N LEU A 161 7.63 -3.76 -0.95
CA LEU A 161 7.23 -3.65 0.45
C LEU A 161 7.43 -4.97 1.18
N MET A 162 7.20 -6.06 0.48
CA MET A 162 7.37 -7.39 1.06
C MET A 162 8.79 -7.58 1.59
N ARG A 163 9.77 -7.14 0.81
CA ARG A 163 11.17 -7.25 1.19
C ARG A 163 11.49 -6.30 2.34
N GLU A 164 10.84 -5.14 2.34
CA GLU A 164 11.06 -4.15 3.39
C GLU A 164 10.70 -4.70 4.76
N ILE A 165 9.66 -5.53 4.80
CA ILE A 165 9.21 -6.13 6.06
C ILE A 165 10.26 -7.08 6.62
N ARG A 166 10.92 -7.82 5.73
CA ARG A 166 11.94 -8.77 6.14
C ARG A 166 13.25 -8.08 6.53
N THR A 167 13.66 -7.11 5.71
CA THR A 167 14.92 -6.41 5.95
C THR A 167 14.79 -5.20 6.88
N LYS A 168 13.94 -4.24 6.52
CA LYS A 168 13.78 -3.02 7.30
C LYS A 168 13.09 -3.23 8.65
N LYS A 169 11.90 -3.84 8.63
CA LYS A 169 11.14 -4.05 9.86
C LYS A 169 11.88 -4.95 10.85
N MET A 170 12.61 -5.93 10.35
CA MET A 170 13.34 -6.86 11.21
C MET A 170 14.68 -6.30 11.68
N SER A 171 15.38 -5.60 10.80
CA SER A 171 16.70 -5.05 11.15
C SER A 171 16.61 -3.60 11.63
N GLU A 172 16.16 -2.71 10.74
CA GLU A 172 16.04 -1.30 11.07
C GLU A 172 15.52 -0.50 9.88
N ASN A 173 15.24 0.79 10.12
CA ASN A 173 14.74 1.67 9.06
C ASN A 173 15.67 1.66 7.85
N LYS A 174 16.96 1.46 8.10
CA LYS A 174 17.96 1.43 7.04
C LYS A 174 18.38 -0.01 6.74
PG GNP B . -14.31 1.31 -2.44
O1G GNP B . -15.74 1.51 -2.12
O2G GNP B . -13.90 -0.23 -2.33
O3G GNP B . -13.37 2.23 -1.54
N3B GNP B . -13.97 1.73 -4.03
PB GNP B . -12.35 2.07 -4.25
O1B GNP B . -11.91 3.03 -3.21
O2B GNP B . -11.60 0.78 -4.40
O3A GNP B . -12.34 2.81 -5.66
PA GNP B . -12.94 2.09 -6.94
O1A GNP B . -12.90 0.62 -6.73
O2A GNP B . -14.24 2.73 -7.29
O5' GNP B . -11.87 2.46 -8.07
C5' GNP B . -12.05 3.61 -8.89
C4' GNP B . -12.09 3.21 -10.35
O4' GNP B . -11.17 4.05 -11.09
C3' GNP B . -11.64 1.79 -10.64
O3' GNP B . -12.73 0.88 -10.56
C2' GNP B . -11.10 1.89 -12.07
O2' GNP B . -12.13 1.84 -13.03
C1' GNP B . -10.47 3.28 -12.05
N9 GNP B . -9.06 3.29 -11.71
C8 GNP B . -8.50 3.08 -10.48
N7 GNP B . -7.20 3.14 -10.47
C5 GNP B . -6.87 3.42 -11.80
C6 GNP B . -5.60 3.61 -12.41
O6 GNP B . -4.48 3.56 -11.89
N1 GNP B . -5.71 3.87 -13.77
C2 GNP B . -6.91 3.94 -14.45
N2 GNP B . -6.83 4.21 -15.76
N3 GNP B . -8.10 3.77 -13.89
C4 GNP B . -8.01 3.52 -12.57
HNB3 GNP B . -14.50 2.52 -4.27
H5'2 GNP B . -11.22 4.31 -8.73
H5'1 GNP B . -12.98 4.11 -8.63
H4' GNP B . -13.12 3.29 -10.68
H3' GNP B . -10.89 1.44 -9.94
HO3' GNP B . -12.38 0.00 -10.68
H2' GNP B . -10.34 1.12 -12.23
HO2' GNP B . -12.79 1.21 -12.72
H1' GNP B . -10.59 3.79 -13.01
H8 GNP B . -9.08 2.87 -9.59
HN1 GNP B . -4.87 4.01 -14.29
HN21 GNP B . -7.66 4.27 -16.32
HN22 GNP B . -5.92 4.34 -16.19
MG MG C . -12.27 -1.26 -3.57
N LEU A 1 7.91 -21.50 5.65
CA LEU A 1 7.15 -20.44 4.93
C LEU A 1 6.76 -19.31 5.88
N ALA A 2 7.19 -18.10 5.54
CA ALA A 2 6.89 -16.93 6.35
C ALA A 2 5.54 -16.34 5.97
N LEU A 3 4.78 -15.89 6.98
CA LEU A 3 3.47 -15.30 6.74
C LEU A 3 3.51 -13.80 6.98
N HIS A 4 3.53 -13.04 5.89
CA HIS A 4 3.56 -11.58 5.97
C HIS A 4 2.19 -11.00 5.64
N LYS A 5 1.84 -9.89 6.30
CA LYS A 5 0.56 -9.25 6.08
C LYS A 5 0.75 -7.80 5.64
N VAL A 6 0.08 -7.44 4.54
CA VAL A 6 0.16 -6.08 4.00
C VAL A 6 -1.21 -5.42 4.02
N ILE A 7 -1.25 -4.15 4.42
CA ILE A 7 -2.50 -3.40 4.49
C ILE A 7 -2.59 -2.39 3.36
N MET A 8 -3.74 -2.35 2.69
CA MET A 8 -3.95 -1.42 1.59
C MET A 8 -4.45 -0.08 2.13
N VAL A 9 -3.53 0.82 2.42
CA VAL A 9 -3.88 2.13 2.95
C VAL A 9 -3.82 3.20 1.87
N GLY A 10 -4.59 4.26 2.05
CA GLY A 10 -4.61 5.34 1.09
C GLY A 10 -5.51 6.48 1.50
N SER A 11 -5.88 7.32 0.55
CA SER A 11 -6.76 8.46 0.82
C SER A 11 -8.09 7.99 1.40
N GLY A 12 -8.82 7.21 0.60
CA GLY A 12 -10.10 6.69 1.03
C GLY A 12 -10.90 6.12 -0.12
N GLY A 13 -10.79 6.76 -1.28
CA GLY A 13 -11.50 6.30 -2.46
C GLY A 13 -10.65 6.40 -3.72
N VAL A 14 -9.41 5.94 -3.62
CA VAL A 14 -8.49 5.99 -4.75
C VAL A 14 -8.56 4.72 -5.58
N GLY A 15 -8.14 3.61 -4.99
CA GLY A 15 -8.17 2.34 -5.69
C GLY A 15 -7.38 1.26 -4.99
N LYS A 16 -7.42 1.25 -3.66
CA LYS A 16 -6.70 0.27 -2.87
C LYS A 16 -6.96 -1.14 -3.38
N SER A 17 -8.22 -1.46 -3.61
CA SER A 17 -8.62 -2.77 -4.11
C SER A 17 -8.12 -3.01 -5.54
N ALA A 18 -7.98 -1.93 -6.28
CA ALA A 18 -7.53 -2.00 -7.67
C ALA A 18 -6.11 -2.56 -7.74
N LEU A 19 -5.21 -1.94 -6.98
CA LEU A 19 -3.83 -2.42 -6.94
C LEU A 19 -3.81 -3.83 -6.40
N THR A 20 -4.86 -4.14 -5.62
CA THR A 20 -4.99 -5.45 -5.02
C THR A 20 -5.34 -6.52 -6.05
N LEU A 21 -6.27 -6.21 -6.95
CA LEU A 21 -6.70 -7.15 -7.97
C LEU A 21 -5.62 -7.36 -9.02
N GLN A 22 -4.98 -6.28 -9.45
CA GLN A 22 -3.93 -6.37 -10.45
C GLN A 22 -2.83 -7.33 -10.03
N PHE A 23 -2.49 -7.31 -8.75
CA PHE A 23 -1.45 -8.19 -8.23
C PHE A 23 -1.94 -9.63 -8.14
N MET A 24 -3.25 -9.82 -8.02
CA MET A 24 -3.82 -11.16 -7.90
C MET A 24 -4.00 -11.87 -9.25
N TYR A 25 -4.60 -11.19 -10.23
CA TYR A 25 -4.84 -11.82 -11.53
C TYR A 25 -4.14 -11.08 -12.68
N ASP A 26 -3.48 -9.97 -12.37
CA ASP A 26 -2.77 -9.19 -13.40
C ASP A 26 -3.73 -8.73 -14.49
N GLU A 27 -4.99 -8.53 -14.12
CA GLU A 27 -5.99 -8.08 -15.07
C GLU A 27 -6.93 -7.05 -14.44
N PHE A 28 -7.30 -6.04 -15.22
CA PHE A 28 -8.19 -4.99 -14.74
C PHE A 28 -9.64 -5.34 -15.05
N VAL A 29 -10.39 -5.69 -14.00
CA VAL A 29 -11.80 -6.05 -14.16
C VAL A 29 -12.70 -5.04 -13.45
N GLU A 30 -13.84 -4.73 -14.07
CA GLU A 30 -14.79 -3.79 -13.50
C GLU A 30 -15.44 -4.34 -12.24
N ASP A 31 -15.67 -5.65 -12.22
CA ASP A 31 -16.29 -6.30 -11.07
C ASP A 31 -15.43 -6.14 -9.81
N TYR A 32 -16.09 -6.13 -8.66
CA TYR A 32 -15.41 -5.98 -7.38
C TYR A 32 -16.24 -6.57 -6.24
N GLU A 33 -15.68 -6.56 -5.04
CA GLU A 33 -16.37 -7.10 -3.87
C GLU A 33 -15.87 -6.43 -2.59
N PRO A 34 -16.80 -5.98 -1.72
CA PRO A 34 -16.43 -5.31 -0.46
C PRO A 34 -15.71 -6.25 0.50
N THR A 35 -14.89 -5.69 1.37
CA THR A 35 -14.14 -6.48 2.34
C THR A 35 -14.40 -5.99 3.76
N LYS A 36 -14.60 -6.94 4.68
CA LYS A 36 -14.88 -6.62 6.07
C LYS A 36 -13.92 -7.38 6.99
N ALA A 37 -13.46 -8.53 6.55
CA ALA A 37 -12.55 -9.36 7.34
C ALA A 37 -11.89 -10.43 6.49
N ASP A 38 -12.38 -10.59 5.26
CA ASP A 38 -11.83 -11.59 4.35
C ASP A 38 -10.54 -11.10 3.72
N SER A 39 -9.56 -11.97 3.62
CA SER A 39 -8.27 -11.63 3.03
C SER A 39 -7.86 -12.64 1.96
N TYR A 40 -6.82 -12.32 1.21
CA TYR A 40 -6.33 -13.21 0.17
C TYR A 40 -4.99 -13.83 0.56
N ARG A 41 -4.73 -15.03 0.05
CA ARG A 41 -3.49 -15.73 0.35
C ARG A 41 -2.94 -16.43 -0.88
N LYS A 42 -1.64 -16.28 -1.10
CA LYS A 42 -0.97 -16.89 -2.25
C LYS A 42 0.49 -17.16 -1.94
N LYS A 43 1.12 -18.02 -2.73
CA LYS A 43 2.53 -18.36 -2.53
C LYS A 43 3.41 -17.79 -3.62
N VAL A 44 4.48 -17.10 -3.22
CA VAL A 44 5.42 -16.50 -4.16
C VAL A 44 6.85 -16.67 -3.66
N VAL A 45 7.77 -16.87 -4.60
CA VAL A 45 9.18 -17.04 -4.26
C VAL A 45 9.92 -15.72 -4.25
N LEU A 46 10.86 -15.57 -3.32
CA LEU A 46 11.64 -14.34 -3.21
C LEU A 46 13.07 -14.66 -2.75
N ASP A 47 14.03 -14.41 -3.63
CA ASP A 47 15.44 -14.66 -3.31
C ASP A 47 15.66 -16.12 -2.92
N GLY A 48 14.85 -17.01 -3.50
CA GLY A 48 14.99 -18.43 -3.20
C GLY A 48 14.29 -18.82 -1.91
N GLU A 49 13.14 -18.19 -1.65
CA GLU A 49 12.37 -18.49 -0.44
C GLU A 49 10.88 -18.21 -0.67
N GLU A 50 10.08 -19.28 -0.63
CA GLU A 50 8.64 -19.16 -0.83
C GLU A 50 7.92 -18.78 0.46
N VAL A 51 7.17 -17.68 0.41
CA VAL A 51 6.43 -17.21 1.58
C VAL A 51 5.01 -16.83 1.20
N GLN A 52 4.08 -16.99 2.15
CA GLN A 52 2.68 -16.68 1.91
C GLN A 52 2.39 -15.22 2.27
N ILE A 53 1.84 -14.48 1.31
CA ILE A 53 1.50 -13.07 1.54
C ILE A 53 0.00 -12.89 1.67
N ASP A 54 -0.41 -12.10 2.65
CA ASP A 54 -1.83 -11.85 2.89
C ASP A 54 -2.17 -10.38 2.70
N ILE A 55 -3.00 -10.09 1.69
CA ILE A 55 -3.40 -8.72 1.39
C ILE A 55 -4.77 -8.41 1.96
N LEU A 56 -4.91 -7.23 2.56
CA LEU A 56 -6.18 -6.80 3.15
C LEU A 56 -6.61 -5.46 2.56
N ASP A 57 -7.53 -5.50 1.61
CA ASP A 57 -8.02 -4.29 0.97
C ASP A 57 -9.12 -3.64 1.82
N THR A 58 -8.92 -2.36 2.16
CA THR A 58 -9.88 -1.63 2.95
C THR A 58 -10.83 -0.82 2.08
N ALA A 59 -11.88 -0.29 2.69
CA ALA A 59 -12.88 0.50 1.98
C ALA A 59 -13.10 1.85 2.66
N GLY A 60 -14.20 2.51 2.32
CA GLY A 60 -14.49 3.80 2.92
C GLY A 60 -14.67 3.71 4.43
N LEU A 61 -13.57 3.90 5.16
CA LEU A 61 -13.61 3.82 6.62
C LEU A 61 -14.21 5.10 7.22
N GLU A 62 -14.66 6.00 6.35
CA GLU A 62 -15.27 7.25 6.79
C GLU A 62 -16.49 6.98 7.66
N ASP A 63 -17.12 5.83 7.46
CA ASP A 63 -18.30 5.46 8.23
C ASP A 63 -17.98 5.30 9.71
N TYR A 64 -16.73 4.91 9.99
CA TYR A 64 -16.29 4.72 11.37
C TYR A 64 -15.55 5.95 11.88
N ALA A 65 -15.58 6.13 13.20
CA ALA A 65 -14.93 7.28 13.83
C ALA A 65 -13.42 7.07 13.91
N ALA A 66 -13.00 5.95 14.50
CA ALA A 66 -11.59 5.65 14.65
C ALA A 66 -11.35 4.14 14.62
N ILE A 67 -12.39 3.38 14.27
CA ILE A 67 -12.29 1.93 14.21
C ILE A 67 -11.19 1.49 13.25
N ARG A 68 -10.74 2.42 12.40
CA ARG A 68 -9.70 2.15 11.42
C ARG A 68 -8.48 1.48 12.06
N ASP A 69 -8.26 1.75 13.35
CA ASP A 69 -7.13 1.19 14.09
C ASP A 69 -7.13 -0.34 14.01
N ASN A 70 -8.32 -0.93 13.95
CA ASN A 70 -8.46 -2.38 13.89
C ASN A 70 -7.75 -2.96 12.66
N TYR A 71 -7.96 -2.33 11.52
CA TYR A 71 -7.36 -2.79 10.27
C TYR A 71 -5.83 -2.71 10.31
N PHE A 72 -5.30 -1.56 10.66
CA PHE A 72 -3.86 -1.36 10.73
C PHE A 72 -3.22 -2.26 11.77
N ARG A 73 -3.96 -2.55 12.84
CA ARG A 73 -3.46 -3.40 13.92
C ARG A 73 -3.57 -4.88 13.55
N SER A 74 -4.11 -5.15 12.36
CA SER A 74 -4.26 -6.52 11.90
C SER A 74 -3.20 -6.89 10.87
N GLY A 75 -2.23 -6.00 10.71
CA GLY A 75 -1.16 -6.24 9.75
C GLY A 75 0.19 -5.74 10.23
N GLU A 76 1.23 -6.03 9.47
CA GLU A 76 2.58 -5.61 9.81
C GLU A 76 3.12 -4.64 8.77
N GLY A 77 2.65 -4.78 7.53
CA GLY A 77 3.09 -3.91 6.47
C GLY A 77 2.04 -2.89 6.08
N PHE A 78 2.49 -1.77 5.51
CA PHE A 78 1.59 -0.70 5.08
C PHE A 78 1.94 -0.22 3.69
N LEU A 79 0.93 -0.09 2.84
CA LEU A 79 1.15 0.36 1.46
C LEU A 79 0.26 1.56 1.13
N LEU A 80 0.85 2.76 1.15
CA LEU A 80 0.12 3.98 0.85
C LEU A 80 0.02 4.21 -0.66
N VAL A 81 -1.20 4.39 -1.14
CA VAL A 81 -1.42 4.62 -2.57
C VAL A 81 -2.31 5.84 -2.81
N PHE A 82 -2.01 6.57 -3.88
CA PHE A 82 -2.79 7.75 -4.25
C PHE A 82 -2.71 7.99 -5.76
N SER A 83 -3.69 8.69 -6.30
CA SER A 83 -3.72 8.99 -7.73
C SER A 83 -3.16 10.37 -8.02
N ILE A 84 -2.57 10.51 -9.20
CA ILE A 84 -1.99 11.78 -9.61
C ILE A 84 -3.06 12.74 -10.09
N THR A 85 -4.09 12.20 -10.76
CA THR A 85 -5.18 13.02 -11.27
C THR A 85 -6.07 13.52 -10.13
N GLU A 86 -5.77 13.09 -8.91
CA GLU A 86 -6.54 13.49 -7.75
C GLU A 86 -5.61 14.01 -6.65
N HIS A 87 -5.48 15.34 -6.57
CA HIS A 87 -4.63 15.97 -5.57
C HIS A 87 -5.14 15.67 -4.16
N GLU A 88 -6.40 15.25 -4.09
CA GLU A 88 -7.03 14.95 -2.80
C GLU A 88 -6.50 13.64 -2.25
N SER A 89 -6.06 12.76 -3.15
CA SER A 89 -5.53 11.46 -2.77
C SER A 89 -4.22 11.59 -2.00
N PHE A 90 -3.26 12.29 -2.59
CA PHE A 90 -1.95 12.47 -1.97
C PHE A 90 -2.07 13.19 -0.63
N THR A 91 -3.03 14.10 -0.54
CA THR A 91 -3.25 14.88 0.67
C THR A 91 -3.87 14.02 1.78
N ALA A 92 -4.97 13.36 1.46
CA ALA A 92 -5.67 12.51 2.42
C ALA A 92 -4.77 11.36 2.87
N THR A 93 -3.92 10.90 1.97
CA THR A 93 -3.00 9.81 2.27
C THR A 93 -1.98 10.25 3.31
N ALA A 94 -1.65 11.53 3.29
CA ALA A 94 -0.68 12.11 4.21
C ALA A 94 -1.02 11.82 5.67
N GLU A 95 -2.23 12.20 6.07
CA GLU A 95 -2.66 11.98 7.46
C GLU A 95 -2.61 10.50 7.83
N PHE A 96 -3.08 9.65 6.92
CA PHE A 96 -3.08 8.21 7.16
C PHE A 96 -1.67 7.71 7.50
N ARG A 97 -0.66 8.36 6.92
CA ARG A 97 0.73 7.99 7.16
C ARG A 97 1.05 8.08 8.64
N GLU A 98 0.63 9.17 9.27
CA GLU A 98 0.85 9.38 10.69
C GLU A 98 0.01 8.42 11.53
N GLN A 99 -1.19 8.11 11.02
CA GLN A 99 -2.10 7.22 11.72
C GLN A 99 -1.50 5.82 11.88
N ILE A 100 -0.62 5.45 10.96
CA ILE A 100 0.02 4.15 10.99
C ILE A 100 0.92 4.00 12.23
N LEU A 101 1.69 5.04 12.51
CA LEU A 101 2.59 5.04 13.66
C LEU A 101 1.82 5.03 14.97
N ARG A 102 0.60 5.54 14.94
CA ARG A 102 -0.24 5.62 16.14
C ARG A 102 -0.59 4.22 16.64
N VAL A 103 -0.93 3.36 15.69
CA VAL A 103 -1.31 1.98 15.99
C VAL A 103 -0.09 1.08 16.11
N LYS A 104 1.06 1.56 15.68
CA LYS A 104 2.29 0.79 15.75
C LYS A 104 3.39 1.58 16.46
N ALA A 105 3.00 2.37 17.45
CA ALA A 105 3.95 3.18 18.21
C ALA A 105 4.90 2.30 19.03
N GLU A 106 4.58 1.02 19.10
CA GLU A 106 5.41 0.07 19.84
C GLU A 106 6.55 -0.46 18.97
N GLU A 107 6.32 -0.46 17.66
CA GLU A 107 7.32 -0.94 16.72
C GLU A 107 8.09 0.22 16.10
N ASP A 108 9.41 0.12 16.10
CA ASP A 108 10.26 1.16 15.53
C ASP A 108 10.28 1.09 14.00
N LYS A 109 10.74 -0.04 13.49
CA LYS A 109 10.83 -0.24 12.04
C LYS A 109 9.45 -0.52 11.45
N ILE A 110 8.81 0.50 10.89
CA ILE A 110 7.50 0.37 10.28
C ILE A 110 7.61 0.29 8.76
N PRO A 111 7.45 -0.91 8.17
CA PRO A 111 7.53 -1.08 6.72
C PRO A 111 6.45 -0.30 5.98
N LEU A 112 6.87 0.66 5.16
CA LEU A 112 5.94 1.48 4.40
C LEU A 112 6.46 1.72 2.98
N LEU A 113 5.55 1.92 2.04
CA LEU A 113 5.93 2.15 0.65
C LEU A 113 4.84 2.96 -0.06
N VAL A 114 5.23 4.13 -0.56
CA VAL A 114 4.29 5.01 -1.25
C VAL A 114 4.37 4.84 -2.77
N VAL A 115 3.22 4.87 -3.42
CA VAL A 115 3.15 4.73 -4.88
C VAL A 115 2.02 5.55 -5.46
N GLY A 116 2.23 6.07 -6.67
CA GLY A 116 1.21 6.87 -7.32
C GLY A 116 0.73 6.23 -8.60
N ASN A 117 -0.55 5.86 -8.63
CA ASN A 117 -1.13 5.23 -9.80
C ASN A 117 -1.66 6.28 -10.76
N LYS A 118 -2.46 5.86 -11.73
CA LYS A 118 -3.04 6.77 -12.72
C LYS A 118 -1.96 7.32 -13.65
N SER A 119 -0.77 6.74 -13.56
CA SER A 119 0.35 7.18 -14.40
C SER A 119 0.01 7.08 -15.89
N ASP A 120 -1.07 6.38 -16.19
CA ASP A 120 -1.50 6.21 -17.58
C ASP A 120 -1.79 7.57 -18.22
N LEU A 121 -1.87 8.60 -17.38
CA LEU A 121 -2.12 9.95 -17.84
C LEU A 121 -0.97 10.89 -17.46
N GLU A 122 0.05 10.94 -18.30
CA GLU A 122 1.20 11.78 -18.04
C GLU A 122 0.87 13.25 -18.25
N GLU A 123 -0.08 13.52 -19.13
CA GLU A 123 -0.49 14.89 -19.42
C GLU A 123 -1.47 15.42 -18.38
N ARG A 124 -2.15 14.51 -17.69
CA ARG A 124 -3.12 14.90 -16.67
C ARG A 124 -2.53 14.75 -15.27
N ARG A 125 -1.22 14.53 -15.19
CA ARG A 125 -0.55 14.39 -13.91
C ARG A 125 -0.39 15.75 -13.23
N GLN A 126 -1.16 15.97 -12.17
CA GLN A 126 -1.12 17.24 -11.44
C GLN A 126 0.01 17.25 -10.41
N VAL A 127 0.32 16.09 -9.86
CA VAL A 127 1.38 15.98 -8.86
C VAL A 127 2.70 15.51 -9.47
N PRO A 128 3.69 16.40 -9.59
CA PRO A 128 5.00 16.05 -10.16
C PRO A 128 5.67 14.94 -9.35
N VAL A 129 6.20 13.94 -10.05
CA VAL A 129 6.86 12.82 -9.38
C VAL A 129 7.92 13.30 -8.40
N GLU A 130 8.74 14.25 -8.83
CA GLU A 130 9.81 14.80 -7.99
C GLU A 130 9.25 15.33 -6.68
N GLU A 131 8.20 16.13 -6.77
CA GLU A 131 7.57 16.71 -5.59
C GLU A 131 7.00 15.62 -4.69
N ALA A 132 6.57 14.52 -5.31
CA ALA A 132 6.00 13.41 -4.57
C ALA A 132 7.08 12.63 -3.82
N ARG A 133 8.28 12.59 -4.39
CA ARG A 133 9.40 11.88 -3.78
C ARG A 133 10.00 12.67 -2.62
N SER A 134 10.08 13.99 -2.80
CA SER A 134 10.65 14.87 -1.79
C SER A 134 9.82 14.86 -0.50
N LYS A 135 8.49 14.87 -0.65
CA LYS A 135 7.61 14.89 0.51
C LYS A 135 7.49 13.50 1.14
N ALA A 136 7.29 12.48 0.30
CA ALA A 136 7.15 11.11 0.77
C ALA A 136 8.42 10.61 1.44
N GLU A 137 9.57 11.10 0.97
CA GLU A 137 10.85 10.68 1.52
C GLU A 137 10.94 11.05 3.00
N GLU A 138 10.30 12.15 3.36
CA GLU A 138 10.29 12.61 4.76
C GLU A 138 9.86 11.49 5.69
N TRP A 139 8.89 10.71 5.25
CA TRP A 139 8.38 9.60 6.06
C TRP A 139 9.44 8.51 6.22
N GLY A 140 10.33 8.43 5.25
CA GLY A 140 11.39 7.43 5.29
C GLY A 140 11.17 6.32 4.28
N VAL A 141 10.50 6.64 3.18
CA VAL A 141 10.24 5.67 2.13
C VAL A 141 10.61 6.21 0.76
N GLN A 142 10.48 5.35 -0.25
CA GLN A 142 10.78 5.72 -1.63
C GLN A 142 9.51 5.65 -2.47
N TYR A 143 9.22 6.73 -3.18
CA TYR A 143 8.02 6.78 -4.00
C TYR A 143 8.30 6.40 -5.46
N VAL A 144 7.36 5.71 -6.06
CA VAL A 144 7.48 5.27 -7.45
C VAL A 144 6.16 5.40 -8.19
N GLU A 145 6.24 5.62 -9.51
CA GLU A 145 5.05 5.78 -10.32
C GLU A 145 4.59 4.44 -10.87
N THR A 146 3.26 4.25 -10.97
CA THR A 146 2.69 3.02 -11.47
C THR A 146 1.36 3.25 -12.16
N SER A 147 0.82 2.19 -12.77
CA SER A 147 -0.45 2.27 -13.47
C SER A 147 -1.31 1.04 -13.16
N ALA A 148 -2.39 1.27 -12.40
CA ALA A 148 -3.29 0.19 -12.03
C ALA A 148 -4.14 -0.28 -13.22
N LYS A 149 -3.84 0.24 -14.40
CA LYS A 149 -4.57 -0.12 -15.60
C LYS A 149 -3.80 -1.16 -16.41
N THR A 150 -2.51 -0.90 -16.61
CA THR A 150 -1.66 -1.80 -17.38
C THR A 150 -0.96 -2.80 -16.46
N ARG A 151 -1.22 -2.68 -15.15
CA ARG A 151 -0.63 -3.56 -14.13
C ARG A 151 0.80 -3.95 -14.49
N ALA A 152 1.55 -3.00 -15.04
CA ALA A 152 2.92 -3.24 -15.44
C ALA A 152 3.87 -3.23 -14.23
N ASN A 153 3.84 -2.14 -13.47
CA ASN A 153 4.71 -2.00 -12.30
C ASN A 153 3.91 -2.04 -10.99
N VAL A 154 2.73 -2.63 -11.03
CA VAL A 154 1.90 -2.73 -9.84
C VAL A 154 2.52 -3.66 -8.81
N ASP A 155 3.14 -4.75 -9.27
CA ASP A 155 3.77 -5.70 -8.38
C ASP A 155 5.07 -5.15 -7.80
N LYS A 156 5.57 -4.08 -8.40
CA LYS A 156 6.81 -3.44 -7.95
C LYS A 156 6.73 -3.01 -6.50
N VAL A 157 5.56 -2.60 -6.06
CA VAL A 157 5.38 -2.13 -4.68
C VAL A 157 5.18 -3.30 -3.70
N PHE A 158 4.62 -4.40 -4.19
CA PHE A 158 4.38 -5.57 -3.35
C PHE A 158 5.69 -6.30 -3.06
N PHE A 159 6.49 -6.52 -4.10
CA PHE A 159 7.77 -7.21 -3.95
C PHE A 159 8.76 -6.37 -3.17
N ASP A 160 8.82 -5.07 -3.49
CA ASP A 160 9.74 -4.16 -2.82
C ASP A 160 9.44 -4.09 -1.33
N LEU A 161 8.18 -3.82 -0.99
CA LEU A 161 7.78 -3.73 0.40
C LEU A 161 7.99 -5.05 1.12
N MET A 162 7.84 -6.15 0.38
CA MET A 162 8.03 -7.48 0.95
C MET A 162 9.43 -7.65 1.50
N ARG A 163 10.42 -7.16 0.77
CA ARG A 163 11.81 -7.24 1.19
C ARG A 163 12.04 -6.49 2.50
N GLU A 164 11.39 -5.35 2.64
CA GLU A 164 11.52 -4.54 3.84
C GLU A 164 11.01 -5.31 5.06
N ILE A 165 9.84 -5.93 4.92
CA ILE A 165 9.25 -6.69 6.01
C ILE A 165 10.17 -7.82 6.46
N ARG A 166 10.93 -8.36 5.51
CA ARG A 166 11.86 -9.45 5.82
C ARG A 166 13.07 -8.96 6.58
N THR A 167 13.74 -7.96 6.04
CA THR A 167 14.95 -7.41 6.66
C THR A 167 14.66 -6.31 7.69
N LYS A 168 14.02 -5.23 7.24
CA LYS A 168 13.74 -4.08 8.11
C LYS A 168 12.85 -4.43 9.30
N LYS A 169 11.68 -5.01 9.02
CA LYS A 169 10.73 -5.36 10.09
C LYS A 169 11.34 -6.35 11.08
N MET A 170 12.02 -7.38 10.57
CA MET A 170 12.62 -8.39 11.42
C MET A 170 13.89 -7.87 12.09
N SER A 171 14.39 -6.73 11.61
CA SER A 171 15.61 -6.15 12.16
C SER A 171 15.36 -5.63 13.58
N GLU A 172 14.44 -4.67 13.70
CA GLU A 172 14.09 -4.09 14.99
C GLU A 172 15.32 -3.48 15.67
N ASN A 173 16.35 -3.18 14.89
CA ASN A 173 17.57 -2.61 15.43
C ASN A 173 18.28 -1.73 14.39
N LYS A 174 18.52 -2.30 13.21
CA LYS A 174 19.19 -1.58 12.14
C LYS A 174 20.58 -1.12 12.57
PG GNP B . -13.97 2.30 -2.43
O1G GNP B . -14.94 3.09 -3.23
O2G GNP B . -14.15 0.73 -2.66
O3G GNP B . -14.08 2.66 -0.88
N3B GNP B . -12.37 2.65 -2.83
PB GNP B . -12.10 2.54 -4.47
O1B GNP B . -11.13 3.59 -4.86
O2B GNP B . -11.80 1.13 -4.81
O3A GNP B . -13.52 2.91 -5.11
PA GNP B . -13.76 2.78 -6.68
O1A GNP B . -13.55 1.37 -7.07
O2A GNP B . -15.04 3.44 -7.01
O5' GNP B . -12.57 3.66 -7.28
C5' GNP B . -11.48 3.04 -7.95
C4' GNP B . -11.81 2.84 -9.41
O4' GNP B . -11.14 3.89 -10.18
C3' GNP B . -11.33 1.54 -10.02
O3' GNP B . -12.32 0.54 -9.93
C2' GNP B . -11.03 1.91 -11.47
O2' GNP B . -12.20 1.93 -12.26
C1' GNP B . -10.50 3.33 -11.31
N9 GNP B . -9.05 3.40 -11.10
C8 GNP B . -8.38 3.28 -9.91
N7 GNP B . -7.09 3.40 -10.03
C5 GNP B . -6.90 3.61 -11.40
C6 GNP B . -5.70 3.81 -12.13
O6 GNP B . -4.54 3.84 -11.71
N1 GNP B . -5.94 4.00 -13.49
C2 GNP B . -7.20 3.98 -14.06
N2 GNP B . -7.24 4.18 -15.38
N3 GNP B . -8.32 3.80 -13.39
C4 GNP B . -8.09 3.62 -12.06
HNB3 GNP B . -11.78 2.04 -2.35
H5'2 GNP B . -11.26 2.07 -7.50
H5'1 GNP B . -10.59 3.67 -7.87
H4' GNP B . -12.90 2.86 -9.51
H3' GNP B . -10.45 1.14 -9.49
HO3' GNP B . -13.03 0.79 -10.52
H2' GNP B . -10.27 1.25 -11.88
HO2' GNP B . -12.80 1.28 -11.90
H1' GNP B . -10.75 3.96 -12.16
H8 GNP B . -8.87 3.10 -8.96
HN1 GNP B . -5.15 4.15 -14.10
HN21 GNP B . -8.13 4.18 -15.86
HN22 GNP B . -6.38 4.33 -15.91
MG MG C . -12.59 -0.67 -3.62
N LEU A 1 9.45 -20.85 6.32
CA LEU A 1 8.28 -20.10 5.82
C LEU A 1 7.96 -18.91 6.73
N ALA A 2 7.55 -17.81 6.11
CA ALA A 2 7.21 -16.60 6.85
C ALA A 2 5.82 -16.09 6.47
N LEU A 3 5.25 -15.23 7.31
CA LEU A 3 3.93 -14.68 7.05
C LEU A 3 3.93 -13.16 7.14
N HIS A 4 3.68 -12.50 6.02
CA HIS A 4 3.66 -11.04 5.98
C HIS A 4 2.26 -10.56 5.62
N LYS A 5 1.83 -9.46 6.23
CA LYS A 5 0.50 -8.90 5.96
C LYS A 5 0.60 -7.48 5.42
N VAL A 6 0.39 -7.35 4.10
CA VAL A 6 0.45 -6.05 3.45
C VAL A 6 -0.96 -5.46 3.32
N ILE A 7 -1.14 -4.26 3.85
CA ILE A 7 -2.43 -3.58 3.80
C ILE A 7 -2.41 -2.42 2.82
N MET A 8 -3.37 -2.42 1.89
CA MET A 8 -3.47 -1.35 0.90
C MET A 8 -4.11 -0.12 1.52
N VAL A 9 -3.30 0.77 2.07
CA VAL A 9 -3.79 1.99 2.70
C VAL A 9 -3.75 3.16 1.72
N GLY A 10 -4.59 4.16 1.96
CA GLY A 10 -4.64 5.32 1.10
C GLY A 10 -5.50 6.43 1.67
N SER A 11 -5.94 7.34 0.81
CA SER A 11 -6.77 8.46 1.22
C SER A 11 -8.09 7.96 1.79
N GLY A 12 -8.73 7.04 1.06
CA GLY A 12 -10.00 6.49 1.50
C GLY A 12 -10.97 6.31 0.35
N GLY A 13 -10.44 6.02 -0.83
CA GLY A 13 -11.28 5.82 -2.00
C GLY A 13 -10.54 6.00 -3.31
N VAL A 14 -9.28 5.55 -3.33
CA VAL A 14 -8.46 5.67 -4.53
C VAL A 14 -8.52 4.39 -5.38
N GLY A 15 -8.15 3.27 -4.77
CA GLY A 15 -8.17 2.01 -5.47
C GLY A 15 -7.34 0.94 -4.79
N LYS A 16 -7.44 0.89 -3.47
CA LYS A 16 -6.69 -0.09 -2.67
C LYS A 16 -6.88 -1.49 -3.23
N SER A 17 -8.08 -1.75 -3.73
CA SER A 17 -8.44 -3.04 -4.30
C SER A 17 -7.96 -3.17 -5.75
N ALA A 18 -7.88 -2.03 -6.43
CA ALA A 18 -7.49 -1.99 -7.82
C ALA A 18 -6.09 -2.58 -8.00
N LEU A 19 -5.14 -2.08 -7.23
CA LEU A 19 -3.78 -2.59 -7.29
C LEU A 19 -3.80 -4.04 -6.81
N THR A 20 -4.81 -4.36 -6.00
CA THR A 20 -4.94 -5.70 -5.46
C THR A 20 -5.33 -6.70 -6.54
N LEU A 21 -6.27 -6.32 -7.40
CA LEU A 21 -6.73 -7.19 -8.47
C LEU A 21 -5.67 -7.34 -9.56
N GLN A 22 -4.89 -6.28 -9.77
CA GLN A 22 -3.84 -6.29 -10.79
C GLN A 22 -2.65 -7.15 -10.35
N PHE A 23 -2.43 -7.23 -9.05
CA PHE A 23 -1.32 -8.01 -8.52
C PHE A 23 -1.59 -9.51 -8.63
N MET A 24 -2.77 -9.94 -8.21
CA MET A 24 -3.12 -11.36 -8.23
C MET A 24 -3.63 -11.83 -9.60
N TYR A 25 -4.56 -11.10 -10.18
CA TYR A 25 -5.13 -11.48 -11.48
C TYR A 25 -4.31 -10.96 -12.66
N ASP A 26 -3.53 -9.91 -12.43
CA ASP A 26 -2.70 -9.33 -13.49
C ASP A 26 -3.58 -8.91 -14.66
N GLU A 27 -4.83 -8.60 -14.38
CA GLU A 27 -5.77 -8.19 -15.40
C GLU A 27 -6.65 -7.03 -14.93
N PHE A 28 -7.08 -6.20 -15.87
CA PHE A 28 -7.93 -5.06 -15.56
C PHE A 28 -9.38 -5.39 -15.87
N VAL A 29 -10.16 -5.62 -14.83
CA VAL A 29 -11.58 -5.95 -14.97
C VAL A 29 -12.44 -5.15 -14.01
N GLU A 30 -13.63 -4.75 -14.47
CA GLU A 30 -14.55 -3.98 -13.65
C GLU A 30 -15.30 -4.90 -12.69
N ASP A 31 -14.91 -4.86 -11.42
CA ASP A 31 -15.54 -5.69 -10.40
C ASP A 31 -15.51 -4.99 -9.04
N TYR A 32 -16.55 -5.22 -8.25
CA TYR A 32 -16.65 -4.62 -6.91
C TYR A 32 -17.02 -5.67 -5.88
N GLU A 33 -16.02 -6.12 -5.11
CA GLU A 33 -16.25 -7.13 -4.09
C GLU A 33 -16.12 -6.52 -2.69
N PRO A 34 -17.24 -6.38 -1.95
CA PRO A 34 -17.22 -5.81 -0.61
C PRO A 34 -16.28 -6.55 0.33
N THR A 35 -15.67 -5.82 1.26
CA THR A 35 -14.74 -6.41 2.22
C THR A 35 -15.47 -7.23 3.27
N LYS A 36 -15.54 -8.55 3.06
CA LYS A 36 -16.20 -9.44 3.99
C LYS A 36 -15.22 -9.96 5.04
N ALA A 37 -14.23 -9.15 5.36
CA ALA A 37 -13.21 -9.50 6.35
C ALA A 37 -12.38 -10.70 5.87
N ASP A 38 -12.50 -11.02 4.58
CA ASP A 38 -11.76 -12.13 4.01
C ASP A 38 -10.46 -11.63 3.36
N SER A 39 -9.35 -12.26 3.72
CA SER A 39 -8.05 -11.87 3.19
C SER A 39 -7.52 -12.93 2.22
N TYR A 40 -6.64 -12.51 1.32
CA TYR A 40 -6.05 -13.41 0.33
C TYR A 40 -4.69 -13.90 0.80
N ARG A 41 -4.29 -15.07 0.33
CA ARG A 41 -3.01 -15.65 0.71
C ARG A 41 -2.47 -16.53 -0.40
N LYS A 42 -1.18 -16.35 -0.71
CA LYS A 42 -0.52 -17.13 -1.76
C LYS A 42 0.97 -17.24 -1.50
N LYS A 43 1.52 -18.42 -1.72
CA LYS A 43 2.94 -18.66 -1.51
C LYS A 43 3.77 -18.13 -2.68
N VAL A 44 4.68 -17.21 -2.38
CA VAL A 44 5.53 -16.62 -3.40
C VAL A 44 7.01 -16.69 -2.99
N VAL A 45 7.88 -16.98 -3.96
CA VAL A 45 9.30 -17.09 -3.70
C VAL A 45 9.97 -15.71 -3.74
N LEU A 46 10.95 -15.51 -2.86
CA LEU A 46 11.66 -14.25 -2.78
C LEU A 46 13.14 -14.47 -2.46
N ASP A 47 14.00 -14.28 -3.45
CA ASP A 47 15.44 -14.45 -3.27
C ASP A 47 15.75 -15.86 -2.77
N GLY A 48 14.91 -16.82 -3.18
CA GLY A 48 15.12 -18.20 -2.76
C GLY A 48 14.22 -18.59 -1.60
N GLU A 49 13.88 -17.61 -0.76
CA GLU A 49 13.03 -17.86 0.38
C GLU A 49 11.57 -17.58 0.04
N GLU A 50 10.75 -18.63 0.05
CA GLU A 50 9.34 -18.50 -0.26
C GLU A 50 8.55 -18.08 0.98
N VAL A 51 7.93 -16.91 0.91
CA VAL A 51 7.13 -16.39 2.01
C VAL A 51 5.70 -16.13 1.59
N GLN A 52 4.77 -16.31 2.52
CA GLN A 52 3.35 -16.10 2.24
C GLN A 52 2.99 -14.62 2.38
N ILE A 53 2.13 -14.15 1.47
CA ILE A 53 1.69 -12.77 1.48
C ILE A 53 0.20 -12.66 1.80
N ASP A 54 -0.15 -11.70 2.66
CA ASP A 54 -1.54 -11.50 3.04
C ASP A 54 -2.03 -10.12 2.60
N ILE A 55 -2.97 -10.09 1.67
CA ILE A 55 -3.51 -8.84 1.17
C ILE A 55 -4.98 -8.67 1.57
N LEU A 56 -5.32 -7.47 2.04
CA LEU A 56 -6.68 -7.17 2.46
C LEU A 56 -7.04 -5.73 2.13
N ASP A 57 -7.99 -5.54 1.22
CA ASP A 57 -8.43 -4.20 0.82
C ASP A 57 -9.58 -3.73 1.70
N THR A 58 -9.76 -2.41 1.75
CA THR A 58 -10.83 -1.82 2.55
C THR A 58 -11.50 -0.67 1.81
N ALA A 59 -12.75 -0.38 2.18
CA ALA A 59 -13.50 0.70 1.55
C ALA A 59 -13.27 2.02 2.28
N GLY A 60 -13.99 3.06 1.86
CA GLY A 60 -13.85 4.35 2.50
C GLY A 60 -14.65 4.47 3.78
N LEU A 61 -13.96 4.70 4.89
CA LEU A 61 -14.61 4.82 6.19
C LEU A 61 -15.04 6.27 6.45
N GLU A 62 -14.06 7.15 6.63
CA GLU A 62 -14.31 8.56 6.89
C GLU A 62 -15.00 8.76 8.24
N ASP A 63 -16.30 8.50 8.29
CA ASP A 63 -17.07 8.66 9.51
C ASP A 63 -16.50 7.79 10.64
N TYR A 64 -15.79 6.74 10.26
CA TYR A 64 -15.19 5.82 11.23
C TYR A 64 -13.69 6.04 11.33
N ALA A 65 -13.30 7.05 12.11
CA ALA A 65 -11.90 7.39 12.29
C ALA A 65 -11.22 6.43 13.26
N ALA A 66 -12.02 5.69 14.03
CA ALA A 66 -11.50 4.75 15.02
C ALA A 66 -11.32 3.36 14.42
N ILE A 67 -12.38 2.85 13.79
CA ILE A 67 -12.36 1.52 13.18
C ILE A 67 -11.20 1.38 12.20
N ARG A 68 -10.86 2.45 11.50
CA ARG A 68 -9.76 2.43 10.53
C ARG A 68 -8.46 1.99 11.19
N ASP A 69 -8.24 2.43 12.43
CA ASP A 69 -7.03 2.09 13.17
C ASP A 69 -6.99 0.61 13.50
N ASN A 70 -8.17 0.03 13.72
CA ASN A 70 -8.29 -1.38 14.06
C ASN A 70 -7.66 -2.27 12.99
N TYR A 71 -7.77 -1.84 11.73
CA TYR A 71 -7.20 -2.60 10.60
C TYR A 71 -5.67 -2.58 10.63
N PHE A 72 -5.10 -1.40 10.80
CA PHE A 72 -3.66 -1.23 10.83
C PHE A 72 -3.02 -2.07 11.93
N ARG A 73 -3.82 -2.44 12.92
CA ARG A 73 -3.32 -3.24 14.04
C ARG A 73 -3.23 -4.72 13.66
N SER A 74 -4.15 -5.16 12.80
CA SER A 74 -4.17 -6.54 12.35
C SER A 74 -3.18 -6.77 11.20
N GLY A 75 -2.53 -5.69 10.77
CA GLY A 75 -1.57 -5.79 9.69
C GLY A 75 -0.17 -5.39 10.12
N GLU A 76 0.84 -5.93 9.43
CA GLU A 76 2.23 -5.63 9.74
C GLU A 76 2.77 -4.56 8.79
N GLY A 77 2.64 -4.81 7.49
CA GLY A 77 3.13 -3.86 6.50
C GLY A 77 2.05 -2.91 6.05
N PHE A 78 2.46 -1.78 5.47
CA PHE A 78 1.51 -0.77 4.99
C PHE A 78 1.92 -0.26 3.60
N LEU A 79 0.92 -0.05 2.76
CA LEU A 79 1.16 0.45 1.40
C LEU A 79 0.26 1.64 1.09
N LEU A 80 0.82 2.85 1.11
CA LEU A 80 0.06 4.05 0.83
C LEU A 80 -0.07 4.28 -0.67
N VAL A 81 -1.30 4.50 -1.14
CA VAL A 81 -1.55 4.72 -2.56
C VAL A 81 -2.52 5.88 -2.78
N PHE A 82 -2.17 6.77 -3.71
CA PHE A 82 -3.03 7.89 -4.05
C PHE A 82 -3.05 8.10 -5.55
N SER A 83 -4.06 8.81 -6.04
CA SER A 83 -4.20 9.08 -7.46
C SER A 83 -3.69 10.47 -7.82
N ILE A 84 -2.83 10.52 -8.82
CA ILE A 84 -2.27 11.78 -9.28
C ILE A 84 -3.36 12.70 -9.80
N THR A 85 -4.38 12.10 -10.40
CA THR A 85 -5.50 12.86 -10.94
C THR A 85 -6.34 13.44 -9.80
N GLU A 86 -6.20 12.84 -8.61
CA GLU A 86 -6.93 13.28 -7.44
C GLU A 86 -5.96 13.84 -6.39
N HIS A 87 -5.73 15.14 -6.44
CA HIS A 87 -4.83 15.80 -5.50
C HIS A 87 -5.33 15.66 -4.07
N GLU A 88 -6.60 15.30 -3.93
CA GLU A 88 -7.21 15.15 -2.62
C GLU A 88 -6.69 13.90 -1.93
N SER A 89 -6.28 12.93 -2.73
CA SER A 89 -5.77 11.67 -2.22
C SER A 89 -4.38 11.84 -1.62
N PHE A 90 -3.51 12.53 -2.37
CA PHE A 90 -2.15 12.78 -1.92
C PHE A 90 -2.11 13.36 -0.50
N THR A 91 -3.00 14.30 -0.25
CA THR A 91 -3.08 14.97 1.05
C THR A 91 -3.65 14.05 2.13
N ALA A 92 -4.83 13.50 1.85
CA ALA A 92 -5.50 12.62 2.81
C ALA A 92 -4.61 11.44 3.17
N THR A 93 -3.90 10.92 2.18
CA THR A 93 -3.00 9.80 2.39
C THR A 93 -1.90 10.18 3.37
N ALA A 94 -1.53 11.46 3.36
CA ALA A 94 -0.50 11.96 4.24
C ALA A 94 -0.90 11.87 5.71
N GLU A 95 -2.19 12.08 5.97
CA GLU A 95 -2.72 12.02 7.33
C GLU A 95 -2.64 10.60 7.88
N PHE A 96 -2.95 9.63 7.03
CA PHE A 96 -2.92 8.22 7.44
C PHE A 96 -1.53 7.80 7.86
N ARG A 97 -0.52 8.49 7.35
CA ARG A 97 0.87 8.19 7.69
C ARG A 97 1.07 8.15 9.20
N GLU A 98 0.57 9.18 9.88
CA GLU A 98 0.68 9.26 11.34
C GLU A 98 -0.23 8.24 12.01
N GLN A 99 -1.41 8.03 11.43
CA GLN A 99 -2.38 7.09 11.98
C GLN A 99 -1.81 5.68 12.03
N ILE A 100 -0.97 5.35 11.07
CA ILE A 100 -0.34 4.04 11.00
C ILE A 100 0.50 3.76 12.25
N LEU A 101 1.17 4.79 12.73
CA LEU A 101 2.02 4.67 13.90
C LEU A 101 1.20 4.39 15.17
N ARG A 102 -0.06 4.81 15.16
CA ARG A 102 -0.94 4.61 16.32
C ARG A 102 -0.93 3.17 16.80
N VAL A 103 -1.13 2.24 15.88
CA VAL A 103 -1.14 0.81 16.21
C VAL A 103 0.25 0.30 16.56
N LYS A 104 1.24 0.73 15.79
CA LYS A 104 2.62 0.30 16.02
C LYS A 104 3.36 1.31 16.91
N ALA A 105 2.66 1.81 17.92
CA ALA A 105 3.24 2.78 18.85
C ALA A 105 4.36 2.16 19.68
N GLU A 106 4.34 0.83 19.80
CA GLU A 106 5.35 0.12 20.57
C GLU A 106 6.45 -0.42 19.66
N GLU A 107 6.19 -0.43 18.35
CA GLU A 107 7.16 -0.92 17.39
C GLU A 107 7.95 0.23 16.78
N ASP A 108 9.21 -0.06 16.41
CA ASP A 108 10.08 0.95 15.83
C ASP A 108 10.12 0.82 14.31
N LYS A 109 10.43 -0.38 13.84
CA LYS A 109 10.50 -0.65 12.41
C LYS A 109 9.12 -0.71 11.79
N ILE A 110 8.79 0.31 11.00
CA ILE A 110 7.49 0.37 10.35
C ILE A 110 7.63 0.32 8.82
N PRO A 111 7.35 -0.85 8.20
CA PRO A 111 7.46 -1.01 6.75
C PRO A 111 6.38 -0.23 6.00
N LEU A 112 6.80 0.70 5.15
CA LEU A 112 5.87 1.52 4.37
C LEU A 112 6.36 1.69 2.94
N LEU A 113 5.46 2.10 2.06
CA LEU A 113 5.80 2.31 0.65
C LEU A 113 4.69 3.06 -0.05
N VAL A 114 5.00 4.24 -0.56
CA VAL A 114 4.01 5.06 -1.26
C VAL A 114 4.03 4.81 -2.76
N VAL A 115 2.84 4.79 -3.36
CA VAL A 115 2.70 4.55 -4.79
C VAL A 115 1.58 5.40 -5.38
N GLY A 116 1.79 5.88 -6.60
CA GLY A 116 0.78 6.69 -7.25
C GLY A 116 0.26 6.05 -8.52
N ASN A 117 -1.06 5.82 -8.57
CA ASN A 117 -1.68 5.21 -9.72
C ASN A 117 -2.16 6.27 -10.71
N LYS A 118 -2.99 5.88 -11.67
CA LYS A 118 -3.51 6.81 -12.66
C LYS A 118 -2.38 7.40 -13.51
N SER A 119 -1.20 6.79 -13.43
CA SER A 119 -0.04 7.27 -14.19
C SER A 119 -0.32 7.24 -15.69
N ASP A 120 -1.38 6.53 -16.08
CA ASP A 120 -1.76 6.43 -17.48
C ASP A 120 -2.16 7.79 -18.02
N LEU A 121 -2.28 8.78 -17.12
CA LEU A 121 -2.67 10.13 -17.48
C LEU A 121 -1.58 11.13 -17.11
N GLU A 122 -0.59 11.27 -17.97
CA GLU A 122 0.52 12.20 -17.72
C GLU A 122 0.06 13.65 -17.89
N GLU A 123 -0.83 13.87 -18.86
CA GLU A 123 -1.34 15.22 -19.13
C GLU A 123 -2.30 15.68 -18.04
N ARG A 124 -2.67 14.76 -17.15
CA ARG A 124 -3.59 15.09 -16.07
C ARG A 124 -2.91 14.99 -14.71
N ARG A 125 -1.64 14.58 -14.72
CA ARG A 125 -0.88 14.44 -13.48
C ARG A 125 -0.67 15.80 -12.82
N GLN A 126 -1.35 16.03 -11.71
CA GLN A 126 -1.24 17.30 -10.99
C GLN A 126 -0.02 17.32 -10.08
N VAL A 127 0.35 16.17 -9.54
CA VAL A 127 1.51 16.07 -8.66
C VAL A 127 2.72 15.50 -9.39
N PRO A 128 3.77 16.31 -9.61
CA PRO A 128 4.98 15.85 -10.28
C PRO A 128 5.65 14.72 -9.52
N VAL A 129 6.03 13.66 -10.23
CA VAL A 129 6.67 12.52 -9.60
C VAL A 129 7.89 12.95 -8.80
N GLU A 130 8.68 13.85 -9.37
CA GLU A 130 9.89 14.34 -8.70
C GLU A 130 9.54 14.96 -7.34
N GLU A 131 8.52 15.80 -7.33
CA GLU A 131 8.09 16.45 -6.09
C GLU A 131 7.60 15.43 -5.08
N ALA A 132 6.90 14.42 -5.59
CA ALA A 132 6.37 13.35 -4.75
C ALA A 132 7.48 12.53 -4.11
N ARG A 133 8.61 12.44 -4.81
CA ARG A 133 9.76 11.68 -4.31
C ARG A 133 10.30 12.26 -3.01
N SER A 134 10.57 13.56 -3.02
CA SER A 134 11.11 14.25 -1.85
C SER A 134 10.19 14.04 -0.63
N LYS A 135 8.89 14.15 -0.86
CA LYS A 135 7.92 13.97 0.21
C LYS A 135 7.98 12.56 0.77
N ALA A 136 7.97 11.57 -0.12
CA ALA A 136 8.01 10.18 0.30
C ALA A 136 9.23 9.88 1.16
N GLU A 137 10.39 10.33 0.69
CA GLU A 137 11.64 10.11 1.41
C GLU A 137 11.54 10.56 2.86
N GLU A 138 10.73 11.60 3.12
CA GLU A 138 10.55 12.10 4.48
C GLU A 138 10.20 10.99 5.45
N TRP A 139 9.23 10.16 5.07
CA TRP A 139 8.82 9.04 5.91
C TRP A 139 9.87 7.93 5.89
N GLY A 140 10.77 8.00 4.92
CA GLY A 140 11.82 7.01 4.80
C GLY A 140 11.50 5.98 3.73
N VAL A 141 10.59 6.33 2.83
CA VAL A 141 10.19 5.43 1.75
C VAL A 141 10.49 6.04 0.39
N GLN A 142 10.24 5.25 -0.65
CA GLN A 142 10.46 5.70 -2.01
C GLN A 142 9.15 5.65 -2.79
N TYR A 143 8.82 6.75 -3.48
CA TYR A 143 7.59 6.82 -4.25
C TYR A 143 7.82 6.43 -5.70
N VAL A 144 6.93 5.62 -6.23
CA VAL A 144 7.02 5.17 -7.62
C VAL A 144 5.70 5.35 -8.35
N GLU A 145 5.78 5.50 -9.68
CA GLU A 145 4.58 5.67 -10.50
C GLU A 145 4.07 4.32 -10.96
N THR A 146 2.74 4.17 -11.02
CA THR A 146 2.12 2.92 -11.44
C THR A 146 0.81 3.16 -12.17
N SER A 147 0.33 2.13 -12.86
CA SER A 147 -0.92 2.22 -13.60
C SER A 147 -1.70 0.92 -13.46
N ALA A 148 -2.83 0.98 -12.75
CA ALA A 148 -3.65 -0.21 -12.54
C ALA A 148 -4.24 -0.71 -13.86
N LYS A 149 -3.94 -0.03 -14.95
CA LYS A 149 -4.44 -0.42 -16.26
C LYS A 149 -3.37 -1.19 -17.03
N THR A 150 -2.11 -0.79 -16.87
CA THR A 150 -1.01 -1.44 -17.56
C THR A 150 -0.30 -2.45 -16.65
N ARG A 151 -0.72 -2.50 -15.39
CA ARG A 151 -0.15 -3.42 -14.40
C ARG A 151 1.35 -3.63 -14.63
N ALA A 152 2.05 -2.56 -14.98
CA ALA A 152 3.48 -2.63 -15.23
C ALA A 152 4.30 -2.68 -13.94
N ASN A 153 4.09 -1.71 -13.06
CA ASN A 153 4.84 -1.66 -11.80
C ASN A 153 3.95 -1.93 -10.59
N VAL A 154 2.69 -2.31 -10.83
CA VAL A 154 1.78 -2.58 -9.73
C VAL A 154 2.29 -3.75 -8.89
N ASP A 155 2.80 -4.78 -9.54
CA ASP A 155 3.34 -5.94 -8.84
C ASP A 155 4.69 -5.62 -8.18
N LYS A 156 5.35 -4.59 -8.68
CA LYS A 156 6.65 -4.19 -8.17
C LYS A 156 6.55 -3.58 -6.76
N VAL A 157 5.42 -2.92 -6.48
CA VAL A 157 5.22 -2.28 -5.19
C VAL A 157 4.93 -3.32 -4.09
N PHE A 158 4.33 -4.44 -4.48
CA PHE A 158 4.00 -5.49 -3.53
C PHE A 158 5.26 -6.26 -3.12
N PHE A 159 6.08 -6.61 -4.10
CA PHE A 159 7.30 -7.35 -3.85
C PHE A 159 8.35 -6.47 -3.16
N ASP A 160 8.36 -5.19 -3.53
CA ASP A 160 9.31 -4.25 -2.95
C ASP A 160 9.14 -4.14 -1.44
N LEU A 161 7.90 -3.87 -1.00
CA LEU A 161 7.61 -3.75 0.41
C LEU A 161 7.83 -5.07 1.14
N MET A 162 7.56 -6.17 0.46
CA MET A 162 7.73 -7.49 1.04
C MET A 162 9.17 -7.69 1.54
N ARG A 163 10.12 -7.29 0.71
CA ARG A 163 11.53 -7.41 1.05
C ARG A 163 11.88 -6.54 2.26
N GLU A 164 11.22 -5.40 2.35
CA GLU A 164 11.44 -4.46 3.45
C GLU A 164 10.89 -4.99 4.77
N ILE A 165 9.82 -5.77 4.69
CA ILE A 165 9.19 -6.32 5.89
C ILE A 165 10.08 -7.38 6.53
N ARG A 166 10.63 -8.27 5.72
CA ARG A 166 11.49 -9.33 6.21
C ARG A 166 12.87 -8.82 6.61
N THR A 167 13.31 -7.76 5.95
CA THR A 167 14.61 -7.18 6.24
C THR A 167 14.58 -6.13 7.35
N LYS A 168 13.80 -5.08 7.16
CA LYS A 168 13.71 -3.99 8.12
C LYS A 168 12.98 -4.37 9.41
N LYS A 169 11.77 -4.89 9.28
CA LYS A 169 10.97 -5.26 10.46
C LYS A 169 11.65 -6.34 11.30
N MET A 170 12.02 -7.45 10.67
CA MET A 170 12.66 -8.56 11.36
C MET A 170 13.97 -8.14 12.05
N SER A 171 14.48 -6.96 11.70
CA SER A 171 15.71 -6.46 12.30
C SER A 171 15.50 -6.09 13.77
N GLU A 172 14.62 -5.13 14.01
CA GLU A 172 14.32 -4.68 15.36
C GLU A 172 15.58 -4.19 16.06
N ASN A 173 16.59 -3.83 15.27
CA ASN A 173 17.86 -3.35 15.81
C ASN A 173 17.66 -2.07 16.62
N LYS A 174 17.37 -0.97 15.92
CA LYS A 174 17.17 0.31 16.57
C LYS A 174 15.85 0.33 17.34
PG GNP B . -13.94 2.18 -2.85
O1G GNP B . -15.04 2.77 -3.67
O2G GNP B . -13.97 0.58 -2.88
O3G GNP B . -13.97 2.73 -1.35
N3B GNP B . -12.43 2.63 -3.43
PB GNP B . -12.25 2.32 -5.07
O1B GNP B . -11.43 3.39 -5.67
O2B GNP B . -11.82 0.91 -5.23
O3A GNP B . -13.74 2.45 -5.63
PA GNP B . -14.08 1.94 -7.10
O1A GNP B . -13.68 0.50 -7.20
O2A GNP B . -15.47 2.32 -7.42
O5' GNP B . -13.08 2.80 -7.99
C5' GNP B . -12.39 2.22 -9.09
C4' GNP B . -12.69 2.97 -10.36
O4' GNP B . -11.52 3.76 -10.72
C3' GNP B . -12.97 2.11 -11.59
O3' GNP B . -13.81 2.79 -12.51
C2' GNP B . -11.58 1.88 -12.15
O2' GNP B . -11.61 1.64 -13.55
C1' GNP B . -10.92 3.23 -11.88
N9 GNP B . -9.48 3.13 -11.64
C8 GNP B . -8.86 2.83 -10.46
N7 GNP B . -7.56 2.83 -10.54
C5 GNP B . -7.29 3.14 -11.87
C6 GNP B . -6.07 3.28 -12.55
O6 GNP B . -4.92 3.15 -12.11
N1 GNP B . -6.26 3.60 -13.89
C2 GNP B . -7.49 3.76 -14.50
N2 GNP B . -7.46 4.07 -15.80
N3 GNP B . -8.64 3.64 -13.86
C4 GNP B . -8.48 3.32 -12.56
HNB3 GNP B . -11.73 2.15 -2.92
H5'2 GNP B . -12.69 1.18 -9.21
H5'1 GNP B . -11.31 2.25 -8.91
H4' GNP B . -13.58 3.57 -10.18
H3' GNP B . -13.48 1.19 -11.32
HO3' GNP B . -13.35 3.57 -12.80
H2' GNP B . -11.08 1.07 -11.61
HO2' GNP B . -11.49 2.48 -13.99
H1' GNP B . -11.08 3.93 -12.69
H8 GNP B . -9.39 2.63 -9.54
HN1 GNP B . -5.43 3.72 -14.47
HN21 GNP B . -8.32 4.21 -16.30
HN22 GNP B . -6.58 4.17 -16.29
MG MG C . -12.32 -0.76 -3.75
N LEU A 1 8.69 -21.51 5.88
CA LEU A 1 8.18 -20.32 5.13
C LEU A 1 7.77 -19.21 6.09
N ALA A 2 7.29 -18.10 5.54
CA ALA A 2 6.86 -16.96 6.34
C ALA A 2 5.50 -16.46 5.89
N LEU A 3 4.83 -15.70 6.76
CA LEU A 3 3.52 -15.16 6.45
C LEU A 3 3.48 -13.66 6.72
N HIS A 4 3.48 -12.87 5.65
CA HIS A 4 3.44 -11.41 5.77
C HIS A 4 2.05 -10.87 5.45
N LYS A 5 1.72 -9.72 6.05
CA LYS A 5 0.42 -9.10 5.83
C LYS A 5 0.59 -7.73 5.16
N VAL A 6 -0.38 -7.39 4.30
CA VAL A 6 -0.34 -6.12 3.58
C VAL A 6 -1.64 -5.35 3.76
N ILE A 7 -1.54 -4.11 4.24
CA ILE A 7 -2.72 -3.27 4.44
C ILE A 7 -2.85 -2.24 3.33
N MET A 8 -3.80 -2.47 2.43
CA MET A 8 -4.03 -1.57 1.32
C MET A 8 -4.56 -0.22 1.81
N VAL A 9 -3.66 0.75 1.93
CA VAL A 9 -4.01 2.08 2.39
C VAL A 9 -3.75 3.11 1.30
N GLY A 10 -4.49 4.23 1.34
CA GLY A 10 -4.31 5.26 0.35
C GLY A 10 -5.46 6.26 0.32
N SER A 11 -5.38 7.27 1.18
CA SER A 11 -6.40 8.31 1.27
C SER A 11 -7.76 7.72 1.66
N GLY A 12 -8.49 7.21 0.67
CA GLY A 12 -9.79 6.63 0.92
C GLY A 12 -10.48 6.16 -0.34
N GLY A 13 -10.76 7.11 -1.24
CA GLY A 13 -11.41 6.76 -2.49
C GLY A 13 -10.47 6.93 -3.68
N VAL A 14 -9.48 6.04 -3.77
CA VAL A 14 -8.50 6.09 -4.85
C VAL A 14 -8.61 4.86 -5.74
N GLY A 15 -8.48 3.69 -5.15
CA GLY A 15 -8.56 2.45 -5.90
C GLY A 15 -7.59 1.40 -5.38
N LYS A 16 -7.43 1.36 -4.07
CA LYS A 16 -6.52 0.41 -3.43
C LYS A 16 -6.85 -1.03 -3.84
N SER A 17 -8.13 -1.33 -3.94
CA SER A 17 -8.60 -2.66 -4.34
C SER A 17 -8.13 -3.00 -5.75
N ALA A 18 -7.99 -1.98 -6.58
CA ALA A 18 -7.58 -2.14 -7.96
C ALA A 18 -6.17 -2.69 -8.01
N LEU A 19 -5.26 -2.02 -7.32
CA LEU A 19 -3.88 -2.47 -7.26
C LEU A 19 -3.85 -3.89 -6.70
N THR A 20 -4.89 -4.20 -5.93
CA THR A 20 -5.02 -5.50 -5.31
C THR A 20 -5.39 -6.59 -6.33
N LEU A 21 -6.36 -6.27 -7.18
CA LEU A 21 -6.83 -7.22 -8.20
C LEU A 21 -5.79 -7.42 -9.29
N GLN A 22 -5.00 -6.37 -9.57
CA GLN A 22 -3.98 -6.44 -10.61
C GLN A 22 -2.82 -7.34 -10.21
N PHE A 23 -2.47 -7.32 -8.93
CA PHE A 23 -1.35 -8.13 -8.44
C PHE A 23 -1.70 -9.61 -8.39
N MET A 24 -2.97 -9.92 -8.15
CA MET A 24 -3.40 -11.31 -8.04
C MET A 24 -3.66 -11.97 -9.41
N TYR A 25 -4.42 -11.30 -10.28
CA TYR A 25 -4.75 -11.86 -11.58
C TYR A 25 -3.90 -11.29 -12.70
N ASP A 26 -3.14 -10.24 -12.41
CA ASP A 26 -2.28 -9.61 -13.42
C ASP A 26 -3.12 -9.21 -14.64
N GLU A 27 -4.37 -8.86 -14.39
CA GLU A 27 -5.28 -8.46 -15.45
C GLU A 27 -6.24 -7.39 -14.97
N PHE A 28 -6.77 -6.60 -15.89
CA PHE A 28 -7.70 -5.53 -15.54
C PHE A 28 -9.15 -6.00 -15.71
N VAL A 29 -9.84 -6.17 -14.59
CA VAL A 29 -11.23 -6.61 -14.61
C VAL A 29 -12.08 -5.76 -13.68
N GLU A 30 -13.29 -5.44 -14.12
CA GLU A 30 -14.22 -4.63 -13.33
C GLU A 30 -15.03 -5.50 -12.39
N ASP A 31 -14.90 -5.24 -11.09
CA ASP A 31 -15.63 -6.00 -10.08
C ASP A 31 -15.61 -5.28 -8.74
N TYR A 32 -16.48 -5.72 -7.83
CA TYR A 32 -16.55 -5.11 -6.50
C TYR A 32 -16.76 -6.18 -5.43
N GLU A 33 -15.90 -6.20 -4.43
CA GLU A 33 -15.99 -7.17 -3.34
C GLU A 33 -15.69 -6.51 -1.99
N PRO A 34 -16.73 -6.23 -1.18
CA PRO A 34 -16.56 -5.60 0.13
C PRO A 34 -15.76 -6.46 1.10
N THR A 35 -14.99 -5.81 1.96
CA THR A 35 -14.17 -6.52 2.94
C THR A 35 -15.01 -7.01 4.11
N LYS A 36 -15.03 -8.33 4.30
CA LYS A 36 -15.79 -8.93 5.39
C LYS A 36 -14.92 -9.88 6.22
N ALA A 37 -13.89 -9.32 6.83
CA ALA A 37 -12.97 -10.12 7.65
C ALA A 37 -12.31 -11.23 6.83
N ASP A 38 -12.41 -11.12 5.51
CA ASP A 38 -11.83 -12.13 4.62
C ASP A 38 -10.57 -11.59 3.95
N SER A 39 -9.49 -12.36 4.02
CA SER A 39 -8.22 -11.96 3.42
C SER A 39 -7.79 -12.96 2.35
N TYR A 40 -6.84 -12.56 1.52
CA TYR A 40 -6.33 -13.41 0.45
C TYR A 40 -5.09 -14.16 0.91
N ARG A 41 -4.81 -15.29 0.29
CA ARG A 41 -3.64 -16.08 0.64
C ARG A 41 -3.05 -16.77 -0.58
N LYS A 42 -1.72 -16.75 -0.67
CA LYS A 42 -0.99 -17.37 -1.77
C LYS A 42 0.49 -17.45 -1.41
N LYS A 43 1.25 -18.21 -2.18
CA LYS A 43 2.67 -18.37 -1.92
C LYS A 43 3.50 -18.11 -3.17
N VAL A 44 4.56 -17.31 -3.03
CA VAL A 44 5.44 -16.98 -4.15
C VAL A 44 6.90 -16.92 -3.70
N VAL A 45 7.80 -17.15 -4.64
CA VAL A 45 9.24 -17.11 -4.35
C VAL A 45 9.70 -15.68 -4.12
N LEU A 46 10.66 -15.50 -3.22
CA LEU A 46 11.19 -14.18 -2.92
C LEU A 46 12.69 -14.25 -2.61
N ASP A 47 13.51 -13.89 -3.59
CA ASP A 47 14.95 -13.92 -3.43
C ASP A 47 15.42 -15.30 -2.99
N GLY A 48 14.69 -16.33 -3.42
CA GLY A 48 15.04 -17.69 -3.07
C GLY A 48 14.21 -18.20 -1.90
N GLU A 49 13.89 -17.31 -0.97
CA GLU A 49 13.09 -17.66 0.19
C GLU A 49 11.60 -17.63 -0.15
N GLU A 50 10.96 -18.79 -0.12
CA GLU A 50 9.54 -18.89 -0.43
C GLU A 50 8.69 -18.44 0.75
N VAL A 51 7.96 -17.34 0.56
CA VAL A 51 7.09 -16.80 1.60
C VAL A 51 5.71 -16.45 1.05
N GLN A 52 4.69 -16.66 1.88
CA GLN A 52 3.32 -16.37 1.48
C GLN A 52 2.97 -14.90 1.72
N ILE A 53 1.82 -14.48 1.20
CA ILE A 53 1.38 -13.09 1.35
C ILE A 53 -0.12 -13.02 1.59
N ASP A 54 -0.52 -12.18 2.55
CA ASP A 54 -1.93 -12.01 2.89
C ASP A 54 -2.32 -10.53 2.81
N ILE A 55 -3.20 -10.20 1.86
CA ILE A 55 -3.63 -8.83 1.67
C ILE A 55 -5.09 -8.63 2.12
N LEU A 56 -5.34 -7.52 2.80
CA LEU A 56 -6.68 -7.20 3.27
C LEU A 56 -7.02 -5.74 2.99
N ASP A 57 -8.18 -5.52 2.38
CA ASP A 57 -8.63 -4.16 2.06
C ASP A 57 -9.38 -3.54 3.22
N THR A 58 -9.58 -2.23 3.16
CA THR A 58 -10.28 -1.50 4.21
C THR A 58 -11.37 -0.60 3.62
N ALA A 59 -11.27 -0.34 2.32
CA ALA A 59 -12.23 0.51 1.63
C ALA A 59 -12.29 1.90 2.25
N GLY A 60 -13.24 2.71 1.78
CA GLY A 60 -13.40 4.05 2.31
C GLY A 60 -14.42 4.12 3.42
N LEU A 61 -13.97 3.87 4.66
CA LEU A 61 -14.85 3.91 5.82
C LEU A 61 -15.49 5.29 5.97
N GLU A 62 -14.67 6.33 5.81
CA GLU A 62 -15.15 7.71 5.93
C GLU A 62 -15.73 7.99 7.31
N ASP A 63 -17.01 7.64 7.49
CA ASP A 63 -17.69 7.86 8.76
C ASP A 63 -17.02 7.08 9.89
N TYR A 64 -16.49 5.91 9.55
CA TYR A 64 -15.83 5.06 10.53
C TYR A 64 -14.30 5.26 10.48
N ALA A 65 -13.86 6.48 10.78
CA ALA A 65 -12.44 6.80 10.76
C ALA A 65 -11.73 6.26 11.99
N ALA A 66 -12.49 5.99 13.05
CA ALA A 66 -11.92 5.48 14.29
C ALA A 66 -11.59 3.99 14.19
N ILE A 67 -12.24 3.32 13.23
CA ILE A 67 -12.01 1.89 13.04
C ILE A 67 -10.77 1.65 12.17
N ARG A 68 -10.36 2.69 11.44
CA ARG A 68 -9.20 2.60 10.57
C ARG A 68 -7.99 2.09 11.34
N ASP A 69 -7.78 2.64 12.53
CA ASP A 69 -6.65 2.24 13.38
C ASP A 69 -6.67 0.74 13.63
N ASN A 70 -7.86 0.18 13.81
CA ASN A 70 -8.01 -1.24 14.08
C ASN A 70 -7.42 -2.08 12.95
N TYR A 71 -7.61 -1.62 11.71
CA TYR A 71 -7.09 -2.35 10.54
C TYR A 71 -5.57 -2.28 10.47
N PHE A 72 -5.00 -1.19 10.98
CA PHE A 72 -3.55 -1.01 10.95
C PHE A 72 -2.88 -1.78 12.10
N ARG A 73 -3.66 -2.18 13.09
CA ARG A 73 -3.14 -2.91 14.23
C ARG A 73 -2.95 -4.39 13.89
N SER A 74 -3.96 -4.99 13.30
CA SER A 74 -3.89 -6.40 12.92
C SER A 74 -3.02 -6.59 11.68
N GLY A 75 -2.50 -5.50 11.16
CA GLY A 75 -1.65 -5.56 9.98
C GLY A 75 -0.17 -5.48 10.30
N GLU A 76 0.66 -6.01 9.42
CA GLU A 76 2.11 -5.98 9.60
C GLU A 76 2.76 -5.03 8.63
N GLY A 77 2.29 -5.03 7.39
CA GLY A 77 2.84 -4.16 6.37
C GLY A 77 1.86 -3.09 5.93
N PHE A 78 2.37 -1.97 5.45
CA PHE A 78 1.52 -0.87 4.99
C PHE A 78 1.94 -0.40 3.59
N LEU A 79 0.97 -0.18 2.73
CA LEU A 79 1.24 0.28 1.37
C LEU A 79 0.32 1.43 1.00
N LEU A 80 0.89 2.65 0.92
CA LEU A 80 0.12 3.84 0.58
C LEU A 80 -0.05 3.97 -0.93
N VAL A 81 -1.25 4.32 -1.37
CA VAL A 81 -1.53 4.49 -2.79
C VAL A 81 -2.45 5.67 -3.05
N PHE A 82 -1.91 6.73 -3.66
CA PHE A 82 -2.71 7.90 -3.98
C PHE A 82 -2.74 8.14 -5.49
N SER A 83 -3.81 8.76 -5.98
CA SER A 83 -3.94 9.03 -7.40
C SER A 83 -3.39 10.41 -7.75
N ILE A 84 -2.74 10.50 -8.89
CA ILE A 84 -2.17 11.76 -9.36
C ILE A 84 -3.26 12.66 -9.94
N THR A 85 -4.31 12.04 -10.45
CA THR A 85 -5.43 12.77 -11.03
C THR A 85 -6.28 13.41 -9.94
N GLU A 86 -6.13 12.90 -8.72
CA GLU A 86 -6.87 13.42 -7.57
C GLU A 86 -5.93 13.94 -6.49
N HIS A 87 -5.79 15.25 -6.43
CA HIS A 87 -4.92 15.90 -5.45
C HIS A 87 -5.40 15.61 -4.03
N GLU A 88 -6.64 15.16 -3.89
CA GLU A 88 -7.22 14.85 -2.58
C GLU A 88 -6.61 13.58 -2.02
N SER A 89 -6.16 12.70 -2.90
CA SER A 89 -5.57 11.43 -2.48
C SER A 89 -4.23 11.64 -1.81
N PHE A 90 -3.33 12.35 -2.50
CA PHE A 90 -2.00 12.62 -1.97
C PHE A 90 -2.07 13.33 -0.62
N THR A 91 -3.06 14.20 -0.47
CA THR A 91 -3.26 14.97 0.75
C THR A 91 -3.80 14.11 1.89
N ALA A 92 -4.90 13.42 1.63
CA ALA A 92 -5.54 12.56 2.63
C ALA A 92 -4.59 11.45 3.08
N THR A 93 -3.81 10.93 2.13
CA THR A 93 -2.86 9.87 2.42
C THR A 93 -1.85 10.31 3.48
N ALA A 94 -1.52 11.60 3.45
CA ALA A 94 -0.56 12.17 4.40
C ALA A 94 -1.03 11.98 5.84
N GLU A 95 -2.32 12.16 6.07
CA GLU A 95 -2.89 12.00 7.40
C GLU A 95 -2.72 10.57 7.91
N PHE A 96 -3.06 9.61 7.06
CA PHE A 96 -2.96 8.19 7.42
C PHE A 96 -1.55 7.83 7.87
N ARG A 97 -0.55 8.54 7.35
CA ARG A 97 0.84 8.28 7.70
C ARG A 97 1.02 8.30 9.23
N GLU A 98 0.50 9.34 9.86
CA GLU A 98 0.61 9.47 11.32
C GLU A 98 -0.29 8.46 12.03
N GLN A 99 -1.37 8.05 11.37
CA GLN A 99 -2.31 7.10 11.95
C GLN A 99 -1.70 5.69 12.02
N ILE A 100 -0.85 5.38 11.05
CA ILE A 100 -0.21 4.07 10.99
C ILE A 100 0.67 3.82 12.20
N LEU A 101 1.40 4.85 12.62
CA LEU A 101 2.31 4.75 13.77
C LEU A 101 1.54 4.55 15.08
N ARG A 102 0.30 5.02 15.12
CA ARG A 102 -0.53 4.91 16.32
C ARG A 102 -0.54 3.48 16.87
N VAL A 103 -0.83 2.52 16.00
CA VAL A 103 -0.89 1.11 16.41
C VAL A 103 0.49 0.57 16.75
N LYS A 104 1.51 1.11 16.11
CA LYS A 104 2.89 0.67 16.36
C LYS A 104 3.67 1.74 17.12
N ALA A 105 3.00 2.40 18.07
CA ALA A 105 3.62 3.45 18.87
C ALA A 105 4.80 2.92 19.68
N GLU A 106 4.85 1.60 19.86
CA GLU A 106 5.93 0.98 20.63
C GLU A 106 7.04 0.49 19.71
N GLU A 107 6.66 0.00 18.53
CA GLU A 107 7.63 -0.51 17.56
C GLU A 107 8.41 0.63 16.92
N ASP A 108 9.53 0.30 16.29
CA ASP A 108 10.36 1.29 15.62
C ASP A 108 10.37 1.06 14.10
N LYS A 109 10.76 -0.14 13.70
CA LYS A 109 10.81 -0.50 12.28
C LYS A 109 9.40 -0.65 11.72
N ILE A 110 9.01 0.27 10.84
CA ILE A 110 7.68 0.24 10.23
C ILE A 110 7.78 0.18 8.71
N PRO A 111 7.30 -0.92 8.09
CA PRO A 111 7.34 -1.08 6.63
C PRO A 111 6.27 -0.25 5.94
N LEU A 112 6.71 0.61 5.01
CA LEU A 112 5.80 1.48 4.27
C LEU A 112 6.32 1.69 2.84
N LEU A 113 5.41 1.93 1.92
CA LEU A 113 5.76 2.17 0.53
C LEU A 113 4.67 2.96 -0.18
N VAL A 114 5.03 4.14 -0.66
CA VAL A 114 4.07 5.01 -1.34
C VAL A 114 4.15 4.85 -2.86
N VAL A 115 3.00 4.93 -3.51
CA VAL A 115 2.92 4.80 -4.96
C VAL A 115 1.84 5.70 -5.54
N GLY A 116 1.95 5.99 -6.82
CA GLY A 116 0.97 6.84 -7.48
C GLY A 116 0.42 6.21 -8.74
N ASN A 117 -0.86 5.83 -8.71
CA ASN A 117 -1.48 5.20 -9.86
C ASN A 117 -1.96 6.25 -10.85
N LYS A 118 -2.80 5.82 -11.79
CA LYS A 118 -3.34 6.74 -12.80
C LYS A 118 -2.22 7.36 -13.62
N SER A 119 -1.02 6.79 -13.55
CA SER A 119 0.13 7.29 -14.29
C SER A 119 -0.15 7.31 -15.79
N ASP A 120 -1.13 6.53 -16.21
CA ASP A 120 -1.51 6.46 -17.62
C ASP A 120 -1.87 7.85 -18.15
N LEU A 121 -2.16 8.76 -17.23
CA LEU A 121 -2.53 10.13 -17.59
C LEU A 121 -1.41 11.11 -17.25
N GLU A 122 -0.46 11.26 -18.18
CA GLU A 122 0.67 12.16 -17.99
C GLU A 122 0.25 13.62 -18.09
N GLU A 123 -0.79 13.88 -18.87
CA GLU A 123 -1.29 15.25 -19.06
C GLU A 123 -2.22 15.66 -17.92
N ARG A 124 -2.79 14.68 -17.24
CA ARG A 124 -3.71 14.96 -16.12
C ARG A 124 -2.99 14.83 -14.78
N ARG A 125 -1.69 14.62 -14.82
CA ARG A 125 -0.89 14.47 -13.60
C ARG A 125 -0.61 15.85 -12.99
N GLN A 126 -1.25 16.13 -11.87
CA GLN A 126 -1.08 17.41 -11.18
C GLN A 126 0.04 17.34 -10.14
N VAL A 127 0.35 16.12 -9.68
CA VAL A 127 1.38 15.92 -8.69
C VAL A 127 2.72 15.56 -9.33
N PRO A 128 3.65 16.52 -9.42
CA PRO A 128 4.97 16.27 -10.01
C PRO A 128 5.73 15.22 -9.22
N VAL A 129 6.23 14.21 -9.92
CA VAL A 129 6.97 13.12 -9.28
C VAL A 129 8.10 13.65 -8.40
N GLU A 130 8.85 14.63 -8.91
CA GLU A 130 9.97 15.21 -8.17
C GLU A 130 9.53 15.71 -6.79
N GLU A 131 8.36 16.34 -6.73
CA GLU A 131 7.84 16.87 -5.48
C GLU A 131 7.29 15.75 -4.60
N ALA A 132 6.74 14.73 -5.23
CA ALA A 132 6.17 13.60 -4.52
C ALA A 132 7.26 12.75 -3.87
N ARG A 133 8.44 12.73 -4.49
CA ARG A 133 9.57 11.96 -3.97
C ARG A 133 10.19 12.64 -2.76
N SER A 134 10.34 13.96 -2.85
CA SER A 134 10.93 14.74 -1.78
C SER A 134 10.14 14.57 -0.47
N LYS A 135 8.82 14.62 -0.57
CA LYS A 135 7.96 14.47 0.59
C LYS A 135 7.91 13.02 1.06
N ALA A 136 7.71 12.10 0.12
CA ALA A 136 7.66 10.68 0.45
C ALA A 136 8.91 10.24 1.20
N GLU A 137 10.01 10.89 0.91
CA GLU A 137 11.28 10.57 1.56
C GLU A 137 11.25 10.93 3.03
N GLU A 138 10.50 11.97 3.38
CA GLU A 138 10.38 12.41 4.77
C GLU A 138 10.03 11.25 5.68
N TRP A 139 9.02 10.47 5.27
CA TRP A 139 8.59 9.33 6.05
C TRP A 139 9.68 8.28 6.11
N GLY A 140 10.57 8.30 5.12
CA GLY A 140 11.66 7.35 5.08
C GLY A 140 11.48 6.31 3.99
N VAL A 141 10.57 6.59 3.06
CA VAL A 141 10.29 5.67 1.98
C VAL A 141 10.51 6.31 0.61
N GLN A 142 10.53 5.47 -0.42
CA GLN A 142 10.72 5.94 -1.79
C GLN A 142 9.41 5.83 -2.56
N TYR A 143 9.06 6.91 -3.26
CA TYR A 143 7.82 6.93 -4.03
C TYR A 143 8.08 6.61 -5.49
N VAL A 144 7.14 5.88 -6.10
CA VAL A 144 7.27 5.49 -7.50
C VAL A 144 5.93 5.60 -8.24
N GLU A 145 5.99 5.79 -9.56
CA GLU A 145 4.79 5.90 -10.38
C GLU A 145 4.34 4.53 -10.88
N THR A 146 3.03 4.35 -11.04
CA THR A 146 2.48 3.09 -11.51
C THR A 146 1.16 3.28 -12.24
N SER A 147 0.73 2.25 -12.96
CA SER A 147 -0.53 2.30 -13.69
C SER A 147 -1.34 1.03 -13.46
N ALA A 148 -2.45 1.16 -12.76
CA ALA A 148 -3.32 0.02 -12.47
C ALA A 148 -4.03 -0.46 -13.72
N LYS A 149 -3.80 0.24 -14.83
CA LYS A 149 -4.43 -0.12 -16.10
C LYS A 149 -3.51 -1.02 -16.91
N THR A 150 -2.22 -0.71 -16.89
CA THR A 150 -1.23 -1.50 -17.61
C THR A 150 -0.55 -2.50 -16.69
N ARG A 151 -0.90 -2.43 -15.40
CA ARG A 151 -0.33 -3.33 -14.38
C ARG A 151 1.13 -3.67 -14.66
N ALA A 152 1.88 -2.69 -15.13
CA ALA A 152 3.30 -2.90 -15.45
C ALA A 152 4.16 -2.89 -14.19
N ASN A 153 4.07 -1.81 -13.41
CA ASN A 153 4.86 -1.68 -12.19
C ASN A 153 4.00 -1.80 -10.95
N VAL A 154 2.77 -2.30 -11.11
CA VAL A 154 1.87 -2.46 -9.98
C VAL A 154 2.40 -3.47 -8.97
N ASP A 155 2.99 -4.55 -9.48
CA ASP A 155 3.55 -5.60 -8.63
C ASP A 155 4.83 -5.14 -7.95
N LYS A 156 5.41 -4.05 -8.45
CA LYS A 156 6.66 -3.52 -7.89
C LYS A 156 6.52 -3.14 -6.42
N VAL A 157 5.38 -2.57 -6.06
CA VAL A 157 5.15 -2.14 -4.68
C VAL A 157 4.89 -3.32 -3.76
N PHE A 158 4.38 -4.41 -4.31
CA PHE A 158 4.09 -5.59 -3.54
C PHE A 158 5.36 -6.35 -3.17
N PHE A 159 6.21 -6.58 -4.16
CA PHE A 159 7.46 -7.30 -3.96
C PHE A 159 8.47 -6.47 -3.18
N ASP A 160 8.69 -5.23 -3.61
CA ASP A 160 9.64 -4.34 -2.95
C ASP A 160 9.31 -4.18 -1.47
N LEU A 161 8.03 -3.96 -1.17
CA LEU A 161 7.59 -3.79 0.22
C LEU A 161 7.70 -5.10 1.00
N MET A 162 7.35 -6.20 0.34
CA MET A 162 7.40 -7.52 0.98
C MET A 162 8.81 -7.83 1.48
N ARG A 163 9.80 -7.45 0.68
CA ARG A 163 11.20 -7.68 1.05
C ARG A 163 11.58 -6.84 2.26
N GLU A 164 11.01 -5.65 2.35
CA GLU A 164 11.29 -4.75 3.46
C GLU A 164 10.75 -5.31 4.77
N ILE A 165 9.73 -6.15 4.68
CA ILE A 165 9.12 -6.74 5.87
C ILE A 165 10.05 -7.78 6.49
N ARG A 166 10.46 -8.75 5.68
CA ARG A 166 11.34 -9.82 6.15
C ARG A 166 12.71 -9.29 6.57
N THR A 167 13.14 -8.20 5.95
CA THR A 167 14.45 -7.63 6.26
C THR A 167 14.40 -6.62 7.41
N LYS A 168 13.62 -5.55 7.23
CA LYS A 168 13.52 -4.50 8.25
C LYS A 168 12.74 -4.92 9.49
N LYS A 169 11.51 -5.39 9.30
CA LYS A 169 10.66 -5.79 10.42
C LYS A 169 11.27 -6.93 11.24
N MET A 170 11.74 -7.97 10.57
CA MET A 170 12.33 -9.11 11.26
C MET A 170 13.59 -8.71 12.02
N SER A 171 14.15 -7.56 11.68
CA SER A 171 15.36 -7.07 12.34
C SER A 171 15.00 -6.13 13.50
N GLU A 172 13.74 -5.72 13.54
CA GLU A 172 13.26 -4.84 14.60
C GLU A 172 13.52 -5.44 15.98
N ASN A 173 14.20 -4.68 16.83
CA ASN A 173 14.51 -5.15 18.18
C ASN A 173 13.77 -4.31 19.22
N LYS A 174 13.85 -4.74 20.48
CA LYS A 174 13.19 -4.03 21.57
C LYS A 174 14.21 -3.41 22.51
PG GNP B . -13.99 1.97 -2.26
O1G GNP B . -15.28 2.43 -1.68
O2G GNP B . -13.98 0.40 -2.46
O3G GNP B . -12.75 2.46 -1.39
N3B GNP B . -13.76 2.62 -3.79
PB GNP B . -12.14 2.56 -4.23
O1B GNP B . -11.32 3.16 -3.16
O2B GNP B . -11.81 1.19 -4.72
O3A GNP B . -12.11 3.55 -5.49
PA GNP B . -13.01 3.23 -6.77
O1A GNP B . -13.28 1.78 -6.82
O2A GNP B . -14.17 4.18 -6.78
O5' GNP B . -12.04 3.62 -7.97
C5' GNP B . -11.68 2.65 -8.95
C4' GNP B . -11.98 3.17 -10.33
O4' GNP B . -10.81 3.85 -10.85
C3' GNP B . -12.32 2.11 -11.36
O3' GNP B . -13.21 2.62 -12.36
C2' GNP B . -10.97 1.76 -11.96
O2' GNP B . -11.06 1.29 -13.29
C1' GNP B . -10.29 3.13 -11.96
N9 GNP B . -8.83 3.06 -11.81
C8 GNP B . -8.13 2.75 -10.69
N7 GNP B . -6.84 2.78 -10.86
C5 GNP B . -6.68 3.14 -12.19
C6 GNP B . -5.51 3.34 -12.96
O6 GNP B . -4.33 3.24 -12.60
N1 GNP B . -5.79 3.69 -14.28
C2 GNP B . -7.06 3.84 -14.77
N2 GNP B . -7.15 4.19 -16.07
N3 GNP B . -8.17 3.66 -14.07
C4 GNP B . -7.90 3.31 -12.80
HNB3 GNP B . -14.07 3.54 -3.81
H5'2 GNP B . -12.23 1.72 -8.78
H5'1 GNP B . -10.60 2.44 -8.88
H4' GNP B . -12.86 3.82 -10.25
H3' GNP B . -12.82 1.26 -10.92
HO3' GNP B . -13.49 3.48 -12.06
H2' GNP B . -10.44 1.06 -11.31
HO2' GNP B . -11.73 1.83 -13.73
H1' GNP B . -10.52 3.71 -12.85
H8 GNP B . -8.59 2.49 -9.75
HN1 GNP B . -5.02 3.85 -14.90
HN21 GNP B . -8.05 4.31 -16.50
HN22 GNP B . -6.31 4.33 -16.61
MG MG C . -12.39 -0.76 -3.65
N LEU A 1 7.39 -21.69 5.76
CA LEU A 1 7.06 -20.55 4.87
C LEU A 1 6.53 -19.36 5.68
N ALA A 2 7.22 -18.23 5.58
CA ALA A 2 6.82 -17.03 6.30
C ALA A 2 5.56 -16.43 5.70
N LEU A 3 4.65 -15.97 6.58
CA LEU A 3 3.40 -15.37 6.12
C LEU A 3 3.33 -13.90 6.55
N HIS A 4 3.37 -13.00 5.58
CA HIS A 4 3.32 -11.57 5.84
C HIS A 4 1.95 -11.01 5.49
N LYS A 5 1.55 -9.94 6.20
CA LYS A 5 0.26 -9.31 5.96
C LYS A 5 0.42 -7.82 5.69
N VAL A 6 -0.11 -7.36 4.56
CA VAL A 6 -0.02 -5.95 4.18
C VAL A 6 -1.41 -5.29 4.19
N ILE A 7 -1.45 -4.05 4.67
CA ILE A 7 -2.69 -3.30 4.71
C ILE A 7 -2.75 -2.26 3.61
N MET A 8 -3.63 -2.50 2.63
CA MET A 8 -3.78 -1.58 1.51
C MET A 8 -4.35 -0.25 2.00
N VAL A 9 -3.46 0.69 2.32
CA VAL A 9 -3.88 2.00 2.81
C VAL A 9 -3.77 3.06 1.71
N GLY A 10 -4.46 4.17 1.92
CA GLY A 10 -4.45 5.24 0.94
C GLY A 10 -5.33 6.41 1.36
N SER A 11 -5.76 7.19 0.37
CA SER A 11 -6.61 8.34 0.63
C SER A 11 -7.98 7.90 1.14
N GLY A 12 -8.70 7.16 0.30
CA GLY A 12 -10.01 6.68 0.67
C GLY A 12 -10.84 6.26 -0.53
N GLY A 13 -10.65 6.97 -1.65
CA GLY A 13 -11.39 6.65 -2.86
C GLY A 13 -10.50 6.71 -4.10
N VAL A 14 -9.31 6.15 -3.99
CA VAL A 14 -8.37 6.12 -5.10
C VAL A 14 -8.49 4.84 -5.91
N GLY A 15 -8.21 3.72 -5.26
CA GLY A 15 -8.29 2.43 -5.92
C GLY A 15 -7.36 1.40 -5.32
N LYS A 16 -7.26 1.42 -3.99
CA LYS A 16 -6.39 0.49 -3.28
C LYS A 16 -6.67 -0.96 -3.67
N SER A 17 -7.95 -1.24 -3.93
CA SER A 17 -8.37 -2.59 -4.33
C SER A 17 -7.93 -2.90 -5.75
N ALA A 18 -7.83 -1.86 -6.58
CA ALA A 18 -7.43 -2.01 -7.96
C ALA A 18 -6.04 -2.61 -8.03
N LEU A 19 -5.11 -2.00 -7.31
CA LEU A 19 -3.74 -2.50 -7.26
C LEU A 19 -3.76 -3.89 -6.66
N THR A 20 -4.80 -4.14 -5.87
CA THR A 20 -4.96 -5.42 -5.21
C THR A 20 -5.34 -6.52 -6.20
N LEU A 21 -6.24 -6.18 -7.12
CA LEU A 21 -6.70 -7.12 -8.14
C LEU A 21 -5.61 -7.41 -9.16
N GLN A 22 -4.95 -6.36 -9.63
CA GLN A 22 -3.89 -6.51 -10.62
C GLN A 22 -2.79 -7.44 -10.12
N PHE A 23 -2.53 -7.40 -8.83
CA PHE A 23 -1.52 -8.27 -8.24
C PHE A 23 -1.98 -9.72 -8.17
N MET A 24 -3.31 -9.91 -8.13
CA MET A 24 -3.88 -11.24 -8.03
C MET A 24 -3.98 -11.96 -9.38
N TYR A 25 -4.53 -11.28 -10.39
CA TYR A 25 -4.70 -11.90 -11.71
C TYR A 25 -3.87 -11.22 -12.80
N ASP A 26 -3.24 -10.10 -12.47
CA ASP A 26 -2.42 -9.37 -13.45
C ASP A 26 -3.27 -8.93 -14.63
N GLU A 27 -4.55 -8.69 -14.38
CA GLU A 27 -5.47 -8.26 -15.42
C GLU A 27 -6.54 -7.32 -14.87
N PHE A 28 -6.90 -6.32 -15.66
CA PHE A 28 -7.91 -5.35 -15.25
C PHE A 28 -9.31 -5.81 -15.66
N VAL A 29 -10.11 -6.22 -14.68
CA VAL A 29 -11.47 -6.68 -14.93
C VAL A 29 -12.45 -6.03 -13.97
N GLU A 30 -13.59 -5.59 -14.51
CA GLU A 30 -14.61 -4.94 -13.69
C GLU A 30 -15.21 -5.93 -12.69
N ASP A 31 -14.67 -5.93 -11.47
CA ASP A 31 -15.15 -6.82 -10.42
C ASP A 31 -15.38 -6.05 -9.13
N TYR A 32 -16.30 -6.55 -8.29
CA TYR A 32 -16.61 -5.91 -7.03
C TYR A 32 -16.96 -6.94 -5.96
N GLU A 33 -16.11 -7.06 -4.96
CA GLU A 33 -16.33 -8.01 -3.87
C GLU A 33 -16.15 -7.33 -2.51
N PRO A 34 -17.25 -7.02 -1.80
CA PRO A 34 -17.20 -6.37 -0.49
C PRO A 34 -16.31 -7.12 0.49
N THR A 35 -15.54 -6.36 1.28
CA THR A 35 -14.66 -6.95 2.28
C THR A 35 -15.30 -6.97 3.66
N LYS A 36 -15.29 -8.13 4.30
CA LYS A 36 -15.87 -8.28 5.63
C LYS A 36 -14.80 -8.60 6.65
N ALA A 37 -14.06 -9.68 6.41
CA ALA A 37 -13.00 -10.10 7.32
C ALA A 37 -12.10 -11.14 6.66
N ASP A 38 -12.51 -11.60 5.48
CA ASP A 38 -11.75 -12.61 4.74
C ASP A 38 -10.59 -11.97 4.00
N SER A 39 -9.42 -12.61 4.07
CA SER A 39 -8.23 -12.10 3.41
C SER A 39 -7.81 -13.02 2.26
N TYR A 40 -6.78 -12.61 1.52
CA TYR A 40 -6.28 -13.42 0.41
C TYR A 40 -4.88 -13.94 0.71
N ARG A 41 -4.55 -15.10 0.15
CA ARG A 41 -3.24 -15.70 0.37
C ARG A 41 -2.69 -16.27 -0.94
N LYS A 42 -1.41 -16.01 -1.19
CA LYS A 42 -0.76 -16.48 -2.40
C LYS A 42 0.72 -16.80 -2.14
N LYS A 43 1.25 -17.77 -2.89
CA LYS A 43 2.64 -18.17 -2.75
C LYS A 43 3.52 -17.51 -3.81
N VAL A 44 4.58 -16.86 -3.36
CA VAL A 44 5.51 -16.18 -4.27
C VAL A 44 6.95 -16.37 -3.83
N VAL A 45 7.87 -16.39 -4.79
CA VAL A 45 9.28 -16.57 -4.49
C VAL A 45 9.99 -15.23 -4.29
N LEU A 46 10.79 -15.14 -3.24
CA LEU A 46 11.52 -13.91 -2.93
C LEU A 46 12.99 -14.21 -2.69
N ASP A 47 13.82 -13.94 -3.69
CA ASP A 47 15.26 -14.18 -3.60
C ASP A 47 15.56 -15.63 -3.23
N GLY A 48 14.69 -16.54 -3.67
CA GLY A 48 14.88 -17.95 -3.39
C GLY A 48 13.94 -18.46 -2.31
N GLU A 49 13.66 -17.60 -1.33
CA GLU A 49 12.77 -17.97 -0.23
C GLU A 49 11.31 -17.67 -0.58
N GLU A 50 10.52 -18.73 -0.70
CA GLU A 50 9.10 -18.59 -1.04
C GLU A 50 8.27 -18.32 0.22
N VAL A 51 7.64 -17.15 0.27
CA VAL A 51 6.82 -16.77 1.40
C VAL A 51 5.40 -16.43 0.97
N GLN A 52 4.43 -16.70 1.84
CA GLN A 52 3.04 -16.42 1.54
C GLN A 52 2.71 -14.96 1.79
N ILE A 53 1.89 -14.38 0.94
CA ILE A 53 1.50 -12.99 1.06
C ILE A 53 0.01 -12.86 1.36
N ASP A 54 -0.33 -11.93 2.24
CA ASP A 54 -1.73 -11.72 2.63
C ASP A 54 -2.12 -10.25 2.44
N ILE A 55 -3.12 -10.01 1.58
CA ILE A 55 -3.59 -8.66 1.32
C ILE A 55 -5.02 -8.47 1.82
N LEU A 56 -5.22 -7.43 2.63
CA LEU A 56 -6.54 -7.13 3.18
C LEU A 56 -6.97 -5.72 2.80
N ASP A 57 -8.05 -5.62 2.03
CA ASP A 57 -8.57 -4.33 1.59
C ASP A 57 -9.44 -3.70 2.67
N THR A 58 -9.12 -2.48 3.05
CA THR A 58 -9.88 -1.77 4.08
C THR A 58 -10.84 -0.76 3.46
N ALA A 59 -10.51 -0.29 2.25
CA ALA A 59 -11.35 0.67 1.55
C ALA A 59 -11.50 1.95 2.37
N GLY A 60 -12.40 2.83 1.93
CA GLY A 60 -12.63 4.07 2.63
C GLY A 60 -13.77 3.97 3.63
N LEU A 61 -13.42 3.87 4.91
CA LEU A 61 -14.42 3.77 5.97
C LEU A 61 -15.11 5.10 6.20
N GLU A 62 -14.38 6.04 6.80
CA GLU A 62 -14.92 7.37 7.08
C GLU A 62 -16.17 7.28 7.96
N ASP A 63 -16.75 8.43 8.28
CA ASP A 63 -17.96 8.49 9.10
C ASP A 63 -17.70 7.93 10.50
N TYR A 64 -16.42 7.68 10.81
CA TYR A 64 -16.05 7.15 12.11
C TYR A 64 -14.99 8.04 12.76
N ALA A 65 -14.75 7.82 14.05
CA ALA A 65 -13.76 8.61 14.79
C ALA A 65 -12.35 8.15 14.48
N ALA A 66 -12.08 6.86 14.66
CA ALA A 66 -10.75 6.31 14.41
C ALA A 66 -10.77 4.79 14.46
N ILE A 67 -11.91 4.20 14.13
CA ILE A 67 -12.04 2.74 14.14
C ILE A 67 -11.06 2.10 13.15
N ARG A 68 -10.54 2.90 12.24
CA ARG A 68 -9.59 2.43 11.25
C ARG A 68 -8.40 1.74 11.90
N ASP A 69 -8.01 2.23 13.07
CA ASP A 69 -6.88 1.66 13.81
C ASP A 69 -7.04 0.16 14.01
N ASN A 70 -8.27 -0.27 14.27
CA ASN A 70 -8.56 -1.68 14.49
C ASN A 70 -8.13 -2.53 13.28
N TYR A 71 -8.27 -1.96 12.09
CA TYR A 71 -7.90 -2.67 10.87
C TYR A 71 -6.39 -2.75 10.71
N PHE A 72 -5.69 -1.72 11.16
CA PHE A 72 -4.23 -1.69 11.08
C PHE A 72 -3.60 -2.63 12.10
N ARG A 73 -4.41 -3.07 13.05
CA ARG A 73 -3.93 -3.97 14.10
C ARG A 73 -3.95 -5.43 13.63
N SER A 74 -4.51 -5.66 12.45
CA SER A 74 -4.59 -7.01 11.89
C SER A 74 -3.51 -7.22 10.84
N GLY A 75 -2.57 -6.30 10.76
CA GLY A 75 -1.50 -6.40 9.79
C GLY A 75 -0.15 -5.95 10.34
N GLU A 76 0.87 -6.00 9.50
CA GLU A 76 2.21 -5.60 9.90
C GLU A 76 2.78 -4.55 8.95
N GLY A 77 2.53 -4.73 7.65
CA GLY A 77 3.03 -3.80 6.67
C GLY A 77 1.98 -2.80 6.24
N PHE A 78 2.43 -1.70 5.62
CA PHE A 78 1.52 -0.67 5.15
C PHE A 78 1.90 -0.19 3.76
N LEU A 79 0.91 -0.11 2.88
CA LEU A 79 1.13 0.32 1.51
C LEU A 79 0.26 1.52 1.16
N LEU A 80 0.86 2.70 1.09
CA LEU A 80 0.13 3.92 0.77
C LEU A 80 -0.04 4.07 -0.74
N VAL A 81 -1.26 4.42 -1.16
CA VAL A 81 -1.55 4.59 -2.58
C VAL A 81 -2.46 5.79 -2.83
N PHE A 82 -2.15 6.53 -3.89
CA PHE A 82 -2.95 7.70 -4.27
C PHE A 82 -2.93 7.89 -5.79
N SER A 83 -3.85 8.69 -6.29
CA SER A 83 -3.93 8.96 -7.72
C SER A 83 -3.33 10.33 -8.04
N ILE A 84 -2.68 10.42 -9.19
CA ILE A 84 -2.06 11.66 -9.62
C ILE A 84 -3.12 12.64 -10.13
N THR A 85 -4.17 12.10 -10.73
CA THR A 85 -5.26 12.92 -11.26
C THR A 85 -6.06 13.55 -10.14
N GLU A 86 -5.86 13.06 -8.92
CA GLU A 86 -6.58 13.58 -7.76
C GLU A 86 -5.60 14.02 -6.67
N HIS A 87 -5.34 15.33 -6.63
CA HIS A 87 -4.43 15.89 -5.64
C HIS A 87 -4.96 15.68 -4.22
N GLU A 88 -6.24 15.35 -4.12
CA GLU A 88 -6.88 15.13 -2.83
C GLU A 88 -6.40 13.81 -2.23
N SER A 89 -5.99 12.91 -3.10
CA SER A 89 -5.51 11.60 -2.68
C SER A 89 -4.18 11.70 -1.94
N PHE A 90 -3.20 12.34 -2.56
CA PHE A 90 -1.87 12.49 -1.97
C PHE A 90 -1.94 13.17 -0.60
N THR A 91 -2.87 14.10 -0.47
CA THR A 91 -3.05 14.84 0.79
C THR A 91 -3.67 13.96 1.88
N ALA A 92 -4.81 13.35 1.56
CA ALA A 92 -5.50 12.49 2.52
C ALA A 92 -4.63 11.31 2.91
N THR A 93 -3.86 10.80 1.96
CA THR A 93 -2.97 9.67 2.21
C THR A 93 -1.98 10.01 3.33
N ALA A 94 -1.63 11.28 3.41
CA ALA A 94 -0.69 11.76 4.43
C ALA A 94 -1.32 11.69 5.82
N GLU A 95 -2.64 11.80 5.87
CA GLU A 95 -3.36 11.75 7.13
C GLU A 95 -3.24 10.37 7.77
N PHE A 96 -3.42 9.34 6.94
CA PHE A 96 -3.33 7.96 7.40
C PHE A 96 -1.93 7.63 7.94
N ARG A 97 -0.95 8.38 7.45
CA ARG A 97 0.44 8.19 7.87
C ARG A 97 0.55 8.13 9.40
N GLU A 98 -0.12 9.06 10.08
CA GLU A 98 -0.09 9.12 11.53
C GLU A 98 -0.88 7.96 12.14
N GLN A 99 -2.00 7.62 11.51
CA GLN A 99 -2.85 6.52 11.99
C GLN A 99 -2.08 5.21 12.00
N ILE A 100 -1.09 5.12 11.12
CA ILE A 100 -0.27 3.93 11.02
C ILE A 100 0.56 3.71 12.28
N LEU A 101 1.18 4.79 12.77
CA LEU A 101 2.00 4.72 13.97
C LEU A 101 1.16 4.44 15.21
N ARG A 102 -0.12 4.81 15.17
CA ARG A 102 -1.03 4.60 16.30
C ARG A 102 -1.02 3.14 16.75
N VAL A 103 -1.19 2.24 15.80
CA VAL A 103 -1.21 0.82 16.10
C VAL A 103 0.18 0.27 16.41
N LYS A 104 1.16 0.72 15.64
CA LYS A 104 2.54 0.26 15.83
C LYS A 104 3.32 1.26 16.68
N ALA A 105 2.72 1.73 17.76
CA ALA A 105 3.36 2.68 18.65
C ALA A 105 4.40 2.00 19.53
N GLU A 106 4.54 0.68 19.36
CA GLU A 106 5.50 -0.09 20.13
C GLU A 106 6.71 -0.47 19.29
N GLU A 107 6.48 -0.76 18.01
CA GLU A 107 7.56 -1.13 17.10
C GLU A 107 8.26 0.10 16.55
N ASP A 108 9.58 -0.01 16.37
CA ASP A 108 10.37 1.11 15.85
C ASP A 108 10.26 1.19 14.33
N LYS A 109 10.67 0.13 13.66
CA LYS A 109 10.61 0.08 12.20
C LYS A 109 9.18 -0.19 11.72
N ILE A 110 8.66 0.72 10.90
CA ILE A 110 7.31 0.59 10.37
C ILE A 110 7.33 0.45 8.85
N PRO A 111 7.12 -0.77 8.32
CA PRO A 111 7.12 -1.01 6.87
C PRO A 111 6.12 -0.11 6.14
N LEU A 112 6.64 0.80 5.32
CA LEU A 112 5.80 1.71 4.56
C LEU A 112 6.33 1.88 3.15
N LEU A 113 5.42 2.16 2.22
CA LEU A 113 5.79 2.37 0.82
C LEU A 113 4.73 3.19 0.10
N VAL A 114 5.12 4.34 -0.42
CA VAL A 114 4.20 5.23 -1.12
C VAL A 114 4.11 4.87 -2.59
N VAL A 115 2.90 4.93 -3.14
CA VAL A 115 2.68 4.60 -4.54
C VAL A 115 1.65 5.53 -5.17
N GLY A 116 1.82 5.80 -6.46
CA GLY A 116 0.90 6.66 -7.17
C GLY A 116 0.45 6.06 -8.49
N ASN A 117 -0.84 5.74 -8.58
CA ASN A 117 -1.40 5.15 -9.79
C ASN A 117 -1.89 6.24 -10.74
N LYS A 118 -2.68 5.83 -11.72
CA LYS A 118 -3.22 6.75 -12.71
C LYS A 118 -2.11 7.35 -13.58
N SER A 119 -0.91 6.80 -13.45
CA SER A 119 0.24 7.26 -14.21
C SER A 119 -0.01 7.17 -15.72
N ASP A 120 -1.09 6.51 -16.10
CA ASP A 120 -1.44 6.35 -17.51
C ASP A 120 -1.79 7.71 -18.12
N LEU A 121 -1.84 8.74 -17.29
CA LEU A 121 -2.17 10.08 -17.74
C LEU A 121 -1.08 11.08 -17.34
N GLU A 122 -0.08 11.22 -18.20
CA GLU A 122 1.03 12.13 -17.95
C GLU A 122 0.58 13.58 -18.11
N GLU A 123 -0.28 13.83 -19.08
CA GLU A 123 -0.78 15.16 -19.35
C GLU A 123 -1.72 15.64 -18.24
N ARG A 124 -2.27 14.69 -17.49
CA ARG A 124 -3.18 15.03 -16.40
C ARG A 124 -2.51 14.86 -15.04
N ARG A 125 -1.21 14.54 -15.06
CA ARG A 125 -0.46 14.35 -13.82
C ARG A 125 -0.15 15.70 -13.18
N GLN A 126 -0.83 16.00 -12.07
CA GLN A 126 -0.61 17.26 -11.37
C GLN A 126 0.54 17.15 -10.38
N VAL A 127 0.71 15.96 -9.81
CA VAL A 127 1.78 15.73 -8.84
C VAL A 127 3.02 15.12 -9.51
N PRO A 128 4.06 15.93 -9.76
CA PRO A 128 5.29 15.44 -10.39
C PRO A 128 5.99 14.40 -9.51
N VAL A 129 6.44 13.32 -10.12
CA VAL A 129 7.12 12.26 -9.39
C VAL A 129 8.22 12.81 -8.50
N GLU A 130 8.99 13.76 -9.03
CA GLU A 130 10.09 14.36 -8.28
C GLU A 130 9.61 14.92 -6.94
N GLU A 131 8.51 15.65 -6.97
CA GLU A 131 7.96 16.25 -5.75
C GLU A 131 7.46 15.17 -4.80
N ALA A 132 6.79 14.17 -5.35
CA ALA A 132 6.24 13.08 -4.55
C ALA A 132 7.35 12.32 -3.83
N ARG A 133 8.54 12.30 -4.43
CA ARG A 133 9.69 11.61 -3.84
C ARG A 133 10.27 12.38 -2.67
N SER A 134 10.26 13.71 -2.77
CA SER A 134 10.79 14.56 -1.72
C SER A 134 9.97 14.44 -0.44
N LYS A 135 8.67 14.61 -0.55
CA LYS A 135 7.77 14.52 0.60
C LYS A 135 7.77 13.12 1.18
N ALA A 136 7.67 12.12 0.32
CA ALA A 136 7.64 10.72 0.74
C ALA A 136 8.93 10.32 1.44
N GLU A 137 10.05 10.75 0.88
CA GLU A 137 11.36 10.44 1.44
C GLU A 137 11.43 10.79 2.93
N GLU A 138 10.71 11.83 3.33
CA GLU A 138 10.68 12.24 4.73
C GLU A 138 10.31 11.08 5.64
N TRP A 139 9.32 10.29 5.21
CA TRP A 139 8.88 9.14 5.98
C TRP A 139 9.96 8.06 6.03
N GLY A 140 10.87 8.11 5.07
CA GLY A 140 11.94 7.14 5.01
C GLY A 140 11.68 6.05 3.99
N VAL A 141 11.03 6.42 2.89
CA VAL A 141 10.72 5.47 1.83
C VAL A 141 11.01 6.04 0.45
N GLN A 142 10.70 5.27 -0.57
CA GLN A 142 10.90 5.69 -1.95
C GLN A 142 9.58 5.57 -2.71
N TYR A 143 9.24 6.60 -3.47
CA TYR A 143 7.99 6.61 -4.22
C TYR A 143 8.20 6.14 -5.66
N VAL A 144 7.25 5.33 -6.14
CA VAL A 144 7.31 4.79 -7.50
C VAL A 144 6.01 5.06 -8.25
N GLU A 145 6.09 5.12 -9.57
CA GLU A 145 4.92 5.35 -10.42
C GLU A 145 4.25 4.03 -10.77
N THR A 146 2.93 4.04 -10.89
CA THR A 146 2.19 2.82 -11.20
C THR A 146 0.94 3.10 -12.04
N SER A 147 0.36 2.03 -12.57
CA SER A 147 -0.85 2.14 -13.39
C SER A 147 -1.68 0.87 -13.25
N ALA A 148 -2.82 1.00 -12.57
CA ALA A 148 -3.71 -0.14 -12.36
C ALA A 148 -4.35 -0.60 -13.67
N LYS A 149 -4.00 0.06 -14.77
CA LYS A 149 -4.53 -0.27 -16.07
C LYS A 149 -3.57 -1.15 -16.85
N THR A 150 -2.30 -0.75 -16.90
CA THR A 150 -1.29 -1.52 -17.61
C THR A 150 -0.52 -2.43 -16.68
N ARG A 151 -0.93 -2.44 -15.39
CA ARG A 151 -0.29 -3.27 -14.37
C ARG A 151 1.21 -3.46 -14.62
N ALA A 152 1.89 -2.36 -14.94
CA ALA A 152 3.32 -2.41 -15.22
C ALA A 152 4.14 -2.49 -13.93
N ASN A 153 3.94 -1.53 -13.03
CA ASN A 153 4.69 -1.50 -11.76
C ASN A 153 3.77 -1.79 -10.58
N VAL A 154 2.58 -2.29 -10.85
CA VAL A 154 1.63 -2.60 -9.78
C VAL A 154 2.21 -3.65 -8.83
N ASP A 155 2.87 -4.65 -9.40
CA ASP A 155 3.47 -5.72 -8.60
C ASP A 155 4.73 -5.21 -7.89
N LYS A 156 5.41 -4.26 -8.52
CA LYS A 156 6.64 -3.69 -7.99
C LYS A 156 6.45 -3.13 -6.58
N VAL A 157 5.25 -2.61 -6.30
CA VAL A 157 4.96 -2.03 -4.99
C VAL A 157 4.78 -3.11 -3.93
N PHE A 158 4.23 -4.25 -4.33
CA PHE A 158 3.98 -5.35 -3.41
C PHE A 158 5.29 -6.08 -3.07
N PHE A 159 6.12 -6.31 -4.09
CA PHE A 159 7.38 -7.00 -3.90
C PHE A 159 8.39 -6.12 -3.17
N ASP A 160 8.40 -4.82 -3.49
CA ASP A 160 9.32 -3.89 -2.85
C ASP A 160 9.08 -3.83 -1.34
N LEU A 161 7.81 -3.71 -0.97
CA LEU A 161 7.44 -3.65 0.45
C LEU A 161 7.71 -4.97 1.14
N MET A 162 7.58 -6.07 0.39
CA MET A 162 7.82 -7.41 0.94
C MET A 162 9.23 -7.52 1.50
N ARG A 163 10.20 -6.96 0.78
CA ARG A 163 11.59 -7.01 1.21
C ARG A 163 11.79 -6.18 2.48
N GLU A 164 11.05 -5.08 2.58
CA GLU A 164 11.14 -4.20 3.74
C GLU A 164 10.78 -4.95 5.03
N ILE A 165 9.63 -5.60 5.03
CA ILE A 165 9.17 -6.35 6.19
C ILE A 165 10.19 -7.42 6.60
N ARG A 166 10.89 -7.95 5.60
CA ARG A 166 11.89 -8.98 5.85
C ARG A 166 13.12 -8.43 6.57
N THR A 167 13.78 -7.48 5.92
CA THR A 167 14.99 -6.88 6.47
C THR A 167 14.71 -5.70 7.41
N LYS A 168 14.05 -4.68 6.91
CA LYS A 168 13.76 -3.47 7.70
C LYS A 168 12.97 -3.75 8.97
N LYS A 169 11.83 -4.43 8.85
CA LYS A 169 10.99 -4.73 10.01
C LYS A 169 11.71 -5.63 11.01
N MET A 170 12.26 -6.73 10.52
CA MET A 170 12.96 -7.68 11.38
C MET A 170 14.29 -7.11 11.89
N SER A 171 14.73 -6.01 11.30
CA SER A 171 15.98 -5.38 11.71
C SER A 171 15.92 -4.99 13.18
N GLU A 172 14.98 -4.13 13.52
CA GLU A 172 14.81 -3.66 14.90
C GLU A 172 16.12 -3.16 15.49
N ASN A 173 16.36 -1.86 15.39
CA ASN A 173 17.57 -1.26 15.93
C ASN A 173 17.61 -1.38 17.44
N LYS A 174 18.74 -1.03 18.04
CA LYS A 174 18.89 -1.11 19.48
C LYS A 174 19.87 -0.05 19.99
PG GNP B . -13.59 2.33 -2.54
O1G GNP B . -14.67 3.07 -3.25
O2G GNP B . -13.75 0.74 -2.71
O3G GNP B . -13.52 2.74 -1.01
N3B GNP B . -12.07 2.71 -3.15
PB GNP B . -12.00 2.54 -4.82
O1B GNP B . -11.12 3.60 -5.37
O2B GNP B . -11.68 1.12 -5.13
O3A GNP B . -13.49 2.83 -5.29
PA GNP B . -13.77 3.58 -6.67
O1A GNP B . -15.21 3.44 -7.00
O2A GNP B . -13.18 4.95 -6.58
O5' GNP B . -12.93 2.71 -7.69
C5' GNP B . -11.86 3.30 -8.45
C4' GNP B . -12.01 2.93 -9.90
O4' GNP B . -11.18 3.83 -10.70
C3' GNP B . -11.53 1.53 -10.27
O3' GNP B . -12.58 0.59 -10.12
C2' GNP B . -11.12 1.68 -11.73
O2' GNP B . -12.22 1.63 -12.61
C1' GNP B . -10.53 3.10 -11.73
N9 GNP B . -9.09 3.15 -11.49
C8 GNP B . -8.44 2.90 -10.30
N7 GNP B . -7.14 3.03 -10.40
C5 GNP B . -6.93 3.37 -11.73
C6 GNP B . -5.73 3.64 -12.42
O6 GNP B . -4.57 3.62 -11.98
N1 GNP B . -5.95 3.96 -13.76
C2 GNP B . -7.19 4.01 -14.34
N2 GNP B . -7.22 4.34 -15.64
N3 GNP B . -8.32 3.76 -13.70
C4 GNP B . -8.12 3.45 -12.41
HNB3 GNP B . -11.40 2.13 -2.73
H5'2 GNP B . -10.91 2.93 -8.07
H5'1 GNP B . -11.89 4.39 -8.35
H4' GNP B . -13.07 2.98 -10.15
H3' GNP B . -10.72 1.19 -9.63
HO3' GNP B . -13.40 1.04 -10.28
H2' GNP B . -10.35 0.94 -11.98
HO2' GNP B . -11.91 1.27 -13.44
H1' GNP B . -10.74 3.63 -12.66
H8 GNP B . -8.95 2.64 -9.39
HN1 GNP B . -5.15 4.17 -14.33
HN21 GNP B . -8.10 4.39 -16.13
HN22 GNP B . -6.37 4.53 -16.13
MG MG C . -12.28 -0.64 -3.80
N LEU A 1 7.20 -21.85 6.33
CA LEU A 1 6.92 -20.65 5.49
C LEU A 1 6.56 -19.44 6.36
N ALA A 2 6.74 -18.25 5.79
CA ALA A 2 6.44 -17.01 6.51
C ALA A 2 5.07 -16.49 6.14
N LEU A 3 4.62 -15.46 6.87
CA LEU A 3 3.32 -14.86 6.61
C LEU A 3 3.41 -13.33 6.71
N HIS A 4 3.41 -12.67 5.57
CA HIS A 4 3.49 -11.22 5.52
C HIS A 4 2.12 -10.62 5.18
N LYS A 5 1.61 -9.78 6.08
CA LYS A 5 0.31 -9.15 5.87
C LYS A 5 0.47 -7.70 5.44
N VAL A 6 0.10 -7.41 4.19
CA VAL A 6 0.20 -6.05 3.65
C VAL A 6 -1.16 -5.36 3.71
N ILE A 7 -1.16 -4.12 4.20
CA ILE A 7 -2.39 -3.35 4.32
C ILE A 7 -2.49 -2.28 3.24
N MET A 8 -3.49 -2.43 2.37
CA MET A 8 -3.70 -1.46 1.30
C MET A 8 -4.24 -0.15 1.86
N VAL A 9 -3.34 0.74 2.25
CA VAL A 9 -3.73 2.03 2.81
C VAL A 9 -3.75 3.12 1.75
N GLY A 10 -4.55 4.14 1.99
CA GLY A 10 -4.65 5.23 1.04
C GLY A 10 -5.55 6.35 1.56
N SER A 11 -6.05 7.17 0.64
CA SER A 11 -6.92 8.28 1.01
C SER A 11 -8.25 7.77 1.52
N GLY A 12 -8.79 6.76 0.85
CA GLY A 12 -10.06 6.18 1.24
C GLY A 12 -11.02 6.04 0.06
N GLY A 13 -10.47 5.80 -1.13
CA GLY A 13 -11.29 5.65 -2.32
C GLY A 13 -10.53 5.95 -3.59
N VAL A 14 -9.34 5.38 -3.72
CA VAL A 14 -8.51 5.59 -4.90
C VAL A 14 -8.50 4.35 -5.79
N GLY A 15 -8.16 3.21 -5.19
CA GLY A 15 -8.11 1.96 -5.95
C GLY A 15 -7.30 0.89 -5.24
N LYS A 16 -7.37 0.88 -3.92
CA LYS A 16 -6.64 -0.11 -3.12
C LYS A 16 -6.82 -1.51 -3.68
N SER A 17 -8.06 -1.84 -4.03
CA SER A 17 -8.39 -3.15 -4.59
C SER A 17 -7.90 -3.29 -6.02
N ALA A 18 -7.84 -2.17 -6.73
CA ALA A 18 -7.41 -2.15 -8.12
C ALA A 18 -6.01 -2.70 -8.23
N LEU A 19 -5.10 -2.14 -7.44
CA LEU A 19 -3.73 -2.61 -7.43
C LEU A 19 -3.70 -4.04 -6.93
N THR A 20 -4.72 -4.39 -6.15
CA THR A 20 -4.84 -5.72 -5.59
C THR A 20 -5.13 -6.75 -6.68
N LEU A 21 -6.04 -6.39 -7.59
CA LEU A 21 -6.42 -7.29 -8.68
C LEU A 21 -5.30 -7.42 -9.71
N GLN A 22 -4.58 -6.34 -9.95
CA GLN A 22 -3.49 -6.35 -10.92
C GLN A 22 -2.35 -7.24 -10.45
N PHE A 23 -2.19 -7.35 -9.14
CA PHE A 23 -1.13 -8.16 -8.56
C PHE A 23 -1.43 -9.67 -8.70
N MET A 24 -2.62 -10.07 -8.29
CA MET A 24 -3.02 -11.47 -8.32
C MET A 24 -3.51 -11.93 -9.70
N TYR A 25 -4.44 -11.18 -10.29
CA TYR A 25 -5.00 -11.54 -11.59
C TYR A 25 -4.17 -11.02 -12.75
N ASP A 26 -3.42 -9.93 -12.51
CA ASP A 26 -2.60 -9.34 -13.57
C ASP A 26 -3.48 -8.95 -14.76
N GLU A 27 -4.71 -8.56 -14.46
CA GLU A 27 -5.66 -8.17 -15.49
C GLU A 27 -6.59 -7.07 -14.98
N PHE A 28 -6.76 -6.01 -15.77
CA PHE A 28 -7.62 -4.91 -15.38
C PHE A 28 -9.09 -5.28 -15.54
N VAL A 29 -9.76 -5.50 -14.41
CA VAL A 29 -11.18 -5.87 -14.41
C VAL A 29 -11.88 -5.27 -13.21
N GLU A 30 -13.20 -5.05 -13.32
CA GLU A 30 -13.98 -4.48 -12.24
C GLU A 30 -13.87 -5.35 -10.97
N ASP A 31 -14.78 -6.30 -10.83
CA ASP A 31 -14.80 -7.18 -9.66
C ASP A 31 -14.64 -6.40 -8.36
N TYR A 32 -15.77 -5.99 -7.79
CA TYR A 32 -15.77 -5.23 -6.54
C TYR A 32 -16.34 -6.07 -5.40
N GLU A 33 -15.89 -5.78 -4.18
CA GLU A 33 -16.35 -6.51 -3.00
C GLU A 33 -16.17 -5.67 -1.73
N PRO A 34 -17.22 -5.57 -0.89
CA PRO A 34 -17.16 -4.80 0.35
C PRO A 34 -16.23 -5.44 1.38
N THR A 35 -15.31 -4.63 1.92
CA THR A 35 -14.36 -5.12 2.91
C THR A 35 -15.06 -5.48 4.21
N LYS A 36 -14.92 -6.73 4.63
CA LYS A 36 -15.54 -7.20 5.87
C LYS A 36 -14.50 -7.79 6.82
N ALA A 37 -13.85 -8.87 6.37
CA ALA A 37 -12.83 -9.53 7.18
C ALA A 37 -12.08 -10.58 6.36
N ASP A 38 -12.61 -10.88 5.18
CA ASP A 38 -12.01 -11.87 4.30
C ASP A 38 -10.78 -11.29 3.60
N SER A 39 -9.67 -12.03 3.67
CA SER A 39 -8.42 -11.60 3.06
C SER A 39 -7.93 -12.65 2.06
N TYR A 40 -7.04 -12.23 1.16
CA TYR A 40 -6.50 -13.13 0.15
C TYR A 40 -5.19 -13.76 0.62
N ARG A 41 -4.84 -14.90 0.03
CA ARG A 41 -3.61 -15.60 0.38
C ARG A 41 -2.98 -16.22 -0.86
N LYS A 42 -1.65 -16.14 -0.94
CA LYS A 42 -0.92 -16.70 -2.08
C LYS A 42 0.53 -16.99 -1.71
N LYS A 43 1.07 -18.07 -2.26
CA LYS A 43 2.45 -18.48 -1.99
C LYS A 43 3.36 -18.12 -3.16
N VAL A 44 4.34 -17.26 -2.91
CA VAL A 44 5.29 -16.85 -3.93
C VAL A 44 6.73 -16.95 -3.44
N VAL A 45 7.64 -17.27 -4.35
CA VAL A 45 9.05 -17.40 -4.00
C VAL A 45 9.67 -16.02 -3.75
N LEU A 46 10.51 -15.95 -2.72
CA LEU A 46 11.18 -14.70 -2.37
C LEU A 46 12.67 -14.92 -2.18
N ASP A 47 13.45 -14.59 -3.21
CA ASP A 47 14.90 -14.76 -3.16
C ASP A 47 15.27 -16.20 -2.84
N GLY A 48 14.42 -17.13 -3.26
CA GLY A 48 14.66 -18.54 -3.02
C GLY A 48 13.72 -19.13 -1.98
N GLU A 49 13.43 -18.36 -0.93
CA GLU A 49 12.54 -18.81 0.13
C GLU A 49 11.10 -18.39 -0.15
N GLU A 50 10.23 -19.37 -0.36
CA GLU A 50 8.83 -19.11 -0.64
C GLU A 50 8.08 -18.64 0.61
N VAL A 51 7.40 -17.50 0.49
CA VAL A 51 6.64 -16.93 1.60
C VAL A 51 5.21 -16.64 1.18
N GLN A 52 4.33 -16.50 2.16
CA GLN A 52 2.92 -16.21 1.88
C GLN A 52 2.62 -14.73 1.99
N ILE A 53 1.56 -14.29 1.34
CA ILE A 53 1.16 -12.88 1.37
C ILE A 53 -0.33 -12.74 1.68
N ASP A 54 -0.66 -11.78 2.53
CA ASP A 54 -2.05 -11.53 2.91
C ASP A 54 -2.46 -10.10 2.54
N ILE A 55 -3.44 -10.00 1.64
CA ILE A 55 -3.92 -8.70 1.19
C ILE A 55 -5.38 -8.49 1.59
N LEU A 56 -5.67 -7.31 2.13
CA LEU A 56 -7.04 -6.97 2.54
C LEU A 56 -7.61 -5.91 1.61
N ASP A 57 -8.86 -6.11 1.17
CA ASP A 57 -9.52 -5.17 0.27
C ASP A 57 -9.45 -3.75 0.81
N THR A 58 -9.60 -3.61 2.12
CA THR A 58 -9.55 -2.30 2.78
C THR A 58 -10.44 -1.26 2.07
N ALA A 59 -11.66 -1.13 2.56
CA ALA A 59 -12.61 -0.18 1.98
C ALA A 59 -12.37 1.23 2.52
N GLY A 60 -13.01 2.21 1.90
CA GLY A 60 -12.85 3.59 2.32
C GLY A 60 -13.82 3.96 3.44
N LEU A 61 -13.37 3.77 4.69
CA LEU A 61 -14.21 4.08 5.84
C LEU A 61 -14.62 5.56 5.81
N GLU A 62 -13.67 6.44 6.10
CA GLU A 62 -13.93 7.87 6.10
C GLU A 62 -15.04 8.24 7.08
N ASP A 63 -15.39 7.30 7.95
CA ASP A 63 -16.45 7.52 8.93
C ASP A 63 -16.02 7.02 10.31
N TYR A 64 -14.95 6.23 10.35
CA TYR A 64 -14.44 5.70 11.60
C TYR A 64 -12.93 5.84 11.67
N ALA A 65 -12.48 6.93 12.28
CA ALA A 65 -11.05 7.20 12.42
C ALA A 65 -10.43 6.35 13.53
N ALA A 66 -11.27 5.80 14.39
CA ALA A 66 -10.80 4.98 15.51
C ALA A 66 -10.82 3.49 15.15
N ILE A 67 -11.73 3.10 14.27
CA ILE A 67 -11.85 1.70 13.87
C ILE A 67 -10.82 1.35 12.80
N ARG A 68 -10.40 2.34 12.02
CA ARG A 68 -9.41 2.11 10.97
C ARG A 68 -8.12 1.56 11.54
N ASP A 69 -7.82 1.92 12.78
CA ASP A 69 -6.61 1.46 13.45
C ASP A 69 -6.60 -0.05 13.59
N ASN A 70 -7.79 -0.64 13.73
CA ASN A 70 -7.93 -2.08 13.89
C ASN A 70 -7.28 -2.83 12.72
N TYR A 71 -7.37 -2.25 11.53
CA TYR A 71 -6.80 -2.86 10.34
C TYR A 71 -5.28 -2.76 10.31
N PHE A 72 -4.76 -1.65 10.81
CA PHE A 72 -3.32 -1.42 10.83
C PHE A 72 -2.63 -2.22 11.94
N ARG A 73 -3.38 -2.59 12.97
CA ARG A 73 -2.82 -3.34 14.07
C ARG A 73 -2.74 -4.83 13.73
N SER A 74 -3.65 -5.29 12.88
CA SER A 74 -3.68 -6.69 12.47
C SER A 74 -2.72 -6.92 11.30
N GLY A 75 -2.11 -5.85 10.81
CA GLY A 75 -1.19 -5.96 9.70
C GLY A 75 0.21 -5.51 10.06
N GLU A 76 1.18 -5.86 9.20
CA GLU A 76 2.57 -5.49 9.44
C GLU A 76 3.04 -4.48 8.40
N GLY A 77 2.86 -4.81 7.12
CA GLY A 77 3.26 -3.92 6.05
C GLY A 77 2.22 -2.88 5.73
N PHE A 78 2.64 -1.79 5.09
CA PHE A 78 1.72 -0.71 4.71
C PHE A 78 2.02 -0.21 3.30
N LEU A 79 0.98 -0.06 2.50
CA LEU A 79 1.14 0.43 1.13
C LEU A 79 0.21 1.61 0.85
N LEU A 80 0.79 2.81 0.81
CA LEU A 80 0.01 4.02 0.54
C LEU A 80 -0.19 4.20 -0.96
N VAL A 81 -1.44 4.28 -1.39
CA VAL A 81 -1.76 4.43 -2.81
C VAL A 81 -2.67 5.63 -3.07
N PHE A 82 -2.28 6.46 -4.02
CA PHE A 82 -3.06 7.64 -4.39
C PHE A 82 -2.90 7.93 -5.88
N SER A 83 -3.95 8.49 -6.49
CA SER A 83 -3.91 8.81 -7.91
C SER A 83 -3.38 10.23 -8.15
N ILE A 84 -2.81 10.44 -9.32
CA ILE A 84 -2.27 11.74 -9.69
C ILE A 84 -3.37 12.71 -10.10
N THR A 85 -4.37 12.19 -10.80
CA THR A 85 -5.49 13.01 -11.25
C THR A 85 -6.30 13.55 -10.08
N GLU A 86 -6.22 12.87 -8.94
CA GLU A 86 -6.94 13.30 -7.75
C GLU A 86 -6.01 13.84 -6.68
N HIS A 87 -5.84 15.15 -6.66
CA HIS A 87 -4.97 15.81 -5.68
C HIS A 87 -5.49 15.59 -4.27
N GLU A 88 -6.75 15.17 -4.15
CA GLU A 88 -7.37 14.94 -2.86
C GLU A 88 -6.83 13.68 -2.19
N SER A 89 -6.39 12.73 -3.01
CA SER A 89 -5.87 11.47 -2.51
C SER A 89 -4.52 11.67 -1.81
N PHE A 90 -3.58 12.29 -2.51
CA PHE A 90 -2.25 12.54 -1.96
C PHE A 90 -2.32 13.22 -0.59
N THR A 91 -3.26 14.14 -0.45
CA THR A 91 -3.42 14.88 0.80
C THR A 91 -4.01 14.02 1.90
N ALA A 92 -5.14 13.38 1.62
CA ALA A 92 -5.80 12.52 2.59
C ALA A 92 -4.89 11.37 3.01
N THR A 93 -4.16 10.82 2.05
CA THR A 93 -3.23 9.72 2.31
C THR A 93 -2.20 10.14 3.35
N ALA A 94 -1.87 11.43 3.34
CA ALA A 94 -0.89 11.98 4.29
C ALA A 94 -1.37 11.77 5.72
N GLU A 95 -2.67 11.92 5.94
CA GLU A 95 -3.24 11.74 7.27
C GLU A 95 -3.09 10.30 7.74
N PHE A 96 -3.37 9.36 6.85
CA PHE A 96 -3.27 7.94 7.16
C PHE A 96 -1.86 7.58 7.60
N ARG A 97 -0.88 8.34 7.12
CA ARG A 97 0.52 8.10 7.45
C ARG A 97 0.71 8.12 8.97
N GLU A 98 0.10 9.10 9.62
CA GLU A 98 0.18 9.24 11.06
C GLU A 98 -0.60 8.14 11.78
N GLN A 99 -1.73 7.76 11.19
CA GLN A 99 -2.57 6.71 11.77
C GLN A 99 -1.81 5.40 11.87
N ILE A 100 -0.85 5.22 10.98
CA ILE A 100 -0.04 4.01 10.96
C ILE A 100 0.75 3.84 12.25
N LEU A 101 1.30 4.95 12.75
CA LEU A 101 2.08 4.93 13.98
C LEU A 101 1.22 4.63 15.20
N ARG A 102 -0.07 4.96 15.11
CA ARG A 102 -1.00 4.73 16.22
C ARG A 102 -0.91 3.30 16.74
N VAL A 103 -1.00 2.34 15.82
CA VAL A 103 -0.93 0.93 16.18
C VAL A 103 0.48 0.54 16.61
N LYS A 104 1.46 1.33 16.19
CA LYS A 104 2.85 1.08 16.55
C LYS A 104 3.36 2.14 17.51
N ALA A 105 2.55 2.46 18.52
CA ALA A 105 2.91 3.46 19.51
C ALA A 105 4.31 3.21 20.06
N GLU A 106 4.67 1.95 20.24
CA GLU A 106 5.99 1.59 20.76
C GLU A 106 7.06 1.95 19.74
N GLU A 107 6.76 1.73 18.47
CA GLU A 107 7.67 2.02 17.36
C GLU A 107 8.93 1.18 17.45
N ASP A 108 9.42 0.74 16.28
CA ASP A 108 10.62 -0.07 16.19
C ASP A 108 11.03 -0.24 14.74
N LYS A 109 10.14 -0.85 13.96
CA LYS A 109 10.38 -1.08 12.54
C LYS A 109 9.07 -0.96 11.76
N ILE A 110 8.80 0.23 11.24
CA ILE A 110 7.57 0.48 10.49
C ILE A 110 7.81 0.43 8.99
N PRO A 111 7.42 -0.67 8.31
CA PRO A 111 7.59 -0.81 6.87
C PRO A 111 6.50 -0.10 6.09
N LEU A 112 6.89 0.81 5.21
CA LEU A 112 5.93 1.56 4.40
C LEU A 112 6.45 1.79 2.98
N LEU A 113 5.53 2.09 2.06
CA LEU A 113 5.88 2.35 0.68
C LEU A 113 4.73 3.09 -0.02
N VAL A 114 5.07 4.17 -0.73
CA VAL A 114 4.08 4.98 -1.42
C VAL A 114 4.12 4.78 -2.93
N VAL A 115 2.96 4.81 -3.56
CA VAL A 115 2.86 4.65 -5.00
C VAL A 115 1.83 5.61 -5.59
N GLY A 116 2.03 5.98 -6.84
CA GLY A 116 1.12 6.89 -7.51
C GLY A 116 0.61 6.31 -8.82
N ASN A 117 -0.64 5.84 -8.80
CA ASN A 117 -1.24 5.25 -10.00
C ASN A 117 -1.79 6.34 -10.91
N LYS A 118 -2.59 5.93 -11.89
CA LYS A 118 -3.19 6.86 -12.84
C LYS A 118 -2.12 7.50 -13.72
N SER A 119 -0.90 6.99 -13.64
CA SER A 119 0.21 7.52 -14.43
C SER A 119 -0.07 7.43 -15.92
N ASP A 120 -1.11 6.68 -16.29
CA ASP A 120 -1.48 6.52 -17.69
C ASP A 120 -1.83 7.87 -18.31
N LEU A 121 -2.00 8.88 -17.46
CA LEU A 121 -2.33 10.22 -17.92
C LEU A 121 -1.22 11.22 -17.53
N GLU A 122 -0.23 11.36 -18.41
CA GLU A 122 0.88 12.26 -18.17
C GLU A 122 0.46 13.73 -18.32
N GLU A 123 -0.50 13.97 -19.22
CA GLU A 123 -0.98 15.32 -19.46
C GLU A 123 -2.00 15.75 -18.41
N ARG A 124 -2.51 14.78 -17.65
CA ARG A 124 -3.50 15.06 -16.62
C ARG A 124 -2.90 14.89 -15.22
N ARG A 125 -1.59 14.75 -15.16
CA ARG A 125 -0.90 14.59 -13.88
C ARG A 125 -0.83 15.92 -13.13
N GLN A 126 -1.56 16.00 -12.02
CA GLN A 126 -1.59 17.22 -11.21
C GLN A 126 -0.50 17.18 -10.14
N VAL A 127 -0.01 15.99 -9.83
CA VAL A 127 1.03 15.84 -8.82
C VAL A 127 2.35 15.37 -9.44
N PRO A 128 3.29 16.31 -9.68
CA PRO A 128 4.59 15.98 -10.25
C PRO A 128 5.35 14.98 -9.38
N VAL A 129 5.95 13.97 -10.01
CA VAL A 129 6.68 12.95 -9.29
C VAL A 129 7.74 13.56 -8.37
N GLU A 130 8.46 14.55 -8.87
CA GLU A 130 9.50 15.22 -8.10
C GLU A 130 8.97 15.75 -6.76
N GLU A 131 7.85 16.47 -6.82
CA GLU A 131 7.24 17.02 -5.63
C GLU A 131 6.69 15.92 -4.73
N ALA A 132 6.24 14.83 -5.36
CA ALA A 132 5.68 13.70 -4.63
C ALA A 132 6.76 12.91 -3.91
N ARG A 133 7.97 12.91 -4.47
CA ARG A 133 9.10 12.19 -3.88
C ARG A 133 9.64 12.93 -2.66
N SER A 134 9.69 14.25 -2.74
CA SER A 134 10.22 15.07 -1.66
C SER A 134 9.36 14.94 -0.39
N LYS A 135 8.05 14.82 -0.59
CA LYS A 135 7.12 14.70 0.54
C LYS A 135 7.15 13.28 1.12
N ALA A 136 7.10 12.29 0.23
CA ALA A 136 7.10 10.89 0.64
C ALA A 136 8.40 10.53 1.36
N GLU A 137 9.51 11.05 0.87
CA GLU A 137 10.82 10.77 1.45
C GLU A 137 10.85 11.13 2.94
N GLU A 138 10.09 12.16 3.31
CA GLU A 138 10.03 12.61 4.70
C GLU A 138 9.68 11.44 5.63
N TRP A 139 8.68 10.65 5.24
CA TRP A 139 8.26 9.51 6.04
C TRP A 139 9.35 8.44 6.09
N GLY A 140 10.17 8.39 5.04
CA GLY A 140 11.24 7.42 4.99
C GLY A 140 11.01 6.35 3.94
N VAL A 141 10.31 6.72 2.88
CA VAL A 141 10.02 5.78 1.80
C VAL A 141 10.32 6.39 0.44
N GLN A 142 10.37 5.53 -0.58
CA GLN A 142 10.62 5.98 -1.95
C GLN A 142 9.33 5.89 -2.76
N TYR A 143 8.97 7.00 -3.40
CA TYR A 143 7.76 7.05 -4.20
C TYR A 143 8.04 6.75 -5.67
N VAL A 144 7.12 6.05 -6.31
CA VAL A 144 7.26 5.69 -7.71
C VAL A 144 5.95 5.84 -8.48
N GLU A 145 6.05 6.07 -9.78
CA GLU A 145 4.87 6.23 -10.63
C GLU A 145 4.46 4.86 -11.20
N THR A 146 3.16 4.61 -11.23
CA THR A 146 2.66 3.34 -11.76
C THR A 146 1.32 3.53 -12.46
N SER A 147 0.89 2.49 -13.17
CA SER A 147 -0.39 2.52 -13.88
C SER A 147 -1.18 1.25 -13.60
N ALA A 148 -2.28 1.40 -12.86
CA ALA A 148 -3.13 0.26 -12.52
C ALA A 148 -3.82 -0.32 -13.76
N LYS A 149 -3.54 0.28 -14.91
CA LYS A 149 -4.14 -0.17 -16.16
C LYS A 149 -3.16 -1.05 -16.95
N THR A 150 -1.91 -0.63 -16.98
CA THR A 150 -0.87 -1.37 -17.69
C THR A 150 -0.19 -2.38 -16.79
N ARG A 151 -0.57 -2.38 -15.51
CA ARG A 151 0.00 -3.29 -14.50
C ARG A 151 1.48 -3.55 -14.74
N ALA A 152 2.20 -2.51 -15.14
CA ALA A 152 3.63 -2.63 -15.41
C ALA A 152 4.46 -2.66 -14.13
N ASN A 153 4.29 -1.62 -13.29
CA ASN A 153 5.04 -1.53 -12.05
C ASN A 153 4.12 -1.68 -10.84
N VAL A 154 2.95 -2.26 -11.04
CA VAL A 154 1.99 -2.45 -9.96
C VAL A 154 2.51 -3.46 -8.93
N ASP A 155 3.13 -4.52 -9.42
CA ASP A 155 3.67 -5.56 -8.55
C ASP A 155 4.94 -5.09 -7.84
N LYS A 156 5.52 -3.99 -8.33
CA LYS A 156 6.74 -3.44 -7.77
C LYS A 156 6.59 -3.07 -6.28
N VAL A 157 5.42 -2.55 -5.92
CA VAL A 157 5.18 -2.14 -4.54
C VAL A 157 4.95 -3.31 -3.61
N PHE A 158 4.46 -4.41 -4.16
CA PHE A 158 4.19 -5.61 -3.36
C PHE A 158 5.48 -6.32 -2.99
N PHE A 159 6.34 -6.52 -3.98
CA PHE A 159 7.62 -7.19 -3.76
C PHE A 159 8.60 -6.30 -3.00
N ASP A 160 8.63 -5.02 -3.34
CA ASP A 160 9.53 -4.07 -2.68
C ASP A 160 9.30 -4.05 -1.18
N LEU A 161 8.05 -3.87 -0.78
CA LEU A 161 7.69 -3.82 0.64
C LEU A 161 7.88 -5.19 1.28
N MET A 162 7.64 -6.24 0.51
CA MET A 162 7.77 -7.61 1.01
C MET A 162 9.16 -7.84 1.62
N ARG A 163 10.20 -7.50 0.86
CA ARG A 163 11.58 -7.67 1.32
C ARG A 163 11.86 -6.77 2.52
N GLU A 164 11.26 -5.59 2.53
CA GLU A 164 11.46 -4.62 3.61
C GLU A 164 10.87 -5.14 4.92
N ILE A 165 9.81 -5.92 4.83
CA ILE A 165 9.16 -6.46 6.02
C ILE A 165 9.99 -7.56 6.67
N ARG A 166 10.34 -8.59 5.91
CA ARG A 166 11.12 -9.71 6.43
C ARG A 166 12.51 -9.28 6.86
N THR A 167 13.02 -8.21 6.25
CA THR A 167 14.36 -7.72 6.56
C THR A 167 14.36 -6.72 7.71
N LYS A 168 13.64 -5.61 7.56
CA LYS A 168 13.60 -4.56 8.57
C LYS A 168 12.82 -4.96 9.83
N LYS A 169 11.57 -5.40 9.64
CA LYS A 169 10.72 -5.78 10.76
C LYS A 169 11.34 -6.92 11.58
N MET A 170 11.66 -8.02 10.91
CA MET A 170 12.24 -9.18 11.58
C MET A 170 13.61 -8.85 12.19
N SER A 171 14.21 -7.74 11.75
CA SER A 171 15.52 -7.34 12.27
C SER A 171 15.45 -7.08 13.77
N GLU A 172 14.64 -6.10 14.16
CA GLU A 172 14.48 -5.73 15.56
C GLU A 172 15.83 -5.37 16.19
N ASN A 173 16.81 -5.08 15.33
CA ASN A 173 18.14 -4.71 15.80
C ASN A 173 18.21 -3.24 16.14
N LYS A 174 18.60 -2.94 17.39
CA LYS A 174 18.70 -1.57 17.85
C LYS A 174 20.14 -1.08 17.81
PG GNP B . -13.64 1.71 -2.82
O1G GNP B . -14.69 2.48 -3.53
O2G GNP B . -13.83 0.13 -3.00
O3G GNP B . -13.59 2.09 -1.27
N3B GNP B . -12.10 2.06 -3.38
PB GNP B . -11.98 1.90 -5.05
O1B GNP B . -11.07 2.95 -5.56
O2B GNP B . -11.67 0.48 -5.36
O3A GNP B . -13.45 2.21 -5.56
PA GNP B . -13.84 1.95 -7.08
O1A GNP B . -13.56 0.52 -7.40
O2A GNP B . -15.21 2.48 -7.32
O5' GNP B . -12.79 2.86 -7.87
C5' GNP B . -11.68 2.28 -8.54
C4' GNP B . -11.88 2.34 -10.04
O4' GNP B . -11.19 3.49 -10.57
C3' GNP B . -11.32 1.15 -10.80
O3' GNP B . -12.28 0.11 -10.92
C2' GNP B . -10.98 1.76 -12.16
O2' GNP B . -12.12 1.87 -13.00
C1' GNP B . -10.51 3.14 -11.76
N9 GNP B . -9.08 3.24 -11.51
C8 GNP B . -8.43 3.06 -10.31
N7 GNP B . -7.14 3.22 -10.39
C5 GNP B . -6.91 3.50 -11.73
C6 GNP B . -5.70 3.76 -12.43
O6 GNP B . -4.55 3.79 -11.97
N1 GNP B . -5.91 4.00 -13.77
C2 GNP B . -7.15 4.00 -14.39
N2 GNP B . -7.16 4.25 -15.69
N3 GNP B . -8.29 3.76 -13.74
C4 GNP B . -8.10 3.52 -12.43
HNB3 GNP B . -11.44 1.47 -2.94
H5'2 GNP B . -11.56 1.24 -8.23
H5'1 GNP B . -10.78 2.83 -8.29
H4' GNP B . -12.96 2.34 -10.22
H3' GNP B . -10.46 0.72 -10.30
HO3' GNP B . -12.11 -0.34 -11.75
H2' GNP B . -10.18 1.18 -12.64
HO2' GNP B . -12.28 1.01 -13.37
H1' GNP B . -10.76 3.91 -12.51
H8 GNP B . -8.94 2.83 -9.39
HN1 GNP B . -5.11 4.20 -14.36
HN21 GNP B . -8.03 4.26 -16.20
HN22 GNP B . -6.29 4.43 -16.19
MG MG C . -12.36 -1.28 -4.06
N LEU A 1 7.69 -21.39 7.23
CA LEU A 1 7.42 -20.41 6.17
C LEU A 1 6.88 -19.10 6.75
N ALA A 2 7.66 -18.03 6.62
CA ALA A 2 7.26 -16.73 7.14
C ALA A 2 5.97 -16.26 6.50
N LEU A 3 5.29 -15.32 7.16
CA LEU A 3 4.03 -14.78 6.65
C LEU A 3 4.00 -13.27 6.80
N HIS A 4 3.87 -12.57 5.68
CA HIS A 4 3.82 -11.11 5.69
C HIS A 4 2.40 -10.61 5.38
N LYS A 5 2.07 -9.43 5.89
CA LYS A 5 0.75 -8.86 5.68
C LYS A 5 0.84 -7.41 5.19
N VAL A 6 0.49 -7.19 3.93
CA VAL A 6 0.53 -5.85 3.35
C VAL A 6 -0.88 -5.26 3.23
N ILE A 7 -1.06 -4.06 3.77
CA ILE A 7 -2.34 -3.39 3.73
C ILE A 7 -2.33 -2.21 2.77
N MET A 8 -3.10 -2.31 1.70
CA MET A 8 -3.18 -1.24 0.71
C MET A 8 -3.82 0.01 1.33
N VAL A 9 -2.97 0.88 1.87
CA VAL A 9 -3.46 2.11 2.49
C VAL A 9 -3.29 3.30 1.55
N GLY A 10 -3.94 4.41 1.89
CA GLY A 10 -3.85 5.60 1.08
C GLY A 10 -4.69 6.74 1.64
N SER A 11 -5.14 7.62 0.75
CA SER A 11 -5.96 8.75 1.14
C SER A 11 -7.36 8.29 1.52
N GLY A 12 -7.86 7.30 0.79
CA GLY A 12 -9.19 6.77 1.05
C GLY A 12 -9.99 6.60 -0.23
N GLY A 13 -9.67 7.42 -1.22
CA GLY A 13 -10.36 7.34 -2.50
C GLY A 13 -9.41 7.42 -3.68
N VAL A 14 -8.68 6.33 -3.92
CA VAL A 14 -7.72 6.28 -5.02
C VAL A 14 -7.84 4.97 -5.80
N GLY A 15 -7.86 3.85 -5.07
CA GLY A 15 -7.96 2.56 -5.71
C GLY A 15 -7.05 1.52 -5.10
N LYS A 16 -7.02 1.48 -3.76
CA LYS A 16 -6.18 0.52 -3.05
C LYS A 16 -6.50 -0.91 -3.49
N SER A 17 -7.71 -1.11 -3.99
CA SER A 17 -8.16 -2.43 -4.46
C SER A 17 -7.69 -2.68 -5.89
N ALA A 18 -7.54 -1.62 -6.65
CA ALA A 18 -7.12 -1.71 -8.05
C ALA A 18 -5.77 -2.39 -8.13
N LEU A 19 -4.81 -1.88 -7.37
CA LEU A 19 -3.49 -2.46 -7.35
C LEU A 19 -3.59 -3.88 -6.81
N THR A 20 -4.64 -4.13 -6.03
CA THR A 20 -4.86 -5.43 -5.46
C THR A 20 -5.26 -6.47 -6.51
N LEU A 21 -6.19 -6.09 -7.38
CA LEU A 21 -6.66 -7.00 -8.43
C LEU A 21 -5.60 -7.24 -9.49
N GLN A 22 -4.73 -6.27 -9.69
CA GLN A 22 -3.66 -6.39 -10.69
C GLN A 22 -2.56 -7.32 -10.20
N PHE A 23 -2.24 -7.24 -8.92
CA PHE A 23 -1.21 -8.08 -8.33
C PHE A 23 -1.65 -9.53 -8.20
N MET A 24 -2.91 -9.72 -7.80
CA MET A 24 -3.46 -11.06 -7.60
C MET A 24 -3.94 -11.72 -8.89
N TYR A 25 -4.75 -10.99 -9.67
CA TYR A 25 -5.30 -11.55 -10.91
C TYR A 25 -4.59 -11.03 -12.16
N ASP A 26 -3.98 -9.85 -12.06
CA ASP A 26 -3.29 -9.27 -13.21
C ASP A 26 -4.28 -8.99 -14.33
N GLU A 27 -5.49 -8.61 -13.95
CA GLU A 27 -6.55 -8.32 -14.91
C GLU A 27 -7.41 -7.17 -14.43
N PHE A 28 -7.66 -6.19 -15.31
CA PHE A 28 -8.46 -5.03 -14.97
C PHE A 28 -9.94 -5.30 -15.23
N VAL A 29 -10.73 -5.39 -14.17
CA VAL A 29 -12.16 -5.63 -14.28
C VAL A 29 -12.95 -4.56 -13.56
N GLU A 30 -14.03 -4.09 -14.19
CA GLU A 30 -14.87 -3.05 -13.60
C GLU A 30 -15.63 -3.59 -12.39
N ASP A 31 -15.80 -4.90 -12.32
CA ASP A 31 -16.51 -5.52 -11.22
C ASP A 31 -15.75 -5.37 -9.90
N TYR A 32 -16.47 -5.46 -8.79
CA TYR A 32 -15.87 -5.32 -7.47
C TYR A 32 -16.75 -5.98 -6.40
N GLU A 33 -16.12 -6.49 -5.34
CA GLU A 33 -16.85 -7.14 -4.26
C GLU A 33 -16.46 -6.56 -2.90
N PRO A 34 -17.41 -6.52 -1.94
CA PRO A 34 -17.16 -5.99 -0.60
C PRO A 34 -16.28 -6.92 0.23
N THR A 35 -15.64 -6.36 1.25
CA THR A 35 -14.77 -7.15 2.13
C THR A 35 -15.59 -7.84 3.21
N LYS A 36 -15.67 -9.17 3.12
CA LYS A 36 -16.41 -9.96 4.10
C LYS A 36 -15.53 -10.35 5.27
N ALA A 37 -14.62 -9.45 5.65
CA ALA A 37 -13.69 -9.68 6.76
C ALA A 37 -12.76 -10.86 6.46
N ASP A 38 -12.75 -11.30 5.20
CA ASP A 38 -11.90 -12.40 4.78
C ASP A 38 -10.65 -11.88 4.10
N SER A 39 -9.49 -12.35 4.56
CA SER A 39 -8.21 -11.93 3.99
C SER A 39 -7.74 -12.90 2.93
N TYR A 40 -6.85 -12.41 2.05
CA TYR A 40 -6.31 -13.23 0.97
C TYR A 40 -4.92 -13.73 1.34
N ARG A 41 -4.61 -14.97 0.97
CA ARG A 41 -3.30 -15.54 1.26
C ARG A 41 -2.89 -16.56 0.21
N LYS A 42 -1.61 -16.55 -0.14
CA LYS A 42 -1.08 -17.48 -1.14
C LYS A 42 0.42 -17.66 -0.96
N LYS A 43 0.96 -18.71 -1.60
CA LYS A 43 2.38 -19.00 -1.51
C LYS A 43 3.15 -18.35 -2.66
N VAL A 44 4.15 -17.56 -2.32
CA VAL A 44 4.97 -16.88 -3.31
C VAL A 44 6.46 -17.00 -2.99
N VAL A 45 7.29 -16.99 -4.03
CA VAL A 45 8.74 -17.09 -3.86
C VAL A 45 9.39 -15.71 -3.89
N LEU A 46 10.43 -15.53 -3.08
CA LEU A 46 11.14 -14.26 -3.01
C LEU A 46 12.63 -14.48 -2.81
N ASP A 47 13.41 -14.23 -3.86
CA ASP A 47 14.85 -14.40 -3.80
C ASP A 47 15.22 -15.81 -3.35
N GLY A 48 14.37 -16.77 -3.69
CA GLY A 48 14.62 -18.15 -3.31
C GLY A 48 13.79 -18.58 -2.12
N GLU A 49 13.63 -17.69 -1.15
CA GLU A 49 12.86 -17.99 0.06
C GLU A 49 11.36 -17.85 -0.21
N GLU A 50 10.64 -18.95 -0.12
CA GLU A 50 9.20 -18.95 -0.35
C GLU A 50 8.44 -18.56 0.90
N VAL A 51 7.75 -17.43 0.84
CA VAL A 51 6.96 -16.93 1.97
C VAL A 51 5.53 -16.66 1.56
N GLN A 52 4.61 -16.72 2.53
CA GLN A 52 3.20 -16.48 2.27
C GLN A 52 2.87 -15.00 2.40
N ILE A 53 1.97 -14.51 1.57
CA ILE A 53 1.56 -13.11 1.60
C ILE A 53 0.10 -12.97 2.01
N ASP A 54 -0.20 -11.90 2.74
CA ASP A 54 -1.56 -11.67 3.21
C ASP A 54 -2.01 -10.25 2.86
N ILE A 55 -3.10 -10.14 2.10
CA ILE A 55 -3.63 -8.85 1.70
C ILE A 55 -5.06 -8.67 2.21
N LEU A 56 -5.37 -7.46 2.66
CA LEU A 56 -6.70 -7.15 3.18
C LEU A 56 -7.11 -5.72 2.80
N ASP A 57 -8.24 -5.60 2.10
CA ASP A 57 -8.74 -4.30 1.68
C ASP A 57 -9.71 -3.73 2.70
N THR A 58 -9.67 -2.40 2.87
CA THR A 58 -10.54 -1.74 3.83
C THR A 58 -11.63 -0.94 3.11
N ALA A 59 -11.24 -0.28 2.02
CA ALA A 59 -12.17 0.53 1.23
C ALA A 59 -12.81 1.61 2.08
N GLY A 60 -13.80 2.30 1.50
CA GLY A 60 -14.49 3.36 2.23
C GLY A 60 -15.30 2.82 3.38
N LEU A 61 -14.75 2.89 4.59
CA LEU A 61 -15.44 2.41 5.78
C LEU A 61 -16.43 3.45 6.29
N GLU A 62 -16.67 4.47 5.49
CA GLU A 62 -17.60 5.55 5.84
C GLU A 62 -17.13 6.30 7.08
N ASP A 63 -15.93 5.98 7.56
CA ASP A 63 -15.36 6.64 8.73
C ASP A 63 -16.17 6.35 9.99
N TYR A 64 -15.48 5.98 11.07
CA TYR A 64 -16.14 5.69 12.34
C TYR A 64 -15.26 6.08 13.52
N ALA A 65 -15.57 5.53 14.70
CA ALA A 65 -14.81 5.84 15.91
C ALA A 65 -13.32 5.58 15.71
N ALA A 66 -12.98 4.36 15.28
CA ALA A 66 -11.59 3.99 15.07
C ALA A 66 -11.47 2.61 14.42
N ILE A 67 -12.52 2.20 13.73
CA ILE A 67 -12.54 0.90 13.05
C ILE A 67 -11.37 0.78 12.07
N ARG A 68 -10.87 1.93 11.62
CA ARG A 68 -9.75 1.96 10.69
C ARG A 68 -8.51 1.29 11.28
N ASP A 69 -8.19 1.67 12.52
CA ASP A 69 -7.03 1.13 13.21
C ASP A 69 -7.16 -0.38 13.42
N ASN A 70 -8.38 -0.84 13.66
CA ASN A 70 -8.66 -2.26 13.88
C ASN A 70 -8.11 -3.12 12.74
N TYR A 71 -8.19 -2.59 11.52
CA TYR A 71 -7.70 -3.33 10.35
C TYR A 71 -6.18 -3.28 10.26
N PHE A 72 -5.60 -2.14 10.60
CA PHE A 72 -4.15 -1.99 10.55
C PHE A 72 -3.48 -2.86 11.59
N ARG A 73 -4.24 -3.27 12.61
CA ARG A 73 -3.70 -4.13 13.67
C ARG A 73 -3.48 -5.54 13.15
N SER A 74 -4.40 -6.02 12.32
CA SER A 74 -4.30 -7.36 11.76
C SER A 74 -3.28 -7.39 10.61
N GLY A 75 -2.65 -6.25 10.36
CA GLY A 75 -1.66 -6.16 9.30
C GLY A 75 -0.29 -5.84 9.83
N GLU A 76 0.73 -6.01 8.99
CA GLU A 76 2.11 -5.74 9.37
C GLU A 76 2.67 -4.54 8.59
N GLY A 77 2.89 -4.75 7.30
CA GLY A 77 3.41 -3.68 6.46
C GLY A 77 2.32 -2.78 5.92
N PHE A 78 2.70 -1.57 5.53
CA PHE A 78 1.75 -0.60 5.00
C PHE A 78 2.18 -0.12 3.62
N LEU A 79 1.21 0.11 2.74
CA LEU A 79 1.50 0.57 1.38
C LEU A 79 0.68 1.82 1.07
N LEU A 80 1.33 2.97 1.07
CA LEU A 80 0.65 4.24 0.78
C LEU A 80 0.53 4.46 -0.72
N VAL A 81 -0.68 4.73 -1.19
CA VAL A 81 -0.91 4.95 -2.61
C VAL A 81 -1.85 6.14 -2.85
N PHE A 82 -1.54 6.92 -3.88
CA PHE A 82 -2.36 8.08 -4.23
C PHE A 82 -2.37 8.30 -5.74
N SER A 83 -3.20 9.22 -6.20
CA SER A 83 -3.29 9.51 -7.62
C SER A 83 -2.62 10.83 -7.96
N ILE A 84 -1.75 10.81 -8.96
CA ILE A 84 -1.04 12.01 -9.39
C ILE A 84 -2.01 13.05 -9.92
N THR A 85 -3.17 12.59 -10.39
CA THR A 85 -4.18 13.49 -10.92
C THR A 85 -5.09 14.02 -9.81
N GLU A 86 -5.02 13.38 -8.65
CA GLU A 86 -5.83 13.79 -7.51
C GLU A 86 -4.96 14.33 -6.38
N HIS A 87 -4.78 15.66 -6.36
CA HIS A 87 -3.98 16.31 -5.34
C HIS A 87 -4.59 16.09 -3.96
N GLU A 88 -5.85 15.68 -3.93
CA GLU A 88 -6.55 15.44 -2.68
C GLU A 88 -6.07 14.16 -2.02
N SER A 89 -5.56 13.25 -2.85
CA SER A 89 -5.07 11.96 -2.37
C SER A 89 -3.71 12.10 -1.70
N PHE A 90 -2.76 12.70 -2.40
CA PHE A 90 -1.41 12.89 -1.89
C PHE A 90 -1.41 13.57 -0.52
N THR A 91 -2.38 14.44 -0.30
CA THR A 91 -2.49 15.18 0.96
C THR A 91 -2.95 14.30 2.11
N ALA A 92 -4.09 13.63 1.94
CA ALA A 92 -4.66 12.76 2.96
C ALA A 92 -3.75 11.56 3.22
N THR A 93 -3.14 11.05 2.15
CA THR A 93 -2.24 9.91 2.26
C THR A 93 -1.17 10.17 3.30
N ALA A 94 -0.71 11.40 3.35
CA ALA A 94 0.32 11.80 4.31
C ALA A 94 -0.27 11.95 5.70
N GLU A 95 -1.53 12.32 5.75
CA GLU A 95 -2.24 12.48 7.00
C GLU A 95 -2.51 11.13 7.66
N PHE A 96 -2.68 10.10 6.83
CA PHE A 96 -2.94 8.75 7.32
C PHE A 96 -1.74 8.18 8.08
N ARG A 97 -0.55 8.67 7.76
CA ARG A 97 0.68 8.19 8.41
C ARG A 97 0.53 8.19 9.93
N GLU A 98 -0.18 9.20 10.45
CA GLU A 98 -0.40 9.30 11.88
C GLU A 98 -1.31 8.17 12.38
N GLN A 99 -2.29 7.81 11.56
CA GLN A 99 -3.22 6.74 11.91
C GLN A 99 -2.52 5.40 11.87
N ILE A 100 -1.47 5.32 11.05
CA ILE A 100 -0.70 4.09 10.90
C ILE A 100 0.12 3.80 12.15
N LEU A 101 0.63 4.85 12.77
CA LEU A 101 1.43 4.72 13.98
C LEU A 101 0.59 4.23 15.16
N ARG A 102 -0.71 4.53 15.12
CA ARG A 102 -1.61 4.14 16.20
C ARG A 102 -1.49 2.66 16.54
N VAL A 103 -1.57 1.82 15.53
CA VAL A 103 -1.47 0.37 15.73
C VAL A 103 -0.08 -0.02 16.22
N LYS A 104 0.93 0.71 15.76
CA LYS A 104 2.31 0.45 16.16
C LYS A 104 2.81 1.59 17.05
N ALA A 105 2.10 1.82 18.16
CA ALA A 105 2.46 2.88 19.10
C ALA A 105 3.94 2.83 19.46
N GLU A 106 4.46 1.62 19.68
CA GLU A 106 5.87 1.45 20.01
C GLU A 106 6.76 2.10 18.96
N GLU A 107 6.46 1.82 17.69
CA GLU A 107 7.21 2.37 16.58
C GLU A 107 8.71 2.09 16.70
N ASP A 108 9.15 1.04 16.01
CA ASP A 108 10.56 0.66 16.03
C ASP A 108 11.06 0.48 14.60
N LYS A 109 10.27 -0.20 13.79
CA LYS A 109 10.61 -0.43 12.39
C LYS A 109 9.35 -0.49 11.54
N ILE A 110 8.79 0.68 11.25
CA ILE A 110 7.57 0.77 10.45
C ILE A 110 7.90 0.66 8.95
N PRO A 111 7.54 -0.48 8.31
CA PRO A 111 7.80 -0.69 6.89
C PRO A 111 6.72 -0.06 6.02
N LEU A 112 7.05 1.07 5.41
CA LEU A 112 6.12 1.78 4.54
C LEU A 112 6.63 1.83 3.11
N LEU A 113 5.72 2.13 2.18
CA LEU A 113 6.08 2.22 0.77
C LEU A 113 5.05 3.05 0.02
N VAL A 114 5.51 4.13 -0.61
CA VAL A 114 4.61 5.02 -1.34
C VAL A 114 4.64 4.74 -2.83
N VAL A 115 3.47 4.79 -3.45
CA VAL A 115 3.34 4.56 -4.88
C VAL A 115 2.25 5.45 -5.47
N GLY A 116 2.40 5.82 -6.73
CA GLY A 116 1.42 6.67 -7.38
C GLY A 116 0.83 6.05 -8.62
N ASN A 117 -0.50 5.95 -8.65
CA ASN A 117 -1.19 5.37 -9.80
C ASN A 117 -1.59 6.47 -10.77
N LYS A 118 -2.49 6.16 -11.69
CA LYS A 118 -2.95 7.13 -12.68
C LYS A 118 -1.77 7.70 -13.46
N SER A 119 -0.65 6.98 -13.45
CA SER A 119 0.55 7.41 -14.15
C SER A 119 0.30 7.54 -15.64
N ASP A 120 -0.78 6.92 -16.11
CA ASP A 120 -1.15 6.97 -17.52
C ASP A 120 -1.83 8.29 -17.86
N LEU A 121 -1.74 9.25 -16.94
CA LEU A 121 -2.36 10.56 -17.15
C LEU A 121 -1.31 11.67 -17.02
N GLU A 122 -0.53 11.87 -18.09
CA GLU A 122 0.50 12.90 -18.10
C GLU A 122 -0.11 14.29 -18.20
N GLU A 123 -1.35 14.37 -18.67
CA GLU A 123 -2.03 15.66 -18.83
C GLU A 123 -2.83 16.00 -17.57
N ARG A 124 -3.46 15.00 -16.97
CA ARG A 124 -4.26 15.20 -15.77
C ARG A 124 -3.39 15.24 -14.52
N ARG A 125 -2.08 15.13 -14.71
CA ARG A 125 -1.14 15.16 -13.59
C ARG A 125 -1.17 16.51 -12.88
N GLN A 126 -1.74 16.54 -11.69
CA GLN A 126 -1.83 17.76 -10.90
C GLN A 126 -0.61 17.88 -9.99
N VAL A 127 -0.11 16.73 -9.54
CA VAL A 127 1.05 16.69 -8.67
C VAL A 127 2.27 16.18 -9.43
N PRO A 128 3.27 17.05 -9.68
CA PRO A 128 4.48 16.65 -10.40
C PRO A 128 5.09 15.39 -9.81
N VAL A 129 5.29 14.38 -10.65
CA VAL A 129 5.85 13.11 -10.21
C VAL A 129 7.12 13.34 -9.41
N GLU A 130 7.93 14.29 -9.87
CA GLU A 130 9.19 14.62 -9.20
C GLU A 130 8.93 15.21 -7.81
N GLU A 131 8.00 16.16 -7.74
CA GLU A 131 7.65 16.80 -6.48
C GLU A 131 7.16 15.76 -5.47
N ALA A 132 6.54 14.70 -5.98
CA ALA A 132 6.02 13.63 -5.14
C ALA A 132 7.16 12.82 -4.54
N ARG A 133 8.28 12.76 -5.26
CA ARG A 133 9.45 12.01 -4.80
C ARG A 133 10.16 12.73 -3.66
N SER A 134 10.16 14.06 -3.71
CA SER A 134 10.81 14.87 -2.69
C SER A 134 10.12 14.71 -1.33
N LYS A 135 8.79 14.79 -1.34
CA LYS A 135 8.01 14.66 -0.11
C LYS A 135 7.99 13.22 0.38
N ALA A 136 7.74 12.29 -0.54
CA ALA A 136 7.67 10.88 -0.21
C ALA A 136 8.96 10.40 0.47
N GLU A 137 10.10 10.72 -0.13
CA GLU A 137 11.39 10.32 0.41
C GLU A 137 11.51 10.68 1.89
N GLU A 138 10.88 11.76 2.31
CA GLU A 138 10.92 12.20 3.70
C GLU A 138 10.53 11.06 4.65
N TRP A 139 9.50 10.31 4.27
CA TRP A 139 9.02 9.20 5.09
C TRP A 139 10.00 8.03 5.07
N GLY A 140 11.18 8.25 4.49
CA GLY A 140 12.18 7.21 4.41
C GLY A 140 11.79 6.09 3.47
N VAL A 141 10.94 6.41 2.50
CA VAL A 141 10.49 5.42 1.53
C VAL A 141 10.72 5.89 0.11
N GLN A 142 10.85 4.93 -0.80
CA GLN A 142 11.06 5.24 -2.21
C GLN A 142 9.73 5.23 -2.95
N TYR A 143 9.46 6.30 -3.68
CA TYR A 143 8.20 6.40 -4.43
C TYR A 143 8.38 5.94 -5.87
N VAL A 144 7.50 5.05 -6.29
CA VAL A 144 7.57 4.49 -7.65
C VAL A 144 6.27 4.74 -8.41
N GLU A 145 6.36 4.79 -9.73
CA GLU A 145 5.20 5.02 -10.58
C GLU A 145 4.56 3.70 -11.02
N THR A 146 3.23 3.63 -10.96
CA THR A 146 2.51 2.43 -11.35
C THR A 146 1.22 2.78 -12.08
N SER A 147 0.57 1.75 -12.62
CA SER A 147 -0.69 1.92 -13.34
C SER A 147 -1.57 0.69 -13.16
N ALA A 148 -2.67 0.87 -12.44
CA ALA A 148 -3.60 -0.23 -12.19
C ALA A 148 -4.27 -0.69 -13.48
N LYS A 149 -3.96 -0.02 -14.58
CA LYS A 149 -4.53 -0.37 -15.89
C LYS A 149 -3.55 -1.21 -16.70
N THR A 150 -2.26 -0.88 -16.62
CA THR A 150 -1.24 -1.61 -17.36
C THR A 150 -0.55 -2.66 -16.49
N ARG A 151 -0.92 -2.69 -15.20
CA ARG A 151 -0.35 -3.64 -14.24
C ARG A 151 1.13 -3.91 -14.52
N ALA A 152 1.87 -2.87 -14.90
CA ALA A 152 3.29 -3.01 -15.23
C ALA A 152 4.16 -3.09 -13.97
N ASN A 153 4.04 -2.09 -13.10
CA ASN A 153 4.85 -2.06 -11.87
C ASN A 153 3.99 -2.23 -10.63
N VAL A 154 2.71 -2.59 -10.82
CA VAL A 154 1.82 -2.78 -9.70
C VAL A 154 2.27 -3.95 -8.83
N ASP A 155 2.73 -5.02 -9.48
CA ASP A 155 3.20 -6.20 -8.78
C ASP A 155 4.57 -5.94 -8.14
N LYS A 156 5.21 -4.85 -8.57
CA LYS A 156 6.52 -4.46 -8.06
C LYS A 156 6.43 -3.84 -6.67
N VAL A 157 5.33 -3.15 -6.39
CA VAL A 157 5.14 -2.50 -5.09
C VAL A 157 4.88 -3.52 -3.98
N PHE A 158 4.26 -4.64 -4.34
CA PHE A 158 3.95 -5.68 -3.37
C PHE A 158 5.22 -6.46 -2.99
N PHE A 159 6.01 -6.81 -3.98
CA PHE A 159 7.25 -7.56 -3.75
C PHE A 159 8.30 -6.68 -3.09
N ASP A 160 8.27 -5.39 -3.40
CA ASP A 160 9.23 -4.44 -2.84
C ASP A 160 9.09 -4.33 -1.33
N LEU A 161 7.87 -4.04 -0.87
CA LEU A 161 7.60 -3.89 0.55
C LEU A 161 7.82 -5.20 1.30
N MET A 162 7.57 -6.31 0.61
CA MET A 162 7.75 -7.64 1.20
C MET A 162 9.16 -7.81 1.76
N ARG A 163 10.13 -7.24 1.07
CA ARG A 163 11.53 -7.33 1.50
C ARG A 163 11.77 -6.51 2.76
N GLU A 164 11.10 -5.37 2.84
CA GLU A 164 11.23 -4.49 4.01
C GLU A 164 10.81 -5.22 5.28
N ILE A 165 9.66 -5.88 5.21
CA ILE A 165 9.13 -6.62 6.35
C ILE A 165 10.11 -7.70 6.81
N ARG A 166 10.85 -8.26 5.85
CA ARG A 166 11.81 -9.31 6.15
C ARG A 166 13.06 -8.76 6.86
N THR A 167 13.69 -7.77 6.24
CA THR A 167 14.91 -7.19 6.81
C THR A 167 14.63 -6.04 7.78
N LYS A 168 13.97 -5.00 7.30
CA LYS A 168 13.69 -3.81 8.12
C LYS A 168 12.91 -4.12 9.40
N LYS A 169 11.77 -4.78 9.27
CA LYS A 169 10.93 -5.10 10.42
C LYS A 169 11.64 -6.05 11.38
N MET A 170 12.14 -7.17 10.86
CA MET A 170 12.83 -8.16 11.67
C MET A 170 14.11 -7.60 12.29
N SER A 171 14.57 -6.45 11.79
CA SER A 171 15.78 -5.83 12.31
C SER A 171 15.58 -5.36 13.74
N GLU A 172 14.64 -4.45 13.93
CA GLU A 172 14.33 -3.91 15.26
C GLU A 172 15.54 -3.22 15.87
N ASN A 173 15.48 -1.89 15.97
CA ASN A 173 16.58 -1.12 16.55
C ASN A 173 16.57 -1.23 18.08
N LYS A 174 15.49 -1.78 18.62
CA LYS A 174 15.37 -1.95 20.06
C LYS A 174 14.79 -3.33 20.40
PG GNP B . -13.62 2.69 -3.05
O1G GNP B . -14.66 3.44 -3.80
O2G GNP B . -13.72 1.12 -3.31
O3G GNP B . -13.68 3.02 -1.49
N3B GNP B . -12.06 3.14 -3.51
PB GNP B . -11.85 3.04 -5.17
O1B GNP B . -10.99 4.17 -5.61
O2B GNP B . -11.43 1.65 -5.49
O3A GNP B . -13.32 3.27 -5.74
PA GNP B . -13.55 3.48 -7.30
O1A GNP B . -14.57 2.52 -7.77
O2A GNP B . -13.76 4.93 -7.56
O5' GNP B . -12.14 3.07 -7.92
C5' GNP B . -11.40 3.98 -8.72
C4' GNP B . -11.53 3.61 -10.18
O4' GNP B . -10.61 4.43 -10.96
C3' GNP B . -11.17 2.17 -10.53
O3' GNP B . -12.29 1.32 -10.40
C2' GNP B . -10.69 2.28 -11.97
O2' GNP B . -11.78 2.32 -12.88
C1' GNP B . -9.99 3.64 -11.96
N9 GNP B . -8.56 3.55 -11.66
C8 GNP B . -7.97 3.40 -10.43
N7 GNP B . -6.67 3.37 -10.48
C5 GNP B . -6.38 3.52 -11.82
C6 GNP B . -5.12 3.56 -12.49
O6 GNP B . -3.98 3.48 -12.00
N1 GNP B . -5.26 3.73 -13.87
C2 GNP B . -6.48 3.82 -14.51
N2 GNP B . -6.42 3.98 -15.84
N3 GNP B . -7.65 3.79 -13.90
C4 GNP B . -7.53 3.64 -12.57
HNB3 GNP B . -11.41 2.57 -3.06
H5'2 GNP B . -10.34 3.95 -8.44
H5'1 GNP B . -11.78 4.99 -8.58
H4' GNP B . -12.57 3.75 -10.46
H3' GNP B . -10.41 1.78 -9.85
HO3' GNP B . -11.97 0.46 -10.12
H2' GNP B . -9.99 1.47 -12.19
HO2' GNP B . -11.60 3.04 -13.49
H1' GNP B . -10.10 4.17 -12.90
H8 GNP B . -8.53 3.31 -9.51
HN1 GNP B . -4.43 3.77 -14.42
HN21 GNP B . -7.27 4.06 -16.37
HN22 GNP B . -5.53 4.02 -16.30
MG MG C . -12.10 -0.19 -4.30
N LEU A 1 8.50 -21.19 6.27
CA LEU A 1 7.89 -20.15 5.41
C LEU A 1 7.22 -19.07 6.25
N ALA A 2 7.77 -17.86 6.17
CA ALA A 2 7.24 -16.72 6.92
C ALA A 2 5.87 -16.32 6.41
N LEU A 3 5.22 -15.41 7.13
CA LEU A 3 3.90 -14.92 6.75
C LEU A 3 3.79 -13.41 6.98
N HIS A 4 3.80 -12.66 5.90
CA HIS A 4 3.70 -11.20 5.98
C HIS A 4 2.32 -10.72 5.55
N LYS A 5 1.90 -9.57 6.09
CA LYS A 5 0.60 -9.00 5.77
C LYS A 5 0.74 -7.55 5.32
N VAL A 6 0.10 -7.20 4.20
CA VAL A 6 0.15 -5.85 3.68
C VAL A 6 -1.24 -5.23 3.62
N ILE A 7 -1.37 -4.00 4.12
CA ILE A 7 -2.64 -3.29 4.13
C ILE A 7 -2.63 -2.12 3.16
N MET A 8 -3.41 -2.23 2.09
CA MET A 8 -3.49 -1.17 1.09
C MET A 8 -4.15 0.08 1.67
N VAL A 9 -3.34 1.00 2.14
CA VAL A 9 -3.84 2.25 2.72
C VAL A 9 -3.73 3.39 1.72
N GLY A 10 -4.51 4.44 1.93
CA GLY A 10 -4.49 5.58 1.03
C GLY A 10 -5.37 6.72 1.51
N SER A 11 -5.72 7.61 0.58
CA SER A 11 -6.57 8.76 0.90
C SER A 11 -7.93 8.30 1.40
N GLY A 12 -8.53 7.34 0.70
CA GLY A 12 -9.83 6.83 1.08
C GLY A 12 -10.74 6.61 -0.11
N GLY A 13 -10.27 7.04 -1.29
CA GLY A 13 -11.05 6.87 -2.49
C GLY A 13 -10.19 6.96 -3.74
N VAL A 14 -9.16 6.14 -3.81
CA VAL A 14 -8.25 6.12 -4.94
C VAL A 14 -8.32 4.81 -5.70
N GLY A 15 -8.51 3.71 -4.97
CA GLY A 15 -8.60 2.41 -5.60
C GLY A 15 -7.56 1.44 -5.08
N LYS A 16 -7.49 1.31 -3.76
CA LYS A 16 -6.53 0.40 -3.13
C LYS A 16 -6.76 -1.03 -3.60
N SER A 17 -8.03 -1.36 -3.81
CA SER A 17 -8.42 -2.70 -4.27
C SER A 17 -7.94 -2.95 -5.70
N ALA A 18 -7.82 -1.88 -6.46
CA ALA A 18 -7.39 -1.97 -7.86
C ALA A 18 -6.01 -2.59 -7.94
N LEU A 19 -5.07 -2.01 -7.18
CA LEU A 19 -3.71 -2.54 -7.16
C LEU A 19 -3.75 -3.95 -6.62
N THR A 20 -4.79 -4.23 -5.83
CA THR A 20 -4.96 -5.54 -5.23
C THR A 20 -5.29 -6.61 -6.28
N LEU A 21 -6.25 -6.30 -7.14
CA LEU A 21 -6.68 -7.22 -8.19
C LEU A 21 -5.62 -7.35 -9.28
N GLN A 22 -4.86 -6.28 -9.51
CA GLN A 22 -3.82 -6.29 -10.53
C GLN A 22 -2.64 -7.15 -10.10
N PHE A 23 -2.38 -7.20 -8.80
CA PHE A 23 -1.28 -7.98 -8.27
C PHE A 23 -1.58 -9.48 -8.33
N MET A 24 -2.83 -9.84 -8.04
CA MET A 24 -3.24 -11.24 -8.02
C MET A 24 -3.58 -11.78 -9.42
N TYR A 25 -4.40 -11.07 -10.17
CA TYR A 25 -4.82 -11.53 -11.50
C TYR A 25 -4.13 -10.77 -12.63
N ASP A 26 -3.72 -9.53 -12.36
CA ASP A 26 -3.06 -8.72 -13.39
C ASP A 26 -4.00 -8.47 -14.55
N GLU A 27 -5.30 -8.41 -14.24
CA GLU A 27 -6.33 -8.19 -15.25
C GLU A 27 -7.34 -7.15 -14.75
N PHE A 28 -7.56 -6.13 -15.56
CA PHE A 28 -8.50 -5.06 -15.21
C PHE A 28 -9.92 -5.41 -15.63
N VAL A 29 -10.82 -5.54 -14.65
CA VAL A 29 -12.22 -5.87 -14.90
C VAL A 29 -13.11 -5.32 -13.80
N GLU A 30 -14.26 -4.78 -14.19
CA GLU A 30 -15.21 -4.23 -13.23
C GLU A 30 -15.75 -5.31 -12.30
N ASP A 31 -15.16 -5.41 -11.11
CA ASP A 31 -15.58 -6.41 -10.13
C ASP A 31 -14.99 -6.10 -8.75
N TYR A 32 -15.86 -6.03 -7.75
CA TYR A 32 -15.42 -5.75 -6.39
C TYR A 32 -16.38 -6.35 -5.36
N GLU A 33 -15.84 -6.76 -4.23
CA GLU A 33 -16.64 -7.35 -3.16
C GLU A 33 -16.41 -6.63 -1.83
N PRO A 34 -17.46 -6.55 -0.98
CA PRO A 34 -17.35 -5.89 0.33
C PRO A 34 -16.27 -6.48 1.22
N THR A 35 -15.69 -5.65 2.08
CA THR A 35 -14.63 -6.10 2.97
C THR A 35 -15.20 -6.51 4.34
N LYS A 36 -15.28 -7.82 4.58
CA LYS A 36 -15.80 -8.33 5.84
C LYS A 36 -14.65 -8.80 6.75
N ALA A 37 -14.03 -9.91 6.36
CA ALA A 37 -12.93 -10.46 7.14
C ALA A 37 -12.16 -11.50 6.33
N ASP A 38 -12.56 -11.68 5.07
CA ASP A 38 -11.92 -12.65 4.19
C ASP A 38 -10.57 -12.11 3.69
N SER A 39 -9.52 -12.91 3.85
CA SER A 39 -8.19 -12.52 3.42
C SER A 39 -7.72 -13.37 2.25
N TYR A 40 -6.71 -12.89 1.53
CA TYR A 40 -6.17 -13.61 0.38
C TYR A 40 -4.78 -14.17 0.70
N ARG A 41 -4.53 -15.39 0.27
CA ARG A 41 -3.24 -16.03 0.51
C ARG A 41 -2.75 -16.77 -0.73
N LYS A 42 -1.45 -16.73 -0.96
CA LYS A 42 -0.84 -17.39 -2.11
C LYS A 42 0.67 -17.53 -1.93
N LYS A 43 1.20 -18.70 -2.26
CA LYS A 43 2.63 -18.95 -2.12
C LYS A 43 3.41 -18.36 -3.29
N VAL A 44 4.35 -17.47 -2.98
CA VAL A 44 5.18 -16.82 -3.98
C VAL A 44 6.64 -16.76 -3.53
N VAL A 45 7.55 -17.04 -4.46
CA VAL A 45 8.97 -17.01 -4.14
C VAL A 45 9.53 -15.59 -4.20
N LEU A 46 10.47 -15.30 -3.30
CA LEU A 46 11.08 -13.98 -3.23
C LEU A 46 12.59 -14.09 -3.03
N ASP A 47 13.35 -13.78 -4.09
CA ASP A 47 14.80 -13.85 -4.04
C ASP A 47 15.26 -15.25 -3.63
N GLY A 48 14.47 -16.25 -4.01
CA GLY A 48 14.79 -17.63 -3.67
C GLY A 48 14.02 -18.14 -2.48
N GLU A 49 13.80 -17.28 -1.50
CA GLU A 49 13.06 -17.64 -0.29
C GLU A 49 11.56 -17.48 -0.50
N GLU A 50 10.84 -18.59 -0.44
CA GLU A 50 9.39 -18.57 -0.62
C GLU A 50 8.67 -18.18 0.67
N VAL A 51 7.72 -17.26 0.56
CA VAL A 51 6.95 -16.79 1.70
C VAL A 51 5.49 -16.59 1.33
N GLN A 52 4.60 -16.71 2.31
CA GLN A 52 3.17 -16.54 2.08
C GLN A 52 2.75 -15.09 2.31
N ILE A 53 2.03 -14.53 1.35
CA ILE A 53 1.57 -13.15 1.44
C ILE A 53 0.07 -13.09 1.73
N ASP A 54 -0.31 -12.18 2.63
CA ASP A 54 -1.71 -12.01 3.00
C ASP A 54 -2.16 -10.58 2.74
N ILE A 55 -3.07 -10.41 1.78
CA ILE A 55 -3.57 -9.09 1.43
C ILE A 55 -5.03 -8.91 1.86
N LEU A 56 -5.34 -7.70 2.34
CA LEU A 56 -6.69 -7.39 2.79
C LEU A 56 -7.12 -6.03 2.22
N ASP A 57 -7.90 -6.07 1.14
CA ASP A 57 -8.39 -4.85 0.51
C ASP A 57 -9.23 -4.05 1.48
N THR A 58 -8.97 -2.74 1.56
CA THR A 58 -9.70 -1.86 2.45
C THR A 58 -10.30 -0.68 1.70
N ALA A 59 -11.60 -0.49 1.85
CA ALA A 59 -12.29 0.61 1.19
C ALA A 59 -12.13 1.90 1.98
N GLY A 60 -12.95 2.91 1.65
CA GLY A 60 -12.88 4.18 2.33
C GLY A 60 -13.11 4.03 3.83
N LEU A 61 -12.02 3.85 4.58
CA LEU A 61 -12.10 3.69 6.02
C LEU A 61 -12.25 5.03 6.73
N GLU A 62 -12.16 6.11 5.96
CA GLU A 62 -12.29 7.45 6.51
C GLU A 62 -13.76 7.81 6.72
N ASP A 63 -14.33 7.29 7.81
CA ASP A 63 -15.73 7.54 8.13
C ASP A 63 -16.06 7.09 9.54
N TYR A 64 -15.55 5.91 9.91
CA TYR A 64 -15.77 5.36 11.24
C TYR A 64 -14.98 6.12 12.29
N ALA A 65 -15.31 5.89 13.56
CA ALA A 65 -14.62 6.55 14.66
C ALA A 65 -13.25 5.94 14.89
N ALA A 66 -13.20 4.62 15.03
CA ALA A 66 -11.95 3.92 15.26
C ALA A 66 -11.97 2.53 14.62
N ILE A 67 -13.11 2.16 14.06
CA ILE A 67 -13.27 0.87 13.41
C ILE A 67 -12.25 0.72 12.28
N ARG A 68 -11.77 1.86 11.78
CA ARG A 68 -10.79 1.88 10.70
C ARG A 68 -9.46 1.33 11.19
N ASP A 69 -9.02 1.78 12.36
CA ASP A 69 -7.76 1.32 12.94
C ASP A 69 -7.72 -0.19 13.08
N ASN A 70 -8.90 -0.80 13.30
CA ASN A 70 -9.01 -2.24 13.45
C ASN A 70 -8.34 -2.97 12.29
N TYR A 71 -8.46 -2.42 11.09
CA TYR A 71 -7.88 -3.02 9.90
C TYR A 71 -6.36 -2.84 9.90
N PHE A 72 -5.91 -1.67 10.32
CA PHE A 72 -4.48 -1.37 10.38
C PHE A 72 -3.79 -2.29 11.37
N ARG A 73 -4.55 -2.77 12.35
CA ARG A 73 -4.01 -3.66 13.38
C ARG A 73 -4.00 -5.11 12.91
N SER A 74 -4.67 -5.38 11.79
CA SER A 74 -4.75 -6.72 11.24
C SER A 74 -3.52 -7.03 10.39
N GLY A 75 -2.76 -5.99 10.05
CA GLY A 75 -1.57 -6.18 9.24
C GLY A 75 -0.33 -5.56 9.86
N GLU A 76 0.84 -5.99 9.41
CA GLU A 76 2.11 -5.48 9.92
C GLU A 76 2.69 -4.44 8.97
N GLY A 77 2.54 -4.69 7.67
CA GLY A 77 3.05 -3.76 6.68
C GLY A 77 2.00 -2.78 6.20
N PHE A 78 2.44 -1.64 5.68
CA PHE A 78 1.52 -0.62 5.18
C PHE A 78 1.93 -0.14 3.79
N LEU A 79 0.94 0.13 2.94
CA LEU A 79 1.20 0.60 1.59
C LEU A 79 0.30 1.79 1.25
N LEU A 80 0.88 2.99 1.22
CA LEU A 80 0.13 4.20 0.92
C LEU A 80 -0.01 4.39 -0.59
N VAL A 81 -1.22 4.72 -1.03
CA VAL A 81 -1.48 4.93 -2.45
C VAL A 81 -2.38 6.15 -2.68
N PHE A 82 -2.06 6.92 -3.71
CA PHE A 82 -2.85 8.10 -4.06
C PHE A 82 -2.84 8.33 -5.57
N SER A 83 -3.95 8.82 -6.10
CA SER A 83 -4.05 9.09 -7.53
C SER A 83 -3.45 10.45 -7.87
N ILE A 84 -2.84 10.53 -9.04
CA ILE A 84 -2.23 11.77 -9.50
C ILE A 84 -3.29 12.74 -10.02
N THR A 85 -4.34 12.18 -10.63
CA THR A 85 -5.43 12.98 -11.17
C THR A 85 -6.20 13.66 -10.04
N GLU A 86 -6.01 13.16 -8.82
CA GLU A 86 -6.68 13.72 -7.65
C GLU A 86 -5.66 14.23 -6.64
N HIS A 87 -5.45 15.54 -6.62
CA HIS A 87 -4.50 16.16 -5.71
C HIS A 87 -4.92 15.95 -4.27
N GLU A 88 -6.18 15.59 -4.06
CA GLU A 88 -6.72 15.38 -2.71
C GLU A 88 -6.19 14.07 -2.15
N SER A 89 -5.87 13.15 -3.04
CA SER A 89 -5.36 11.84 -2.63
C SER A 89 -4.00 11.95 -1.95
N PHE A 90 -3.06 12.60 -2.63
CA PHE A 90 -1.71 12.79 -2.11
C PHE A 90 -1.72 13.49 -0.75
N THR A 91 -2.60 14.47 -0.62
CA THR A 91 -2.72 15.24 0.62
C THR A 91 -3.36 14.44 1.74
N ALA A 92 -4.55 13.89 1.46
CA ALA A 92 -5.28 13.10 2.45
C ALA A 92 -4.45 11.91 2.93
N THR A 93 -3.75 11.27 2.01
CA THR A 93 -2.91 10.13 2.32
C THR A 93 -1.93 10.47 3.43
N ALA A 94 -1.52 11.74 3.47
CA ALA A 94 -0.56 12.22 4.46
C ALA A 94 -1.13 12.07 5.87
N GLU A 95 -2.44 12.28 6.00
CA GLU A 95 -3.09 12.17 7.29
C GLU A 95 -2.94 10.76 7.87
N PHE A 96 -3.12 9.77 7.00
CA PHE A 96 -3.01 8.37 7.40
C PHE A 96 -1.59 8.02 7.81
N ARG A 97 -0.61 8.74 7.26
CA ARG A 97 0.80 8.49 7.58
C ARG A 97 1.01 8.41 9.09
N GLU A 98 0.49 9.40 9.81
CA GLU A 98 0.61 9.45 11.26
C GLU A 98 -0.23 8.36 11.92
N GLN A 99 -1.43 8.15 11.40
CA GLN A 99 -2.35 7.16 11.93
C GLN A 99 -1.72 5.76 11.91
N ILE A 100 -0.81 5.54 10.96
CA ILE A 100 -0.15 4.26 10.83
C ILE A 100 0.69 3.95 12.08
N LEU A 101 1.44 4.93 12.54
CA LEU A 101 2.28 4.77 13.72
C LEU A 101 1.45 4.59 14.98
N ARG A 102 0.23 5.13 14.97
CA ARG A 102 -0.66 5.02 16.12
C ARG A 102 -0.98 3.56 16.46
N VAL A 103 -1.39 2.80 15.45
CA VAL A 103 -1.73 1.39 15.66
C VAL A 103 -0.50 0.55 15.97
N LYS A 104 0.68 1.10 15.69
CA LYS A 104 1.93 0.40 15.96
C LYS A 104 2.85 1.24 16.82
N ALA A 105 2.27 1.95 17.79
CA ALA A 105 3.03 2.81 18.69
C ALA A 105 4.06 2.00 19.48
N GLU A 106 3.74 0.72 19.70
CA GLU A 106 4.64 -0.17 20.45
C GLU A 106 5.78 -0.66 19.55
N GLU A 107 5.56 -0.58 18.25
CA GLU A 107 6.57 -1.01 17.28
C GLU A 107 7.40 0.16 16.80
N ASP A 108 8.69 -0.08 16.60
CA ASP A 108 9.61 0.97 16.14
C ASP A 108 9.69 0.98 14.62
N LYS A 109 10.22 -0.10 14.06
CA LYS A 109 10.36 -0.23 12.61
C LYS A 109 9.01 -0.48 11.95
N ILE A 110 8.53 0.50 11.20
CA ILE A 110 7.25 0.40 10.51
C ILE A 110 7.46 0.38 8.99
N PRO A 111 7.30 -0.80 8.34
CA PRO A 111 7.47 -0.92 6.90
C PRO A 111 6.41 -0.16 6.11
N LEU A 112 6.84 0.90 5.42
CA LEU A 112 5.93 1.72 4.64
C LEU A 112 6.45 1.88 3.21
N LEU A 113 5.54 2.07 2.27
CA LEU A 113 5.89 2.25 0.88
C LEU A 113 4.81 3.06 0.16
N VAL A 114 5.19 4.23 -0.34
CA VAL A 114 4.26 5.11 -1.03
C VAL A 114 4.28 4.87 -2.54
N VAL A 115 3.10 4.87 -3.14
CA VAL A 115 2.97 4.64 -4.58
C VAL A 115 1.87 5.53 -5.17
N GLY A 116 1.97 5.80 -6.46
CA GLY A 116 0.98 6.63 -7.13
C GLY A 116 0.19 5.84 -8.16
N ASN A 117 -1.12 6.03 -8.18
CA ASN A 117 -1.98 5.34 -9.12
C ASN A 117 -2.42 6.29 -10.22
N LYS A 118 -3.22 5.79 -11.14
CA LYS A 118 -3.73 6.59 -12.25
C LYS A 118 -2.57 7.16 -13.07
N SER A 119 -1.40 6.54 -12.94
CA SER A 119 -0.21 6.99 -13.67
C SER A 119 -0.39 6.84 -15.17
N ASP A 120 -1.48 6.19 -15.58
CA ASP A 120 -1.76 5.99 -16.99
C ASP A 120 -2.05 7.33 -17.67
N LEU A 121 -2.18 8.37 -16.87
CA LEU A 121 -2.46 9.70 -17.37
C LEU A 121 -1.32 10.66 -17.02
N GLU A 122 -0.22 10.58 -17.77
CA GLU A 122 0.93 11.44 -17.55
C GLU A 122 0.64 12.87 -18.00
N GLU A 123 -0.37 13.03 -18.85
CA GLU A 123 -0.75 14.33 -19.36
C GLU A 123 -1.64 15.07 -18.37
N ARG A 124 -2.28 14.31 -17.48
CA ARG A 124 -3.18 14.90 -16.48
C ARG A 124 -2.55 14.86 -15.10
N ARG A 125 -1.31 14.36 -15.03
CA ARG A 125 -0.60 14.27 -13.75
C ARG A 125 -0.32 15.66 -13.20
N GLN A 126 -1.03 16.03 -12.14
CA GLN A 126 -0.87 17.33 -11.51
C GLN A 126 0.30 17.35 -10.54
N VAL A 127 0.55 16.21 -9.90
CA VAL A 127 1.64 16.09 -8.94
C VAL A 127 2.93 15.62 -9.62
N PRO A 128 3.92 16.51 -9.78
CA PRO A 128 5.20 16.16 -10.40
C PRO A 128 5.93 15.10 -9.59
N VAL A 129 6.28 13.99 -10.25
CA VAL A 129 6.97 12.89 -9.59
C VAL A 129 8.14 13.39 -8.75
N GLU A 130 8.90 14.34 -9.30
CA GLU A 130 10.05 14.90 -8.60
C GLU A 130 9.68 15.42 -7.21
N GLU A 131 8.62 16.22 -7.14
CA GLU A 131 8.16 16.77 -5.88
C GLU A 131 7.56 15.67 -5.01
N ALA A 132 7.03 14.64 -5.66
CA ALA A 132 6.42 13.52 -4.95
C ALA A 132 7.49 12.64 -4.31
N ARG A 133 8.67 12.60 -4.91
CA ARG A 133 9.78 11.80 -4.40
C ARG A 133 10.43 12.47 -3.19
N SER A 134 10.62 13.78 -3.29
CA SER A 134 11.24 14.55 -2.21
C SER A 134 10.47 14.39 -0.91
N LYS A 135 9.15 14.54 -0.98
CA LYS A 135 8.31 14.41 0.22
C LYS A 135 8.33 12.98 0.75
N ALA A 136 8.14 12.02 -0.13
CA ALA A 136 8.12 10.61 0.26
C ALA A 136 9.38 10.23 1.04
N GLU A 137 10.51 10.79 0.63
CA GLU A 137 11.78 10.51 1.28
C GLU A 137 11.78 10.98 2.73
N GLU A 138 11.04 12.06 2.99
CA GLU A 138 10.96 12.61 4.35
C GLU A 138 10.61 11.52 5.36
N TRP A 139 9.72 10.62 4.96
CA TRP A 139 9.29 9.52 5.83
C TRP A 139 10.39 8.47 5.94
N GLY A 140 11.22 8.37 4.90
CA GLY A 140 12.30 7.41 4.90
C GLY A 140 12.06 6.30 3.91
N VAL A 141 11.16 6.55 2.95
CA VAL A 141 10.84 5.56 1.92
C VAL A 141 11.07 6.12 0.53
N GLN A 142 10.72 5.34 -0.47
CA GLN A 142 10.86 5.74 -1.86
C GLN A 142 9.52 5.65 -2.58
N TYR A 143 9.15 6.72 -3.27
CA TYR A 143 7.87 6.76 -3.98
C TYR A 143 8.05 6.36 -5.44
N VAL A 144 7.06 5.65 -5.97
CA VAL A 144 7.10 5.20 -7.35
C VAL A 144 5.72 5.34 -8.01
N GLU A 145 5.72 5.47 -9.34
CA GLU A 145 4.49 5.61 -10.09
C GLU A 145 4.01 4.25 -10.61
N THR A 146 2.70 4.08 -10.70
CA THR A 146 2.12 2.81 -11.17
C THR A 146 0.78 3.03 -11.86
N SER A 147 0.48 2.17 -12.83
CA SER A 147 -0.78 2.25 -13.55
C SER A 147 -1.63 1.01 -13.30
N ALA A 148 -2.72 1.19 -12.58
CA ALA A 148 -3.61 0.09 -12.25
C ALA A 148 -4.33 -0.44 -13.49
N LYS A 149 -4.05 0.19 -14.63
CA LYS A 149 -4.67 -0.22 -15.89
C LYS A 149 -3.76 -1.15 -16.68
N THR A 150 -2.46 -0.85 -16.65
CA THR A 150 -1.48 -1.66 -17.34
C THR A 150 -0.81 -2.66 -16.41
N ARG A 151 -1.13 -2.57 -15.12
CA ARG A 151 -0.58 -3.45 -14.09
C ARG A 151 0.87 -3.84 -14.39
N ALA A 152 1.64 -2.88 -14.90
CA ALA A 152 3.03 -3.12 -15.23
C ALA A 152 3.93 -3.11 -14.00
N ASN A 153 3.87 -2.03 -13.22
CA ASN A 153 4.70 -1.90 -12.02
C ASN A 153 3.86 -1.97 -10.75
N VAL A 154 2.62 -2.44 -10.87
CA VAL A 154 1.74 -2.53 -9.72
C VAL A 154 2.24 -3.59 -8.72
N ASP A 155 2.71 -4.71 -9.24
CA ASP A 155 3.22 -5.80 -8.40
C ASP A 155 4.59 -5.43 -7.81
N LYS A 156 5.30 -4.54 -8.49
CA LYS A 156 6.63 -4.11 -8.06
C LYS A 156 6.58 -3.49 -6.67
N VAL A 157 5.47 -2.84 -6.34
CA VAL A 157 5.33 -2.19 -5.02
C VAL A 157 4.99 -3.21 -3.95
N PHE A 158 4.32 -4.28 -4.33
CA PHE A 158 3.95 -5.33 -3.37
C PHE A 158 5.17 -6.15 -2.98
N PHE A 159 5.99 -6.48 -3.96
CA PHE A 159 7.20 -7.26 -3.71
C PHE A 159 8.26 -6.42 -3.00
N ASP A 160 8.39 -5.16 -3.42
CA ASP A 160 9.36 -4.25 -2.83
C ASP A 160 9.15 -4.13 -1.32
N LEU A 161 7.89 -3.90 -0.93
CA LEU A 161 7.55 -3.75 0.48
C LEU A 161 7.78 -5.05 1.24
N MET A 162 7.52 -6.17 0.57
CA MET A 162 7.69 -7.49 1.18
C MET A 162 9.12 -7.67 1.67
N ARG A 163 10.07 -7.15 0.90
CA ARG A 163 11.48 -7.24 1.26
C ARG A 163 11.79 -6.41 2.49
N GLU A 164 11.10 -5.27 2.62
CA GLU A 164 11.29 -4.39 3.76
C GLU A 164 10.89 -5.08 5.06
N ILE A 165 9.70 -5.67 5.05
CA ILE A 165 9.18 -6.36 6.23
C ILE A 165 10.13 -7.47 6.69
N ARG A 166 10.82 -8.08 5.75
CA ARG A 166 11.75 -9.15 6.07
C ARG A 166 13.04 -8.64 6.70
N THR A 167 13.66 -7.65 6.05
CA THR A 167 14.92 -7.09 6.54
C THR A 167 14.73 -5.95 7.55
N LYS A 168 14.04 -4.90 7.14
CA LYS A 168 13.84 -3.72 8.00
C LYS A 168 13.07 -4.03 9.29
N LYS A 169 11.90 -4.64 9.18
CA LYS A 169 11.09 -4.95 10.36
C LYS A 169 11.79 -5.93 11.30
N MET A 170 12.17 -7.09 10.77
CA MET A 170 12.84 -8.12 11.58
C MET A 170 14.18 -7.63 12.11
N SER A 171 14.68 -6.51 11.59
CA SER A 171 15.96 -5.97 12.03
C SER A 171 15.89 -5.51 13.48
N GLU A 172 15.00 -4.54 13.75
CA GLU A 172 14.83 -4.01 15.10
C GLU A 172 16.13 -3.43 15.64
N ASN A 173 16.07 -2.88 16.86
CA ASN A 173 17.24 -2.29 17.50
C ASN A 173 17.74 -1.07 16.73
N LYS A 174 18.25 -0.09 17.47
CA LYS A 174 18.78 1.14 16.86
C LYS A 174 17.70 1.86 16.06
PG GNP B . -14.03 1.77 -2.39
O1G GNP B . -15.45 2.15 -2.10
O2G GNP B . -13.78 0.22 -2.20
O3G GNP B . -13.01 2.65 -1.53
N3B GNP B . -13.64 2.07 -3.99
PB GNP B . -11.98 2.28 -4.18
O1B GNP B . -11.53 3.38 -3.30
O2B GNP B . -11.31 0.96 -4.10
O3A GNP B . -11.90 2.79 -5.69
PA GNP B . -12.38 1.84 -6.88
O1A GNP B . -11.65 0.55 -6.79
O2A GNP B . -13.87 1.84 -6.91
O5' GNP B . -11.84 2.62 -8.16
C5' GNP B . -12.69 3.55 -8.86
C4' GNP B . -12.76 3.18 -10.32
O4' GNP B . -11.94 4.10 -11.08
C3' GNP B . -12.24 1.79 -10.67
O3' GNP B . -13.27 0.82 -10.59
C2' GNP B . -11.73 1.97 -12.10
O2' GNP B . -12.79 1.91 -13.04
C1' GNP B . -11.18 3.39 -12.04
N9 GNP B . -9.76 3.46 -11.67
C8 GNP B . -9.23 3.36 -10.41
N7 GNP B . -7.93 3.46 -10.39
C5 GNP B . -7.58 3.64 -11.72
C6 GNP B . -6.31 3.81 -12.32
O6 GNP B . -5.20 3.84 -11.76
N1 GNP B . -6.39 3.95 -13.70
C2 GNP B . -7.57 3.94 -14.41
N2 GNP B . -7.47 4.09 -15.74
N3 GNP B . -8.77 3.78 -13.86
C4 GNP B . -8.70 3.64 -12.52
HNB3 GNP B . -14.11 2.86 -4.30
H5'2 GNP B . -12.28 4.55 -8.77
H5'1 GNP B . -13.69 3.52 -8.43
H4' GNP B . -13.81 3.20 -10.61
H3' GNP B . -11.45 1.46 -9.98
HO3' GNP B . -13.68 0.91 -9.74
H2' GNP B . -10.94 1.24 -12.31
HO2' GNP B . -13.58 1.66 -12.57
H1' GNP B . -11.30 3.91 -12.99
H8 GNP B . -9.84 3.21 -9.52
HN1 GNP B . -5.54 4.08 -14.21
HN21 GNP B . -8.29 4.09 -16.31
HN22 GNP B . -6.55 4.22 -16.15
MG MG C . -12.29 -1.01 -3.43
N LEU A 1 7.97 -21.05 6.46
CA LEU A 1 7.26 -20.12 5.57
C LEU A 1 6.78 -18.89 6.32
N ALA A 2 7.39 -17.74 6.04
CA ALA A 2 7.02 -16.49 6.70
C ALA A 2 5.69 -15.98 6.20
N LEU A 3 4.94 -15.31 7.07
CA LEU A 3 3.63 -14.77 6.70
C LEU A 3 3.57 -13.27 6.96
N HIS A 4 3.50 -12.49 5.88
CA HIS A 4 3.43 -11.04 5.98
C HIS A 4 2.07 -10.53 5.54
N LYS A 5 1.52 -9.58 6.31
CA LYS A 5 0.22 -9.00 5.99
C LYS A 5 0.37 -7.56 5.53
N VAL A 6 0.01 -7.31 4.28
CA VAL A 6 0.10 -5.96 3.71
C VAL A 6 -1.28 -5.34 3.56
N ILE A 7 -1.42 -4.10 4.05
CA ILE A 7 -2.69 -3.39 3.96
C ILE A 7 -2.59 -2.22 2.98
N MET A 8 -3.57 -2.11 2.09
CA MET A 8 -3.59 -1.02 1.12
C MET A 8 -4.07 0.27 1.76
N VAL A 9 -3.18 0.96 2.45
CA VAL A 9 -3.52 2.22 3.11
C VAL A 9 -3.42 3.38 2.14
N GLY A 10 -4.11 4.49 2.46
CA GLY A 10 -4.06 5.65 1.60
C GLY A 10 -4.97 6.76 2.09
N SER A 11 -5.30 7.69 1.19
CA SER A 11 -6.15 8.82 1.51
C SER A 11 -7.55 8.34 1.92
N GLY A 12 -8.09 7.41 1.14
CA GLY A 12 -9.41 6.88 1.40
C GLY A 12 -10.17 6.58 0.13
N GLY A 13 -10.11 7.51 -0.82
CA GLY A 13 -10.79 7.33 -2.09
C GLY A 13 -9.84 7.49 -3.26
N VAL A 14 -9.19 6.40 -3.64
CA VAL A 14 -8.23 6.41 -4.75
C VAL A 14 -8.44 5.22 -5.67
N GLY A 15 -8.31 4.02 -5.12
CA GLY A 15 -8.47 2.82 -5.92
C GLY A 15 -7.45 1.75 -5.56
N LYS A 16 -7.28 1.52 -4.26
CA LYS A 16 -6.33 0.53 -3.77
C LYS A 16 -6.68 -0.86 -4.26
N SER A 17 -7.95 -1.21 -4.17
CA SER A 17 -8.44 -2.52 -4.59
C SER A 17 -7.99 -2.85 -6.01
N ALA A 18 -7.80 -1.82 -6.81
CA ALA A 18 -7.38 -1.98 -8.19
C ALA A 18 -6.03 -2.67 -8.26
N LEU A 19 -5.06 -2.13 -7.52
CA LEU A 19 -3.74 -2.72 -7.48
C LEU A 19 -3.85 -4.10 -6.87
N THR A 20 -4.90 -4.28 -6.06
CA THR A 20 -5.14 -5.54 -5.40
C THR A 20 -5.56 -6.62 -6.40
N LEU A 21 -6.44 -6.25 -7.32
CA LEU A 21 -6.94 -7.16 -8.33
C LEU A 21 -5.87 -7.50 -9.36
N GLN A 22 -4.97 -6.55 -9.62
CA GLN A 22 -3.90 -6.76 -10.59
C GLN A 22 -2.83 -7.71 -10.05
N PHE A 23 -2.68 -7.75 -8.74
CA PHE A 23 -1.69 -8.63 -8.13
C PHE A 23 -2.14 -10.09 -8.19
N MET A 24 -3.39 -10.33 -7.79
CA MET A 24 -3.94 -11.69 -7.77
C MET A 24 -4.44 -12.15 -9.15
N TYR A 25 -5.24 -11.33 -9.82
CA TYR A 25 -5.79 -11.68 -11.12
C TYR A 25 -4.92 -11.23 -12.28
N ASP A 26 -4.19 -10.13 -12.09
CA ASP A 26 -3.34 -9.60 -13.15
C ASP A 26 -4.17 -9.26 -14.38
N GLU A 27 -5.37 -8.77 -14.13
CA GLU A 27 -6.30 -8.41 -15.19
C GLU A 27 -7.18 -7.24 -14.78
N PHE A 28 -7.23 -6.22 -15.62
CA PHE A 28 -8.04 -5.03 -15.34
C PHE A 28 -9.51 -5.30 -15.62
N VAL A 29 -10.31 -5.31 -14.56
CA VAL A 29 -11.75 -5.56 -14.68
C VAL A 29 -12.53 -4.75 -13.66
N GLU A 30 -13.74 -4.36 -14.02
CA GLU A 30 -14.60 -3.57 -13.14
C GLU A 30 -15.20 -4.45 -12.02
N ASP A 31 -14.73 -5.68 -11.94
CA ASP A 31 -15.20 -6.61 -10.92
C ASP A 31 -14.80 -6.15 -9.52
N TYR A 32 -15.60 -6.49 -8.54
CA TYR A 32 -15.33 -6.12 -7.15
C TYR A 32 -15.90 -7.15 -6.18
N GLU A 33 -15.27 -7.27 -5.02
CA GLU A 33 -15.72 -8.22 -4.01
C GLU A 33 -15.72 -7.57 -2.62
N PRO A 34 -16.90 -7.44 -1.98
CA PRO A 34 -16.99 -6.84 -0.65
C PRO A 34 -16.10 -7.53 0.37
N THR A 35 -15.60 -6.76 1.32
CA THR A 35 -14.71 -7.31 2.36
C THR A 35 -15.11 -6.81 3.74
N LYS A 36 -15.34 -7.75 4.66
CA LYS A 36 -15.71 -7.40 6.02
C LYS A 36 -14.64 -7.88 7.00
N ALA A 37 -13.95 -8.96 6.63
CA ALA A 37 -12.90 -9.52 7.46
C ALA A 37 -12.14 -10.63 6.73
N ASP A 38 -12.49 -10.84 5.46
CA ASP A 38 -11.84 -11.87 4.66
C ASP A 38 -10.76 -11.27 3.77
N SER A 39 -9.61 -11.94 3.72
CA SER A 39 -8.49 -11.47 2.91
C SER A 39 -7.97 -12.57 1.99
N TYR A 40 -6.99 -12.22 1.16
CA TYR A 40 -6.40 -13.17 0.22
C TYR A 40 -5.14 -13.78 0.80
N ARG A 41 -4.78 -14.96 0.33
CA ARG A 41 -3.59 -15.65 0.79
C ARG A 41 -3.00 -16.54 -0.29
N LYS A 42 -1.70 -16.40 -0.54
CA LYS A 42 -1.02 -17.20 -1.56
C LYS A 42 0.46 -17.36 -1.23
N LYS A 43 1.12 -18.24 -1.97
CA LYS A 43 2.54 -18.48 -1.74
C LYS A 43 3.39 -17.93 -2.89
N VAL A 44 4.44 -17.20 -2.54
CA VAL A 44 5.34 -16.62 -3.53
C VAL A 44 6.79 -16.73 -3.08
N VAL A 45 7.67 -17.06 -4.02
CA VAL A 45 9.09 -17.20 -3.71
C VAL A 45 9.80 -15.85 -3.74
N LEU A 46 10.77 -15.68 -2.85
CA LEU A 46 11.54 -14.44 -2.76
C LEU A 46 13.02 -14.73 -2.68
N ASP A 47 13.69 -14.71 -3.81
CA ASP A 47 15.12 -14.97 -3.87
C ASP A 47 15.47 -16.31 -3.23
N GLY A 48 14.53 -17.25 -3.31
CA GLY A 48 14.76 -18.57 -2.74
C GLY A 48 13.71 -18.97 -1.72
N GLU A 49 13.53 -18.15 -0.69
CA GLU A 49 12.57 -18.44 0.36
C GLU A 49 11.14 -18.08 -0.05
N GLU A 50 10.27 -19.08 -0.01
CA GLU A 50 8.87 -18.88 -0.38
C GLU A 50 8.05 -18.46 0.84
N VAL A 51 7.52 -17.24 0.80
CA VAL A 51 6.73 -16.72 1.90
C VAL A 51 5.32 -16.37 1.46
N GLN A 52 4.36 -16.50 2.37
CA GLN A 52 2.96 -16.20 2.08
C GLN A 52 2.67 -14.72 2.34
N ILE A 53 1.67 -14.19 1.65
CA ILE A 53 1.30 -12.78 1.80
C ILE A 53 -0.22 -12.63 1.88
N ASP A 54 -0.67 -11.70 2.73
CA ASP A 54 -2.09 -11.44 2.90
C ASP A 54 -2.43 -10.01 2.50
N ILE A 55 -3.29 -9.86 1.50
CA ILE A 55 -3.69 -8.54 1.02
C ILE A 55 -5.15 -8.23 1.37
N LEU A 56 -5.32 -7.27 2.28
CA LEU A 56 -6.66 -6.87 2.71
C LEU A 56 -7.15 -5.69 1.86
N ASP A 57 -8.16 -5.94 1.01
CA ASP A 57 -8.70 -4.91 0.13
C ASP A 57 -9.91 -4.22 0.76
N THR A 58 -10.58 -3.38 -0.04
CA THR A 58 -11.76 -2.66 0.42
C THR A 58 -11.42 -1.70 1.56
N ALA A 59 -11.30 -0.42 1.22
CA ALA A 59 -10.98 0.60 2.21
C ALA A 59 -12.21 0.98 3.03
N GLY A 60 -12.96 1.94 2.52
CA GLY A 60 -14.15 2.40 3.22
C GLY A 60 -13.87 2.76 4.66
N LEU A 61 -12.62 3.16 4.92
CA LEU A 61 -12.21 3.53 6.27
C LEU A 61 -12.65 4.95 6.61
N GLU A 62 -13.29 5.61 5.66
CA GLU A 62 -13.76 6.97 5.86
C GLU A 62 -15.15 6.99 6.50
N ASP A 63 -15.63 5.80 6.86
CA ASP A 63 -16.94 5.67 7.48
C ASP A 63 -16.81 5.35 8.96
N TYR A 64 -15.88 4.45 9.29
CA TYR A 64 -15.65 4.05 10.68
C TYR A 64 -15.01 5.18 11.46
N ALA A 65 -15.61 5.51 12.61
CA ALA A 65 -15.10 6.59 13.45
C ALA A 65 -13.71 6.27 13.98
N ALA A 66 -13.51 5.01 14.38
CA ALA A 66 -12.22 4.58 14.91
C ALA A 66 -11.99 3.09 14.63
N ILE A 67 -13.01 2.42 14.11
CA ILE A 67 -12.90 0.99 13.80
C ILE A 67 -11.95 0.76 12.63
N ARG A 68 -11.70 1.81 11.85
CA ARG A 68 -10.80 1.72 10.71
C ARG A 68 -9.39 1.35 11.15
N ASP A 69 -9.02 1.79 12.34
CA ASP A 69 -7.70 1.50 12.88
C ASP A 69 -7.50 -0.01 13.07
N ASN A 70 -8.59 -0.71 13.34
CA ASN A 70 -8.55 -2.16 13.54
C ASN A 70 -7.81 -2.84 12.39
N TYR A 71 -8.00 -2.30 11.19
CA TYR A 71 -7.36 -2.85 9.99
C TYR A 71 -5.85 -2.66 10.05
N PHE A 72 -5.42 -1.45 10.40
CA PHE A 72 -4.00 -1.15 10.49
C PHE A 72 -3.34 -2.02 11.56
N ARG A 73 -4.10 -2.36 12.58
CA ARG A 73 -3.60 -3.20 13.67
C ARG A 73 -3.58 -4.67 13.27
N SER A 74 -4.47 -5.05 12.36
CA SER A 74 -4.55 -6.42 11.90
C SER A 74 -3.61 -6.66 10.72
N GLY A 75 -2.75 -5.67 10.46
CA GLY A 75 -1.80 -5.79 9.37
C GLY A 75 -0.39 -5.45 9.79
N GLU A 76 0.59 -5.99 9.06
CA GLU A 76 2.00 -5.74 9.35
C GLU A 76 2.53 -4.59 8.52
N GLY A 77 2.70 -4.83 7.22
CA GLY A 77 3.20 -3.81 6.34
C GLY A 77 2.11 -2.86 5.87
N PHE A 78 2.50 -1.66 5.47
CA PHE A 78 1.56 -0.66 4.99
C PHE A 78 1.96 -0.12 3.63
N LEU A 79 0.99 0.01 2.72
CA LEU A 79 1.26 0.52 1.39
C LEU A 79 0.43 1.77 1.11
N LEU A 80 1.08 2.93 1.12
CA LEU A 80 0.39 4.20 0.88
C LEU A 80 0.22 4.45 -0.61
N VAL A 81 -0.98 4.17 -1.12
CA VAL A 81 -1.27 4.37 -2.54
C VAL A 81 -2.25 5.51 -2.75
N PHE A 82 -1.93 6.39 -3.69
CA PHE A 82 -2.80 7.51 -4.00
C PHE A 82 -2.94 7.69 -5.51
N SER A 83 -3.74 8.67 -5.91
CA SER A 83 -3.96 8.95 -7.32
C SER A 83 -3.34 10.28 -7.73
N ILE A 84 -2.59 10.25 -8.83
CA ILE A 84 -1.96 11.46 -9.34
C ILE A 84 -3.02 12.41 -9.88
N THR A 85 -4.11 11.84 -10.38
CA THR A 85 -5.20 12.63 -10.92
C THR A 85 -5.94 13.37 -9.82
N GLU A 86 -5.70 12.95 -8.57
CA GLU A 86 -6.33 13.57 -7.42
C GLU A 86 -5.29 14.03 -6.41
N HIS A 87 -4.94 15.32 -6.48
CA HIS A 87 -3.96 15.91 -5.58
C HIS A 87 -4.44 15.82 -4.13
N GLU A 88 -5.73 15.56 -3.96
CA GLU A 88 -6.32 15.46 -2.63
C GLU A 88 -5.87 14.18 -1.94
N SER A 89 -5.55 13.17 -2.74
CA SER A 89 -5.12 11.89 -2.21
C SER A 89 -3.76 11.98 -1.52
N PHE A 90 -2.77 12.51 -2.24
CA PHE A 90 -1.42 12.66 -1.70
C PHE A 90 -1.41 13.40 -0.36
N THR A 91 -2.31 14.37 -0.24
CA THR A 91 -2.41 15.17 0.98
C THR A 91 -3.00 14.38 2.14
N ALA A 92 -4.16 13.79 1.91
CA ALA A 92 -4.84 13.01 2.94
C ALA A 92 -3.99 11.79 3.34
N THR A 93 -3.30 11.22 2.36
CA THR A 93 -2.44 10.07 2.61
C THR A 93 -1.40 10.41 3.66
N ALA A 94 -0.99 11.67 3.68
CA ALA A 94 0.00 12.15 4.63
C ALA A 94 -0.54 12.07 6.06
N GLU A 95 -1.84 12.28 6.20
CA GLU A 95 -2.49 12.22 7.51
C GLU A 95 -2.41 10.82 8.08
N PHE A 96 -2.68 9.83 7.23
CA PHE A 96 -2.65 8.43 7.62
C PHE A 96 -1.24 8.03 8.09
N ARG A 97 -0.23 8.71 7.57
CA ARG A 97 1.15 8.42 7.92
C ARG A 97 1.33 8.44 9.44
N GLU A 98 0.77 9.47 10.08
CA GLU A 98 0.85 9.60 11.53
C GLU A 98 0.00 8.55 12.22
N GLN A 99 -1.14 8.21 11.61
CA GLN A 99 -2.05 7.24 12.16
C GLN A 99 -1.41 5.85 12.23
N ILE A 100 -0.63 5.52 11.21
CA ILE A 100 0.06 4.23 11.14
C ILE A 100 1.02 4.05 12.31
N LEU A 101 1.72 5.12 12.66
CA LEU A 101 2.68 5.07 13.76
C LEU A 101 1.97 4.88 15.11
N ARG A 102 0.75 5.39 15.21
CA ARG A 102 -0.03 5.28 16.45
C ARG A 102 -0.43 3.84 16.72
N VAL A 103 -0.99 3.19 15.71
CA VAL A 103 -1.44 1.80 15.83
C VAL A 103 -0.25 0.86 16.02
N LYS A 104 0.95 1.36 15.76
CA LYS A 104 2.16 0.57 15.89
C LYS A 104 3.18 1.29 16.77
N ALA A 105 2.71 1.88 17.86
CA ALA A 105 3.58 2.60 18.78
C ALA A 105 4.65 1.67 19.36
N GLU A 106 4.33 0.38 19.46
CA GLU A 106 5.26 -0.60 20.00
C GLU A 106 6.42 -0.85 19.04
N GLU A 107 6.10 -0.91 17.75
CA GLU A 107 7.12 -1.14 16.73
C GLU A 107 7.78 0.17 16.31
N ASP A 108 9.08 0.11 16.06
CA ASP A 108 9.84 1.29 15.64
C ASP A 108 9.97 1.34 14.12
N LYS A 109 10.43 0.25 13.54
CA LYS A 109 10.60 0.16 12.09
C LYS A 109 9.27 -0.09 11.40
N ILE A 110 8.64 0.99 10.93
CA ILE A 110 7.36 0.88 10.24
C ILE A 110 7.57 0.83 8.72
N PRO A 111 7.33 -0.35 8.10
CA PRO A 111 7.49 -0.53 6.66
C PRO A 111 6.46 0.24 5.84
N LEU A 112 6.93 1.17 5.02
CA LEU A 112 6.05 1.97 4.16
C LEU A 112 6.53 1.96 2.72
N LEU A 113 5.67 2.40 1.83
CA LEU A 113 5.99 2.49 0.41
C LEU A 113 4.90 3.27 -0.31
N VAL A 114 5.25 4.47 -0.76
CA VAL A 114 4.31 5.34 -1.45
C VAL A 114 4.30 5.06 -2.94
N VAL A 115 3.11 5.15 -3.53
CA VAL A 115 2.94 4.92 -4.96
C VAL A 115 1.74 5.69 -5.50
N GLY A 116 1.83 6.10 -6.76
CA GLY A 116 0.74 6.84 -7.37
C GLY A 116 0.25 6.17 -8.64
N ASN A 117 -1.00 5.72 -8.62
CA ASN A 117 -1.59 5.05 -9.77
C ASN A 117 -2.04 6.09 -10.79
N LYS A 118 -2.90 5.69 -11.72
CA LYS A 118 -3.41 6.58 -12.74
C LYS A 118 -2.27 7.13 -13.62
N SER A 119 -1.09 6.50 -13.50
CA SER A 119 0.07 6.93 -14.29
C SER A 119 -0.23 6.94 -15.78
N ASP A 120 -1.32 6.28 -16.17
CA ASP A 120 -1.71 6.23 -17.57
C ASP A 120 -2.26 7.57 -18.04
N LEU A 121 -2.17 8.58 -17.16
CA LEU A 121 -2.66 9.92 -17.47
C LEU A 121 -1.59 10.97 -17.19
N GLU A 122 -0.63 11.07 -18.11
CA GLU A 122 0.46 12.04 -17.97
C GLU A 122 -0.03 13.46 -18.22
N GLU A 123 -1.22 13.59 -18.80
CA GLU A 123 -1.78 14.91 -19.10
C GLU A 123 -2.65 15.39 -17.94
N ARG A 124 -2.92 14.50 -16.99
CA ARG A 124 -3.76 14.85 -15.84
C ARG A 124 -2.96 14.75 -14.55
N ARG A 125 -1.68 14.42 -14.64
CA ARG A 125 -0.81 14.31 -13.48
C ARG A 125 -0.54 15.70 -12.89
N GLN A 126 -1.14 15.97 -11.73
CA GLN A 126 -0.97 17.27 -11.07
C GLN A 126 0.16 17.23 -10.06
N VAL A 127 0.44 16.05 -9.50
CA VAL A 127 1.50 15.89 -8.52
C VAL A 127 2.80 15.45 -9.17
N PRO A 128 3.82 16.34 -9.24
CA PRO A 128 5.12 16.00 -9.83
C PRO A 128 5.78 14.84 -9.09
N VAL A 129 6.28 13.88 -9.85
CA VAL A 129 6.94 12.71 -9.27
C VAL A 129 8.04 13.11 -8.30
N GLU A 130 8.90 14.04 -8.73
CA GLU A 130 10.00 14.49 -7.90
C GLU A 130 9.50 15.08 -6.59
N GLU A 131 8.50 15.96 -6.69
CA GLU A 131 7.92 16.58 -5.50
C GLU A 131 7.35 15.52 -4.56
N ALA A 132 6.80 14.47 -5.16
CA ALA A 132 6.22 13.38 -4.39
C ALA A 132 7.32 12.61 -3.65
N ARG A 133 8.51 12.55 -4.25
CA ARG A 133 9.64 11.86 -3.64
C ARG A 133 10.22 12.67 -2.49
N SER A 134 10.25 13.99 -2.66
CA SER A 134 10.80 14.88 -1.63
C SER A 134 10.02 14.75 -0.31
N LYS A 135 8.70 14.68 -0.41
CA LYS A 135 7.85 14.57 0.77
C LYS A 135 7.91 13.16 1.35
N ALA A 136 7.73 12.16 0.49
CA ALA A 136 7.74 10.76 0.91
C ALA A 136 9.08 10.37 1.52
N GLU A 137 10.15 11.00 1.06
CA GLU A 137 11.48 10.70 1.55
C GLU A 137 11.60 11.03 3.04
N GLU A 138 10.85 12.04 3.48
CA GLU A 138 10.85 12.44 4.88
C GLU A 138 10.59 11.24 5.79
N TRP A 139 9.60 10.43 5.42
CA TRP A 139 9.25 9.24 6.19
C TRP A 139 10.36 8.21 6.07
N GLY A 140 11.14 8.31 5.00
CA GLY A 140 12.23 7.37 4.78
C GLY A 140 11.94 6.40 3.67
N VAL A 141 10.88 6.67 2.90
CA VAL A 141 10.49 5.80 1.80
C VAL A 141 10.69 6.46 0.44
N GLN A 142 10.54 5.65 -0.60
CA GLN A 142 10.68 6.12 -1.97
C GLN A 142 9.32 6.07 -2.67
N TYR A 143 9.16 6.85 -3.72
CA TYR A 143 7.90 6.90 -4.46
C TYR A 143 8.09 6.47 -5.91
N VAL A 144 7.11 5.73 -6.43
CA VAL A 144 7.16 5.26 -7.80
C VAL A 144 5.80 5.41 -8.49
N GLU A 145 5.82 5.54 -9.82
CA GLU A 145 4.59 5.69 -10.59
C GLU A 145 4.10 4.33 -11.07
N THR A 146 2.79 4.13 -11.05
CA THR A 146 2.19 2.87 -11.49
C THR A 146 0.84 3.07 -12.16
N SER A 147 0.38 2.06 -12.88
CA SER A 147 -0.90 2.12 -13.57
C SER A 147 -1.62 0.77 -13.48
N ALA A 148 -2.71 0.74 -12.72
CA ALA A 148 -3.49 -0.47 -12.54
C ALA A 148 -4.02 -1.00 -13.87
N LYS A 149 -4.11 -0.11 -14.85
CA LYS A 149 -4.61 -0.48 -16.18
C LYS A 149 -3.67 -1.44 -16.88
N THR A 150 -2.40 -1.06 -17.02
CA THR A 150 -1.42 -1.89 -17.69
C THR A 150 -0.72 -2.83 -16.69
N ARG A 151 -1.12 -2.75 -15.43
CA ARG A 151 -0.55 -3.57 -14.35
C ARG A 151 0.94 -3.86 -14.59
N ALA A 152 1.67 -2.84 -15.03
CA ALA A 152 3.10 -3.00 -15.31
C ALA A 152 3.93 -2.97 -14.03
N ASN A 153 3.81 -1.91 -13.25
CA ASN A 153 4.57 -1.78 -12.01
C ASN A 153 3.68 -1.88 -10.77
N VAL A 154 2.49 -2.43 -10.93
CA VAL A 154 1.56 -2.58 -9.80
C VAL A 154 2.12 -3.55 -8.77
N ASP A 155 2.54 -4.72 -9.23
CA ASP A 155 3.10 -5.73 -8.35
C ASP A 155 4.48 -5.32 -7.87
N LYS A 156 5.06 -4.31 -8.51
CA LYS A 156 6.39 -3.83 -8.15
C LYS A 156 6.42 -3.30 -6.72
N VAL A 157 5.36 -2.61 -6.32
CA VAL A 157 5.27 -2.05 -4.97
C VAL A 157 4.92 -3.12 -3.94
N PHE A 158 4.24 -4.18 -4.39
CA PHE A 158 3.85 -5.26 -3.49
C PHE A 158 5.07 -6.07 -3.07
N PHE A 159 5.92 -6.40 -4.05
CA PHE A 159 7.13 -7.16 -3.78
C PHE A 159 8.16 -6.32 -3.04
N ASP A 160 8.28 -5.06 -3.42
CA ASP A 160 9.23 -4.14 -2.80
C ASP A 160 8.96 -4.00 -1.31
N LEU A 161 7.71 -3.66 -0.97
CA LEU A 161 7.32 -3.48 0.42
C LEU A 161 7.48 -4.78 1.21
N MET A 162 7.19 -5.89 0.55
CA MET A 162 7.30 -7.20 1.19
C MET A 162 8.73 -7.46 1.65
N ARG A 163 9.69 -7.09 0.83
CA ARG A 163 11.10 -7.27 1.15
C ARG A 163 11.52 -6.34 2.28
N GLU A 164 10.94 -5.15 2.29
CA GLU A 164 11.25 -4.15 3.31
C GLU A 164 10.87 -4.66 4.70
N ILE A 165 9.84 -5.49 4.76
CA ILE A 165 9.39 -6.05 6.03
C ILE A 165 10.38 -7.09 6.57
N ARG A 166 10.72 -8.06 5.74
CA ARG A 166 11.65 -9.11 6.13
C ARG A 166 13.00 -8.55 6.58
N THR A 167 13.45 -7.50 5.91
CA THR A 167 14.74 -6.90 6.22
C THR A 167 14.67 -5.83 7.33
N LYS A 168 13.89 -4.78 7.08
CA LYS A 168 13.78 -3.67 8.04
C LYS A 168 13.06 -4.05 9.33
N LYS A 169 11.85 -4.59 9.21
CA LYS A 169 11.06 -4.97 10.39
C LYS A 169 11.81 -5.98 11.26
N MET A 170 12.44 -6.95 10.62
CA MET A 170 13.19 -7.98 11.35
C MET A 170 14.52 -7.44 11.86
N SER A 171 14.94 -6.29 11.33
CA SER A 171 16.21 -5.69 11.73
C SER A 171 16.13 -5.20 13.18
N GLU A 172 15.21 -4.26 13.43
CA GLU A 172 15.02 -3.69 14.76
C GLU A 172 16.29 -3.01 15.27
N ASN A 173 16.14 -1.76 15.69
CA ASN A 173 17.27 -0.98 16.20
C ASN A 173 18.35 -0.79 15.14
N LYS A 174 19.30 0.10 15.43
CA LYS A 174 20.40 0.38 14.51
C LYS A 174 19.88 0.77 13.14
PG GNP B . -13.92 1.53 -1.56
O1G GNP B . -15.29 1.67 -1.00
O2G GNP B . -13.50 0.00 -1.69
O3G GNP B . -12.86 2.35 -0.69
N3B GNP B . -13.83 2.14 -3.11
PB GNP B . -12.25 2.55 -3.52
O1B GNP B . -11.72 3.49 -2.49
O2B GNP B . -11.49 1.32 -3.84
O3A GNP B . -12.46 3.36 -4.87
PA GNP B . -13.12 2.65 -6.14
O1A GNP B . -12.58 1.28 -6.25
O2A GNP B . -14.60 2.83 -6.08
O5' GNP B . -12.56 3.52 -7.35
C5' GNP B . -11.40 3.11 -8.07
C4' GNP B . -11.75 2.80 -9.51
O4' GNP B . -10.99 3.68 -10.38
C3' GNP B . -11.41 1.38 -9.97
O3' GNP B . -12.51 0.50 -9.76
C2' GNP B . -11.11 1.57 -11.45
O2' GNP B . -12.30 1.64 -12.23
C1' GNP B . -10.44 2.94 -11.45
N9 GNP B . -8.98 2.87 -11.27
C8 GNP B . -8.30 2.58 -10.11
N7 GNP B . -7.01 2.60 -10.25
C5 GNP B . -6.82 2.95 -11.58
C6 GNP B . -5.62 3.14 -12.31
O6 GNP B . -4.45 3.03 -11.92
N1 GNP B . -5.87 3.47 -13.65
C2 GNP B . -7.13 3.62 -14.18
N2 GNP B . -7.18 3.95 -15.48
N3 GNP B . -8.25 3.45 -13.52
C4 GNP B . -8.03 3.12 -12.22
HNB3 GNP B . -14.40 2.93 -3.19
H5'2 GNP B . -10.97 2.22 -7.61
H5'1 GNP B . -10.65 3.89 -8.05
H4' GNP B . -12.83 2.91 -9.61
H3' GNP B . -10.57 0.97 -9.42
HO3' GNP B . -12.76 0.16 -10.62
H2' GNP B . -10.44 0.79 -11.80
HO2' GNP B . -12.66 0.76 -12.27
H1' GNP B . -10.64 3.50 -12.36
H8 GNP B . -8.79 2.33 -9.18
HN1 GNP B . -5.08 3.62 -14.25
HN21 GNP B . -8.07 4.07 -15.95
HN22 GNP B . -6.32 4.09 -16.00
MG MG C . -12.14 -0.83 -3.34
N LEU A 1 8.96 -20.87 5.57
CA LEU A 1 8.07 -19.91 4.87
C LEU A 1 7.62 -18.80 5.83
N ALA A 2 7.66 -17.55 5.34
CA ALA A 2 7.26 -16.41 6.16
C ALA A 2 5.81 -16.01 5.87
N LEU A 3 5.29 -15.08 6.65
CA LEU A 3 3.92 -14.60 6.48
C LEU A 3 3.85 -13.09 6.65
N HIS A 4 3.77 -12.36 5.55
CA HIS A 4 3.69 -10.91 5.58
C HIS A 4 2.27 -10.42 5.32
N LYS A 5 1.95 -9.24 5.86
CA LYS A 5 0.62 -8.66 5.68
C LYS A 5 0.73 -7.25 5.12
N VAL A 6 -0.01 -6.97 4.05
CA VAL A 6 0.01 -5.65 3.43
C VAL A 6 -1.34 -4.97 3.54
N ILE A 7 -1.34 -3.70 3.96
CA ILE A 7 -2.56 -2.94 4.10
C ILE A 7 -2.60 -1.77 3.11
N MET A 8 -3.73 -1.62 2.43
CA MET A 8 -3.90 -0.54 1.46
C MET A 8 -4.35 0.75 2.14
N VAL A 9 -3.38 1.59 2.49
CA VAL A 9 -3.68 2.86 3.15
C VAL A 9 -3.57 4.00 2.15
N GLY A 10 -4.18 5.14 2.49
CA GLY A 10 -4.14 6.28 1.61
C GLY A 10 -5.19 7.32 1.93
N SER A 11 -5.55 8.11 0.93
CA SER A 11 -6.56 9.17 1.10
C SER A 11 -7.87 8.58 1.59
N GLY A 12 -8.34 7.55 0.90
CA GLY A 12 -9.59 6.90 1.28
C GLY A 12 -10.45 6.57 0.07
N GLY A 13 -9.81 6.31 -1.06
CA GLY A 13 -10.54 5.98 -2.27
C GLY A 13 -9.83 6.45 -3.53
N VAL A 14 -8.83 5.69 -3.96
CA VAL A 14 -8.08 6.04 -5.16
C VAL A 14 -7.83 4.81 -6.04
N GLY A 15 -8.36 3.66 -5.61
CA GLY A 15 -8.20 2.44 -6.37
C GLY A 15 -7.28 1.44 -5.69
N LYS A 16 -7.46 1.26 -4.38
CA LYS A 16 -6.65 0.33 -3.61
C LYS A 16 -6.90 -1.10 -4.04
N SER A 17 -8.16 -1.51 -3.96
CA SER A 17 -8.57 -2.85 -4.35
C SER A 17 -8.20 -3.14 -5.81
N ALA A 18 -8.17 -2.08 -6.61
CA ALA A 18 -7.85 -2.20 -8.03
C ALA A 18 -6.43 -2.70 -8.19
N LEU A 19 -5.50 -2.02 -7.53
CA LEU A 19 -4.10 -2.41 -7.56
C LEU A 19 -3.99 -3.83 -7.01
N THR A 20 -4.95 -4.19 -6.18
CA THR A 20 -4.97 -5.50 -5.57
C THR A 20 -5.29 -6.58 -6.61
N LEU A 21 -6.44 -6.44 -7.25
CA LEU A 21 -6.88 -7.41 -8.25
C LEU A 21 -5.83 -7.62 -9.34
N GLN A 22 -5.06 -6.56 -9.63
CA GLN A 22 -4.03 -6.64 -10.66
C GLN A 22 -2.90 -7.57 -10.23
N PHE A 23 -2.48 -7.46 -8.97
CA PHE A 23 -1.40 -8.31 -8.47
C PHE A 23 -1.87 -9.74 -8.25
N MET A 24 -3.17 -9.91 -8.05
CA MET A 24 -3.74 -11.24 -7.78
C MET A 24 -3.99 -12.04 -9.07
N TYR A 25 -4.64 -11.43 -10.05
CA TYR A 25 -4.96 -12.14 -11.30
C TYR A 25 -4.22 -11.57 -12.51
N ASP A 26 -3.51 -10.47 -12.33
CA ASP A 26 -2.77 -9.84 -13.42
C ASP A 26 -3.71 -9.47 -14.57
N GLU A 27 -4.93 -9.07 -14.22
CA GLU A 27 -5.93 -8.70 -15.21
C GLU A 27 -6.88 -7.65 -14.66
N PHE A 28 -7.27 -6.71 -15.51
CA PHE A 28 -8.19 -5.65 -15.12
C PHE A 28 -9.63 -6.06 -15.36
N VAL A 29 -10.34 -6.37 -14.27
CA VAL A 29 -11.73 -6.80 -14.35
C VAL A 29 -12.57 -6.14 -13.26
N GLU A 30 -13.81 -5.81 -13.60
CA GLU A 30 -14.72 -5.17 -12.65
C GLU A 30 -15.49 -6.22 -11.85
N ASP A 31 -15.26 -6.26 -10.55
CA ASP A 31 -15.93 -7.22 -9.67
C ASP A 31 -16.62 -6.50 -8.51
N TYR A 32 -15.83 -5.81 -7.71
CA TYR A 32 -16.35 -5.06 -6.56
C TYR A 32 -17.01 -6.00 -5.55
N GLU A 33 -16.33 -6.24 -4.44
CA GLU A 33 -16.84 -7.12 -3.39
C GLU A 33 -16.20 -6.80 -2.03
N PRO A 34 -16.83 -5.93 -1.24
CA PRO A 34 -16.30 -5.54 0.09
C PRO A 34 -16.01 -6.75 0.97
N THR A 35 -14.79 -6.81 1.50
CA THR A 35 -14.38 -7.90 2.36
C THR A 35 -14.88 -7.69 3.79
N LYS A 36 -14.87 -8.75 4.58
CA LYS A 36 -15.33 -8.69 5.97
C LYS A 36 -14.17 -8.92 6.92
N ALA A 37 -13.36 -9.94 6.62
CA ALA A 37 -12.21 -10.28 7.47
C ALA A 37 -11.29 -11.26 6.75
N ASP A 38 -11.84 -12.03 5.82
CA ASP A 38 -11.07 -13.01 5.07
C ASP A 38 -10.13 -12.31 4.08
N SER A 39 -8.87 -12.74 4.07
CA SER A 39 -7.87 -12.17 3.18
C SER A 39 -7.47 -13.17 2.11
N TYR A 40 -6.60 -12.73 1.19
CA TYR A 40 -6.12 -13.58 0.11
C TYR A 40 -4.72 -14.10 0.40
N ARG A 41 -4.55 -15.42 0.35
CA ARG A 41 -3.25 -16.04 0.60
C ARG A 41 -2.66 -16.58 -0.69
N LYS A 42 -1.40 -16.24 -0.94
CA LYS A 42 -0.72 -16.69 -2.15
C LYS A 42 0.74 -17.01 -1.86
N LYS A 43 1.22 -18.13 -2.42
CA LYS A 43 2.59 -18.56 -2.22
C LYS A 43 3.48 -18.10 -3.37
N VAL A 44 4.50 -17.30 -3.04
CA VAL A 44 5.42 -16.79 -4.04
C VAL A 44 6.87 -16.98 -3.59
N VAL A 45 7.80 -16.96 -4.55
CA VAL A 45 9.22 -17.13 -4.25
C VAL A 45 9.90 -15.77 -4.07
N LEU A 46 10.79 -15.70 -3.09
CA LEU A 46 11.52 -14.46 -2.82
C LEU A 46 12.99 -14.74 -2.52
N ASP A 47 13.85 -14.51 -3.52
CA ASP A 47 15.28 -14.73 -3.37
C ASP A 47 15.57 -16.19 -2.97
N GLY A 48 14.71 -17.09 -3.43
CA GLY A 48 14.88 -18.50 -3.11
C GLY A 48 13.99 -18.95 -1.97
N GLU A 49 13.61 -18.01 -1.11
CA GLU A 49 12.77 -18.31 0.04
C GLU A 49 11.29 -18.04 -0.28
N GLU A 50 10.49 -19.09 -0.31
CA GLU A 50 9.07 -18.97 -0.60
C GLU A 50 8.32 -18.46 0.63
N VAL A 51 7.72 -17.28 0.51
CA VAL A 51 6.98 -16.68 1.61
C VAL A 51 5.52 -16.43 1.22
N GLN A 52 4.62 -16.63 2.17
CA GLN A 52 3.20 -16.43 1.94
C GLN A 52 2.83 -14.96 2.07
N ILE A 53 2.02 -14.47 1.15
CA ILE A 53 1.59 -13.06 1.17
C ILE A 53 0.11 -12.95 1.49
N ASP A 54 -0.23 -12.01 2.37
CA ASP A 54 -1.61 -11.78 2.76
C ASP A 54 -2.05 -10.37 2.38
N ILE A 55 -2.99 -10.28 1.45
CA ILE A 55 -3.49 -8.99 0.99
C ILE A 55 -4.96 -8.81 1.35
N LEU A 56 -5.31 -7.64 1.90
CA LEU A 56 -6.68 -7.36 2.27
C LEU A 56 -7.09 -5.95 1.84
N ASP A 57 -8.29 -5.82 1.32
CA ASP A 57 -8.80 -4.53 0.87
C ASP A 57 -9.52 -3.80 1.99
N THR A 58 -8.97 -2.68 2.42
CA THR A 58 -9.57 -1.89 3.49
C THR A 58 -10.59 -0.89 2.95
N ALA A 59 -10.46 -0.56 1.66
CA ALA A 59 -11.36 0.38 1.02
C ALA A 59 -11.37 1.73 1.74
N GLY A 60 -12.35 2.57 1.41
CA GLY A 60 -12.46 3.88 2.03
C GLY A 60 -12.68 3.80 3.53
N LEU A 61 -11.58 3.81 4.29
CA LEU A 61 -11.66 3.74 5.74
C LEU A 61 -12.10 5.07 6.34
N GLU A 62 -12.07 6.12 5.52
CA GLU A 62 -12.47 7.44 5.98
C GLU A 62 -13.98 7.53 6.15
N ASP A 63 -14.47 7.09 7.31
CA ASP A 63 -15.90 7.11 7.61
C ASP A 63 -16.15 6.70 9.05
N TYR A 64 -15.43 5.67 9.51
CA TYR A 64 -15.58 5.18 10.87
C TYR A 64 -14.91 6.11 11.87
N ALA A 65 -15.33 6.02 13.13
CA ALA A 65 -14.77 6.86 14.19
C ALA A 65 -13.34 6.44 14.52
N ALA A 66 -13.17 5.15 14.80
CA ALA A 66 -11.86 4.61 15.13
C ALA A 66 -11.79 3.12 14.85
N ILE A 67 -12.80 2.59 14.17
CA ILE A 67 -12.85 1.17 13.84
C ILE A 67 -11.93 0.86 12.67
N ARG A 68 -11.60 1.88 11.89
CA ARG A 68 -10.72 1.72 10.74
C ARG A 68 -9.31 1.34 11.17
N ASP A 69 -8.95 1.74 12.38
CA ASP A 69 -7.63 1.43 12.92
C ASP A 69 -7.43 -0.08 13.05
N ASN A 70 -8.52 -0.79 13.28
CA ASN A 70 -8.49 -2.24 13.43
C ASN A 70 -7.76 -2.89 12.26
N TYR A 71 -7.99 -2.39 11.06
CA TYR A 71 -7.37 -2.92 9.85
C TYR A 71 -5.86 -2.73 9.90
N PHE A 72 -5.42 -1.54 10.32
CA PHE A 72 -4.00 -1.23 10.41
C PHE A 72 -3.32 -2.11 11.46
N ARG A 73 -4.07 -2.49 12.49
CA ARG A 73 -3.56 -3.33 13.55
C ARG A 73 -3.55 -4.80 13.13
N SER A 74 -4.39 -5.13 12.17
CA SER A 74 -4.50 -6.50 11.67
C SER A 74 -3.44 -6.78 10.60
N GLY A 75 -2.56 -5.81 10.39
CA GLY A 75 -1.51 -5.96 9.39
C GLY A 75 -0.15 -5.57 9.92
N GLU A 76 0.89 -5.82 9.12
CA GLU A 76 2.25 -5.48 9.52
C GLU A 76 2.87 -4.47 8.57
N GLY A 77 2.38 -4.45 7.34
CA GLY A 77 2.89 -3.52 6.36
C GLY A 77 1.87 -2.49 5.93
N PHE A 78 2.33 -1.37 5.40
CA PHE A 78 1.44 -0.31 4.96
C PHE A 78 1.83 0.21 3.57
N LEU A 79 0.82 0.48 2.74
CA LEU A 79 1.06 0.99 1.40
C LEU A 79 0.23 2.24 1.14
N LEU A 80 0.89 3.40 1.06
CA LEU A 80 0.19 4.65 0.81
C LEU A 80 -0.07 4.81 -0.68
N VAL A 81 -1.33 5.06 -1.03
CA VAL A 81 -1.68 5.22 -2.44
C VAL A 81 -2.54 6.47 -2.67
N PHE A 82 -2.25 7.17 -3.76
CA PHE A 82 -2.99 8.36 -4.14
C PHE A 82 -3.02 8.50 -5.66
N SER A 83 -4.06 9.14 -6.17
CA SER A 83 -4.19 9.34 -7.60
C SER A 83 -3.49 10.62 -8.03
N ILE A 84 -2.62 10.52 -9.03
CA ILE A 84 -1.89 11.68 -9.53
C ILE A 84 -2.83 12.74 -10.07
N THR A 85 -3.88 12.30 -10.76
CA THR A 85 -4.86 13.22 -11.33
C THR A 85 -5.73 13.84 -10.23
N GLU A 86 -5.63 13.29 -9.02
CA GLU A 86 -6.39 13.81 -7.89
C GLU A 86 -5.46 14.31 -6.79
N HIS A 87 -5.17 15.60 -6.82
CA HIS A 87 -4.29 16.21 -5.83
C HIS A 87 -4.88 16.12 -4.42
N GLU A 88 -6.17 15.82 -4.34
CA GLU A 88 -6.85 15.70 -3.06
C GLU A 88 -6.41 14.46 -2.31
N SER A 89 -5.95 13.46 -3.07
CA SER A 89 -5.51 12.20 -2.49
C SER A 89 -4.15 12.33 -1.83
N PHE A 90 -3.17 12.85 -2.56
CA PHE A 90 -1.82 13.01 -2.05
C PHE A 90 -1.81 13.69 -0.68
N THR A 91 -2.70 14.66 -0.51
CA THR A 91 -2.80 15.40 0.75
C THR A 91 -3.42 14.56 1.85
N ALA A 92 -4.60 14.01 1.58
CA ALA A 92 -5.31 13.19 2.56
C ALA A 92 -4.45 12.01 3.01
N THR A 93 -3.68 11.44 2.09
CA THR A 93 -2.82 10.31 2.40
C THR A 93 -1.83 10.68 3.51
N ALA A 94 -1.40 11.92 3.50
CA ALA A 94 -0.45 12.41 4.49
C ALA A 94 -1.00 12.28 5.90
N GLU A 95 -2.30 12.46 6.05
CA GLU A 95 -2.95 12.35 7.35
C GLU A 95 -2.84 10.93 7.89
N PHE A 96 -3.06 9.96 7.02
CA PHE A 96 -2.99 8.55 7.41
C PHE A 96 -1.57 8.15 7.77
N ARG A 97 -0.59 8.86 7.22
CA ARG A 97 0.81 8.58 7.50
C ARG A 97 1.08 8.59 9.00
N GLU A 98 0.52 9.58 9.69
CA GLU A 98 0.69 9.69 11.13
C GLU A 98 -0.11 8.61 11.85
N GLN A 99 -1.26 8.27 11.28
CA GLN A 99 -2.13 7.25 11.88
C GLN A 99 -1.41 5.90 11.95
N ILE A 100 -0.50 5.66 11.02
CA ILE A 100 0.25 4.41 10.98
C ILE A 100 1.03 4.21 12.26
N LEU A 101 1.71 5.27 12.71
CA LEU A 101 2.51 5.21 13.93
C LEU A 101 1.61 5.06 15.16
N ARG A 102 0.37 5.53 15.06
CA ARG A 102 -0.57 5.44 16.18
C ARG A 102 -0.91 3.99 16.51
N VAL A 103 -1.30 3.23 15.49
CA VAL A 103 -1.65 1.82 15.69
C VAL A 103 -0.44 1.04 16.20
N LYS A 104 0.74 1.57 15.92
CA LYS A 104 1.99 0.95 16.35
C LYS A 104 2.69 1.84 17.37
N ALA A 105 1.95 2.25 18.39
CA ALA A 105 2.48 3.11 19.45
C ALA A 105 3.84 2.63 19.96
N GLU A 106 3.99 1.32 20.11
CA GLU A 106 5.24 0.75 20.60
C GLU A 106 6.39 1.18 19.70
N GLU A 107 6.18 1.06 18.40
CA GLU A 107 7.18 1.45 17.40
C GLU A 107 8.44 0.61 17.51
N ASP A 108 8.79 -0.06 16.42
CA ASP A 108 9.98 -0.89 16.36
C ASP A 108 10.52 -0.90 14.93
N LYS A 109 9.70 -1.39 14.01
CA LYS A 109 10.05 -1.46 12.60
C LYS A 109 8.80 -1.26 11.74
N ILE A 110 8.54 0.00 11.36
CA ILE A 110 7.36 0.32 10.57
C ILE A 110 7.67 0.36 9.07
N PRO A 111 7.28 -0.68 8.32
CA PRO A 111 7.52 -0.72 6.87
C PRO A 111 6.48 0.09 6.10
N LEU A 112 6.97 1.05 5.32
CA LEU A 112 6.08 1.91 4.54
C LEU A 112 6.59 2.10 3.12
N LEU A 113 5.69 2.40 2.20
CA LEU A 113 6.04 2.60 0.81
C LEU A 113 4.93 3.35 0.08
N VAL A 114 5.26 4.52 -0.46
CA VAL A 114 4.28 5.33 -1.17
C VAL A 114 4.21 4.94 -2.65
N VAL A 115 2.99 4.93 -3.19
CA VAL A 115 2.78 4.58 -4.59
C VAL A 115 1.77 5.52 -5.24
N GLY A 116 1.96 5.76 -6.55
CA GLY A 116 1.05 6.63 -7.27
C GLY A 116 0.29 5.89 -8.34
N ASN A 117 -1.03 6.04 -8.36
CA ASN A 117 -1.87 5.36 -9.33
C ASN A 117 -2.27 6.33 -10.43
N LYS A 118 -3.16 5.87 -11.31
CA LYS A 118 -3.64 6.69 -12.41
C LYS A 118 -2.48 7.20 -13.27
N SER A 119 -1.33 6.53 -13.15
CA SER A 119 -0.14 6.92 -13.91
C SER A 119 -0.41 6.89 -15.42
N ASP A 120 -1.50 6.23 -15.81
CA ASP A 120 -1.86 6.13 -17.22
C ASP A 120 -2.37 7.49 -17.72
N LEU A 121 -2.39 8.47 -16.81
CA LEU A 121 -2.84 9.81 -17.14
C LEU A 121 -1.74 10.83 -16.87
N GLU A 122 -0.69 10.80 -17.69
CA GLU A 122 0.43 11.71 -17.54
C GLU A 122 -0.01 13.15 -17.79
N GLU A 123 -0.96 13.32 -18.70
CA GLU A 123 -1.48 14.64 -19.04
C GLU A 123 -2.31 15.20 -17.90
N ARG A 124 -2.73 14.33 -16.98
CA ARG A 124 -3.55 14.75 -15.84
C ARG A 124 -2.72 14.74 -14.55
N ARG A 125 -1.47 14.28 -14.66
CA ARG A 125 -0.57 14.23 -13.50
C ARG A 125 -0.30 15.63 -12.97
N GLN A 126 -0.86 15.94 -11.81
CA GLN A 126 -0.68 17.25 -11.21
C GLN A 126 0.42 17.24 -10.16
N VAL A 127 0.74 16.04 -9.64
CA VAL A 127 1.78 15.90 -8.63
C VAL A 127 3.07 15.36 -9.26
N PRO A 128 4.04 16.25 -9.56
CA PRO A 128 5.32 15.85 -10.15
C PRO A 128 6.00 14.74 -9.34
N VAL A 129 6.81 13.94 -10.03
CA VAL A 129 7.52 12.84 -9.37
C VAL A 129 8.47 13.35 -8.29
N GLU A 130 9.35 14.26 -8.68
CA GLU A 130 10.34 14.81 -7.75
C GLU A 130 9.69 15.38 -6.50
N GLU A 131 8.60 16.13 -6.68
CA GLU A 131 7.89 16.72 -5.54
C GLU A 131 7.25 15.64 -4.67
N ALA A 132 6.77 14.58 -5.30
CA ALA A 132 6.13 13.49 -4.59
C ALA A 132 7.17 12.64 -3.86
N ARG A 133 8.37 12.57 -4.42
CA ARG A 133 9.45 11.78 -3.82
C ARG A 133 10.08 12.54 -2.66
N SER A 134 10.17 13.86 -2.78
CA SER A 134 10.76 14.70 -1.74
C SER A 134 9.92 14.67 -0.47
N LYS A 135 8.63 14.94 -0.61
CA LYS A 135 7.70 14.96 0.53
C LYS A 135 7.60 13.57 1.17
N ALA A 136 7.53 12.54 0.33
CA ALA A 136 7.42 11.17 0.81
C ALA A 136 8.71 10.71 1.48
N GLU A 137 9.84 11.14 0.93
CA GLU A 137 11.15 10.77 1.47
C GLU A 137 11.25 11.17 2.93
N GLU A 138 10.60 12.27 3.29
CA GLU A 138 10.61 12.76 4.67
C GLU A 138 10.23 11.65 5.63
N TRP A 139 9.22 10.86 5.26
CA TRP A 139 8.77 9.75 6.09
C TRP A 139 9.81 8.64 6.12
N GLY A 140 10.61 8.56 5.06
CA GLY A 140 11.65 7.55 4.99
C GLY A 140 11.35 6.47 3.96
N VAL A 141 10.68 6.86 2.87
CA VAL A 141 10.34 5.91 1.82
C VAL A 141 10.61 6.47 0.43
N GLN A 142 10.52 5.61 -0.57
CA GLN A 142 10.73 5.99 -1.96
C GLN A 142 9.42 5.89 -2.73
N TYR A 143 9.13 6.90 -3.53
CA TYR A 143 7.90 6.93 -4.30
C TYR A 143 8.11 6.48 -5.74
N VAL A 144 7.12 5.77 -6.27
CA VAL A 144 7.18 5.26 -7.64
C VAL A 144 5.81 5.36 -8.32
N GLU A 145 5.83 5.49 -9.64
CA GLU A 145 4.60 5.60 -10.42
C GLU A 145 4.10 4.22 -10.84
N THR A 146 2.77 4.05 -10.86
CA THR A 146 2.17 2.77 -11.23
C THR A 146 0.80 2.96 -11.87
N SER A 147 0.41 2.01 -12.72
CA SER A 147 -0.88 2.05 -13.39
C SER A 147 -1.67 0.79 -13.10
N ALA A 148 -2.74 0.93 -12.31
CA ALA A 148 -3.58 -0.21 -11.95
C ALA A 148 -4.35 -0.74 -13.16
N LYS A 149 -4.20 -0.05 -14.30
CA LYS A 149 -4.88 -0.45 -15.52
C LYS A 149 -4.00 -1.35 -16.38
N THR A 150 -2.74 -0.94 -16.55
CA THR A 150 -1.79 -1.70 -17.34
C THR A 150 -1.03 -2.70 -16.47
N ARG A 151 -1.29 -2.64 -15.16
CA ARG A 151 -0.65 -3.53 -14.18
C ARG A 151 0.81 -3.81 -14.54
N ALA A 152 1.49 -2.81 -15.07
CA ALA A 152 2.89 -2.95 -15.47
C ALA A 152 3.82 -2.91 -14.26
N ASN A 153 3.69 -1.86 -13.45
CA ASN A 153 4.54 -1.71 -12.27
C ASN A 153 3.74 -1.87 -10.98
N VAL A 154 2.56 -2.44 -11.08
CA VAL A 154 1.71 -2.64 -9.90
C VAL A 154 2.34 -3.65 -8.95
N ASP A 155 2.87 -4.74 -9.52
CA ASP A 155 3.50 -5.79 -8.72
C ASP A 155 4.86 -5.35 -8.19
N LYS A 156 5.38 -4.26 -8.76
CA LYS A 156 6.69 -3.74 -8.35
C LYS A 156 6.68 -3.32 -6.89
N VAL A 157 5.64 -2.61 -6.48
CA VAL A 157 5.52 -2.12 -5.10
C VAL A 157 5.18 -3.27 -4.14
N PHE A 158 4.52 -4.30 -4.66
CA PHE A 158 4.16 -5.45 -3.85
C PHE A 158 5.40 -6.23 -3.44
N PHE A 159 6.27 -6.47 -4.41
CA PHE A 159 7.51 -7.19 -4.16
C PHE A 159 8.49 -6.32 -3.38
N ASP A 160 8.40 -5.01 -3.60
CA ASP A 160 9.28 -4.07 -2.91
C ASP A 160 9.00 -4.05 -1.41
N LEU A 161 7.72 -3.89 -1.06
CA LEU A 161 7.32 -3.88 0.34
C LEU A 161 7.61 -5.22 1.00
N MET A 162 7.47 -6.29 0.23
CA MET A 162 7.72 -7.63 0.74
C MET A 162 9.12 -7.71 1.35
N ARG A 163 10.09 -7.13 0.65
CA ARG A 163 11.47 -7.11 1.12
C ARG A 163 11.61 -6.19 2.34
N GLU A 164 10.85 -5.11 2.33
CA GLU A 164 10.88 -4.14 3.43
C GLU A 164 10.54 -4.79 4.77
N ILE A 165 9.49 -5.61 4.77
CA ILE A 165 9.04 -6.27 5.99
C ILE A 165 9.99 -7.39 6.42
N ARG A 166 10.26 -8.34 5.53
CA ARG A 166 11.13 -9.46 5.85
C ARG A 166 12.50 -9.00 6.32
N THR A 167 12.95 -7.85 5.82
CA THR A 167 14.25 -7.32 6.20
C THR A 167 14.20 -6.44 7.45
N LYS A 168 13.43 -5.36 7.39
CA LYS A 168 13.32 -4.43 8.51
C LYS A 168 12.52 -4.98 9.68
N LYS A 169 11.29 -5.41 9.41
CA LYS A 169 10.42 -5.95 10.46
C LYS A 169 11.06 -7.12 11.19
N MET A 170 11.40 -8.17 10.45
CA MET A 170 12.01 -9.37 11.02
C MET A 170 13.30 -9.04 11.77
N SER A 171 13.88 -7.88 11.48
CA SER A 171 15.12 -7.46 12.13
C SER A 171 14.90 -7.24 13.62
N GLU A 172 14.00 -6.32 13.95
CA GLU A 172 13.68 -5.99 15.34
C GLU A 172 14.93 -5.53 16.09
N ASN A 173 15.10 -4.21 16.21
CA ASN A 173 16.25 -3.65 16.90
C ASN A 173 15.83 -2.99 18.21
N LYS A 174 16.38 -3.48 19.32
CA LYS A 174 16.07 -2.94 20.64
C LYS A 174 17.25 -2.18 21.22
PG GNP B . -13.31 2.28 -2.34
O1G GNP B . -14.53 2.92 -1.79
O2G GNP B . -13.31 0.70 -2.09
O3G GNP B . -11.99 2.95 -1.75
N3B GNP B . -13.21 2.46 -4.00
PB GNP B . -11.64 2.30 -4.55
O1B GNP B . -10.76 3.22 -3.77
O2B GNP B . -11.28 0.86 -4.63
O3A GNP B . -11.76 2.87 -6.03
PA GNP B . -12.86 2.30 -7.03
O1A GNP B . -12.81 0.81 -6.98
O2A GNP B . -14.15 2.97 -6.75
O5' GNP B . -12.32 2.77 -8.44
C5' GNP B . -12.58 2.00 -9.62
C4' GNP B . -12.75 2.92 -10.80
O4' GNP B . -11.55 3.72 -10.97
C3' GNP B . -12.94 2.22 -12.14
O3' GNP B . -13.69 3.03 -13.05
C2' GNP B . -11.51 2.02 -12.62
O2' GNP B . -11.42 1.97 -14.04
C1' GNP B . -10.85 3.31 -12.13
N9 GNP B . -9.44 3.16 -11.80
C8 GNP B . -8.91 2.81 -10.58
N7 GNP B . -7.61 2.75 -10.59
C5 GNP B . -7.26 3.09 -11.88
C6 GNP B . -5.98 3.19 -12.49
O6 GNP B . -4.86 3.01 -11.98
N1 GNP B . -6.06 3.56 -13.83
C2 GNP B . -7.24 3.79 -14.49
N2 GNP B . -7.14 4.14 -15.79
N3 GNP B . -8.45 3.70 -13.94
C4 GNP B . -8.37 3.34 -12.64
HNB3 GNP B . -13.56 3.34 -4.25
H5'2 GNP B . -13.48 1.41 -9.48
H5'1 GNP B . -11.74 1.34 -9.80
H4' GNP B . -13.65 3.51 -10.63
H3' GNP B . -13.49 1.28 -12.04
HO3' GNP B . -13.49 3.94 -12.84
H2' GNP B . -11.06 1.14 -12.14
HO2' GNP B . -10.64 1.46 -14.26
H1' GNP B . -10.94 4.12 -12.85
H8 GNP B . -9.52 2.60 -9.71
HN1 GNP B . -5.20 3.66 -14.35
HN21 GNP B . -7.96 4.32 -16.33
HN22 GNP B . -6.22 4.21 -16.21
MG MG C . -12.21 -0.84 -3.39
N LEU A 1 8.61 -20.98 6.78
CA LEU A 1 7.65 -20.20 5.95
C LEU A 1 7.19 -18.96 6.71
N ALA A 2 7.42 -17.79 6.11
CA ALA A 2 7.03 -16.52 6.73
C ALA A 2 5.66 -16.08 6.26
N LEU A 3 5.02 -15.22 7.05
CA LEU A 3 3.70 -14.71 6.72
C LEU A 3 3.67 -13.18 6.84
N HIS A 4 3.59 -12.51 5.69
CA HIS A 4 3.56 -11.04 5.67
C HIS A 4 2.15 -10.54 5.40
N LYS A 5 1.71 -9.56 6.20
CA LYS A 5 0.38 -8.99 6.06
C LYS A 5 0.46 -7.52 5.67
N VAL A 6 0.20 -7.23 4.40
CA VAL A 6 0.23 -5.86 3.90
C VAL A 6 -1.16 -5.23 3.91
N ILE A 7 -1.26 -4.04 4.48
CA ILE A 7 -2.53 -3.33 4.54
C ILE A 7 -2.65 -2.33 3.40
N MET A 8 -3.52 -2.64 2.45
CA MET A 8 -3.74 -1.76 1.30
C MET A 8 -4.37 -0.44 1.72
N VAL A 9 -3.53 0.58 1.89
CA VAL A 9 -3.99 1.90 2.29
C VAL A 9 -3.78 2.92 1.17
N GLY A 10 -4.50 4.03 1.24
CA GLY A 10 -4.36 5.06 0.22
C GLY A 10 -5.54 6.02 0.21
N SER A 11 -5.47 7.03 1.06
CA SER A 11 -6.53 8.04 1.15
C SER A 11 -7.86 7.41 1.55
N GLY A 12 -8.59 6.91 0.56
CA GLY A 12 -9.88 6.29 0.81
C GLY A 12 -10.61 5.91 -0.46
N GLY A 13 -10.46 6.73 -1.49
CA GLY A 13 -11.11 6.47 -2.76
C GLY A 13 -10.16 6.63 -3.93
N VAL A 14 -9.08 5.87 -3.92
CA VAL A 14 -8.08 5.93 -4.99
C VAL A 14 -8.16 4.70 -5.88
N GLY A 15 -8.05 3.53 -5.27
CA GLY A 15 -8.11 2.29 -6.02
C GLY A 15 -7.19 1.24 -5.44
N LYS A 16 -7.10 1.20 -4.11
CA LYS A 16 -6.25 0.24 -3.42
C LYS A 16 -6.52 -1.18 -3.91
N SER A 17 -7.78 -1.49 -4.16
CA SER A 17 -8.18 -2.81 -4.63
C SER A 17 -7.67 -3.08 -6.04
N ALA A 18 -7.55 -2.02 -6.82
CA ALA A 18 -7.10 -2.11 -8.20
C ALA A 18 -5.70 -2.71 -8.25
N LEU A 19 -4.80 -2.11 -7.47
CA LEU A 19 -3.44 -2.61 -7.40
C LEU A 19 -3.48 -4.01 -6.83
N THR A 20 -4.53 -4.29 -6.06
CA THR A 20 -4.71 -5.58 -5.44
C THR A 20 -5.13 -6.65 -6.44
N LEU A 21 -5.97 -6.27 -7.39
CA LEU A 21 -6.47 -7.20 -8.40
C LEU A 21 -5.37 -7.59 -9.39
N GLN A 22 -4.68 -6.58 -9.92
CA GLN A 22 -3.60 -6.81 -10.88
C GLN A 22 -2.56 -7.77 -10.31
N PHE A 23 -2.23 -7.58 -9.04
CA PHE A 23 -1.23 -8.43 -8.38
C PHE A 23 -1.79 -9.83 -8.10
N MET A 24 -3.12 -9.92 -8.00
CA MET A 24 -3.76 -11.20 -7.70
C MET A 24 -3.93 -12.09 -8.93
N TYR A 25 -4.47 -11.54 -10.01
CA TYR A 25 -4.70 -12.33 -11.22
C TYR A 25 -4.09 -11.68 -12.47
N ASP A 26 -3.66 -10.44 -12.33
CA ASP A 26 -3.07 -9.71 -13.46
C ASP A 26 -4.09 -9.49 -14.57
N GLU A 27 -5.03 -8.60 -14.32
CA GLU A 27 -6.07 -8.29 -15.29
C GLU A 27 -6.86 -7.05 -14.87
N PHE A 28 -7.09 -6.14 -15.81
CA PHE A 28 -7.83 -4.92 -15.52
C PHE A 28 -9.33 -5.10 -15.78
N VAL A 29 -10.09 -5.20 -14.70
CA VAL A 29 -11.54 -5.37 -14.79
C VAL A 29 -12.25 -4.53 -13.75
N GLU A 30 -13.47 -4.10 -14.08
CA GLU A 30 -14.26 -3.28 -13.17
C GLU A 30 -15.14 -4.15 -12.28
N ASP A 31 -14.66 -4.41 -11.07
CA ASP A 31 -15.40 -5.23 -10.11
C ASP A 31 -14.74 -5.20 -8.74
N TYR A 32 -15.57 -5.20 -7.69
CA TYR A 32 -15.07 -5.15 -6.32
C TYR A 32 -16.09 -5.72 -5.35
N GLU A 33 -15.65 -5.96 -4.11
CA GLU A 33 -16.54 -6.50 -3.07
C GLU A 33 -16.21 -5.88 -1.71
N PRO A 34 -17.24 -5.64 -0.86
CA PRO A 34 -17.04 -5.05 0.46
C PRO A 34 -16.08 -5.87 1.32
N THR A 35 -15.33 -5.18 2.19
CA THR A 35 -14.38 -5.83 3.06
C THR A 35 -14.92 -5.96 4.47
N LYS A 36 -15.29 -7.18 4.87
CA LYS A 36 -15.83 -7.43 6.20
C LYS A 36 -14.81 -8.16 7.06
N ALA A 37 -14.33 -9.30 6.57
CA ALA A 37 -13.36 -10.09 7.30
C ALA A 37 -12.59 -11.01 6.35
N ASP A 38 -12.95 -10.96 5.08
CA ASP A 38 -12.29 -11.78 4.06
C ASP A 38 -10.92 -11.22 3.72
N SER A 39 -9.93 -12.09 3.58
CA SER A 39 -8.58 -11.67 3.25
C SER A 39 -8.02 -12.47 2.08
N TYR A 40 -7.16 -11.83 1.29
CA TYR A 40 -6.54 -12.47 0.14
C TYR A 40 -5.22 -13.10 0.53
N ARG A 41 -5.00 -14.35 0.13
CA ARG A 41 -3.76 -15.04 0.46
C ARG A 41 -3.19 -15.78 -0.75
N LYS A 42 -1.88 -15.65 -0.94
CA LYS A 42 -1.19 -16.31 -2.04
C LYS A 42 0.29 -16.45 -1.72
N LYS A 43 1.01 -17.16 -2.56
CA LYS A 43 2.45 -17.38 -2.33
C LYS A 43 3.28 -17.03 -3.56
N VAL A 44 4.45 -16.46 -3.32
CA VAL A 44 5.37 -16.08 -4.38
C VAL A 44 6.82 -16.27 -3.92
N VAL A 45 7.64 -16.81 -4.81
CA VAL A 45 9.04 -17.04 -4.49
C VAL A 45 9.82 -15.73 -4.43
N LEU A 46 10.55 -15.55 -3.33
CA LEU A 46 11.35 -14.34 -3.14
C LEU A 46 12.72 -14.69 -2.58
N ASP A 47 13.77 -14.33 -3.32
CA ASP A 47 15.14 -14.61 -2.91
C ASP A 47 15.33 -16.10 -2.65
N GLY A 48 14.59 -16.93 -3.38
CA GLY A 48 14.68 -18.36 -3.22
C GLY A 48 13.95 -18.87 -2.00
N GLU A 49 12.90 -18.15 -1.60
CA GLU A 49 12.10 -18.54 -0.44
C GLU A 49 10.64 -18.16 -0.64
N GLU A 50 9.78 -19.17 -0.74
CA GLU A 50 8.36 -18.94 -0.95
C GLU A 50 7.67 -18.57 0.36
N VAL A 51 7.03 -17.40 0.37
CA VAL A 51 6.34 -16.92 1.56
C VAL A 51 4.84 -16.78 1.31
N GLN A 52 4.11 -16.38 2.34
CA GLN A 52 2.66 -16.20 2.25
C GLN A 52 2.28 -14.75 2.54
N ILE A 53 1.60 -14.12 1.58
CA ILE A 53 1.15 -12.75 1.75
C ILE A 53 -0.34 -12.68 2.02
N ASP A 54 -0.75 -11.76 2.88
CA ASP A 54 -2.17 -11.61 3.23
C ASP A 54 -2.59 -10.14 3.21
N ILE A 55 -3.50 -9.81 2.31
CA ILE A 55 -4.01 -8.44 2.19
C ILE A 55 -5.35 -8.31 2.89
N LEU A 56 -5.48 -7.28 3.73
CA LEU A 56 -6.72 -7.07 4.48
C LEU A 56 -7.07 -5.60 4.59
N ASP A 57 -8.36 -5.28 4.45
CA ASP A 57 -8.88 -3.91 4.54
C ASP A 57 -8.66 -3.15 3.23
N THR A 58 -9.75 -2.97 2.50
CA THR A 58 -9.73 -2.25 1.23
C THR A 58 -11.00 -1.43 1.06
N ALA A 59 -10.99 -0.53 0.08
CA ALA A 59 -12.16 0.31 -0.21
C ALA A 59 -12.50 1.21 0.99
N GLY A 60 -13.43 2.13 0.78
CA GLY A 60 -13.84 3.03 1.84
C GLY A 60 -14.52 2.29 2.97
N LEU A 61 -14.12 2.59 4.20
CA LEU A 61 -14.69 1.93 5.37
C LEU A 61 -16.10 2.43 5.64
N GLU A 62 -16.36 3.71 5.30
CA GLU A 62 -17.67 4.32 5.52
C GLU A 62 -18.00 4.38 7.00
N ASP A 63 -18.11 5.60 7.52
CA ASP A 63 -18.42 5.81 8.94
C ASP A 63 -17.36 5.16 9.82
N TYR A 64 -16.38 5.95 10.24
CA TYR A 64 -15.30 5.44 11.08
C TYR A 64 -14.70 6.54 11.95
N ALA A 65 -15.02 6.50 13.25
CA ALA A 65 -14.50 7.48 14.18
C ALA A 65 -13.05 7.18 14.54
N ALA A 66 -12.71 5.89 14.50
CA ALA A 66 -11.36 5.44 14.82
C ALA A 66 -11.20 3.96 14.50
N ILE A 67 -12.11 3.43 13.68
CA ILE A 67 -12.08 2.03 13.30
C ILE A 67 -10.86 1.71 12.44
N ARG A 68 -10.30 2.74 11.83
CA ARG A 68 -9.12 2.57 10.96
C ARG A 68 -7.94 1.99 11.74
N ASP A 69 -7.69 2.55 12.92
CA ASP A 69 -6.59 2.09 13.76
C ASP A 69 -6.66 0.60 14.00
N ASN A 70 -7.88 0.08 14.10
CA ASN A 70 -8.10 -1.35 14.33
C ASN A 70 -7.50 -2.20 13.21
N TYR A 71 -7.75 -1.81 11.97
CA TYR A 71 -7.24 -2.54 10.82
C TYR A 71 -5.72 -2.49 10.75
N PHE A 72 -5.15 -1.30 10.96
CA PHE A 72 -3.70 -1.13 10.92
C PHE A 72 -3.03 -1.80 12.12
N ARG A 73 -3.83 -2.11 13.15
CA ARG A 73 -3.31 -2.76 14.34
C ARG A 73 -3.24 -4.27 14.16
N SER A 74 -3.96 -4.77 13.17
CA SER A 74 -3.98 -6.20 12.89
C SER A 74 -3.12 -6.54 11.68
N GLY A 75 -2.33 -5.56 11.24
CA GLY A 75 -1.47 -5.76 10.08
C GLY A 75 0.00 -5.57 10.42
N GLU A 76 0.86 -5.85 9.44
CA GLU A 76 2.30 -5.71 9.64
C GLU A 76 2.87 -4.62 8.73
N GLY A 77 2.73 -4.83 7.42
CA GLY A 77 3.23 -3.87 6.45
C GLY A 77 2.18 -2.86 6.04
N PHE A 78 2.62 -1.78 5.38
CA PHE A 78 1.71 -0.74 4.92
C PHE A 78 2.08 -0.28 3.51
N LEU A 79 1.08 -0.19 2.65
CA LEU A 79 1.31 0.24 1.27
C LEU A 79 0.44 1.46 0.94
N LEU A 80 1.04 2.65 1.05
CA LEU A 80 0.34 3.90 0.77
C LEU A 80 0.33 4.20 -0.72
N VAL A 81 -0.85 4.47 -1.27
CA VAL A 81 -0.98 4.76 -2.69
C VAL A 81 -1.93 5.93 -2.96
N PHE A 82 -1.55 6.81 -3.88
CA PHE A 82 -2.38 7.95 -4.24
C PHE A 82 -2.25 8.25 -5.73
N SER A 83 -3.33 8.73 -6.34
CA SER A 83 -3.33 9.05 -7.76
C SER A 83 -2.92 10.49 -8.00
N ILE A 84 -2.04 10.70 -8.97
CA ILE A 84 -1.57 12.04 -9.31
C ILE A 84 -2.71 12.91 -9.84
N THR A 85 -3.69 12.26 -10.47
CA THR A 85 -4.84 12.97 -11.01
C THR A 85 -5.77 13.42 -9.89
N GLU A 86 -5.81 12.66 -8.81
CA GLU A 86 -6.65 12.98 -7.67
C GLU A 86 -5.84 13.66 -6.57
N HIS A 87 -5.91 14.99 -6.53
CA HIS A 87 -5.17 15.76 -5.53
C HIS A 87 -5.63 15.42 -4.11
N GLU A 88 -6.84 14.87 -4.02
CA GLU A 88 -7.40 14.50 -2.72
C GLU A 88 -6.73 13.24 -2.18
N SER A 89 -6.22 12.42 -3.08
CA SER A 89 -5.57 11.17 -2.70
C SER A 89 -4.26 11.42 -1.95
N PHE A 90 -3.37 12.20 -2.57
CA PHE A 90 -2.08 12.51 -1.95
C PHE A 90 -2.25 13.22 -0.61
N THR A 91 -3.26 14.07 -0.53
CA THR A 91 -3.52 14.83 0.69
C THR A 91 -4.05 13.94 1.81
N ALA A 92 -5.12 13.20 1.52
CA ALA A 92 -5.73 12.31 2.50
C ALA A 92 -4.74 11.22 2.94
N THR A 93 -3.99 10.69 1.98
CA THR A 93 -3.01 9.65 2.27
C THR A 93 -2.02 10.14 3.32
N ALA A 94 -1.69 11.42 3.25
CA ALA A 94 -0.74 12.03 4.18
C ALA A 94 -1.26 11.95 5.61
N GLU A 95 -2.58 12.00 5.77
CA GLU A 95 -3.20 11.92 7.09
C GLU A 95 -3.04 10.52 7.67
N PHE A 96 -3.35 9.51 6.87
CA PHE A 96 -3.23 8.13 7.31
C PHE A 96 -1.80 7.81 7.73
N ARG A 97 -0.84 8.57 7.19
CA ARG A 97 0.57 8.38 7.50
C ARG A 97 0.80 8.38 9.01
N GLU A 98 0.23 9.37 9.69
CA GLU A 98 0.36 9.48 11.13
C GLU A 98 -0.44 8.40 11.85
N GLN A 99 -1.60 8.05 11.28
CA GLN A 99 -2.46 7.04 11.85
C GLN A 99 -1.76 5.69 11.90
N ILE A 100 -0.92 5.44 10.91
CA ILE A 100 -0.18 4.18 10.82
C ILE A 100 0.77 4.01 11.99
N LEU A 101 1.44 5.08 12.38
CA LEU A 101 2.39 5.04 13.49
C LEU A 101 1.68 4.83 14.84
N ARG A 102 0.43 5.25 14.92
CA ARG A 102 -0.35 5.12 16.16
C ARG A 102 -0.33 3.69 16.69
N VAL A 103 -0.65 2.74 15.83
CA VAL A 103 -0.69 1.34 16.22
C VAL A 103 0.71 0.81 16.56
N LYS A 104 1.70 1.22 15.77
CA LYS A 104 3.07 0.79 15.99
C LYS A 104 3.85 1.83 16.78
N ALA A 105 3.16 2.53 17.67
CA ALA A 105 3.78 3.57 18.49
C ALA A 105 4.89 2.99 19.36
N GLU A 106 4.87 1.66 19.53
CA GLU A 106 5.87 0.98 20.35
C GLU A 106 6.98 0.40 19.49
N GLU A 107 6.64 0.00 18.27
CA GLU A 107 7.61 -0.57 17.34
C GLU A 107 8.36 0.52 16.59
N ASP A 108 9.67 0.35 16.45
CA ASP A 108 10.50 1.32 15.75
C ASP A 108 10.46 1.10 14.24
N LYS A 109 10.89 -0.08 13.80
CA LYS A 109 10.90 -0.41 12.38
C LYS A 109 9.48 -0.51 11.84
N ILE A 110 9.17 0.32 10.85
CA ILE A 110 7.84 0.33 10.25
C ILE A 110 7.90 0.09 8.73
N PRO A 111 7.55 -1.13 8.27
CA PRO A 111 7.57 -1.46 6.84
C PRO A 111 6.54 -0.64 6.06
N LEU A 112 7.03 0.37 5.33
CA LEU A 112 6.16 1.22 4.55
C LEU A 112 6.69 1.41 3.13
N LEU A 113 5.78 1.71 2.20
CA LEU A 113 6.14 1.93 0.81
C LEU A 113 5.03 2.70 0.10
N VAL A 114 5.38 3.84 -0.50
CA VAL A 114 4.39 4.65 -1.21
C VAL A 114 4.50 4.47 -2.72
N VAL A 115 3.36 4.48 -3.38
CA VAL A 115 3.31 4.32 -4.83
C VAL A 115 2.27 5.25 -5.44
N GLY A 116 2.48 5.63 -6.69
CA GLY A 116 1.55 6.51 -7.37
C GLY A 116 0.78 5.80 -8.45
N ASN A 117 -0.53 6.01 -8.48
CA ASN A 117 -1.38 5.38 -9.48
C ASN A 117 -1.78 6.41 -10.53
N LYS A 118 -2.49 5.94 -11.55
CA LYS A 118 -2.94 6.81 -12.62
C LYS A 118 -1.76 7.56 -13.24
N SER A 119 -0.57 6.97 -13.13
CA SER A 119 0.65 7.57 -13.67
C SER A 119 0.65 7.59 -15.20
N ASP A 120 -0.41 7.03 -15.79
CA ASP A 120 -0.52 6.99 -17.25
C ASP A 120 -1.06 8.31 -17.79
N LEU A 121 -0.95 9.37 -16.99
CA LEU A 121 -1.43 10.68 -17.38
C LEU A 121 -0.44 11.77 -16.95
N GLU A 122 0.54 12.05 -17.80
CA GLU A 122 1.53 13.06 -17.51
C GLU A 122 0.94 14.47 -17.62
N GLU A 123 0.02 14.64 -18.57
CA GLU A 123 -0.62 15.94 -18.78
C GLU A 123 -1.70 16.22 -17.74
N ARG A 124 -2.48 15.19 -17.40
CA ARG A 124 -3.54 15.31 -16.42
C ARG A 124 -2.98 15.21 -15.00
N ARG A 125 -1.66 15.18 -14.89
CA ARG A 125 -0.99 15.09 -13.60
C ARG A 125 -1.16 16.37 -12.80
N GLN A 126 -1.84 16.26 -11.65
CA GLN A 126 -2.07 17.41 -10.79
C GLN A 126 -0.90 17.60 -9.83
N VAL A 127 -0.31 16.49 -9.42
CA VAL A 127 0.84 16.52 -8.51
C VAL A 127 2.11 16.01 -9.20
N PRO A 128 3.12 16.88 -9.40
CA PRO A 128 4.37 16.48 -10.04
C PRO A 128 4.95 15.22 -9.41
N VAL A 129 5.21 14.22 -10.24
CA VAL A 129 5.76 12.95 -9.77
C VAL A 129 6.98 13.18 -8.88
N GLU A 130 7.82 14.13 -9.28
CA GLU A 130 9.04 14.45 -8.54
C GLU A 130 8.70 15.06 -7.17
N GLU A 131 7.72 15.95 -7.15
CA GLU A 131 7.32 16.61 -5.91
C GLU A 131 6.86 15.59 -4.88
N ALA A 132 6.12 14.59 -5.34
CA ALA A 132 5.61 13.54 -4.47
C ALA A 132 6.75 12.74 -3.84
N ARG A 133 7.88 12.68 -4.55
CA ARG A 133 9.04 11.94 -4.06
C ARG A 133 9.64 12.60 -2.82
N SER A 134 9.70 13.92 -2.84
CA SER A 134 10.26 14.67 -1.72
C SER A 134 9.43 14.52 -0.46
N LYS A 135 8.11 14.70 -0.59
CA LYS A 135 7.20 14.60 0.55
C LYS A 135 7.21 13.18 1.13
N ALA A 136 7.10 12.18 0.26
CA ALA A 136 7.09 10.79 0.69
C ALA A 136 8.41 10.38 1.32
N GLU A 137 9.51 10.90 0.76
CA GLU A 137 10.84 10.60 1.26
C GLU A 137 10.95 10.94 2.75
N GLU A 138 10.23 11.97 3.18
CA GLU A 138 10.25 12.38 4.58
C GLU A 138 9.97 11.19 5.49
N TRP A 139 8.92 10.44 5.17
CA TRP A 139 8.54 9.28 5.97
C TRP A 139 9.68 8.27 6.02
N GLY A 140 10.52 8.27 4.99
CA GLY A 140 11.64 7.34 4.93
C GLY A 140 11.43 6.25 3.91
N VAL A 141 10.53 6.51 2.96
CA VAL A 141 10.23 5.54 1.91
C VAL A 141 10.50 6.12 0.53
N GLN A 142 10.57 5.24 -0.46
CA GLN A 142 10.79 5.63 -1.84
C GLN A 142 9.49 5.57 -2.62
N TYR A 143 9.14 6.65 -3.30
CA TYR A 143 7.91 6.71 -4.06
C TYR A 143 8.15 6.39 -5.53
N VAL A 144 7.42 5.40 -6.02
CA VAL A 144 7.55 4.97 -7.42
C VAL A 144 6.22 5.08 -8.16
N GLU A 145 6.29 5.22 -9.48
CA GLU A 145 5.09 5.34 -10.30
C GLU A 145 4.63 3.99 -10.83
N THR A 146 3.32 3.84 -10.98
CA THR A 146 2.73 2.60 -11.48
C THR A 146 1.43 2.88 -12.23
N SER A 147 0.89 1.83 -12.85
CA SER A 147 -0.35 1.96 -13.60
C SER A 147 -1.25 0.74 -13.36
N ALA A 148 -2.36 0.96 -12.67
CA ALA A 148 -3.29 -0.11 -12.35
C ALA A 148 -3.98 -0.64 -13.61
N LYS A 149 -3.68 -0.01 -14.75
CA LYS A 149 -4.27 -0.42 -16.02
C LYS A 149 -3.30 -1.28 -16.82
N THR A 150 -2.04 -0.84 -16.90
CA THR A 150 -1.02 -1.56 -17.62
C THR A 150 -0.38 -2.64 -16.74
N ARG A 151 -0.71 -2.59 -15.44
CA ARG A 151 -0.19 -3.55 -14.47
C ARG A 151 1.26 -3.96 -14.78
N ALA A 152 2.07 -3.00 -15.20
CA ALA A 152 3.46 -3.26 -15.54
C ALA A 152 4.33 -3.39 -14.30
N ASN A 153 4.31 -2.36 -13.46
CA ASN A 153 5.11 -2.35 -12.23
C ASN A 153 4.24 -2.44 -10.99
N VAL A 154 2.98 -2.83 -11.16
CA VAL A 154 2.06 -2.96 -10.04
C VAL A 154 2.53 -4.04 -9.06
N ASP A 155 3.06 -5.13 -9.60
CA ASP A 155 3.56 -6.22 -8.76
C ASP A 155 4.88 -5.84 -8.09
N LYS A 156 5.58 -4.89 -8.71
CA LYS A 156 6.86 -4.43 -8.20
C LYS A 156 6.72 -3.77 -6.83
N VAL A 157 5.58 -3.15 -6.57
CA VAL A 157 5.35 -2.46 -5.30
C VAL A 157 5.13 -3.47 -4.17
N PHE A 158 4.54 -4.60 -4.50
CA PHE A 158 4.28 -5.65 -3.52
C PHE A 158 5.57 -6.37 -3.16
N PHE A 159 6.39 -6.66 -4.17
CA PHE A 159 7.66 -7.34 -3.96
C PHE A 159 8.68 -6.44 -3.28
N ASP A 160 8.65 -5.14 -3.60
CA ASP A 160 9.58 -4.19 -3.01
C ASP A 160 9.35 -4.06 -1.51
N LEU A 161 8.08 -3.96 -1.12
CA LEU A 161 7.72 -3.84 0.29
C LEU A 161 7.91 -5.17 1.00
N MET A 162 7.67 -6.27 0.28
CA MET A 162 7.81 -7.60 0.85
C MET A 162 9.22 -7.81 1.40
N ARG A 163 10.22 -7.39 0.62
CA ARG A 163 11.61 -7.52 1.03
C ARG A 163 11.91 -6.65 2.26
N GLU A 164 11.26 -5.49 2.32
CA GLU A 164 11.46 -4.56 3.43
C GLU A 164 10.86 -5.13 4.72
N ILE A 165 9.78 -5.87 4.58
CA ILE A 165 9.11 -6.47 5.74
C ILE A 165 9.94 -7.60 6.34
N ARG A 166 10.46 -8.47 5.49
CA ARG A 166 11.25 -9.60 5.94
C ARG A 166 12.63 -9.18 6.41
N THR A 167 13.19 -8.17 5.77
CA THR A 167 14.53 -7.70 6.12
C THR A 167 14.54 -6.63 7.22
N LYS A 168 13.88 -5.50 6.96
CA LYS A 168 13.86 -4.38 7.90
C LYS A 168 13.05 -4.66 9.17
N LYS A 169 11.78 -5.05 9.01
CA LYS A 169 10.92 -5.32 10.16
C LYS A 169 11.46 -6.46 11.02
N MET A 170 12.07 -7.45 10.38
CA MET A 170 12.62 -8.60 11.10
C MET A 170 13.97 -8.29 11.72
N SER A 171 14.57 -7.17 11.31
CA SER A 171 15.89 -6.78 11.84
C SER A 171 15.78 -6.41 13.32
N GLU A 172 14.96 -5.39 13.61
CA GLU A 172 14.77 -4.93 14.98
C GLU A 172 16.10 -4.61 15.65
N ASN A 173 16.55 -3.37 15.48
CA ASN A 173 17.82 -2.93 16.07
C ASN A 173 17.68 -2.75 17.58
N LYS A 174 16.50 -2.33 18.01
CA LYS A 174 16.25 -2.13 19.43
C LYS A 174 15.72 -3.40 20.08
PG GNP B . -14.05 1.84 -3.49
O1G GNP B . -15.48 2.22 -3.31
O2G GNP B . -13.86 0.27 -3.48
O3G GNP B . -13.13 2.55 -2.40
N3B GNP B . -13.47 2.34 -4.98
PB GNP B . -11.80 2.50 -4.97
O1B GNP B . -11.40 3.37 -3.83
O2B GNP B . -11.18 1.15 -5.10
O3A GNP B . -11.54 3.30 -6.32
PA GNP B . -12.36 2.92 -7.63
O1A GNP B . -12.53 1.45 -7.68
O2A GNP B . -13.56 3.79 -7.72
O5' GNP B . -11.35 3.35 -8.79
C5' GNP B . -11.55 4.54 -9.54
C4' GNP B . -11.62 4.22 -11.02
O4' GNP B . -10.56 4.94 -11.70
C3' GNP B . -11.41 2.76 -11.38
O3' GNP B . -12.65 2.05 -11.37
C2' GNP B . -10.82 2.83 -12.78
O2' GNP B . -11.82 3.00 -13.78
C1' GNP B . -9.98 4.12 -12.69
N9 GNP B . -8.58 3.87 -12.34
C8 GNP B . -8.08 3.54 -11.11
N7 GNP B . -6.79 3.40 -11.10
C5 GNP B . -6.40 3.65 -12.41
C6 GNP B . -5.12 3.64 -13.01
O6 GNP B . -4.03 3.40 -12.48
N1 GNP B . -5.18 3.94 -14.37
C2 GNP B . -6.34 4.22 -15.05
N2 GNP B . -6.19 4.48 -16.36
N3 GNP B . -7.54 4.23 -14.50
C4 GNP B . -7.50 3.93 -13.19
HNB3 GNP B . -13.88 3.20 -5.22
H5'2 GNP B . -10.73 5.23 -9.36
H5'1 GNP B . -12.48 5.01 -9.24
H4' GNP B . -12.62 4.50 -11.37
H3' GNP B . -10.77 2.25 -10.67
HO3' GNP B . -13.30 2.63 -10.97
H2' GNP B . -10.19 1.96 -12.97
HO2' GNP B . -11.82 2.21 -14.30
H1' GNP B . -10.00 4.68 -13.63
H8 GNP B . -8.70 3.42 -10.23
HN1 GNP B . -4.31 3.96 -14.89
HN21 GNP B . -7.01 4.70 -16.92
HN22 GNP B . -5.28 4.48 -16.78
MG MG C . -12.18 -0.86 -4.57
N LEU A 1 7.52 -21.26 6.54
CA LEU A 1 7.55 -20.09 5.63
C LEU A 1 7.15 -18.82 6.38
N ALA A 2 7.60 -17.67 5.87
CA ALA A 2 7.28 -16.39 6.49
C ALA A 2 5.93 -15.87 6.02
N LEU A 3 5.14 -15.34 6.96
CA LEU A 3 3.83 -14.80 6.64
C LEU A 3 3.81 -13.29 6.80
N HIS A 4 3.86 -12.57 5.69
CA HIS A 4 3.85 -11.11 5.72
C HIS A 4 2.49 -10.57 5.28
N LYS A 5 2.00 -9.57 6.00
CA LYS A 5 0.70 -8.97 5.69
C LYS A 5 0.85 -7.52 5.25
N VAL A 6 0.37 -7.21 4.06
CA VAL A 6 0.44 -5.86 3.51
C VAL A 6 -0.95 -5.25 3.38
N ILE A 7 -1.11 -4.00 3.84
CA ILE A 7 -2.39 -3.33 3.77
C ILE A 7 -2.35 -2.16 2.79
N MET A 8 -3.33 -2.11 1.89
CA MET A 8 -3.41 -1.04 0.91
C MET A 8 -3.98 0.23 1.54
N VAL A 9 -3.10 1.07 2.08
CA VAL A 9 -3.54 2.31 2.70
C VAL A 9 -3.46 3.47 1.71
N GLY A 10 -4.25 4.51 1.97
CA GLY A 10 -4.26 5.66 1.09
C GLY A 10 -5.18 6.76 1.59
N SER A 11 -5.53 7.68 0.69
CA SER A 11 -6.40 8.79 1.04
C SER A 11 -7.77 8.29 1.50
N GLY A 12 -8.36 7.41 0.69
CA GLY A 12 -9.67 6.86 1.03
C GLY A 12 -10.59 6.80 -0.17
N GLY A 13 -10.01 6.61 -1.36
CA GLY A 13 -10.79 6.54 -2.57
C GLY A 13 -9.96 6.79 -3.82
N VAL A 14 -8.92 5.97 -4.01
CA VAL A 14 -8.05 6.10 -5.17
C VAL A 14 -8.00 4.81 -5.97
N GLY A 15 -8.45 3.72 -5.35
CA GLY A 15 -8.46 2.43 -6.02
C GLY A 15 -7.48 1.46 -5.39
N LYS A 16 -7.46 1.41 -4.07
CA LYS A 16 -6.58 0.52 -3.33
C LYS A 16 -6.79 -0.93 -3.75
N SER A 17 -8.03 -1.24 -4.13
CA SER A 17 -8.40 -2.58 -4.56
C SER A 17 -7.87 -2.88 -5.96
N ALA A 18 -7.73 -1.83 -6.76
CA ALA A 18 -7.28 -1.94 -8.14
C ALA A 18 -5.89 -2.57 -8.16
N LEU A 19 -4.97 -2.00 -7.38
CA LEU A 19 -3.63 -2.52 -7.30
C LEU A 19 -3.70 -3.93 -6.76
N THR A 20 -4.76 -4.21 -6.02
CA THR A 20 -4.96 -5.51 -5.43
C THR A 20 -5.34 -6.56 -6.48
N LEU A 21 -6.22 -6.17 -7.39
CA LEU A 21 -6.68 -7.07 -8.45
C LEU A 21 -5.57 -7.32 -9.48
N GLN A 22 -4.70 -6.33 -9.66
CA GLN A 22 -3.60 -6.45 -10.62
C GLN A 22 -2.48 -7.33 -10.08
N PHE A 23 -2.20 -7.21 -8.78
CA PHE A 23 -1.16 -8.00 -8.16
C PHE A 23 -1.56 -9.47 -8.00
N MET A 24 -2.80 -9.70 -7.61
CA MET A 24 -3.30 -11.06 -7.39
C MET A 24 -3.73 -11.76 -8.67
N TYR A 25 -4.55 -11.10 -9.50
CA TYR A 25 -5.04 -11.72 -10.73
C TYR A 25 -4.34 -11.21 -11.97
N ASP A 26 -3.72 -10.04 -11.88
CA ASP A 26 -3.01 -9.46 -13.02
C ASP A 26 -3.99 -9.26 -14.18
N GLU A 27 -5.18 -8.75 -13.85
CA GLU A 27 -6.21 -8.52 -14.84
C GLU A 27 -7.10 -7.36 -14.42
N PHE A 28 -7.28 -6.39 -15.32
CA PHE A 28 -8.11 -5.23 -15.03
C PHE A 28 -9.58 -5.55 -15.24
N VAL A 29 -10.31 -5.70 -14.13
CA VAL A 29 -11.73 -6.01 -14.20
C VAL A 29 -12.49 -5.36 -13.03
N GLU A 30 -13.69 -4.86 -13.32
CA GLU A 30 -14.50 -4.22 -12.30
C GLU A 30 -15.24 -5.24 -11.44
N ASP A 31 -14.72 -5.48 -10.24
CA ASP A 31 -15.32 -6.43 -9.31
C ASP A 31 -15.24 -5.91 -7.88
N TYR A 32 -16.33 -6.06 -7.14
CA TYR A 32 -16.39 -5.62 -5.76
C TYR A 32 -17.15 -6.62 -4.90
N GLU A 33 -16.68 -6.82 -3.67
CA GLU A 33 -17.33 -7.75 -2.75
C GLU A 33 -17.17 -7.28 -1.31
N PRO A 34 -18.16 -7.57 -0.44
CA PRO A 34 -18.11 -7.19 0.97
C PRO A 34 -16.92 -7.80 1.69
N THR A 35 -16.35 -7.05 2.64
CA THR A 35 -15.21 -7.53 3.40
C THR A 35 -15.42 -7.33 4.89
N LYS A 36 -15.80 -8.40 5.58
CA LYS A 36 -16.04 -8.34 7.02
C LYS A 36 -14.73 -8.53 7.79
N ALA A 37 -14.08 -9.66 7.56
CA ALA A 37 -12.82 -9.97 8.23
C ALA A 37 -12.02 -11.00 7.44
N ASP A 38 -12.53 -11.36 6.27
CA ASP A 38 -11.86 -12.34 5.40
C ASP A 38 -10.70 -11.70 4.65
N SER A 39 -9.55 -12.35 4.69
CA SER A 39 -8.36 -11.86 4.00
C SER A 39 -7.97 -12.79 2.86
N TYR A 40 -7.01 -12.36 2.05
CA TYR A 40 -6.54 -13.16 0.93
C TYR A 40 -5.20 -13.81 1.25
N ARG A 41 -4.96 -14.98 0.66
CA ARG A 41 -3.72 -15.69 0.89
C ARG A 41 -3.22 -16.35 -0.40
N LYS A 42 -1.94 -16.15 -0.69
CA LYS A 42 -1.32 -16.71 -1.89
C LYS A 42 0.19 -16.81 -1.69
N LYS A 43 0.81 -17.77 -2.37
CA LYS A 43 2.25 -17.96 -2.26
C LYS A 43 2.97 -17.44 -3.51
N VAL A 44 4.08 -16.73 -3.29
CA VAL A 44 4.86 -16.17 -4.39
C VAL A 44 6.35 -16.33 -4.12
N VAL A 45 7.12 -16.51 -5.20
CA VAL A 45 8.57 -16.68 -5.09
C VAL A 45 9.25 -15.34 -4.88
N LEU A 46 10.26 -15.33 -4.00
CA LEU A 46 11.01 -14.11 -3.71
C LEU A 46 12.49 -14.42 -3.53
N ASP A 47 13.28 -14.11 -4.55
CA ASP A 47 14.73 -14.37 -4.51
C ASP A 47 15.01 -15.84 -4.22
N GLY A 48 14.11 -16.70 -4.69
CA GLY A 48 14.28 -18.13 -4.48
C GLY A 48 13.46 -18.63 -3.30
N GLU A 49 13.25 -17.76 -2.32
CA GLU A 49 12.49 -18.14 -1.13
C GLU A 49 11.02 -17.72 -1.27
N GLU A 50 10.13 -18.71 -1.18
CA GLU A 50 8.70 -18.45 -1.30
C GLU A 50 8.07 -18.21 0.07
N VAL A 51 7.47 -17.04 0.25
CA VAL A 51 6.83 -16.69 1.51
C VAL A 51 5.34 -16.44 1.32
N GLN A 52 4.57 -16.67 2.39
CA GLN A 52 3.12 -16.49 2.34
C GLN A 52 2.77 -15.02 2.53
N ILE A 53 1.92 -14.50 1.64
CA ILE A 53 1.50 -13.11 1.70
C ILE A 53 0.00 -13.00 1.95
N ASP A 54 -0.40 -11.97 2.69
CA ASP A 54 -1.81 -11.75 3.01
C ASP A 54 -2.18 -10.29 2.78
N ILE A 55 -3.24 -10.07 2.00
CA ILE A 55 -3.70 -8.72 1.71
C ILE A 55 -5.12 -8.49 2.24
N LEU A 56 -5.37 -7.29 2.76
CA LEU A 56 -6.67 -6.94 3.31
C LEU A 56 -7.09 -5.56 2.82
N ASP A 57 -8.22 -5.49 2.11
CA ASP A 57 -8.73 -4.23 1.60
C ASP A 57 -10.25 -4.24 1.54
N THR A 58 -10.86 -3.07 1.68
CA THR A 58 -12.32 -2.95 1.65
C THR A 58 -12.75 -1.68 0.93
N ALA A 59 -12.58 -0.53 1.61
CA ALA A 59 -12.95 0.76 1.04
C ALA A 59 -12.42 1.90 1.88
N GLY A 60 -12.85 3.12 1.56
CA GLY A 60 -12.43 4.28 2.31
C GLY A 60 -12.77 4.17 3.78
N LEU A 61 -11.75 4.00 4.62
CA LEU A 61 -11.95 3.87 6.05
C LEU A 61 -12.17 5.23 6.71
N GLU A 62 -12.75 6.16 5.96
CA GLU A 62 -13.01 7.50 6.48
C GLU A 62 -14.43 7.61 7.02
N ASP A 63 -15.01 6.48 7.41
CA ASP A 63 -16.37 6.45 7.94
C ASP A 63 -16.38 5.93 9.37
N TYR A 64 -15.69 4.82 9.60
CA TYR A 64 -15.63 4.22 10.93
C TYR A 64 -14.93 5.14 11.92
N ALA A 65 -15.35 5.07 13.18
CA ALA A 65 -14.77 5.91 14.23
C ALA A 65 -13.40 5.38 14.65
N ALA A 66 -13.35 4.10 15.03
CA ALA A 66 -12.12 3.48 15.47
C ALA A 66 -11.94 2.10 14.83
N ILE A 67 -13.01 1.58 14.23
CA ILE A 67 -12.97 0.27 13.59
C ILE A 67 -12.00 0.29 12.42
N ARG A 68 -11.71 1.47 11.90
CA ARG A 68 -10.80 1.61 10.78
C ARG A 68 -9.39 1.17 11.17
N ASP A 69 -8.97 1.57 12.37
CA ASP A 69 -7.64 1.21 12.87
C ASP A 69 -7.52 -0.30 12.99
N ASN A 70 -8.63 -0.96 13.26
CA ASN A 70 -8.68 -2.41 13.40
C ASN A 70 -8.06 -3.10 12.18
N TYR A 71 -8.25 -2.48 11.01
CA TYR A 71 -7.73 -3.04 9.76
C TYR A 71 -6.21 -2.84 9.66
N PHE A 72 -5.76 -1.62 9.93
CA PHE A 72 -4.34 -1.30 9.85
C PHE A 72 -3.55 -2.10 10.88
N ARG A 73 -4.22 -2.49 11.96
CA ARG A 73 -3.58 -3.26 13.02
C ARG A 73 -3.53 -4.75 12.68
N SER A 74 -4.24 -5.13 11.62
CA SER A 74 -4.27 -6.52 11.19
C SER A 74 -3.17 -6.81 10.18
N GLY A 75 -2.31 -5.81 9.94
CA GLY A 75 -1.22 -5.98 9.00
C GLY A 75 0.12 -5.59 9.59
N GLU A 76 1.20 -6.09 9.00
CA GLU A 76 2.54 -5.79 9.47
C GLU A 76 3.14 -4.63 8.69
N GLY A 77 2.86 -4.60 7.39
CA GLY A 77 3.38 -3.53 6.54
C GLY A 77 2.28 -2.62 6.04
N PHE A 78 2.67 -1.49 5.43
CA PHE A 78 1.70 -0.53 4.91
C PHE A 78 2.08 -0.08 3.50
N LEU A 79 1.06 0.18 2.69
CA LEU A 79 1.28 0.63 1.31
C LEU A 79 0.43 1.87 1.00
N LEU A 80 1.06 3.04 1.03
CA LEU A 80 0.35 4.29 0.76
C LEU A 80 0.20 4.52 -0.75
N VAL A 81 -1.00 4.86 -1.18
CA VAL A 81 -1.26 5.10 -2.60
C VAL A 81 -2.17 6.31 -2.81
N PHE A 82 -1.80 7.14 -3.79
CA PHE A 82 -2.59 8.32 -4.13
C PHE A 82 -2.63 8.50 -5.64
N SER A 83 -3.74 9.04 -6.14
CA SER A 83 -3.91 9.27 -7.56
C SER A 83 -3.38 10.63 -7.97
N ILE A 84 -2.54 10.66 -9.01
CA ILE A 84 -1.98 11.92 -9.50
C ILE A 84 -3.08 12.80 -10.07
N THR A 85 -4.12 12.15 -10.60
CA THR A 85 -5.25 12.86 -11.17
C THR A 85 -6.04 13.56 -10.07
N GLU A 86 -5.82 13.14 -8.84
CA GLU A 86 -6.50 13.73 -7.69
C GLU A 86 -5.49 14.22 -6.66
N HIS A 87 -5.22 15.52 -6.68
CA HIS A 87 -4.27 16.13 -5.76
C HIS A 87 -4.75 16.00 -4.31
N GLU A 88 -6.04 15.69 -4.15
CA GLU A 88 -6.62 15.54 -2.82
C GLU A 88 -6.15 14.25 -2.16
N SER A 89 -5.78 13.27 -2.98
CA SER A 89 -5.33 11.98 -2.48
C SER A 89 -3.98 12.10 -1.79
N PHE A 90 -3.02 12.69 -2.47
CA PHE A 90 -1.67 12.87 -1.93
C PHE A 90 -1.70 13.54 -0.55
N THR A 91 -2.63 14.47 -0.37
CA THR A 91 -2.75 15.20 0.89
C THR A 91 -3.31 14.32 2.01
N ALA A 92 -4.46 13.70 1.76
CA ALA A 92 -5.08 12.84 2.74
C ALA A 92 -4.17 11.67 3.10
N THR A 93 -3.53 11.10 2.09
CA THR A 93 -2.62 9.98 2.27
C THR A 93 -1.54 10.35 3.29
N ALA A 94 -1.16 11.61 3.30
CA ALA A 94 -0.14 12.10 4.22
C ALA A 94 -0.64 12.08 5.66
N GLU A 95 -1.94 12.30 5.84
CA GLU A 95 -2.54 12.29 7.17
C GLU A 95 -2.48 10.90 7.79
N PHE A 96 -2.68 9.89 6.95
CA PHE A 96 -2.65 8.50 7.39
C PHE A 96 -1.31 8.13 8.03
N ARG A 97 -0.27 8.88 7.67
CA ARG A 97 1.07 8.63 8.22
C ARG A 97 1.01 8.45 9.74
N GLU A 98 0.35 9.39 10.41
CA GLU A 98 0.22 9.33 11.86
C GLU A 98 -0.66 8.16 12.28
N GLN A 99 -1.74 7.94 11.52
CA GLN A 99 -2.67 6.85 11.80
C GLN A 99 -1.96 5.51 11.75
N ILE A 100 -0.89 5.44 10.98
CA ILE A 100 -0.11 4.22 10.84
C ILE A 100 0.65 3.91 12.13
N LEU A 101 1.26 4.93 12.71
CA LEU A 101 2.02 4.77 13.94
C LEU A 101 1.10 4.43 15.11
N ARG A 102 -0.16 4.85 15.01
CA ARG A 102 -1.14 4.59 16.07
C ARG A 102 -1.26 3.09 16.35
N VAL A 103 -1.45 2.30 15.29
CA VAL A 103 -1.58 0.85 15.44
C VAL A 103 -0.25 0.21 15.82
N LYS A 104 0.82 0.99 15.75
CA LYS A 104 2.14 0.51 16.09
C LYS A 104 2.81 1.43 17.11
N ALA A 105 2.26 1.45 18.32
CA ALA A 105 2.79 2.29 19.39
C ALA A 105 3.97 1.61 20.07
N GLU A 106 4.07 0.29 19.92
CA GLU A 106 5.16 -0.47 20.52
C GLU A 106 6.32 -0.58 19.55
N GLU A 107 6.05 -1.10 18.36
CA GLU A 107 7.07 -1.27 17.34
C GLU A 107 7.54 0.09 16.83
N ASP A 108 8.85 0.25 16.73
CA ASP A 108 9.44 1.51 16.27
C ASP A 108 9.78 1.44 14.79
N LYS A 109 9.78 0.23 14.24
CA LYS A 109 10.09 0.02 12.83
C LYS A 109 8.84 -0.38 12.05
N ILE A 110 8.20 0.60 11.42
CA ILE A 110 7.00 0.35 10.62
C ILE A 110 7.30 0.48 9.13
N PRO A 111 7.39 -0.64 8.40
CA PRO A 111 7.68 -0.63 6.96
C PRO A 111 6.59 0.08 6.16
N LEU A 112 7.00 0.99 5.29
CA LEU A 112 6.06 1.74 4.46
C LEU A 112 6.59 1.91 3.04
N LEU A 113 5.69 2.22 2.11
CA LEU A 113 6.04 2.42 0.72
C LEU A 113 4.93 3.16 -0.01
N VAL A 114 5.28 4.30 -0.62
CA VAL A 114 4.30 5.10 -1.33
C VAL A 114 4.33 4.84 -2.83
N VAL A 115 3.15 4.83 -3.44
CA VAL A 115 3.01 4.59 -4.87
C VAL A 115 1.90 5.46 -5.45
N GLY A 116 1.96 5.72 -6.75
CA GLY A 116 0.94 6.53 -7.39
C GLY A 116 0.35 5.85 -8.61
N ASN A 117 -0.98 5.77 -8.66
CA ASN A 117 -1.66 5.14 -9.77
C ASN A 117 -2.06 6.19 -10.80
N LYS A 118 -2.85 5.78 -11.79
CA LYS A 118 -3.31 6.69 -12.84
C LYS A 118 -2.13 7.28 -13.60
N SER A 119 -0.95 6.68 -13.43
CA SER A 119 0.26 7.15 -14.10
C SER A 119 0.12 7.09 -15.61
N ASP A 120 -0.92 6.39 -16.08
CA ASP A 120 -1.17 6.26 -17.51
C ASP A 120 -1.57 7.62 -18.11
N LEU A 121 -1.68 8.63 -17.26
CA LEU A 121 -2.05 9.96 -17.70
C LEU A 121 -0.95 10.97 -17.36
N GLU A 122 0.04 11.09 -18.23
CA GLU A 122 1.15 12.01 -18.02
C GLU A 122 0.69 13.46 -18.19
N GLU A 123 -0.33 13.66 -19.01
CA GLU A 123 -0.86 15.00 -19.28
C GLU A 123 -1.77 15.46 -18.14
N ARG A 124 -2.50 14.52 -17.55
CA ARG A 124 -3.41 14.84 -16.45
C ARG A 124 -2.72 14.75 -15.10
N ARG A 125 -1.44 14.36 -15.11
CA ARG A 125 -0.67 14.26 -13.87
C ARG A 125 -0.44 15.64 -13.28
N GLN A 126 -1.12 15.92 -12.17
CA GLN A 126 -1.01 17.22 -11.51
C GLN A 126 0.14 17.23 -10.50
N VAL A 127 0.47 16.06 -9.96
CA VAL A 127 1.55 15.96 -8.99
C VAL A 127 2.86 15.52 -9.65
N PRO A 128 3.82 16.44 -9.81
CA PRO A 128 5.12 16.11 -10.41
C PRO A 128 5.82 15.00 -9.66
N VAL A 129 6.18 13.93 -10.37
CA VAL A 129 6.84 12.79 -9.76
C VAL A 129 7.98 13.23 -8.84
N GLU A 130 8.77 14.20 -9.29
CA GLU A 130 9.89 14.70 -8.51
C GLU A 130 9.43 15.25 -7.16
N GLU A 131 8.39 16.09 -7.19
CA GLU A 131 7.85 16.68 -5.98
C GLU A 131 7.38 15.61 -5.00
N ALA A 132 6.82 14.53 -5.54
CA ALA A 132 6.34 13.43 -4.72
C ALA A 132 7.48 12.65 -4.09
N ARG A 133 8.61 12.58 -4.78
CA ARG A 133 9.79 11.86 -4.28
C ARG A 133 10.35 12.50 -3.03
N SER A 134 10.46 13.83 -3.04
CA SER A 134 11.01 14.56 -1.90
C SER A 134 10.18 14.33 -0.63
N LYS A 135 8.87 14.57 -0.73
CA LYS A 135 7.98 14.38 0.41
C LYS A 135 8.01 12.93 0.91
N ALA A 136 7.92 11.99 -0.02
CA ALA A 136 7.95 10.57 0.32
C ALA A 136 9.21 10.20 1.09
N GLU A 137 10.35 10.64 0.58
CA GLU A 137 11.64 10.36 1.19
C GLU A 137 11.64 10.71 2.69
N GLU A 138 10.87 11.72 3.06
CA GLU A 138 10.78 12.15 4.45
C GLU A 138 10.42 10.99 5.37
N TRP A 139 9.39 10.23 4.98
CA TRP A 139 8.95 9.08 5.77
C TRP A 139 9.99 7.96 5.71
N GLY A 140 10.99 8.13 4.87
CA GLY A 140 12.03 7.13 4.73
C GLY A 140 11.68 6.09 3.69
N VAL A 141 10.87 6.49 2.71
CA VAL A 141 10.44 5.59 1.64
C VAL A 141 10.69 6.20 0.27
N GLN A 142 10.57 5.37 -0.75
CA GLN A 142 10.77 5.81 -2.12
C GLN A 142 9.45 5.73 -2.88
N TYR A 143 9.10 6.80 -3.59
CA TYR A 143 7.85 6.83 -4.34
C TYR A 143 8.09 6.43 -5.79
N VAL A 144 7.18 5.62 -6.32
CA VAL A 144 7.28 5.13 -7.69
C VAL A 144 5.98 5.32 -8.46
N GLU A 145 6.09 5.48 -9.78
CA GLU A 145 4.92 5.66 -10.64
C GLU A 145 4.41 4.31 -11.12
N THR A 146 3.08 4.14 -11.10
CA THR A 146 2.47 2.88 -11.52
C THR A 146 1.12 3.10 -12.20
N SER A 147 0.72 2.13 -13.00
CA SER A 147 -0.56 2.19 -13.70
C SER A 147 -1.35 0.91 -13.49
N ALA A 148 -2.44 1.00 -12.74
CA ALA A 148 -3.29 -0.15 -12.46
C ALA A 148 -3.92 -0.72 -13.73
N LYS A 149 -3.70 -0.04 -14.84
CA LYS A 149 -4.24 -0.47 -16.12
C LYS A 149 -3.22 -1.31 -16.89
N THR A 150 -1.95 -0.94 -16.78
CA THR A 150 -0.88 -1.65 -17.47
C THR A 150 -0.23 -2.68 -16.55
N ARG A 151 -0.63 -2.67 -15.27
CA ARG A 151 -0.09 -3.60 -14.27
C ARG A 151 1.39 -3.88 -14.51
N ALA A 152 2.14 -2.85 -14.91
CA ALA A 152 3.56 -2.99 -15.19
C ALA A 152 4.40 -3.04 -13.92
N ASN A 153 4.26 -2.02 -13.07
CA ASN A 153 5.03 -1.96 -11.83
C ASN A 153 4.14 -2.11 -10.60
N VAL A 154 2.86 -2.40 -10.82
CA VAL A 154 1.93 -2.58 -9.70
C VAL A 154 2.42 -3.66 -8.75
N ASP A 155 2.98 -4.74 -9.31
CA ASP A 155 3.50 -5.83 -8.52
C ASP A 155 4.81 -5.45 -7.83
N LYS A 156 5.61 -4.64 -8.52
CA LYS A 156 6.89 -4.19 -8.01
C LYS A 156 6.76 -3.49 -6.65
N VAL A 157 5.63 -2.83 -6.43
CA VAL A 157 5.42 -2.12 -5.17
C VAL A 157 5.16 -3.08 -4.01
N PHE A 158 4.55 -4.22 -4.32
CA PHE A 158 4.26 -5.24 -3.31
C PHE A 158 5.53 -5.97 -2.91
N PHE A 159 6.36 -6.28 -3.91
CA PHE A 159 7.62 -6.99 -3.67
C PHE A 159 8.64 -6.06 -3.00
N ASP A 160 8.68 -4.82 -3.45
CA ASP A 160 9.61 -3.84 -2.89
C ASP A 160 9.39 -3.65 -1.40
N LEU A 161 8.12 -3.52 -1.02
CA LEU A 161 7.75 -3.34 0.38
C LEU A 161 7.98 -4.63 1.17
N MET A 162 7.77 -5.76 0.49
CA MET A 162 7.94 -7.07 1.12
C MET A 162 9.35 -7.24 1.68
N ARG A 163 10.35 -6.77 0.93
CA ARG A 163 11.73 -6.87 1.37
C ARG A 163 11.98 -6.01 2.60
N GLU A 164 11.30 -4.87 2.67
CA GLU A 164 11.45 -3.97 3.82
C GLU A 164 10.87 -4.60 5.08
N ILE A 165 9.83 -5.41 4.91
CA ILE A 165 9.19 -6.08 6.03
C ILE A 165 10.07 -7.20 6.59
N ARG A 166 10.83 -7.84 5.71
CA ARG A 166 11.71 -8.93 6.12
C ARG A 166 12.95 -8.41 6.83
N THR A 167 13.52 -7.34 6.29
CA THR A 167 14.74 -6.75 6.84
C THR A 167 14.48 -5.74 7.96
N LYS A 168 13.75 -4.67 7.65
CA LYS A 168 13.50 -3.60 8.62
C LYS A 168 12.55 -4.02 9.76
N LYS A 169 11.36 -4.50 9.42
CA LYS A 169 10.38 -4.89 10.42
C LYS A 169 10.93 -5.96 11.37
N MET A 170 11.72 -6.89 10.83
CA MET A 170 12.29 -7.96 11.63
C MET A 170 13.54 -7.50 12.37
N SER A 171 14.09 -6.36 11.95
CA SER A 171 15.28 -5.81 12.58
C SER A 171 15.02 -5.43 14.03
N GLU A 172 14.09 -4.50 14.22
CA GLU A 172 13.72 -4.04 15.56
C GLU A 172 14.92 -3.47 16.31
N ASN A 173 15.99 -3.18 15.56
CA ASN A 173 17.20 -2.63 16.14
C ASN A 173 17.88 -1.66 15.18
N LYS A 174 18.18 -2.14 13.98
CA LYS A 174 18.83 -1.33 12.96
C LYS A 174 17.79 -0.67 12.05
PG GNP B . -13.83 2.16 -2.60
O1G GNP B . -15.14 2.65 -2.11
O2G GNP B . -13.88 0.60 -2.94
O3G GNP B . -12.65 2.50 -1.59
N3B GNP B . -13.41 2.90 -4.05
PB GNP B . -11.76 2.81 -4.33
O1B GNP B . -11.03 3.29 -3.13
O2B GNP B . -11.44 1.46 -4.87
O3A GNP B . -11.56 3.87 -5.49
PA GNP B . -12.53 3.85 -6.76
O1A GNP B . -13.08 2.47 -6.92
O2A GNP B . -13.48 4.99 -6.64
O5' GNP B . -11.54 4.15 -7.96
C5' GNP B . -11.34 3.19 -9.00
C4' GNP B . -11.74 3.77 -10.33
O4' GNP B . -10.58 4.40 -10.94
C3' GNP B . -12.22 2.77 -11.36
O3' GNP B . -13.10 3.37 -12.31
C2' GNP B . -10.93 2.31 -12.02
O2' GNP B . -11.13 1.88 -13.35
C1' GNP B . -10.12 3.61 -12.02
N9 GNP B . -8.69 3.41 -11.87
C8 GNP B . -8.03 3.04 -10.73
N7 GNP B . -6.74 2.96 -10.88
C5 GNP B . -6.53 3.29 -12.21
C6 GNP B . -5.33 3.38 -12.96
O6 GNP B . -4.17 3.16 -12.58
N1 GNP B . -5.56 3.76 -14.28
C2 GNP B . -6.81 4.03 -14.80
N2 GNP B . -6.84 4.37 -16.10
N3 GNP B . -7.94 3.95 -14.12
C4 GNP B . -7.72 3.58 -12.84
HNB3 GNP B . -13.68 3.85 -4.01
H5'2 GNP B . -11.93 2.30 -8.80
H5'1 GNP B . -10.28 2.91 -9.04
H4' GNP B . -12.56 4.46 -10.16
H3' GNP B . -12.78 1.96 -10.90
HO3' GNP B . -13.11 4.31 -12.12
H2' GNP B . -10.44 1.55 -11.40
HO2' GNP B . -11.06 0.93 -13.35
H1' GNP B . -10.28 4.19 -12.93
H8 GNP B . -8.53 2.84 -9.79
HN1 GNP B . -4.77 3.84 -14.90
HN21 GNP B . -7.73 4.58 -16.54
HN22 GNP B . -5.99 4.43 -16.63
MG MG C . -12.25 -0.53 -4.07
N LEU A 1 7.61 -21.54 6.61
CA LEU A 1 7.22 -20.42 5.72
C LEU A 1 6.71 -19.23 6.53
N ALA A 2 7.08 -18.03 6.12
CA ALA A 2 6.66 -16.82 6.81
C ALA A 2 5.35 -16.29 6.23
N LEU A 3 4.70 -15.40 6.97
CA LEU A 3 3.44 -14.80 6.53
C LEU A 3 3.42 -13.30 6.78
N HIS A 4 3.47 -12.53 5.70
CA HIS A 4 3.47 -11.07 5.81
C HIS A 4 2.12 -10.51 5.37
N LYS A 5 1.55 -9.63 6.20
CA LYS A 5 0.25 -9.03 5.90
C LYS A 5 0.41 -7.56 5.52
N VAL A 6 -0.07 -7.21 4.33
CA VAL A 6 -0.01 -5.84 3.85
C VAL A 6 -1.39 -5.21 3.80
N ILE A 7 -1.52 -4.01 4.37
CA ILE A 7 -2.80 -3.32 4.39
C ILE A 7 -2.82 -2.14 3.43
N MET A 8 -3.64 -2.26 2.38
CA MET A 8 -3.75 -1.20 1.39
C MET A 8 -4.29 0.07 2.04
N VAL A 9 -3.40 0.97 2.42
CA VAL A 9 -3.80 2.22 3.06
C VAL A 9 -3.79 3.36 2.04
N GLY A 10 -4.53 4.42 2.33
CA GLY A 10 -4.59 5.56 1.43
C GLY A 10 -5.46 6.67 1.96
N SER A 11 -5.87 7.57 1.08
CA SER A 11 -6.71 8.70 1.47
C SER A 11 -8.08 8.22 1.95
N GLY A 12 -8.55 7.13 1.37
CA GLY A 12 -9.84 6.58 1.75
C GLY A 12 -10.83 6.60 0.60
N GLY A 13 -10.31 6.65 -0.62
CA GLY A 13 -11.14 6.66 -1.80
C GLY A 13 -10.37 6.99 -3.06
N VAL A 14 -9.53 6.05 -3.49
CA VAL A 14 -8.72 6.23 -4.68
C VAL A 14 -8.87 5.07 -5.65
N GLY A 15 -8.21 3.95 -5.35
CA GLY A 15 -8.30 2.78 -6.19
C GLY A 15 -7.25 1.73 -5.86
N LYS A 16 -7.00 1.54 -4.57
CA LYS A 16 -6.03 0.57 -4.11
C LYS A 16 -6.52 -0.86 -4.36
N SER A 17 -7.83 -1.05 -4.23
CA SER A 17 -8.44 -2.37 -4.44
C SER A 17 -8.15 -2.89 -5.84
N ALA A 18 -8.01 -1.97 -6.79
CA ALA A 18 -7.76 -2.33 -8.18
C ALA A 18 -6.38 -2.95 -8.31
N LEU A 19 -5.37 -2.24 -7.82
CA LEU A 19 -4.01 -2.75 -7.86
C LEU A 19 -3.94 -4.03 -7.07
N THR A 20 -4.87 -4.18 -6.13
CA THR A 20 -4.93 -5.36 -5.30
C THR A 20 -5.25 -6.60 -6.13
N LEU A 21 -6.26 -6.48 -7.00
CA LEU A 21 -6.66 -7.58 -7.85
C LEU A 21 -5.64 -7.86 -8.95
N GLN A 22 -5.02 -6.80 -9.48
CA GLN A 22 -4.02 -6.95 -10.52
C GLN A 22 -2.89 -7.87 -10.06
N PHE A 23 -2.54 -7.79 -8.79
CA PHE A 23 -1.49 -8.61 -8.22
C PHE A 23 -1.94 -10.06 -8.07
N MET A 24 -3.25 -10.26 -7.95
CA MET A 24 -3.82 -11.59 -7.76
C MET A 24 -3.97 -12.38 -9.06
N TYR A 25 -4.57 -11.77 -10.08
CA TYR A 25 -4.79 -12.47 -11.35
C TYR A 25 -4.01 -11.85 -12.51
N ASP A 26 -3.38 -10.71 -12.27
CA ASP A 26 -2.62 -10.04 -13.32
C ASP A 26 -3.52 -9.72 -14.52
N GLU A 27 -4.75 -9.31 -14.22
CA GLU A 27 -5.72 -8.98 -15.26
C GLU A 27 -6.69 -7.92 -14.75
N PHE A 28 -6.95 -6.92 -15.59
CA PHE A 28 -7.84 -5.83 -15.23
C PHE A 28 -9.30 -6.19 -15.51
N VAL A 29 -10.11 -6.21 -14.46
CA VAL A 29 -11.53 -6.53 -14.59
C VAL A 29 -12.40 -5.52 -13.86
N GLU A 30 -13.54 -5.20 -14.44
CA GLU A 30 -14.46 -4.23 -13.84
C GLU A 30 -15.01 -4.73 -12.52
N ASP A 31 -15.29 -6.04 -12.46
CA ASP A 31 -15.83 -6.65 -11.25
C ASP A 31 -14.89 -6.43 -10.07
N TYR A 32 -15.40 -5.79 -9.02
CA TYR A 32 -14.61 -5.51 -7.83
C TYR A 32 -15.06 -6.39 -6.66
N GLU A 33 -14.25 -6.43 -5.60
CA GLU A 33 -14.57 -7.21 -4.43
C GLU A 33 -14.33 -6.41 -3.15
N PRO A 34 -15.41 -5.90 -2.51
CA PRO A 34 -15.30 -5.11 -1.28
C PRO A 34 -14.77 -5.94 -0.12
N THR A 35 -14.21 -5.26 0.88
CA THR A 35 -13.65 -5.92 2.05
C THR A 35 -14.67 -5.98 3.19
N LYS A 36 -14.72 -7.12 3.87
CA LYS A 36 -15.65 -7.31 4.98
C LYS A 36 -15.00 -8.16 6.07
N ALA A 37 -14.33 -9.22 5.66
CA ALA A 37 -13.66 -10.12 6.59
C ALA A 37 -12.79 -11.13 5.85
N ASP A 38 -13.09 -11.33 4.56
CA ASP A 38 -12.33 -12.27 3.75
C ASP A 38 -10.98 -11.68 3.33
N SER A 39 -9.93 -12.47 3.49
CA SER A 39 -8.58 -12.03 3.14
C SER A 39 -8.07 -12.80 1.94
N TYR A 40 -7.01 -12.27 1.31
CA TYR A 40 -6.41 -12.91 0.14
C TYR A 40 -5.12 -13.62 0.53
N ARG A 41 -4.84 -14.74 -0.14
CA ARG A 41 -3.62 -15.51 0.13
C ARG A 41 -3.13 -16.20 -1.13
N LYS A 42 -1.81 -16.32 -1.24
CA LYS A 42 -1.19 -16.96 -2.39
C LYS A 42 0.27 -17.27 -2.11
N LYS A 43 0.75 -18.41 -2.60
CA LYS A 43 2.13 -18.82 -2.40
C LYS A 43 3.06 -18.21 -3.45
N VAL A 44 4.05 -17.46 -2.98
CA VAL A 44 5.01 -16.82 -3.87
C VAL A 44 6.43 -16.96 -3.31
N VAL A 45 7.40 -17.14 -4.21
CA VAL A 45 8.79 -17.27 -3.80
C VAL A 45 9.48 -15.92 -3.75
N LEU A 46 10.31 -15.72 -2.74
CA LEU A 46 11.04 -14.47 -2.57
C LEU A 46 12.44 -14.71 -2.01
N ASP A 47 13.45 -14.29 -2.76
CA ASP A 47 14.84 -14.47 -2.35
C ASP A 47 15.15 -15.94 -2.09
N GLY A 48 14.47 -16.82 -2.82
CA GLY A 48 14.69 -18.25 -2.66
C GLY A 48 13.72 -18.87 -1.68
N GLU A 49 13.31 -18.09 -0.67
CA GLU A 49 12.39 -18.57 0.34
C GLU A 49 10.95 -18.25 -0.03
N GLU A 50 10.12 -19.28 -0.11
CA GLU A 50 8.72 -19.11 -0.47
C GLU A 50 7.89 -18.66 0.74
N VAL A 51 7.39 -17.43 0.68
CA VAL A 51 6.58 -16.88 1.76
C VAL A 51 5.19 -16.48 1.26
N GLN A 52 4.17 -16.75 2.07
CA GLN A 52 2.80 -16.43 1.71
C GLN A 52 2.45 -14.99 2.14
N ILE A 53 1.70 -14.30 1.29
CA ILE A 53 1.28 -12.94 1.58
C ILE A 53 -0.22 -12.86 1.83
N ASP A 54 -0.62 -12.03 2.77
CA ASP A 54 -2.04 -11.87 3.11
C ASP A 54 -2.47 -10.41 2.98
N ILE A 55 -3.42 -10.16 2.08
CA ILE A 55 -3.92 -8.81 1.85
C ILE A 55 -5.30 -8.63 2.47
N LEU A 56 -5.41 -7.69 3.39
CA LEU A 56 -6.67 -7.42 4.07
C LEU A 56 -6.96 -5.92 4.10
N ASP A 57 -8.21 -5.55 3.83
CA ASP A 57 -8.62 -4.16 3.83
C ASP A 57 -7.94 -3.41 2.69
N THR A 58 -8.67 -3.23 1.59
CA THR A 58 -8.14 -2.53 0.43
C THR A 58 -9.13 -1.50 -0.09
N ALA A 59 -9.82 -0.84 0.82
CA ALA A 59 -10.80 0.18 0.46
C ALA A 59 -10.93 1.24 1.55
N GLY A 60 -11.50 2.38 1.20
CA GLY A 60 -11.69 3.45 2.15
C GLY A 60 -12.54 3.03 3.33
N LEU A 61 -12.03 3.25 4.54
CA LEU A 61 -12.75 2.88 5.75
C LEU A 61 -13.64 4.03 6.22
N GLU A 62 -13.02 5.06 6.80
CA GLU A 62 -13.75 6.21 7.30
C GLU A 62 -14.84 5.80 8.28
N ASP A 63 -15.75 6.72 8.60
CA ASP A 63 -16.84 6.46 9.53
C ASP A 63 -16.33 6.12 10.92
N TYR A 64 -15.88 4.88 11.11
CA TYR A 64 -15.36 4.45 12.40
C TYR A 64 -14.29 5.40 12.91
N ALA A 65 -14.38 5.74 14.20
CA ALA A 65 -13.43 6.66 14.81
C ALA A 65 -12.10 5.98 15.11
N ALA A 66 -12.16 4.72 15.54
CA ALA A 66 -10.95 3.97 15.88
C ALA A 66 -10.98 2.57 15.29
N ILE A 67 -12.18 2.02 15.12
CA ILE A 67 -12.33 0.68 14.57
C ILE A 67 -11.67 0.56 13.21
N ARG A 68 -11.62 1.67 12.47
CA ARG A 68 -11.02 1.69 11.15
C ARG A 68 -9.51 1.53 11.25
N ASP A 69 -8.93 2.11 12.30
CA ASP A 69 -7.50 2.03 12.51
C ASP A 69 -7.09 0.61 12.90
N ASN A 70 -8.00 -0.09 13.58
CA ASN A 70 -7.75 -1.46 14.01
C ASN A 70 -7.25 -2.32 12.86
N TYR A 71 -7.76 -2.04 11.66
CA TYR A 71 -7.36 -2.79 10.46
C TYR A 71 -5.86 -2.66 10.21
N PHE A 72 -5.33 -1.45 10.37
CA PHE A 72 -3.92 -1.19 10.17
C PHE A 72 -3.07 -1.99 11.16
N ARG A 73 -3.54 -2.07 12.40
CA ARG A 73 -2.83 -2.78 13.44
C ARG A 73 -2.85 -4.29 13.19
N SER A 74 -3.72 -4.73 12.30
CA SER A 74 -3.84 -6.15 11.98
C SER A 74 -2.77 -6.58 10.98
N GLY A 75 -2.20 -5.62 10.28
CA GLY A 75 -1.17 -5.92 9.28
C GLY A 75 0.22 -5.51 9.74
N GLU A 76 1.23 -6.15 9.15
CA GLU A 76 2.62 -5.86 9.49
C GLU A 76 3.22 -4.88 8.48
N GLY A 77 2.51 -4.68 7.37
CA GLY A 77 2.98 -3.77 6.34
C GLY A 77 1.92 -2.77 5.96
N PHE A 78 2.34 -1.64 5.38
CA PHE A 78 1.41 -0.59 4.97
C PHE A 78 1.76 -0.07 3.59
N LEU A 79 0.76 0.02 2.72
CA LEU A 79 0.96 0.51 1.36
C LEU A 79 0.08 1.74 1.09
N LEU A 80 0.70 2.92 1.03
CA LEU A 80 -0.03 4.15 0.77
C LEU A 80 -0.24 4.32 -0.73
N VAL A 81 -1.50 4.36 -1.15
CA VAL A 81 -1.82 4.50 -2.56
C VAL A 81 -2.76 5.66 -2.82
N PHE A 82 -2.42 6.49 -3.80
CA PHE A 82 -3.24 7.65 -4.16
C PHE A 82 -3.28 7.82 -5.67
N SER A 83 -3.96 8.87 -6.11
CA SER A 83 -4.06 9.16 -7.54
C SER A 83 -3.56 10.56 -7.86
N ILE A 84 -2.88 10.69 -8.99
CA ILE A 84 -2.34 11.97 -9.43
C ILE A 84 -3.46 12.90 -9.88
N THR A 85 -4.50 12.33 -10.48
CA THR A 85 -5.63 13.09 -10.96
C THR A 85 -6.40 13.72 -9.80
N GLU A 86 -6.33 13.06 -8.64
CA GLU A 86 -7.00 13.56 -7.44
C GLU A 86 -5.99 14.10 -6.44
N HIS A 87 -5.82 15.42 -6.43
CA HIS A 87 -4.88 16.07 -5.51
C HIS A 87 -5.28 15.84 -4.07
N GLU A 88 -6.54 15.46 -3.85
CA GLU A 88 -7.05 15.23 -2.50
C GLU A 88 -6.51 13.92 -1.94
N SER A 89 -6.19 13.00 -2.83
CA SER A 89 -5.68 11.69 -2.43
C SER A 89 -4.29 11.80 -1.82
N PHE A 90 -3.37 12.42 -2.55
CA PHE A 90 -1.99 12.59 -2.09
C PHE A 90 -1.93 13.28 -0.73
N THR A 91 -2.78 14.28 -0.54
CA THR A 91 -2.82 15.05 0.70
C THR A 91 -3.42 14.25 1.85
N ALA A 92 -4.62 13.73 1.64
CA ALA A 92 -5.32 12.95 2.65
C ALA A 92 -4.51 11.72 3.06
N THR A 93 -3.82 11.13 2.09
CA THR A 93 -2.99 9.96 2.36
C THR A 93 -1.92 10.28 3.39
N ALA A 94 -1.48 11.53 3.39
CA ALA A 94 -0.45 11.98 4.32
C ALA A 94 -0.95 11.92 5.76
N GLU A 95 -2.24 12.18 5.95
CA GLU A 95 -2.85 12.16 7.27
C GLU A 95 -2.72 10.77 7.90
N PHE A 96 -2.98 9.75 7.09
CA PHE A 96 -2.90 8.36 7.56
C PHE A 96 -1.48 7.99 8.00
N ARG A 97 -0.49 8.67 7.43
CA ARG A 97 0.91 8.40 7.77
C ARG A 97 1.12 8.43 9.28
N GLU A 98 0.61 9.47 9.93
CA GLU A 98 0.75 9.61 11.38
C GLU A 98 -0.11 8.59 12.11
N GLN A 99 -1.22 8.20 11.50
CA GLN A 99 -2.14 7.23 12.09
C GLN A 99 -1.54 5.83 12.11
N ILE A 100 -0.63 5.55 11.19
CA ILE A 100 0.01 4.25 11.11
C ILE A 100 0.92 4.01 12.32
N LEU A 101 1.65 5.03 12.73
CA LEU A 101 2.56 4.92 13.86
C LEU A 101 1.78 4.75 15.18
N ARG A 102 0.56 5.27 15.21
CA ARG A 102 -0.28 5.18 16.41
C ARG A 102 -0.60 3.73 16.74
N VAL A 103 -1.06 2.98 15.75
CA VAL A 103 -1.41 1.58 15.94
C VAL A 103 -0.15 0.73 16.15
N LYS A 104 1.01 1.33 15.89
CA LYS A 104 2.28 0.62 16.05
C LYS A 104 3.21 1.39 16.99
N ALA A 105 2.64 1.99 18.03
CA ALA A 105 3.41 2.76 19.00
C ALA A 105 4.40 1.87 19.74
N GLU A 106 4.19 0.56 19.66
CA GLU A 106 5.08 -0.40 20.32
C GLU A 106 6.25 -0.78 19.43
N GLU A 107 6.04 -0.67 18.11
CA GLU A 107 7.08 -1.01 17.14
C GLU A 107 7.76 0.26 16.63
N ASP A 108 9.06 0.15 16.38
CA ASP A 108 9.83 1.29 15.88
C ASP A 108 9.89 1.28 14.35
N LYS A 109 10.30 0.16 13.78
CA LYS A 109 10.40 0.03 12.33
C LYS A 109 9.04 -0.23 11.70
N ILE A 110 8.62 0.70 10.84
CA ILE A 110 7.33 0.57 10.15
C ILE A 110 7.52 0.58 8.64
N PRO A 111 7.38 -0.58 7.98
CA PRO A 111 7.53 -0.67 6.52
C PRO A 111 6.45 0.07 5.76
N LEU A 112 6.86 1.08 4.99
CA LEU A 112 5.93 1.89 4.21
C LEU A 112 6.38 1.98 2.76
N LEU A 113 5.46 2.33 1.88
CA LEU A 113 5.76 2.48 0.46
C LEU A 113 4.65 3.27 -0.24
N VAL A 114 4.99 4.46 -0.70
CA VAL A 114 4.03 5.33 -1.38
C VAL A 114 3.97 5.04 -2.88
N VAL A 115 2.76 5.05 -3.42
CA VAL A 115 2.56 4.78 -4.84
C VAL A 115 1.54 5.75 -5.44
N GLY A 116 1.65 5.98 -6.75
CA GLY A 116 0.73 6.88 -7.43
C GLY A 116 0.17 6.28 -8.70
N ASN A 117 -1.13 5.98 -8.69
CA ASN A 117 -1.80 5.40 -9.84
C ASN A 117 -2.18 6.48 -10.84
N LYS A 118 -3.03 6.12 -11.80
CA LYS A 118 -3.48 7.05 -12.83
C LYS A 118 -2.31 7.63 -13.61
N SER A 119 -1.14 7.00 -13.49
CA SER A 119 0.05 7.46 -14.19
C SER A 119 -0.16 7.48 -15.70
N ASP A 120 -1.18 6.75 -16.15
CA ASP A 120 -1.49 6.68 -17.58
C ASP A 120 -1.84 8.07 -18.10
N LEU A 121 -2.07 9.00 -17.18
CA LEU A 121 -2.41 10.38 -17.53
C LEU A 121 -1.29 11.33 -17.13
N GLU A 122 -0.21 11.33 -17.90
CA GLU A 122 0.93 12.18 -17.62
C GLU A 122 0.59 13.66 -17.83
N GLU A 123 -0.39 13.92 -18.69
CA GLU A 123 -0.81 15.28 -18.99
C GLU A 123 -1.82 15.78 -17.96
N ARG A 124 -2.34 14.87 -17.16
CA ARG A 124 -3.32 15.21 -16.12
C ARG A 124 -2.71 15.10 -14.73
N ARG A 125 -1.43 14.76 -14.67
CA ARG A 125 -0.74 14.63 -13.39
C ARG A 125 -0.63 15.96 -12.67
N GLN A 126 -1.38 16.11 -11.58
CA GLN A 126 -1.37 17.34 -10.81
C GLN A 126 -0.19 17.38 -9.84
N VAL A 127 0.27 16.21 -9.43
CA VAL A 127 1.39 16.10 -8.51
C VAL A 127 2.69 15.81 -9.26
N PRO A 128 3.61 16.80 -9.32
CA PRO A 128 4.90 16.63 -10.01
C PRO A 128 5.68 15.44 -9.46
N VAL A 129 6.44 14.78 -10.33
CA VAL A 129 7.22 13.62 -9.92
C VAL A 129 8.22 13.97 -8.82
N GLU A 130 9.04 14.98 -9.07
CA GLU A 130 10.05 15.41 -8.11
C GLU A 130 9.44 15.71 -6.75
N GLU A 131 8.21 16.22 -6.75
CA GLU A 131 7.52 16.54 -5.51
C GLU A 131 7.13 15.28 -4.76
N ALA A 132 6.59 14.31 -5.48
CA ALA A 132 6.16 13.06 -4.87
C ALA A 132 7.36 12.21 -4.46
N ARG A 133 8.47 12.36 -5.17
CA ARG A 133 9.68 11.61 -4.87
C ARG A 133 10.31 12.11 -3.57
N SER A 134 10.53 13.41 -3.49
CA SER A 134 11.12 14.01 -2.29
C SER A 134 10.21 13.79 -1.09
N LYS A 135 8.91 13.70 -1.35
CA LYS A 135 7.93 13.48 -0.29
C LYS A 135 8.15 12.12 0.35
N ALA A 136 8.28 11.09 -0.48
CA ALA A 136 8.47 9.73 0.00
C ALA A 136 9.63 9.66 1.00
N GLU A 137 10.77 10.20 0.58
CA GLU A 137 11.97 10.19 1.41
C GLU A 137 11.69 10.73 2.82
N GLU A 138 10.75 11.66 2.94
CA GLU A 138 10.39 12.24 4.23
C GLU A 138 10.07 11.15 5.26
N TRP A 139 9.22 10.21 4.86
CA TRP A 139 8.84 9.11 5.74
C TRP A 139 9.87 7.99 5.70
N GLY A 140 10.96 8.23 4.98
CA GLY A 140 12.01 7.24 4.87
C GLY A 140 11.73 6.20 3.81
N VAL A 141 10.85 6.54 2.86
CA VAL A 141 10.48 5.64 1.79
C VAL A 141 10.78 6.24 0.42
N GLN A 142 10.47 5.48 -0.62
CA GLN A 142 10.68 5.92 -1.99
C GLN A 142 9.37 5.81 -2.77
N TYR A 143 9.04 6.85 -3.53
CA TYR A 143 7.80 6.85 -4.30
C TYR A 143 8.02 6.39 -5.74
N VAL A 144 7.04 5.66 -6.27
CA VAL A 144 7.10 5.15 -7.63
C VAL A 144 5.79 5.38 -8.36
N GLU A 145 5.88 5.58 -9.68
CA GLU A 145 4.69 5.80 -10.50
C GLU A 145 4.15 4.47 -11.01
N THR A 146 2.83 4.34 -11.04
CA THR A 146 2.20 3.10 -11.49
C THR A 146 0.91 3.36 -12.27
N SER A 147 0.57 2.44 -13.16
CA SER A 147 -0.64 2.56 -13.96
C SER A 147 -1.49 1.30 -13.82
N ALA A 148 -2.62 1.43 -13.12
CA ALA A 148 -3.51 0.29 -12.90
C ALA A 148 -4.07 -0.23 -14.23
N LYS A 149 -4.02 0.61 -15.27
CA LYS A 149 -4.52 0.23 -16.57
C LYS A 149 -3.54 -0.71 -17.28
N THR A 150 -2.26 -0.54 -17.01
CA THR A 150 -1.23 -1.36 -17.62
C THR A 150 -0.84 -2.53 -16.71
N ARG A 151 -1.09 -2.36 -15.41
CA ARG A 151 -0.76 -3.40 -14.43
C ARG A 151 0.71 -3.80 -14.54
N ALA A 152 1.55 -2.83 -14.90
CA ALA A 152 2.97 -3.08 -15.07
C ALA A 152 3.73 -3.13 -13.75
N ASN A 153 3.62 -2.07 -12.94
CA ASN A 153 4.34 -2.01 -11.67
C ASN A 153 3.48 -2.41 -10.48
N VAL A 154 2.53 -3.32 -10.70
CA VAL A 154 1.68 -3.78 -9.60
C VAL A 154 2.50 -4.61 -8.61
N ASP A 155 3.27 -5.56 -9.13
CA ASP A 155 4.09 -6.42 -8.30
C ASP A 155 5.28 -5.63 -7.73
N LYS A 156 5.53 -4.46 -8.30
CA LYS A 156 6.64 -3.62 -7.86
C LYS A 156 6.37 -3.02 -6.48
N VAL A 157 5.10 -2.77 -6.18
CA VAL A 157 4.72 -2.19 -4.89
C VAL A 157 4.56 -3.25 -3.80
N PHE A 158 4.08 -4.43 -4.19
CA PHE A 158 3.88 -5.53 -3.25
C PHE A 158 5.20 -6.18 -2.86
N PHE A 159 6.05 -6.42 -3.85
CA PHE A 159 7.36 -7.05 -3.60
C PHE A 159 8.30 -6.11 -2.86
N ASP A 160 8.48 -4.90 -3.37
CA ASP A 160 9.37 -3.93 -2.74
C ASP A 160 9.01 -3.73 -1.28
N LEU A 161 7.71 -3.63 -0.99
CA LEU A 161 7.24 -3.44 0.37
C LEU A 161 7.39 -4.73 1.19
N MET A 162 7.20 -5.87 0.54
CA MET A 162 7.31 -7.16 1.20
C MET A 162 8.72 -7.39 1.72
N ARG A 163 9.70 -6.99 0.93
CA ARG A 163 11.11 -7.14 1.31
C ARG A 163 11.43 -6.31 2.54
N GLU A 164 10.80 -5.14 2.64
CA GLU A 164 11.03 -4.25 3.78
C GLU A 164 10.54 -4.89 5.06
N ILE A 165 9.35 -5.47 5.03
CA ILE A 165 8.77 -6.12 6.19
C ILE A 165 9.68 -7.22 6.72
N ARG A 166 10.40 -7.87 5.80
CA ARG A 166 11.31 -8.95 6.19
C ARG A 166 12.59 -8.42 6.82
N THR A 167 13.25 -7.49 6.14
CA THR A 167 14.50 -6.92 6.63
C THR A 167 14.30 -5.74 7.57
N LYS A 168 13.65 -4.69 7.08
CA LYS A 168 13.43 -3.47 7.85
C LYS A 168 12.69 -3.71 9.16
N LYS A 169 11.52 -4.34 9.08
CA LYS A 169 10.70 -4.59 10.26
C LYS A 169 11.37 -5.55 11.24
N MET A 170 11.69 -6.75 10.77
CA MET A 170 12.33 -7.76 11.62
C MET A 170 13.67 -7.29 12.17
N SER A 171 14.20 -6.20 11.61
CA SER A 171 15.49 -5.67 12.04
C SER A 171 15.41 -5.14 13.47
N GLU A 172 14.55 -4.15 13.69
CA GLU A 172 14.37 -3.55 15.01
C GLU A 172 15.69 -2.99 15.53
N ASN A 173 16.56 -2.59 14.61
CA ASN A 173 17.87 -2.03 14.97
C ASN A 173 17.70 -0.80 15.86
N LYS A 174 16.79 0.09 15.47
CA LYS A 174 16.54 1.31 16.23
C LYS A 174 15.07 1.40 16.63
PG GNP B . -13.57 2.70 -2.46
O1G GNP B . -14.71 3.20 -1.66
O2G GNP B . -13.61 1.11 -2.59
O3G GNP B . -12.18 3.20 -1.86
N3B GNP B . -13.63 3.28 -4.03
PB GNP B . -12.13 3.15 -4.79
O1B GNP B . -11.09 3.79 -3.94
O2B GNP B . -11.93 1.75 -5.25
O3A GNP B . -12.34 4.07 -6.08
PA GNP B . -12.69 3.40 -7.48
O1A GNP B . -11.66 2.35 -7.78
O2A GNP B . -14.12 3.01 -7.49
O5' GNP B . -12.48 4.61 -8.50
C5' GNP B . -11.35 4.66 -9.37
C4' GNP B . -11.79 4.45 -10.80
O4' GNP B . -10.67 4.75 -11.67
C3' GNP B . -12.21 3.04 -11.17
O3' GNP B . -13.18 3.05 -12.20
C2' GNP B . -10.91 2.39 -11.59
O2' GNP B . -11.12 1.36 -12.55
C1' GNP B . -10.19 3.56 -12.28
N9 GNP B . -8.74 3.52 -12.14
C8 GNP B . -8.03 3.23 -11.00
N7 GNP B . -6.73 3.28 -11.17
C5 GNP B . -6.59 3.64 -12.50
C6 GNP B . -5.41 3.85 -13.27
O6 GNP B . -4.24 3.77 -12.90
N1 GNP B . -5.69 4.20 -14.58
C2 GNP B . -6.97 4.33 -15.09
N2 GNP B . -7.05 4.67 -16.38
N3 GNP B . -8.07 4.13 -14.40
C4 GNP B . -7.81 3.80 -13.11
HNB3 GNP B . -13.91 4.21 -4.03
H5'2 GNP B . -10.64 3.88 -9.09
H5'1 GNP B . -10.85 5.63 -9.28
H4' GNP B . -12.65 5.10 -10.97
H3' GNP B . -12.68 2.53 -10.32
HO3' GNP B . -13.66 2.21 -12.15
H2' GNP B . -10.34 2.04 -10.73
HO2' GNP B . -11.99 1.00 -12.37
H1' GNP B . -10.42 3.62 -13.34
H8 GNP B . -8.49 2.97 -10.06
HN1 GNP B . -4.92 4.38 -15.20
HN21 GNP B . -7.95 4.78 -16.82
HN22 GNP B . -6.20 4.82 -16.92
MG MG C . -12.20 -0.11 -3.93
N LEU A 1 7.02 -21.34 6.51
CA LEU A 1 6.45 -20.26 5.66
C LEU A 1 5.99 -19.09 6.52
N ALA A 2 6.52 -17.90 6.23
CA ALA A 2 6.16 -16.70 6.96
C ALA A 2 4.90 -16.07 6.39
N LEU A 3 4.33 -15.12 7.12
CA LEU A 3 3.12 -14.43 6.67
C LEU A 3 3.28 -12.91 6.78
N HIS A 4 3.22 -12.25 5.62
CA HIS A 4 3.36 -10.80 5.58
C HIS A 4 2.01 -10.14 5.27
N LYS A 5 1.41 -9.55 6.28
CA LYS A 5 0.11 -8.90 6.13
C LYS A 5 0.28 -7.43 5.71
N VAL A 6 -0.21 -7.11 4.51
CA VAL A 6 -0.12 -5.74 4.00
C VAL A 6 -1.50 -5.09 3.97
N ILE A 7 -1.56 -3.84 4.42
CA ILE A 7 -2.82 -3.10 4.47
C ILE A 7 -2.81 -1.93 3.49
N MET A 8 -3.67 -2.01 2.48
CA MET A 8 -3.77 -0.95 1.48
C MET A 8 -4.25 0.35 2.13
N VAL A 9 -3.29 1.21 2.47
CA VAL A 9 -3.62 2.49 3.09
C VAL A 9 -3.54 3.61 2.06
N GLY A 10 -4.19 4.73 2.37
CA GLY A 10 -4.18 5.86 1.46
C GLY A 10 -5.16 6.94 1.85
N SER A 11 -5.56 7.75 0.87
CA SER A 11 -6.50 8.83 1.11
C SER A 11 -7.84 8.29 1.59
N GLY A 12 -8.41 7.36 0.82
CA GLY A 12 -9.68 6.77 1.17
C GLY A 12 -10.42 6.23 -0.05
N GLY A 13 -10.28 6.92 -1.17
CA GLY A 13 -10.93 6.50 -2.40
C GLY A 13 -10.10 6.82 -3.63
N VAL A 14 -9.09 6.00 -3.89
CA VAL A 14 -8.21 6.21 -5.02
C VAL A 14 -8.21 5.00 -5.96
N GLY A 15 -7.81 3.85 -5.45
CA GLY A 15 -7.78 2.64 -6.26
C GLY A 15 -6.96 1.55 -5.62
N LYS A 16 -6.89 1.59 -4.29
CA LYS A 16 -6.14 0.60 -3.53
C LYS A 16 -6.57 -0.82 -3.88
N SER A 17 -7.89 -1.04 -3.90
CA SER A 17 -8.46 -2.34 -4.22
C SER A 17 -8.17 -2.75 -5.67
N ALA A 18 -8.09 -1.76 -6.53
CA ALA A 18 -7.84 -2.01 -7.96
C ALA A 18 -6.46 -2.60 -8.14
N LEU A 19 -5.46 -1.92 -7.58
CA LEU A 19 -4.10 -2.39 -7.64
C LEU A 19 -4.01 -3.74 -6.94
N THR A 20 -4.94 -3.95 -6.02
CA THR A 20 -4.99 -5.20 -5.27
C THR A 20 -5.38 -6.36 -6.17
N LEU A 21 -6.39 -6.14 -7.00
CA LEU A 21 -6.86 -7.18 -7.92
C LEU A 21 -5.85 -7.42 -9.03
N GLN A 22 -5.20 -6.36 -9.51
CA GLN A 22 -4.22 -6.47 -10.57
C GLN A 22 -3.08 -7.40 -10.15
N PHE A 23 -2.70 -7.32 -8.88
CA PHE A 23 -1.63 -8.16 -8.35
C PHE A 23 -2.09 -9.61 -8.19
N MET A 24 -3.39 -9.80 -8.05
CA MET A 24 -3.97 -11.12 -7.87
C MET A 24 -4.12 -11.89 -9.18
N TYR A 25 -4.69 -11.24 -10.20
CA TYR A 25 -4.92 -11.90 -11.48
C TYR A 25 -3.94 -11.42 -12.57
N ASP A 26 -3.13 -10.41 -12.24
CA ASP A 26 -2.18 -9.87 -13.21
C ASP A 26 -2.90 -9.40 -14.48
N GLU A 27 -4.16 -8.98 -14.30
CA GLU A 27 -4.97 -8.52 -15.41
C GLU A 27 -6.04 -7.53 -14.94
N PHE A 28 -6.46 -6.65 -15.83
CA PHE A 28 -7.49 -5.66 -15.49
C PHE A 28 -8.88 -6.24 -15.73
N VAL A 29 -9.56 -6.56 -14.63
CA VAL A 29 -10.91 -7.13 -14.72
C VAL A 29 -11.82 -6.54 -13.63
N GLU A 30 -13.08 -6.31 -13.99
CA GLU A 30 -14.05 -5.76 -13.05
C GLU A 30 -14.69 -6.86 -12.20
N ASP A 31 -14.94 -6.56 -10.93
CA ASP A 31 -15.54 -7.53 -10.02
C ASP A 31 -16.26 -6.81 -8.87
N TYR A 32 -15.52 -5.95 -8.16
CA TYR A 32 -16.08 -5.20 -7.04
C TYR A 32 -16.55 -6.13 -5.92
N GLU A 33 -15.80 -6.13 -4.82
CA GLU A 33 -16.12 -6.98 -3.67
C GLU A 33 -15.81 -6.26 -2.36
N PRO A 34 -16.82 -5.65 -1.71
CA PRO A 34 -16.63 -4.94 -0.44
C PRO A 34 -15.98 -5.80 0.63
N THR A 35 -14.86 -5.31 1.17
CA THR A 35 -14.13 -6.04 2.21
C THR A 35 -14.88 -6.00 3.53
N LYS A 36 -14.81 -7.11 4.27
CA LYS A 36 -15.49 -7.19 5.56
C LYS A 36 -14.63 -7.96 6.57
N ALA A 37 -14.09 -9.09 6.13
CA ALA A 37 -13.26 -9.93 6.99
C ALA A 37 -12.51 -10.99 6.19
N ASP A 38 -12.68 -10.96 4.88
CA ASP A 38 -12.03 -11.93 4.00
C ASP A 38 -10.64 -11.45 3.60
N SER A 39 -9.67 -12.36 3.63
CA SER A 39 -8.30 -12.02 3.28
C SER A 39 -7.85 -12.81 2.05
N TYR A 40 -6.80 -12.32 1.38
CA TYR A 40 -6.27 -12.97 0.19
C TYR A 40 -4.85 -13.45 0.44
N ARG A 41 -4.55 -14.68 0.01
CA ARG A 41 -3.23 -15.25 0.19
C ARG A 41 -2.71 -15.86 -1.11
N LYS A 42 -1.39 -16.03 -1.18
CA LYS A 42 -0.74 -16.61 -2.36
C LYS A 42 0.69 -17.01 -2.04
N LYS A 43 1.28 -17.85 -2.89
CA LYS A 43 2.65 -18.30 -2.69
C LYS A 43 3.58 -17.75 -3.75
N VAL A 44 4.69 -17.15 -3.30
CA VAL A 44 5.68 -16.58 -4.21
C VAL A 44 7.09 -16.82 -3.69
N VAL A 45 8.08 -16.52 -4.52
CA VAL A 45 9.48 -16.70 -4.13
C VAL A 45 10.22 -15.37 -4.05
N LEU A 46 11.14 -15.27 -3.10
CA LEU A 46 11.92 -14.04 -2.90
C LEU A 46 13.36 -14.36 -2.57
N ASP A 47 14.23 -14.32 -3.58
CA ASP A 47 15.65 -14.60 -3.41
C ASP A 47 15.85 -15.98 -2.79
N GLY A 48 14.95 -16.91 -3.09
CA GLY A 48 15.07 -18.25 -2.55
C GLY A 48 14.27 -18.45 -1.28
N GLU A 49 13.45 -17.47 -0.93
CA GLU A 49 12.62 -17.54 0.28
C GLU A 49 11.14 -17.53 -0.08
N GLU A 50 10.43 -18.59 0.28
CA GLU A 50 9.01 -18.70 -0.01
C GLU A 50 8.17 -18.19 1.16
N VAL A 51 7.36 -17.18 0.89
CA VAL A 51 6.49 -16.60 1.91
C VAL A 51 5.15 -16.18 1.31
N GLN A 52 4.09 -16.27 2.12
CA GLN A 52 2.76 -15.90 1.66
C GLN A 52 2.38 -14.49 2.12
N ILE A 53 1.75 -13.75 1.23
CA ILE A 53 1.32 -12.39 1.53
C ILE A 53 -0.19 -12.32 1.76
N ASP A 54 -0.58 -11.82 2.92
CA ASP A 54 -2.00 -11.71 3.27
C ASP A 54 -2.48 -10.27 3.11
N ILE A 55 -3.38 -10.05 2.16
CA ILE A 55 -3.92 -8.72 1.91
C ILE A 55 -5.29 -8.57 2.57
N LEU A 56 -5.41 -7.57 3.44
CA LEU A 56 -6.65 -7.31 4.16
C LEU A 56 -6.94 -5.81 4.22
N ASP A 57 -8.20 -5.44 4.00
CA ASP A 57 -8.63 -4.05 4.03
C ASP A 57 -7.98 -3.27 2.88
N THR A 58 -8.82 -2.66 2.05
CA THR A 58 -8.31 -1.90 0.91
C THR A 58 -9.39 -0.98 0.33
N ALA A 59 -10.52 -0.87 1.03
CA ALA A 59 -11.62 -0.03 0.57
C ALA A 59 -12.21 0.80 1.70
N GLY A 60 -13.02 1.79 1.34
CA GLY A 60 -13.65 2.64 2.33
C GLY A 60 -14.54 1.86 3.28
N LEU A 61 -14.29 2.02 4.58
CA LEU A 61 -15.06 1.31 5.59
C LEU A 61 -16.48 1.87 5.70
N GLU A 62 -16.61 3.19 5.49
CA GLU A 62 -17.90 3.87 5.57
C GLU A 62 -18.48 3.78 6.98
N ASP A 63 -18.64 4.93 7.62
CA ASP A 63 -19.19 4.98 8.98
C ASP A 63 -18.29 4.21 9.94
N TYR A 64 -17.42 4.94 10.64
CA TYR A 64 -16.50 4.33 11.58
C TYR A 64 -15.94 5.37 12.55
N ALA A 65 -15.91 5.02 13.84
CA ALA A 65 -15.38 5.91 14.86
C ALA A 65 -13.86 5.94 14.83
N ALA A 66 -13.26 4.76 14.83
CA ALA A 66 -11.81 4.63 14.80
C ALA A 66 -11.39 3.21 14.44
N ILE A 67 -12.27 2.51 13.73
CA ILE A 67 -12.00 1.14 13.30
C ILE A 67 -10.72 1.06 12.47
N ARG A 68 -10.29 2.20 11.96
CA ARG A 68 -9.08 2.27 11.14
C ARG A 68 -7.89 1.66 11.88
N ASP A 69 -7.61 2.19 13.07
CA ASP A 69 -6.50 1.71 13.89
C ASP A 69 -6.59 0.21 14.12
N ASN A 70 -7.83 -0.30 14.20
CA ASN A 70 -8.05 -1.73 14.43
C ASN A 70 -7.49 -2.56 13.27
N TYR A 71 -7.69 -2.08 12.05
CA TYR A 71 -7.20 -2.79 10.87
C TYR A 71 -5.68 -2.74 10.80
N PHE A 72 -5.12 -1.56 10.99
CA PHE A 72 -3.67 -1.37 10.93
C PHE A 72 -2.97 -2.25 11.96
N ARG A 73 -3.64 -2.50 13.07
CA ARG A 73 -3.06 -3.31 14.15
C ARG A 73 -3.14 -4.81 13.81
N SER A 74 -4.09 -5.15 12.93
CA SER A 74 -4.28 -6.54 12.52
C SER A 74 -3.20 -6.95 11.52
N GLY A 75 -2.58 -5.96 10.88
CA GLY A 75 -1.54 -6.25 9.91
C GLY A 75 -0.15 -5.92 10.43
N GLU A 76 0.81 -5.79 9.52
CA GLU A 76 2.18 -5.48 9.90
C GLU A 76 2.81 -4.48 8.92
N GLY A 77 2.41 -4.55 7.66
CA GLY A 77 2.93 -3.66 6.65
C GLY A 77 1.91 -2.62 6.21
N PHE A 78 2.38 -1.58 5.54
CA PHE A 78 1.50 -0.51 5.06
C PHE A 78 1.89 -0.04 3.67
N LEU A 79 0.88 0.18 2.83
CA LEU A 79 1.11 0.66 1.46
C LEU A 79 0.26 1.90 1.18
N LEU A 80 0.92 3.04 1.04
CA LEU A 80 0.22 4.30 0.76
C LEU A 80 -0.10 4.42 -0.73
N VAL A 81 -1.34 4.74 -1.03
CA VAL A 81 -1.77 4.87 -2.43
C VAL A 81 -2.56 6.15 -2.68
N PHE A 82 -2.26 6.81 -3.80
CA PHE A 82 -2.95 8.02 -4.20
C PHE A 82 -2.75 8.29 -5.68
N SER A 83 -3.76 8.91 -6.31
CA SER A 83 -3.69 9.21 -7.73
C SER A 83 -3.18 10.62 -7.99
N ILE A 84 -2.50 10.79 -9.11
CA ILE A 84 -1.96 12.09 -9.50
C ILE A 84 -3.07 13.02 -9.95
N THR A 85 -4.09 12.46 -10.60
CA THR A 85 -5.22 13.23 -11.08
C THR A 85 -6.00 13.83 -9.92
N GLU A 86 -5.96 13.17 -8.77
CA GLU A 86 -6.66 13.64 -7.58
C GLU A 86 -5.69 14.20 -6.56
N HIS A 87 -5.49 15.51 -6.58
CA HIS A 87 -4.59 16.18 -5.66
C HIS A 87 -5.07 16.02 -4.21
N GLU A 88 -6.33 15.63 -4.05
CA GLU A 88 -6.92 15.47 -2.73
C GLU A 88 -6.39 14.20 -2.05
N SER A 89 -5.99 13.24 -2.85
CA SER A 89 -5.48 11.97 -2.33
C SER A 89 -4.08 12.13 -1.75
N PHE A 90 -3.20 12.76 -2.51
CA PHE A 90 -1.81 12.97 -2.07
C PHE A 90 -1.76 13.57 -0.66
N THR A 91 -2.64 14.53 -0.42
CA THR A 91 -2.70 15.20 0.87
C THR A 91 -3.29 14.32 1.97
N ALA A 92 -4.48 13.77 1.70
CA ALA A 92 -5.17 12.91 2.66
C ALA A 92 -4.30 11.74 3.08
N THR A 93 -3.59 11.15 2.12
CA THR A 93 -2.71 10.02 2.40
C THR A 93 -1.70 10.37 3.47
N ALA A 94 -1.31 11.63 3.53
CA ALA A 94 -0.33 12.11 4.50
C ALA A 94 -0.92 12.08 5.91
N GLU A 95 -2.23 12.28 6.03
CA GLU A 95 -2.89 12.27 7.31
C GLU A 95 -2.83 10.88 7.94
N PHE A 96 -3.02 9.85 7.11
CA PHE A 96 -2.98 8.47 7.55
C PHE A 96 -1.58 8.09 8.06
N ARG A 97 -0.56 8.80 7.57
CA ARG A 97 0.81 8.55 7.97
C ARG A 97 0.93 8.47 9.50
N GLU A 98 0.29 9.43 10.17
CA GLU A 98 0.31 9.49 11.63
C GLU A 98 -0.50 8.34 12.23
N GLN A 99 -1.61 8.01 11.58
CA GLN A 99 -2.48 6.94 12.06
C GLN A 99 -1.75 5.60 12.07
N ILE A 100 -0.78 5.47 11.16
CA ILE A 100 0.01 4.26 11.06
C ILE A 100 0.84 4.02 12.32
N LEU A 101 1.40 5.09 12.87
CA LEU A 101 2.21 4.99 14.07
C LEU A 101 1.37 4.63 15.30
N ARG A 102 0.08 4.97 15.26
CA ARG A 102 -0.82 4.70 16.37
C ARG A 102 -0.74 3.25 16.81
N VAL A 103 -0.87 2.33 15.86
CA VAL A 103 -0.83 0.90 16.15
C VAL A 103 0.56 0.48 16.64
N LYS A 104 1.59 1.12 16.10
CA LYS A 104 2.96 0.82 16.49
C LYS A 104 3.51 1.93 17.39
N ALA A 105 2.77 2.22 18.47
CA ALA A 105 3.17 3.27 19.40
C ALA A 105 4.61 3.09 19.86
N GLU A 106 5.02 1.84 20.09
CA GLU A 106 6.38 1.55 20.53
C GLU A 106 7.38 1.96 19.46
N GLU A 107 7.04 1.68 18.21
CA GLU A 107 7.88 2.01 17.07
C GLU A 107 9.22 1.28 17.13
N ASP A 108 9.49 0.50 16.09
CA ASP A 108 10.73 -0.26 15.99
C ASP A 108 11.19 -0.33 14.54
N LYS A 109 10.34 -0.93 13.70
CA LYS A 109 10.61 -1.05 12.28
C LYS A 109 9.32 -0.93 11.49
N ILE A 110 8.97 0.30 11.12
CA ILE A 110 7.74 0.55 10.37
C ILE A 110 7.97 0.51 8.86
N PRO A 111 7.46 -0.52 8.16
CA PRO A 111 7.62 -0.65 6.71
C PRO A 111 6.58 0.19 5.97
N LEU A 112 7.03 0.91 4.94
CA LEU A 112 6.12 1.75 4.16
C LEU A 112 6.60 1.89 2.72
N LEU A 113 5.71 2.39 1.86
CA LEU A 113 6.03 2.59 0.45
C LEU A 113 4.93 3.42 -0.22
N VAL A 114 5.35 4.37 -1.06
CA VAL A 114 4.40 5.24 -1.75
C VAL A 114 4.26 4.86 -3.22
N VAL A 115 3.05 4.98 -3.75
CA VAL A 115 2.79 4.67 -5.14
C VAL A 115 1.83 5.67 -5.77
N GLY A 116 2.19 6.17 -6.95
CA GLY A 116 1.34 7.12 -7.65
C GLY A 116 0.57 6.48 -8.77
N ASN A 117 -0.73 6.29 -8.56
CA ASN A 117 -1.58 5.67 -9.56
C ASN A 117 -1.99 6.70 -10.62
N LYS A 118 -2.85 6.28 -11.52
CA LYS A 118 -3.33 7.15 -12.60
C LYS A 118 -2.17 7.72 -13.41
N SER A 119 -0.99 7.11 -13.28
CA SER A 119 0.19 7.56 -14.00
C SER A 119 -0.02 7.48 -15.52
N ASP A 120 -1.02 6.71 -15.92
CA ASP A 120 -1.33 6.55 -17.35
C ASP A 120 -1.67 7.90 -17.98
N LEU A 121 -1.99 8.87 -17.14
CA LEU A 121 -2.33 10.21 -17.60
C LEU A 121 -1.19 11.19 -17.33
N GLU A 122 -0.20 11.19 -18.22
CA GLU A 122 0.96 12.07 -18.08
C GLU A 122 0.58 13.51 -18.39
N GLU A 123 -0.55 13.69 -19.06
CA GLU A 123 -1.03 15.02 -19.43
C GLU A 123 -1.95 15.59 -18.36
N ARG A 124 -2.52 14.71 -17.53
CA ARG A 124 -3.41 15.13 -16.47
C ARG A 124 -2.73 15.02 -15.11
N ARG A 125 -1.42 14.78 -15.13
CA ARG A 125 -0.64 14.66 -13.91
C ARG A 125 -0.44 16.03 -13.26
N GLN A 126 -0.97 16.19 -12.05
CA GLN A 126 -0.86 17.45 -11.33
C GLN A 126 0.31 17.41 -10.35
N VAL A 127 0.61 16.21 -9.84
CA VAL A 127 1.72 16.05 -8.89
C VAL A 127 2.98 15.55 -9.59
N PRO A 128 4.03 16.40 -9.67
CA PRO A 128 5.29 16.01 -10.29
C PRO A 128 5.96 14.86 -9.54
N VAL A 129 6.32 13.81 -10.27
CA VAL A 129 6.95 12.65 -9.66
C VAL A 129 8.15 13.06 -8.81
N GLU A 130 8.99 13.95 -9.33
CA GLU A 130 10.17 14.42 -8.61
C GLU A 130 9.78 15.02 -7.27
N GLU A 131 8.76 15.88 -7.26
CA GLU A 131 8.30 16.51 -6.03
C GLU A 131 7.71 15.47 -5.09
N ALA A 132 7.20 14.39 -5.67
CA ALA A 132 6.61 13.31 -4.89
C ALA A 132 7.68 12.46 -4.22
N ARG A 133 8.85 12.38 -4.85
CA ARG A 133 9.96 11.60 -4.31
C ARG A 133 10.52 12.25 -3.05
N SER A 134 10.58 13.57 -3.04
CA SER A 134 11.11 14.32 -1.91
C SER A 134 10.22 14.14 -0.67
N LYS A 135 8.93 14.37 -0.84
CA LYS A 135 7.97 14.24 0.25
C LYS A 135 7.96 12.81 0.78
N ALA A 136 7.95 11.84 -0.13
CA ALA A 136 7.93 10.43 0.24
C ALA A 136 9.24 10.02 0.92
N GLU A 137 10.33 10.61 0.49
CA GLU A 137 11.65 10.32 1.04
C GLU A 137 11.71 10.67 2.52
N GLU A 138 10.99 11.72 2.91
CA GLU A 138 10.97 12.16 4.30
C GLU A 138 10.62 11.01 5.24
N TRP A 139 9.63 10.22 4.87
CA TRP A 139 9.20 9.08 5.68
C TRP A 139 10.25 7.99 5.69
N GLY A 140 11.17 8.06 4.74
CA GLY A 140 12.22 7.06 4.64
C GLY A 140 11.94 6.00 3.60
N VAL A 141 11.11 6.34 2.62
CA VAL A 141 10.74 5.41 1.56
C VAL A 141 10.92 6.04 0.19
N GLN A 142 10.78 5.21 -0.85
CA GLN A 142 10.91 5.68 -2.23
C GLN A 142 9.55 5.85 -2.87
N TYR A 143 9.50 6.52 -4.00
CA TYR A 143 8.25 6.76 -4.71
C TYR A 143 8.41 6.47 -6.21
N VAL A 144 7.42 5.82 -6.80
CA VAL A 144 7.43 5.49 -8.22
C VAL A 144 6.06 5.67 -8.84
N GLU A 145 6.04 5.95 -10.13
CA GLU A 145 4.77 6.14 -10.86
C GLU A 145 4.28 4.81 -11.40
N THR A 146 2.98 4.57 -11.27
CA THR A 146 2.39 3.32 -11.75
C THR A 146 0.99 3.53 -12.31
N SER A 147 0.56 2.60 -13.16
CA SER A 147 -0.75 2.67 -13.77
C SER A 147 -1.51 1.37 -13.54
N ALA A 148 -2.56 1.43 -12.72
CA ALA A 148 -3.37 0.25 -12.42
C ALA A 148 -4.08 -0.27 -13.67
N LYS A 149 -3.92 0.44 -14.77
CA LYS A 149 -4.53 0.05 -16.04
C LYS A 149 -3.58 -0.84 -16.86
N THR A 150 -2.30 -0.50 -16.80
CA THR A 150 -1.28 -1.26 -17.52
C THR A 150 -0.62 -2.29 -16.62
N ARG A 151 -1.02 -2.29 -15.34
CA ARG A 151 -0.48 -3.21 -14.34
C ARG A 151 1.00 -3.52 -14.58
N ALA A 152 1.76 -2.50 -14.97
CA ALA A 152 3.19 -2.67 -15.24
C ALA A 152 4.01 -2.75 -13.95
N ASN A 153 3.88 -1.74 -13.10
CA ASN A 153 4.63 -1.70 -11.84
C ASN A 153 3.70 -1.84 -10.65
N VAL A 154 2.47 -2.27 -10.90
CA VAL A 154 1.49 -2.43 -9.83
C VAL A 154 1.93 -3.52 -8.85
N ASP A 155 2.48 -4.61 -9.39
CA ASP A 155 2.95 -5.71 -8.58
C ASP A 155 4.27 -5.36 -7.86
N LYS A 156 4.90 -4.29 -8.31
CA LYS A 156 6.18 -3.85 -7.75
C LYS A 156 6.02 -3.36 -6.31
N VAL A 157 4.90 -2.71 -6.02
CA VAL A 157 4.67 -2.18 -4.67
C VAL A 157 4.37 -3.31 -3.69
N PHE A 158 3.79 -4.40 -4.20
CA PHE A 158 3.45 -5.55 -3.38
C PHE A 158 4.71 -6.35 -3.02
N PHE A 159 5.58 -6.55 -4.01
CA PHE A 159 6.82 -7.29 -3.80
C PHE A 159 7.78 -6.49 -2.94
N ASP A 160 7.99 -5.23 -3.30
CA ASP A 160 8.90 -4.35 -2.56
C ASP A 160 8.52 -4.30 -1.08
N LEU A 161 7.25 -4.00 -0.81
CA LEU A 161 6.76 -3.93 0.57
C LEU A 161 7.02 -5.26 1.28
N MET A 162 6.72 -6.36 0.60
CA MET A 162 6.91 -7.68 1.18
C MET A 162 8.36 -7.89 1.59
N ARG A 163 9.29 -7.46 0.75
CA ARG A 163 10.72 -7.59 1.04
C ARG A 163 11.15 -6.66 2.17
N GLU A 164 10.57 -5.46 2.20
CA GLU A 164 10.89 -4.48 3.22
C GLU A 164 10.49 -4.97 4.61
N ILE A 165 9.38 -5.70 4.68
CA ILE A 165 8.89 -6.22 5.96
C ILE A 165 9.77 -7.37 6.45
N ARG A 166 9.98 -8.38 5.61
CA ARG A 166 10.79 -9.53 5.99
C ARG A 166 12.21 -9.11 6.34
N THR A 167 12.68 -8.04 5.72
CA THR A 167 14.03 -7.55 5.96
C THR A 167 14.11 -6.58 7.14
N LYS A 168 13.38 -5.47 7.05
CA LYS A 168 13.40 -4.43 8.07
C LYS A 168 12.71 -4.86 9.38
N LYS A 169 11.46 -5.30 9.28
CA LYS A 169 10.71 -5.71 10.47
C LYS A 169 11.40 -6.84 11.22
N MET A 170 11.98 -7.78 10.47
CA MET A 170 12.66 -8.93 11.08
C MET A 170 14.07 -8.57 11.52
N SER A 171 14.60 -7.46 11.03
CA SER A 171 15.95 -7.03 11.39
C SER A 171 16.03 -6.70 12.88
N GLU A 172 15.17 -5.78 13.31
CA GLU A 172 15.11 -5.36 14.72
C GLU A 172 16.45 -4.78 15.17
N ASN A 173 16.48 -3.46 15.36
CA ASN A 173 17.68 -2.76 15.79
C ASN A 173 18.80 -2.90 14.77
N LYS A 174 19.54 -4.00 14.86
CA LYS A 174 20.65 -4.27 13.94
C LYS A 174 20.35 -5.48 13.06
PG GNP B . -14.54 1.96 -2.40
O1G GNP B . -15.81 2.21 -1.68
O2G GNP B . -14.23 0.41 -2.50
O3G GNP B . -13.32 2.77 -1.74
N3B GNP B . -14.62 2.50 -4.00
PB GNP B . -13.10 2.70 -4.66
O1B GNP B . -12.27 3.53 -3.77
O2B GNP B . -12.58 1.37 -5.09
O3A GNP B . -13.42 3.54 -5.97
PA GNP B . -12.26 3.90 -6.99
O1A GNP B . -12.01 5.37 -6.93
O2A GNP B . -11.11 2.98 -6.77
O5' GNP B . -12.92 3.56 -8.41
C5' GNP B . -12.25 2.74 -9.34
C4' GNP B . -12.44 3.29 -10.74
O4' GNP B . -11.23 3.99 -11.14
C3' GNP B . -12.67 2.24 -11.83
O3' GNP B . -13.47 2.76 -12.87
C2' GNP B . -11.25 1.93 -12.30
O2' GNP B . -11.23 1.49 -13.65
C1' GNP B . -10.60 3.31 -12.20
N9 GNP B . -9.16 3.25 -11.94
C8 GNP B . -8.55 2.87 -10.76
N7 GNP B . -7.26 2.92 -10.83
C5 GNP B . -6.99 3.37 -12.11
C6 GNP B . -5.75 3.63 -12.76
O6 GNP B . -4.60 3.49 -12.32
N1 GNP B . -5.92 4.08 -14.07
C2 GNP B . -7.15 4.25 -14.67
N2 GNP B . -7.13 4.69 -15.94
N3 GNP B . -8.31 4.02 -14.07
C4 GNP B . -8.16 3.59 -12.81
HNB3 GNP B . -15.11 3.36 -4.02
H5'2 GNP B . -12.65 1.72 -9.30
H5'1 GNP B . -11.18 2.70 -9.12
H4' GNP B . -13.33 3.92 -10.73
H3' GNP B . -13.19 1.36 -11.44
HO3' GNP B . -13.14 2.39 -13.70
H2' GNP B . -10.78 1.22 -11.62
HO2' GNP B . -11.20 0.54 -13.64
H1' GNP B . -10.76 3.90 -13.10
H8 GNP B . -9.09 2.55 -9.89
HN1 GNP B . -5.10 4.28 -14.61
HN21 GNP B . -7.99 4.84 -16.43
HN22 GNP B . -6.25 4.87 -16.40
MG MG C . -12.54 -0.51 -3.75
#